data_4X2T
#
_entry.id   4X2T
#
_cell.length_a   173.715
_cell.length_b   176.698
_cell.length_c   223.977
_cell.angle_alpha   90.00
_cell.angle_beta   90.00
_cell.angle_gamma   90.00
#
_symmetry.space_group_name_H-M   'P 21 21 21'
#
loop_
_entity.id
_entity.type
_entity.pdbx_description
1 polymer 'M17 leucyl aminopeptidase'
2 non-polymer 'ZINC ION'
3 non-polymer '(2S)-({(2R)-2-[(1S)-1-hydroxy-2-(hydroxyamino)-2-oxoethyl]-4-methylpentanoyl}amino)(phenyl)ethanoic acid'
4 non-polymer 'CARBONATE ION'
5 non-polymer 'SULFATE ION'
6 non-polymer 'PENTAETHYLENE GLYCOL'
7 water water
#
_entity_poly.entity_id   1
_entity_poly.type   'polypeptide(L)'
_entity_poly.pdbx_seq_one_letter_code
;ASEVPQVVSLDPTSIPIEYNTPIHDIKVQVYDIKGGCNVEEGLTIFLVNNPGKENGPVKISSKVNDKQVSEFLKDENMEK
FNVKLGTSKHFYMFNDNKNSVAVGYVGCGSVADLSEADMKRVVLSLVTMLHDNKLSKLTVVFEINVDKNLFRFFLETLFY
EYMTDERFKSTDKNVNMEYIKHLGVYINNADTYKEEVEKARVYYFGTYYASQLIAAPSNYCNPVSLSNAAVELAQKLNLE
YKILGVKELEELKMGAYLSVGKGSMYPNKFIHLTYKSKGDVKKKIALVGKGITFDSGGYNLKAAPGSMIDLMKFDMSGCA
AVLGCAYCVGTLKPENVEIHFLSAVCENMVSKNSYRPGDIITASNGKTIEVGNTDAEGRLTLADALVYAEKLGVDYIVDI
ATLTGAMLYSLGTSYAGVFGNNEELINKILQSSKTSNEPVWWLPIINEYRATLNSKYADINQISSSVKASSIVASLFLKE
FVQNTAWAHIDIAGVSWNFKARKPKGFGVRLLTEFVLND
;
_entity_poly.pdbx_strand_id   A,B,C,D,E,F,G,H,I,J,K,L
#
loop_
_chem_comp.id
_chem_comp.type
_chem_comp.name
_chem_comp.formula
1PE non-polymer 'PENTAETHYLENE GLYCOL' 'C10 H22 O6'
CO3 non-polymer 'CARBONATE ION' 'C O3 -2'
SO4 non-polymer 'SULFATE ION' 'O4 S -2'
TOD non-polymer '(2S)-({(2R)-2-[(1S)-1-hydroxy-2-(hydroxyamino)-2-oxoethyl]-4-methylpentanoyl}amino)(phenyl)ethanoic acid' 'C16 H22 N2 O6'
ZN non-polymer 'ZINC ION' 'Zn 2'
#
# COMPACT_ATOMS: atom_id res chain seq x y z
N ALA A 1 1.29 -69.27 16.73
CA ALA A 1 1.59 -69.54 18.13
C ALA A 1 2.92 -70.29 18.27
N SER A 2 3.93 -69.60 18.79
CA SER A 2 5.23 -70.21 19.05
C SER A 2 5.53 -70.25 20.55
N GLU A 3 6.49 -71.08 20.92
CA GLU A 3 6.92 -71.24 22.30
C GLU A 3 7.88 -70.14 22.73
N VAL A 4 7.54 -69.40 23.78
CA VAL A 4 8.42 -68.35 24.28
C VAL A 4 9.56 -68.95 25.08
N PRO A 5 10.80 -68.70 24.66
CA PRO A 5 11.97 -69.22 25.39
C PRO A 5 12.17 -68.57 26.75
N GLN A 6 12.72 -69.33 27.68
CA GLN A 6 12.97 -68.86 29.04
C GLN A 6 14.42 -69.09 29.43
N VAL A 7 14.94 -68.24 30.31
CA VAL A 7 16.25 -68.47 30.90
C VAL A 7 16.04 -69.20 32.23
N VAL A 8 15.06 -68.71 32.99
CA VAL A 8 14.61 -69.41 34.19
C VAL A 8 13.10 -69.62 34.07
N SER A 9 12.55 -70.52 34.89
CA SER A 9 11.14 -70.87 34.77
C SER A 9 10.20 -69.72 35.15
N LEU A 10 10.74 -68.71 35.83
CA LEU A 10 9.94 -67.60 36.32
C LEU A 10 9.76 -66.53 35.25
N ASP A 11 10.36 -66.74 34.08
CA ASP A 11 10.22 -65.81 32.98
C ASP A 11 8.83 -65.89 32.39
N PRO A 12 8.17 -64.74 32.23
CA PRO A 12 6.80 -64.71 31.70
C PRO A 12 6.73 -65.26 30.29
N THR A 13 5.66 -65.96 29.96
CA THR A 13 5.52 -66.61 28.66
C THR A 13 4.41 -66.03 27.79
N SER A 14 3.80 -64.95 28.25
CA SER A 14 2.80 -64.25 27.45
C SER A 14 2.65 -62.82 27.95
N ILE A 15 2.15 -61.94 27.08
CA ILE A 15 1.83 -60.59 27.50
C ILE A 15 0.41 -60.57 28.07
N PRO A 16 0.27 -60.16 29.34
CA PRO A 16 -1.10 -60.03 29.88
C PRO A 16 -1.85 -58.91 29.18
N ILE A 17 -3.06 -59.20 28.74
CA ILE A 17 -3.89 -58.23 28.04
C ILE A 17 -5.28 -58.17 28.65
N GLU A 18 -5.70 -56.97 29.01
CA GLU A 18 -7.08 -56.77 29.43
C GLU A 18 -7.90 -56.38 28.20
N TYR A 19 -8.80 -57.27 27.80
CA TYR A 19 -9.67 -57.04 26.64
C TYR A 19 -10.98 -56.42 27.09
N ASN A 20 -11.61 -57.05 28.07
CA ASN A 20 -12.86 -56.56 28.63
C ASN A 20 -12.59 -55.53 29.72
N THR A 21 -12.58 -54.26 29.35
CA THR A 21 -12.28 -53.20 30.32
C THR A 21 -13.57 -52.65 30.93
N PRO A 22 -13.46 -52.04 32.13
CA PRO A 22 -14.61 -51.40 32.75
C PRO A 22 -15.28 -50.36 31.85
N ILE A 23 -14.52 -49.81 30.91
CA ILE A 23 -15.07 -48.88 29.93
C ILE A 23 -16.12 -49.57 29.06
N HIS A 24 -15.86 -50.82 28.70
CA HIS A 24 -16.78 -51.58 27.86
C HIS A 24 -18.10 -51.92 28.57
N ASP A 25 -18.10 -51.81 29.89
CA ASP A 25 -19.27 -52.12 30.70
C ASP A 25 -20.14 -50.88 30.93
N ILE A 26 -19.66 -49.73 30.44
CA ILE A 26 -20.37 -48.46 30.62
C ILE A 26 -21.43 -48.24 29.56
N LYS A 27 -22.67 -48.12 30.02
CA LYS A 27 -23.78 -47.77 29.16
C LYS A 27 -23.77 -46.26 28.90
N VAL A 28 -23.71 -45.87 27.62
CA VAL A 28 -23.62 -44.46 27.28
C VAL A 28 -24.94 -44.00 26.68
N GLN A 29 -25.52 -42.94 27.25
CA GLN A 29 -26.77 -42.42 26.73
C GLN A 29 -26.57 -40.97 26.31
N VAL A 30 -27.12 -40.59 25.16
CA VAL A 30 -27.00 -39.23 24.66
C VAL A 30 -28.35 -38.54 24.57
N TYR A 31 -28.46 -37.36 25.16
CA TYR A 31 -29.70 -36.61 25.14
C TYR A 31 -29.51 -35.25 24.48
N ASP A 32 -30.59 -34.67 23.99
CA ASP A 32 -30.56 -33.32 23.45
C ASP A 32 -30.80 -32.29 24.55
N ILE A 33 -30.05 -31.19 24.52
CA ILE A 33 -30.18 -30.16 25.56
C ILE A 33 -31.56 -29.48 25.58
N LYS A 34 -32.23 -29.43 24.43
CA LYS A 34 -33.51 -28.75 24.35
C LYS A 34 -34.60 -29.39 25.21
N GLY A 35 -34.42 -30.66 25.55
CA GLY A 35 -35.40 -31.36 26.36
C GLY A 35 -35.17 -31.12 27.84
N GLY A 36 -34.07 -30.43 28.16
CA GLY A 36 -33.72 -30.13 29.53
C GLY A 36 -32.88 -31.23 30.13
N CYS A 37 -32.20 -30.91 31.23
CA CYS A 37 -31.32 -31.87 31.90
C CYS A 37 -31.92 -32.35 33.21
N ASN A 38 -31.87 -33.66 33.43
CA ASN A 38 -32.29 -34.22 34.71
C ASN A 38 -31.06 -34.44 35.60
N VAL A 39 -31.19 -34.03 36.85
CA VAL A 39 -30.05 -34.03 37.79
C VAL A 39 -30.38 -35.13 38.79
N GLU A 40 -29.92 -36.28 38.33
CA GLU A 40 -29.88 -37.63 38.86
C GLU A 40 -29.31 -38.04 40.22
N GLU A 41 -28.62 -39.18 40.09
CA GLU A 41 -27.86 -39.90 41.08
C GLU A 41 -26.50 -39.57 40.50
N GLY A 42 -25.44 -39.93 41.21
CA GLY A 42 -24.10 -39.81 40.70
C GLY A 42 -23.64 -38.36 40.63
N LEU A 43 -22.73 -38.07 39.71
CA LEU A 43 -22.20 -36.72 39.58
C LEU A 43 -22.53 -36.10 38.22
N THR A 44 -23.08 -34.89 38.21
CA THR A 44 -23.44 -34.21 36.96
C THR A 44 -22.57 -32.98 36.72
N ILE A 45 -21.83 -32.99 35.62
CA ILE A 45 -20.84 -31.94 35.35
C ILE A 45 -21.12 -31.11 34.09
N PHE A 46 -21.05 -29.79 34.26
CA PHE A 46 -21.23 -28.86 33.14
C PHE A 46 -19.91 -28.39 32.54
N LEU A 47 -19.76 -28.52 31.23
CA LEU A 47 -18.60 -27.96 30.54
C LEU A 47 -18.90 -26.53 30.07
N VAL A 48 -18.31 -25.54 30.76
CA VAL A 48 -18.67 -24.14 30.52
C VAL A 48 -17.49 -23.26 30.13
N ASN A 49 -17.75 -22.30 29.25
CA ASN A 49 -16.77 -21.29 28.87
C ASN A 49 -17.35 -19.88 28.99
N ASN A 50 -16.58 -18.89 28.53
CA ASN A 50 -17.08 -17.52 28.49
C ASN A 50 -16.30 -16.79 27.40
N PRO A 51 -16.86 -16.82 26.18
CA PRO A 51 -16.22 -16.34 24.94
C PRO A 51 -15.78 -14.88 24.93
N GLY A 52 -14.48 -14.66 24.92
CA GLY A 52 -13.89 -13.35 24.76
C GLY A 52 -13.56 -12.65 26.06
N LYS A 53 -13.91 -13.28 27.18
CA LYS A 53 -13.64 -12.73 28.50
C LYS A 53 -12.77 -13.71 29.23
N GLU A 54 -11.54 -13.33 29.53
CA GLU A 54 -10.65 -14.30 30.14
C GLU A 54 -10.95 -14.38 31.63
N ASN A 55 -10.49 -15.47 32.24
CA ASN A 55 -11.09 -16.05 33.44
C ASN A 55 -12.39 -15.40 33.91
N GLY A 56 -13.41 -15.49 33.05
CA GLY A 56 -14.69 -14.85 33.29
C GLY A 56 -15.62 -15.68 34.17
N PRO A 57 -16.77 -15.11 34.55
CA PRO A 57 -17.74 -15.76 35.44
C PRO A 57 -18.44 -16.97 34.82
N VAL A 58 -18.90 -17.90 35.66
CA VAL A 58 -19.66 -19.07 35.22
C VAL A 58 -21.16 -18.77 35.08
N LYS A 59 -21.74 -19.21 33.97
CA LYS A 59 -23.17 -19.07 33.74
C LYS A 59 -23.73 -20.35 33.11
N ILE A 60 -24.67 -21.00 33.79
CA ILE A 60 -25.30 -22.20 33.22
C ILE A 60 -26.42 -21.74 32.31
N SER A 61 -26.57 -22.38 31.16
CA SER A 61 -27.52 -21.88 30.17
C SER A 61 -28.37 -22.98 29.57
N SER A 62 -28.66 -24.00 30.36
CA SER A 62 -29.39 -25.15 29.88
C SER A 62 -30.49 -25.35 30.88
N LYS A 63 -31.70 -25.57 30.39
CA LYS A 63 -32.82 -25.77 31.28
C LYS A 63 -32.58 -27.00 32.12
N VAL A 64 -32.72 -26.85 33.43
CA VAL A 64 -32.62 -27.99 34.33
C VAL A 64 -34.02 -28.28 34.84
N ASN A 65 -34.48 -29.50 34.57
CA ASN A 65 -35.82 -29.91 34.91
C ASN A 65 -35.96 -30.20 36.40
N ASP A 66 -35.56 -29.22 37.20
CA ASP A 66 -35.64 -29.32 38.65
C ASP A 66 -35.57 -27.91 39.22
N LYS A 67 -36.60 -27.50 39.98
CA LYS A 67 -36.68 -26.13 40.47
C LYS A 67 -35.58 -25.83 41.48
N GLN A 68 -35.26 -26.80 42.32
CA GLN A 68 -34.27 -26.60 43.35
C GLN A 68 -32.87 -26.48 42.74
N VAL A 69 -32.62 -27.28 41.72
CA VAL A 69 -31.30 -27.31 41.10
C VAL A 69 -31.10 -26.12 40.15
N SER A 70 -32.21 -25.59 39.62
CA SER A 70 -32.16 -24.41 38.77
C SER A 70 -31.82 -23.19 39.60
N GLU A 71 -32.37 -23.16 40.81
CA GLU A 71 -32.14 -22.08 41.76
C GLU A 71 -30.69 -22.06 42.24
N PHE A 72 -30.12 -23.23 42.48
CA PHE A 72 -28.73 -23.31 42.90
C PHE A 72 -27.83 -22.83 41.75
N LEU A 73 -28.18 -23.23 40.54
CA LEU A 73 -27.37 -22.95 39.36
C LEU A 73 -27.72 -21.64 38.70
N LYS A 74 -28.58 -20.84 39.34
CA LYS A 74 -28.88 -19.53 38.82
C LYS A 74 -27.59 -18.74 38.91
N ASP A 75 -27.36 -17.84 37.96
CA ASP A 75 -26.03 -17.25 37.88
C ASP A 75 -25.68 -16.26 39.02
N GLU A 76 -26.67 -15.81 39.79
CA GLU A 76 -26.48 -14.98 41.01
C GLU A 76 -25.46 -15.69 41.87
N ASN A 77 -25.68 -17.00 41.91
CA ASN A 77 -24.87 -17.94 42.65
C ASN A 77 -23.59 -18.38 41.95
N MET A 78 -23.63 -18.44 40.61
CA MET A 78 -22.52 -19.02 39.83
C MET A 78 -21.39 -18.07 39.46
N GLU A 79 -21.62 -16.77 39.55
CA GLU A 79 -20.54 -15.92 39.09
C GLU A 79 -19.37 -15.74 40.10
N LYS A 80 -19.45 -16.36 41.28
CA LYS A 80 -18.30 -16.39 42.18
C LYS A 80 -17.20 -17.36 41.69
N PHE A 81 -17.55 -18.17 40.70
CA PHE A 81 -16.62 -19.14 40.11
C PHE A 81 -16.23 -18.71 38.69
N ASN A 82 -15.04 -19.10 38.23
CA ASN A 82 -14.63 -18.72 36.87
C ASN A 82 -14.35 -19.90 35.96
N VAL A 83 -14.27 -19.63 34.66
CA VAL A 83 -14.19 -20.66 33.63
C VAL A 83 -12.76 -20.91 33.14
N LYS A 84 -11.78 -20.46 33.91
CA LYS A 84 -10.37 -20.67 33.58
C LYS A 84 -10.14 -22.11 33.18
N LEU A 85 -9.47 -22.30 32.05
CA LEU A 85 -9.27 -23.64 31.49
C LEU A 85 -8.68 -24.61 32.50
N GLY A 86 -9.43 -25.66 32.81
CA GLY A 86 -8.98 -26.69 33.72
C GLY A 86 -9.56 -26.58 35.11
N THR A 87 -10.14 -25.42 35.42
CA THR A 87 -10.73 -25.17 36.74
C THR A 87 -11.98 -26.03 36.92
N SER A 88 -12.23 -26.46 38.16
CA SER A 88 -13.40 -27.28 38.46
C SER A 88 -13.89 -27.03 39.87
N LYS A 89 -15.19 -27.22 40.09
CA LYS A 89 -15.78 -27.07 41.41
C LYS A 89 -16.90 -28.11 41.63
N HIS A 90 -17.08 -28.56 42.87
CA HIS A 90 -18.13 -29.52 43.20
C HIS A 90 -19.28 -28.88 43.98
N PHE A 91 -20.52 -29.29 43.67
CA PHE A 91 -21.68 -28.75 44.34
C PHE A 91 -22.50 -29.85 45.01
N TYR A 92 -22.96 -29.59 46.22
CA TYR A 92 -23.87 -30.49 46.93
C TYR A 92 -25.20 -29.79 47.15
N MET A 93 -26.31 -30.46 46.87
CA MET A 93 -27.63 -29.86 47.06
C MET A 93 -28.72 -30.92 47.10
N PHE A 94 -29.93 -30.51 47.47
CA PHE A 94 -31.09 -31.39 47.43
C PHE A 94 -32.01 -30.98 46.28
N ASN A 95 -32.54 -31.97 45.56
CA ASN A 95 -33.43 -31.68 44.45
C ASN A 95 -34.91 -31.65 44.84
N ASP A 96 -35.78 -31.63 43.83
CA ASP A 96 -37.23 -31.52 44.06
C ASP A 96 -37.82 -32.72 44.79
N ASN A 97 -37.21 -33.89 44.63
CA ASN A 97 -37.67 -35.11 45.30
C ASN A 97 -37.01 -35.31 46.66
N LYS A 98 -36.44 -34.23 47.19
CA LYS A 98 -35.76 -34.22 48.49
C LYS A 98 -34.64 -35.26 48.50
N ASN A 99 -34.02 -35.44 47.35
CA ASN A 99 -32.86 -36.31 47.23
C ASN A 99 -31.58 -35.52 47.07
N SER A 100 -30.52 -36.06 47.64
CA SER A 100 -29.21 -35.46 47.59
C SER A 100 -28.53 -35.72 46.24
N VAL A 101 -28.15 -34.66 45.54
CA VAL A 101 -27.45 -34.80 44.27
C VAL A 101 -26.13 -34.04 44.26
N ALA A 102 -25.24 -34.43 43.35
CA ALA A 102 -23.96 -33.77 43.19
C ALA A 102 -23.87 -33.15 41.79
N VAL A 103 -23.44 -31.89 41.74
CA VAL A 103 -23.35 -31.11 40.51
C VAL A 103 -22.01 -30.37 40.49
N GLY A 104 -21.50 -30.05 39.32
CA GLY A 104 -20.29 -29.25 39.24
C GLY A 104 -20.00 -28.78 37.85
N TYR A 105 -18.82 -28.20 37.65
CA TYR A 105 -18.42 -27.71 36.34
C TYR A 105 -16.93 -27.88 36.10
N VAL A 106 -16.55 -27.84 34.83
CA VAL A 106 -15.15 -27.76 34.45
C VAL A 106 -15.03 -26.59 33.49
N GLY A 107 -14.15 -25.66 33.81
CA GLY A 107 -13.97 -24.46 32.99
C GLY A 107 -13.33 -24.79 31.66
N CYS A 108 -13.89 -24.24 30.58
CA CYS A 108 -13.34 -24.50 29.27
C CYS A 108 -12.79 -23.22 28.65
N GLY A 109 -12.41 -22.28 29.52
CA GLY A 109 -11.73 -21.08 29.08
C GLY A 109 -12.59 -20.11 28.29
N SER A 110 -11.93 -19.32 27.47
CA SER A 110 -12.56 -18.24 26.72
C SER A 110 -12.31 -18.26 25.20
N VAL A 111 -11.84 -19.38 24.66
CA VAL A 111 -11.35 -19.41 23.27
C VAL A 111 -12.32 -20.07 22.26
N ALA A 112 -13.48 -20.52 22.74
CA ALA A 112 -14.56 -20.97 21.85
C ALA A 112 -14.15 -22.26 21.10
N ASP A 113 -13.10 -22.17 20.28
CA ASP A 113 -12.59 -23.36 19.60
C ASP A 113 -11.48 -23.97 20.44
N LEU A 114 -11.80 -25.07 21.12
CA LEU A 114 -10.84 -25.74 21.98
C LEU A 114 -9.91 -26.61 21.12
N SER A 115 -8.60 -26.51 21.37
CA SER A 115 -7.65 -27.35 20.64
C SER A 115 -7.61 -28.74 21.28
N GLU A 116 -6.84 -29.66 20.72
CA GLU A 116 -6.83 -31.03 21.24
C GLU A 116 -6.19 -31.03 22.62
N ALA A 117 -5.21 -30.17 22.80
CA ALA A 117 -4.50 -30.06 24.07
C ALA A 117 -5.39 -29.46 25.13
N ASP A 118 -6.18 -28.48 24.74
CA ASP A 118 -7.10 -27.81 25.66
C ASP A 118 -8.15 -28.81 26.15
N MET A 119 -8.70 -29.58 25.20
CA MET A 119 -9.71 -30.58 25.51
C MET A 119 -9.16 -31.65 26.44
N LYS A 120 -7.88 -31.99 26.24
CA LYS A 120 -7.20 -32.96 27.11
C LYS A 120 -7.15 -32.38 28.51
N ARG A 121 -6.85 -31.08 28.58
CA ARG A 121 -6.79 -30.39 29.86
C ARG A 121 -8.18 -30.39 30.50
N VAL A 122 -9.22 -30.27 29.68
CA VAL A 122 -10.59 -30.34 30.17
C VAL A 122 -10.88 -31.72 30.73
N VAL A 123 -10.51 -32.74 29.96
CA VAL A 123 -10.72 -34.14 30.31
C VAL A 123 -9.98 -34.54 31.58
N LEU A 124 -8.73 -34.12 31.68
CA LEU A 124 -7.90 -34.41 32.85
C LEU A 124 -8.58 -33.92 34.13
N SER A 125 -9.21 -32.75 34.05
CA SER A 125 -9.95 -32.20 35.18
C SER A 125 -11.16 -33.05 35.52
N LEU A 126 -11.81 -33.57 34.48
CA LEU A 126 -12.95 -34.45 34.64
C LEU A 126 -12.55 -35.72 35.36
N VAL A 127 -11.39 -36.25 34.99
CA VAL A 127 -10.87 -37.49 35.57
C VAL A 127 -10.54 -37.34 37.06
N THR A 128 -10.06 -36.16 37.45
CA THR A 128 -9.80 -35.89 38.87
C THR A 128 -11.09 -35.99 39.69
N MET A 129 -12.19 -35.54 39.12
CA MET A 129 -13.48 -35.58 39.80
C MET A 129 -13.97 -37.03 39.88
N LEU A 130 -13.56 -37.84 38.90
CA LEU A 130 -13.94 -39.25 38.84
C LEU A 130 -13.09 -40.13 39.76
N HIS A 131 -11.84 -39.73 39.95
CA HIS A 131 -10.93 -40.47 40.82
C HIS A 131 -11.22 -40.17 42.28
N ASP A 132 -11.00 -41.15 43.15
CA ASP A 132 -11.20 -40.98 44.59
C ASP A 132 -12.66 -40.69 44.95
N ASN A 133 -13.54 -40.89 43.99
CA ASN A 133 -14.96 -40.73 44.24
C ASN A 133 -15.55 -42.03 43.71
N LYS A 134 -16.47 -42.63 44.43
CA LYS A 134 -16.99 -43.93 44.03
C LYS A 134 -18.29 -43.80 43.24
N LEU A 135 -18.29 -42.99 42.20
CA LEU A 135 -19.53 -42.74 41.45
C LEU A 135 -20.03 -43.97 40.71
N SER A 136 -21.35 -44.03 40.52
CA SER A 136 -21.99 -45.09 39.76
C SER A 136 -22.41 -44.54 38.42
N LYS A 137 -22.60 -43.23 38.37
CA LYS A 137 -23.01 -42.55 37.14
C LYS A 137 -22.29 -41.21 37.00
N LEU A 138 -21.83 -40.93 35.78
CA LEU A 138 -21.28 -39.62 35.45
C LEU A 138 -22.12 -39.01 34.33
N THR A 139 -22.48 -37.74 34.50
CA THR A 139 -23.22 -37.02 33.48
C THR A 139 -22.47 -35.78 33.00
N VAL A 140 -22.31 -35.65 31.69
CA VAL A 140 -21.61 -34.51 31.11
C VAL A 140 -22.57 -33.65 30.27
N VAL A 141 -22.63 -32.35 30.59
CA VAL A 141 -23.47 -31.42 29.84
C VAL A 141 -22.61 -30.48 29.00
N PHE A 142 -22.79 -30.52 27.68
CA PHE A 142 -22.00 -29.68 26.79
C PHE A 142 -22.60 -28.29 26.55
N GLU A 143 -22.14 -27.31 27.31
CA GLU A 143 -22.51 -25.93 27.03
C GLU A 143 -21.38 -25.24 26.28
N ILE A 144 -20.67 -26.01 25.45
CA ILE A 144 -19.62 -25.48 24.58
C ILE A 144 -19.81 -26.09 23.20
N ASN A 145 -19.18 -25.53 22.19
CA ASN A 145 -19.39 -26.07 20.87
C ASN A 145 -18.18 -26.88 20.39
N VAL A 146 -18.46 -28.11 19.99
CA VAL A 146 -17.47 -29.06 19.48
C VAL A 146 -18.04 -29.72 18.24
N ASP A 147 -17.20 -29.96 17.24
CA ASP A 147 -17.68 -30.69 16.07
C ASP A 147 -17.75 -32.17 16.40
N LYS A 148 -18.17 -32.98 15.44
CA LYS A 148 -18.33 -34.41 15.69
C LYS A 148 -17.01 -35.07 16.06
N ASN A 149 -15.93 -34.69 15.39
CA ASN A 149 -14.61 -35.25 15.69
C ASN A 149 -14.11 -34.92 17.09
N LEU A 150 -14.29 -33.67 17.51
CA LEU A 150 -13.81 -33.24 18.81
C LEU A 150 -14.63 -33.88 19.93
N PHE A 151 -15.91 -34.10 19.66
CA PHE A 151 -16.79 -34.77 20.61
C PHE A 151 -16.35 -36.22 20.79
N ARG A 152 -16.02 -36.88 19.67
CA ARG A 152 -15.51 -38.25 19.71
C ARG A 152 -14.19 -38.27 20.46
N PHE A 153 -13.34 -37.30 20.17
CA PHE A 153 -12.05 -37.13 20.82
C PHE A 153 -12.21 -36.98 22.33
N PHE A 154 -13.26 -36.28 22.74
CA PHE A 154 -13.58 -36.12 24.15
C PHE A 154 -13.77 -37.48 24.80
N LEU A 155 -14.60 -38.31 24.18
CA LEU A 155 -14.92 -39.63 24.70
C LEU A 155 -13.71 -40.55 24.73
N GLU A 156 -13.00 -40.62 23.61
CA GLU A 156 -11.79 -41.43 23.48
C GLU A 156 -10.80 -41.11 24.58
N THR A 157 -10.52 -39.82 24.76
CA THR A 157 -9.55 -39.37 25.73
C THR A 157 -10.02 -39.63 27.16
N LEU A 158 -11.30 -39.38 27.39
CA LEU A 158 -11.92 -39.60 28.69
C LEU A 158 -11.79 -41.04 29.14
N PHE A 159 -12.20 -41.94 28.26
CA PHE A 159 -12.11 -43.34 28.54
C PHE A 159 -10.64 -43.68 28.87
N TYR A 160 -9.69 -43.10 28.11
CA TYR A 160 -8.27 -43.51 28.18
C TYR A 160 -7.62 -43.17 29.49
N GLU A 161 -7.83 -41.95 29.92
CA GLU A 161 -7.23 -41.46 31.15
C GLU A 161 -7.95 -42.01 32.36
N TYR A 162 -9.24 -42.32 32.20
CA TYR A 162 -10.05 -42.83 33.31
C TYR A 162 -9.58 -44.22 33.67
N MET A 163 -9.24 -44.97 32.64
CA MET A 163 -8.75 -46.33 32.79
C MET A 163 -7.39 -46.39 33.44
N THR A 164 -7.21 -47.37 34.31
CA THR A 164 -5.94 -47.55 34.98
C THR A 164 -5.42 -48.98 34.75
N ASP A 165 -4.16 -49.08 34.33
CA ASP A 165 -3.53 -50.36 34.07
C ASP A 165 -2.98 -50.95 35.37
N GLU A 166 -3.52 -52.10 35.76
CA GLU A 166 -3.11 -52.75 37.00
C GLU A 166 -2.60 -54.17 36.75
N ARG A 167 -2.27 -54.48 35.50
CA ARG A 167 -1.83 -55.81 35.10
C ARG A 167 -0.59 -56.29 35.84
N PHE A 168 0.28 -55.35 36.20
CA PHE A 168 1.56 -55.72 36.78
C PHE A 168 1.59 -55.38 38.27
N LYS A 169 0.45 -55.00 38.81
CA LYS A 169 0.33 -54.82 40.24
C LYS A 169 0.00 -56.15 40.89
N SER A 170 0.49 -56.36 42.11
CA SER A 170 0.14 -57.55 42.87
C SER A 170 -0.30 -57.18 44.28
N THR A 171 0.60 -56.52 45.00
CA THR A 171 0.34 -56.12 46.38
C THR A 171 -0.10 -54.68 46.49
N ASP A 172 -0.31 -54.04 45.34
CA ASP A 172 -0.78 -52.65 45.32
C ASP A 172 -2.04 -52.52 44.45
N LYS A 173 -3.13 -52.12 45.10
CA LYS A 173 -4.42 -51.88 44.48
C LYS A 173 -5.34 -51.35 45.58
N ASN A 174 -6.35 -50.57 45.23
CA ASN A 174 -7.27 -50.09 46.26
C ASN A 174 -8.75 -50.11 45.87
N VAL A 175 -9.34 -48.92 45.83
CA VAL A 175 -10.74 -48.74 45.49
C VAL A 175 -10.97 -48.84 43.98
N GLU A 178 -13.44 -49.04 41.19
CA GLU A 178 -14.85 -48.62 41.19
C GLU A 178 -15.15 -47.67 40.04
N TYR A 179 -15.39 -48.23 38.86
CA TYR A 179 -15.71 -47.47 37.66
C TYR A 179 -17.21 -47.20 37.51
N ILE A 180 -17.56 -46.05 36.94
CA ILE A 180 -18.95 -45.74 36.65
C ILE A 180 -19.54 -46.78 35.72
N LYS A 181 -20.85 -46.98 35.79
CA LYS A 181 -21.50 -47.95 34.93
C LYS A 181 -22.36 -47.23 33.89
N HIS A 182 -22.60 -45.94 34.11
CA HIS A 182 -23.44 -45.18 33.21
C HIS A 182 -22.84 -43.83 32.88
N LEU A 183 -22.95 -43.44 31.62
CA LEU A 183 -22.50 -42.13 31.17
C LEU A 183 -23.59 -41.41 30.42
N GLY A 184 -23.99 -40.25 30.93
CA GLY A 184 -24.98 -39.43 30.28
C GLY A 184 -24.34 -38.23 29.60
N VAL A 185 -24.82 -37.89 28.40
CA VAL A 185 -24.29 -36.75 27.68
C VAL A 185 -25.42 -35.86 27.22
N TYR A 186 -25.36 -34.59 27.62
CA TYR A 186 -26.29 -33.59 27.12
C TYR A 186 -25.59 -32.66 26.15
N ILE A 187 -26.12 -32.59 24.93
CA ILE A 187 -25.52 -31.78 23.87
C ILE A 187 -26.64 -31.39 22.91
N ASN A 188 -26.46 -30.29 22.18
CA ASN A 188 -27.44 -29.88 21.20
C ASN A 188 -27.22 -30.65 19.90
N ASN A 189 -28.32 -30.97 19.20
CA ASN A 189 -28.28 -31.78 17.99
C ASN A 189 -27.73 -33.16 18.27
N ALA A 190 -28.20 -33.77 19.36
CA ALA A 190 -27.66 -35.03 19.85
C ALA A 190 -27.69 -36.16 18.83
N ASP A 191 -28.74 -36.22 18.01
CA ASP A 191 -28.86 -37.35 17.08
C ASP A 191 -27.73 -37.41 16.07
N THR A 192 -27.08 -36.28 15.80
CA THR A 192 -25.96 -36.26 14.87
C THR A 192 -24.68 -36.78 15.54
N TYR A 193 -24.65 -36.71 16.87
CA TYR A 193 -23.48 -37.10 17.64
C TYR A 193 -23.51 -38.56 18.10
N LYS A 194 -24.68 -39.19 18.03
CA LYS A 194 -24.86 -40.56 18.53
C LYS A 194 -23.95 -41.58 17.86
N GLU A 195 -23.70 -41.37 16.57
CA GLU A 195 -22.89 -42.29 15.79
C GLU A 195 -21.43 -42.32 16.23
N GLU A 196 -21.01 -41.25 16.91
CA GLU A 196 -19.62 -41.12 17.34
C GLU A 196 -19.33 -41.91 18.62
N VAL A 197 -20.39 -42.29 19.34
CA VAL A 197 -20.22 -42.92 20.65
C VAL A 197 -19.50 -44.26 20.55
N GLU A 198 -20.03 -45.18 19.75
CA GLU A 198 -19.40 -46.50 19.63
C GLU A 198 -18.12 -46.44 18.80
N LYS A 199 -18.02 -45.44 17.94
CA LYS A 199 -16.81 -45.23 17.18
C LYS A 199 -15.68 -44.84 18.15
N ALA A 200 -16.03 -44.05 19.16
CA ALA A 200 -15.10 -43.67 20.21
C ALA A 200 -14.68 -44.86 21.06
N ARG A 201 -15.64 -45.70 21.41
CA ARG A 201 -15.39 -46.86 22.29
C ARG A 201 -14.38 -47.81 21.63
N VAL A 202 -14.48 -47.95 20.31
CA VAL A 202 -13.55 -48.77 19.55
C VAL A 202 -12.16 -48.14 19.49
N TYR A 203 -12.11 -46.87 19.11
CA TYR A 203 -10.86 -46.13 19.01
C TYR A 203 -10.14 -46.07 20.34
N TYR A 204 -10.91 -45.96 21.40
CA TYR A 204 -10.38 -45.94 22.74
C TYR A 204 -9.55 -47.19 23.00
N PHE A 205 -10.17 -48.33 22.78
CA PHE A 205 -9.52 -49.59 23.10
C PHE A 205 -8.38 -49.94 22.15
N GLY A 206 -8.52 -49.62 20.87
CA GLY A 206 -7.42 -49.79 19.95
C GLY A 206 -6.22 -49.02 20.48
N THR A 207 -6.49 -47.82 20.98
CA THR A 207 -5.47 -46.98 21.60
C THR A 207 -4.95 -47.58 22.90
N TYR A 208 -5.86 -48.04 23.76
CA TYR A 208 -5.45 -48.62 25.04
C TYR A 208 -4.75 -49.96 24.84
N TYR A 209 -5.19 -50.72 23.83
CA TYR A 209 -4.56 -51.98 23.49
C TYR A 209 -3.10 -51.75 23.07
N ALA A 210 -2.87 -50.75 22.22
CA ALA A 210 -1.51 -50.38 21.84
C ALA A 210 -0.73 -49.96 23.08
N SER A 211 -1.38 -49.16 23.92
CA SER A 211 -0.79 -48.73 25.20
C SER A 211 -0.35 -49.88 26.09
N GLN A 212 -1.20 -50.91 26.19
CA GLN A 212 -0.89 -52.08 27.01
C GLN A 212 0.37 -52.81 26.54
N LEU A 213 0.53 -52.93 25.22
CA LEU A 213 1.68 -53.63 24.66
C LEU A 213 2.96 -52.86 24.90
N ILE A 214 2.89 -51.54 24.74
CA ILE A 214 4.05 -50.68 24.91
C ILE A 214 4.49 -50.67 26.37
N ALA A 215 3.52 -50.55 27.27
CA ALA A 215 3.82 -50.49 28.71
C ALA A 215 4.36 -51.82 29.21
N ALA A 216 3.99 -52.90 28.54
CA ALA A 216 4.50 -54.22 28.89
C ALA A 216 6.02 -54.24 28.78
N PRO A 217 6.70 -54.64 29.86
CA PRO A 217 8.16 -54.68 29.91
C PRO A 217 8.73 -55.70 28.93
N SER A 218 10.02 -55.62 28.64
CA SER A 218 10.62 -56.41 27.58
C SER A 218 10.75 -57.90 27.92
N ASN A 219 10.70 -58.23 29.20
CA ASN A 219 10.71 -59.64 29.61
C ASN A 219 9.34 -60.27 29.42
N TYR A 220 8.31 -59.43 29.46
CA TYR A 220 6.94 -59.84 29.14
C TYR A 220 6.67 -59.73 27.64
N CYS A 221 6.96 -58.55 27.10
CA CYS A 221 6.72 -58.27 25.69
C CYS A 221 8.02 -58.42 24.91
N ASN A 222 8.18 -59.59 24.30
CA ASN A 222 9.35 -59.92 23.49
C ASN A 222 8.88 -60.32 22.08
N PRO A 223 9.80 -60.50 21.12
CA PRO A 223 9.37 -60.83 19.75
C PRO A 223 8.40 -62.00 19.65
N VAL A 224 8.59 -63.03 20.47
CA VAL A 224 7.73 -64.20 20.41
C VAL A 224 6.37 -63.91 21.03
N SER A 225 6.37 -63.34 22.23
CA SER A 225 5.12 -63.06 22.94
C SER A 225 4.29 -61.97 22.26
N LEU A 226 4.97 -61.04 21.60
CA LEU A 226 4.27 -59.98 20.89
C LEU A 226 3.63 -60.51 19.62
N SER A 227 4.36 -61.37 18.90
CA SER A 227 3.82 -62.00 17.70
C SER A 227 2.67 -62.94 18.08
N ASN A 228 2.77 -63.58 19.24
CA ASN A 228 1.68 -64.41 19.74
C ASN A 228 0.42 -63.59 20.03
N ALA A 229 0.58 -62.42 20.63
CA ALA A 229 -0.54 -61.53 20.94
C ALA A 229 -1.21 -61.05 19.66
N ALA A 230 -0.40 -60.81 18.64
CA ALA A 230 -0.88 -60.38 17.33
C ALA A 230 -1.70 -61.48 16.67
N VAL A 231 -1.24 -62.72 16.80
CA VAL A 231 -1.96 -63.88 16.27
C VAL A 231 -3.30 -64.04 16.99
N GLU A 232 -3.24 -63.95 18.31
CA GLU A 232 -4.42 -64.07 19.15
C GLU A 232 -5.43 -62.97 18.83
N LEU A 233 -4.93 -61.76 18.56
CA LEU A 233 -5.80 -60.65 18.18
C LEU A 233 -6.49 -60.92 16.85
N ALA A 234 -5.71 -61.42 15.88
CA ALA A 234 -6.24 -61.74 14.56
C ALA A 234 -7.33 -62.80 14.66
N GLN A 235 -7.16 -63.73 15.59
CA GLN A 235 -8.13 -64.82 15.76
C GLN A 235 -9.47 -64.31 16.32
N LYS A 236 -9.41 -63.33 17.21
CA LYS A 236 -10.61 -62.77 17.81
C LYS A 236 -11.35 -61.89 16.81
N LEU A 237 -10.60 -61.34 15.85
CA LEU A 237 -11.15 -60.44 14.84
C LEU A 237 -11.36 -61.08 13.48
N ASN A 238 -11.07 -62.37 13.37
CA ASN A 238 -11.15 -63.04 12.07
C ASN A 238 -10.30 -62.36 11.01
N LEU A 239 -9.06 -62.03 11.35
CA LEU A 239 -8.14 -61.49 10.36
C LEU A 239 -7.18 -62.60 9.94
N GLU A 240 -6.84 -62.61 8.66
CA GLU A 240 -5.84 -63.51 8.15
C GLU A 240 -4.50 -63.11 8.74
N TYR A 241 -3.71 -64.09 9.17
CA TYR A 241 -2.42 -63.78 9.75
C TYR A 241 -1.35 -64.74 9.24
N LYS A 242 -0.11 -64.29 9.26
CA LYS A 242 0.97 -65.20 8.98
C LYS A 242 2.17 -64.60 9.72
N ILE A 243 2.85 -65.51 10.42
CA ILE A 243 4.01 -65.12 11.20
C ILE A 243 5.24 -65.80 10.63
N LEU A 244 6.18 -64.99 10.14
CA LEU A 244 7.35 -65.56 9.51
C LEU A 244 8.45 -65.74 10.53
N GLY A 245 9.02 -66.94 10.60
CA GLY A 245 10.12 -67.22 11.50
C GLY A 245 11.43 -67.10 10.77
N VAL A 246 12.53 -67.43 11.44
CA VAL A 246 13.88 -67.24 10.92
C VAL A 246 14.11 -67.92 9.56
N LYS A 247 13.62 -69.14 9.41
CA LYS A 247 13.86 -69.91 8.18
C LYS A 247 13.29 -69.25 6.93
N GLU A 248 12.07 -68.71 7.04
CA GLU A 248 11.44 -68.03 5.92
C GLU A 248 12.09 -66.67 5.63
N LEU A 249 12.53 -66.00 6.68
CA LEU A 249 13.19 -64.71 6.54
C LEU A 249 14.55 -64.92 5.87
N GLU A 250 15.16 -66.06 6.16
CA GLU A 250 16.41 -66.44 5.52
C GLU A 250 16.23 -66.65 4.02
N GLU A 251 15.16 -67.34 3.65
CA GLU A 251 14.75 -67.65 2.30
C GLU A 251 14.49 -66.39 1.51
N LEU A 252 13.86 -65.44 2.21
CA LEU A 252 13.50 -64.16 1.63
C LEU A 252 14.70 -63.21 1.64
N LYS A 253 15.80 -63.68 2.22
CA LYS A 253 17.07 -62.96 2.20
C LYS A 253 17.02 -61.60 2.91
N MET A 254 16.27 -61.51 4.00
CA MET A 254 16.15 -60.26 4.75
C MET A 254 17.36 -60.05 5.68
N GLY A 255 18.51 -59.76 5.08
CA GLY A 255 19.74 -59.69 5.84
C GLY A 255 19.78 -58.53 6.82
N ALA A 256 19.12 -57.44 6.48
CA ALA A 256 19.07 -56.27 7.35
C ALA A 256 18.29 -56.53 8.63
N TYR A 257 17.08 -57.05 8.45
CA TYR A 257 16.20 -57.39 9.56
C TYR A 257 16.79 -58.52 10.41
N LEU A 258 17.32 -59.56 9.76
CA LEU A 258 17.88 -60.71 10.47
C LEU A 258 19.13 -60.39 11.29
N SER A 259 19.92 -59.42 10.82
CA SER A 259 21.14 -59.06 11.52
C SER A 259 20.80 -58.45 12.85
N VAL A 260 19.78 -57.57 12.86
CA VAL A 260 19.40 -56.83 14.06
C VAL A 260 19.05 -57.76 15.21
N GLY A 261 18.48 -58.92 14.88
CA GLY A 261 18.03 -59.84 15.91
C GLY A 261 19.00 -60.94 16.30
N LYS A 262 20.17 -60.97 15.67
CA LYS A 262 21.16 -62.02 15.90
C LYS A 262 21.54 -62.18 17.37
N GLY A 263 21.63 -61.06 18.08
CA GLY A 263 22.04 -61.05 19.47
C GLY A 263 20.94 -61.32 20.47
N SER A 264 19.74 -61.63 20.00
CA SER A 264 18.62 -61.86 20.91
C SER A 264 18.44 -63.35 21.19
N MET A 265 17.90 -63.66 22.37
CA MET A 265 17.58 -65.05 22.70
C MET A 265 16.24 -65.43 22.09
N TYR A 266 15.54 -64.42 21.58
CA TYR A 266 14.24 -64.63 20.97
C TYR A 266 14.39 -64.61 19.46
N PRO A 267 13.95 -65.69 18.80
CA PRO A 267 13.99 -65.74 17.33
C PRO A 267 13.18 -64.60 16.74
N ASN A 268 13.64 -64.06 15.62
CA ASN A 268 12.92 -63.00 14.95
C ASN A 268 11.54 -63.46 14.48
N LYS A 269 10.55 -62.58 14.60
CA LYS A 269 9.19 -62.86 14.16
C LYS A 269 8.60 -61.72 13.33
N PHE A 270 8.25 -62.02 12.09
CA PHE A 270 7.64 -61.02 11.20
C PHE A 270 6.12 -61.17 11.19
N ILE A 271 5.43 -60.11 11.60
CA ILE A 271 3.97 -60.11 11.69
C ILE A 271 3.29 -59.63 10.41
N HIS A 272 2.35 -60.42 9.89
CA HIS A 272 1.59 -60.06 8.69
C HIS A 272 0.10 -60.35 8.88
N LEU A 273 -0.64 -59.33 9.31
CA LEU A 273 -2.10 -59.42 9.40
C LEU A 273 -2.74 -58.81 8.16
N THR A 274 -3.92 -59.30 7.82
CA THR A 274 -4.62 -58.83 6.63
C THR A 274 -6.13 -58.67 6.85
N TYR A 275 -6.65 -57.52 6.47
CA TYR A 275 -8.09 -57.30 6.41
C TYR A 275 -8.55 -57.26 4.96
N LYS A 276 -9.55 -58.06 4.61
CA LYS A 276 -10.14 -57.96 3.27
C LYS A 276 -11.64 -57.80 3.31
N SER A 277 -12.15 -56.81 2.59
CA SER A 277 -13.60 -56.57 2.52
C SER A 277 -14.24 -57.60 1.59
N LYS A 278 -15.50 -57.97 1.86
CA LYS A 278 -16.19 -58.91 1.00
C LYS A 278 -16.64 -58.19 -0.28
N GLY A 279 -16.66 -56.87 -0.20
CA GLY A 279 -16.85 -55.99 -1.34
C GLY A 279 -15.80 -56.22 -2.41
N ASP A 280 -15.72 -55.31 -3.38
CA ASP A 280 -14.63 -55.42 -4.32
C ASP A 280 -13.59 -54.41 -3.84
N VAL A 281 -12.33 -54.75 -4.02
CA VAL A 281 -11.29 -53.97 -3.38
C VAL A 281 -10.85 -52.88 -4.29
N LYS A 282 -11.03 -51.65 -3.85
CA LYS A 282 -10.66 -50.58 -4.72
C LYS A 282 -9.44 -49.83 -4.25
N LYS A 283 -8.86 -50.20 -3.10
CA LYS A 283 -7.57 -49.64 -2.68
C LYS A 283 -6.87 -50.57 -1.66
N LYS A 284 -5.60 -50.89 -1.91
CA LYS A 284 -4.78 -51.76 -1.07
C LYS A 284 -3.73 -50.97 -0.27
N ILE A 285 -3.72 -51.14 1.05
CA ILE A 285 -2.81 -50.38 1.91
C ILE A 285 -1.93 -51.28 2.79
N ALA A 286 -0.64 -50.96 2.83
CA ALA A 286 0.30 -51.65 3.72
C ALA A 286 0.74 -50.72 4.85
N LEU A 287 0.51 -51.16 6.10
CA LEU A 287 0.94 -50.42 7.27
C LEU A 287 2.10 -51.13 7.95
N VAL A 288 3.22 -50.43 8.12
CA VAL A 288 4.41 -51.05 8.70
C VAL A 288 4.78 -50.39 10.03
N GLY A 289 4.97 -51.20 11.05
CA GLY A 289 5.32 -50.66 12.36
C GLY A 289 6.65 -51.17 12.86
N LYS A 290 7.46 -50.25 13.39
CA LYS A 290 8.72 -50.63 14.02
C LYS A 290 8.47 -51.49 15.25
N GLY A 291 9.06 -52.68 15.28
CA GLY A 291 8.83 -53.62 16.36
C GLY A 291 10.09 -54.09 17.08
N ILE A 292 10.81 -53.15 17.68
CA ILE A 292 11.96 -53.49 18.50
C ILE A 292 11.51 -53.56 19.95
N THR A 293 11.38 -54.78 20.45
CA THR A 293 10.80 -54.99 21.77
C THR A 293 11.71 -54.44 22.86
N PHE A 294 13.00 -54.35 22.56
CA PHE A 294 13.93 -53.61 23.40
C PHE A 294 15.13 -53.12 22.61
N ASP A 295 15.43 -51.84 22.74
CA ASP A 295 16.57 -51.25 22.06
C ASP A 295 17.68 -50.95 23.05
N SER A 296 18.61 -51.88 23.19
CA SER A 296 19.76 -51.64 24.05
C SER A 296 20.73 -50.78 23.29
N GLY A 297 20.60 -50.80 21.97
CA GLY A 297 21.51 -50.09 21.10
C GLY A 297 22.54 -51.02 20.48
N GLY A 298 22.64 -52.23 21.04
CA GLY A 298 23.66 -53.18 20.63
C GLY A 298 25.05 -52.76 21.06
N TYR A 299 26.05 -53.06 20.24
CA TYR A 299 27.43 -52.72 20.58
C TYR A 299 27.63 -51.21 20.64
N ASN A 300 26.75 -50.47 19.96
CA ASN A 300 26.63 -49.03 20.21
C ASN A 300 25.72 -48.85 21.40
N LEU A 301 26.11 -49.41 22.54
CA LEU A 301 25.25 -49.45 23.72
C LEU A 301 24.80 -48.08 24.16
N LYS A 302 23.53 -47.98 24.55
CA LYS A 302 22.98 -46.73 25.06
C LYS A 302 23.50 -46.47 26.45
N ALA A 303 24.67 -45.84 26.52
CA ALA A 303 25.37 -45.61 27.79
C ALA A 303 25.57 -44.13 28.09
N ALA A 304 25.28 -43.27 27.12
CA ALA A 304 25.39 -41.82 27.29
C ALA A 304 24.22 -41.34 28.18
N PRO A 305 24.42 -40.25 28.93
CA PRO A 305 23.40 -39.76 29.88
C PRO A 305 21.96 -39.51 29.39
N GLY A 306 21.72 -38.96 28.21
CA GLY A 306 20.35 -38.71 27.77
C GLY A 306 19.65 -39.91 27.12
N SER A 307 20.29 -41.08 27.20
CA SER A 307 19.90 -42.26 26.43
C SER A 307 18.53 -42.92 26.70
N MET A 308 18.02 -42.79 27.92
CA MET A 308 16.72 -43.34 28.32
C MET A 308 16.66 -44.86 28.10
N ILE A 309 17.61 -45.60 28.67
CA ILE A 309 17.68 -47.03 28.44
C ILE A 309 16.58 -47.82 29.17
N ASP A 310 15.98 -47.27 30.23
CA ASP A 310 14.91 -47.98 30.93
C ASP A 310 13.57 -47.82 30.25
N LEU A 311 13.55 -46.97 29.23
CA LEU A 311 12.32 -46.61 28.53
C LEU A 311 12.19 -47.42 27.25
N MET A 312 13.26 -48.14 26.91
CA MET A 312 13.38 -48.69 25.57
C MET A 312 12.55 -49.95 25.30
N LYS A 313 11.65 -50.28 26.23
CA LYS A 313 10.61 -51.26 25.93
C LYS A 313 9.62 -50.62 24.95
N PHE A 314 9.63 -49.29 24.90
CA PHE A 314 8.70 -48.53 24.07
C PHE A 314 9.10 -48.48 22.59
N ASP A 315 10.18 -49.15 22.22
CA ASP A 315 10.71 -49.04 20.87
C ASP A 315 9.90 -49.90 19.90
N MET A 316 8.78 -50.42 20.37
CA MET A 316 7.86 -51.19 19.54
C MET A 316 6.52 -50.48 19.43
N SER A 317 6.51 -49.19 19.74
CA SER A 317 5.32 -48.36 19.67
C SER A 317 4.71 -48.35 18.28
N GLY A 318 5.58 -48.34 17.27
CA GLY A 318 5.14 -48.36 15.88
C GLY A 318 4.32 -49.60 15.59
N CYS A 319 4.83 -50.74 16.02
CA CYS A 319 4.12 -52.00 15.88
C CYS A 319 2.79 -51.96 16.64
N ALA A 320 2.83 -51.40 17.85
CA ALA A 320 1.66 -51.33 18.71
C ALA A 320 0.54 -50.49 18.09
N ALA A 321 0.92 -49.37 17.50
CA ALA A 321 -0.05 -48.53 16.81
C ALA A 321 -0.69 -49.29 15.65
N VAL A 322 0.13 -50.07 14.96
CA VAL A 322 -0.34 -50.82 13.81
C VAL A 322 -1.30 -51.93 14.23
N LEU A 323 -0.98 -52.67 15.28
CA LEU A 323 -1.88 -53.71 15.77
C LEU A 323 -3.14 -53.07 16.36
N GLY A 324 -2.96 -51.91 17.00
CA GLY A 324 -4.09 -51.15 17.50
C GLY A 324 -5.01 -50.75 16.37
N CYS A 325 -4.41 -50.37 15.23
CA CYS A 325 -5.19 -50.04 14.04
C CYS A 325 -5.93 -51.27 13.52
N ALA A 326 -5.28 -52.42 13.57
CA ALA A 326 -5.87 -53.67 13.12
C ALA A 326 -7.14 -53.98 13.92
N TYR A 327 -7.11 -53.70 15.21
CA TYR A 327 -8.30 -53.91 16.03
C TYR A 327 -9.46 -53.02 15.59
N CYS A 328 -9.19 -51.73 15.43
CA CYS A 328 -10.23 -50.78 15.05
C CYS A 328 -10.81 -51.15 13.68
N VAL A 329 -9.93 -51.42 12.72
CA VAL A 329 -10.34 -51.79 11.37
C VAL A 329 -11.10 -53.12 11.39
N GLY A 330 -10.57 -54.08 12.14
CA GLY A 330 -11.18 -55.39 12.30
C GLY A 330 -12.52 -55.30 12.98
N THR A 331 -12.77 -54.20 13.69
CA THR A 331 -14.04 -54.07 14.38
C THR A 331 -15.07 -53.33 13.54
N LEU A 332 -14.64 -52.21 12.95
CA LEU A 332 -15.55 -51.37 12.18
C LEU A 332 -15.83 -51.89 10.79
N LYS A 333 -14.96 -52.78 10.33
CA LYS A 333 -15.15 -53.43 9.05
C LYS A 333 -15.45 -52.49 7.90
N PRO A 334 -14.45 -51.71 7.46
CA PRO A 334 -14.67 -50.79 6.35
C PRO A 334 -14.93 -51.51 5.03
N GLU A 335 -15.48 -50.79 4.04
CA GLU A 335 -15.86 -51.42 2.79
C GLU A 335 -14.80 -51.17 1.73
N ASN A 336 -14.75 -52.03 0.71
CA ASN A 336 -13.88 -51.83 -0.46
C ASN A 336 -12.41 -51.56 -0.15
N VAL A 337 -11.88 -52.21 0.89
CA VAL A 337 -10.51 -51.93 1.34
C VAL A 337 -9.75 -53.23 1.63
N GLU A 338 -8.46 -53.24 1.32
CA GLU A 338 -7.57 -54.33 1.72
C GLU A 338 -6.35 -53.79 2.47
N ILE A 339 -6.19 -54.17 3.73
CA ILE A 339 -5.11 -53.62 4.57
C ILE A 339 -4.15 -54.67 5.07
N HIS A 340 -2.85 -54.42 4.90
CA HIS A 340 -1.85 -55.32 5.45
C HIS A 340 -1.17 -54.69 6.65
N PHE A 341 -1.24 -55.37 7.79
CA PHE A 341 -0.63 -54.87 9.01
C PHE A 341 0.68 -55.61 9.23
N LEU A 342 1.78 -54.91 9.03
CA LEU A 342 3.10 -55.53 9.01
C LEU A 342 4.00 -55.04 10.13
N SER A 343 4.82 -55.94 10.66
CA SER A 343 5.85 -55.53 11.61
C SER A 343 6.98 -56.55 11.65
N ALA A 344 8.19 -56.07 11.40
CA ALA A 344 9.38 -56.89 11.54
C ALA A 344 9.86 -56.80 12.99
N VAL A 345 9.46 -57.78 13.80
CA VAL A 345 9.73 -57.72 15.24
C VAL A 345 11.02 -58.43 15.62
N CYS A 346 11.82 -57.75 16.44
CA CYS A 346 13.04 -58.34 16.99
C CYS A 346 13.53 -57.56 18.22
N GLU A 347 14.67 -57.98 18.75
CA GLU A 347 15.27 -57.38 19.93
C GLU A 347 16.72 -57.06 19.64
N ASN A 348 17.15 -55.85 19.96
CA ASN A 348 18.51 -55.40 19.68
C ASN A 348 19.42 -55.53 20.89
N MET A 349 20.23 -56.59 20.93
CA MET A 349 20.96 -56.95 22.15
C MET A 349 22.47 -57.08 21.97
N VAL A 350 23.17 -57.21 23.09
CA VAL A 350 24.62 -57.36 23.08
C VAL A 350 25.00 -58.81 23.39
N SER A 351 25.81 -59.40 22.52
CA SER A 351 26.11 -60.81 22.61
C SER A 351 27.34 -61.19 21.80
N LYS A 352 27.78 -62.43 21.94
CA LYS A 352 28.78 -62.98 21.06
C LYS A 352 28.21 -63.08 19.66
N ASN A 353 26.89 -63.18 19.59
CA ASN A 353 26.19 -63.36 18.33
C ASN A 353 25.72 -62.06 17.71
N SER A 354 25.93 -60.95 18.42
CA SER A 354 25.44 -59.66 17.96
C SER A 354 26.14 -59.25 16.66
N TYR A 355 25.49 -58.42 15.88
CA TYR A 355 26.12 -57.84 14.69
C TYR A 355 26.97 -56.66 15.09
N ARG A 356 27.96 -56.32 14.28
CA ARG A 356 28.94 -55.32 14.68
C ARG A 356 28.85 -54.03 13.91
N PRO A 357 29.29 -52.93 14.55
CA PRO A 357 29.51 -51.68 13.83
C PRO A 357 30.54 -51.93 12.74
N GLY A 358 30.22 -51.55 11.51
CA GLY A 358 31.13 -51.75 10.39
C GLY A 358 30.71 -52.91 9.50
N ASP A 359 29.93 -53.83 10.05
CA ASP A 359 29.46 -54.99 9.30
C ASP A 359 28.67 -54.56 8.07
N ILE A 360 28.87 -55.25 6.97
CA ILE A 360 28.09 -54.99 5.76
C ILE A 360 27.07 -56.10 5.53
N ILE A 361 25.80 -55.70 5.41
CA ILE A 361 24.69 -56.65 5.28
C ILE A 361 23.90 -56.43 3.99
N THR A 362 23.17 -57.46 3.57
CA THR A 362 22.45 -57.42 2.32
C THR A 362 20.94 -57.48 2.53
N ALA A 363 20.22 -56.44 2.09
CA ALA A 363 18.78 -56.39 2.22
C ALA A 363 18.10 -57.31 1.20
N SER A 364 16.78 -57.46 1.32
CA SER A 364 16.04 -58.39 0.46
C SER A 364 15.91 -57.88 -0.98
N ASN A 365 16.23 -56.62 -1.20
CA ASN A 365 16.17 -56.07 -2.56
C ASN A 365 17.55 -56.00 -3.22
N GLY A 366 18.55 -56.59 -2.56
CA GLY A 366 19.88 -56.68 -3.13
C GLY A 366 20.85 -55.61 -2.69
N LYS A 367 20.35 -54.56 -2.06
CA LYS A 367 21.22 -53.48 -1.62
C LYS A 367 22.06 -53.89 -0.43
N THR A 368 23.35 -53.64 -0.53
CA THR A 368 24.28 -53.92 0.56
C THR A 368 24.34 -52.69 1.48
N ILE A 369 24.37 -52.93 2.79
CA ILE A 369 24.33 -51.83 3.75
C ILE A 369 25.51 -51.88 4.71
N GLU A 370 26.24 -50.79 4.83
CA GLU A 370 27.30 -50.71 5.82
C GLU A 370 26.80 -50.11 7.11
N VAL A 371 26.86 -50.90 8.17
CA VAL A 371 26.44 -50.46 9.49
C VAL A 371 27.47 -49.55 10.13
N GLY A 372 27.06 -48.34 10.47
CA GLY A 372 27.95 -47.38 11.12
C GLY A 372 27.61 -47.22 12.59
N ASN A 373 26.41 -47.63 12.95
CA ASN A 373 25.93 -47.54 14.32
C ASN A 373 24.84 -48.58 14.56
N THR A 374 25.09 -49.51 15.48
CA THR A 374 24.13 -50.59 15.75
C THR A 374 22.89 -50.09 16.47
N ASP A 375 22.96 -48.88 17.00
CA ASP A 375 21.81 -48.29 17.64
C ASP A 375 20.86 -47.68 16.62
N ALA A 376 21.26 -47.67 15.36
CA ALA A 376 20.36 -47.25 14.29
C ALA A 376 19.73 -48.48 13.66
N GLU A 377 19.15 -49.32 14.52
CA GLU A 377 18.70 -50.65 14.11
C GLU A 377 17.32 -50.63 13.45
N GLY A 378 16.52 -49.63 13.78
CA GLY A 378 15.14 -49.57 13.32
C GLY A 378 14.98 -49.46 11.82
N ARG A 379 15.78 -48.60 11.20
CA ARG A 379 15.69 -48.38 9.77
C ARG A 379 16.09 -49.64 9.01
N LEU A 380 16.90 -50.47 9.64
CA LEU A 380 17.33 -51.72 9.04
C LEU A 380 16.17 -52.71 8.96
N THR A 381 15.38 -52.77 10.02
CA THR A 381 14.23 -53.66 10.05
C THR A 381 13.11 -53.13 9.16
N LEU A 382 12.97 -51.80 9.12
CA LEU A 382 11.97 -51.17 8.29
C LEU A 382 12.32 -51.32 6.81
N ALA A 383 13.62 -51.31 6.51
CA ALA A 383 14.09 -51.47 5.14
C ALA A 383 13.60 -52.79 4.52
N ASP A 384 13.77 -53.89 5.24
CA ASP A 384 13.30 -55.18 4.75
C ASP A 384 11.78 -55.28 4.80
N ALA A 385 11.18 -54.60 5.77
CA ALA A 385 9.73 -54.58 5.91
C ALA A 385 9.11 -53.79 4.75
N LEU A 386 9.77 -52.71 4.35
CA LEU A 386 9.29 -51.89 3.24
C LEU A 386 9.42 -52.61 1.90
N VAL A 387 10.50 -53.38 1.73
CA VAL A 387 10.68 -54.19 0.53
C VAL A 387 9.59 -55.25 0.47
N TYR A 388 9.33 -55.88 1.61
CA TYR A 388 8.27 -56.87 1.74
C TYR A 388 6.91 -56.24 1.44
N ALA A 389 6.70 -55.02 1.93
CA ALA A 389 5.44 -54.31 1.76
C ALA A 389 5.12 -54.03 0.30
N GLU A 390 6.13 -53.59 -0.46
CA GLU A 390 5.94 -53.20 -1.85
C GLU A 390 5.63 -54.40 -2.77
N LYS A 391 6.14 -55.58 -2.42
CA LYS A 391 5.87 -56.78 -3.22
C LYS A 391 4.43 -57.25 -3.13
N LEU A 392 3.71 -56.73 -2.14
CA LEU A 392 2.30 -57.07 -1.96
C LEU A 392 1.41 -56.40 -3.00
N GLY A 393 1.94 -55.37 -3.68
CA GLY A 393 1.19 -54.67 -4.70
C GLY A 393 0.09 -53.79 -4.16
N VAL A 394 0.48 -52.80 -3.36
CA VAL A 394 -0.46 -51.92 -2.70
C VAL A 394 -0.43 -50.52 -3.31
N ASP A 395 -1.43 -49.73 -2.97
CA ASP A 395 -1.51 -48.35 -3.46
C ASP A 395 -0.74 -47.45 -2.51
N TYR A 396 -0.82 -47.75 -1.22
CA TYR A 396 -0.15 -46.97 -0.21
C TYR A 396 0.69 -47.81 0.76
N ILE A 397 1.89 -47.33 1.05
CA ILE A 397 2.69 -47.87 2.14
C ILE A 397 2.87 -46.79 3.19
N VAL A 398 2.33 -46.99 4.38
CA VAL A 398 2.56 -46.06 5.48
C VAL A 398 3.21 -46.79 6.65
N ASP A 399 4.41 -46.35 7.01
CA ASP A 399 5.09 -46.91 8.17
C ASP A 399 5.15 -45.92 9.34
N ILE A 400 5.16 -46.46 10.56
CA ILE A 400 5.19 -45.65 11.77
C ILE A 400 6.21 -46.18 12.79
N ALA A 401 7.07 -45.31 13.33
CA ALA A 401 8.23 -45.77 14.08
C ALA A 401 8.80 -44.77 15.11
N THR A 402 9.27 -45.30 16.25
CA THR A 402 10.08 -44.52 17.18
C THR A 402 11.54 -44.54 16.73
N LEU A 403 11.83 -43.76 15.70
CA LEU A 403 13.07 -43.93 14.97
C LEU A 403 14.22 -43.05 15.47
N THR A 404 13.97 -41.77 15.62
CA THR A 404 15.03 -40.81 15.93
C THR A 404 14.73 -39.93 17.13
N GLY A 405 15.68 -39.84 18.07
CA GLY A 405 15.53 -38.98 19.23
C GLY A 405 15.50 -37.51 18.86
N ALA A 406 15.94 -37.20 17.64
CA ALA A 406 15.96 -35.83 17.15
C ALA A 406 14.55 -35.23 17.09
N MET A 407 13.55 -36.09 17.07
CA MET A 407 12.17 -35.62 17.04
C MET A 407 11.89 -34.76 18.26
N LEU A 408 12.51 -35.10 19.38
CA LEU A 408 12.37 -34.30 20.59
C LEU A 408 12.95 -32.90 20.45
N TYR A 409 13.97 -32.77 19.61
CA TYR A 409 14.61 -31.49 19.42
C TYR A 409 13.89 -30.65 18.37
N SER A 410 13.19 -31.34 17.46
CA SER A 410 12.50 -30.67 16.36
C SER A 410 11.03 -30.32 16.62
N LEU A 411 10.19 -31.32 16.88
CA LEU A 411 8.76 -31.08 17.05
C LEU A 411 8.33 -31.24 18.50
N GLY A 412 9.14 -31.94 19.28
CA GLY A 412 8.86 -32.11 20.68
C GLY A 412 8.03 -33.34 20.97
N THR A 413 7.21 -33.26 22.02
CA THR A 413 6.47 -34.41 22.53
C THR A 413 5.01 -34.43 22.13
N SER A 414 4.56 -33.43 21.39
CA SER A 414 3.14 -33.32 21.05
CA SER A 414 3.15 -33.30 21.04
C SER A 414 2.87 -33.59 19.57
N TYR A 415 3.77 -33.15 18.69
CA TYR A 415 3.61 -33.38 17.26
C TYR A 415 4.53 -34.47 16.72
N ALA A 416 3.97 -35.38 15.94
CA ALA A 416 4.78 -36.35 15.23
C ALA A 416 5.18 -35.81 13.88
N GLY A 417 6.25 -36.34 13.31
CA GLY A 417 6.69 -35.92 12.00
C GLY A 417 6.32 -36.92 10.93
N VAL A 418 5.93 -36.42 9.76
CA VAL A 418 5.68 -37.28 8.63
C VAL A 418 6.57 -36.89 7.43
N PHE A 419 7.17 -37.90 6.82
CA PHE A 419 7.99 -37.73 5.62
C PHE A 419 7.34 -38.55 4.52
N GLY A 420 7.68 -38.29 3.26
CA GLY A 420 7.08 -39.06 2.18
C GLY A 420 7.61 -38.79 0.79
N ASN A 421 7.18 -39.60 -0.17
CA ASN A 421 7.60 -39.43 -1.56
C ASN A 421 6.44 -39.00 -2.47
N ASN A 422 5.30 -38.70 -1.87
CA ASN A 422 4.08 -38.41 -2.62
C ASN A 422 3.23 -37.41 -1.87
N GLU A 423 2.97 -36.27 -2.50
CA GLU A 423 2.23 -35.19 -1.86
C GLU A 423 0.77 -35.57 -1.60
N GLU A 424 0.20 -36.40 -2.45
CA GLU A 424 -1.21 -36.73 -2.22
C GLU A 424 -1.33 -37.63 -0.99
N LEU A 425 -0.40 -38.57 -0.80
CA LEU A 425 -0.38 -39.42 0.39
C LEU A 425 -0.08 -38.65 1.67
N ILE A 426 0.90 -37.76 1.60
CA ILE A 426 1.24 -36.90 2.74
C ILE A 426 0.00 -36.07 3.09
N ASN A 427 -0.68 -35.59 2.05
CA ASN A 427 -1.82 -34.76 2.39
C ASN A 427 -2.98 -35.59 2.89
N LYS A 428 -3.16 -36.85 2.50
CA LYS A 428 -4.16 -37.69 3.15
C LYS A 428 -3.84 -38.00 4.61
N ILE A 429 -2.56 -38.23 4.92
CA ILE A 429 -2.16 -38.46 6.29
C ILE A 429 -2.35 -37.22 7.18
N LEU A 430 -2.00 -36.05 6.65
CA LEU A 430 -2.18 -34.81 7.41
C LEU A 430 -3.66 -34.53 7.67
N GLN A 431 -4.49 -34.85 6.68
CA GLN A 431 -5.94 -34.71 6.80
C GLN A 431 -6.48 -35.64 7.87
N SER A 432 -5.90 -36.83 7.93
CA SER A 432 -6.25 -37.82 8.92
C SER A 432 -5.88 -37.34 10.31
N SER A 433 -4.81 -36.54 10.39
CA SER A 433 -4.38 -35.96 11.65
C SER A 433 -5.45 -35.01 12.18
N LYS A 434 -6.07 -34.26 11.28
CA LYS A 434 -7.10 -33.31 11.64
C LYS A 434 -8.35 -34.00 12.17
N THR A 435 -8.76 -35.06 11.50
CA THR A 435 -10.01 -35.73 11.86
C THR A 435 -9.84 -36.69 13.03
N SER A 436 -8.60 -37.13 13.26
CA SER A 436 -8.30 -37.99 14.39
C SER A 436 -7.85 -37.18 15.60
N ASN A 437 -7.46 -35.93 15.36
CA ASN A 437 -6.91 -35.05 16.39
C ASN A 437 -5.65 -35.62 17.06
N GLU A 438 -4.88 -36.39 16.30
CA GLU A 438 -3.54 -36.76 16.72
C GLU A 438 -2.57 -35.95 15.87
N PRO A 439 -2.05 -34.86 16.45
CA PRO A 439 -1.30 -33.86 15.66
C PRO A 439 -0.04 -34.39 15.01
N VAL A 440 0.07 -34.14 13.71
CA VAL A 440 1.23 -34.53 12.92
C VAL A 440 1.64 -33.35 12.04
N TRP A 441 2.93 -33.15 11.88
CA TRP A 441 3.46 -32.08 11.04
C TRP A 441 4.36 -32.62 9.94
N TRP A 442 4.22 -32.06 8.74
CA TRP A 442 4.97 -32.53 7.59
C TRP A 442 6.40 -32.00 7.59
N LEU A 443 7.36 -32.93 7.57
CA LEU A 443 8.78 -32.58 7.53
C LEU A 443 9.40 -33.05 6.21
N PRO A 444 10.46 -32.36 5.77
CA PRO A 444 11.02 -32.61 4.43
C PRO A 444 12.06 -33.73 4.36
N ILE A 445 12.04 -34.46 3.26
CA ILE A 445 13.13 -35.36 2.88
C ILE A 445 14.08 -34.60 1.96
N ILE A 446 15.19 -34.14 2.51
CA ILE A 446 16.12 -33.27 1.79
C ILE A 446 17.18 -34.03 1.00
N ASN A 447 17.04 -34.03 -0.32
CA ASN A 447 17.89 -34.79 -1.22
C ASN A 447 19.35 -34.41 -1.18
N GLU A 448 19.64 -33.19 -0.74
CA GLU A 448 21.02 -32.73 -0.67
C GLU A 448 21.81 -33.58 0.34
N TYR A 449 21.08 -34.19 1.26
CA TYR A 449 21.71 -35.01 2.31
C TYR A 449 21.95 -36.46 1.89
N ARG A 450 21.44 -36.86 0.72
CA ARG A 450 21.57 -38.24 0.27
C ARG A 450 23.03 -38.67 0.13
N ALA A 451 23.88 -37.74 -0.29
CA ALA A 451 25.29 -38.05 -0.54
C ALA A 451 26.10 -38.53 0.66
N THR A 452 25.69 -38.12 1.85
CA THR A 452 26.39 -38.52 3.06
C THR A 452 26.12 -39.99 3.37
N LEU A 453 25.17 -40.57 2.62
CA LEU A 453 24.84 -41.98 2.76
C LEU A 453 25.65 -42.77 1.73
N ASN A 454 26.49 -42.06 0.98
CA ASN A 454 27.37 -42.69 0.00
C ASN A 454 28.48 -43.45 0.68
N SER A 455 28.38 -44.77 0.66
CA SER A 455 29.38 -45.62 1.29
C SER A 455 30.58 -45.88 0.38
N LYS A 456 31.75 -46.07 0.97
CA LYS A 456 32.96 -46.38 0.21
C LYS A 456 32.96 -47.81 -0.30
N TYR A 457 32.34 -48.72 0.45
CA TYR A 457 32.40 -50.15 0.13
C TYR A 457 31.05 -50.78 -0.16
N ALA A 458 30.03 -50.40 0.61
CA ALA A 458 28.68 -50.93 0.42
C ALA A 458 27.90 -50.04 -0.52
N ASP A 459 26.70 -50.48 -0.91
CA ASP A 459 25.83 -49.68 -1.78
C ASP A 459 25.42 -48.40 -1.08
N ILE A 460 25.18 -48.47 0.23
CA ILE A 460 24.69 -47.33 0.96
C ILE A 460 25.05 -47.44 2.44
N ASN A 461 25.27 -46.30 3.10
CA ASN A 461 25.48 -46.28 4.54
C ASN A 461 24.18 -46.31 5.32
N GLN A 462 24.26 -46.89 6.52
CA GLN A 462 23.14 -46.95 7.44
C GLN A 462 22.90 -45.57 8.04
N ILE A 463 23.98 -44.89 8.41
CA ILE A 463 23.86 -43.54 8.93
C ILE A 463 24.83 -42.60 8.25
N SER A 464 24.59 -41.31 8.46
CA SER A 464 25.52 -40.29 8.04
C SER A 464 26.60 -40.20 9.09
N SER A 465 27.65 -39.48 8.80
CA SER A 465 28.72 -39.30 9.78
C SER A 465 28.78 -37.86 10.29
N VAL A 467 26.30 -35.34 9.39
CA VAL A 467 25.23 -34.35 9.28
C VAL A 467 24.14 -34.77 10.30
N LYS A 468 24.09 -34.03 11.41
CA LYS A 468 23.18 -34.30 12.53
C LYS A 468 21.66 -34.31 12.26
N ALA A 469 21.22 -34.05 11.03
CA ALA A 469 19.78 -34.08 10.72
C ALA A 469 19.22 -35.51 10.66
N SER A 470 19.19 -36.20 11.81
CA SER A 470 18.94 -37.65 11.85
C SER A 470 17.62 -38.13 11.30
N SER A 471 16.55 -37.39 11.56
CA SER A 471 15.23 -37.83 11.12
C SER A 471 15.14 -37.78 9.61
N ILE A 472 15.79 -36.78 9.04
CA ILE A 472 15.76 -36.59 7.60
C ILE A 472 16.63 -37.63 6.90
N VAL A 473 17.80 -37.90 7.47
CA VAL A 473 18.72 -38.90 6.93
C VAL A 473 18.10 -40.30 6.98
N ALA A 474 17.39 -40.59 8.07
CA ALA A 474 16.72 -41.87 8.23
C ALA A 474 15.62 -42.02 7.18
N SER A 475 14.96 -40.91 6.86
CA SER A 475 13.93 -40.91 5.83
C SER A 475 14.55 -41.11 4.46
N LEU A 476 15.73 -40.52 4.26
CA LEU A 476 16.47 -40.72 3.02
C LEU A 476 16.90 -42.17 2.84
N PHE A 477 17.30 -42.80 3.94
CA PHE A 477 17.62 -44.22 3.93
C PHE A 477 16.44 -45.05 3.48
N LEU A 478 15.30 -44.85 4.14
CA LEU A 478 14.09 -45.61 3.86
C LEU A 478 13.58 -45.44 2.44
N LYS A 479 13.69 -44.23 1.91
CA LYS A 479 13.21 -43.93 0.56
C LYS A 479 13.89 -44.80 -0.48
N GLU A 480 15.11 -45.24 -0.17
CA GLU A 480 15.87 -46.10 -1.07
C GLU A 480 15.31 -47.51 -1.14
N PHE A 481 14.35 -47.83 -0.29
CA PHE A 481 13.81 -49.19 -0.28
C PHE A 481 12.36 -49.22 -0.72
N VAL A 482 11.90 -48.11 -1.29
CA VAL A 482 10.62 -48.06 -1.99
C VAL A 482 10.86 -47.49 -3.38
N GLN A 483 10.70 -48.32 -4.40
CA GLN A 483 11.07 -47.93 -5.76
C GLN A 483 9.99 -47.11 -6.45
N ASN A 484 8.78 -47.66 -6.56
CA ASN A 484 7.77 -47.01 -7.38
C ASN A 484 6.39 -47.06 -6.73
N THR A 485 6.30 -46.87 -5.42
CA THR A 485 5.02 -46.92 -4.71
C THR A 485 4.96 -45.70 -3.80
N ALA A 486 3.78 -45.10 -3.70
CA ALA A 486 3.56 -44.00 -2.77
C ALA A 486 3.85 -44.45 -1.33
N TRP A 487 4.73 -43.73 -0.65
CA TRP A 487 5.17 -44.14 0.68
C TRP A 487 5.31 -42.96 1.63
N ALA A 488 4.90 -43.18 2.88
CA ALA A 488 5.07 -42.18 3.94
C ALA A 488 5.61 -42.80 5.23
N HIS A 489 6.35 -41.99 5.99
CA HIS A 489 7.05 -42.43 7.19
C HIS A 489 6.70 -41.52 8.35
N ILE A 490 6.11 -42.09 9.39
CA ILE A 490 5.70 -41.30 10.55
C ILE A 490 6.64 -41.56 11.72
N ASP A 491 7.40 -40.53 12.07
CA ASP A 491 8.35 -40.63 13.16
C ASP A 491 7.68 -40.20 14.46
N ILE A 492 7.40 -41.18 15.33
CA ILE A 492 6.68 -40.91 16.57
C ILE A 492 7.56 -41.09 17.80
N ALA A 493 8.88 -40.96 17.62
CA ALA A 493 9.82 -41.17 18.72
C ALA A 493 9.61 -40.17 19.84
N GLY A 494 9.17 -38.97 19.49
CA GLY A 494 9.01 -37.89 20.46
C GLY A 494 7.66 -37.90 21.16
N VAL A 495 6.66 -38.47 20.49
CA VAL A 495 5.29 -38.38 20.99
C VAL A 495 4.76 -39.65 21.64
N SER A 496 5.47 -40.75 21.51
CA SER A 496 4.94 -42.03 21.95
C SER A 496 4.78 -42.14 23.47
N TRP A 497 5.79 -41.71 24.23
CA TRP A 497 5.75 -41.83 25.67
C TRP A 497 5.38 -40.53 26.36
N ASN A 498 4.41 -40.59 27.27
CA ASN A 498 4.03 -39.45 28.09
C ASN A 498 4.90 -39.42 29.34
N PHE A 499 5.93 -38.58 29.34
CA PHE A 499 6.88 -38.57 30.44
C PHE A 499 6.34 -38.10 31.78
N LYS A 500 5.48 -37.09 31.78
CA LYS A 500 4.93 -36.60 33.04
C LYS A 500 4.01 -37.63 33.66
N ALA A 501 3.13 -38.18 32.86
CA ALA A 501 2.20 -39.17 33.32
C ALA A 501 2.90 -40.48 33.56
N ARG A 502 4.02 -40.69 32.88
CA ARG A 502 4.80 -41.88 33.06
C ARG A 502 4.15 -43.09 32.42
N LYS A 503 3.56 -42.87 31.26
CA LYS A 503 2.91 -43.89 30.52
C LYS A 503 2.90 -43.67 29.00
N PRO A 504 2.51 -44.83 28.28
CA PRO A 504 2.42 -44.68 26.82
C PRO A 504 1.17 -43.91 26.41
N LYS A 505 1.15 -43.43 25.17
CA LYS A 505 -0.01 -42.74 24.64
C LYS A 505 -0.84 -43.63 23.72
N GLY A 506 -0.20 -44.65 23.15
CA GLY A 506 -0.84 -45.44 22.11
C GLY A 506 -1.01 -44.60 20.86
N PHE A 507 -0.09 -43.67 20.64
CA PHE A 507 -0.16 -42.73 19.52
C PHE A 507 -0.15 -43.45 18.17
N GLY A 508 -1.02 -43.02 17.27
CA GLY A 508 -1.01 -43.55 15.92
C GLY A 508 -2.22 -44.39 15.56
N VAL A 509 -2.83 -45.00 16.55
CA VAL A 509 -3.96 -45.89 16.31
C VAL A 509 -5.10 -45.16 15.61
N ARG A 510 -5.52 -44.02 16.16
CA ARG A 510 -6.63 -43.27 15.58
C ARG A 510 -6.26 -42.60 14.26
N LEU A 511 -5.04 -42.09 14.17
CA LEU A 511 -4.53 -41.49 12.95
C LEU A 511 -4.55 -42.46 11.77
N LEU A 512 -3.96 -43.64 11.99
CA LEU A 512 -3.86 -44.66 10.96
C LEU A 512 -5.22 -45.21 10.60
N THR A 513 -6.10 -45.32 11.60
CA THR A 513 -7.43 -45.86 11.39
C THR A 513 -8.28 -44.87 10.58
N GLU A 514 -8.20 -43.59 10.94
CA GLU A 514 -8.91 -42.56 10.19
C GLU A 514 -8.40 -42.51 8.75
N PHE A 515 -7.11 -42.76 8.56
CA PHE A 515 -6.52 -42.75 7.23
C PHE A 515 -7.10 -43.84 6.35
N VAL A 516 -7.30 -45.01 6.93
CA VAL A 516 -7.82 -46.16 6.20
C VAL A 516 -9.30 -45.98 5.86
N LEU A 517 -10.03 -45.30 6.74
CA LEU A 517 -11.47 -45.15 6.58
C LEU A 517 -11.99 -44.06 5.63
N ASN A 518 -11.28 -42.94 5.51
CA ASN A 518 -11.89 -41.84 4.76
C ASN A 518 -11.51 -41.79 3.29
N ASP A 519 -10.99 -42.90 2.79
CA ASP A 519 -11.02 -42.93 1.32
C ASP A 519 -11.98 -43.99 0.80
N SER B 2 38.20 -74.61 10.49
CA SER B 2 38.14 -74.32 9.06
C SER B 2 36.74 -73.85 8.66
N GLU B 3 35.71 -74.51 9.19
CA GLU B 3 34.33 -74.11 8.91
C GLU B 3 33.90 -72.92 9.79
N VAL B 4 33.46 -71.85 9.15
CA VAL B 4 33.01 -70.65 9.86
C VAL B 4 31.61 -70.81 10.45
N PRO B 5 31.48 -70.65 11.77
CA PRO B 5 30.18 -70.76 12.43
C PRO B 5 29.25 -69.62 12.02
N GLN B 6 27.94 -69.87 12.02
CA GLN B 6 26.96 -68.88 11.61
C GLN B 6 25.88 -68.69 12.67
N VAL B 7 25.31 -67.48 12.72
CA VAL B 7 24.14 -67.25 13.55
C VAL B 7 22.88 -67.44 12.72
N VAL B 8 22.89 -66.86 11.51
CA VAL B 8 21.85 -67.09 10.52
C VAL B 8 22.47 -67.57 9.21
N SER B 9 21.66 -68.13 8.34
CA SER B 9 22.16 -68.72 7.09
C SER B 9 22.77 -67.67 6.16
N LEU B 10 22.45 -66.39 6.39
CA LEU B 10 22.94 -65.31 5.55
C LEU B 10 24.30 -64.78 6.00
N ASP B 11 24.84 -65.35 7.08
CA ASP B 11 26.17 -64.96 7.54
C ASP B 11 27.25 -65.53 6.63
N PRO B 12 28.15 -64.67 6.15
CA PRO B 12 29.24 -65.02 5.22
C PRO B 12 30.23 -66.02 5.81
N THR B 13 30.75 -66.90 4.96
CA THR B 13 31.66 -67.95 5.40
C THR B 13 33.07 -67.76 4.85
N SER B 14 33.28 -66.67 4.13
CA SER B 14 34.62 -66.38 3.63
C SER B 14 34.78 -64.91 3.27
N ILE B 15 36.02 -64.45 3.27
CA ILE B 15 36.36 -63.12 2.82
C ILE B 15 36.50 -63.15 1.31
N PRO B 16 35.72 -62.32 0.61
CA PRO B 16 35.97 -62.25 -0.83
C PRO B 16 37.34 -61.60 -1.09
N ILE B 17 38.16 -62.24 -1.92
CA ILE B 17 39.48 -61.74 -2.24
C ILE B 17 39.70 -61.68 -3.74
N GLU B 18 40.05 -60.49 -4.22
CA GLU B 18 40.45 -60.33 -5.61
C GLU B 18 41.96 -60.46 -5.74
N TYR B 19 42.41 -61.51 -6.43
CA TYR B 19 43.84 -61.71 -6.63
C TYR B 19 44.31 -61.06 -7.94
N ASN B 20 43.63 -61.36 -9.04
CA ASN B 20 43.95 -60.69 -10.30
C ASN B 20 43.19 -59.38 -10.45
N THR B 21 43.86 -58.28 -10.16
CA THR B 21 43.27 -56.95 -10.25
C THR B 21 43.52 -56.39 -11.66
N PRO B 22 42.72 -55.40 -12.08
CA PRO B 22 42.94 -54.75 -13.38
C PRO B 22 44.37 -54.23 -13.58
N ILE B 23 45.06 -53.96 -12.47
CA ILE B 23 46.45 -53.52 -12.52
C ILE B 23 47.34 -54.60 -13.13
N HIS B 24 47.04 -55.86 -12.82
CA HIS B 24 47.83 -56.98 -13.33
C HIS B 24 47.65 -57.16 -14.83
N ASP B 25 46.60 -56.57 -15.39
CA ASP B 25 46.30 -56.68 -16.81
C ASP B 25 46.98 -55.58 -17.60
N ILE B 26 47.63 -54.67 -16.89
CA ILE B 26 48.30 -53.53 -17.50
C ILE B 26 49.69 -53.95 -17.96
N LYS B 27 49.91 -53.94 -19.27
CA LYS B 27 51.25 -54.22 -19.79
C LYS B 27 52.11 -52.97 -19.62
N VAL B 28 53.22 -53.10 -18.91
CA VAL B 28 54.05 -51.94 -18.64
C VAL B 28 55.38 -51.99 -19.40
N GLN B 29 55.63 -50.92 -20.15
CA GLN B 29 56.89 -50.78 -20.90
C GLN B 29 57.62 -49.50 -20.52
N VAL B 30 58.92 -49.60 -20.35
CA VAL B 30 59.76 -48.45 -20.01
C VAL B 30 60.76 -48.15 -21.13
N TYR B 31 60.80 -46.90 -21.56
CA TYR B 31 61.74 -46.48 -22.60
C TYR B 31 62.67 -45.40 -22.07
N ASP B 32 63.82 -45.24 -22.70
CA ASP B 32 64.74 -44.17 -22.33
C ASP B 32 64.38 -42.88 -23.05
N ILE B 33 64.45 -41.75 -22.33
CA ILE B 33 64.01 -40.47 -22.89
C ILE B 33 64.91 -40.11 -24.03
N LYS B 34 66.14 -40.62 -23.99
CA LYS B 34 67.10 -40.38 -25.05
C LYS B 34 66.72 -41.17 -26.30
N GLY B 35 65.68 -40.72 -26.99
CA GLY B 35 65.18 -41.39 -28.18
C GLY B 35 63.87 -40.80 -28.60
N GLY B 36 63.39 -39.87 -27.78
CA GLY B 36 62.14 -39.18 -28.05
C GLY B 36 60.93 -39.90 -27.48
N CYS B 37 59.82 -39.18 -27.39
CA CYS B 37 58.59 -39.75 -26.87
C CYS B 37 57.59 -39.88 -28.02
N ASN B 38 56.98 -41.05 -28.14
CA ASN B 38 55.90 -41.30 -29.12
C ASN B 38 54.50 -41.19 -28.52
N VAL B 39 53.60 -40.58 -29.30
CA VAL B 39 52.25 -40.30 -28.83
C VAL B 39 51.15 -41.16 -29.46
N GLU B 40 50.55 -40.71 -30.56
CA GLU B 40 49.54 -41.48 -31.29
C GLU B 40 48.30 -41.78 -30.44
N GLU B 41 48.38 -42.76 -29.56
CA GLU B 41 47.38 -43.38 -28.69
C GLU B 41 47.13 -42.61 -27.40
N GLY B 42 45.96 -42.70 -26.78
CA GLY B 42 45.76 -42.44 -25.37
C GLY B 42 46.04 -41.08 -24.77
N LEU B 43 46.44 -41.09 -23.51
CA LEU B 43 46.80 -39.87 -22.80
C LEU B 43 48.26 -39.92 -22.36
N THR B 44 48.99 -38.86 -22.68
CA THR B 44 50.40 -38.77 -22.31
C THR B 44 50.63 -37.61 -21.34
N ILE B 45 51.16 -37.92 -20.17
CA ILE B 45 51.37 -36.88 -19.17
C ILE B 45 52.87 -36.65 -18.90
N PHE B 46 53.28 -35.39 -18.96
CA PHE B 46 54.65 -35.00 -18.66
C PHE B 46 54.73 -34.55 -17.22
N LEU B 47 55.66 -35.13 -16.47
CA LEU B 47 55.89 -34.70 -15.10
C LEU B 47 56.93 -33.58 -15.10
N VAL B 48 56.48 -32.36 -14.84
CA VAL B 48 57.37 -31.22 -14.98
C VAL B 48 57.48 -30.42 -13.68
N ASN B 49 58.67 -29.90 -13.42
CA ASN B 49 58.89 -28.99 -12.32
C ASN B 49 59.64 -27.76 -12.80
N ASN B 50 60.00 -26.88 -11.87
CA ASN B 50 60.85 -25.75 -12.23
C ASN B 50 61.54 -25.27 -10.96
N PRO B 51 62.69 -25.90 -10.65
CA PRO B 51 63.52 -25.70 -9.45
C PRO B 51 64.07 -24.28 -9.30
N GLY B 52 63.67 -23.60 -8.24
CA GLY B 52 64.18 -22.28 -7.92
C GLY B 52 63.25 -21.14 -8.30
N LYS B 53 62.09 -21.48 -8.82
CA LYS B 53 61.08 -20.50 -9.18
C LYS B 53 59.89 -20.84 -8.29
N GLU B 54 59.01 -19.88 -8.06
CA GLU B 54 57.95 -20.11 -7.09
C GLU B 54 56.89 -20.98 -7.75
N ASN B 55 56.05 -20.40 -8.58
CA ASN B 55 55.30 -21.20 -9.53
C ASN B 55 55.76 -20.81 -10.93
N GLY B 56 56.82 -21.44 -11.39
CA GLY B 56 57.41 -21.06 -12.66
C GLY B 56 56.69 -21.69 -13.83
N PRO B 57 57.03 -21.24 -15.05
CA PRO B 57 56.36 -21.76 -16.25
C PRO B 57 56.81 -23.20 -16.47
N VAL B 58 55.94 -24.00 -17.07
CA VAL B 58 56.29 -25.37 -17.37
C VAL B 58 57.06 -25.37 -18.67
N LYS B 59 58.15 -26.15 -18.71
CA LYS B 59 58.95 -26.27 -19.91
C LYS B 59 59.24 -27.74 -20.16
N ILE B 60 58.86 -28.20 -21.35
CA ILE B 60 59.17 -29.56 -21.74
C ILE B 60 60.58 -29.53 -22.29
N SER B 61 61.36 -30.56 -21.99
CA SER B 61 62.80 -30.74 -22.01
C SER B 61 63.10 -31.91 -22.90
N SER B 62 62.12 -32.48 -23.59
CA SER B 62 62.24 -33.82 -24.09
C SER B 62 61.83 -33.83 -25.54
N LYS B 63 62.65 -34.46 -26.37
CA LYS B 63 62.37 -34.53 -27.79
C LYS B 63 61.07 -35.30 -28.01
N VAL B 64 60.17 -34.73 -28.79
CA VAL B 64 58.94 -35.42 -29.14
C VAL B 64 59.00 -35.81 -30.61
N ASN B 65 58.93 -37.11 -30.89
CA ASN B 65 59.06 -37.61 -32.25
C ASN B 65 57.80 -37.35 -33.06
N ASP B 66 57.37 -36.09 -33.06
CA ASP B 66 56.18 -35.68 -33.78
C ASP B 66 56.29 -34.18 -34.00
N LYS B 67 56.23 -33.78 -35.27
CA LYS B 67 56.46 -32.39 -35.61
C LYS B 67 55.24 -31.60 -35.17
N GLN B 68 54.05 -32.17 -35.16
CA GLN B 68 53.44 -30.99 -34.64
C GLN B 68 52.85 -31.21 -33.24
N VAL B 69 53.25 -32.24 -32.48
CA VAL B 69 53.06 -32.06 -31.04
C VAL B 69 54.27 -31.37 -30.39
N SER B 70 55.36 -31.24 -31.15
CA SER B 70 56.54 -30.50 -30.70
C SER B 70 56.26 -29.00 -30.76
N GLU B 71 55.59 -28.59 -31.83
CA GLU B 71 55.23 -27.20 -32.01
C GLU B 71 54.23 -26.77 -30.95
N PHE B 72 53.32 -27.68 -30.62
CA PHE B 72 52.31 -27.44 -29.60
C PHE B 72 52.97 -27.24 -28.24
N LEU B 73 54.02 -28.00 -27.97
CA LEU B 73 54.70 -27.98 -26.68
C LEU B 73 55.81 -26.93 -26.58
N LYS B 74 55.88 -26.02 -27.53
CA LYS B 74 56.90 -24.96 -27.53
C LYS B 74 56.73 -24.07 -26.30
N ASP B 75 57.83 -23.46 -25.83
CA ASP B 75 57.78 -22.70 -24.57
C ASP B 75 56.80 -21.53 -24.64
N GLU B 76 56.68 -20.90 -25.80
CA GLU B 76 55.76 -19.79 -25.97
C GLU B 76 54.34 -20.25 -25.67
N ASN B 77 54.03 -21.49 -26.06
CA ASN B 77 52.72 -22.07 -25.82
C ASN B 77 52.55 -22.55 -24.38
N MET B 78 53.65 -23.00 -23.79
CA MET B 78 53.62 -23.57 -22.44
C MET B 78 53.78 -22.55 -21.31
N GLU B 79 54.23 -21.35 -21.63
CA GLU B 79 54.55 -20.36 -20.59
C GLU B 79 53.42 -19.84 -19.70
N LYS B 80 52.18 -19.90 -20.19
CA LYS B 80 50.78 -19.94 -19.75
C LYS B 80 50.61 -20.51 -18.34
N PHE B 81 51.17 -21.71 -18.43
CA PHE B 81 50.89 -22.76 -17.46
C PHE B 81 52.05 -22.80 -16.49
N ASN B 82 51.78 -23.15 -15.24
CA ASN B 82 52.83 -23.22 -14.23
C ASN B 82 52.93 -24.61 -13.61
N VAL B 83 54.01 -24.85 -12.89
CA VAL B 83 54.32 -26.18 -12.36
C VAL B 83 53.94 -26.36 -10.89
N LYS B 84 53.07 -25.49 -10.39
CA LYS B 84 52.61 -25.59 -9.00
C LYS B 84 52.22 -27.03 -8.66
N LEU B 85 52.74 -27.51 -7.54
CA LEU B 85 52.59 -28.92 -7.16
C LEU B 85 51.13 -29.39 -7.12
N GLY B 86 50.81 -30.36 -7.98
CA GLY B 86 49.47 -30.91 -8.04
C GLY B 86 48.65 -30.40 -9.20
N THR B 87 49.13 -29.30 -9.82
CA THR B 87 48.49 -28.66 -10.96
C THR B 87 48.52 -29.57 -12.17
N SER B 88 47.45 -29.62 -12.94
CA SER B 88 47.43 -30.42 -14.14
C SER B 88 46.53 -29.77 -15.19
N LYS B 89 46.85 -29.99 -16.47
CA LYS B 89 46.08 -29.43 -17.57
C LYS B 89 45.95 -30.49 -18.66
N HIS B 90 44.90 -30.43 -19.45
CA HIS B 90 44.74 -31.40 -20.53
C HIS B 90 44.78 -30.71 -21.89
N PHE B 91 45.45 -31.35 -22.84
CA PHE B 91 45.59 -30.78 -24.17
C PHE B 91 45.02 -31.71 -25.23
N TYR B 92 44.34 -31.11 -26.19
CA TYR B 92 43.87 -31.85 -27.36
C TYR B 92 44.63 -31.36 -28.58
N MET B 93 45.12 -32.28 -29.41
CA MET B 93 45.85 -31.89 -30.60
C MET B 93 45.95 -33.05 -31.60
N PHE B 94 46.39 -32.72 -32.81
CA PHE B 94 46.64 -33.73 -33.83
C PHE B 94 48.13 -33.99 -34.03
N ASN B 95 48.48 -35.24 -34.25
CA ASN B 95 49.87 -35.60 -34.52
C ASN B 95 50.23 -35.56 -36.02
N ASP B 96 51.39 -36.12 -36.37
CA ASP B 96 51.87 -36.10 -37.76
C ASP B 96 51.05 -36.72 -38.89
N ASN B 97 50.43 -37.87 -38.64
CA ASN B 97 49.49 -38.75 -39.35
C ASN B 97 48.16 -38.07 -39.63
N LYS B 98 47.92 -36.97 -38.94
CA LYS B 98 46.58 -36.40 -38.78
C LYS B 98 45.54 -37.18 -37.93
N ASN B 99 45.97 -37.80 -36.84
CA ASN B 99 45.07 -38.44 -35.86
C ASN B 99 45.08 -37.69 -34.54
N SER B 100 43.96 -37.78 -33.84
CA SER B 100 43.63 -37.12 -32.58
C SER B 100 44.39 -37.69 -31.37
N VAL B 101 45.29 -36.95 -30.73
CA VAL B 101 45.92 -37.42 -29.48
C VAL B 101 45.60 -36.48 -28.29
N ALA B 102 45.77 -37.00 -27.08
CA ALA B 102 45.58 -36.21 -25.85
C ALA B 102 46.87 -36.19 -25.04
N VAL B 103 47.25 -35.00 -24.60
CA VAL B 103 48.50 -34.80 -23.87
C VAL B 103 48.26 -33.90 -22.66
N GLY B 104 49.08 -34.00 -21.63
CA GLY B 104 48.96 -33.11 -20.50
C GLY B 104 50.17 -33.17 -19.59
N TYR B 105 50.07 -32.52 -18.43
CA TYR B 105 51.19 -32.50 -17.50
C TYR B 105 50.76 -32.50 -16.04
N VAL B 106 51.69 -32.87 -15.17
CA VAL B 106 51.49 -32.74 -13.74
C VAL B 106 52.64 -31.97 -13.11
N GLY B 107 52.29 -30.89 -12.44
CA GLY B 107 53.27 -30.03 -11.79
C GLY B 107 53.91 -30.71 -10.60
N CYS B 108 55.23 -30.60 -10.51
CA CYS B 108 55.97 -31.22 -9.41
C CYS B 108 56.64 -30.19 -8.53
N GLY B 109 56.04 -29.00 -8.45
CA GLY B 109 56.51 -28.00 -7.53
C GLY B 109 57.83 -27.33 -7.89
N SER B 110 58.55 -26.91 -6.85
CA SER B 110 59.74 -26.08 -6.98
C SER B 110 60.99 -26.77 -6.51
N VAL B 111 60.83 -27.99 -6.03
CA VAL B 111 61.91 -28.68 -5.37
C VAL B 111 62.44 -29.89 -6.11
N ALA B 112 63.29 -29.67 -7.13
CA ALA B 112 64.16 -30.69 -7.71
C ALA B 112 63.91 -32.12 -7.20
N ASP B 113 64.15 -32.33 -5.91
CA ASP B 113 63.92 -33.60 -5.23
C ASP B 113 62.54 -33.63 -4.58
N LEU B 114 61.62 -34.38 -5.16
CA LEU B 114 60.25 -34.45 -4.66
C LEU B 114 60.08 -35.30 -3.41
N SER B 115 59.24 -34.80 -2.51
CA SER B 115 58.56 -35.49 -1.41
C SER B 115 58.66 -37.00 -1.33
N GLU B 116 58.19 -37.54 -0.21
CA GLU B 116 57.51 -38.81 -0.28
C GLU B 116 56.02 -38.48 -0.28
N ALA B 117 55.66 -37.45 0.49
CA ALA B 117 54.29 -36.98 0.54
C ALA B 117 53.83 -36.24 -0.75
N ASP B 118 54.65 -35.37 -1.34
CA ASP B 118 53.91 -34.78 -2.48
C ASP B 118 54.19 -35.66 -3.69
N MET B 119 55.05 -36.69 -3.73
CA MET B 119 54.95 -37.70 -4.81
C MET B 119 53.57 -38.34 -4.77
N LYS B 120 53.04 -38.50 -3.56
CA LYS B 120 51.69 -39.02 -3.40
C LYS B 120 50.66 -38.07 -4.04
N ARG B 121 50.82 -36.78 -3.82
CA ARG B 121 49.94 -35.77 -4.41
C ARG B 121 50.10 -35.76 -5.91
N VAL B 122 51.34 -35.99 -6.37
CA VAL B 122 51.62 -36.08 -7.79
C VAL B 122 50.80 -37.24 -8.35
N VAL B 123 50.88 -38.38 -7.67
CA VAL B 123 50.15 -39.57 -8.09
C VAL B 123 48.64 -39.35 -8.03
N LEU B 124 48.18 -38.78 -6.93
CA LEU B 124 46.77 -38.48 -6.74
C LEU B 124 46.25 -37.59 -7.87
N SER B 125 47.07 -36.63 -8.28
CA SER B 125 46.70 -35.74 -9.39
C SER B 125 46.58 -36.52 -10.69
N LEU B 126 47.49 -37.48 -10.87
CA LEU B 126 47.49 -38.30 -12.07
C LEU B 126 46.23 -39.17 -12.11
N VAL B 127 45.84 -39.72 -10.96
CA VAL B 127 44.68 -40.61 -10.87
C VAL B 127 43.38 -39.87 -11.22
N THR B 128 43.34 -38.58 -10.90
CA THR B 128 42.19 -37.75 -11.24
C THR B 128 41.96 -37.76 -12.74
N MET B 129 43.06 -37.79 -13.49
CA MET B 129 43.02 -37.85 -14.94
C MET B 129 42.53 -39.22 -15.43
N LEU B 130 42.82 -40.25 -14.65
CA LEU B 130 42.44 -41.63 -14.98
C LEU B 130 40.99 -42.03 -14.64
N HIS B 131 40.40 -41.43 -13.62
CA HIS B 131 39.04 -41.80 -13.19
C HIS B 131 37.92 -41.31 -14.08
N ASP B 132 37.94 -40.03 -14.45
CA ASP B 132 36.90 -39.49 -15.31
C ASP B 132 37.16 -39.82 -16.78
N ASN B 133 38.09 -40.75 -17.02
CA ASN B 133 38.46 -41.09 -18.39
C ASN B 133 38.42 -42.57 -18.76
N LYS B 134 37.92 -42.83 -19.96
CA LYS B 134 37.79 -44.18 -20.49
C LYS B 134 38.99 -44.46 -21.41
N LEU B 135 40.18 -44.10 -20.95
CA LEU B 135 41.41 -44.30 -21.73
C LEU B 135 41.89 -45.74 -21.85
N SER B 136 42.62 -45.97 -22.93
CA SER B 136 43.18 -47.28 -23.21
C SER B 136 44.67 -47.34 -22.91
N LYS B 137 45.32 -46.17 -22.91
CA LYS B 137 46.74 -46.10 -22.64
C LYS B 137 47.12 -44.88 -21.82
N LEU B 138 48.01 -45.07 -20.85
CA LEU B 138 48.61 -43.96 -20.13
C LEU B 138 50.11 -43.96 -20.34
N THR B 139 50.65 -42.79 -20.69
CA THR B 139 52.09 -42.65 -20.84
C THR B 139 52.62 -41.58 -19.90
N VAL B 140 53.63 -41.94 -19.11
CA VAL B 140 54.22 -40.99 -18.17
C VAL B 140 55.66 -40.69 -18.52
N VAL B 141 55.97 -39.41 -18.70
CA VAL B 141 57.33 -38.98 -19.03
C VAL B 141 57.96 -38.29 -17.83
N PHE B 142 59.05 -38.85 -17.30
CA PHE B 142 59.69 -38.30 -16.11
C PHE B 142 60.70 -37.20 -16.40
N GLU B 143 60.26 -35.94 -16.36
CA GLU B 143 61.18 -34.82 -16.48
C GLU B 143 61.49 -34.25 -15.10
N ILE B 144 61.57 -35.14 -14.13
CA ILE B 144 61.95 -34.80 -12.77
C ILE B 144 62.96 -35.88 -12.40
N ASN B 145 63.80 -35.63 -11.41
CA ASN B 145 64.74 -36.68 -11.04
C ASN B 145 64.36 -37.44 -9.80
N VAL B 146 64.26 -38.75 -9.97
CA VAL B 146 63.89 -39.68 -8.94
C VAL B 146 64.93 -40.80 -8.89
N ASP B 147 65.26 -41.26 -7.69
CA ASP B 147 66.13 -42.42 -7.57
C ASP B 147 65.39 -43.73 -7.78
N LYS B 148 66.09 -44.85 -7.61
CA LYS B 148 65.49 -46.17 -7.83
C LYS B 148 64.34 -46.48 -6.88
N ASN B 149 64.48 -46.14 -5.60
CA ASN B 149 63.42 -46.39 -4.63
C ASN B 149 62.15 -45.56 -4.82
N LEU B 150 62.31 -44.30 -5.19
CA LEU B 150 61.17 -43.42 -5.36
C LEU B 150 60.35 -43.77 -6.59
N PHE B 151 61.02 -44.25 -7.64
CA PHE B 151 60.33 -44.65 -8.86
C PHE B 151 59.39 -45.82 -8.60
N ARG B 152 59.89 -46.78 -7.82
CA ARG B 152 59.09 -47.94 -7.44
C ARG B 152 57.89 -47.47 -6.64
N PHE B 153 58.14 -46.53 -5.74
CA PHE B 153 57.10 -45.95 -4.89
C PHE B 153 56.04 -45.24 -5.73
N PHE B 154 56.47 -44.59 -6.81
CA PHE B 154 55.54 -43.93 -7.73
C PHE B 154 54.56 -44.96 -8.30
N LEU B 155 55.12 -46.07 -8.80
CA LEU B 155 54.30 -47.12 -9.38
C LEU B 155 53.36 -47.75 -8.35
N GLU B 156 53.91 -48.10 -7.19
CA GLU B 156 53.11 -48.68 -6.10
C GLU B 156 51.90 -47.81 -5.79
N THR B 157 52.17 -46.52 -5.58
CA THR B 157 51.13 -45.57 -5.22
C THR B 157 50.17 -45.37 -6.38
N LEU B 158 50.69 -45.32 -7.59
CA LEU B 158 49.82 -45.24 -8.76
C LEU B 158 48.90 -46.43 -8.78
N PHE B 159 49.48 -47.62 -8.66
CA PHE B 159 48.72 -48.86 -8.65
C PHE B 159 47.66 -48.89 -7.55
N TYR B 160 48.07 -48.55 -6.33
CA TYR B 160 47.19 -48.65 -5.18
C TYR B 160 46.02 -47.68 -5.23
N GLU B 161 46.30 -46.44 -5.59
CA GLU B 161 45.27 -45.41 -5.62
C GLU B 161 44.33 -45.54 -6.82
N TYR B 162 44.85 -46.08 -7.93
CA TYR B 162 44.08 -46.23 -9.15
C TYR B 162 43.04 -47.31 -8.99
N MET B 163 43.46 -48.36 -8.28
CA MET B 163 42.61 -49.51 -8.03
C MET B 163 41.42 -49.16 -7.13
N THR B 164 40.24 -49.68 -7.47
CA THR B 164 39.03 -49.43 -6.71
C THR B 164 38.37 -50.73 -6.23
N ASP B 165 38.11 -50.79 -4.93
CA ASP B 165 37.54 -51.97 -4.30
C ASP B 165 36.00 -52.00 -4.40
N GLU B 166 35.47 -53.00 -5.11
CA GLU B 166 34.03 -53.11 -5.34
C GLU B 166 33.49 -54.46 -4.85
N ARG B 167 34.24 -55.12 -3.98
CA ARG B 167 33.86 -56.43 -3.46
C ARG B 167 32.50 -56.46 -2.77
N PHE B 168 32.15 -55.36 -2.13
CA PHE B 168 30.94 -55.31 -1.32
C PHE B 168 29.84 -54.47 -1.96
N LYS B 169 30.05 -54.09 -3.22
CA LYS B 169 29.03 -53.41 -4.02
C LYS B 169 28.13 -54.42 -4.72
N SER B 170 26.89 -54.03 -5.01
CA SER B 170 25.99 -54.91 -5.75
C SER B 170 24.92 -54.18 -6.56
N THR B 171 24.03 -53.50 -5.86
CA THR B 171 22.94 -52.76 -6.50
C THR B 171 22.73 -51.38 -5.88
N GLU B 178 36.56 -48.10 -16.34
CA GLU B 178 37.39 -48.13 -17.54
C GLU B 178 38.87 -48.05 -17.18
N TYR B 179 39.48 -49.21 -16.94
CA TYR B 179 40.90 -49.27 -16.58
C TYR B 179 41.83 -49.33 -17.79
N ILE B 180 42.97 -48.67 -17.70
CA ILE B 180 43.99 -48.75 -18.75
C ILE B 180 44.51 -50.18 -18.90
N LYS B 181 44.96 -50.52 -20.11
CA LYS B 181 45.51 -51.85 -20.36
C LYS B 181 47.02 -51.78 -20.59
N HIS B 182 47.52 -50.57 -20.84
CA HIS B 182 48.93 -50.35 -21.09
C HIS B 182 49.44 -49.13 -20.35
N LEU B 183 50.63 -49.23 -19.79
CA LEU B 183 51.28 -48.10 -19.15
C LEU B 183 52.68 -47.91 -19.69
N GLY B 184 52.93 -46.76 -20.29
CA GLY B 184 54.24 -46.45 -20.82
C GLY B 184 54.96 -45.46 -19.91
N VAL B 185 56.26 -45.69 -19.72
CA VAL B 185 57.07 -44.81 -18.90
C VAL B 185 58.32 -44.40 -19.65
N TYR B 186 58.51 -43.09 -19.81
CA TYR B 186 59.74 -42.58 -20.41
C TYR B 186 60.59 -42.00 -19.28
N ILE B 187 61.78 -42.57 -19.07
CA ILE B 187 62.64 -42.09 -18.00
C ILE B 187 64.12 -42.30 -18.38
N ASN B 188 64.98 -41.50 -17.80
CA ASN B 188 66.40 -41.60 -18.07
C ASN B 188 66.85 -42.62 -17.07
N ASN B 189 67.91 -43.31 -17.45
CA ASN B 189 68.42 -44.67 -17.31
C ASN B 189 67.32 -45.55 -16.80
N ALA B 190 66.69 -45.73 -17.95
CA ALA B 190 65.61 -46.64 -18.14
C ALA B 190 66.08 -48.07 -17.84
N ASP B 191 67.27 -48.40 -18.33
CA ASP B 191 67.76 -49.78 -18.19
C ASP B 191 67.93 -50.21 -16.74
N THR B 192 68.24 -49.26 -15.86
CA THR B 192 68.41 -49.48 -14.42
C THR B 192 67.04 -49.56 -13.71
N TYR B 193 66.06 -48.87 -14.27
CA TYR B 193 64.75 -48.71 -13.62
C TYR B 193 63.81 -49.86 -13.94
N LYS B 194 64.10 -50.61 -14.99
CA LYS B 194 63.22 -51.68 -15.43
C LYS B 194 63.07 -52.75 -14.35
N GLU B 195 64.11 -52.93 -13.54
CA GLU B 195 64.10 -53.95 -12.49
C GLU B 195 63.09 -53.60 -11.39
N GLU B 196 62.75 -52.31 -11.29
CA GLU B 196 61.82 -51.84 -10.27
C GLU B 196 60.36 -52.08 -10.63
N VAL B 197 60.10 -52.37 -11.91
CA VAL B 197 58.73 -52.48 -12.40
C VAL B 197 57.95 -53.60 -11.73
N GLU B 198 58.47 -54.83 -11.80
CA GLU B 198 57.77 -55.98 -11.21
C GLU B 198 57.87 -56.03 -9.70
N LYS B 199 58.92 -55.42 -9.14
CA LYS B 199 59.03 -55.36 -7.70
C LYS B 199 57.93 -54.46 -7.15
N ALA B 200 57.64 -53.38 -7.87
CA ALA B 200 56.57 -52.47 -7.50
C ALA B 200 55.21 -53.14 -7.60
N ARG B 201 54.99 -53.88 -8.68
CA ARG B 201 53.72 -54.56 -8.86
C ARG B 201 53.50 -55.59 -7.75
N VAL B 202 54.58 -56.24 -7.32
CA VAL B 202 54.47 -57.17 -6.20
C VAL B 202 54.20 -56.42 -4.91
N TYR B 203 54.96 -55.35 -4.66
CA TYR B 203 54.76 -54.56 -3.43
C TYR B 203 53.36 -53.98 -3.35
N TYR B 204 52.84 -53.53 -4.48
CA TYR B 204 51.48 -53.03 -4.55
C TYR B 204 50.46 -54.05 -4.08
N PHE B 205 50.47 -55.25 -4.64
CA PHE B 205 49.41 -56.18 -4.31
C PHE B 205 49.50 -56.64 -2.86
N GLY B 206 50.71 -56.83 -2.37
CA GLY B 206 50.92 -57.18 -0.97
C GLY B 206 50.23 -56.16 -0.08
N THR B 207 50.38 -54.89 -0.47
CA THR B 207 49.73 -53.79 0.21
C THR B 207 48.21 -53.81 0.00
N TYR B 208 47.80 -54.03 -1.24
CA TYR B 208 46.38 -54.02 -1.59
C TYR B 208 45.70 -55.26 -0.98
N TYR B 209 46.45 -56.36 -0.91
CA TYR B 209 45.98 -57.58 -0.26
C TYR B 209 45.69 -57.31 1.21
N ALA B 210 46.62 -56.63 1.87
CA ALA B 210 46.43 -56.24 3.26
C ALA B 210 45.23 -55.33 3.39
N SER B 211 45.13 -54.37 2.47
CA SER B 211 44.02 -53.44 2.39
C SER B 211 42.68 -54.16 2.31
N GLN B 212 42.63 -55.21 1.49
CA GLN B 212 41.40 -55.98 1.30
C GLN B 212 40.95 -56.65 2.58
N LEU B 213 41.91 -57.19 3.32
CA LEU B 213 41.63 -57.87 4.57
C LEU B 213 41.18 -56.87 5.62
N ILE B 214 41.84 -55.71 5.64
CA ILE B 214 41.52 -54.66 6.60
C ILE B 214 40.13 -54.07 6.32
N ALA B 215 39.84 -53.81 5.05
CA ALA B 215 38.58 -53.20 4.67
C ALA B 215 37.38 -54.12 4.84
N ALA B 216 37.63 -55.43 4.77
CA ALA B 216 36.58 -56.41 4.94
C ALA B 216 35.93 -56.27 6.32
N PRO B 217 34.59 -56.15 6.35
CA PRO B 217 33.87 -55.98 7.62
C PRO B 217 34.02 -57.22 8.48
N SER B 218 33.74 -57.08 9.78
CA SER B 218 34.04 -58.12 10.74
C SER B 218 33.14 -59.35 10.63
N ASN B 219 31.98 -59.22 10.00
CA ASN B 219 31.14 -60.40 9.80
C ASN B 219 31.68 -61.26 8.67
N TYR B 220 32.44 -60.63 7.77
CA TYR B 220 33.15 -61.35 6.74
C TYR B 220 34.51 -61.82 7.23
N CYS B 221 35.26 -60.91 7.83
CA CYS B 221 36.60 -61.20 8.31
C CYS B 221 36.61 -61.50 9.81
N ASN B 222 36.59 -62.78 10.13
CA ASN B 222 36.61 -63.27 11.51
C ASN B 222 37.81 -64.21 11.70
N PRO B 223 38.10 -64.62 12.95
CA PRO B 223 39.26 -65.50 13.19
C PRO B 223 39.35 -66.75 12.32
N VAL B 224 38.23 -67.38 12.01
CA VAL B 224 38.28 -68.59 11.19
C VAL B 224 38.54 -68.25 9.73
N SER B 225 37.77 -67.32 9.18
CA SER B 225 37.86 -66.96 7.77
C SER B 225 39.17 -66.27 7.42
N LEU B 226 39.74 -65.56 8.38
CA LEU B 226 41.02 -64.89 8.16
C LEU B 226 42.12 -65.93 8.12
N SER B 227 42.06 -66.85 9.06
CA SER B 227 43.00 -67.95 9.13
C SER B 227 42.83 -68.88 7.93
N ASN B 228 41.59 -69.03 7.45
CA ASN B 228 41.35 -69.80 6.23
C ASN B 228 42.04 -69.12 5.06
N ALA B 229 41.93 -67.80 4.99
CA ALA B 229 42.53 -67.01 3.94
C ALA B 229 44.05 -67.09 3.99
N ALA B 230 44.60 -67.18 5.19
CA ALA B 230 46.05 -67.29 5.36
C ALA B 230 46.54 -68.62 4.82
N VAL B 231 45.77 -69.67 5.08
CA VAL B 231 46.06 -71.00 4.58
C VAL B 231 46.00 -70.98 3.06
N GLU B 232 44.98 -70.33 2.53
CA GLU B 232 44.80 -70.22 1.09
C GLU B 232 46.00 -69.50 0.47
N LEU B 233 46.48 -68.45 1.14
CA LEU B 233 47.64 -67.70 0.65
C LEU B 233 48.89 -68.56 0.66
N ALA B 234 49.06 -69.33 1.73
CA ALA B 234 50.21 -70.22 1.85
C ALA B 234 50.21 -71.25 0.72
N GLN B 235 49.03 -71.71 0.33
CA GLN B 235 48.88 -72.66 -0.76
C GLN B 235 49.13 -72.07 -2.15
N LYS B 236 48.71 -70.83 -2.39
CA LYS B 236 48.92 -70.16 -3.68
C LYS B 236 50.35 -69.72 -3.79
N LEU B 237 50.97 -69.56 -2.63
CA LEU B 237 52.40 -69.31 -2.54
C LEU B 237 52.79 -70.73 -2.23
N ASN B 238 53.97 -71.00 -1.71
CA ASN B 238 54.20 -72.41 -1.43
C ASN B 238 54.93 -72.49 -0.10
N LEU B 239 54.33 -71.87 0.91
CA LEU B 239 54.87 -71.80 2.25
C LEU B 239 54.32 -72.90 3.15
N GLU B 240 55.14 -73.40 4.06
CA GLU B 240 54.66 -74.32 5.07
C GLU B 240 53.71 -73.54 5.98
N TYR B 241 52.59 -74.16 6.32
CA TYR B 241 51.59 -73.51 7.13
C TYR B 241 50.97 -74.45 8.18
N LYS B 242 50.58 -73.88 9.31
CA LYS B 242 49.89 -74.63 10.35
C LYS B 242 49.01 -73.68 11.14
N ILE B 243 47.76 -74.07 11.34
CA ILE B 243 46.84 -73.24 12.11
C ILE B 243 46.45 -73.91 13.41
N LEU B 244 46.73 -73.24 14.51
CA LEU B 244 46.44 -73.79 15.82
C LEU B 244 45.03 -73.37 16.25
N GLY B 245 44.23 -74.35 16.64
CA GLY B 245 42.89 -74.11 17.17
C GLY B 245 42.94 -74.12 18.68
N VAL B 246 41.77 -73.99 19.31
CA VAL B 246 41.69 -73.85 20.76
C VAL B 246 42.40 -74.98 21.51
N LYS B 247 42.26 -76.21 21.04
CA LYS B 247 42.85 -77.36 21.74
C LYS B 247 44.38 -77.37 21.79
N GLU B 248 45.05 -77.06 20.68
CA GLU B 248 46.51 -77.00 20.72
C GLU B 248 46.98 -75.81 21.56
N LEU B 249 46.21 -74.72 21.51
CA LEU B 249 46.55 -73.51 22.27
C LEU B 249 46.46 -73.74 23.77
N GLU B 250 45.50 -74.56 24.19
CA GLU B 250 45.36 -74.92 25.60
C GLU B 250 46.56 -75.73 26.05
N GLU B 251 47.04 -76.60 25.17
CA GLU B 251 48.15 -77.47 25.47
C GLU B 251 49.44 -76.65 25.57
N LEU B 252 49.48 -75.56 24.82
CA LEU B 252 50.60 -74.64 24.85
C LEU B 252 50.38 -73.62 25.98
N LYS B 253 49.23 -73.72 26.64
CA LYS B 253 49.06 -72.95 27.87
C LYS B 253 48.89 -71.44 27.59
N MET B 254 48.46 -71.04 26.40
CA MET B 254 48.44 -69.63 26.02
C MET B 254 47.20 -68.92 26.59
N GLY B 255 47.21 -68.74 27.90
CA GLY B 255 46.07 -68.21 28.63
C GLY B 255 45.73 -66.76 28.36
N ALA B 256 46.75 -65.95 28.10
CA ALA B 256 46.52 -64.53 27.83
C ALA B 256 45.74 -64.36 26.54
N TYR B 257 46.21 -65.01 25.48
CA TYR B 257 45.58 -64.98 24.18
C TYR B 257 44.17 -65.56 24.22
N LEU B 258 44.02 -66.71 24.87
CA LEU B 258 42.73 -67.39 24.96
C LEU B 258 41.69 -66.61 25.76
N SER B 259 42.14 -65.81 26.71
CA SER B 259 41.21 -65.05 27.54
C SER B 259 40.49 -64.04 26.68
N VAL B 260 41.23 -63.36 25.80
CA VAL B 260 40.69 -62.31 24.95
C VAL B 260 39.53 -62.78 24.09
N GLY B 261 39.61 -64.03 23.65
CA GLY B 261 38.62 -64.60 22.76
C GLY B 261 37.51 -65.39 23.42
N LYS B 262 37.54 -65.49 24.75
CA LYS B 262 36.55 -66.29 25.48
C LYS B 262 35.11 -65.88 25.15
N GLY B 263 34.89 -64.58 24.98
CA GLY B 263 33.55 -64.07 24.74
C GLY B 263 33.10 -64.12 23.28
N SER B 264 33.91 -64.68 22.41
CA SER B 264 33.60 -64.69 20.98
C SER B 264 32.91 -65.97 20.54
N MET B 265 32.12 -65.87 19.48
CA MET B 265 31.51 -67.04 18.86
C MET B 265 32.48 -67.72 17.91
N TYR B 266 33.59 -67.05 17.63
CA TYR B 266 34.62 -67.58 16.76
C TYR B 266 35.82 -68.09 17.57
N PRO B 267 36.16 -69.37 17.39
CA PRO B 267 37.32 -69.99 18.06
C PRO B 267 38.64 -69.30 17.71
N ASN B 268 39.54 -69.21 18.68
CA ASN B 268 40.86 -68.63 18.43
C ASN B 268 41.62 -69.43 17.39
N LYS B 269 42.33 -68.74 16.52
CA LYS B 269 43.16 -69.39 15.51
C LYS B 269 44.52 -68.70 15.45
N PHE B 270 45.58 -69.44 15.73
CA PHE B 270 46.93 -68.89 15.67
C PHE B 270 47.55 -69.20 14.30
N ILE B 271 47.90 -68.15 13.57
CA ILE B 271 48.44 -68.32 12.23
C ILE B 271 49.96 -68.44 12.25
N HIS B 272 50.48 -69.50 11.65
CA HIS B 272 51.93 -69.68 11.56
C HIS B 272 52.35 -70.10 10.15
N LEU B 273 52.76 -69.12 9.36
CA LEU B 273 53.32 -69.37 8.04
C LEU B 273 54.83 -69.36 8.09
N THR B 274 55.46 -70.11 7.18
CA THR B 274 56.90 -70.16 7.13
C THR B 274 57.44 -70.15 5.71
N TYR B 275 58.35 -69.21 5.45
CA TYR B 275 59.13 -69.20 4.23
C TYR B 275 60.55 -69.62 4.56
N LYS B 276 61.07 -70.61 3.84
CA LYS B 276 62.47 -70.97 3.98
C LYS B 276 63.19 -70.98 2.65
N SER B 277 64.36 -70.34 2.61
CA SER B 277 65.17 -70.29 1.40
C SER B 277 65.82 -71.65 1.17
N LYS B 278 66.06 -72.00 -0.10
CA LYS B 278 66.72 -73.25 -0.43
C LYS B 278 68.21 -73.13 -0.16
N GLY B 279 68.69 -71.88 -0.11
CA GLY B 279 70.04 -71.55 0.31
C GLY B 279 70.39 -72.06 1.70
N ASP B 280 71.49 -71.56 2.25
CA ASP B 280 71.79 -71.87 3.63
C ASP B 280 71.33 -70.65 4.40
N VAL B 281 70.83 -70.87 5.62
CA VAL B 281 70.11 -69.83 6.36
C VAL B 281 71.00 -69.06 7.33
N LYS B 282 71.13 -67.75 7.11
CA LYS B 282 71.98 -66.94 7.99
C LYS B 282 71.16 -65.97 8.83
N LYS B 283 69.86 -65.94 8.61
CA LYS B 283 68.99 -65.08 9.42
C LYS B 283 67.60 -65.70 9.57
N LYS B 284 67.17 -65.86 10.80
CA LYS B 284 65.82 -66.35 11.09
C LYS B 284 64.98 -65.20 11.63
N ILE B 285 63.86 -64.94 10.99
CA ILE B 285 63.03 -63.81 11.39
C ILE B 285 61.58 -64.21 11.68
N ALA B 286 61.05 -63.74 12.80
CA ALA B 286 59.65 -63.90 13.13
C ALA B 286 58.92 -62.56 13.04
N LEU B 287 57.89 -62.50 12.19
CA LEU B 287 57.07 -61.31 12.05
C LEU B 287 55.70 -61.55 12.71
N VAL B 288 55.35 -60.69 13.66
CA VAL B 288 54.12 -60.86 14.43
C VAL B 288 53.13 -59.72 14.20
N GLY B 289 51.88 -60.07 13.89
CA GLY B 289 50.87 -59.06 13.65
C GLY B 289 49.70 -59.17 14.61
N LYS B 290 49.26 -58.04 15.14
CA LYS B 290 48.08 -58.01 15.99
C LYS B 290 46.89 -58.44 15.15
N GLY B 291 46.18 -59.46 15.62
CA GLY B 291 45.07 -60.00 14.86
C GLY B 291 43.75 -60.01 15.59
N ILE B 292 43.27 -58.84 15.98
CA ILE B 292 41.96 -58.71 16.57
C ILE B 292 40.96 -58.31 15.49
N THR B 293 40.14 -59.26 15.06
CA THR B 293 39.26 -59.03 13.93
C THR B 293 38.19 -58.00 14.25
N PHE B 294 37.85 -57.86 15.53
CA PHE B 294 37.01 -56.76 15.97
C PHE B 294 37.28 -56.42 17.43
N ASP B 295 37.52 -55.15 17.70
CA ASP B 295 37.77 -54.66 19.03
C ASP B 295 36.57 -53.87 19.55
N SER B 296 35.66 -54.53 20.27
CA SER B 296 34.55 -53.83 20.88
C SER B 296 35.05 -53.17 22.15
N GLY B 297 36.15 -53.68 22.67
CA GLY B 297 36.69 -53.20 23.93
C GLY B 297 36.35 -54.17 25.04
N GLY B 298 35.43 -55.07 24.76
CA GLY B 298 34.95 -55.98 25.79
C GLY B 298 34.10 -55.25 26.81
N TYR B 299 34.19 -55.69 28.06
CA TYR B 299 33.42 -55.08 29.13
C TYR B 299 33.85 -53.64 29.34
N ASN B 300 35.08 -53.34 28.96
CA ASN B 300 35.49 -51.96 28.81
C ASN B 300 35.07 -51.43 27.46
N LEU B 301 33.76 -51.45 27.25
CA LEU B 301 33.13 -51.14 25.99
C LEU B 301 33.48 -49.75 25.47
N LYS B 302 33.67 -49.66 24.16
CA LYS B 302 33.94 -48.38 23.51
C LYS B 302 32.65 -47.58 23.39
N ALA B 303 32.37 -46.83 24.45
CA ALA B 303 31.18 -46.03 24.57
C ALA B 303 31.60 -44.57 24.72
N ALA B 304 32.90 -44.36 24.88
CA ALA B 304 33.44 -43.01 24.99
C ALA B 304 33.36 -42.36 23.60
N PRO B 305 33.15 -41.04 23.54
CA PRO B 305 33.00 -40.27 22.29
C PRO B 305 34.12 -40.33 21.22
N GLY B 306 35.38 -40.53 21.59
CA GLY B 306 36.43 -40.59 20.59
C GLY B 306 36.88 -42.01 20.31
N SER B 307 36.03 -42.97 20.70
CA SER B 307 36.37 -44.39 20.59
C SER B 307 36.43 -44.98 19.18
N MET B 308 35.67 -44.41 18.24
CA MET B 308 35.63 -44.90 16.85
C MET B 308 35.30 -46.38 16.76
N ILE B 309 34.14 -46.76 17.31
CA ILE B 309 33.76 -48.15 17.44
C ILE B 309 33.48 -48.76 16.07
N ASP B 310 33.18 -47.89 15.10
CA ASP B 310 32.78 -48.33 13.77
C ASP B 310 33.91 -48.73 12.82
N LEU B 311 35.14 -48.40 13.19
CA LEU B 311 36.26 -48.61 12.30
C LEU B 311 37.11 -49.78 12.80
N MET B 312 36.68 -50.36 13.93
CA MET B 312 37.48 -51.30 14.70
C MET B 312 37.58 -52.68 14.05
N LYS B 313 37.10 -52.78 12.82
CA LYS B 313 37.40 -53.94 12.01
C LYS B 313 38.88 -53.87 11.63
N PHE B 314 39.45 -52.66 11.80
CA PHE B 314 40.84 -52.34 11.43
C PHE B 314 41.87 -52.89 12.41
N ASP B 315 41.41 -53.56 13.46
CA ASP B 315 42.30 -53.93 14.55
C ASP B 315 43.09 -55.20 14.24
N MET B 316 43.06 -55.62 12.98
CA MET B 316 43.85 -56.75 12.50
C MET B 316 44.85 -56.31 11.43
N SER B 317 45.14 -55.02 11.40
CA SER B 317 46.05 -54.43 10.43
C SER B 317 47.45 -55.03 10.50
N GLY B 318 47.90 -55.33 11.71
CA GLY B 318 49.21 -55.94 11.88
C GLY B 318 49.27 -57.28 11.19
N CYS B 319 48.27 -58.11 11.43
CA CYS B 319 48.15 -59.42 10.80
C CYS B 319 48.13 -59.29 9.28
N ALA B 320 47.37 -58.31 8.80
CA ALA B 320 47.26 -58.05 7.37
C ALA B 320 48.62 -57.65 6.80
N ALA B 321 49.34 -56.79 7.51
CA ALA B 321 50.66 -56.37 7.08
C ALA B 321 51.60 -57.57 7.01
N VAL B 322 51.48 -58.47 7.99
CA VAL B 322 52.33 -59.65 8.03
C VAL B 322 51.99 -60.59 6.88
N LEU B 323 50.70 -60.82 6.66
CA LEU B 323 50.27 -61.66 5.54
C LEU B 323 50.58 -60.99 4.21
N GLY B 324 50.46 -59.67 4.17
CA GLY B 324 50.80 -58.90 2.98
C GLY B 324 52.27 -59.06 2.66
N CYS B 325 53.10 -59.04 3.69
CA CYS B 325 54.52 -59.28 3.56
C CYS B 325 54.78 -60.70 3.07
N ALA B 326 54.00 -61.65 3.59
CA ALA B 326 54.13 -63.05 3.21
C ALA B 326 53.94 -63.24 1.72
N TYR B 327 53.02 -62.48 1.11
CA TYR B 327 52.84 -62.53 -0.33
C TYR B 327 54.12 -62.09 -1.06
N CYS B 328 54.65 -60.93 -0.67
CA CYS B 328 55.82 -60.36 -1.31
C CYS B 328 57.05 -61.26 -1.16
N VAL B 329 57.29 -61.75 0.05
CA VAL B 329 58.40 -62.65 0.30
C VAL B 329 58.22 -63.96 -0.47
N GLY B 330 57.00 -64.49 -0.44
CA GLY B 330 56.68 -65.74 -1.12
C GLY B 330 56.82 -65.66 -2.64
N THR B 331 56.73 -64.45 -3.18
CA THR B 331 56.83 -64.25 -4.62
C THR B 331 58.27 -63.95 -5.04
N LEU B 332 58.92 -63.08 -4.28
CA LEU B 332 60.26 -62.63 -4.62
C LEU B 332 61.32 -63.66 -4.25
N LYS B 333 60.98 -64.56 -3.33
CA LYS B 333 61.84 -65.68 -2.93
C LYS B 333 63.26 -65.22 -2.60
N PRO B 334 63.43 -64.48 -1.50
CA PRO B 334 64.76 -64.03 -1.09
C PRO B 334 65.59 -65.20 -0.57
N GLU B 335 66.92 -65.07 -0.60
CA GLU B 335 68.09 -65.89 -0.31
C GLU B 335 68.44 -65.95 1.18
N ASN B 336 68.92 -67.06 1.77
CA ASN B 336 69.69 -67.08 3.01
C ASN B 336 68.91 -66.56 4.21
N VAL B 337 67.58 -66.72 4.17
CA VAL B 337 66.72 -66.22 5.22
C VAL B 337 65.57 -67.19 5.52
N GLU B 338 65.15 -67.27 6.78
CA GLU B 338 63.97 -68.03 7.16
C GLU B 338 62.95 -67.17 7.92
N ILE B 339 61.73 -67.06 7.37
CA ILE B 339 60.73 -66.14 7.92
C ILE B 339 59.47 -66.82 8.46
N HIS B 340 59.10 -66.47 9.68
CA HIS B 340 57.86 -66.96 10.30
C HIS B 340 56.81 -65.88 10.41
N PHE B 341 55.63 -66.13 9.84
CA PHE B 341 54.55 -65.16 9.91
C PHE B 341 53.53 -65.58 10.96
N LEU B 342 53.51 -64.86 12.07
CA LEU B 342 52.72 -65.27 13.21
C LEU B 342 51.62 -64.25 13.46
N SER B 343 50.45 -64.75 13.83
CA SER B 343 49.37 -63.88 14.24
C SER B 343 48.40 -64.63 15.13
N ALA B 344 48.21 -64.11 16.33
CA ALA B 344 47.21 -64.66 17.24
C ALA B 344 45.88 -64.01 16.92
N VAL B 345 45.08 -64.68 16.09
CA VAL B 345 43.84 -64.08 15.63
C VAL B 345 42.69 -64.46 16.54
N CYS B 346 41.90 -63.47 16.94
CA CYS B 346 40.71 -63.68 17.73
C CYS B 346 39.80 -62.48 17.66
N GLU B 347 38.72 -62.52 18.43
CA GLU B 347 37.75 -61.44 18.46
C GLU B 347 37.48 -61.02 19.90
N ASN B 348 37.51 -59.72 20.17
CA ASN B 348 37.27 -59.19 21.52
C ASN B 348 35.83 -58.69 21.69
N MET B 349 34.99 -59.50 22.33
CA MET B 349 33.56 -59.24 22.37
C MET B 349 32.98 -59.22 23.79
N VAL B 350 31.72 -58.82 23.89
CA VAL B 350 31.03 -58.83 25.18
C VAL B 350 30.06 -60.00 25.21
N SER B 351 30.13 -60.80 26.27
CA SER B 351 29.33 -62.01 26.34
C SER B 351 29.28 -62.51 27.77
N LYS B 352 28.45 -63.52 28.02
CA LYS B 352 28.46 -64.22 29.30
C LYS B 352 29.78 -64.95 29.47
N ASN B 353 30.42 -65.24 28.35
CA ASN B 353 31.67 -65.98 28.35
C ASN B 353 32.91 -65.11 28.32
N SER B 354 32.72 -63.79 28.27
CA SER B 354 33.83 -62.86 28.12
C SER B 354 34.60 -62.62 29.42
N TYR B 355 35.92 -62.52 29.29
CA TYR B 355 36.84 -62.13 30.24
C TYR B 355 36.54 -60.89 30.98
N ARG B 356 36.81 -60.75 32.28
CA ARG B 356 36.37 -59.55 32.99
C ARG B 356 37.49 -58.69 33.57
N PRO B 357 37.26 -57.38 33.59
CA PRO B 357 38.17 -56.46 34.28
C PRO B 357 38.48 -56.94 35.69
N GLY B 358 39.76 -57.00 36.04
CA GLY B 358 40.15 -57.46 37.36
C GLY B 358 40.69 -58.89 37.33
N ASP B 359 40.36 -59.60 36.27
CA ASP B 359 40.78 -60.99 36.06
C ASP B 359 42.29 -61.20 36.04
N ILE B 360 42.74 -62.29 36.64
CA ILE B 360 44.14 -62.70 36.56
C ILE B 360 44.29 -63.92 35.65
N ILE B 361 45.12 -63.79 34.62
CA ILE B 361 45.30 -64.83 33.62
C ILE B 361 46.77 -65.21 33.53
N THR B 362 47.06 -66.40 33.02
CA THR B 362 48.44 -66.90 32.96
C THR B 362 48.92 -67.07 31.53
N ALA B 363 50.00 -66.36 31.19
CA ALA B 363 50.59 -66.46 29.86
C ALA B 363 51.34 -67.78 29.68
N SER B 364 51.78 -68.05 28.45
CA SER B 364 52.43 -69.31 28.12
C SER B 364 53.86 -69.40 28.69
N ASN B 365 54.37 -68.28 29.20
CA ASN B 365 55.69 -68.27 29.81
C ASN B 365 55.59 -68.31 31.33
N GLY B 366 54.37 -68.48 31.83
CA GLY B 366 54.14 -68.66 33.25
C GLY B 366 53.78 -67.39 34.01
N LYS B 367 53.97 -66.24 33.38
CA LYS B 367 53.70 -64.98 34.05
C LYS B 367 52.20 -64.71 34.20
N THR B 368 51.79 -64.40 35.43
CA THR B 368 50.40 -64.08 35.73
C THR B 368 50.15 -62.60 35.50
N ILE B 369 49.00 -62.30 34.90
CA ILE B 369 48.67 -60.95 34.50
C ILE B 369 47.32 -60.50 35.05
N GLU B 370 47.30 -59.33 35.69
CA GLU B 370 46.04 -58.76 36.14
C GLU B 370 45.48 -57.84 35.06
N VAL B 371 44.33 -58.20 34.52
CA VAL B 371 43.68 -57.38 33.50
C VAL B 371 43.04 -56.18 34.17
N GLY B 372 43.43 -54.98 33.74
CA GLY B 372 42.85 -53.77 34.29
C GLY B 372 41.89 -53.11 33.31
N ASN B 373 42.03 -53.48 32.04
CA ASN B 373 41.18 -52.94 31.00
C ASN B 373 41.11 -53.94 29.85
N THR B 374 39.90 -54.39 29.56
CA THR B 374 39.70 -55.41 28.54
C THR B 374 39.90 -54.84 27.13
N ASP B 375 39.95 -53.52 27.01
CA ASP B 375 40.19 -52.89 25.71
C ASP B 375 41.68 -52.80 25.36
N ALA B 376 42.52 -53.18 26.32
CA ALA B 376 43.95 -53.32 26.06
C ALA B 376 44.25 -54.78 25.76
N GLU B 377 43.52 -55.32 24.79
CA GLU B 377 43.51 -56.76 24.53
C GLU B 377 44.67 -57.23 23.64
N GLY B 378 45.18 -56.34 22.80
CA GLY B 378 46.20 -56.70 21.82
C GLY B 378 47.50 -57.19 22.44
N ARG B 379 47.93 -56.51 23.49
CA ARG B 379 49.16 -56.86 24.18
C ARG B 379 49.02 -58.22 24.86
N LEU B 380 47.78 -58.61 25.18
CA LEU B 380 47.53 -59.91 25.79
C LEU B 380 47.74 -61.02 24.78
N THR B 381 47.24 -60.79 23.56
CA THR B 381 47.39 -61.77 22.49
C THR B 381 48.81 -61.76 21.97
N LEU B 382 49.42 -60.57 21.92
CA LEU B 382 50.79 -60.44 21.43
C LEU B 382 51.78 -61.06 22.40
N ALA B 383 51.50 -60.98 23.69
CA ALA B 383 52.39 -61.56 24.70
C ALA B 383 52.59 -63.04 24.44
N ASP B 384 51.49 -63.76 24.24
CA ASP B 384 51.55 -65.18 23.97
C ASP B 384 52.15 -65.46 22.59
N ALA B 385 51.90 -64.54 21.66
CA ALA B 385 52.45 -64.64 20.31
C ALA B 385 53.96 -64.43 20.36
N LEU B 386 54.40 -63.52 21.24
CA LEU B 386 55.82 -63.23 21.40
C LEU B 386 56.58 -64.37 22.08
N VAL B 387 55.95 -65.02 23.05
CA VAL B 387 56.57 -66.16 23.73
C VAL B 387 56.81 -67.29 22.74
N TYR B 388 55.81 -67.52 21.90
CA TYR B 388 55.86 -68.52 20.84
C TYR B 388 56.99 -68.22 19.86
N ALA B 389 57.12 -66.94 19.51
CA ALA B 389 58.11 -66.50 18.53
C ALA B 389 59.53 -66.82 19.01
N GLU B 390 59.79 -66.53 20.28
CA GLU B 390 61.12 -66.73 20.84
C GLU B 390 61.43 -68.23 20.95
N LYS B 391 60.38 -69.03 21.12
CA LYS B 391 60.55 -70.48 21.19
C LYS B 391 61.01 -71.07 19.87
N LEU B 392 60.82 -70.32 18.78
CA LEU B 392 61.26 -70.76 17.47
C LEU B 392 62.77 -70.64 17.29
N GLY B 393 63.40 -69.85 18.16
CA GLY B 393 64.84 -69.66 18.12
C GLY B 393 65.26 -68.80 16.94
N VAL B 394 64.79 -67.56 16.91
CA VAL B 394 65.05 -66.66 15.79
C VAL B 394 66.04 -65.55 16.19
N ASP B 395 66.55 -64.84 15.20
CA ASP B 395 67.51 -63.76 15.45
C ASP B 395 66.78 -62.46 15.73
N TYR B 396 65.70 -62.22 15.00
CA TYR B 396 64.93 -60.99 15.18
C TYR B 396 63.44 -61.29 15.36
N ILE B 397 62.83 -60.63 16.34
CA ILE B 397 61.37 -60.65 16.50
C ILE B 397 60.80 -59.25 16.30
N VAL B 398 59.98 -59.07 15.27
CA VAL B 398 59.32 -57.80 15.05
C VAL B 398 57.81 -57.98 15.08
N ASP B 399 57.15 -57.28 15.99
CA ASP B 399 55.70 -57.29 16.02
C ASP B 399 55.18 -55.97 15.45
N ILE B 400 54.01 -56.00 14.82
CA ILE B 400 53.41 -54.80 14.27
C ILE B 400 51.93 -54.77 14.65
N ALA B 401 51.47 -53.65 15.19
CA ALA B 401 50.16 -53.65 15.81
C ALA B 401 49.50 -52.28 15.87
N THR B 402 48.19 -52.26 15.66
CA THR B 402 47.38 -51.08 15.93
C THR B 402 47.01 -51.09 17.41
N LEU B 403 47.97 -50.77 18.26
CA LEU B 403 47.87 -51.03 19.69
C LEU B 403 47.25 -49.91 20.50
N THR B 404 47.75 -48.68 20.33
CA THR B 404 47.33 -47.57 21.18
C THR B 404 46.85 -46.36 20.41
N GLY B 405 45.68 -45.83 20.79
CA GLY B 405 45.14 -44.64 20.15
C GLY B 405 45.98 -43.40 20.41
N ALA B 406 46.84 -43.45 21.42
CA ALA B 406 47.71 -42.33 21.76
C ALA B 406 48.66 -41.95 20.62
N MET B 407 48.89 -42.88 19.70
CA MET B 407 49.78 -42.61 18.56
C MET B 407 49.27 -41.44 17.71
N LEU B 408 47.95 -41.27 17.67
CA LEU B 408 47.34 -40.14 16.94
C LEU B 408 47.76 -38.81 17.56
N TYR B 409 48.01 -38.83 18.87
CA TYR B 409 48.41 -37.64 19.60
C TYR B 409 49.92 -37.44 19.57
N SER B 410 50.67 -38.51 19.36
CA SER B 410 52.12 -38.43 19.38
C SER B 410 52.72 -38.16 18.01
N LEU B 411 52.48 -39.08 17.07
CA LEU B 411 53.10 -38.98 15.76
C LEU B 411 52.08 -38.65 14.68
N GLY B 412 50.81 -38.92 14.97
CA GLY B 412 49.74 -38.60 14.04
C GLY B 412 49.41 -39.71 13.05
N THR B 413 48.98 -39.31 11.86
CA THR B 413 48.45 -40.26 10.89
C THR B 413 49.43 -40.64 9.78
N SER B 414 50.62 -40.05 9.78
CA SER B 414 51.61 -40.30 8.74
C SER B 414 52.78 -41.16 9.22
N TYR B 415 53.26 -40.88 10.42
CA TYR B 415 54.42 -41.61 10.95
C TYR B 415 53.98 -42.65 11.97
N ALA B 416 54.49 -43.87 11.81
CA ALA B 416 54.27 -44.91 12.78
C ALA B 416 55.40 -44.85 13.82
N GLY B 417 55.14 -45.42 14.99
CA GLY B 417 56.16 -45.46 16.02
C GLY B 417 56.80 -46.83 16.10
N VAL B 418 58.10 -46.86 16.34
CA VAL B 418 58.80 -48.12 16.55
C VAL B 418 59.49 -48.14 17.92
N PHE B 419 59.28 -49.23 18.65
CA PHE B 419 59.92 -49.44 19.95
C PHE B 419 60.75 -50.71 19.92
N GLY B 420 61.69 -50.86 20.85
CA GLY B 420 62.51 -52.06 20.85
C GLY B 420 63.54 -52.21 21.96
N ASN B 421 64.18 -53.38 22.00
CA ASN B 421 65.23 -53.65 22.98
C ASN B 421 66.59 -53.73 22.33
N ASN B 422 66.66 -53.38 21.05
CA ASN B 422 67.88 -53.56 20.27
C ASN B 422 68.05 -52.46 19.23
N GLU B 423 69.14 -51.69 19.37
CA GLU B 423 69.36 -50.51 18.54
C GLU B 423 69.64 -50.90 17.08
N GLU B 424 70.30 -52.03 16.88
CA GLU B 424 70.62 -52.47 15.54
C GLU B 424 69.34 -52.81 14.77
N LEU B 425 68.44 -53.52 15.44
CA LEU B 425 67.18 -53.88 14.83
C LEU B 425 66.36 -52.63 14.54
N ILE B 426 66.38 -51.68 15.47
CA ILE B 426 65.69 -50.41 15.27
C ILE B 426 66.20 -49.72 14.02
N ASN B 427 67.52 -49.67 13.83
CA ASN B 427 68.06 -49.03 12.63
C ASN B 427 67.67 -49.75 11.34
N LYS B 428 67.63 -51.07 11.37
CA LYS B 428 67.19 -51.81 10.19
C LYS B 428 65.75 -51.46 9.85
N ILE B 429 64.91 -51.30 10.87
CA ILE B 429 63.52 -50.87 10.67
C ILE B 429 63.52 -49.46 10.08
N LEU B 430 64.39 -48.61 10.62
CA LEU B 430 64.50 -47.23 10.16
C LEU B 430 64.94 -47.07 8.70
N GLN B 431 65.97 -47.81 8.29
CA GLN B 431 66.46 -47.86 6.93
C GLN B 431 65.35 -48.37 6.02
N SER B 432 64.68 -49.41 6.52
CA SER B 432 63.58 -50.04 5.79
C SER B 432 62.50 -48.98 5.57
N SER B 433 62.35 -48.09 6.55
CA SER B 433 61.38 -47.01 6.43
C SER B 433 61.74 -46.04 5.30
N LYS B 434 63.03 -45.78 5.14
CA LYS B 434 63.49 -44.86 4.10
C LYS B 434 63.26 -45.42 2.69
N THR B 435 63.62 -46.70 2.50
CA THR B 435 63.59 -47.30 1.18
C THR B 435 62.21 -47.81 0.80
N SER B 436 61.38 -48.07 1.80
CA SER B 436 60.00 -48.47 1.54
C SER B 436 59.09 -47.26 1.47
N ASN B 437 59.57 -46.14 1.99
CA ASN B 437 58.81 -44.90 2.10
C ASN B 437 57.54 -45.09 2.93
N GLU B 438 57.63 -45.98 3.92
CA GLU B 438 56.63 -46.04 4.95
C GLU B 438 57.26 -45.44 6.20
N PRO B 439 56.94 -44.18 6.48
CA PRO B 439 57.63 -43.38 7.50
C PRO B 439 57.43 -43.93 8.91
N VAL B 440 58.54 -44.09 9.62
CA VAL B 440 58.52 -44.61 10.98
C VAL B 440 59.44 -43.75 11.84
N TRP B 441 59.04 -43.48 13.09
CA TRP B 441 59.90 -42.69 13.97
C TRP B 441 60.21 -43.46 15.24
N TRP B 442 61.46 -43.39 15.68
CA TRP B 442 61.91 -44.13 16.85
C TRP B 442 61.45 -43.45 18.14
N LEU B 443 60.71 -44.19 18.95
CA LEU B 443 60.24 -43.71 20.23
C LEU B 443 60.86 -44.56 21.35
N PRO B 444 61.05 -43.97 22.53
CA PRO B 444 61.79 -44.63 23.61
C PRO B 444 60.96 -45.55 24.49
N ILE B 445 61.59 -46.62 24.96
CA ILE B 445 61.01 -47.42 26.02
C ILE B 445 61.57 -46.92 27.34
N ILE B 446 60.77 -46.15 28.05
CA ILE B 446 61.23 -45.48 29.27
C ILE B 446 61.04 -46.40 30.47
N ASN B 447 62.14 -46.96 30.95
CA ASN B 447 62.10 -47.95 32.03
C ASN B 447 61.53 -47.42 33.34
N GLU B 448 61.56 -46.11 33.52
CA GLU B 448 61.05 -45.50 34.75
C GLU B 448 59.54 -45.75 34.92
N TYR B 449 58.85 -46.01 33.81
CA TYR B 449 57.40 -46.22 33.86
C TYR B 449 57.05 -47.68 34.15
N ARG B 450 58.07 -48.55 34.15
CA ARG B 450 57.86 -49.99 34.36
C ARG B 450 57.20 -50.32 35.70
N ALA B 451 57.49 -49.52 36.72
CA ALA B 451 56.95 -49.77 38.05
C ALA B 451 55.43 -49.65 38.10
N THR B 452 54.87 -48.92 37.13
CA THR B 452 53.42 -48.74 37.07
C THR B 452 52.70 -50.03 36.65
N LEU B 453 53.48 -51.01 36.22
CA LEU B 453 52.93 -52.31 35.80
C LEU B 453 53.04 -53.34 36.91
N ASN B 454 53.55 -52.93 38.07
CA ASN B 454 53.67 -53.82 39.22
C ASN B 454 52.34 -54.11 39.92
N SER B 455 51.82 -55.32 39.74
CA SER B 455 50.55 -55.73 40.35
C SER B 455 50.72 -56.25 41.78
N LYS B 456 49.69 -56.06 42.60
CA LYS B 456 49.71 -56.52 43.99
C LYS B 456 49.52 -58.04 44.12
N TYR B 457 48.81 -58.64 43.19
CA TYR B 457 48.46 -60.05 43.32
C TYR B 457 49.05 -60.90 42.20
N ALA B 458 49.04 -60.37 40.98
CA ALA B 458 49.62 -61.07 39.83
C ALA B 458 51.07 -60.65 39.69
N ASP B 459 51.79 -61.30 38.78
CA ASP B 459 53.18 -60.95 38.50
C ASP B 459 53.30 -59.54 37.94
N ILE B 460 52.31 -59.18 37.12
CA ILE B 460 52.38 -57.92 36.40
C ILE B 460 50.98 -57.41 36.05
N ASN B 461 50.85 -56.09 35.97
CA ASN B 461 49.63 -55.47 35.52
C ASN B 461 49.56 -55.44 34.00
N GLN B 462 48.35 -55.50 33.46
CA GLN B 462 48.15 -55.39 32.03
C GLN B 462 48.33 -53.92 31.61
N ILE B 463 47.78 -53.02 32.40
CA ILE B 463 47.87 -51.59 32.13
C ILE B 463 48.35 -50.81 33.33
N SER B 464 48.70 -49.55 33.08
CA SER B 464 49.01 -48.57 34.09
C SER B 464 47.71 -47.89 34.58
N SER B 465 47.75 -47.27 35.70
CA SER B 465 46.76 -46.36 36.15
C SER B 465 46.89 -44.95 35.75
N SER B 466 47.78 -44.17 36.28
CA SER B 466 48.96 -43.65 35.60
C SER B 466 50.27 -43.59 36.31
N LYS B 468 50.37 -42.08 31.44
CA LYS B 468 49.39 -41.80 30.42
C LYS B 468 50.10 -42.06 29.14
N ALA B 469 51.38 -42.35 29.26
CA ALA B 469 52.16 -42.71 28.09
C ALA B 469 51.81 -44.13 27.64
N SER B 470 50.58 -44.32 27.18
CA SER B 470 50.02 -45.65 26.96
C SER B 470 50.83 -46.45 25.94
N SER B 471 51.36 -45.77 24.92
CA SER B 471 52.14 -46.45 23.89
C SER B 471 53.45 -46.97 24.46
N ILE B 472 54.04 -46.21 25.37
CA ILE B 472 55.31 -46.59 26.00
C ILE B 472 55.11 -47.68 27.04
N VAL B 473 54.05 -47.55 27.83
CA VAL B 473 53.73 -48.54 28.85
C VAL B 473 53.40 -49.90 28.21
N ALA B 474 52.68 -49.85 27.08
CA ALA B 474 52.31 -51.07 26.36
C ALA B 474 53.54 -51.80 25.85
N SER B 475 54.55 -51.03 25.43
CA SER B 475 55.81 -51.59 24.98
C SER B 475 56.58 -52.21 26.15
N LEU B 476 56.48 -51.58 27.32
CA LEU B 476 57.10 -52.10 28.54
C LEU B 476 56.51 -53.46 28.89
N PHE B 477 55.20 -53.60 28.69
CA PHE B 477 54.49 -54.86 28.89
C PHE B 477 55.08 -55.95 28.00
N LEU B 478 55.15 -55.64 26.70
CA LEU B 478 55.59 -56.58 25.68
C LEU B 478 57.01 -57.05 25.91
N LYS B 479 57.87 -56.13 26.35
CA LYS B 479 59.28 -56.41 26.61
C LYS B 479 59.46 -57.53 27.64
N GLU B 480 58.47 -57.71 28.50
CA GLU B 480 58.53 -58.74 29.52
C GLU B 480 58.39 -60.16 28.98
N PHE B 481 57.97 -60.29 27.73
CA PHE B 481 57.75 -61.63 27.18
C PHE B 481 58.73 -61.93 26.05
N VAL B 482 59.78 -61.12 25.99
CA VAL B 482 60.92 -61.40 25.15
C VAL B 482 62.13 -61.36 26.09
N GLN B 483 62.70 -62.53 26.35
CA GLN B 483 63.75 -62.61 27.37
C GLN B 483 65.14 -62.34 26.81
N ASN B 484 65.50 -63.02 25.73
CA ASN B 484 66.87 -62.91 25.23
C ASN B 484 66.94 -62.92 23.70
N THR B 485 66.07 -62.13 23.08
CA THR B 485 66.05 -62.00 21.62
C THR B 485 65.86 -60.54 21.21
N ALA B 486 66.56 -60.13 20.15
CA ALA B 486 66.37 -58.80 19.58
C ALA B 486 64.94 -58.63 19.12
N TRP B 487 64.28 -57.59 19.63
CA TRP B 487 62.85 -57.42 19.37
C TRP B 487 62.48 -55.97 19.15
N ALA B 488 61.58 -55.75 18.18
CA ALA B 488 61.08 -54.40 17.88
C ALA B 488 59.56 -54.42 17.71
N HIS B 489 58.92 -53.31 18.05
CA HIS B 489 57.46 -53.21 18.04
C HIS B 489 57.00 -51.98 17.27
N ILE B 490 56.21 -52.18 16.22
CA ILE B 490 55.73 -51.09 15.41
C ILE B 490 54.25 -50.80 15.68
N ASP B 491 53.98 -49.64 16.28
CA ASP B 491 52.61 -49.26 16.60
C ASP B 491 52.02 -48.43 15.46
N ILE B 492 51.12 -49.05 14.69
CA ILE B 492 50.55 -48.39 13.51
C ILE B 492 49.10 -48.01 13.73
N ALA B 493 48.73 -47.80 14.99
CA ALA B 493 47.36 -47.47 15.33
C ALA B 493 46.92 -46.15 14.68
N GLY B 494 47.86 -45.23 14.51
CA GLY B 494 47.55 -43.93 13.95
C GLY B 494 47.61 -43.86 12.44
N VAL B 495 48.43 -44.70 11.82
CA VAL B 495 48.69 -44.58 10.38
C VAL B 495 47.96 -45.63 9.55
N SER B 496 47.37 -46.61 10.21
CA SER B 496 46.81 -47.75 9.49
C SER B 496 45.62 -47.35 8.61
N TRP B 497 44.73 -46.51 9.15
CA TRP B 497 43.55 -46.11 8.41
C TRP B 497 43.75 -44.72 7.79
N ASN B 498 43.44 -44.60 6.50
CA ASN B 498 43.46 -43.31 5.83
C ASN B 498 42.08 -42.66 5.97
N PHE B 499 41.96 -41.76 6.93
CA PHE B 499 40.67 -41.16 7.29
C PHE B 499 40.05 -40.31 6.18
N LYS B 500 40.87 -39.61 5.41
CA LYS B 500 40.36 -38.77 4.32
C LYS B 500 39.69 -39.57 3.20
N ALA B 501 40.36 -40.62 2.75
CA ALA B 501 39.88 -41.43 1.63
C ALA B 501 38.92 -42.52 2.09
N ARG B 502 38.72 -42.63 3.40
CA ARG B 502 37.85 -43.64 4.01
C ARG B 502 38.25 -45.06 3.61
N LYS B 503 39.55 -45.32 3.62
CA LYS B 503 40.06 -46.62 3.24
C LYS B 503 41.35 -46.92 4.00
N PRO B 504 41.76 -48.20 4.04
CA PRO B 504 43.03 -48.54 4.69
C PRO B 504 44.23 -48.10 3.85
N LYS B 505 45.40 -48.09 4.46
CA LYS B 505 46.63 -47.79 3.73
C LYS B 505 47.37 -49.07 3.37
N GLY B 506 47.09 -50.13 4.12
CA GLY B 506 47.86 -51.36 4.01
C GLY B 506 49.26 -51.09 4.51
N PHE B 507 49.36 -50.18 5.48
CA PHE B 507 50.65 -49.75 6.03
C PHE B 507 51.39 -50.91 6.66
N GLY B 508 52.69 -50.98 6.37
CA GLY B 508 53.55 -51.94 7.02
C GLY B 508 54.07 -53.01 6.07
N VAL B 509 53.29 -53.31 5.04
CA VAL B 509 53.65 -54.38 4.12
C VAL B 509 55.01 -54.17 3.44
N ARG B 510 55.18 -53.00 2.84
CA ARG B 510 56.40 -52.68 2.12
C ARG B 510 57.58 -52.49 3.07
N LEU B 511 57.30 -51.92 4.24
CA LEU B 511 58.32 -51.75 5.26
C LEU B 511 58.92 -53.10 5.67
N LEU B 512 58.06 -54.06 5.96
CA LEU B 512 58.49 -55.39 6.40
C LEU B 512 59.21 -56.17 5.29
N THR B 513 58.77 -56.00 4.04
CA THR B 513 59.40 -56.71 2.94
C THR B 513 60.80 -56.16 2.69
N GLU B 514 60.92 -54.84 2.70
CA GLU B 514 62.24 -54.21 2.60
C GLU B 514 63.13 -54.59 3.77
N PHE B 515 62.52 -54.82 4.93
CA PHE B 515 63.26 -55.22 6.12
C PHE B 515 63.89 -56.59 6.00
N VAL B 516 63.14 -57.54 5.46
CA VAL B 516 63.64 -58.91 5.30
C VAL B 516 64.61 -59.03 4.13
N LEU B 517 64.45 -58.17 3.12
CA LEU B 517 65.25 -58.26 1.91
C LEU B 517 66.68 -57.77 2.14
N ASN B 518 66.85 -56.82 3.06
CA ASN B 518 68.17 -56.24 3.31
C ASN B 518 68.89 -56.99 4.42
N SER C 2 28.07 -77.81 41.99
CA SER C 2 29.40 -78.09 42.52
C SER C 2 30.48 -78.00 41.43
N GLU C 3 30.16 -78.45 40.22
CA GLU C 3 31.11 -78.35 39.11
C GLU C 3 31.10 -76.96 38.47
N VAL C 4 32.25 -76.29 38.47
CA VAL C 4 32.40 -74.97 37.86
C VAL C 4 32.53 -75.06 36.33
N PRO C 5 31.60 -74.42 35.61
CA PRO C 5 31.66 -74.44 34.14
C PRO C 5 32.86 -73.67 33.58
N GLN C 6 33.37 -74.11 32.43
CA GLN C 6 34.53 -73.47 31.80
C GLN C 6 34.31 -73.06 30.33
N VAL C 7 35.02 -72.02 29.90
CA VAL C 7 35.02 -71.63 28.50
C VAL C 7 36.20 -72.27 27.78
N VAL C 8 37.37 -72.22 28.41
CA VAL C 8 38.54 -72.98 27.96
C VAL C 8 39.06 -73.81 29.13
N SER C 9 39.93 -74.77 28.86
CA SER C 9 40.41 -75.65 29.94
C SER C 9 41.29 -74.88 30.95
N LEU C 10 41.78 -73.72 30.56
CA LEU C 10 42.68 -72.93 31.42
C LEU C 10 41.92 -72.05 32.41
N ASP C 11 40.59 -72.09 32.35
CA ASP C 11 39.77 -71.34 33.30
C ASP C 11 39.83 -72.03 34.65
N PRO C 12 40.10 -71.26 35.72
CA PRO C 12 40.20 -71.83 37.07
C PRO C 12 38.89 -72.46 37.52
N THR C 13 38.96 -73.57 38.26
CA THR C 13 37.76 -74.29 38.67
C THR C 13 37.55 -74.22 40.17
N SER C 14 38.40 -73.48 40.87
CA SER C 14 38.25 -73.30 42.30
C SER C 14 39.03 -72.07 42.74
N ILE C 15 38.64 -71.52 43.88
CA ILE C 15 39.39 -70.42 44.49
C ILE C 15 40.52 -70.99 45.34
N PRO C 16 41.76 -70.59 45.03
CA PRO C 16 42.85 -71.00 45.92
C PRO C 16 42.73 -70.29 47.27
N ILE C 17 42.83 -71.06 48.35
CA ILE C 17 42.76 -70.49 49.69
C ILE C 17 43.91 -71.00 50.56
N GLU C 18 44.62 -70.06 51.17
CA GLU C 18 45.65 -70.40 52.13
C GLU C 18 45.03 -70.47 53.53
N TYR C 19 44.99 -71.67 54.11
CA TYR C 19 44.44 -71.85 55.46
C TYR C 19 45.53 -71.77 56.51
N ASN C 20 46.60 -72.54 56.33
CA ASN C 20 47.72 -72.49 57.24
C ASN C 20 48.67 -71.38 56.81
N THR C 21 48.48 -70.21 57.41
CA THR C 21 49.29 -69.05 57.06
C THR C 21 50.49 -69.01 57.99
N PRO C 22 51.57 -68.34 57.57
CA PRO C 22 52.74 -68.17 58.44
C PRO C 22 52.42 -67.54 59.79
N ILE C 23 51.34 -66.77 59.87
CA ILE C 23 50.91 -66.17 61.12
C ILE C 23 50.54 -67.23 62.15
N HIS C 24 49.90 -68.31 61.70
CA HIS C 24 49.47 -69.38 62.59
C HIS C 24 50.65 -70.19 63.16
N ASP C 25 51.82 -70.02 62.55
CA ASP C 25 53.03 -70.73 62.95
C ASP C 25 53.84 -69.94 63.97
N ILE C 26 53.37 -68.73 64.28
CA ILE C 26 54.05 -67.87 65.22
C ILE C 26 53.66 -68.22 66.66
N LYS C 27 54.63 -68.66 67.45
CA LYS C 27 54.37 -68.90 68.87
C LYS C 27 54.37 -67.57 69.61
N VAL C 28 53.24 -67.26 70.25
CA VAL C 28 53.09 -65.98 70.94
C VAL C 28 53.06 -66.11 72.46
N GLN C 29 53.93 -65.34 73.12
CA GLN C 29 54.00 -65.30 74.56
C GLN C 29 53.81 -63.89 75.09
N VAL C 30 53.04 -63.78 76.18
CA VAL C 30 52.84 -62.48 76.82
C VAL C 30 53.44 -62.52 78.22
N TYR C 31 54.29 -61.54 78.52
CA TYR C 31 54.90 -61.44 79.83
C TYR C 31 54.53 -60.12 80.49
N ASP C 32 54.69 -60.09 81.81
CA ASP C 32 54.45 -58.87 82.58
C ASP C 32 55.68 -57.95 82.61
N ILE C 33 55.47 -56.66 82.41
CA ILE C 33 56.57 -55.69 82.39
C ILE C 33 57.27 -55.55 83.74
N LYS C 34 56.54 -55.81 84.82
CA LYS C 34 57.11 -55.63 86.16
C LYS C 34 58.29 -56.56 86.40
N GLY C 35 58.45 -57.55 85.53
CA GLY C 35 59.52 -58.51 85.64
C GLY C 35 60.71 -58.14 84.77
N GLY C 36 60.57 -57.07 83.99
CA GLY C 36 61.66 -56.62 83.14
C GLY C 36 61.61 -57.30 81.79
N CYS C 37 62.35 -56.76 80.82
CA CYS C 37 62.37 -57.32 79.48
C CYS C 37 63.67 -58.05 79.22
N ASN C 38 63.59 -59.25 78.64
CA ASN C 38 64.80 -59.93 78.21
C ASN C 38 65.00 -59.66 76.74
N VAL C 39 66.20 -59.21 76.40
CA VAL C 39 66.52 -58.82 75.05
C VAL C 39 67.60 -59.81 74.61
N GLU C 40 67.22 -61.06 74.42
CA GLU C 40 68.48 -61.22 73.74
C GLU C 40 68.35 -62.06 72.45
N GLU C 41 67.26 -62.08 71.69
CA GLU C 41 67.40 -62.26 70.22
C GLU C 41 66.39 -61.45 69.41
N GLY C 42 66.59 -61.43 68.10
CA GLY C 42 65.61 -60.87 67.18
C GLY C 42 65.57 -59.36 67.30
N LEU C 43 64.40 -58.79 67.07
CA LEU C 43 64.22 -57.35 67.17
C LEU C 43 63.26 -57.05 68.31
N THR C 44 63.64 -56.10 69.16
CA THR C 44 62.82 -55.70 70.31
C THR C 44 62.32 -54.27 70.12
N ILE C 45 61.01 -54.10 70.07
CA ILE C 45 60.41 -52.79 69.81
C ILE C 45 59.61 -52.25 70.98
N PHE C 46 59.88 -51.00 71.34
CA PHE C 46 59.12 -50.32 72.39
C PHE C 46 58.05 -49.42 71.81
N LEU C 47 56.82 -49.59 72.28
CA LEU C 47 55.73 -48.71 71.92
C LEU C 47 55.75 -47.57 72.94
N VAL C 48 56.17 -46.40 72.49
CA VAL C 48 56.45 -45.28 73.39
C VAL C 48 55.47 -44.12 73.24
N ASN C 49 55.24 -43.41 74.34
CA ASN C 49 54.45 -42.19 74.32
C ASN C 49 55.19 -41.04 74.99
N ASN C 50 54.51 -39.91 75.12
CA ASN C 50 55.05 -38.82 75.89
C ASN C 50 53.87 -37.87 76.09
N PRO C 51 53.02 -38.18 77.09
CA PRO C 51 51.78 -37.43 77.33
C PRO C 51 52.01 -35.96 77.63
N GLY C 52 51.56 -35.10 76.72
CA GLY C 52 51.60 -33.66 76.91
C GLY C 52 52.76 -32.98 76.23
N LYS C 53 53.59 -33.76 75.54
CA LYS C 53 54.72 -33.20 74.81
C LYS C 53 54.60 -33.52 73.33
N GLU C 54 54.29 -32.50 72.53
CA GLU C 54 54.01 -32.71 71.12
C GLU C 54 55.30 -32.80 70.31
N ASN C 55 55.52 -33.96 69.70
CA ASN C 55 56.84 -34.43 69.32
C ASN C 55 57.86 -34.34 70.45
N GLY C 56 57.51 -34.90 71.61
CA GLY C 56 58.36 -34.85 72.78
C GLY C 56 59.42 -35.95 72.71
N PRO C 57 60.37 -35.93 73.65
CA PRO C 57 61.50 -36.87 73.68
C PRO C 57 61.12 -38.32 73.98
N VAL C 58 61.95 -39.26 73.54
CA VAL C 58 61.75 -40.68 73.82
C VAL C 58 62.36 -41.04 75.17
N LYS C 59 61.61 -41.76 75.99
CA LYS C 59 62.16 -42.27 77.22
C LYS C 59 61.60 -43.65 77.48
N ILE C 60 62.52 -44.61 77.60
CA ILE C 60 62.14 -45.99 77.85
C ILE C 60 61.92 -46.12 79.36
N SER C 61 60.91 -46.89 79.76
CA SER C 61 60.56 -46.94 81.18
C SER C 61 60.30 -48.33 81.68
N SER C 62 61.02 -49.29 81.13
CA SER C 62 60.78 -50.67 81.47
C SER C 62 62.13 -51.18 81.86
N LYS C 63 62.20 -51.87 82.98
CA LYS C 63 63.45 -52.40 83.44
C LYS C 63 63.92 -53.38 82.37
N VAL C 64 65.15 -53.21 81.93
CA VAL C 64 65.71 -54.14 80.96
C VAL C 64 66.75 -55.00 81.67
N ASN C 65 66.53 -56.31 81.65
CA ASN C 65 67.40 -57.24 82.37
C ASN C 65 68.73 -57.45 81.65
N ASP C 66 69.39 -56.35 81.33
CA ASP C 66 70.68 -56.38 80.66
C ASP C 66 71.39 -55.06 80.88
N LYS C 67 72.59 -55.11 81.43
CA LYS C 67 73.31 -53.89 81.78
C LYS C 67 73.69 -53.09 80.53
N GLN C 68 74.10 -53.82 79.49
CA GLN C 68 74.54 -53.19 78.25
C GLN C 68 73.40 -52.53 77.49
N VAL C 69 72.24 -53.18 77.48
CA VAL C 69 71.08 -52.65 76.76
C VAL C 69 70.38 -51.56 77.56
N SER C 70 70.49 -51.64 78.88
CA SER C 70 69.90 -50.61 79.74
C SER C 70 70.67 -49.31 79.60
N GLU C 71 71.99 -49.45 79.51
CA GLU C 71 72.87 -48.29 79.36
C GLU C 71 72.64 -47.64 78.00
N PHE C 72 72.41 -48.47 76.98
CA PHE C 72 72.15 -47.96 75.65
C PHE C 72 70.85 -47.15 75.65
N LEU C 73 69.85 -47.66 76.37
CA LEU C 73 68.51 -47.08 76.37
C LEU C 73 68.28 -45.98 77.40
N LYS C 74 69.35 -45.51 78.03
CA LYS C 74 69.23 -44.46 79.03
C LYS C 74 68.64 -43.18 78.44
N ASP C 75 68.01 -42.37 79.29
CA ASP C 75 67.33 -41.17 78.79
C ASP C 75 68.33 -40.26 78.10
N GLU C 76 69.56 -40.23 78.61
CA GLU C 76 70.62 -39.40 78.05
C GLU C 76 70.89 -39.75 76.59
N ASN C 77 70.87 -41.04 76.27
CA ASN C 77 71.11 -41.49 74.90
C ASN C 77 69.88 -41.37 74.00
N MET C 78 68.71 -41.50 74.60
CA MET C 78 67.44 -41.54 73.88
C MET C 78 66.75 -40.26 73.45
N GLU C 79 67.08 -39.15 74.11
CA GLU C 79 66.37 -37.90 73.88
C GLU C 79 66.55 -37.37 72.45
N LYS C 80 67.60 -37.81 71.76
CA LYS C 80 67.88 -37.33 70.40
C LYS C 80 66.72 -37.72 69.49
N PHE C 81 65.87 -38.62 69.96
CA PHE C 81 64.73 -39.08 69.17
C PHE C 81 63.43 -38.53 69.75
N ASN C 82 62.41 -38.40 68.90
CA ASN C 82 61.12 -37.90 69.35
C ASN C 82 60.01 -38.94 69.16
N VAL C 83 58.86 -38.70 69.79
CA VAL C 83 57.80 -39.70 69.84
C VAL C 83 56.70 -39.47 68.81
N LYS C 84 57.00 -38.69 67.77
CA LYS C 84 56.04 -38.43 66.71
C LYS C 84 55.37 -39.72 66.25
N LEU C 85 54.04 -39.71 66.24
CA LEU C 85 53.24 -40.87 65.90
C LEU C 85 53.65 -41.40 64.53
N GLY C 86 54.15 -42.63 64.47
CA GLY C 86 54.57 -43.22 63.21
C GLY C 86 56.07 -43.22 63.03
N THR C 87 56.77 -42.43 63.84
CA THR C 87 58.22 -42.40 63.81
C THR C 87 58.72 -43.73 64.33
N SER C 88 59.84 -44.20 63.78
CA SER C 88 60.45 -45.45 64.21
C SER C 88 61.95 -45.38 63.97
N LYS C 89 62.71 -46.08 64.79
CA LYS C 89 64.16 -46.13 64.65
C LYS C 89 64.71 -47.50 65.02
N HIS C 90 65.82 -47.88 64.39
CA HIS C 90 66.52 -49.12 64.70
C HIS C 90 67.80 -48.85 65.48
N PHE C 91 68.10 -49.71 66.46
CA PHE C 91 69.31 -49.57 67.27
C PHE C 91 70.11 -50.86 67.15
N TYR C 92 71.44 -50.76 67.02
CA TYR C 92 72.31 -51.94 67.02
C TYR C 92 73.22 -51.97 68.26
N MET C 93 73.30 -53.12 68.93
CA MET C 93 74.15 -53.20 70.13
C MET C 93 74.49 -54.63 70.54
N PHE C 94 75.44 -54.76 71.47
CA PHE C 94 75.79 -56.04 72.09
C PHE C 94 75.25 -56.14 73.51
N ASN C 95 74.75 -57.31 73.90
CA ASN C 95 74.24 -57.47 75.26
C ASN C 95 75.34 -57.92 76.21
N ASP C 96 74.98 -58.30 77.43
CA ASP C 96 76.01 -58.73 78.40
C ASP C 96 76.74 -60.00 78.01
N ASN C 97 76.09 -60.87 77.23
CA ASN C 97 76.74 -62.11 76.79
C ASN C 97 77.52 -61.89 75.50
N LYS C 98 77.78 -60.62 75.17
CA LYS C 98 78.49 -60.25 73.94
C LYS C 98 77.78 -60.75 72.67
N ASN C 99 76.45 -60.72 72.70
CA ASN C 99 75.70 -61.04 71.49
C ASN C 99 75.05 -59.80 70.91
N SER C 100 74.98 -59.78 69.58
CA SER C 100 74.43 -58.64 68.86
C SER C 100 72.90 -58.72 68.88
N VAL C 101 72.26 -57.68 69.39
CA VAL C 101 70.80 -57.64 69.41
C VAL C 101 70.29 -56.40 68.69
N ALA C 102 69.03 -56.45 68.28
CA ALA C 102 68.42 -55.31 67.62
C ALA C 102 67.27 -54.79 68.48
N VAL C 103 67.26 -53.48 68.66
CA VAL C 103 66.30 -52.78 69.50
C VAL C 103 65.79 -51.56 68.76
N GLY C 104 64.57 -51.12 69.04
CA GLY C 104 64.06 -49.90 68.45
C GLY C 104 62.78 -49.43 69.09
N TYR C 105 62.14 -48.42 68.51
CA TYR C 105 60.90 -47.90 69.07
C TYR C 105 59.97 -47.43 67.98
N VAL C 106 58.68 -47.30 68.32
CA VAL C 106 57.70 -46.68 67.44
C VAL C 106 56.95 -45.59 68.21
N GLY C 107 56.96 -44.38 67.68
CA GLY C 107 56.31 -43.27 68.36
C GLY C 107 54.81 -43.40 68.38
N CYS C 108 54.22 -43.17 69.55
CA CYS C 108 52.78 -43.29 69.69
C CYS C 108 52.20 -41.93 70.08
N GLY C 109 52.90 -40.87 69.70
CA GLY C 109 52.43 -39.52 69.87
C GLY C 109 52.39 -39.05 71.31
N SER C 110 51.53 -38.06 71.56
CA SER C 110 51.44 -37.40 72.86
C SER C 110 50.06 -37.48 73.48
N VAL C 111 49.18 -38.23 72.82
CA VAL C 111 47.78 -38.33 73.20
C VAL C 111 47.42 -39.69 73.81
N ALA C 112 47.80 -39.89 75.07
CA ALA C 112 47.28 -40.96 75.94
C ALA C 112 46.39 -42.04 75.28
N ASP C 113 45.24 -41.61 74.76
CA ASP C 113 44.28 -42.49 74.11
C ASP C 113 44.43 -42.59 72.58
N LEU C 114 44.95 -43.72 72.11
CA LEU C 114 45.12 -43.94 70.68
C LEU C 114 43.79 -44.37 70.05
N SER C 115 43.42 -43.71 68.95
CA SER C 115 42.26 -43.99 68.10
C SER C 115 42.48 -45.28 67.32
N GLU C 116 41.45 -45.76 66.64
CA GLU C 116 41.61 -46.93 65.78
C GLU C 116 42.49 -46.55 64.59
N ALA C 117 42.39 -45.30 64.14
CA ALA C 117 43.23 -44.82 63.04
C ALA C 117 44.67 -44.68 63.51
N ASP C 118 44.86 -44.18 64.73
CA ASP C 118 46.19 -44.01 65.29
C ASP C 118 46.92 -45.34 65.51
N MET C 119 46.22 -46.33 66.07
CA MET C 119 46.82 -47.63 66.31
C MET C 119 47.29 -48.34 65.04
N LYS C 120 46.50 -48.20 63.97
CA LYS C 120 46.84 -48.76 62.68
C LYS C 120 48.12 -48.14 62.15
N ARG C 121 48.23 -46.83 62.28
CA ARG C 121 49.40 -46.09 61.82
C ARG C 121 50.61 -46.58 62.60
N VAL C 122 50.40 -46.87 63.88
CA VAL C 122 51.45 -47.41 64.73
C VAL C 122 51.89 -48.78 64.21
N VAL C 123 50.91 -49.63 63.93
CA VAL C 123 51.15 -50.98 63.43
C VAL C 123 51.87 -50.97 62.08
N LEU C 124 51.41 -50.10 61.18
CA LEU C 124 51.99 -49.96 59.84
C LEU C 124 53.48 -49.70 59.91
N SER C 125 53.88 -48.85 60.85
CA SER C 125 55.29 -48.55 61.06
C SER C 125 56.05 -49.78 61.56
N LEU C 126 55.38 -50.58 62.39
CA LEU C 126 55.97 -51.82 62.89
C LEU C 126 56.20 -52.83 61.76
N VAL C 127 55.23 -52.95 60.86
CA VAL C 127 55.34 -53.92 59.77
C VAL C 127 56.47 -53.55 58.80
N THR C 128 56.71 -52.24 58.63
CA THR C 128 57.81 -51.77 57.81
C THR C 128 59.15 -52.28 58.35
N MET C 129 59.26 -52.34 59.68
CA MET C 129 60.48 -52.84 60.30
C MET C 129 60.57 -54.34 60.09
N LEU C 130 59.42 -54.99 59.96
CA LEU C 130 59.35 -56.44 59.76
C LEU C 130 59.65 -56.82 58.30
N HIS C 131 59.28 -55.94 57.39
CA HIS C 131 59.53 -56.14 55.96
C HIS C 131 60.98 -55.79 55.61
N ASP C 132 61.52 -56.45 54.60
CA ASP C 132 62.90 -56.21 54.14
C ASP C 132 63.95 -56.50 55.21
N ASN C 133 63.54 -57.18 56.28
CA ASN C 133 64.45 -57.59 57.34
C ASN C 133 64.17 -59.06 57.60
N LYS C 134 65.21 -59.88 57.80
CA LYS C 134 65.00 -61.31 58.02
C LYS C 134 65.00 -61.78 59.48
N LEU C 135 64.05 -61.26 60.26
CA LEU C 135 63.93 -61.60 61.68
C LEU C 135 63.34 -62.99 61.96
N SER C 136 63.74 -63.58 63.09
CA SER C 136 63.17 -64.85 63.54
C SER C 136 62.25 -64.60 64.75
N LYS C 137 62.47 -63.50 65.45
CA LYS C 137 61.69 -63.16 66.64
C LYS C 137 61.37 -61.66 66.70
N LEU C 138 60.13 -61.31 66.98
CA LEU C 138 59.78 -59.93 67.29
C LEU C 138 59.24 -59.86 68.73
N THR C 139 59.76 -58.91 69.48
CA THR C 139 59.31 -58.63 70.84
C THR C 139 58.76 -57.23 70.90
N VAL C 140 57.53 -57.10 71.40
CA VAL C 140 56.88 -55.81 71.48
C VAL C 140 56.59 -55.40 72.91
N VAL C 141 57.05 -54.21 73.28
CA VAL C 141 56.84 -53.70 74.64
C VAL C 141 55.85 -52.54 74.70
N PHE C 142 54.74 -52.75 75.41
CA PHE C 142 53.71 -51.71 75.53
C PHE C 142 54.00 -50.72 76.65
N GLU C 143 54.63 -49.61 76.31
CA GLU C 143 54.80 -48.53 77.29
C GLU C 143 53.72 -47.48 77.06
N ILE C 144 52.55 -47.96 76.66
CA ILE C 144 51.36 -47.13 76.54
C ILE C 144 50.20 -47.87 77.20
N ASN C 145 49.09 -47.19 77.43
CA ASN C 145 48.01 -47.97 78.01
C ASN C 145 46.92 -48.25 76.99
N VAL C 146 46.59 -49.53 76.99
CA VAL C 146 45.61 -50.09 76.07
C VAL C 146 44.67 -51.02 76.82
N ASP C 147 43.39 -50.94 76.50
CA ASP C 147 42.43 -51.87 77.07
C ASP C 147 42.56 -53.18 76.28
N LYS C 148 41.85 -54.21 76.69
CA LYS C 148 41.95 -55.49 76.01
C LYS C 148 41.48 -55.44 74.56
N ASN C 149 40.39 -54.73 74.30
CA ASN C 149 40.07 -54.84 72.88
C ASN C 149 40.98 -53.96 72.04
N LEU C 150 41.63 -52.92 72.55
CA LEU C 150 42.67 -52.24 71.78
C LEU C 150 43.91 -53.10 71.65
N PHE C 151 44.21 -53.87 72.69
CA PHE C 151 45.35 -54.77 72.63
C PHE C 151 45.14 -55.84 71.58
N ARG C 152 43.92 -56.40 71.56
CA ARG C 152 43.56 -57.41 70.58
C ARG C 152 43.64 -56.84 69.17
N PHE C 153 43.17 -55.60 69.04
CA PHE C 153 43.21 -54.91 67.76
C PHE C 153 44.64 -54.77 67.23
N PHE C 154 45.58 -54.55 68.14
CA PHE C 154 47.00 -54.47 67.79
C PHE C 154 47.48 -55.75 67.10
N LEU C 155 47.21 -56.91 67.71
CA LEU C 155 47.65 -58.18 67.13
C LEU C 155 46.96 -58.48 65.79
N GLU C 156 45.64 -58.35 65.74
CA GLU C 156 44.86 -58.59 64.53
C GLU C 156 45.41 -57.82 63.35
N THR C 157 45.59 -56.52 63.54
CA THR C 157 46.08 -55.62 62.50
C THR C 157 47.54 -55.94 62.16
N LEU C 158 48.33 -56.22 63.19
CA LEU C 158 49.72 -56.60 62.99
C LEU C 158 49.79 -57.82 62.09
N PHE C 159 49.03 -58.85 62.46
CA PHE C 159 48.95 -60.10 61.69
C PHE C 159 48.48 -59.85 60.25
N TYR C 160 47.41 -59.07 60.11
CA TYR C 160 46.79 -58.84 58.82
C TYR C 160 47.73 -58.10 57.87
N GLU C 161 48.39 -57.06 58.37
CA GLU C 161 49.28 -56.24 57.54
C GLU C 161 50.61 -56.93 57.27
N TYR C 162 51.03 -57.77 58.20
CA TYR C 162 52.32 -58.46 58.07
C TYR C 162 52.22 -59.50 56.97
N MET C 163 51.07 -60.15 56.91
CA MET C 163 50.81 -61.19 55.93
C MET C 163 50.72 -60.65 54.51
N THR C 164 51.34 -61.35 53.56
CA THR C 164 51.32 -60.95 52.15
C THR C 164 50.76 -62.06 51.27
N ASP C 165 49.78 -61.72 50.45
CA ASP C 165 49.08 -62.68 49.61
C ASP C 165 49.84 -62.94 48.31
N GLU C 166 50.28 -64.18 48.11
CA GLU C 166 51.05 -64.55 46.94
C GLU C 166 50.42 -65.69 46.14
N ARG C 167 49.12 -65.91 46.34
CA ARG C 167 48.41 -66.99 45.65
C ARG C 167 48.55 -66.86 44.13
N PHE C 168 48.63 -65.62 43.63
CA PHE C 168 48.60 -65.42 42.20
C PHE C 168 49.95 -64.99 41.61
N LYS C 169 51.01 -65.06 42.41
CA LYS C 169 52.35 -64.86 41.84
C LYS C 169 52.88 -66.19 41.31
N SER C 170 53.70 -66.12 40.27
CA SER C 170 54.33 -67.30 39.71
C SER C 170 55.83 -67.11 39.54
N THR C 171 56.19 -66.08 38.79
CA THR C 171 57.59 -65.81 38.48
C THR C 171 58.06 -64.59 39.23
N ASP C 172 57.18 -64.03 40.05
CA ASP C 172 57.54 -62.90 40.89
C ASP C 172 57.11 -63.08 42.34
N LYS C 173 57.22 -64.30 42.87
CA LYS C 173 56.99 -64.50 44.28
C LYS C 173 58.16 -63.82 44.98
N ASN C 174 57.95 -63.31 46.18
CA ASN C 174 59.09 -62.66 46.81
C ASN C 174 60.16 -63.61 47.32
N VAL C 175 61.38 -63.29 46.94
CA VAL C 175 62.54 -64.12 47.25
C VAL C 175 62.90 -63.99 48.72
N ASN C 176 62.46 -62.90 49.31
CA ASN C 176 62.82 -62.58 50.68
C ASN C 176 61.67 -62.69 51.68
N MET C 177 60.62 -63.43 51.33
CA MET C 177 59.50 -63.53 52.25
C MET C 177 59.95 -64.49 53.32
N GLU C 178 60.22 -63.93 54.48
CA GLU C 178 60.60 -64.70 55.65
C GLU C 178 59.81 -64.19 56.84
N TYR C 179 58.96 -65.06 57.37
CA TYR C 179 58.16 -64.70 58.53
C TYR C 179 58.84 -65.11 59.84
N ILE C 180 58.70 -64.28 60.87
CA ILE C 180 59.19 -64.62 62.20
C ILE C 180 58.47 -65.89 62.71
N LYS C 181 59.11 -66.60 63.63
CA LYS C 181 58.52 -67.82 64.19
C LYS C 181 58.05 -67.61 65.62
N HIS C 182 58.48 -66.51 66.24
CA HIS C 182 58.12 -66.21 67.62
C HIS C 182 57.72 -64.75 67.81
N LEU C 183 56.68 -64.52 68.61
CA LEU C 183 56.26 -63.17 68.95
C LEU C 183 56.16 -63.01 70.47
N GLY C 184 56.95 -62.09 71.01
CA GLY C 184 56.92 -61.81 72.44
C GLY C 184 56.24 -60.49 72.73
N VAL C 185 55.44 -60.45 73.80
CA VAL C 185 54.77 -59.23 74.20
C VAL C 185 54.98 -58.93 75.67
N TYR C 186 55.50 -57.75 75.96
CA TYR C 186 55.62 -57.25 77.33
C TYR C 186 54.58 -56.17 77.59
N ILE C 187 53.74 -56.40 78.59
CA ILE C 187 52.68 -55.46 78.92
C ILE C 187 52.37 -55.51 80.41
N ASN C 188 51.73 -54.47 80.93
CA ASN C 188 51.38 -54.45 82.34
C ASN C 188 50.11 -55.24 82.55
N ASN C 189 50.01 -55.92 83.70
CA ASN C 189 48.88 -56.79 83.97
C ASN C 189 48.66 -57.83 82.88
N ALA C 190 49.71 -58.54 82.53
CA ALA C 190 49.71 -59.45 81.39
C ALA C 190 48.61 -60.53 81.44
N ASP C 191 48.29 -61.04 82.63
CA ASP C 191 47.33 -62.13 82.72
C ASP C 191 45.94 -61.72 82.23
N THR C 192 45.67 -60.42 82.22
CA THR C 192 44.39 -59.90 81.74
C THR C 192 44.32 -59.86 80.22
N TYR C 193 45.49 -59.78 79.57
CA TYR C 193 45.57 -59.62 78.12
C TYR C 193 45.78 -60.95 77.40
N LYS C 194 46.16 -61.98 78.16
CA LYS C 194 46.51 -63.27 77.57
C LYS C 194 45.36 -63.90 76.78
N GLU C 195 44.14 -63.64 77.24
CA GLU C 195 42.95 -64.22 76.61
C GLU C 195 42.71 -63.67 75.21
N GLU C 196 43.27 -62.48 74.95
CA GLU C 196 43.05 -61.80 73.67
C GLU C 196 43.93 -62.32 72.52
N VAL C 197 45.00 -63.05 72.85
CA VAL C 197 45.96 -63.48 71.83
C VAL C 197 45.35 -64.40 70.78
N GLU C 198 44.79 -65.53 71.21
CA GLU C 198 44.22 -66.47 70.25
C GLU C 198 42.92 -65.95 69.70
N LYS C 199 42.25 -65.07 70.44
CA LYS C 199 41.06 -64.41 69.93
C LYS C 199 41.48 -63.51 68.77
N ALA C 200 42.63 -62.87 68.90
CA ALA C 200 43.18 -62.04 67.82
C ALA C 200 43.55 -62.90 66.62
N ARG C 201 44.16 -64.06 66.88
CA ARG C 201 44.58 -64.94 65.81
C ARG C 201 43.37 -65.41 65.00
N VAL C 202 42.29 -65.71 65.72
CA VAL C 202 41.04 -66.13 65.10
C VAL C 202 40.43 -64.97 64.34
N TYR C 203 40.36 -63.82 65.00
CA TYR C 203 39.83 -62.62 64.36
C TYR C 203 40.65 -62.24 63.13
N TYR C 204 41.96 -62.38 63.23
CA TYR C 204 42.85 -62.17 62.11
C TYR C 204 42.50 -63.02 60.91
N PHE C 205 42.37 -64.33 61.10
CA PHE C 205 42.17 -65.21 59.95
C PHE C 205 40.80 -65.05 59.31
N GLY C 206 39.77 -64.85 60.13
CA GLY C 206 38.43 -64.64 59.61
C GLY C 206 38.45 -63.47 58.67
N THR C 207 39.17 -62.42 59.07
CA THR C 207 39.35 -61.22 58.28
C THR C 207 40.18 -61.50 57.03
N TYR C 208 41.28 -62.22 57.20
CA TYR C 208 42.16 -62.53 56.07
C TYR C 208 41.51 -63.50 55.08
N TYR C 209 40.71 -64.42 55.60
CA TYR C 209 39.95 -65.34 54.76
C TYR C 209 39.00 -64.53 53.87
N ALA C 210 38.31 -63.57 54.50
CA ALA C 210 37.42 -62.67 53.78
C ALA C 210 38.19 -61.85 52.76
N SER C 211 39.33 -61.31 53.17
CA SER C 211 40.21 -60.55 52.30
C SER C 211 40.62 -61.39 51.08
N GLN C 212 40.94 -62.67 51.32
CA GLN C 212 41.35 -63.59 50.27
C GLN C 212 40.27 -63.83 49.22
N LEU C 213 39.03 -63.95 49.67
CA LEU C 213 37.91 -64.19 48.76
C LEU C 213 37.69 -62.97 47.88
N ILE C 214 37.79 -61.80 48.51
CA ILE C 214 37.60 -60.55 47.82
C ILE C 214 38.74 -60.27 46.83
N ALA C 215 39.98 -60.50 47.28
CA ALA C 215 41.15 -60.22 46.46
C ALA C 215 41.23 -61.16 45.27
N ALA C 216 40.65 -62.34 45.42
CA ALA C 216 40.55 -63.31 44.34
C ALA C 216 39.75 -62.74 43.19
N PRO C 217 40.31 -62.77 41.98
CA PRO C 217 39.63 -62.26 40.78
C PRO C 217 38.38 -63.05 40.43
N SER C 218 37.51 -62.47 39.61
CA SER C 218 36.20 -63.04 39.36
C SER C 218 36.25 -64.31 38.50
N ASN C 219 37.35 -64.53 37.79
CA ASN C 219 37.51 -65.75 37.01
C ASN C 219 37.88 -66.93 37.91
N TYR C 220 38.47 -66.62 39.06
CA TYR C 220 38.72 -67.62 40.09
C TYR C 220 37.49 -67.72 40.97
N CYS C 221 37.01 -66.57 41.41
CA CYS C 221 35.88 -66.47 42.33
C CYS C 221 34.58 -66.17 41.59
N ASN C 222 33.81 -67.23 41.35
CA ASN C 222 32.52 -67.14 40.68
C ASN C 222 31.42 -67.72 41.57
N PRO C 223 30.14 -67.57 41.18
CA PRO C 223 29.07 -68.10 42.04
C PRO C 223 29.25 -69.57 42.46
N VAL C 224 29.77 -70.40 41.57
CA VAL C 224 29.94 -71.81 41.90
C VAL C 224 31.15 -72.05 42.83
N SER C 225 32.30 -71.49 42.47
CA SER C 225 33.52 -71.72 43.24
C SER C 225 33.43 -71.09 44.63
N LEU C 226 32.64 -70.03 44.75
CA LEU C 226 32.47 -69.35 46.04
C LEU C 226 31.62 -70.19 46.98
N SER C 227 30.55 -70.77 46.44
CA SER C 227 29.70 -71.65 47.24
C SER C 227 30.45 -72.91 47.65
N ASN C 228 31.32 -73.40 46.78
CA ASN C 228 32.13 -74.58 47.10
C ASN C 228 33.12 -74.36 48.23
N ALA C 229 33.81 -73.23 48.23
CA ALA C 229 34.75 -72.91 49.30
C ALA C 229 34.00 -72.75 50.61
N ALA C 230 32.79 -72.21 50.52
CA ALA C 230 31.95 -72.00 51.68
C ALA C 230 31.52 -73.33 52.29
N VAL C 231 31.16 -74.28 51.42
CA VAL C 231 30.80 -75.62 51.86
C VAL C 231 32.00 -76.30 52.52
N GLU C 232 33.16 -76.20 51.87
CA GLU C 232 34.40 -76.75 52.40
C GLU C 232 34.71 -76.11 53.75
N LEU C 233 34.40 -74.82 53.87
CA LEU C 233 34.56 -74.08 55.11
C LEU C 233 33.62 -74.62 56.20
N ALA C 234 32.38 -74.87 55.82
CA ALA C 234 31.38 -75.42 56.74
C ALA C 234 31.77 -76.81 57.22
N GLN C 235 32.37 -77.60 56.32
CA GLN C 235 32.75 -78.96 56.63
C GLN C 235 33.89 -79.02 57.65
N LYS C 236 34.81 -78.08 57.52
CA LYS C 236 35.97 -78.01 58.40
C LYS C 236 35.59 -77.51 59.79
N LEU C 237 34.47 -76.79 59.87
CA LEU C 237 34.00 -76.24 61.14
C LEU C 237 32.82 -77.05 61.68
N ASN C 238 32.37 -78.04 60.91
CA ASN C 238 31.22 -78.84 61.34
C ASN C 238 29.94 -78.00 61.44
N LEU C 239 29.68 -77.18 60.44
CA LEU C 239 28.48 -76.36 60.39
C LEU C 239 27.46 -77.05 59.50
N GLU C 240 26.19 -76.91 59.81
CA GLU C 240 25.16 -77.39 58.91
C GLU C 240 25.22 -76.50 57.67
N TYR C 241 25.15 -77.08 56.48
CA TYR C 241 25.23 -76.27 55.29
C TYR C 241 24.22 -76.71 54.23
N LYS C 242 23.77 -75.74 53.44
CA LYS C 242 22.85 -76.01 52.35
C LYS C 242 23.04 -74.98 51.24
N ILE C 243 23.25 -75.48 50.03
CA ILE C 243 23.38 -74.62 48.85
C ILE C 243 22.23 -74.85 47.89
N LEU C 244 21.48 -73.79 47.63
CA LEU C 244 20.32 -73.88 46.74
C LEU C 244 20.71 -73.61 45.30
N GLY C 245 20.30 -74.51 44.42
CA GLY C 245 20.54 -74.34 43.00
C GLY C 245 19.34 -73.69 42.35
N VAL C 246 19.42 -73.52 41.03
CA VAL C 246 18.41 -72.75 40.30
C VAL C 246 16.98 -73.25 40.40
N LYS C 247 16.75 -74.54 40.21
CA LYS C 247 15.29 -74.68 40.26
C LYS C 247 14.81 -74.92 41.71
N GLU C 248 15.63 -75.10 42.73
CA GLU C 248 15.12 -74.87 44.09
C GLU C 248 14.81 -73.39 44.31
N LEU C 249 15.61 -72.51 43.73
CA LEU C 249 15.36 -71.08 43.82
C LEU C 249 14.12 -70.70 43.03
N GLU C 250 13.88 -71.41 41.93
CA GLU C 250 12.67 -71.20 41.15
C GLU C 250 11.50 -71.68 41.98
N GLU C 251 11.69 -72.74 42.75
CA GLU C 251 10.36 -72.89 43.28
C GLU C 251 10.28 -72.26 44.68
N LEU C 252 11.30 -71.53 45.14
CA LEU C 252 11.04 -70.54 46.19
C LEU C 252 10.63 -69.17 45.61
N LYS C 253 10.54 -69.12 44.28
CA LYS C 253 10.06 -67.94 43.54
C LYS C 253 10.92 -66.69 43.74
N MET C 254 12.23 -66.87 43.87
CA MET C 254 13.12 -65.74 44.07
C MET C 254 13.45 -65.07 42.73
N GLY C 255 12.45 -64.41 42.15
CA GLY C 255 12.58 -63.86 40.82
C GLY C 255 13.58 -62.72 40.71
N ALA C 256 13.70 -61.92 41.77
CA ALA C 256 14.62 -60.79 41.76
C ALA C 256 16.07 -61.29 41.72
N TYR C 257 16.40 -62.21 42.62
CA TYR C 257 17.73 -62.78 42.69
C TYR C 257 18.08 -63.53 41.39
N LEU C 258 17.14 -64.33 40.91
CA LEU C 258 17.36 -65.09 39.69
C LEU C 258 17.50 -64.19 38.47
N SER C 259 16.87 -63.03 38.50
CA SER C 259 16.94 -62.14 37.36
C SER C 259 18.38 -61.65 37.21
N VAL C 260 19.01 -61.29 38.32
CA VAL C 260 20.36 -60.72 38.28
C VAL C 260 21.37 -61.68 37.66
N GLY C 261 21.16 -62.97 37.84
CA GLY C 261 22.11 -63.94 37.34
C GLY C 261 21.77 -64.49 35.96
N LYS C 262 20.67 -64.05 35.37
CA LYS C 262 20.21 -64.58 34.08
C LYS C 262 21.29 -64.49 32.99
N GLY C 263 22.03 -63.39 32.98
CA GLY C 263 23.00 -63.15 31.94
C GLY C 263 24.34 -63.82 32.19
N SER C 264 24.43 -64.61 33.25
CA SER C 264 25.69 -65.22 33.62
C SER C 264 25.83 -66.66 33.10
N MET C 265 27.08 -67.07 32.87
CA MET C 265 27.38 -68.45 32.48
C MET C 265 27.42 -69.32 33.74
N TYR C 266 27.39 -68.68 34.91
CA TYR C 266 27.42 -69.37 36.19
C TYR C 266 26.06 -69.39 36.86
N PRO C 267 25.58 -70.60 37.21
CA PRO C 267 24.31 -70.77 37.92
C PRO C 267 24.29 -70.06 39.28
N ASN C 268 23.14 -69.50 39.66
CA ASN C 268 23.02 -68.90 40.99
C ASN C 268 23.22 -69.94 42.08
N LYS C 269 23.91 -69.55 43.14
CA LYS C 269 24.14 -70.42 44.29
C LYS C 269 23.85 -69.64 45.57
N PHE C 270 22.88 -70.11 46.34
CA PHE C 270 22.51 -69.46 47.61
C PHE C 270 23.19 -70.15 48.77
N ILE C 271 24.01 -69.40 49.52
CA ILE C 271 24.73 -69.97 50.64
C ILE C 271 23.93 -69.90 51.93
N HIS C 272 23.75 -71.05 52.58
CA HIS C 272 23.08 -71.09 53.86
C HIS C 272 23.85 -72.00 54.81
N LEU C 273 24.75 -71.40 55.58
CA LEU C 273 25.45 -72.10 56.66
C LEU C 273 24.75 -71.76 57.98
N THR C 274 24.81 -72.67 58.94
CA THR C 274 24.17 -72.43 60.23
C THR C 274 25.01 -72.90 61.40
N TYR C 275 25.16 -72.02 62.39
CA TYR C 275 25.74 -72.39 63.67
C TYR C 275 24.65 -72.45 64.73
N LYS C 276 24.60 -73.57 65.46
CA LYS C 276 23.67 -73.71 66.57
C LYS C 276 24.45 -74.08 67.82
N SER C 277 24.16 -73.39 68.93
CA SER C 277 24.87 -73.67 70.17
C SER C 277 24.46 -74.96 70.84
N LYS C 278 25.41 -75.60 71.50
CA LYS C 278 25.13 -76.75 72.33
C LYS C 278 24.59 -76.13 73.61
N GLY C 279 23.26 -76.10 73.72
CA GLY C 279 22.60 -75.56 74.89
C GLY C 279 21.22 -75.11 74.44
N ASP C 280 20.62 -74.17 75.16
CA ASP C 280 19.37 -73.62 74.70
C ASP C 280 19.61 -72.26 74.06
N VAL C 281 18.80 -71.95 73.06
CA VAL C 281 19.01 -70.81 72.18
C VAL C 281 18.22 -69.58 72.61
N LYS C 282 18.92 -68.49 72.89
CA LYS C 282 18.24 -67.27 73.34
C LYS C 282 18.26 -66.18 72.28
N LYS C 283 19.00 -66.40 71.19
CA LYS C 283 19.02 -65.46 70.08
C LYS C 283 19.20 -66.16 68.74
N LYS C 284 18.30 -65.87 67.80
CA LYS C 284 18.42 -66.36 66.44
C LYS C 284 18.79 -65.20 65.52
N ILE C 285 19.89 -65.34 64.81
CA ILE C 285 20.38 -64.27 63.96
C ILE C 285 20.59 -64.71 62.52
N ALA C 286 20.11 -63.89 61.59
CA ALA C 286 20.38 -64.13 60.18
C ALA C 286 21.38 -63.09 59.65
N LEU C 287 22.49 -63.56 59.11
CA LEU C 287 23.46 -62.66 58.49
C LEU C 287 23.40 -62.80 56.97
N VAL C 288 23.12 -61.69 56.31
CA VAL C 288 22.93 -61.67 54.87
C VAL C 288 24.00 -60.83 54.19
N GLY C 289 24.67 -61.40 53.21
CA GLY C 289 25.74 -60.70 52.51
C GLY C 289 25.50 -60.55 51.03
N LYS C 290 25.78 -59.37 50.50
CA LYS C 290 25.73 -59.18 49.06
C LYS C 290 26.82 -60.02 48.44
N GLY C 291 26.44 -60.90 47.51
CA GLY C 291 27.39 -61.81 46.91
C GLY C 291 27.42 -61.72 45.40
N ILE C 292 27.79 -60.55 44.89
CA ILE C 292 27.95 -60.38 43.45
C ILE C 292 29.41 -60.57 43.09
N THR C 293 29.74 -61.71 42.49
CA THR C 293 31.14 -62.08 42.24
C THR C 293 31.78 -61.15 41.21
N PHE C 294 30.97 -60.58 40.33
CA PHE C 294 31.41 -59.47 39.50
C PHE C 294 30.22 -58.62 39.06
N ASP C 295 30.35 -57.32 39.28
CA ASP C 295 29.31 -56.38 38.89
C ASP C 295 29.74 -55.58 37.66
N SER C 296 29.33 -56.02 36.49
CA SER C 296 29.61 -55.26 35.27
C SER C 296 28.64 -54.10 35.12
N GLY C 297 27.49 -54.22 35.79
CA GLY C 297 26.42 -53.25 35.68
C GLY C 297 25.27 -53.76 34.83
N GLY C 298 25.52 -54.83 34.09
CA GLY C 298 24.54 -55.34 33.14
C GLY C 298 24.39 -54.38 31.98
N TYR C 299 23.18 -54.32 31.44
CA TYR C 299 22.90 -53.43 30.31
C TYR C 299 23.05 -51.96 30.67
N ASN C 300 22.93 -51.64 31.96
CA ASN C 300 23.39 -50.36 32.45
C ASN C 300 24.88 -50.44 32.76
N LEU C 301 25.65 -50.75 31.72
CA LEU C 301 27.06 -51.06 31.85
C LEU C 301 27.88 -49.97 32.53
N LYS C 302 28.83 -50.39 33.36
CA LYS C 302 29.73 -49.45 34.02
C LYS C 302 30.74 -48.91 33.02
N ALA C 303 30.33 -47.88 32.29
CA ALA C 303 31.16 -47.35 31.22
C ALA C 303 31.52 -45.89 31.46
N ALA C 304 30.89 -45.30 32.46
CA ALA C 304 31.14 -43.90 32.79
C ALA C 304 32.48 -43.72 33.50
N PRO C 305 33.14 -42.58 33.27
CA PRO C 305 34.40 -42.27 33.97
C PRO C 305 34.18 -42.29 35.47
N GLY C 306 34.89 -43.17 36.18
CA GLY C 306 34.72 -43.25 37.62
C GLY C 306 34.02 -44.51 38.12
N SER C 307 33.50 -45.31 37.19
CA SER C 307 32.73 -46.49 37.57
C SER C 307 33.59 -47.55 38.24
N MET C 308 34.90 -47.52 37.96
CA MET C 308 35.86 -48.46 38.55
C MET C 308 35.48 -49.90 38.26
N ILE C 309 35.24 -50.22 37.00
CA ILE C 309 34.73 -51.53 36.61
C ILE C 309 35.75 -52.66 36.88
N ASP C 310 37.01 -52.28 37.00
CA ASP C 310 38.08 -53.24 37.26
C ASP C 310 38.09 -53.69 38.71
N LEU C 311 37.32 -53.01 39.55
CA LEU C 311 37.36 -53.27 40.98
C LEU C 311 36.17 -54.14 41.39
N MET C 312 35.26 -54.39 40.46
CA MET C 312 33.93 -54.90 40.80
C MET C 312 33.88 -56.39 41.13
N LYS C 313 35.03 -57.02 41.27
CA LYS C 313 35.11 -58.37 41.78
C LYS C 313 34.94 -58.32 43.31
N PHE C 314 35.01 -57.24 43.91
CA PHE C 314 34.68 -56.75 45.15
C PHE C 314 33.24 -56.81 45.61
N ASP C 315 32.37 -57.02 44.75
CA ASP C 315 30.94 -56.83 44.99
C ASP C 315 30.36 -57.92 45.87
N MET C 316 31.22 -58.84 46.31
CA MET C 316 30.80 -59.95 47.16
C MET C 316 31.44 -59.79 48.53
N SER C 317 31.90 -58.57 48.81
CA SER C 317 32.57 -58.27 50.08
C SER C 317 31.67 -58.56 51.28
N GLY C 318 30.37 -58.27 51.12
CA GLY C 318 29.42 -58.54 52.17
C GLY C 318 29.36 -60.02 52.46
N CYS C 319 29.28 -60.81 51.40
CA CYS C 319 29.28 -62.27 51.50
C CYS C 319 30.53 -62.79 52.17
N ALA C 320 31.68 -62.25 51.77
CA ALA C 320 32.96 -62.64 52.32
C ALA C 320 33.03 -62.31 53.81
N ALA C 321 32.51 -61.14 54.16
CA ALA C 321 32.45 -60.72 55.56
C ALA C 321 31.61 -61.72 56.34
N VAL C 322 30.55 -62.22 55.71
CA VAL C 322 29.66 -63.18 56.34
C VAL C 322 30.37 -64.53 56.56
N LEU C 323 31.11 -65.02 55.58
CA LEU C 323 31.84 -66.28 55.76
C LEU C 323 33.01 -66.13 56.74
N GLY C 324 33.65 -64.98 56.73
CA GLY C 324 34.73 -64.71 57.68
C GLY C 324 34.19 -64.74 59.10
N CYS C 325 32.98 -64.22 59.27
CA CYS C 325 32.31 -64.30 60.55
C CYS C 325 31.99 -65.73 60.90
N ALA C 326 31.57 -66.50 59.89
CA ALA C 326 31.24 -67.90 60.09
C ALA C 326 32.46 -68.65 60.61
N TYR C 327 33.64 -68.30 60.11
CA TYR C 327 34.87 -68.92 60.61
C TYR C 327 35.06 -68.61 62.09
N CYS C 328 34.96 -67.34 62.45
CA CYS C 328 35.18 -66.91 63.82
C CYS C 328 34.19 -67.58 64.77
N VAL C 329 32.92 -67.55 64.38
CA VAL C 329 31.86 -68.16 65.18
C VAL C 329 32.06 -69.67 65.26
N GLY C 330 32.38 -70.29 64.13
CA GLY C 330 32.59 -71.73 64.08
C GLY C 330 33.76 -72.20 64.91
N THR C 331 34.71 -71.29 65.17
CA THR C 331 35.90 -71.62 65.93
C THR C 331 35.74 -71.34 67.42
N LEU C 332 35.19 -70.17 67.76
CA LEU C 332 35.05 -69.74 69.15
C LEU C 332 33.86 -70.37 69.87
N LYS C 333 32.90 -70.86 69.10
CA LYS C 333 31.73 -71.59 69.62
C LYS C 333 31.01 -70.89 70.78
N PRO C 334 30.34 -69.76 70.48
CA PRO C 334 29.60 -69.00 71.48
C PRO C 334 28.38 -69.76 72.01
N GLU C 335 27.82 -69.30 73.13
CA GLU C 335 26.71 -69.93 73.83
C GLU C 335 25.35 -69.38 73.43
N ASN C 336 24.29 -70.17 73.61
CA ASN C 336 22.93 -69.65 73.57
C ASN C 336 22.56 -68.88 72.31
N VAL C 337 23.13 -69.30 71.18
CA VAL C 337 22.96 -68.53 69.96
C VAL C 337 22.70 -69.47 68.78
N GLU C 338 21.85 -69.05 67.85
CA GLU C 338 21.71 -69.76 66.59
C GLU C 338 21.90 -68.77 65.45
N ILE C 339 22.88 -69.02 64.60
CA ILE C 339 23.25 -68.07 63.56
C ILE C 339 23.04 -68.62 62.15
N HIS C 340 22.35 -67.86 61.32
CA HIS C 340 22.24 -68.23 59.92
C HIS C 340 23.12 -67.31 59.07
N PHE C 341 24.03 -67.92 58.31
CA PHE C 341 24.92 -67.18 57.44
C PHE C 341 24.39 -67.28 56.01
N LEU C 342 23.84 -66.20 55.49
CA LEU C 342 23.16 -66.26 54.20
C LEU C 342 23.84 -65.41 53.13
N SER C 343 23.83 -65.90 51.90
CA SER C 343 24.28 -65.11 50.77
C SER C 343 23.69 -65.64 49.45
N ALA C 344 22.98 -64.76 48.74
CA ALA C 344 22.48 -65.06 47.41
C ALA C 344 23.54 -64.72 46.36
N VAL C 345 24.33 -65.71 45.95
CA VAL C 345 25.47 -65.44 45.09
C VAL C 345 25.16 -65.53 43.60
N CYS C 346 25.59 -64.52 42.84
CA CYS C 346 25.44 -64.52 41.39
C CYS C 346 26.40 -63.53 40.74
N GLU C 347 26.34 -63.45 39.40
CA GLU C 347 27.21 -62.56 38.66
C GLU C 347 26.37 -61.72 37.68
N ASN C 348 26.61 -60.41 37.68
CA ASN C 348 25.83 -59.48 36.86
C ASN C 348 26.53 -59.12 35.55
N MET C 349 26.09 -59.75 34.47
CA MET C 349 26.80 -59.70 33.20
C MET C 349 25.95 -59.23 32.02
N VAL C 350 26.61 -59.01 30.89
CA VAL C 350 25.94 -58.59 29.67
C VAL C 350 25.81 -59.80 28.73
N SER C 351 24.57 -60.06 28.30
CA SER C 351 24.27 -61.27 27.55
C SER C 351 22.96 -61.13 26.80
N LYS C 352 22.66 -62.08 25.92
CA LYS C 352 21.35 -62.17 25.29
C LYS C 352 20.33 -62.59 26.35
N ASN C 353 20.81 -63.24 27.39
CA ASN C 353 19.97 -63.77 28.47
C ASN C 353 19.81 -62.82 29.64
N SER C 354 20.50 -61.70 29.59
CA SER C 354 20.46 -60.74 30.69
C SER C 354 19.08 -60.14 30.89
N TYR C 355 18.82 -59.68 32.10
CA TYR C 355 17.58 -58.96 32.33
C TYR C 355 17.75 -57.51 31.87
N ARG C 356 16.65 -56.86 31.52
CA ARG C 356 16.72 -55.55 30.92
C ARG C 356 16.21 -54.45 31.83
N PRO C 357 16.71 -53.23 31.63
CA PRO C 357 16.11 -52.05 32.25
C PRO C 357 14.64 -51.93 31.85
N GLY C 358 13.76 -51.79 32.83
CA GLY C 358 12.35 -51.69 32.54
C GLY C 358 11.60 -52.97 32.85
N ASP C 359 12.34 -54.09 32.93
CA ASP C 359 11.74 -55.38 33.24
C ASP C 359 11.01 -55.36 34.59
N ILE C 360 9.85 -55.99 34.64
CA ILE C 360 9.16 -56.11 35.92
C ILE C 360 9.29 -57.56 36.40
N ILE C 361 9.87 -57.71 37.58
CA ILE C 361 10.18 -59.01 38.12
C ILE C 361 9.47 -59.23 39.44
N THR C 362 9.30 -60.49 39.82
CA THR C 362 8.52 -60.81 41.00
C THR C 362 9.36 -61.46 42.08
N ALA C 363 9.46 -60.79 43.24
CA ALA C 363 10.20 -61.31 44.37
C ALA C 363 9.43 -62.45 45.04
N SER C 364 10.09 -63.12 45.98
CA SER C 364 9.51 -64.30 46.61
C SER C 364 8.39 -63.97 47.59
N ASN C 365 8.20 -62.68 47.91
CA ASN C 365 7.10 -62.30 48.79
C ASN C 365 5.92 -61.73 48.00
N GLY C 366 6.00 -61.83 46.67
CA GLY C 366 4.89 -61.47 45.81
C GLY C 366 4.91 -60.07 45.23
N LYS C 367 5.76 -59.21 45.77
CA LYS C 367 5.85 -57.83 45.31
C LYS C 367 6.54 -57.75 43.96
N THR C 368 5.91 -57.06 43.01
CA THR C 368 6.48 -56.86 41.69
C THR C 368 7.36 -55.61 41.64
N ILE C 369 8.48 -55.72 40.94
CA ILE C 369 9.49 -54.66 40.93
C ILE C 369 9.80 -54.18 39.52
N GLU C 370 9.76 -52.87 39.31
CA GLU C 370 10.15 -52.29 38.03
C GLU C 370 11.64 -51.94 38.07
N VAL C 371 12.42 -52.59 37.21
CA VAL C 371 13.86 -52.34 37.12
C VAL C 371 14.15 -51.03 36.40
N GLY C 372 14.85 -50.11 37.06
CA GLY C 372 15.21 -48.86 36.43
C GLY C 372 16.68 -48.78 36.06
N ASN C 373 17.48 -49.64 36.69
CA ASN C 373 18.91 -49.72 36.46
C ASN C 373 19.43 -51.10 36.83
N THR C 374 19.98 -51.82 35.86
CA THR C 374 20.49 -53.17 36.10
C THR C 374 21.78 -53.15 36.91
N ASP C 375 22.38 -51.97 37.06
CA ASP C 375 23.55 -51.84 37.93
C ASP C 375 23.11 -51.69 39.39
N ALA C 376 21.81 -51.60 39.62
CA ALA C 376 21.27 -51.62 40.97
C ALA C 376 20.85 -53.04 41.32
N GLU C 377 21.77 -53.98 41.13
CA GLU C 377 21.47 -55.41 41.20
C GLU C 377 21.51 -55.97 42.63
N GLY C 378 22.30 -55.33 43.50
CA GLY C 378 22.53 -55.83 44.84
C GLY C 378 21.27 -55.89 45.67
N ARG C 379 20.46 -54.85 45.58
CA ARG C 379 19.23 -54.78 46.36
C ARG C 379 18.22 -55.83 45.90
N LEU C 380 18.33 -56.24 44.64
CA LEU C 380 17.44 -57.25 44.08
C LEU C 380 17.75 -58.62 44.67
N THR C 381 19.02 -58.92 44.81
CA THR C 381 19.42 -60.21 45.36
C THR C 381 19.15 -60.22 46.86
N LEU C 382 19.36 -59.08 47.50
CA LEU C 382 19.15 -58.94 48.93
C LEU C 382 17.67 -59.00 49.30
N ALA C 383 16.81 -58.50 48.42
CA ALA C 383 15.37 -58.53 48.65
C ALA C 383 14.86 -59.94 48.89
N ASP C 384 15.26 -60.85 48.01
CA ASP C 384 14.86 -62.25 48.11
C ASP C 384 15.57 -62.93 49.28
N ALA C 385 16.79 -62.51 49.55
CA ALA C 385 17.55 -63.05 50.66
C ALA C 385 16.91 -62.66 51.99
N LEU C 386 16.38 -61.44 52.05
CA LEU C 386 15.73 -60.95 53.27
C LEU C 386 14.41 -61.68 53.52
N VAL C 387 13.67 -61.97 52.45
CA VAL C 387 12.42 -62.70 52.57
C VAL C 387 12.70 -64.11 53.09
N TYR C 388 13.73 -64.72 52.54
CA TYR C 388 14.19 -66.04 52.99
C TYR C 388 14.60 -66.00 54.45
N ALA C 389 15.31 -64.94 54.83
CA ALA C 389 15.80 -64.77 56.19
C ALA C 389 14.64 -64.67 57.18
N GLU C 390 13.62 -63.90 56.83
CA GLU C 390 12.50 -63.67 57.73
C GLU C 390 11.67 -64.94 57.89
N LYS C 391 11.65 -65.78 56.85
CA LYS C 391 10.93 -67.05 56.93
C LYS C 391 11.62 -68.02 57.89
N LEU C 392 12.88 -67.75 58.22
CA LEU C 392 13.59 -68.60 59.16
C LEU C 392 13.10 -68.41 60.59
N GLY C 393 12.37 -67.33 60.82
CA GLY C 393 11.83 -67.04 62.14
C GLY C 393 12.93 -66.61 63.09
N VAL C 394 13.64 -65.54 62.72
CA VAL C 394 14.78 -65.08 63.49
C VAL C 394 14.47 -63.76 64.21
N ASP C 395 15.33 -63.40 65.16
CA ASP C 395 15.10 -62.19 65.96
C ASP C 395 15.71 -60.93 65.35
N TYR C 396 16.92 -61.07 64.81
CA TYR C 396 17.63 -59.96 64.19
C TYR C 396 18.09 -60.37 62.79
N ILE C 397 17.85 -59.51 61.81
CA ILE C 397 18.41 -59.71 60.49
C ILE C 397 19.37 -58.56 60.15
N VAL C 398 20.63 -58.88 59.96
CA VAL C 398 21.61 -57.87 59.58
C VAL C 398 22.18 -58.20 58.22
N ASP C 399 22.00 -57.29 57.26
CA ASP C 399 22.61 -57.49 55.95
C ASP C 399 23.83 -56.59 55.81
N ILE C 400 24.81 -57.04 55.06
CA ILE C 400 26.02 -56.27 54.85
C ILE C 400 26.38 -56.31 53.36
N ALA C 401 26.58 -55.15 52.77
CA ALA C 401 26.63 -55.06 51.32
C ALA C 401 27.40 -53.84 50.80
N THR C 402 28.14 -54.04 49.72
CA THR C 402 28.74 -52.94 48.95
C THR C 402 27.72 -52.39 47.96
N LEU C 403 26.78 -51.60 48.47
CA LEU C 403 25.58 -51.27 47.72
C LEU C 403 25.69 -50.00 46.88
N THR C 404 26.14 -48.90 47.48
CA THR C 404 26.14 -47.60 46.80
C THR C 404 27.47 -46.86 46.84
N GLY C 405 27.92 -46.41 45.68
CA GLY C 405 29.14 -45.63 45.59
C GLY C 405 29.00 -44.31 46.32
N ALA C 406 27.76 -43.93 46.61
CA ALA C 406 27.46 -42.69 47.32
C ALA C 406 28.10 -42.65 48.70
N MET C 407 28.43 -43.80 49.24
CA MET C 407 29.09 -43.85 50.54
C MET C 407 30.43 -43.12 50.49
N LEU C 408 31.07 -43.13 49.32
CA LEU C 408 32.31 -42.39 49.11
C LEU C 408 32.08 -40.89 49.26
N TYR C 409 30.88 -40.43 48.92
CA TYR C 409 30.54 -39.02 49.01
C TYR C 409 30.04 -38.65 50.40
N SER C 410 29.50 -39.62 51.12
CA SER C 410 28.89 -39.39 52.43
C SER C 410 29.85 -39.56 53.59
N LEU C 411 30.42 -40.75 53.74
CA LEU C 411 31.28 -41.07 54.86
C LEU C 411 32.74 -41.26 54.47
N GLY C 412 32.98 -41.55 53.20
CA GLY C 412 34.34 -41.73 52.71
C GLY C 412 34.79 -43.17 52.82
N THR C 413 36.10 -43.34 53.05
CA THR C 413 36.73 -44.64 52.95
C THR C 413 36.99 -45.34 54.31
N SER C 414 36.70 -44.65 55.41
CA SER C 414 37.01 -45.16 56.74
C SER C 414 35.81 -45.67 57.51
N TYR C 415 34.70 -44.94 57.45
CA TYR C 415 33.50 -45.30 58.20
C TYR C 415 32.44 -45.93 57.29
N ALA C 416 31.89 -47.04 57.73
CA ALA C 416 30.76 -47.64 57.03
C ALA C 416 29.47 -47.05 57.59
N GLY C 417 28.40 -47.14 56.79
CA GLY C 417 27.12 -46.64 57.22
C GLY C 417 26.19 -47.75 57.67
N VAL C 418 25.40 -47.47 58.71
CA VAL C 418 24.40 -48.44 59.14
C VAL C 418 23.02 -47.83 59.07
N PHE C 419 22.08 -48.57 58.48
CA PHE C 419 20.68 -48.19 58.41
C PHE C 419 19.91 -49.28 59.14
N GLY C 420 18.67 -48.99 59.53
CA GLY C 420 17.87 -49.99 60.22
C GLY C 420 16.45 -49.57 60.50
N ASN C 421 15.65 -50.50 61.00
CA ASN C 421 14.26 -50.22 61.35
C ASN C 421 14.01 -50.31 62.86
N ASN C 422 15.09 -50.49 63.61
CA ASN C 422 15.01 -50.76 65.05
C ASN C 422 16.21 -50.18 65.81
N GLU C 423 15.95 -49.28 66.76
CA GLU C 423 17.06 -48.61 67.45
C GLU C 423 17.90 -49.53 68.31
N GLU C 424 17.29 -50.55 68.90
CA GLU C 424 18.04 -51.45 69.77
C GLU C 424 19.08 -52.21 68.96
N LEU C 425 18.70 -52.70 67.78
CA LEU C 425 19.62 -53.41 66.92
C LEU C 425 20.74 -52.52 66.40
N ILE C 426 20.37 -51.31 65.97
CA ILE C 426 21.35 -50.33 65.46
C ILE C 426 22.40 -50.00 66.50
N ASN C 427 21.99 -49.74 67.72
CA ASN C 427 22.92 -49.44 68.80
C ASN C 427 23.82 -50.65 69.08
N LYS C 428 23.26 -51.85 68.99
CA LYS C 428 24.07 -53.05 69.15
C LYS C 428 25.13 -53.08 68.06
N ILE C 429 24.75 -52.66 66.86
CA ILE C 429 25.70 -52.58 65.74
C ILE C 429 26.78 -51.57 66.08
N LEU C 430 26.37 -50.44 66.63
CA LEU C 430 27.30 -49.38 67.03
C LEU C 430 28.22 -49.87 68.15
N GLN C 431 27.66 -50.63 69.08
CA GLN C 431 28.42 -51.16 70.21
C GLN C 431 29.47 -52.16 69.75
N SER C 432 29.08 -53.00 68.80
CA SER C 432 30.00 -53.96 68.21
C SER C 432 31.06 -53.25 67.39
N SER C 433 30.68 -52.14 66.78
CA SER C 433 31.59 -51.31 65.99
C SER C 433 32.68 -50.73 66.89
N LYS C 434 32.27 -50.37 68.11
CA LYS C 434 33.18 -49.79 69.08
C LYS C 434 34.21 -50.83 69.56
N THR C 435 33.74 -52.03 69.86
CA THR C 435 34.59 -53.08 70.41
C THR C 435 35.36 -53.87 69.33
N SER C 436 34.89 -53.82 68.10
CA SER C 436 35.59 -54.49 66.98
C SER C 436 36.59 -53.54 66.35
N ASN C 437 36.44 -52.26 66.68
CA ASN C 437 37.25 -51.17 66.14
C ASN C 437 37.11 -51.07 64.62
N GLU C 438 35.96 -51.49 64.11
CA GLU C 438 35.61 -51.26 62.71
C GLU C 438 34.51 -50.20 62.65
N PRO C 439 34.91 -48.95 62.36
CA PRO C 439 34.05 -47.77 62.50
C PRO C 439 32.82 -47.77 61.60
N VAL C 440 31.67 -47.50 62.21
CA VAL C 440 30.39 -47.45 61.52
C VAL C 440 29.59 -46.23 62.01
N TRP C 441 28.89 -45.56 61.09
CA TRP C 441 28.08 -44.40 61.46
C TRP C 441 26.61 -44.60 61.10
N TRP C 442 25.72 -44.15 61.98
CA TRP C 442 24.28 -44.30 61.80
C TRP C 442 23.71 -43.24 60.85
N LEU C 443 23.06 -43.70 59.79
CA LEU C 443 22.43 -42.82 58.81
C LEU C 443 20.92 -43.09 58.79
N PRO C 444 20.12 -42.07 58.43
CA PRO C 444 18.66 -42.22 58.56
C PRO C 444 17.97 -42.84 57.36
N ILE C 445 16.91 -43.60 57.61
CA ILE C 445 16.00 -44.02 56.56
C ILE C 445 14.85 -43.03 56.47
N ILE C 446 14.93 -42.14 55.49
CA ILE C 446 13.98 -41.03 55.36
C ILE C 446 12.74 -41.40 54.56
N ASN C 447 11.62 -41.58 55.27
CA ASN C 447 10.37 -42.03 54.64
C ASN C 447 9.81 -41.07 53.59
N GLU C 448 10.16 -39.80 53.68
CA GLU C 448 9.65 -38.82 52.72
C GLU C 448 10.14 -39.15 51.31
N TYR C 449 11.23 -39.90 51.21
CA TYR C 449 11.79 -40.25 49.91
C TYR C 449 11.11 -41.51 49.37
N ARG C 450 10.28 -42.14 50.19
CA ARG C 450 9.61 -43.40 49.82
C ARG C 450 8.74 -43.28 48.57
N ALA C 451 8.12 -42.12 48.38
CA ALA C 451 7.22 -41.91 47.25
C ALA C 451 7.93 -41.97 45.88
N THR C 452 9.23 -41.75 45.87
CA THR C 452 9.99 -41.77 44.63
C THR C 452 10.16 -43.20 44.12
N LEU C 453 9.76 -44.17 44.95
CA LEU C 453 9.79 -45.57 44.56
C LEU C 453 8.41 -46.06 44.15
N ASN C 454 7.44 -45.16 44.09
CA ASN C 454 6.10 -45.52 43.62
C ASN C 454 6.09 -45.77 42.12
N SER C 455 5.99 -47.03 41.73
CA SER C 455 5.99 -47.41 40.32
C SER C 455 4.60 -47.25 39.71
N LYS C 456 4.56 -46.94 38.42
CA LYS C 456 3.30 -46.78 37.72
C LYS C 456 2.64 -48.12 37.45
N TYR C 457 3.45 -49.16 37.26
CA TYR C 457 2.91 -50.45 36.86
C TYR C 457 3.19 -51.59 37.86
N ALA C 458 4.38 -51.60 38.43
CA ALA C 458 4.73 -52.64 39.39
C ALA C 458 4.36 -52.17 40.79
N ASP C 459 4.47 -53.08 41.77
CA ASP C 459 4.21 -52.73 43.16
C ASP C 459 5.21 -51.68 43.62
N ILE C 460 6.44 -51.78 43.14
CA ILE C 460 7.49 -50.89 43.60
C ILE C 460 8.62 -50.70 42.59
N ASN C 461 9.23 -49.52 42.62
CA ASN C 461 10.40 -49.25 41.81
C ASN C 461 11.65 -49.78 42.49
N GLN C 462 12.61 -50.18 41.67
CA GLN C 462 13.91 -50.61 42.15
C GLN C 462 14.75 -49.43 42.61
N ILE C 463 14.74 -48.37 41.82
CA ILE C 463 15.51 -47.16 42.12
C ILE C 463 14.69 -45.89 41.99
N SER C 464 15.27 -44.78 42.45
CA SER C 464 14.65 -43.48 42.25
C SER C 464 15.02 -42.91 40.88
N SER C 465 14.31 -41.87 40.46
CA SER C 465 14.55 -41.15 39.22
C SER C 465 15.16 -39.81 39.61
N VAL C 467 15.57 -38.46 43.45
CA VAL C 467 16.22 -38.18 44.73
C VAL C 467 17.59 -38.85 44.81
N LYS C 468 18.58 -38.19 44.23
CA LYS C 468 19.93 -38.74 44.16
C LYS C 468 20.59 -39.12 45.52
N ALA C 469 19.81 -39.10 46.61
CA ALA C 469 20.27 -39.66 47.89
C ALA C 469 20.22 -41.19 47.87
N SER C 470 21.06 -41.79 47.05
CA SER C 470 20.97 -43.22 46.69
C SER C 470 21.11 -44.25 47.82
N SER C 471 21.95 -43.98 48.82
CA SER C 471 22.14 -44.94 49.92
C SER C 471 20.86 -45.06 50.75
N ILE C 472 20.16 -43.94 50.90
CA ILE C 472 18.92 -43.90 51.65
C ILE C 472 17.77 -44.52 50.85
N VAL C 473 17.73 -44.27 49.55
CA VAL C 473 16.69 -44.85 48.70
C VAL C 473 16.77 -46.37 48.70
N ALA C 474 18.00 -46.88 48.63
CA ALA C 474 18.24 -48.32 48.61
C ALA C 474 17.83 -48.98 49.92
N SER C 475 18.05 -48.28 51.02
CA SER C 475 17.63 -48.79 52.33
C SER C 475 16.10 -48.81 52.45
N LEU C 476 15.45 -47.83 51.84
CA LEU C 476 13.99 -47.79 51.79
C LEU C 476 13.45 -48.99 51.01
N PHE C 477 14.15 -49.32 49.92
CA PHE C 477 13.81 -50.49 49.12
C PHE C 477 13.88 -51.77 49.94
N LEU C 478 15.02 -51.97 50.59
CA LEU C 478 15.29 -53.18 51.36
C LEU C 478 14.28 -53.34 52.48
N LYS C 479 13.88 -52.23 53.08
CA LYS C 479 12.90 -52.23 54.16
C LYS C 479 11.56 -52.84 53.73
N GLU C 480 11.25 -52.76 52.44
CA GLU C 480 10.00 -53.27 51.92
C GLU C 480 9.92 -54.80 51.89
N PHE C 481 11.03 -55.48 52.16
CA PHE C 481 11.05 -56.93 52.11
C PHE C 481 11.29 -57.53 53.50
N VAL C 482 11.12 -56.69 54.51
CA VAL C 482 11.11 -57.14 55.90
C VAL C 482 9.83 -56.65 56.57
N GLN C 483 8.95 -57.57 56.93
CA GLN C 483 7.62 -57.20 57.43
C GLN C 483 7.58 -56.91 58.93
N ASN C 484 8.08 -57.82 59.74
CA ASN C 484 7.96 -57.70 61.20
C ASN C 484 9.19 -58.21 61.95
N THR C 485 10.38 -57.84 61.48
CA THR C 485 11.60 -58.27 62.14
C THR C 485 12.58 -57.11 62.25
N ALA C 486 13.25 -57.02 63.39
CA ALA C 486 14.30 -56.03 63.57
C ALA C 486 15.40 -56.28 62.56
N TRP C 487 15.72 -55.25 61.78
CA TRP C 487 16.66 -55.40 60.70
C TRP C 487 17.57 -54.18 60.56
N ALA C 488 18.85 -54.44 60.30
CA ALA C 488 19.81 -53.37 60.09
C ALA C 488 20.65 -53.66 58.84
N HIS C 489 21.08 -52.59 58.19
CA HIS C 489 21.76 -52.67 56.91
C HIS C 489 23.07 -51.89 56.96
N ILE C 490 24.18 -52.59 56.74
CA ILE C 490 25.49 -51.97 56.80
C ILE C 490 26.06 -51.82 55.40
N ASP C 491 26.16 -50.57 54.93
CA ASP C 491 26.66 -50.28 53.60
C ASP C 491 28.17 -50.04 53.63
N ILE C 492 28.89 -51.01 53.08
CA ILE C 492 30.35 -51.02 53.12
C ILE C 492 31.01 -50.74 51.77
N ALA C 493 30.27 -50.07 50.89
CA ALA C 493 30.78 -49.79 49.55
C ALA C 493 32.00 -48.88 49.55
N GLY C 494 32.08 -47.99 50.53
CA GLY C 494 33.16 -47.04 50.61
C GLY C 494 34.37 -47.55 51.38
N VAL C 495 34.15 -48.48 52.31
CA VAL C 495 35.21 -48.91 53.21
C VAL C 495 35.83 -50.28 52.88
N SER C 496 35.22 -51.04 51.99
CA SER C 496 35.69 -52.40 51.78
C SER C 496 37.08 -52.42 51.14
N TRP C 497 37.31 -51.56 50.16
CA TRP C 497 38.59 -51.59 49.47
C TRP C 497 39.56 -50.54 49.96
N ASN C 498 40.79 -50.98 50.25
CA ASN C 498 41.88 -50.09 50.63
C ASN C 498 42.62 -49.60 49.38
N PHE C 499 42.28 -48.42 48.91
CA PHE C 499 42.83 -47.90 47.66
C PHE C 499 44.32 -47.60 47.74
N LYS C 500 44.78 -47.11 48.89
CA LYS C 500 46.19 -46.80 49.07
C LYS C 500 47.04 -48.07 49.06
N ALA C 501 46.57 -49.09 49.78
CA ALA C 501 47.31 -50.35 49.91
C ALA C 501 47.01 -51.31 48.75
N ARG C 502 46.08 -50.91 47.89
CA ARG C 502 45.67 -51.69 46.72
C ARG C 502 45.19 -53.10 47.07
N LYS C 503 44.47 -53.23 48.18
CA LYS C 503 44.01 -54.54 48.64
C LYS C 503 42.72 -54.42 49.45
N PRO C 504 42.02 -55.54 49.70
CA PRO C 504 40.81 -55.48 50.53
C PRO C 504 41.09 -55.22 52.01
N LYS C 505 40.04 -54.85 52.75
CA LYS C 505 40.15 -54.67 54.19
C LYS C 505 39.56 -55.86 54.95
N GLY C 506 38.68 -56.62 54.30
CA GLY C 506 37.97 -57.68 54.98
C GLY C 506 37.00 -57.09 56.00
N PHE C 507 36.49 -55.89 55.68
CA PHE C 507 35.64 -55.15 56.59
C PHE C 507 34.35 -55.91 56.93
N GLY C 508 33.98 -55.90 58.21
CA GLY C 508 32.71 -56.44 58.65
C GLY C 508 32.83 -57.70 59.48
N VAL C 509 33.87 -58.48 59.24
CA VAL C 509 34.07 -59.76 59.92
C VAL C 509 34.15 -59.60 61.43
N ARG C 510 35.02 -58.70 61.88
CA ARG C 510 35.18 -58.48 63.31
C ARG C 510 33.93 -57.79 63.87
N LEU C 511 33.35 -56.91 63.07
CA LEU C 511 32.11 -56.25 63.43
C LEU C 511 30.98 -57.24 63.65
N LEU C 512 30.79 -58.14 62.69
CA LEU C 512 29.71 -59.13 62.78
C LEU C 512 29.94 -60.15 63.89
N THR C 513 31.19 -60.54 64.11
CA THR C 513 31.48 -61.53 65.16
C THR C 513 31.27 -60.95 66.55
N GLU C 514 31.74 -59.73 66.77
CA GLU C 514 31.52 -59.05 68.05
C GLU C 514 30.03 -58.87 68.33
N PHE C 515 29.26 -58.72 67.26
CA PHE C 515 27.81 -58.57 67.39
C PHE C 515 27.19 -59.87 67.92
N VAL C 516 27.65 -61.00 67.40
CA VAL C 516 27.15 -62.32 67.80
C VAL C 516 27.65 -62.74 69.18
N LEU C 517 28.85 -62.30 69.54
CA LEU C 517 29.48 -62.71 70.78
C LEU C 517 28.93 -61.98 72.00
N ASN C 518 28.49 -60.74 71.82
CA ASN C 518 28.09 -59.92 72.96
C ASN C 518 26.62 -60.01 73.36
N ASP C 519 25.82 -60.83 72.68
CA ASP C 519 24.50 -61.17 73.21
C ASP C 519 24.40 -62.63 73.62
N SER D 2 24.67 2.14 51.80
CA SER D 2 25.62 2.35 50.71
C SER D 2 24.94 2.36 49.34
N GLU D 3 25.54 3.09 48.40
CA GLU D 3 25.01 3.19 47.05
C GLU D 3 25.38 1.96 46.23
N VAL D 4 24.36 1.30 45.70
CA VAL D 4 24.56 0.10 44.90
C VAL D 4 25.07 0.46 43.52
N PRO D 5 26.24 -0.07 43.15
CA PRO D 5 26.79 0.24 41.82
C PRO D 5 25.91 -0.34 40.70
N GLN D 6 25.91 0.33 39.56
CA GLN D 6 25.15 -0.11 38.40
C GLN D 6 26.07 -0.21 37.19
N VAL D 7 25.72 -1.10 36.26
CA VAL D 7 26.39 -1.12 34.97
C VAL D 7 25.56 -0.25 34.03
N VAL D 8 24.24 -0.44 34.08
CA VAL D 8 23.30 0.42 33.38
C VAL D 8 22.27 0.97 34.36
N SER D 9 21.57 2.02 33.96
CA SER D 9 20.61 2.69 34.85
C SER D 9 19.41 1.81 35.19
N LEU D 10 19.20 0.76 34.40
CA LEU D 10 18.06 -0.13 34.60
C LEU D 10 18.35 -1.23 35.62
N ASP D 11 19.58 -1.26 36.12
CA ASP D 11 19.93 -2.24 37.14
C ASP D 11 19.32 -1.83 38.47
N PRO D 12 18.62 -2.77 39.14
CA PRO D 12 17.94 -2.51 40.40
C PRO D 12 18.92 -2.12 41.51
N THR D 13 18.50 -1.24 42.40
CA THR D 13 19.37 -0.75 43.46
C THR D 13 18.91 -1.14 44.87
N SER D 14 17.87 -1.97 44.94
CA SER D 14 17.41 -2.46 46.22
C SER D 14 16.61 -3.74 46.05
N ILE D 15 16.57 -4.54 47.11
CA ILE D 15 15.75 -5.75 47.15
C ILE D 15 14.37 -5.37 47.64
N PRO D 16 13.34 -5.62 46.82
CA PRO D 16 11.98 -5.40 47.32
C PRO D 16 11.62 -6.37 48.44
N ILE D 17 11.08 -5.87 49.54
CA ILE D 17 10.71 -6.72 50.68
C ILE D 17 9.28 -6.48 51.12
N GLU D 18 8.49 -7.54 51.20
CA GLU D 18 7.15 -7.44 51.76
C GLU D 18 7.15 -7.71 53.25
N TYR D 19 6.83 -6.68 54.02
CA TYR D 19 6.73 -6.77 55.47
C TYR D 19 5.28 -7.06 55.86
N ASN D 20 4.37 -6.26 55.31
CA ASN D 20 2.97 -6.58 55.64
C ASN D 20 2.37 -7.49 54.58
N THR D 21 2.31 -8.74 55.01
CA THR D 21 1.77 -9.77 54.15
C THR D 21 0.29 -9.97 54.49
N PRO D 22 -0.49 -10.46 53.52
CA PRO D 22 -1.90 -10.79 53.78
C PRO D 22 -2.09 -11.76 54.94
N ILE D 23 -1.07 -12.57 55.21
CA ILE D 23 -1.11 -13.51 56.34
C ILE D 23 -1.24 -12.76 57.66
N HIS D 24 -0.59 -11.60 57.73
CA HIS D 24 -0.62 -10.78 58.94
C HIS D 24 -2.01 -10.21 59.21
N ASP D 25 -2.89 -10.31 58.21
CA ASP D 25 -4.26 -9.82 58.28
C ASP D 25 -5.26 -10.89 58.74
N ILE D 26 -4.78 -12.11 58.95
CA ILE D 26 -5.64 -13.25 59.33
C ILE D 26 -5.82 -13.37 60.84
N LYS D 27 -7.05 -13.12 61.30
CA LYS D 27 -7.39 -13.32 62.70
C LYS D 27 -7.59 -14.80 62.96
N VAL D 28 -6.83 -15.36 63.90
CA VAL D 28 -6.89 -16.79 64.16
C VAL D 28 -7.62 -17.13 65.45
N GLN D 29 -8.60 -18.02 65.36
CA GLN D 29 -9.29 -18.48 66.55
C GLN D 29 -9.21 -19.98 66.71
N VAL D 30 -8.99 -20.41 67.95
CA VAL D 30 -8.88 -21.82 68.28
C VAL D 30 -10.01 -22.22 69.22
N TYR D 31 -10.72 -23.28 68.85
CA TYR D 31 -11.83 -23.79 69.65
C TYR D 31 -11.55 -25.22 70.08
N ASP D 32 -12.23 -25.67 71.13
CA ASP D 32 -12.05 -27.06 71.55
C ASP D 32 -12.98 -27.97 70.78
N ILE D 33 -12.46 -29.11 70.32
CA ILE D 33 -13.24 -30.06 69.53
C ILE D 33 -14.32 -30.74 70.30
N LYS D 34 -14.11 -30.89 71.61
CA LYS D 34 -15.08 -31.63 72.40
C LYS D 34 -16.45 -30.94 72.43
N GLY D 35 -16.50 -29.68 72.02
CA GLY D 35 -17.75 -28.93 72.04
C GLY D 35 -18.57 -28.92 70.77
N GLY D 36 -18.05 -29.52 69.70
CA GLY D 36 -18.76 -29.55 68.44
C GLY D 36 -18.37 -28.37 67.56
N CYS D 37 -18.67 -28.47 66.27
CA CYS D 37 -18.26 -27.47 65.29
C CYS D 37 -19.39 -26.62 64.72
N ASN D 38 -19.14 -25.31 64.61
CA ASN D 38 -20.06 -24.44 63.89
C ASN D 38 -19.56 -24.20 62.48
N VAL D 39 -20.45 -24.38 61.51
CA VAL D 39 -20.08 -24.24 60.11
C VAL D 39 -20.89 -23.17 59.35
N GLU D 40 -21.10 -22.02 59.99
CA GLU D 40 -21.67 -20.82 59.39
C GLU D 40 -20.97 -20.31 58.12
N GLU D 41 -19.92 -19.54 58.34
CA GLU D 41 -19.25 -18.87 57.21
C GLU D 41 -18.14 -19.70 56.57
N GLY D 42 -17.77 -19.32 55.35
CA GLY D 42 -16.56 -19.83 54.72
C GLY D 42 -16.46 -21.28 54.29
N LEU D 43 -15.23 -21.78 54.35
CA LEU D 43 -14.86 -23.15 54.00
C LEU D 43 -14.43 -23.93 55.22
N THR D 44 -15.01 -25.10 55.40
CA THR D 44 -14.70 -25.96 56.54
C THR D 44 -14.06 -27.28 56.11
N ILE D 45 -12.84 -27.53 56.58
CA ILE D 45 -12.11 -28.73 56.22
C ILE D 45 -11.87 -29.65 57.40
N PHE D 46 -12.20 -30.92 57.24
CA PHE D 46 -11.92 -31.92 58.25
C PHE D 46 -10.65 -32.71 57.93
N LEU D 47 -9.74 -32.74 58.90
CA LEU D 47 -8.55 -33.56 58.81
C LEU D 47 -8.80 -34.94 59.42
N VAL D 48 -8.92 -35.94 58.56
CA VAL D 48 -9.33 -37.27 58.97
C VAL D 48 -8.33 -38.34 58.57
N ASN D 49 -8.21 -39.38 59.40
CA ASN D 49 -7.41 -40.54 59.06
C ASN D 49 -8.24 -41.79 59.18
N ASN D 50 -7.62 -42.95 59.04
CA ASN D 50 -8.33 -44.20 59.26
C ASN D 50 -7.31 -45.28 59.64
N PRO D 51 -6.99 -45.35 60.94
CA PRO D 51 -5.98 -46.24 61.52
C PRO D 51 -6.24 -47.73 61.35
N GLY D 52 -5.36 -48.38 60.60
CA GLY D 52 -5.34 -49.82 60.41
C GLY D 52 -5.99 -50.28 59.11
N LYS D 53 -6.60 -49.34 58.39
CA LYS D 53 -7.19 -49.61 57.10
C LYS D 53 -6.51 -48.68 56.12
N GLU D 54 -5.69 -49.21 55.21
CA GLU D 54 -4.97 -48.30 54.36
C GLU D 54 -5.90 -47.88 53.24
N ASN D 55 -5.58 -46.75 52.61
CA ASN D 55 -6.56 -45.91 51.94
C ASN D 55 -8.03 -46.21 52.33
N GLY D 56 -8.34 -46.09 53.61
CA GLY D 56 -9.67 -46.47 54.08
C GLY D 56 -10.70 -45.39 53.85
N PRO D 57 -11.99 -45.71 54.08
CA PRO D 57 -13.08 -44.76 53.81
C PRO D 57 -13.02 -43.57 54.75
N VAL D 58 -13.57 -42.44 54.32
CA VAL D 58 -13.60 -41.25 55.15
C VAL D 58 -14.78 -41.32 56.11
N LYS D 59 -14.52 -41.05 57.37
CA LYS D 59 -15.59 -40.99 58.34
C LYS D 59 -15.36 -39.81 59.25
N ILE D 60 -16.26 -38.85 59.19
CA ILE D 60 -16.21 -37.71 60.09
C ILE D 60 -16.92 -38.07 61.37
N SER D 61 -16.39 -37.61 62.49
CA SER D 61 -16.90 -38.04 63.76
C SER D 61 -17.10 -36.87 64.68
N SER D 62 -17.47 -35.72 64.13
CA SER D 62 -17.59 -34.51 64.90
C SER D 62 -18.96 -33.96 64.65
N LYS D 63 -19.67 -33.64 65.72
CA LYS D 63 -21.00 -33.09 65.57
C LYS D 63 -20.92 -31.67 64.99
N VAL D 64 -21.67 -31.41 63.93
CA VAL D 64 -21.73 -30.06 63.36
C VAL D 64 -23.12 -29.45 63.55
N ASN D 65 -23.15 -28.25 64.14
CA ASN D 65 -24.41 -27.57 64.46
C ASN D 65 -25.09 -26.96 63.23
N ASP D 66 -25.31 -27.80 62.22
CA ASP D 66 -26.00 -27.41 60.99
C ASP D 66 -26.58 -28.64 60.30
N LYS D 67 -27.89 -28.63 60.10
CA LYS D 67 -28.60 -29.79 59.56
C LYS D 67 -28.19 -30.09 58.12
N GLN D 68 -28.00 -29.04 57.32
CA GLN D 68 -27.68 -29.23 55.90
C GLN D 68 -26.29 -29.83 55.74
N VAL D 69 -25.35 -29.38 56.56
CA VAL D 69 -23.98 -29.87 56.48
C VAL D 69 -23.84 -31.22 57.18
N SER D 70 -24.67 -31.49 58.18
CA SER D 70 -24.62 -32.81 58.83
C SER D 70 -25.09 -33.92 57.90
N GLU D 71 -26.08 -33.62 57.07
CA GLU D 71 -26.55 -34.61 56.10
C GLU D 71 -25.44 -34.91 55.11
N PHE D 72 -24.69 -33.88 54.72
CA PHE D 72 -23.56 -34.05 53.83
C PHE D 72 -22.48 -34.93 54.45
N LEU D 73 -22.25 -34.75 55.74
CA LEU D 73 -21.14 -35.42 56.40
C LEU D 73 -21.50 -36.78 56.95
N LYS D 74 -22.69 -37.29 56.63
CA LYS D 74 -23.09 -38.61 57.12
C LYS D 74 -22.18 -39.69 56.53
N ASP D 75 -22.00 -40.80 57.25
CA ASP D 75 -21.04 -41.83 56.84
C ASP D 75 -21.33 -42.43 55.47
N GLU D 76 -22.60 -42.60 55.16
CA GLU D 76 -23.01 -43.17 53.88
C GLU D 76 -22.49 -42.31 52.75
N ASN D 77 -22.49 -40.99 52.95
CA ASN D 77 -21.97 -40.09 51.94
C ASN D 77 -20.46 -39.97 51.94
N MET D 78 -19.82 -40.07 53.09
CA MET D 78 -18.38 -39.81 53.12
C MET D 78 -17.58 -41.06 52.77
N GLU D 79 -18.23 -42.21 52.82
CA GLU D 79 -17.53 -43.47 52.52
C GLU D 79 -17.28 -43.42 51.01
N LYS D 80 -17.85 -42.43 50.34
CA LYS D 80 -17.55 -42.36 48.91
C LYS D 80 -16.16 -41.75 48.69
N PHE D 81 -15.50 -41.32 49.78
CA PHE D 81 -14.13 -40.84 49.74
C PHE D 81 -13.16 -41.68 50.57
N ASN D 82 -11.86 -41.63 50.25
CA ASN D 82 -10.88 -42.37 51.04
C ASN D 82 -9.80 -41.48 51.65
N VAL D 83 -9.06 -42.02 52.62
CA VAL D 83 -8.15 -41.21 53.44
C VAL D 83 -6.68 -41.26 53.03
N LYS D 84 -6.40 -41.70 51.81
CA LYS D 84 -5.03 -41.72 51.29
C LYS D 84 -4.41 -40.35 51.54
N LEU D 85 -3.19 -40.36 52.09
CA LEU D 85 -2.53 -39.12 52.52
C LEU D 85 -2.45 -38.04 51.46
N GLY D 86 -3.09 -36.90 51.73
CA GLY D 86 -3.04 -35.77 50.84
C GLY D 86 -4.25 -35.63 49.95
N THR D 87 -5.03 -36.71 49.85
CA THR D 87 -6.21 -36.71 48.99
C THR D 87 -7.24 -35.72 49.56
N SER D 88 -7.96 -35.07 48.66
CA SER D 88 -8.94 -34.07 49.06
C SER D 88 -10.16 -33.97 48.18
N LYS D 89 -11.27 -33.58 48.80
CA LYS D 89 -12.52 -33.31 48.13
C LYS D 89 -13.19 -32.17 48.88
N HIS D 90 -13.83 -31.24 48.18
CA HIS D 90 -14.62 -30.22 48.88
C HIS D 90 -15.81 -29.82 48.01
N PHE D 91 -16.95 -29.61 48.67
CA PHE D 91 -18.20 -29.25 48.00
C PHE D 91 -18.74 -27.91 48.46
N TYR D 92 -19.40 -27.24 47.54
CA TYR D 92 -20.05 -25.98 47.83
C TYR D 92 -21.52 -26.29 48.02
N MET D 93 -22.10 -25.69 49.05
CA MET D 93 -23.48 -25.95 49.39
C MET D 93 -24.07 -24.83 50.21
N PHE D 94 -25.39 -24.92 50.42
CA PHE D 94 -26.12 -23.98 51.25
C PHE D 94 -26.38 -24.60 52.60
N ASN D 95 -26.18 -23.84 53.66
CA ASN D 95 -26.44 -24.33 55.02
C ASN D 95 -27.87 -23.98 55.42
N ASP D 96 -28.20 -24.08 56.70
CA ASP D 96 -29.59 -23.88 57.12
C ASP D 96 -30.11 -22.46 56.87
N ASN D 97 -29.23 -21.47 56.91
CA ASN D 97 -29.76 -20.13 56.65
C ASN D 97 -29.50 -19.61 55.25
N LYS D 98 -29.40 -20.56 54.32
CA LYS D 98 -29.25 -20.25 52.90
C LYS D 98 -28.02 -19.40 52.61
N ASN D 99 -26.93 -19.66 53.33
CA ASN D 99 -25.65 -19.02 53.04
C ASN D 99 -24.74 -20.00 52.30
N SER D 100 -23.94 -19.49 51.37
CA SER D 100 -23.07 -20.35 50.59
C SER D 100 -21.82 -20.72 51.39
N VAL D 101 -21.66 -22.02 51.64
CA VAL D 101 -20.49 -22.55 52.34
C VAL D 101 -19.82 -23.68 51.57
N ALA D 102 -18.55 -23.93 51.89
CA ALA D 102 -17.83 -25.06 51.32
C ALA D 102 -17.36 -26.02 52.42
N VAL D 103 -17.55 -27.32 52.21
CA VAL D 103 -17.15 -28.30 53.19
C VAL D 103 -16.36 -29.39 52.49
N GLY D 104 -15.35 -29.94 53.15
CA GLY D 104 -14.56 -30.99 52.56
C GLY D 104 -13.60 -31.60 53.55
N TYR D 105 -12.66 -32.39 53.02
CA TYR D 105 -11.67 -33.06 53.87
C TYR D 105 -10.32 -33.16 53.18
N VAL D 106 -9.29 -33.41 53.98
CA VAL D 106 -7.98 -33.79 53.46
C VAL D 106 -7.54 -35.09 54.15
N GLY D 107 -7.19 -36.09 53.35
CA GLY D 107 -6.79 -37.37 53.91
C GLY D 107 -5.48 -37.29 54.67
N CYS D 108 -5.45 -37.91 55.86
CA CYS D 108 -4.28 -37.91 56.71
C CYS D 108 -3.75 -39.32 56.92
N GLY D 109 -3.99 -40.19 55.95
CA GLY D 109 -3.46 -41.54 55.94
C GLY D 109 -4.05 -42.49 56.98
N SER D 110 -3.27 -43.51 57.31
CA SER D 110 -3.73 -44.57 58.20
C SER D 110 -2.79 -44.70 59.39
N VAL D 111 -1.86 -43.76 59.49
CA VAL D 111 -0.83 -43.80 60.55
C VAL D 111 -1.09 -42.69 61.56
N ALA D 112 -1.69 -43.08 62.69
CA ALA D 112 -1.84 -42.27 63.91
C ALA D 112 -0.91 -41.05 64.08
N ASP D 113 0.39 -41.30 64.13
CA ASP D 113 1.51 -40.39 64.32
C ASP D 113 1.89 -39.61 63.06
N LEU D 114 1.52 -38.34 62.83
CA LEU D 114 1.93 -37.68 61.59
C LEU D 114 3.35 -37.07 61.67
N SER D 115 4.18 -37.30 60.66
CA SER D 115 5.54 -36.74 60.63
C SER D 115 5.64 -35.30 60.13
N GLU D 116 6.86 -34.80 60.05
CA GLU D 116 7.08 -33.44 59.58
C GLU D 116 6.73 -33.39 58.09
N ALA D 117 7.05 -34.46 57.37
CA ALA D 117 6.76 -34.58 55.93
C ALA D 117 5.29 -34.85 55.65
N ASP D 118 4.68 -35.70 56.48
CA ASP D 118 3.28 -36.07 56.32
C ASP D 118 2.43 -34.82 56.48
N MET D 119 2.74 -34.02 57.50
CA MET D 119 1.98 -32.79 57.74
C MET D 119 2.12 -31.81 56.58
N LYS D 120 3.30 -31.75 55.97
CA LYS D 120 3.53 -30.89 54.81
C LYS D 120 2.62 -31.24 53.63
N ARG D 121 2.47 -32.53 53.33
CA ARG D 121 1.61 -32.92 52.21
C ARG D 121 0.14 -32.60 52.52
N VAL D 122 -0.26 -32.77 53.78
CA VAL D 122 -1.62 -32.42 54.20
C VAL D 122 -1.84 -30.92 54.01
N VAL D 123 -0.87 -30.11 54.43
CA VAL D 123 -0.98 -28.66 54.29
C VAL D 123 -1.08 -28.22 52.82
N LEU D 124 -0.24 -28.78 51.96
CA LEU D 124 -0.29 -28.47 50.53
C LEU D 124 -1.65 -28.75 49.94
N SER D 125 -2.29 -29.83 50.38
CA SER D 125 -3.60 -30.19 49.86
C SER D 125 -4.62 -29.12 50.21
N LEU D 126 -4.50 -28.58 51.42
CA LEU D 126 -5.34 -27.48 51.88
C LEU D 126 -5.09 -26.22 51.06
N VAL D 127 -3.82 -25.94 50.83
CA VAL D 127 -3.39 -24.74 50.12
C VAL D 127 -3.87 -24.74 48.68
N THR D 128 -3.91 -25.91 48.06
CA THR D 128 -4.42 -26.05 46.71
C THR D 128 -5.88 -25.59 46.63
N MET D 129 -6.65 -25.89 47.67
CA MET D 129 -8.04 -25.45 47.70
C MET D 129 -8.19 -23.95 47.93
N LEU D 130 -7.24 -23.35 48.64
CA LEU D 130 -7.29 -21.92 48.93
C LEU D 130 -6.90 -21.09 47.73
N HIS D 131 -6.01 -21.62 46.89
CA HIS D 131 -5.57 -20.90 45.72
C HIS D 131 -6.66 -20.94 44.64
N ASP D 132 -7.74 -21.64 44.97
CA ASP D 132 -8.93 -21.75 44.12
C ASP D 132 -10.12 -21.25 44.90
N ASN D 133 -9.88 -20.57 46.02
CA ASN D 133 -10.96 -20.12 46.87
C ASN D 133 -10.97 -18.62 47.14
N LYS D 134 -12.15 -18.03 47.00
CA LYS D 134 -12.35 -16.59 47.17
C LYS D 134 -13.00 -16.26 48.51
N LEU D 135 -13.28 -17.29 49.31
CA LEU D 135 -13.99 -17.09 50.57
C LEU D 135 -13.15 -16.40 51.63
N SER D 136 -13.84 -15.88 52.64
CA SER D 136 -13.23 -15.06 53.66
C SER D 136 -12.78 -15.86 54.89
N LYS D 137 -13.26 -17.08 55.04
CA LYS D 137 -12.90 -17.86 56.21
C LYS D 137 -12.57 -19.32 55.91
N LEU D 138 -11.52 -19.80 56.56
CA LEU D 138 -11.16 -21.20 56.54
C LEU D 138 -11.25 -21.76 57.95
N THR D 139 -11.94 -22.89 58.09
CA THR D 139 -12.04 -23.56 59.37
C THR D 139 -11.45 -24.96 59.24
N VAL D 140 -10.50 -25.29 60.09
CA VAL D 140 -9.86 -26.59 60.00
C VAL D 140 -10.17 -27.41 61.25
N VAL D 141 -10.71 -28.61 61.05
CA VAL D 141 -11.06 -29.48 62.16
C VAL D 141 -10.08 -30.63 62.27
N PHE D 142 -9.36 -30.69 63.38
CA PHE D 142 -8.33 -31.70 63.60
C PHE D 142 -8.87 -32.98 64.23
N GLU D 143 -9.22 -33.95 63.40
CA GLU D 143 -9.63 -35.25 63.93
C GLU D 143 -8.43 -36.20 63.89
N ILE D 144 -7.27 -35.61 64.14
CA ILE D 144 -6.01 -36.33 64.21
C ILE D 144 -5.21 -35.84 65.42
N ASN D 145 -4.13 -36.55 65.75
CA ASN D 145 -3.28 -36.16 66.87
C ASN D 145 -2.04 -35.37 66.47
N VAL D 146 -1.93 -34.19 67.08
CA VAL D 146 -0.77 -33.33 66.89
C VAL D 146 -0.36 -32.80 68.26
N ASP D 147 0.94 -32.74 68.53
CA ASP D 147 1.39 -32.13 69.77
C ASP D 147 1.38 -30.61 69.56
N LYS D 148 1.79 -29.86 70.58
CA LYS D 148 1.78 -28.40 70.48
C LYS D 148 2.72 -27.94 69.38
N ASN D 149 3.90 -28.57 69.31
CA ASN D 149 4.90 -28.22 68.30
C ASN D 149 4.45 -28.50 66.86
N LEU D 150 3.79 -29.63 66.65
CA LEU D 150 3.38 -30.00 65.30
C LEU D 150 2.24 -29.11 64.83
N PHE D 151 1.41 -28.68 65.77
CA PHE D 151 0.33 -27.76 65.47
C PHE D 151 0.91 -26.42 65.06
N ARG D 152 1.94 -25.97 65.76
CA ARG D 152 2.61 -24.73 65.37
C ARG D 152 3.25 -24.91 64.01
N PHE D 153 3.86 -26.08 63.79
CA PHE D 153 4.45 -26.39 62.50
C PHE D 153 3.40 -26.33 61.39
N PHE D 154 2.19 -26.80 61.71
CA PHE D 154 1.08 -26.75 60.77
C PHE D 154 0.80 -25.33 60.34
N LEU D 155 0.68 -24.43 61.31
CA LEU D 155 0.39 -23.03 61.04
C LEU D 155 1.53 -22.38 60.23
N GLU D 156 2.76 -22.59 60.69
CA GLU D 156 3.94 -22.07 60.00
C GLU D 156 3.93 -22.50 58.53
N THR D 157 3.73 -23.79 58.31
CA THR D 157 3.77 -24.35 56.97
C THR D 157 2.58 -23.86 56.13
N LEU D 158 1.41 -23.84 56.74
CA LEU D 158 0.20 -23.32 56.08
C LEU D 158 0.43 -21.87 55.69
N PHE D 159 0.91 -21.08 56.64
CA PHE D 159 1.21 -19.69 56.37
C PHE D 159 2.24 -19.55 55.23
N TYR D 160 3.31 -20.33 55.29
CA TYR D 160 4.42 -20.21 54.34
C TYR D 160 4.00 -20.57 52.93
N GLU D 161 3.25 -21.64 52.78
CA GLU D 161 2.82 -22.08 51.46
C GLU D 161 1.68 -21.26 50.87
N TYR D 162 0.84 -20.72 51.74
CA TYR D 162 -0.33 -19.97 51.30
C TYR D 162 0.11 -18.66 50.67
N MET D 163 1.14 -18.07 51.26
CA MET D 163 1.68 -16.81 50.77
C MET D 163 2.37 -16.99 49.41
N THR D 164 2.13 -16.04 48.50
CA THR D 164 2.73 -16.09 47.17
C THR D 164 3.52 -14.82 46.84
N ASP D 165 4.75 -15.01 46.38
CA ASP D 165 5.66 -13.89 46.09
C ASP D 165 5.43 -13.29 44.71
N GLU D 166 5.00 -12.03 44.65
CA GLU D 166 4.73 -11.42 43.35
C GLU D 166 5.52 -10.15 43.08
N ARG D 167 6.63 -9.99 43.79
CA ARG D 167 7.50 -8.83 43.66
C ARG D 167 8.03 -8.59 42.24
N PHE D 168 8.24 -9.65 41.48
CA PHE D 168 8.85 -9.50 40.16
C PHE D 168 7.82 -9.74 39.07
N LYS D 169 6.57 -9.85 39.48
CA LYS D 169 5.43 -9.90 38.58
C LYS D 169 4.96 -8.50 38.23
N SER D 170 4.29 -8.37 37.09
CA SER D 170 3.73 -7.09 36.66
C SER D 170 2.23 -7.22 36.44
N GLU D 178 -7.46 -12.75 47.05
CA GLU D 178 -8.68 -12.99 47.81
C GLU D 178 -8.38 -13.75 49.10
N TYR D 179 -7.20 -13.49 49.67
CA TYR D 179 -6.79 -14.14 50.91
C TYR D 179 -7.87 -14.13 51.98
N ILE D 180 -7.94 -15.22 52.74
CA ILE D 180 -8.84 -15.32 53.87
C ILE D 180 -8.51 -14.27 54.93
N LYS D 181 -9.53 -13.89 55.71
CA LYS D 181 -9.36 -12.91 56.77
C LYS D 181 -9.47 -13.57 58.14
N HIS D 182 -10.00 -14.79 58.15
CA HIS D 182 -10.21 -15.53 59.39
C HIS D 182 -9.78 -16.99 59.27
N LEU D 183 -9.14 -17.50 60.32
CA LEU D 183 -8.77 -18.91 60.39
C LEU D 183 -9.30 -19.54 61.66
N GLY D 184 -10.18 -20.52 61.50
CA GLY D 184 -10.73 -21.24 62.64
C GLY D 184 -10.11 -22.61 62.78
N VAL D 185 -9.81 -22.98 64.01
CA VAL D 185 -9.24 -24.29 64.29
C VAL D 185 -9.99 -24.99 65.41
N TYR D 186 -10.45 -26.21 65.12
CA TYR D 186 -11.01 -27.02 66.18
C TYR D 186 -9.94 -28.05 66.53
N ILE D 187 -9.48 -28.02 67.78
CA ILE D 187 -8.44 -28.92 68.26
C ILE D 187 -8.69 -29.29 69.75
N ASN D 188 -8.19 -30.44 70.19
CA ASN D 188 -8.47 -30.96 71.54
C ASN D 188 -7.54 -30.23 72.45
N ASN D 189 -7.97 -29.95 73.68
CA ASN D 189 -7.19 -29.14 74.59
C ASN D 189 -6.84 -27.79 73.98
N ALA D 190 -7.85 -27.10 73.46
CA ALA D 190 -7.64 -25.90 72.66
C ALA D 190 -6.84 -24.81 73.34
N ASP D 191 -7.07 -24.63 74.63
CA ASP D 191 -6.45 -23.54 75.36
C ASP D 191 -4.92 -23.69 75.48
N THR D 192 -4.43 -24.92 75.36
CA THR D 192 -2.99 -25.16 75.42
C THR D 192 -2.31 -24.82 74.09
N TYR D 193 -3.09 -24.82 73.02
CA TYR D 193 -2.57 -24.60 71.67
C TYR D 193 -2.63 -23.14 71.24
N LYS D 194 -3.41 -22.34 71.96
CA LYS D 194 -3.63 -20.94 71.62
C LYS D 194 -2.33 -20.13 71.66
N GLU D 195 -1.44 -20.49 72.57
CA GLU D 195 -0.16 -19.80 72.73
C GLU D 195 0.77 -20.03 71.53
N GLU D 196 0.50 -21.09 70.76
CA GLU D 196 1.32 -21.42 69.61
C GLU D 196 0.98 -20.56 68.40
N VAL D 197 -0.20 -19.93 68.41
CA VAL D 197 -0.68 -19.20 67.24
C VAL D 197 0.21 -18.03 66.86
N GLU D 198 0.42 -17.11 67.78
CA GLU D 198 1.20 -15.91 67.48
C GLU D 198 2.68 -16.22 67.38
N LYS D 199 3.12 -17.28 68.04
CA LYS D 199 4.49 -17.74 67.91
C LYS D 199 4.74 -18.26 66.49
N ALA D 200 3.73 -18.91 65.94
CA ALA D 200 3.78 -19.43 64.58
C ALA D 200 3.87 -18.31 63.56
N ARG D 201 3.07 -17.27 63.77
CA ARG D 201 3.00 -16.16 62.82
C ARG D 201 4.37 -15.48 62.71
N VAL D 202 5.07 -15.41 63.84
CA VAL D 202 6.42 -14.84 63.87
C VAL D 202 7.41 -15.73 63.13
N TYR D 203 7.38 -17.02 63.45
CA TYR D 203 8.22 -18.01 62.79
C TYR D 203 7.94 -18.03 61.30
N TYR D 204 6.68 -17.83 60.95
CA TYR D 204 6.23 -17.71 59.57
C TYR D 204 7.03 -16.68 58.79
N PHE D 205 7.00 -15.45 59.29
CA PHE D 205 7.57 -14.35 58.53
C PHE D 205 9.08 -14.44 58.47
N GLY D 206 9.71 -14.89 59.55
CA GLY D 206 11.15 -15.07 59.58
C GLY D 206 11.58 -15.99 58.46
N THR D 207 10.83 -17.07 58.27
CA THR D 207 11.08 -18.01 57.20
C THR D 207 10.77 -17.39 55.83
N TYR D 208 9.64 -16.71 55.72
CA TYR D 208 9.27 -16.09 54.44
C TYR D 208 10.20 -14.92 54.10
N TYR D 209 10.64 -14.19 55.13
CA TYR D 209 11.60 -13.11 54.95
C TYR D 209 12.91 -13.63 54.37
N ALA D 210 13.41 -14.71 54.95
CA ALA D 210 14.59 -15.37 54.43
C ALA D 210 14.32 -15.84 53.00
N SER D 211 13.14 -16.42 52.81
CA SER D 211 12.71 -16.87 51.50
C SER D 211 12.79 -15.76 50.45
N GLN D 212 12.33 -14.57 50.81
CA GLN D 212 12.36 -13.43 49.89
C GLN D 212 13.78 -13.05 49.51
N LEU D 213 14.70 -13.14 50.47
CA LEU D 213 16.10 -12.81 50.22
C LEU D 213 16.73 -13.83 49.27
N ILE D 214 16.42 -15.11 49.50
CA ILE D 214 16.96 -16.18 48.67
C ILE D 214 16.37 -16.13 47.26
N ALA D 215 15.06 -15.92 47.17
CA ALA D 215 14.35 -15.90 45.89
C ALA D 215 14.71 -14.70 45.04
N ALA D 216 15.13 -13.61 45.68
CA ALA D 216 15.56 -12.42 44.98
C ALA D 216 16.77 -12.75 44.09
N PRO D 217 16.67 -12.41 42.79
CA PRO D 217 17.76 -12.69 41.85
C PRO D 217 19.00 -11.87 42.18
N SER D 218 20.15 -12.28 41.65
CA SER D 218 21.42 -11.71 42.07
C SER D 218 21.61 -10.27 41.61
N ASN D 219 20.84 -9.85 40.61
CA ASN D 219 20.92 -8.46 40.19
C ASN D 219 20.15 -7.56 41.16
N TYR D 220 19.18 -8.13 41.87
CA TYR D 220 18.48 -7.42 42.92
C TYR D 220 19.21 -7.57 44.25
N CYS D 221 19.54 -8.81 44.60
CA CYS D 221 20.20 -9.13 45.87
C CYS D 221 21.70 -9.32 45.69
N ASN D 222 22.45 -8.27 46.02
CA ASN D 222 23.90 -8.25 45.91
C ASN D 222 24.50 -7.93 47.28
N PRO D 223 25.84 -8.03 47.43
CA PRO D 223 26.45 -7.74 48.73
C PRO D 223 26.06 -6.40 49.35
N VAL D 224 25.91 -5.37 48.53
CA VAL D 224 25.57 -4.05 49.03
C VAL D 224 24.09 -4.00 49.43
N SER D 225 23.22 -4.45 48.53
CA SER D 225 21.78 -4.40 48.77
C SER D 225 21.31 -5.33 49.89
N LEU D 226 22.02 -6.44 50.07
CA LEU D 226 21.67 -7.40 51.10
C LEU D 226 22.08 -6.81 52.45
N SER D 227 23.25 -6.18 52.49
CA SER D 227 23.72 -5.53 53.71
C SER D 227 22.86 -4.33 54.08
N ASN D 228 22.38 -3.61 53.07
CA ASN D 228 21.46 -2.49 53.28
C ASN D 228 20.13 -2.97 53.87
N ALA D 229 19.62 -4.07 53.32
CA ALA D 229 18.37 -4.66 53.80
C ALA D 229 18.53 -5.15 55.22
N ALA D 230 19.73 -5.64 55.53
CA ALA D 230 20.04 -6.11 56.89
C ALA D 230 20.02 -4.96 57.88
N VAL D 231 20.54 -3.80 57.46
CA VAL D 231 20.49 -2.60 58.28
C VAL D 231 19.05 -2.17 58.51
N GLU D 232 18.28 -2.15 57.43
CA GLU D 232 16.88 -1.77 57.47
C GLU D 232 16.10 -2.69 58.40
N LEU D 233 16.43 -3.98 58.37
CA LEU D 233 15.82 -4.94 59.28
C LEU D 233 16.22 -4.64 60.72
N ALA D 234 17.50 -4.35 60.91
CA ALA D 234 18.03 -4.02 62.23
C ALA D 234 17.38 -2.77 62.81
N GLN D 235 17.11 -1.80 61.95
CA GLN D 235 16.52 -0.54 62.39
C GLN D 235 15.06 -0.72 62.82
N LYS D 236 14.35 -1.61 62.12
CA LYS D 236 12.95 -1.89 62.43
C LYS D 236 12.82 -2.71 63.72
N LEU D 237 13.88 -3.42 64.07
CA LEU D 237 13.89 -4.29 65.25
C LEU D 237 14.63 -3.55 66.36
N ASN D 238 15.62 -2.73 65.97
CA ASN D 238 16.23 -2.09 67.13
C ASN D 238 17.52 -2.79 67.46
N LEU D 239 18.17 -3.57 66.61
CA LEU D 239 19.29 -4.40 67.01
C LEU D 239 20.51 -3.57 66.71
N GLU D 240 21.57 -3.75 67.47
CA GLU D 240 22.82 -3.09 67.14
C GLU D 240 23.25 -3.65 65.80
N TYR D 241 23.71 -2.77 64.91
CA TYR D 241 24.13 -3.20 63.60
C TYR D 241 25.40 -2.50 63.19
N LYS D 242 26.21 -3.22 62.42
CA LYS D 242 27.47 -2.69 61.93
C LYS D 242 27.81 -3.37 60.61
N ILE D 243 28.12 -2.57 59.60
CA ILE D 243 28.52 -3.12 58.32
C ILE D 243 29.98 -2.79 58.10
N LEU D 244 30.79 -3.83 57.96
CA LEU D 244 32.22 -3.68 57.76
C LEU D 244 32.51 -3.60 56.27
N GLY D 245 33.21 -2.55 55.85
CA GLY D 245 33.59 -2.38 54.45
C GLY D 245 35.00 -2.86 54.16
N VAL D 246 35.42 -2.73 52.91
CA VAL D 246 36.70 -3.27 52.46
C VAL D 246 37.89 -2.75 53.25
N LYS D 247 37.91 -1.45 53.53
CA LYS D 247 39.03 -0.84 54.21
C LYS D 247 39.24 -1.43 55.60
N GLU D 248 38.14 -1.60 56.34
CA GLU D 248 38.20 -2.24 57.66
C GLU D 248 38.49 -3.73 57.54
N LEU D 249 37.96 -4.35 56.50
CA LEU D 249 38.19 -5.77 56.30
C LEU D 249 39.65 -5.97 56.01
N GLU D 250 40.26 -5.01 55.32
CA GLU D 250 41.70 -5.06 55.09
C GLU D 250 42.43 -4.86 56.40
N GLU D 251 41.96 -3.96 57.25
CA GLU D 251 42.76 -3.86 58.47
C GLU D 251 42.46 -5.00 59.46
N LEU D 252 41.39 -5.76 59.28
CA LEU D 252 41.24 -6.99 60.07
C LEU D 252 41.94 -8.20 59.42
N LYS D 253 42.59 -7.95 58.28
CA LYS D 253 43.42 -8.93 57.59
C LYS D 253 42.64 -10.17 57.14
N MET D 254 41.38 -9.98 56.76
CA MET D 254 40.51 -11.06 56.35
C MET D 254 40.74 -11.42 54.88
N GLY D 255 41.92 -11.98 54.61
CA GLY D 255 42.37 -12.21 53.24
C GLY D 255 41.60 -13.28 52.48
N ALA D 256 41.12 -14.30 53.18
CA ALA D 256 40.36 -15.37 52.53
C ALA D 256 39.04 -14.82 52.02
N TYR D 257 38.33 -14.13 52.90
CA TYR D 257 37.05 -13.52 52.54
C TYR D 257 37.24 -12.48 51.44
N LEU D 258 38.24 -11.63 51.58
CA LEU D 258 38.48 -10.56 50.61
C LEU D 258 38.87 -11.07 49.23
N SER D 259 39.57 -12.19 49.19
CA SER D 259 40.01 -12.74 47.92
C SER D 259 38.79 -13.17 47.14
N VAL D 260 37.84 -13.79 47.83
CA VAL D 260 36.66 -14.34 47.17
C VAL D 260 35.87 -13.31 46.37
N GLY D 261 35.84 -12.07 46.87
CA GLY D 261 35.05 -11.04 46.23
C GLY D 261 35.76 -10.16 45.23
N LYS D 262 37.06 -10.40 45.04
CA LYS D 262 37.90 -9.55 44.17
C LYS D 262 37.33 -9.35 42.78
N GLY D 263 36.75 -10.41 42.21
CA GLY D 263 36.25 -10.37 40.85
C GLY D 263 34.86 -9.79 40.71
N SER D 264 34.31 -9.28 41.80
CA SER D 264 32.95 -8.76 41.76
C SER D 264 32.96 -7.24 41.53
N MET D 265 31.90 -6.72 40.93
CA MET D 265 31.75 -5.27 40.75
C MET D 265 31.20 -4.65 42.03
N TYR D 266 30.78 -5.52 42.95
CA TYR D 266 30.21 -5.12 44.23
C TYR D 266 31.22 -5.32 45.36
N PRO D 267 31.47 -4.24 46.12
CA PRO D 267 32.39 -4.31 47.28
C PRO D 267 31.95 -5.35 48.30
N ASN D 268 32.91 -5.99 48.96
CA ASN D 268 32.56 -6.89 50.06
C ASN D 268 31.88 -6.11 51.20
N LYS D 269 30.86 -6.73 51.79
CA LYS D 269 30.15 -6.14 52.92
C LYS D 269 29.91 -7.20 54.00
N PHE D 270 30.43 -6.94 55.20
CA PHE D 270 30.28 -7.86 56.33
C PHE D 270 29.12 -7.45 57.26
N ILE D 271 28.14 -8.33 57.41
CA ILE D 271 26.96 -8.04 58.24
C ILE D 271 27.10 -8.49 59.69
N HIS D 272 26.90 -7.56 60.62
CA HIS D 272 26.98 -7.85 62.06
C HIS D 272 25.83 -7.21 62.84
N LEU D 273 24.78 -8.00 63.08
CA LEU D 273 23.65 -7.58 63.92
C LEU D 273 23.83 -8.10 65.33
N THR D 274 23.27 -7.40 66.30
CA THR D 274 23.36 -7.82 67.70
C THR D 274 22.05 -7.62 68.45
N TYR D 275 21.61 -8.68 69.12
CA TYR D 275 20.50 -8.62 70.06
C TYR D 275 21.11 -8.67 71.45
N LYS D 276 20.74 -7.73 72.31
CA LYS D 276 21.19 -7.79 73.69
C LYS D 276 20.01 -7.73 74.64
N SER D 277 19.98 -8.64 75.62
CA SER D 277 18.88 -8.68 76.59
C SER D 277 18.99 -7.55 77.60
N LYS D 278 17.85 -7.08 78.10
CA LYS D 278 17.87 -6.02 79.11
C LYS D 278 18.25 -6.66 80.44
N GLY D 279 18.04 -7.97 80.51
CA GLY D 279 18.53 -8.81 81.59
C GLY D 279 20.04 -8.78 81.77
N ASP D 280 20.55 -9.71 82.55
CA ASP D 280 22.00 -9.89 82.64
C ASP D 280 22.30 -11.09 81.75
N VAL D 281 23.47 -11.10 81.12
CA VAL D 281 23.73 -12.03 80.03
C VAL D 281 24.38 -13.33 80.49
N LYS D 282 23.68 -14.44 80.28
CA LYS D 282 24.20 -15.73 80.71
C LYS D 282 24.58 -16.62 79.55
N LYS D 283 24.38 -16.14 78.34
CA LYS D 283 24.82 -16.85 77.15
C LYS D 283 25.12 -15.89 76.01
N LYS D 284 26.32 -15.97 75.46
CA LYS D 284 26.65 -15.20 74.27
C LYS D 284 26.71 -16.16 73.10
N ILE D 285 25.91 -15.89 72.08
CA ILE D 285 25.85 -16.79 70.93
C ILE D 285 26.13 -16.02 69.65
N ALA D 286 27.01 -16.58 68.83
CA ALA D 286 27.28 -16.03 67.50
C ALA D 286 26.72 -16.96 66.43
N LEU D 287 25.88 -16.43 65.55
CA LEU D 287 25.35 -17.19 64.43
C LEU D 287 26.00 -16.76 63.12
N VAL D 288 26.59 -17.71 62.40
CA VAL D 288 27.33 -17.41 61.16
C VAL D 288 26.64 -17.99 59.93
N GLY D 289 26.41 -17.16 58.93
CA GLY D 289 25.75 -17.58 57.71
C GLY D 289 26.56 -17.35 56.45
N LYS D 290 26.60 -18.35 55.56
CA LYS D 290 27.22 -18.19 54.25
C LYS D 290 26.50 -17.16 53.41
N GLY D 291 27.23 -16.15 52.93
CA GLY D 291 26.61 -15.07 52.19
C GLY D 291 27.17 -14.83 50.80
N ILE D 292 27.05 -15.82 49.93
CA ILE D 292 27.44 -15.66 48.54
C ILE D 292 26.21 -15.34 47.68
N THR D 293 26.07 -14.09 47.26
CA THR D 293 24.87 -13.65 46.56
C THR D 293 24.75 -14.31 45.18
N PHE D 294 25.89 -14.71 44.62
CA PHE D 294 25.88 -15.56 43.43
C PHE D 294 27.17 -16.39 43.34
N ASP D 295 27.01 -17.69 43.16
CA ASP D 295 28.17 -18.57 43.03
C ASP D 295 28.35 -19.04 41.59
N SER D 296 29.17 -18.33 40.82
CA SER D 296 29.47 -18.78 39.47
C SER D 296 30.54 -19.85 39.53
N GLY D 297 31.28 -19.85 40.63
CA GLY D 297 32.39 -20.76 40.80
C GLY D 297 33.74 -20.09 40.58
N GLY D 298 33.71 -18.88 40.01
CA GLY D 298 34.94 -18.21 39.63
C GLY D 298 35.61 -18.90 38.46
N TYR D 299 36.94 -18.87 38.42
CA TYR D 299 37.69 -19.49 37.33
C TYR D 299 37.49 -21.00 37.27
N ASN D 300 37.09 -21.58 38.41
CA ASN D 300 36.53 -22.93 38.39
C ASN D 300 35.05 -22.84 38.06
N LEU D 301 34.74 -22.29 36.89
CA LEU D 301 33.37 -21.99 36.50
C LEU D 301 32.46 -23.21 36.57
N LYS D 302 31.24 -22.99 37.05
CA LYS D 302 30.25 -24.05 37.12
C LYS D 302 29.68 -24.36 35.73
N ALA D 303 30.38 -25.22 35.00
CA ALA D 303 30.02 -25.53 33.62
C ALA D 303 29.67 -27.01 33.46
N ALA D 304 29.90 -27.79 34.51
CA ALA D 304 29.60 -29.21 34.47
C ALA D 304 28.10 -29.49 34.52
N PRO D 305 27.64 -30.54 33.82
CA PRO D 305 26.23 -30.93 33.82
C PRO D 305 25.73 -31.23 35.22
N GLY D 306 24.85 -30.39 35.76
CA GLY D 306 24.37 -30.62 37.12
C GLY D 306 24.74 -29.51 38.08
N SER D 307 25.55 -28.56 37.61
CA SER D 307 26.09 -27.51 38.46
C SER D 307 24.99 -26.59 39.00
N MET D 308 23.89 -26.53 38.24
CA MET D 308 22.71 -25.75 38.60
C MET D 308 23.02 -24.27 38.84
N ILE D 309 23.69 -23.66 37.86
CA ILE D 309 24.16 -22.28 37.96
C ILE D 309 23.00 -21.28 37.90
N ASP D 310 21.87 -21.73 37.37
CA ASP D 310 20.69 -20.87 37.27
C ASP D 310 20.05 -20.73 38.64
N LEU D 311 20.53 -21.55 39.57
CA LEU D 311 19.95 -21.64 40.88
C LEU D 311 20.82 -20.92 41.91
N MET D 312 22.00 -20.46 41.47
CA MET D 312 23.06 -20.05 42.40
C MET D 312 22.96 -18.67 43.08
N LYS D 313 21.82 -18.00 42.93
CA LYS D 313 21.51 -16.85 43.76
C LYS D 313 21.19 -17.35 45.18
N PHE D 314 20.92 -18.64 45.27
CA PHE D 314 20.51 -19.28 46.51
C PHE D 314 21.67 -19.47 47.48
N ASP D 315 22.87 -19.10 47.06
CA ASP D 315 24.06 -19.45 47.83
C ASP D 315 24.29 -18.50 49.01
N MET D 316 23.27 -17.70 49.31
CA MET D 316 23.30 -16.83 50.47
C MET D 316 22.19 -17.22 51.44
N SER D 317 21.69 -18.44 51.26
CA SER D 317 20.62 -19.00 52.07
C SER D 317 20.98 -19.06 53.56
N GLY D 318 22.22 -19.39 53.86
CA GLY D 318 22.70 -19.45 55.23
C GLY D 318 22.59 -18.08 55.89
N CYS D 319 23.05 -17.06 55.18
CA CYS D 319 22.95 -15.67 55.66
C CYS D 319 21.49 -15.29 55.87
N ALA D 320 20.65 -15.68 54.91
CA ALA D 320 19.22 -15.39 54.96
C ALA D 320 18.59 -16.06 56.17
N ALA D 321 19.03 -17.28 56.46
CA ALA D 321 18.55 -18.03 57.61
C ALA D 321 18.90 -17.27 58.90
N VAL D 322 20.06 -16.65 58.92
CA VAL D 322 20.52 -15.91 60.08
C VAL D 322 19.68 -14.63 60.24
N LEU D 323 19.38 -13.94 59.14
CA LEU D 323 18.54 -12.75 59.26
C LEU D 323 17.12 -13.14 59.63
N GLY D 324 16.66 -14.28 59.14
CA GLY D 324 15.35 -14.77 59.49
C GLY D 324 15.26 -15.02 60.99
N CYS D 325 16.33 -15.57 61.55
CA CYS D 325 16.41 -15.78 62.97
C CYS D 325 16.41 -14.45 63.72
N ALA D 326 17.10 -13.45 63.15
CA ALA D 326 17.18 -12.12 63.72
C ALA D 326 15.80 -11.48 63.87
N TYR D 327 14.93 -11.68 62.89
CA TYR D 327 13.57 -11.16 62.97
C TYR D 327 12.85 -11.79 64.16
N CYS D 328 12.91 -13.12 64.23
CA CYS D 328 12.24 -13.87 65.28
C CYS D 328 12.76 -13.50 66.66
N VAL D 329 14.08 -13.46 66.81
CA VAL D 329 14.69 -13.12 68.10
C VAL D 329 14.38 -11.67 68.48
N GLY D 330 14.50 -10.76 67.52
CA GLY D 330 14.21 -9.36 67.77
C GLY D 330 12.75 -9.08 68.08
N THR D 331 11.87 -9.99 67.65
CA THR D 331 10.43 -9.83 67.83
C THR D 331 9.97 -10.50 69.13
N LEU D 332 10.45 -11.72 69.36
CA LEU D 332 10.04 -12.49 70.53
C LEU D 332 10.80 -12.03 71.77
N LYS D 333 11.96 -11.41 71.53
CA LYS D 333 12.80 -10.79 72.56
C LYS D 333 13.06 -11.68 73.78
N PRO D 334 13.84 -12.74 73.60
CA PRO D 334 14.19 -13.67 74.69
C PRO D 334 15.05 -13.00 75.76
N GLU D 335 15.10 -13.61 76.93
CA GLU D 335 15.79 -12.97 78.05
C GLU D 335 17.17 -13.57 78.27
N ASN D 336 18.01 -12.83 78.98
CA ASN D 336 19.25 -13.41 79.45
C ASN D 336 20.21 -13.83 78.33
N VAL D 337 20.10 -13.22 77.16
CA VAL D 337 20.85 -13.73 76.04
C VAL D 337 21.47 -12.59 75.21
N GLU D 338 22.66 -12.82 74.69
CA GLU D 338 23.28 -11.90 73.75
C GLU D 338 23.62 -12.65 72.46
N ILE D 339 23.03 -12.21 71.36
CA ILE D 339 23.18 -12.93 70.10
C ILE D 339 23.85 -12.08 69.05
N HIS D 340 24.88 -12.61 68.42
CA HIS D 340 25.52 -11.94 67.29
C HIS D 340 25.19 -12.66 66.00
N PHE D 341 24.60 -11.92 65.06
CA PHE D 341 24.24 -12.47 63.76
C PHE D 341 25.25 -12.03 62.70
N LEU D 342 26.05 -12.99 62.21
CA LEU D 342 27.18 -12.67 61.34
C LEU D 342 27.09 -13.26 59.93
N SER D 343 27.56 -12.50 58.96
CA SER D 343 27.72 -13.00 57.60
C SER D 343 28.74 -12.21 56.80
N ALA D 344 29.75 -12.92 56.29
CA ALA D 344 30.73 -12.34 55.38
C ALA D 344 30.17 -12.42 53.97
N VAL D 345 29.54 -11.34 53.53
CA VAL D 345 28.82 -11.35 52.27
C VAL D 345 29.69 -10.89 51.09
N CYS D 346 29.62 -11.65 50.00
CA CYS D 346 30.28 -11.29 48.76
C CYS D 346 29.69 -12.06 47.57
N GLU D 347 30.29 -11.85 46.40
CA GLU D 347 29.85 -12.47 45.16
C GLU D 347 31.04 -13.17 44.50
N ASN D 348 30.82 -14.40 44.06
CA ASN D 348 31.88 -15.19 43.44
C ASN D 348 31.83 -15.14 41.91
N MET D 349 32.66 -14.30 41.30
CA MET D 349 32.54 -14.02 39.86
C MET D 349 33.82 -14.24 39.06
N VAL D 350 33.68 -14.17 37.74
CA VAL D 350 34.80 -14.31 36.81
C VAL D 350 35.21 -12.96 36.24
N SER D 351 36.49 -12.64 36.37
CA SER D 351 37.01 -11.33 36.00
C SER D 351 38.53 -11.34 35.88
N LYS D 352 39.10 -10.24 35.39
CA LYS D 352 40.54 -10.07 35.43
C LYS D 352 40.98 -9.90 36.88
N ASN D 353 40.06 -9.47 37.73
CA ASN D 353 40.39 -9.18 39.11
C ASN D 353 40.15 -10.37 40.02
N SER D 354 39.62 -11.45 39.45
CA SER D 354 39.28 -12.64 40.23
C SER D 354 40.51 -13.33 40.82
N TYR D 355 40.31 -14.09 41.89
CA TYR D 355 41.36 -14.90 42.46
C TYR D 355 41.47 -16.21 41.69
N ARG D 356 42.65 -16.82 41.72
CA ARG D 356 42.94 -17.97 40.87
C ARG D 356 43.11 -19.27 41.61
N PRO D 357 42.81 -20.39 40.92
CA PRO D 357 43.19 -21.70 41.44
C PRO D 357 44.70 -21.75 41.65
N GLY D 358 45.12 -22.14 42.84
CA GLY D 358 46.53 -22.20 43.15
C GLY D 358 46.96 -21.04 44.01
N ASP D 359 46.17 -19.96 44.00
CA ASP D 359 46.51 -18.80 44.81
C ASP D 359 46.61 -19.19 46.28
N ILE D 360 47.62 -18.65 46.95
CA ILE D 360 47.74 -18.85 48.38
C ILE D 360 47.35 -17.55 49.06
N ILE D 361 46.36 -17.65 49.92
CA ILE D 361 45.80 -16.48 50.59
C ILE D 361 45.93 -16.63 52.09
N THR D 362 45.89 -15.51 52.80
CA THR D 362 46.12 -15.53 54.24
C THR D 362 44.89 -15.10 55.02
N ALA D 363 44.39 -16.00 55.85
CA ALA D 363 43.23 -15.68 56.66
C ALA D 363 43.63 -14.74 57.79
N SER D 364 42.63 -14.24 58.51
CA SER D 364 42.84 -13.25 59.55
C SER D 364 43.50 -13.81 60.80
N ASN D 365 43.65 -15.12 60.89
CA ASN D 365 44.33 -15.73 62.04
C ASN D 365 45.78 -16.09 61.73
N GLY D 366 46.23 -15.69 60.55
CA GLY D 366 47.62 -15.89 60.17
C GLY D 366 47.87 -17.14 59.34
N LYS D 367 46.88 -18.04 59.26
CA LYS D 367 47.04 -19.28 58.52
C LYS D 367 47.06 -19.04 57.03
N THR D 368 48.05 -19.62 56.36
CA THR D 368 48.11 -19.52 54.90
C THR D 368 47.33 -20.67 54.28
N ILE D 369 46.57 -20.36 53.24
CA ILE D 369 45.68 -21.33 52.61
C ILE D 369 45.94 -21.45 51.12
N GLU D 370 46.15 -22.68 50.64
CA GLU D 370 46.30 -22.91 49.20
C GLU D 370 44.98 -23.25 48.53
N VAL D 371 44.51 -22.36 47.65
CA VAL D 371 43.26 -22.56 46.93
C VAL D 371 43.42 -23.55 45.79
N GLY D 372 42.64 -24.63 45.81
CA GLY D 372 42.71 -25.64 44.76
C GLY D 372 41.53 -25.60 43.81
N ASN D 373 40.45 -24.96 44.27
CA ASN D 373 39.24 -24.81 43.49
C ASN D 373 38.50 -23.57 43.96
N THR D 374 38.31 -22.63 43.04
CA THR D 374 37.68 -21.37 43.40
C THR D 374 36.17 -21.50 43.68
N ASP D 375 35.57 -22.63 43.31
CA ASP D 375 34.16 -22.88 43.60
C ASP D 375 33.96 -23.37 45.03
N ALA D 376 35.06 -23.58 45.73
CA ALA D 376 34.97 -23.88 47.15
C ALA D 376 35.14 -22.56 47.90
N GLU D 377 34.33 -21.58 47.53
CA GLU D 377 34.50 -20.21 47.98
C GLU D 377 33.88 -19.95 49.35
N GLY D 378 32.85 -20.74 49.68
CA GLY D 378 32.11 -20.53 50.91
C GLY D 378 32.92 -20.74 52.17
N ARG D 379 33.71 -21.80 52.20
CA ARG D 379 34.51 -22.12 53.38
C ARG D 379 35.61 -21.09 53.61
N LEU D 380 36.03 -20.41 52.54
CA LEU D 380 37.06 -19.40 52.64
C LEU D 380 36.51 -18.16 53.35
N THR D 381 35.29 -17.78 53.01
CA THR D 381 34.66 -16.63 53.63
C THR D 381 34.24 -16.97 55.05
N LEU D 382 33.77 -18.21 55.26
CA LEU D 382 33.34 -18.64 56.58
C LEU D 382 34.52 -18.68 57.53
N ALA D 383 35.68 -19.00 56.99
CA ALA D 383 36.90 -19.06 57.77
C ALA D 383 37.13 -17.72 58.47
N ASP D 384 37.02 -16.64 57.71
CA ASP D 384 37.23 -15.32 58.28
C ASP D 384 36.10 -14.90 59.23
N ALA D 385 34.88 -15.35 58.94
CA ALA D 385 33.74 -15.04 59.80
C ALA D 385 33.87 -15.73 61.15
N LEU D 386 34.40 -16.95 61.12
CA LEU D 386 34.61 -17.75 62.33
C LEU D 386 35.72 -17.18 63.21
N VAL D 387 36.77 -16.66 62.57
CA VAL D 387 37.83 -15.97 63.30
C VAL D 387 37.26 -14.71 63.95
N TYR D 388 36.45 -13.98 63.18
CA TYR D 388 35.77 -12.79 63.67
C TYR D 388 34.85 -13.14 64.83
N ALA D 389 34.11 -14.23 64.69
CA ALA D 389 33.16 -14.67 65.71
C ALA D 389 33.82 -15.06 67.04
N GLU D 390 34.92 -15.82 66.98
CA GLU D 390 35.54 -16.32 68.20
C GLU D 390 36.21 -15.21 69.02
N LYS D 391 36.69 -14.16 68.35
CA LYS D 391 37.28 -13.05 69.08
C LYS D 391 36.23 -12.26 69.85
N LEU D 392 34.96 -12.48 69.52
CA LEU D 392 33.86 -11.81 70.21
C LEU D 392 33.66 -12.36 71.62
N GLY D 393 34.22 -13.54 71.89
CA GLY D 393 34.11 -14.17 73.19
C GLY D 393 32.73 -14.72 73.47
N VAL D 394 32.29 -15.66 72.64
CA VAL D 394 30.95 -16.20 72.74
C VAL D 394 30.97 -17.62 73.31
N ASP D 395 29.80 -18.10 73.71
CA ASP D 395 29.72 -19.44 74.29
C ASP D 395 29.52 -20.48 73.19
N TYR D 396 28.69 -20.13 72.20
CA TYR D 396 28.40 -21.00 71.07
C TYR D 396 28.55 -20.26 69.74
N ILE D 397 29.21 -20.91 68.79
CA ILE D 397 29.25 -20.43 67.42
C ILE D 397 28.55 -21.47 66.55
N VAL D 398 27.48 -21.07 65.89
CA VAL D 398 26.79 -21.96 64.99
C VAL D 398 26.80 -21.37 63.58
N ASP D 399 27.39 -22.09 62.64
CA ASP D 399 27.35 -21.64 61.26
C ASP D 399 26.36 -22.49 60.46
N ILE D 400 25.72 -21.86 59.48
CA ILE D 400 24.76 -22.55 58.61
C ILE D 400 25.03 -22.14 57.15
N ALA D 401 25.18 -23.12 56.27
CA ALA D 401 25.71 -22.83 54.94
C ALA D 401 25.31 -23.84 53.86
N THR D 402 25.04 -23.34 52.66
CA THR D 402 24.88 -24.17 51.49
C THR D 402 26.26 -24.48 50.94
N LEU D 403 26.98 -25.36 51.64
CA LEU D 403 28.40 -25.50 51.44
C LEU D 403 28.75 -26.55 50.38
N THR D 404 28.16 -27.73 50.49
CA THR D 404 28.55 -28.83 49.60
C THR D 404 27.37 -29.48 48.89
N GLY D 405 27.47 -29.61 47.57
CA GLY D 405 26.45 -30.28 46.79
C GLY D 405 26.39 -31.76 47.11
N ALA D 406 27.45 -32.28 47.74
CA ALA D 406 27.53 -33.68 48.12
C ALA D 406 26.43 -34.12 49.09
N MET D 407 25.85 -33.16 49.82
CA MET D 407 24.79 -33.44 50.78
C MET D 407 23.59 -34.09 50.08
N LEU D 408 23.43 -33.76 48.80
CA LEU D 408 22.38 -34.35 47.97
C LEU D 408 22.58 -35.85 47.80
N TYR D 409 23.83 -36.29 47.85
CA TYR D 409 24.15 -37.71 47.70
C TYR D 409 24.07 -38.44 49.04
N SER D 410 24.24 -37.69 50.13
CA SER D 410 24.25 -38.29 51.47
C SER D 410 22.89 -38.28 52.18
N LEU D 411 22.35 -37.09 52.41
CA LEU D 411 21.10 -36.95 53.17
C LEU D 411 19.93 -36.51 52.29
N GLY D 412 20.23 -35.94 51.14
CA GLY D 412 19.20 -35.56 50.19
C GLY D 412 18.64 -34.17 50.37
N THR D 413 17.37 -34.02 50.03
CA THR D 413 16.75 -32.69 49.95
C THR D 413 15.90 -32.37 51.16
N SER D 414 15.77 -33.32 52.08
CA SER D 414 14.92 -33.13 53.25
C SER D 414 15.69 -32.92 54.54
N TYR D 415 16.77 -33.66 54.75
CA TYR D 415 17.55 -33.54 55.98
C TYR D 415 18.87 -32.81 55.77
N ALA D 416 19.15 -31.84 56.63
CA ALA D 416 20.45 -31.18 56.63
C ALA D 416 21.38 -31.93 57.58
N GLY D 417 22.69 -31.80 57.37
CA GLY D 417 23.68 -32.45 58.22
C GLY D 417 24.30 -31.48 59.20
N VAL D 418 24.59 -31.94 60.42
CA VAL D 418 25.28 -31.09 61.37
C VAL D 418 26.60 -31.70 61.82
N PHE D 419 27.65 -30.88 61.78
CA PHE D 419 28.98 -31.26 62.22
C PHE D 419 29.36 -30.36 63.38
N GLY D 420 30.37 -30.75 64.15
CA GLY D 420 30.80 -29.93 65.26
C GLY D 420 32.00 -30.48 65.99
N ASN D 421 32.53 -29.70 66.93
CA ASN D 421 33.67 -30.10 67.74
C ASN D 421 33.28 -30.35 69.19
N ASN D 422 31.98 -30.26 69.47
CA ASN D 422 31.45 -30.30 70.82
C ASN D 422 30.10 -31.00 70.81
N GLU D 423 30.00 -32.11 71.53
CA GLU D 423 28.81 -32.96 71.46
C GLU D 423 27.56 -32.32 72.05
N GLU D 424 27.74 -31.50 73.09
CA GLU D 424 26.60 -30.86 73.74
C GLU D 424 25.93 -29.87 72.80
N LEU D 425 26.73 -29.08 72.10
CA LEU D 425 26.20 -28.10 71.17
C LEU D 425 25.49 -28.80 70.03
N ILE D 426 26.09 -29.89 69.54
CA ILE D 426 25.47 -30.72 68.51
C ILE D 426 24.13 -31.26 69.01
N ASN D 427 24.11 -31.72 70.26
CA ASN D 427 22.89 -32.23 70.86
C ASN D 427 21.81 -31.17 70.98
N LYS D 428 22.20 -29.95 71.32
CA LYS D 428 21.24 -28.85 71.42
C LYS D 428 20.60 -28.52 70.07
N ILE D 429 21.41 -28.57 69.02
CA ILE D 429 20.91 -28.35 67.66
C ILE D 429 19.94 -29.46 67.24
N LEU D 430 20.28 -30.71 67.58
CA LEU D 430 19.41 -31.83 67.24
C LEU D 430 18.06 -31.67 67.94
N GLN D 431 18.11 -31.23 69.19
CA GLN D 431 16.91 -30.94 69.97
C GLN D 431 16.13 -29.81 69.31
N SER D 432 16.86 -28.82 68.81
CA SER D 432 16.25 -27.70 68.12
C SER D 432 15.62 -28.18 66.81
N SER D 433 16.24 -29.18 66.18
CA SER D 433 15.69 -29.77 64.96
C SER D 433 14.43 -30.52 65.35
N LYS D 434 14.44 -31.06 66.56
CA LYS D 434 13.25 -31.84 66.87
C LYS D 434 12.08 -30.95 67.32
N THR D 435 12.26 -29.79 67.94
CA THR D 435 11.10 -28.96 68.28
C THR D 435 10.68 -27.95 67.21
N SER D 436 11.59 -27.64 66.29
CA SER D 436 11.27 -26.73 65.19
C SER D 436 10.74 -27.49 63.98
N ASN D 437 10.95 -28.81 64.00
CA ASN D 437 10.59 -29.71 62.90
C ASN D 437 11.29 -29.38 61.58
N GLU D 438 12.48 -28.83 61.67
CA GLU D 438 13.35 -28.74 60.51
C GLU D 438 14.43 -29.78 60.71
N PRO D 439 14.29 -30.92 60.01
CA PRO D 439 15.08 -32.14 60.22
C PRO D 439 16.57 -31.98 59.96
N VAL D 440 17.35 -32.44 60.92
CA VAL D 440 18.80 -32.39 60.86
C VAL D 440 19.37 -33.74 61.31
N TRP D 441 20.43 -34.20 60.65
CA TRP D 441 21.07 -35.43 61.05
C TRP D 441 22.53 -35.18 61.37
N TRP D 442 23.00 -35.81 62.45
CA TRP D 442 24.36 -35.62 62.90
C TRP D 442 25.30 -36.45 62.02
N LEU D 443 26.27 -35.77 61.41
CA LEU D 443 27.28 -36.42 60.59
C LEU D 443 28.67 -36.23 61.20
N PRO D 444 29.58 -37.17 60.94
CA PRO D 444 30.87 -37.18 61.64
C PRO D 444 31.93 -36.31 60.99
N ILE D 445 32.77 -35.70 61.83
CA ILE D 445 34.00 -35.10 61.36
C ILE D 445 35.09 -36.13 61.58
N ILE D 446 35.48 -36.81 60.50
CA ILE D 446 36.41 -37.91 60.61
C ILE D 446 37.84 -37.37 60.54
N ASN D 447 38.50 -37.37 61.70
CA ASN D 447 39.81 -36.76 61.84
C ASN D 447 40.87 -37.40 60.95
N GLU D 448 40.65 -38.65 60.55
CA GLU D 448 41.62 -39.37 59.73
C GLU D 448 41.79 -38.71 58.36
N TYR D 449 40.79 -37.94 57.94
CA TYR D 449 40.84 -37.29 56.64
C TYR D 449 41.60 -35.96 56.73
N ARG D 450 41.96 -35.54 57.94
CA ARG D 450 42.60 -34.25 58.15
C ARG D 450 43.91 -34.12 57.36
N ALA D 451 44.62 -35.22 57.20
CA ALA D 451 45.90 -35.20 56.49
C ALA D 451 45.76 -34.80 55.02
N THR D 452 44.56 -34.96 54.46
CA THR D 452 44.34 -34.63 53.05
C THR D 452 44.33 -33.12 52.82
N LEU D 453 44.33 -32.34 53.89
CA LEU D 453 44.36 -30.90 53.80
C LEU D 453 45.77 -30.34 54.02
N ASN D 454 46.74 -31.22 54.22
CA ASN D 454 48.13 -30.81 54.39
C ASN D 454 48.76 -30.34 53.08
N SER D 455 48.96 -29.03 52.96
CA SER D 455 49.54 -28.46 51.75
C SER D 455 51.06 -28.57 51.77
N LYS D 456 51.64 -28.67 50.58
CA LYS D 456 53.10 -28.77 50.43
C LYS D 456 53.75 -27.43 50.72
N TYR D 457 53.03 -26.35 50.43
CA TYR D 457 53.60 -25.02 50.55
C TYR D 457 52.89 -24.14 51.57
N ALA D 458 51.56 -24.22 51.61
CA ALA D 458 50.78 -23.42 52.56
C ALA D 458 50.51 -24.19 53.87
N ASP D 459 49.94 -23.49 54.86
CA ASP D 459 49.57 -24.10 56.14
C ASP D 459 48.51 -25.18 56.00
N ILE D 460 47.59 -24.99 55.07
CA ILE D 460 46.49 -25.92 54.90
C ILE D 460 45.91 -25.85 53.48
N ASN D 461 45.39 -26.95 52.98
CA ASN D 461 44.69 -26.94 51.71
C ASN D 461 43.24 -26.46 51.88
N GLN D 462 42.70 -25.84 50.85
CA GLN D 462 41.29 -25.42 50.82
C GLN D 462 40.40 -26.64 50.62
N ILE D 463 40.79 -27.49 49.67
CA ILE D 463 40.06 -28.73 49.40
C ILE D 463 41.00 -29.91 49.33
N SER D 464 40.42 -31.11 49.33
CA SER D 464 41.19 -32.31 49.06
C SER D 464 41.24 -32.53 47.55
N SER D 465 42.08 -33.45 47.14
CA SER D 465 42.33 -33.91 45.78
C SER D 465 41.55 -35.20 45.59
N SER D 466 41.62 -35.91 46.71
CA SER D 466 41.37 -37.32 46.98
C SER D 466 39.94 -37.59 47.36
N VAL D 467 39.87 -37.42 48.67
CA VAL D 467 38.84 -37.94 49.52
C VAL D 467 37.51 -37.30 49.23
N LYS D 468 36.84 -37.78 48.19
CA LYS D 468 35.40 -37.67 48.14
C LYS D 468 34.96 -38.03 49.55
N ALA D 469 34.17 -37.12 50.12
CA ALA D 469 33.57 -37.10 51.46
C ALA D 469 33.75 -35.65 51.79
N SER D 470 33.44 -34.83 50.78
CA SER D 470 33.79 -33.42 50.76
C SER D 470 33.13 -32.67 51.88
N SER D 471 31.96 -33.13 52.30
CA SER D 471 31.22 -32.48 53.36
C SER D 471 31.99 -32.57 54.67
N ILE D 472 32.67 -33.68 54.90
CA ILE D 472 33.45 -33.84 56.11
C ILE D 472 34.74 -33.04 56.01
N VAL D 473 35.35 -33.08 54.84
CA VAL D 473 36.58 -32.36 54.56
C VAL D 473 36.39 -30.85 54.70
N ALA D 474 35.23 -30.36 54.26
CA ALA D 474 34.91 -28.94 54.39
C ALA D 474 34.80 -28.56 55.86
N SER D 475 34.26 -29.48 56.65
CA SER D 475 34.13 -29.30 58.08
C SER D 475 35.49 -29.34 58.77
N LEU D 476 36.37 -30.20 58.27
CA LEU D 476 37.74 -30.29 58.78
C LEU D 476 38.46 -28.97 58.54
N PHE D 477 38.21 -28.37 57.38
CA PHE D 477 38.74 -27.04 57.06
C PHE D 477 38.26 -26.02 58.07
N LEU D 478 36.94 -25.94 58.26
CA LEU D 478 36.34 -24.96 59.15
C LEU D 478 36.82 -25.11 60.59
N LYS D 479 36.99 -26.36 61.03
CA LYS D 479 37.43 -26.64 62.38
C LYS D 479 38.77 -25.96 62.70
N GLU D 480 39.57 -25.75 61.66
CA GLU D 480 40.88 -25.12 61.79
C GLU D 480 40.79 -23.63 62.10
N PHE D 481 39.59 -23.05 61.99
CA PHE D 481 39.42 -21.62 62.22
C PHE D 481 38.59 -21.31 63.45
N VAL D 482 38.39 -22.33 64.28
CA VAL D 482 37.80 -22.16 65.59
C VAL D 482 38.76 -22.79 66.55
N GLN D 483 39.40 -21.97 67.38
CA GLN D 483 40.50 -22.44 68.22
C GLN D 483 40.06 -23.05 69.54
N ASN D 484 39.24 -22.34 70.31
CA ASN D 484 38.90 -22.81 71.64
C ASN D 484 37.45 -22.49 72.05
N THR D 485 36.52 -22.72 71.12
CA THR D 485 35.11 -22.49 71.38
C THR D 485 34.23 -23.60 70.81
N ALA D 486 33.18 -23.96 71.56
CA ALA D 486 32.20 -24.92 71.07
C ALA D 486 31.56 -24.40 69.78
N TRP D 487 31.62 -25.21 68.73
CA TRP D 487 31.20 -24.78 67.40
C TRP D 487 30.47 -25.88 66.64
N ALA D 488 29.44 -25.50 65.90
CA ALA D 488 28.69 -26.46 65.08
C ALA D 488 28.45 -25.92 63.67
N HIS D 489 28.40 -26.83 62.70
CA HIS D 489 28.29 -26.50 61.29
C HIS D 489 27.18 -27.26 60.60
N ILE D 490 26.21 -26.54 60.06
CA ILE D 490 25.08 -27.16 59.37
C ILE D 490 25.08 -26.95 57.85
N ASP D 491 25.24 -28.04 57.10
CA ASP D 491 25.24 -27.94 55.65
C ASP D 491 23.81 -28.06 55.13
N ILE D 492 23.27 -26.96 54.64
CA ILE D 492 21.90 -26.90 54.17
C ILE D 492 21.85 -26.84 52.67
N ALA D 493 22.92 -27.29 52.01
CA ALA D 493 23.03 -27.23 50.55
C ALA D 493 21.99 -28.10 49.86
N GLY D 494 21.63 -29.22 50.48
CA GLY D 494 20.70 -30.13 49.87
C GLY D 494 19.28 -29.74 50.18
N VAL D 495 19.07 -29.07 51.31
CA VAL D 495 17.73 -28.81 51.78
C VAL D 495 17.24 -27.38 51.55
N SER D 496 18.12 -26.48 51.16
CA SER D 496 17.76 -25.08 51.07
C SER D 496 16.73 -24.82 49.98
N TRP D 497 16.91 -25.42 48.82
CA TRP D 497 16.01 -25.16 47.70
C TRP D 497 14.96 -26.25 47.54
N ASN D 498 13.71 -25.85 47.40
CA ASN D 498 12.63 -26.78 47.09
C ASN D 498 12.52 -26.95 45.59
N PHE D 499 13.13 -28.01 45.08
CA PHE D 499 13.25 -28.24 43.65
C PHE D 499 11.91 -28.50 42.98
N LYS D 500 11.04 -29.20 43.69
CA LYS D 500 9.71 -29.54 43.17
C LYS D 500 8.83 -28.28 43.01
N ALA D 501 8.84 -27.42 44.01
CA ALA D 501 8.00 -26.22 44.02
C ALA D 501 8.67 -25.02 43.35
N ARG D 502 9.93 -25.19 42.95
CA ARG D 502 10.74 -24.12 42.34
C ARG D 502 10.84 -22.87 43.22
N LYS D 503 11.05 -23.07 44.52
CA LYS D 503 11.14 -21.95 45.46
C LYS D 503 12.02 -22.30 46.65
N PRO D 504 12.46 -21.30 47.43
CA PRO D 504 13.25 -21.63 48.62
C PRO D 504 12.39 -22.23 49.72
N LYS D 505 13.01 -22.83 50.71
CA LYS D 505 12.29 -23.38 51.85
C LYS D 505 12.37 -22.43 53.05
N GLY D 506 13.36 -21.55 53.03
CA GLY D 506 13.64 -20.68 54.16
C GLY D 506 14.15 -21.52 55.32
N PHE D 507 14.81 -22.61 54.98
CA PHE D 507 15.31 -23.56 55.96
C PHE D 507 16.35 -22.96 56.91
N GLY D 508 16.20 -23.27 58.19
CA GLY D 508 17.20 -22.90 59.18
C GLY D 508 16.69 -21.85 60.14
N VAL D 509 15.76 -21.02 59.68
CA VAL D 509 15.24 -19.91 60.45
C VAL D 509 14.62 -20.38 61.77
N ARG D 510 13.74 -21.36 61.68
CA ARG D 510 13.07 -21.88 62.86
C ARG D 510 14.03 -22.72 63.70
N LEU D 511 14.94 -23.44 63.03
CA LEU D 511 15.96 -24.25 63.71
C LEU D 511 16.86 -23.42 64.62
N LEU D 512 17.41 -22.34 64.09
CA LEU D 512 18.29 -21.47 64.86
C LEU D 512 17.55 -20.73 65.98
N THR D 513 16.30 -20.35 65.72
CA THR D 513 15.52 -19.60 66.68
C THR D 513 15.19 -20.47 67.89
N GLU D 514 14.78 -21.70 67.61
CA GLU D 514 14.50 -22.64 68.68
C GLU D 514 15.76 -22.91 69.49
N PHE D 515 16.91 -22.83 68.83
CA PHE D 515 18.20 -23.04 69.50
C PHE D 515 18.52 -21.93 70.49
N VAL D 516 18.25 -20.67 70.13
CA VAL D 516 18.51 -19.54 71.02
C VAL D 516 17.41 -19.40 72.09
N LEU D 517 16.18 -19.77 71.75
CA LEU D 517 15.05 -19.58 72.67
C LEU D 517 14.97 -20.65 73.75
N ASN D 518 15.32 -21.88 73.41
CA ASN D 518 15.21 -22.99 74.36
C ASN D 518 16.52 -23.31 75.08
N ASP D 519 17.56 -22.52 74.83
CA ASP D 519 18.81 -22.65 75.56
C ASP D 519 19.01 -21.56 76.60
N SER E 2 56.91 -1.68 36.90
CA SER E 2 57.69 -2.02 38.09
C SER E 2 56.78 -2.13 39.33
N GLU E 3 55.82 -1.20 39.46
CA GLU E 3 54.89 -1.25 40.59
C GLU E 3 53.78 -2.25 40.31
N VAL E 4 53.65 -3.26 41.16
CA VAL E 4 52.65 -4.31 40.98
C VAL E 4 51.26 -3.83 41.37
N PRO E 5 50.31 -3.91 40.43
CA PRO E 5 48.94 -3.48 40.74
C PRO E 5 48.28 -4.42 41.74
N GLN E 6 47.38 -3.86 42.56
CA GLN E 6 46.65 -4.64 43.56
C GLN E 6 45.15 -4.43 43.40
N VAL E 7 44.37 -5.43 43.79
CA VAL E 7 42.92 -5.25 43.84
C VAL E 7 42.54 -4.82 45.26
N VAL E 8 43.10 -5.50 46.27
CA VAL E 8 43.00 -5.06 47.65
C VAL E 8 44.40 -4.97 48.26
N SER E 9 44.53 -4.31 49.39
CA SER E 9 45.83 -4.07 50.00
C SER E 9 46.55 -5.35 50.48
N LEU E 10 45.82 -6.45 50.62
CA LEU E 10 46.41 -7.70 51.12
C LEU E 10 47.03 -8.54 50.00
N ASP E 11 46.91 -8.05 48.76
CA ASP E 11 47.49 -8.72 47.61
C ASP E 11 49.01 -8.54 47.60
N PRO E 12 49.76 -9.64 47.43
CA PRO E 12 51.22 -9.57 47.44
C PRO E 12 51.76 -8.72 46.31
N THR E 13 52.86 -8.00 46.55
CA THR E 13 53.43 -7.14 45.52
C THR E 13 54.81 -7.60 45.07
N SER E 14 55.26 -8.75 45.56
CA SER E 14 56.53 -9.34 45.13
C SER E 14 56.59 -10.84 45.41
N ILE E 15 57.46 -11.53 44.67
CA ILE E 15 57.73 -12.94 44.94
C ILE E 15 58.81 -13.10 45.99
N PRO E 16 58.48 -13.78 47.10
CA PRO E 16 59.52 -14.08 48.10
C PRO E 16 60.53 -15.06 47.55
N ILE E 17 61.81 -14.76 47.70
CA ILE E 17 62.86 -15.63 47.18
C ILE E 17 63.89 -15.94 48.24
N GLU E 18 64.17 -17.22 48.46
CA GLU E 18 65.26 -17.60 49.33
C GLU E 18 66.52 -17.74 48.50
N TYR E 19 67.48 -16.85 48.73
CA TYR E 19 68.75 -16.90 48.01
C TYR E 19 69.78 -17.71 48.79
N ASN E 20 69.98 -17.35 50.05
CA ASN E 20 70.90 -18.09 50.91
C ASN E 20 70.21 -19.28 51.56
N THR E 21 70.37 -20.46 50.95
CA THR E 21 69.74 -21.68 51.45
C THR E 21 70.69 -22.44 52.37
N PRO E 22 70.13 -23.28 53.25
CA PRO E 22 70.92 -24.14 54.14
C PRO E 22 71.90 -25.06 53.41
N ILE E 23 71.61 -25.35 52.14
CA ILE E 23 72.49 -26.19 51.33
C ILE E 23 73.87 -25.52 51.19
N HIS E 24 73.87 -24.20 51.06
CA HIS E 24 75.10 -23.43 50.88
C HIS E 24 75.99 -23.43 52.14
N ASP E 25 75.43 -23.85 53.26
CA ASP E 25 76.16 -23.89 54.51
C ASP E 25 76.85 -25.23 54.71
N ILE E 26 76.62 -26.15 53.78
CA ILE E 26 77.17 -27.50 53.86
C ILE E 26 78.60 -27.61 53.33
N LYS E 27 79.53 -27.93 54.23
CA LYS E 27 80.90 -28.21 53.83
C LYS E 27 80.99 -29.62 53.23
N VAL E 28 81.47 -29.71 51.99
CA VAL E 28 81.54 -31.00 51.31
C VAL E 28 82.99 -31.46 51.17
N GLN E 29 83.26 -32.67 51.63
CA GLN E 29 84.58 -33.27 51.53
C GLN E 29 84.51 -34.59 50.77
N VAL E 30 85.41 -34.79 49.82
CA VAL E 30 85.45 -36.03 49.05
C VAL E 30 86.75 -36.78 49.27
N TYR E 31 86.63 -38.05 49.65
CA TYR E 31 87.78 -38.91 49.93
C TYR E 31 87.73 -40.13 49.00
N ASP E 32 88.89 -40.73 48.77
CA ASP E 32 88.98 -41.97 48.02
C ASP E 32 88.77 -43.15 48.95
N ILE E 33 88.00 -44.15 48.52
CA ILE E 33 87.72 -45.31 49.39
C ILE E 33 88.96 -46.07 49.79
N LYS E 34 89.98 -46.01 48.93
CA LYS E 34 91.22 -46.69 49.21
C LYS E 34 91.85 -45.97 50.40
N GLY E 35 92.05 -46.70 51.50
CA GLY E 35 92.58 -46.12 52.71
C GLY E 35 91.61 -46.34 53.86
N GLY E 36 90.44 -46.89 53.51
CA GLY E 36 89.46 -47.22 54.52
C GLY E 36 88.53 -46.07 54.83
N CYS E 37 87.41 -46.39 55.46
CA CYS E 37 86.42 -45.39 55.82
C CYS E 37 86.41 -45.17 57.33
N ASN E 38 86.37 -43.91 57.74
CA ASN E 38 86.17 -43.57 59.15
C ASN E 38 84.71 -43.26 59.45
N VAL E 39 84.20 -43.86 60.52
CA VAL E 39 82.80 -43.72 60.92
C VAL E 39 82.72 -43.05 62.29
N GLU E 40 83.35 -41.89 62.40
CA GLU E 40 83.24 -41.05 63.58
C GLU E 40 81.82 -40.56 63.92
N GLU E 41 81.40 -39.45 63.32
CA GLU E 41 80.09 -38.83 63.63
C GLU E 41 78.98 -39.13 62.61
N GLY E 42 77.75 -38.79 62.97
CA GLY E 42 76.64 -38.74 62.03
C GLY E 42 76.07 -40.01 61.41
N LEU E 43 75.58 -39.87 60.18
CA LEU E 43 74.98 -40.98 59.44
C LEU E 43 75.81 -41.33 58.22
N THR E 44 76.16 -42.60 58.11
CA THR E 44 76.96 -43.09 56.99
C THR E 44 76.15 -44.10 56.16
N ILE E 45 75.96 -43.78 54.89
CA ILE E 45 75.16 -44.63 54.01
C ILE E 45 76.03 -45.21 52.90
N PHE E 46 75.92 -46.52 52.71
CA PHE E 46 76.63 -47.19 51.64
C PHE E 46 75.70 -47.40 50.45
N LEU E 47 76.14 -46.99 49.26
CA LEU E 47 75.37 -47.27 48.05
C LEU E 47 75.81 -48.59 47.44
N VAL E 48 74.95 -49.60 47.59
CA VAL E 48 75.28 -50.97 47.23
C VAL E 48 74.31 -51.55 46.22
N ASN E 49 74.83 -52.37 45.31
CA ASN E 49 74.01 -53.12 44.37
C ASN E 49 74.35 -54.60 44.45
N ASN E 50 73.78 -55.39 43.55
CA ASN E 50 74.14 -56.79 43.47
C ASN E 50 73.86 -57.35 42.09
N PRO E 51 74.84 -57.20 41.18
CA PRO E 51 74.74 -57.65 39.79
C PRO E 51 74.57 -59.16 39.69
N LYS E 53 71.63 -62.02 42.31
CA LYS E 53 71.38 -60.96 41.35
C LYS E 53 70.31 -60.01 41.87
N GLU E 54 69.08 -60.15 41.38
CA GLU E 54 68.06 -59.18 41.76
C GLU E 54 67.49 -59.51 43.13
N ASN E 55 66.84 -58.52 43.74
CA ASN E 55 66.69 -58.41 45.18
C ASN E 55 67.68 -59.23 46.01
N GLY E 56 68.96 -59.15 45.65
CA GLY E 56 69.99 -59.95 46.30
C GLY E 56 70.44 -59.31 47.59
N PRO E 57 71.26 -60.03 48.35
CA PRO E 57 71.75 -59.58 49.66
C PRO E 57 72.71 -58.40 49.57
N VAL E 58 72.79 -57.61 50.65
CA VAL E 58 73.71 -56.48 50.70
C VAL E 58 75.07 -56.95 51.17
N LYS E 59 76.12 -56.48 50.50
CA LYS E 59 77.49 -56.80 50.91
C LYS E 59 78.35 -55.55 50.88
N ILE E 60 78.89 -55.17 52.05
CA ILE E 60 79.83 -54.06 52.09
C ILE E 60 81.22 -54.62 51.81
N SER E 61 82.03 -53.91 51.04
CA SER E 61 83.32 -54.43 50.65
C SER E 61 84.38 -53.35 50.81
N SER E 62 84.18 -52.51 51.82
CA SER E 62 85.05 -51.37 52.03
C SER E 62 85.52 -51.42 53.45
N LYS E 63 86.82 -51.23 53.62
CA LYS E 63 87.43 -51.26 54.93
C LYS E 63 86.85 -50.13 55.75
N VAL E 64 86.36 -50.46 56.92
CA VAL E 64 85.87 -49.45 57.83
C VAL E 64 86.82 -49.37 59.01
N ASN E 65 87.42 -48.21 59.21
CA ASN E 65 88.42 -48.04 60.26
C ASN E 65 87.76 -47.95 61.63
N ASP E 66 86.90 -48.92 61.91
CA ASP E 66 86.16 -48.98 63.15
C ASP E 66 85.70 -50.42 63.35
N LYS E 67 86.11 -51.03 64.45
CA LYS E 67 85.82 -52.44 64.69
C LYS E 67 84.34 -52.69 64.95
N GLN E 68 83.69 -51.78 65.68
CA GLN E 68 82.29 -51.97 66.05
C GLN E 68 81.37 -51.89 64.84
N VAL E 69 81.66 -50.95 63.95
CA VAL E 69 80.82 -50.76 62.77
C VAL E 69 81.15 -51.80 61.70
N SER E 70 82.34 -52.39 61.80
CA SER E 70 82.74 -53.46 60.90
C SER E 70 81.96 -54.73 61.24
N GLU E 71 81.77 -54.94 62.53
CA GLU E 71 81.01 -56.10 63.00
C GLU E 71 79.58 -55.95 62.53
N PHE E 72 79.08 -54.72 62.54
CA PHE E 72 77.75 -54.44 62.02
C PHE E 72 77.68 -54.75 60.54
N LEU E 73 78.74 -54.38 59.82
CA LEU E 73 78.76 -54.49 58.36
C LEU E 73 79.28 -55.85 57.88
N LYS E 74 79.41 -56.81 58.79
CA LYS E 74 79.87 -58.16 58.43
C LYS E 74 78.87 -58.78 57.45
N ASP E 75 79.35 -59.69 56.59
CA ASP E 75 78.47 -60.21 55.55
C ASP E 75 77.25 -60.90 56.12
N GLU E 76 77.44 -61.64 57.20
CA GLU E 76 76.36 -62.37 57.86
C GLU E 76 75.26 -61.48 58.41
N ASN E 77 75.62 -60.30 58.92
CA ASN E 77 74.62 -59.35 59.39
C ASN E 77 73.96 -58.53 58.28
N MET E 78 74.69 -58.23 57.21
CA MET E 78 74.16 -57.34 56.19
C MET E 78 73.32 -58.15 55.21
N GLU E 79 73.47 -59.46 55.32
CA GLU E 79 72.77 -60.41 54.47
C GLU E 79 71.24 -60.41 54.61
N LYS E 80 70.76 -59.93 55.75
CA LYS E 80 69.41 -59.67 56.19
C LYS E 80 68.64 -58.83 55.19
N PHE E 81 69.45 -57.95 54.60
CA PHE E 81 68.96 -56.84 53.80
C PHE E 81 69.21 -57.08 52.32
N ASN E 82 68.35 -56.51 51.47
CA ASN E 82 68.50 -56.68 50.03
C ASN E 82 68.73 -55.36 49.30
N VAL E 83 69.13 -55.46 48.03
CA VAL E 83 69.56 -54.28 47.28
C VAL E 83 68.51 -53.72 46.34
N LYS E 84 67.25 -54.11 46.52
CA LYS E 84 66.16 -53.56 45.69
C LYS E 84 66.23 -52.05 45.61
N LEU E 85 66.17 -51.53 44.39
CA LEU E 85 66.31 -50.10 44.15
C LEU E 85 65.36 -49.29 45.01
N GLY E 86 65.93 -48.48 45.89
CA GLY E 86 65.15 -47.61 46.76
C GLY E 86 65.01 -48.15 48.17
N THR E 87 65.28 -49.43 48.36
CA THR E 87 65.20 -50.04 49.68
C THR E 87 66.34 -49.51 50.56
N SER E 88 66.06 -49.29 51.83
CA SER E 88 67.08 -48.79 52.74
C SER E 88 66.82 -49.18 54.19
N LYS E 89 67.90 -49.33 54.96
CA LYS E 89 67.75 -49.56 56.39
C LYS E 89 68.88 -48.81 57.06
N HIS E 90 68.61 -48.11 58.16
CA HIS E 90 69.66 -47.49 58.93
C HIS E 90 69.50 -47.78 60.42
N PHE E 91 70.63 -48.04 61.06
CA PHE E 91 70.73 -48.39 62.47
C PHE E 91 71.61 -47.42 63.24
N TYR E 92 71.28 -47.20 64.51
CA TYR E 92 72.08 -46.37 65.40
C TYR E 92 72.90 -47.26 66.32
N MET E 93 74.17 -46.91 66.52
CA MET E 93 75.05 -47.75 67.35
C MET E 93 76.24 -46.98 67.91
N PHE E 94 76.98 -47.64 68.79
CA PHE E 94 78.20 -47.10 69.36
C PHE E 94 79.42 -47.61 68.63
N ASN E 95 80.33 -46.69 68.33
CA ASN E 95 81.56 -47.04 67.64
C ASN E 95 82.65 -47.30 68.67
N ASP E 96 83.89 -47.34 68.22
CA ASP E 96 85.02 -47.61 69.10
C ASP E 96 85.16 -46.48 70.12
N ASN E 97 84.75 -45.27 69.74
CA ASN E 97 84.84 -44.11 70.61
C ASN E 97 83.60 -43.93 71.47
N LYS E 98 82.76 -44.97 71.38
CA LYS E 98 81.35 -44.94 71.77
C LYS E 98 80.64 -43.70 71.84
N ASN E 99 80.72 -43.24 70.67
CA ASN E 99 79.98 -42.16 70.25
C ASN E 99 78.82 -42.73 69.44
N SER E 100 77.68 -42.07 69.49
CA SER E 100 76.51 -42.58 68.79
C SER E 100 76.66 -42.27 67.31
N VAL E 101 76.65 -43.33 66.51
CA VAL E 101 76.73 -43.20 65.05
C VAL E 101 75.56 -43.91 64.39
N ALA E 102 75.24 -43.48 63.18
CA ALA E 102 74.18 -44.12 62.41
C ALA E 102 74.77 -44.71 61.14
N VAL E 103 74.42 -45.96 60.86
CA VAL E 103 74.95 -46.63 59.69
C VAL E 103 73.80 -47.30 58.93
N GLY E 104 73.89 -47.30 57.61
CA GLY E 104 72.88 -47.91 56.79
C GLY E 104 73.25 -47.93 55.32
N TYR E 105 72.28 -48.27 54.49
CA TYR E 105 72.52 -48.38 53.05
C TYR E 105 71.29 -47.98 52.23
N VAL E 106 71.51 -47.73 50.93
CA VAL E 106 70.42 -47.58 49.98
C VAL E 106 70.67 -48.55 48.82
N GLY E 107 69.69 -49.40 48.56
CA GLY E 107 69.82 -50.40 47.51
C GLY E 107 69.85 -49.73 46.15
N CYS E 108 70.77 -50.17 45.30
CA CYS E 108 70.93 -49.57 43.98
C CYS E 108 70.66 -50.58 42.86
N GLY E 109 69.79 -51.53 43.17
CA GLY E 109 69.33 -52.49 42.18
C GLY E 109 70.38 -53.52 41.78
N SER E 110 70.22 -54.07 40.59
CA SER E 110 71.08 -55.17 40.14
C SER E 110 71.80 -54.83 38.86
N VAL E 111 71.68 -53.58 38.42
CA VAL E 111 72.28 -53.15 37.17
C VAL E 111 73.42 -52.18 37.46
N ALA E 112 74.64 -52.61 37.14
CA ALA E 112 75.86 -51.79 37.15
C ALA E 112 75.71 -50.30 36.82
N ASP E 113 75.23 -50.00 35.61
CA ASP E 113 75.08 -48.61 35.17
C ASP E 113 73.70 -48.01 35.48
N LEU E 114 73.68 -47.12 36.46
CA LEU E 114 72.46 -46.48 36.93
C LEU E 114 72.00 -45.34 36.02
N SER E 115 70.72 -45.32 35.69
CA SER E 115 70.16 -44.22 34.90
C SER E 115 69.86 -43.03 35.81
N GLU E 116 69.40 -41.94 35.21
CA GLU E 116 69.07 -40.73 35.97
C GLU E 116 67.85 -40.97 36.85
N ALA E 117 66.94 -41.80 36.34
CA ALA E 117 65.72 -42.15 37.07
C ALA E 117 66.06 -43.04 38.25
N ASP E 118 66.99 -43.95 38.04
CA ASP E 118 67.42 -44.85 39.10
C ASP E 118 68.07 -44.05 40.22
N MET E 119 68.94 -43.12 39.83
CA MET E 119 69.66 -42.28 40.80
C MET E 119 68.75 -41.40 41.63
N LYS E 120 67.67 -40.90 41.01
CA LYS E 120 66.70 -40.09 41.74
C LYS E 120 66.07 -40.91 42.84
N ARG E 121 65.72 -42.15 42.50
CA ARG E 121 65.10 -43.03 43.47
C ARG E 121 66.09 -43.31 44.59
N VAL E 122 67.36 -43.42 44.24
CA VAL E 122 68.40 -43.62 45.23
C VAL E 122 68.46 -42.41 46.16
N VAL E 123 68.50 -41.22 45.56
CA VAL E 123 68.56 -39.98 46.32
C VAL E 123 67.31 -39.72 47.22
N LEU E 124 66.11 -39.92 46.68
CA LEU E 124 64.88 -39.70 47.47
C LEU E 124 64.84 -40.50 48.76
N SER E 125 65.31 -41.74 48.69
CA SER E 125 65.38 -42.60 49.87
C SER E 125 66.40 -42.03 50.86
N LEU E 126 67.50 -41.51 50.32
CA LEU E 126 68.53 -40.88 51.15
C LEU E 126 67.95 -39.63 51.81
N VAL E 127 67.18 -38.87 51.05
CA VAL E 127 66.56 -37.65 51.54
C VAL E 127 65.52 -37.97 52.62
N THR E 128 64.84 -39.11 52.45
CA THR E 128 63.87 -39.56 53.44
C THR E 128 64.54 -39.84 54.79
N MET E 129 65.75 -40.42 54.80
CA MET E 129 66.45 -40.64 56.06
C MET E 129 66.97 -39.34 56.66
N LEU E 130 67.28 -38.36 55.83
CA LEU E 130 67.81 -37.10 56.35
C LEU E 130 66.70 -36.27 56.96
N HIS E 131 65.50 -36.39 56.41
CA HIS E 131 64.37 -35.61 56.91
C HIS E 131 63.82 -36.16 58.23
N ASP E 132 64.21 -37.37 58.60
CA ASP E 132 63.74 -37.95 59.85
C ASP E 132 64.84 -38.05 60.90
N ASN E 133 65.98 -37.41 60.63
CA ASN E 133 67.12 -37.46 61.55
C ASN E 133 67.72 -36.08 61.86
N LYS E 134 68.14 -35.90 63.12
CA LYS E 134 68.70 -34.65 63.61
C LYS E 134 70.22 -34.69 63.50
N LEU E 135 70.68 -35.08 62.31
CA LEU E 135 72.10 -35.24 61.99
C LEU E 135 72.93 -33.97 61.80
N SER E 136 74.23 -34.12 62.02
CA SER E 136 75.24 -33.07 61.83
C SER E 136 76.04 -33.26 60.56
N LYS E 137 76.17 -34.51 60.17
CA LYS E 137 76.96 -34.90 59.02
C LYS E 137 76.34 -36.07 58.29
N LEU E 138 76.35 -36.02 56.97
CA LEU E 138 75.97 -37.17 56.18
C LEU E 138 77.17 -37.64 55.38
N THR E 139 77.45 -38.93 55.45
CA THR E 139 78.54 -39.52 54.68
C THR E 139 78.00 -40.61 53.77
N VAL E 140 78.29 -40.49 52.48
CA VAL E 140 77.80 -41.46 51.50
C VAL E 140 78.96 -42.23 50.91
N VAL E 141 78.89 -43.55 50.96
CA VAL E 141 79.94 -44.40 50.40
C VAL E 141 79.51 -45.05 49.10
N PHE E 142 80.23 -44.72 48.03
CA PHE E 142 79.90 -45.22 46.69
C PHE E 142 80.56 -46.56 46.37
N GLU E 143 79.85 -47.66 46.60
CA GLU E 143 80.37 -48.95 46.12
C GLU E 143 79.66 -49.33 44.82
N ILE E 144 79.37 -48.31 44.01
CA ILE E 144 78.75 -48.48 42.69
C ILE E 144 79.50 -47.64 41.67
N ASN E 145 79.22 -47.87 40.39
CA ASN E 145 79.89 -47.12 39.33
C ASN E 145 79.11 -45.93 38.85
N VAL E 146 79.72 -44.75 38.99
CA VAL E 146 79.18 -43.53 38.46
C VAL E 146 80.31 -42.69 37.87
N ASP E 147 80.05 -42.11 36.70
CA ASP E 147 80.98 -41.19 36.07
C ASP E 147 80.90 -39.80 36.70
N LYS E 148 81.67 -38.86 36.14
CA LYS E 148 81.68 -37.50 36.68
C LYS E 148 80.32 -36.78 36.58
N ASN E 149 79.64 -36.90 35.44
CA ASN E 149 78.34 -36.26 35.29
C ASN E 149 77.28 -36.83 36.23
N LEU E 150 77.27 -38.14 36.38
CA LEU E 150 76.26 -38.77 37.23
C LEU E 150 76.53 -38.46 38.70
N PHE E 151 77.80 -38.32 39.08
CA PHE E 151 78.18 -37.96 40.44
C PHE E 151 77.67 -36.57 40.77
N ARG E 152 77.82 -35.65 39.83
CA ARG E 152 77.30 -34.30 40.00
C ARG E 152 75.76 -34.31 40.05
N PHE E 153 75.15 -35.12 39.20
CA PHE E 153 73.70 -35.28 39.19
C PHE E 153 73.22 -35.78 40.54
N PHE E 154 74.01 -36.66 41.14
CA PHE E 154 73.71 -37.14 42.47
C PHE E 154 73.62 -36.01 43.49
N LEU E 155 74.63 -35.15 43.53
CA LEU E 155 74.68 -34.04 44.48
C LEU E 155 73.55 -33.04 44.24
N GLU E 156 73.36 -32.67 42.98
CA GLU E 156 72.31 -31.76 42.59
C GLU E 156 70.96 -32.23 43.12
N THR E 157 70.66 -33.50 42.84
CA THR E 157 69.38 -34.09 43.20
C THR E 157 69.24 -34.15 44.72
N LEU E 158 70.34 -34.52 45.38
CA LEU E 158 70.36 -34.56 46.84
C LEU E 158 70.07 -33.17 47.40
N PHE E 159 70.79 -32.16 46.94
CA PHE E 159 70.58 -30.78 47.38
C PHE E 159 69.15 -30.32 47.13
N TYR E 160 68.65 -30.57 45.93
CA TYR E 160 67.33 -30.09 45.52
C TYR E 160 66.19 -30.72 46.32
N GLU E 161 66.24 -32.03 46.51
CA GLU E 161 65.17 -32.75 47.19
C GLU E 161 65.21 -32.52 48.70
N TYR E 162 66.41 -32.28 49.21
CA TYR E 162 66.65 -32.07 50.64
C TYR E 162 66.07 -30.74 51.09
N MET E 163 66.20 -29.75 50.22
CA MET E 163 65.73 -28.39 50.49
C MET E 163 64.20 -28.33 50.52
N THR E 164 63.66 -27.58 51.48
CA THR E 164 62.21 -27.45 51.60
C THR E 164 61.79 -25.98 51.54
N ASP E 165 60.83 -25.69 50.67
CA ASP E 165 60.34 -24.33 50.47
C ASP E 165 59.29 -23.99 51.52
N GLU E 166 59.58 -23.01 52.36
CA GLU E 166 58.68 -22.66 53.46
C GLU E 166 58.25 -21.20 53.40
N ARG E 167 58.42 -20.59 52.24
CA ARG E 167 58.12 -19.18 52.03
C ARG E 167 56.66 -18.84 52.30
N PHE E 168 55.76 -19.78 52.02
CA PHE E 168 54.33 -19.51 52.11
C PHE E 168 53.72 -20.20 53.33
N LYS E 169 54.61 -20.71 54.18
CA LYS E 169 54.26 -21.25 55.48
C LYS E 169 54.25 -20.15 56.54
N SER E 170 53.53 -20.38 57.64
CA SER E 170 53.50 -19.42 58.74
C SER E 170 54.00 -20.07 60.02
N GLU E 178 66.70 -28.06 61.05
CA GLU E 178 68.01 -28.59 61.43
C GLU E 178 68.67 -29.35 60.26
N TYR E 179 69.29 -28.61 59.35
CA TYR E 179 69.96 -29.18 58.19
C TYR E 179 71.39 -29.61 58.53
N ILE E 180 71.87 -30.66 57.87
CA ILE E 180 73.25 -31.08 58.05
C ILE E 180 74.20 -29.96 57.67
N LYS E 181 75.37 -29.94 58.30
CA LYS E 181 76.35 -28.89 58.05
C LYS E 181 77.56 -29.44 57.31
N HIS E 182 77.66 -30.76 57.27
CA HIS E 182 78.79 -31.41 56.62
C HIS E 182 78.34 -32.56 55.74
N LEU E 183 78.96 -32.70 54.56
CA LEU E 183 78.69 -33.83 53.68
C LEU E 183 79.99 -34.54 53.29
N GLY E 184 80.09 -35.81 53.66
CA GLY E 184 81.25 -36.60 53.30
C GLY E 184 80.93 -37.58 52.18
N VAL E 185 81.86 -37.74 51.25
CA VAL E 185 81.68 -38.66 50.13
C VAL E 185 82.89 -39.56 49.95
N TYR E 186 82.65 -40.88 49.95
CA TYR E 186 83.70 -41.83 49.62
C TYR E 186 83.49 -42.43 48.23
N ILE E 187 84.48 -42.26 47.36
CA ILE E 187 84.39 -42.74 45.99
C ILE E 187 85.78 -43.06 45.43
N ASN E 188 85.81 -43.88 44.39
CA ASN E 188 87.06 -44.21 43.73
C ASN E 188 87.01 -42.99 42.79
N ASN E 189 88.18 -42.63 42.24
CA ASN E 189 88.78 -41.40 41.68
C ASN E 189 88.03 -40.16 42.11
N ALA E 190 88.50 -40.04 43.33
CA ALA E 190 88.17 -38.98 44.25
C ALA E 190 88.72 -37.67 43.73
N ASP E 191 90.01 -37.64 43.40
CA ASP E 191 90.62 -36.38 42.92
C ASP E 191 89.99 -35.91 41.61
N THR E 192 89.44 -36.84 40.84
CA THR E 192 88.78 -36.49 39.60
C THR E 192 87.35 -35.98 39.83
N TYR E 193 86.76 -36.34 40.97
CA TYR E 193 85.37 -35.97 41.24
C TYR E 193 85.23 -34.66 42.01
N LYS E 194 86.33 -34.23 42.63
CA LYS E 194 86.30 -33.07 43.53
C LYS E 194 85.82 -31.81 42.82
N GLU E 195 86.13 -31.69 41.55
CA GLU E 195 85.74 -30.51 40.77
C GLU E 195 84.24 -30.42 40.51
N GLU E 196 83.53 -31.56 40.57
CA GLU E 196 82.10 -31.58 40.26
C GLU E 196 81.26 -31.06 41.43
N VAL E 197 81.87 -30.97 42.61
CA VAL E 197 81.14 -30.60 43.82
C VAL E 197 80.55 -29.19 43.74
N GLU E 198 81.40 -28.20 43.49
CA GLU E 198 80.95 -26.81 43.50
C GLU E 198 80.10 -26.49 42.27
N LYS E 199 80.29 -27.23 41.19
CA LYS E 199 79.43 -27.07 40.02
C LYS E 199 78.02 -27.54 40.34
N ALA E 200 77.94 -28.61 41.13
CA ALA E 200 76.65 -29.13 41.56
C ALA E 200 75.92 -28.11 42.42
N ARG E 201 76.66 -27.45 43.30
CA ARG E 201 76.05 -26.49 44.21
C ARG E 201 75.42 -25.35 43.41
N VAL E 202 76.09 -24.94 42.33
CA VAL E 202 75.58 -23.91 41.43
C VAL E 202 74.38 -24.39 40.64
N TYR E 203 74.51 -25.57 40.02
CA TYR E 203 73.40 -26.15 39.25
C TYR E 203 72.18 -26.37 40.12
N TYR E 204 72.38 -26.80 41.35
CA TYR E 204 71.27 -26.96 42.28
C TYR E 204 70.47 -25.69 42.45
N PHE E 205 71.14 -24.57 42.75
CA PHE E 205 70.38 -23.36 43.06
C PHE E 205 69.68 -22.82 41.83
N GLY E 206 70.33 -22.89 40.67
CA GLY E 206 69.70 -22.47 39.43
C GLY E 206 68.38 -23.18 39.22
N THR E 207 68.37 -24.48 39.48
CA THR E 207 67.17 -25.30 39.40
C THR E 207 66.18 -24.92 40.50
N TYR E 208 66.69 -24.77 41.71
CA TYR E 208 65.84 -24.45 42.86
C TYR E 208 65.31 -23.03 42.76
N TYR E 209 66.11 -22.13 42.19
CA TYR E 209 65.65 -20.78 41.96
C TYR E 209 64.46 -20.79 41.00
N ALA E 210 64.62 -21.53 39.89
CA ALA E 210 63.56 -21.68 38.90
C ALA E 210 62.31 -22.31 39.48
N SER E 211 62.53 -23.35 40.30
CA SER E 211 61.47 -24.05 41.02
C SER E 211 60.63 -23.10 41.86
N GLN E 212 61.31 -22.17 42.54
CA GLN E 212 60.66 -21.21 43.41
C GLN E 212 59.70 -20.32 42.63
N LEU E 213 60.09 -19.94 41.42
CA LEU E 213 59.24 -19.10 40.59
C LEU E 213 58.02 -19.87 40.12
N ILE E 214 58.22 -21.14 39.78
CA ILE E 214 57.12 -21.98 39.31
C ILE E 214 56.14 -22.27 40.44
N ALA E 215 56.66 -22.59 41.62
CA ALA E 215 55.83 -22.93 42.75
C ALA E 215 55.07 -21.71 43.28
N ALA E 216 55.61 -20.53 43.02
CA ALA E 216 54.97 -19.29 43.43
C ALA E 216 53.58 -19.21 42.81
N PRO E 217 52.56 -19.01 43.64
CA PRO E 217 51.19 -18.94 43.14
C PRO E 217 51.00 -17.69 42.27
N SER E 218 49.94 -17.67 41.47
CA SER E 218 49.78 -16.63 40.47
C SER E 218 49.46 -15.26 41.08
N ASN E 219 49.01 -15.22 42.33
CA ASN E 219 48.79 -13.93 42.97
C ASN E 219 50.11 -13.32 43.43
N TYR E 220 51.09 -14.18 43.68
CA TYR E 220 52.46 -13.75 43.99
C TYR E 220 53.26 -13.55 42.70
N CYS E 221 53.23 -14.54 41.82
CA CYS E 221 53.97 -14.50 40.56
C CYS E 221 53.11 -14.07 39.37
N ASN E 222 53.16 -12.79 39.03
CA ASN E 222 52.42 -12.24 37.88
C ASN E 222 53.43 -11.56 36.95
N PRO E 223 53.00 -11.13 35.74
CA PRO E 223 53.95 -10.49 34.82
C PRO E 223 54.79 -9.37 35.42
N VAL E 224 54.21 -8.57 36.32
CA VAL E 224 54.95 -7.46 36.89
C VAL E 224 55.99 -7.98 37.88
N SER E 225 55.56 -8.83 38.81
CA SER E 225 56.46 -9.35 39.83
C SER E 225 57.53 -10.29 39.26
N LEU E 226 57.21 -10.97 38.16
CA LEU E 226 58.16 -11.90 37.58
C LEU E 226 59.29 -11.12 36.90
N SER E 227 58.92 -10.07 36.16
CA SER E 227 59.92 -9.21 35.52
C SER E 227 60.75 -8.45 36.55
N ASN E 228 60.11 -8.04 37.64
CA ASN E 228 60.82 -7.37 38.72
C ASN E 228 61.85 -8.31 39.36
N ALA E 229 61.45 -9.56 39.58
CA ALA E 229 62.34 -10.59 40.12
C ALA E 229 63.49 -10.88 39.17
N ALA E 230 63.19 -10.80 37.87
CA ALA E 230 64.20 -11.04 36.85
C ALA E 230 65.27 -9.95 36.88
N VAL E 231 64.84 -8.70 37.04
CA VAL E 231 65.74 -7.55 37.12
C VAL E 231 66.67 -7.66 38.32
N GLU E 232 66.10 -8.05 39.46
CA GLU E 232 66.86 -8.19 40.69
C GLU E 232 67.97 -9.24 40.56
N LEU E 233 67.68 -10.34 39.89
CA LEU E 233 68.68 -11.37 39.66
C LEU E 233 69.79 -10.85 38.76
N ALA E 234 69.40 -10.14 37.69
CA ALA E 234 70.36 -9.60 36.74
C ALA E 234 71.30 -8.62 37.44
N GLN E 235 70.74 -7.88 38.39
CA GLN E 235 71.53 -6.90 39.13
C GLN E 235 72.54 -7.57 40.06
N LYS E 236 72.16 -8.69 40.64
CA LYS E 236 73.04 -9.39 41.56
C LYS E 236 74.19 -10.08 40.83
N LEU E 237 73.96 -10.40 39.56
CA LEU E 237 74.96 -11.09 38.75
C LEU E 237 75.71 -10.21 37.76
N ASN E 238 75.41 -8.92 37.74
CA ASN E 238 75.98 -7.99 36.77
C ASN E 238 75.67 -8.40 35.34
N LEU E 239 74.39 -8.71 35.11
CA LEU E 239 73.92 -8.97 33.78
C LEU E 239 73.17 -7.72 33.31
N GLU E 240 73.38 -7.35 32.06
CA GLU E 240 72.64 -6.26 31.44
C GLU E 240 71.19 -6.72 31.32
N TYR E 241 70.27 -5.82 31.58
CA TYR E 241 68.85 -6.20 31.51
C TYR E 241 68.00 -5.12 30.86
N LYS E 242 66.88 -5.53 30.27
CA LYS E 242 65.98 -4.60 29.61
C LYS E 242 64.56 -5.15 29.60
N ILE E 243 63.63 -4.40 30.18
CA ILE E 243 62.23 -4.83 30.24
C ILE E 243 61.36 -4.01 29.32
N LEU E 244 60.69 -4.67 28.38
CA LEU E 244 59.84 -3.98 27.43
C LEU E 244 58.42 -3.88 27.98
N GLY E 245 57.88 -2.67 27.99
CA GLY E 245 56.51 -2.44 28.42
C GLY E 245 55.55 -2.33 27.25
N VAL E 246 54.28 -2.11 27.58
CA VAL E 246 53.20 -2.10 26.60
C VAL E 246 53.45 -1.12 25.48
N LYS E 247 53.96 0.07 25.81
CA LYS E 247 54.20 1.09 24.81
C LYS E 247 55.24 0.66 23.79
N GLU E 248 56.33 0.05 24.28
CA GLU E 248 57.40 -0.43 23.40
C GLU E 248 56.95 -1.65 22.60
N LEU E 249 56.13 -2.49 23.22
CA LEU E 249 55.59 -3.68 22.56
C LEU E 249 54.63 -3.29 21.43
N GLU E 250 53.89 -2.20 21.64
CA GLU E 250 53.02 -1.66 20.61
C GLU E 250 53.84 -1.14 19.43
N GLU E 251 54.96 -0.51 19.75
CA GLU E 251 55.84 0.07 18.75
C GLU E 251 56.55 -1.04 17.99
N LEU E 252 56.76 -2.17 18.66
CA LEU E 252 57.37 -3.33 18.04
C LEU E 252 56.33 -4.21 17.33
N LYS E 253 55.07 -3.79 17.39
CA LYS E 253 53.96 -4.45 16.68
C LYS E 253 53.78 -5.91 17.11
N MET E 254 54.04 -6.20 18.38
CA MET E 254 53.94 -7.57 18.87
C MET E 254 52.49 -7.90 19.24
N GLY E 255 51.65 -8.00 18.21
CA GLY E 255 50.22 -8.15 18.37
C GLY E 255 49.72 -9.48 18.92
N ALA E 256 50.42 -10.57 18.59
CA ALA E 256 50.03 -11.89 19.08
C ALA E 256 50.22 -11.99 20.59
N TYR E 257 51.40 -11.60 21.05
CA TYR E 257 51.77 -11.59 22.46
C TYR E 257 50.87 -10.63 23.25
N LEU E 258 50.63 -9.45 22.70
CA LEU E 258 49.79 -8.46 23.36
C LEU E 258 48.32 -8.88 23.43
N SER E 259 47.87 -9.65 22.44
CA SER E 259 46.48 -10.11 22.39
C SER E 259 46.13 -11.09 23.51
N VAL E 260 47.06 -12.01 23.79
CA VAL E 260 46.86 -12.99 24.84
C VAL E 260 46.68 -12.31 26.19
N GLY E 261 47.37 -11.18 26.37
CA GLY E 261 47.37 -10.48 27.65
C GLY E 261 46.33 -9.39 27.78
N LYS E 262 45.52 -9.19 26.73
CA LYS E 262 44.52 -8.13 26.73
C LYS E 262 43.57 -8.18 27.94
N GLY E 263 43.19 -9.39 28.36
CA GLY E 263 42.22 -9.55 29.42
C GLY E 263 42.76 -9.51 30.83
N SER E 264 44.05 -9.25 30.98
CA SER E 264 44.69 -9.28 32.30
C SER E 264 44.77 -7.91 32.96
N MET E 265 44.78 -7.92 34.30
CA MET E 265 44.97 -6.70 35.06
C MET E 265 46.44 -6.38 35.20
N TYR E 266 47.29 -7.34 34.82
CA TYR E 266 48.72 -7.15 34.89
C TYR E 266 49.25 -6.88 33.49
N PRO E 267 49.90 -5.72 33.32
CA PRO E 267 50.49 -5.34 32.03
C PRO E 267 51.55 -6.34 31.58
N ASN E 268 51.62 -6.60 30.28
CA ASN E 268 52.63 -7.49 29.73
C ASN E 268 54.03 -6.97 30.00
N LYS E 269 54.94 -7.89 30.28
CA LYS E 269 56.33 -7.54 30.51
C LYS E 269 57.24 -8.47 29.73
N PHE E 270 58.04 -7.90 28.83
CA PHE E 270 58.95 -8.71 28.04
C PHE E 270 60.31 -8.70 28.72
N ILE E 271 60.79 -9.89 29.13
CA ILE E 271 62.06 -10.00 29.83
C ILE E 271 63.19 -10.25 28.84
N HIS E 272 64.21 -9.41 28.89
CA HIS E 272 65.38 -9.53 28.02
C HIS E 272 66.69 -9.34 28.81
N LEU E 273 67.26 -10.46 29.25
CA LEU E 273 68.57 -10.43 29.89
C LEU E 273 69.65 -10.74 28.88
N THR E 274 70.84 -10.27 29.17
CA THR E 274 71.92 -10.60 28.29
C THR E 274 73.19 -10.87 29.13
N TYR E 275 73.84 -11.97 28.81
CA TYR E 275 75.18 -12.26 29.31
C TYR E 275 76.16 -12.07 28.16
N LYS E 276 77.22 -11.29 28.35
CA LYS E 276 78.27 -11.18 27.35
C LYS E 276 79.65 -11.44 27.94
N SER E 277 80.43 -12.28 27.26
CA SER E 277 81.77 -12.63 27.74
C SER E 277 82.78 -11.49 27.57
N LYS E 278 83.73 -11.41 28.50
CA LYS E 278 84.79 -10.41 28.43
C LYS E 278 85.94 -10.80 27.49
N GLY E 279 85.73 -11.81 26.66
CA GLY E 279 86.72 -12.22 25.69
C GLY E 279 86.37 -11.92 24.24
N ASP E 280 86.41 -12.95 23.40
CA ASP E 280 86.00 -12.85 22.01
C ASP E 280 84.61 -13.46 21.92
N VAL E 281 83.69 -12.90 21.15
CA VAL E 281 82.35 -13.50 21.08
C VAL E 281 82.30 -14.36 19.83
N LYS E 282 82.26 -15.67 19.99
CA LYS E 282 82.25 -16.53 18.81
C LYS E 282 80.98 -17.37 18.71
N LYS E 283 80.05 -17.16 19.64
CA LYS E 283 78.75 -17.82 19.58
C LYS E 283 77.68 -16.97 20.27
N LYS E 284 76.61 -16.65 19.55
CA LYS E 284 75.49 -15.93 20.14
C LYS E 284 74.27 -16.83 20.27
N ILE E 285 73.73 -16.94 21.48
CA ILE E 285 72.62 -17.84 21.74
C ILE E 285 71.43 -17.12 22.37
N ALA E 286 70.24 -17.36 21.84
CA ALA E 286 69.01 -16.84 22.43
C ALA E 286 68.16 -17.95 23.06
N LEU E 287 67.85 -17.79 24.33
CA LEU E 287 66.97 -18.70 25.05
C LEU E 287 65.62 -18.05 25.31
N VAL E 288 64.55 -18.70 24.85
CA VAL E 288 63.21 -18.16 24.97
C VAL E 288 62.37 -19.06 25.85
N GLY E 289 61.74 -18.49 26.87
CA GLY E 289 60.92 -19.28 27.78
C GLY E 289 59.49 -18.82 27.81
N LYS E 290 58.55 -19.77 27.74
CA LYS E 290 57.14 -19.44 27.87
C LYS E 290 56.87 -18.90 29.26
N GLY E 291 56.28 -17.70 29.32
CA GLY E 291 56.04 -17.03 30.58
C GLY E 291 54.59 -16.67 30.79
N ILE E 292 53.74 -17.67 30.86
CA ILE E 292 52.34 -17.44 31.19
C ILE E 292 52.15 -17.66 32.68
N THR E 293 52.00 -16.56 33.41
CA THR E 293 51.96 -16.61 34.86
C THR E 293 50.73 -17.35 35.37
N PHE E 294 49.67 -17.32 34.59
CA PHE E 294 48.53 -18.19 34.82
C PHE E 294 47.76 -18.46 33.55
N ASP E 295 47.52 -19.75 33.31
CA ASP E 295 46.79 -20.18 32.13
C ASP E 295 45.39 -20.63 32.53
N SER E 296 44.44 -19.71 32.44
CA SER E 296 43.06 -20.05 32.72
C SER E 296 42.48 -20.76 31.51
N GLY E 297 43.11 -20.52 30.36
CA GLY E 297 42.63 -21.04 29.10
C GLY E 297 41.94 -19.93 28.33
N GLY E 298 41.65 -18.83 29.01
CA GLY E 298 40.90 -17.75 28.41
C GLY E 298 39.47 -18.19 28.20
N TYR E 299 38.83 -17.71 27.15
CA TYR E 299 37.45 -18.08 26.87
C TYR E 299 37.31 -19.56 26.54
N ASN E 300 38.40 -20.17 26.07
CA ASN E 300 38.48 -21.63 26.01
C ASN E 300 38.90 -22.14 27.38
N LEU E 301 38.08 -21.80 28.38
CA LEU E 301 38.41 -22.04 29.77
C LEU E 301 38.69 -23.51 30.07
N LYS E 302 39.69 -23.76 30.90
CA LYS E 302 40.02 -25.13 31.29
C LYS E 302 38.99 -25.66 32.25
N ALA E 303 37.90 -26.18 31.69
CA ALA E 303 36.77 -26.63 32.47
C ALA E 303 36.50 -28.12 32.26
N ALA E 304 37.19 -28.70 31.29
CA ALA E 304 37.02 -30.12 30.98
C ALA E 304 37.68 -31.00 32.04
N PRO E 305 37.11 -32.17 32.28
CA PRO E 305 37.68 -33.14 33.22
C PRO E 305 39.10 -33.55 32.85
N GLY E 306 40.09 -33.07 33.58
CA GLY E 306 41.47 -33.41 33.26
C GLY E 306 42.38 -32.23 32.92
N SER E 307 41.77 -31.05 32.78
CA SER E 307 42.48 -29.84 32.37
C SER E 307 43.46 -29.36 33.44
N MET E 308 43.19 -29.74 34.69
CA MET E 308 44.07 -29.40 35.81
C MET E 308 44.28 -27.90 35.99
N ILE E 309 43.21 -27.13 36.13
CA ILE E 309 43.33 -25.67 36.18
C ILE E 309 44.07 -25.15 37.43
N ASP E 310 44.13 -25.97 38.48
CA ASP E 310 44.81 -25.58 39.73
C ASP E 310 46.32 -25.61 39.52
N LEU E 311 46.72 -26.12 38.37
CA LEU E 311 48.00 -26.49 37.80
C LEU E 311 48.78 -25.31 37.26
N MET E 312 47.96 -24.40 36.75
CA MET E 312 48.40 -23.55 35.65
C MET E 312 49.27 -22.35 36.00
N LYS E 313 49.73 -22.26 37.24
CA LYS E 313 50.76 -21.30 37.59
C LYS E 313 52.10 -21.73 36.98
N PHE E 314 52.18 -23.00 36.60
CA PHE E 314 53.39 -23.61 36.06
C PHE E 314 53.63 -23.23 34.59
N ASP E 315 52.74 -22.42 34.02
CA ASP E 315 52.76 -22.16 32.58
C ASP E 315 53.86 -21.14 32.25
N MET E 316 54.68 -20.84 33.24
CA MET E 316 55.85 -19.99 33.07
C MET E 316 57.13 -20.77 33.42
N SER E 317 57.04 -22.10 33.40
CA SER E 317 58.16 -22.97 33.71
C SER E 317 59.33 -22.73 32.78
N GLY E 318 59.02 -22.49 31.51
CA GLY E 318 60.06 -22.21 30.53
C GLY E 318 60.83 -20.98 30.94
N CYS E 319 60.10 -19.94 31.29
CA CYS E 319 60.70 -18.70 31.75
C CYS E 319 61.58 -18.98 32.97
N ALA E 320 61.09 -19.83 33.86
CA ALA E 320 61.84 -20.17 35.06
C ALA E 320 63.14 -20.89 34.73
N ALA E 321 63.07 -21.82 33.78
CA ALA E 321 64.24 -22.57 33.34
C ALA E 321 65.29 -21.62 32.76
N VAL E 322 64.82 -20.64 32.00
CA VAL E 322 65.69 -19.66 31.37
C VAL E 322 66.34 -18.73 32.39
N LEU E 323 65.54 -18.25 33.33
CA LEU E 323 66.07 -17.38 34.39
C LEU E 323 66.99 -18.19 35.30
N GLY E 324 66.62 -19.46 35.54
CA GLY E 324 67.47 -20.36 36.31
C GLY E 324 68.78 -20.60 35.58
N CYS E 325 68.70 -20.75 34.26
CA CYS E 325 69.87 -20.91 33.41
C CYS E 325 70.75 -19.67 33.47
N ALA E 326 70.11 -18.50 33.48
CA ALA E 326 70.82 -17.24 33.56
C ALA E 326 71.65 -17.16 34.83
N TYR E 327 71.14 -17.70 35.93
CA TYR E 327 71.88 -17.71 37.18
C TYR E 327 73.16 -18.50 37.01
N CYS E 328 73.03 -19.73 36.49
CA CYS E 328 74.17 -20.63 36.34
C CYS E 328 75.25 -20.04 35.44
N VAL E 329 74.82 -19.51 34.29
CA VAL E 329 75.76 -18.90 33.36
C VAL E 329 76.39 -17.64 33.98
N GLY E 330 75.57 -16.81 34.61
CA GLY E 330 76.05 -15.60 35.24
C GLY E 330 77.01 -15.87 36.39
N THR E 331 76.92 -17.07 36.95
CA THR E 331 77.77 -17.43 38.09
C THR E 331 79.06 -18.06 37.59
N LEU E 332 78.92 -18.98 36.64
CA LEU E 332 80.06 -19.71 36.11
C LEU E 332 80.82 -18.89 35.06
N LYS E 333 80.13 -17.91 34.47
CA LYS E 333 80.72 -16.98 33.50
C LYS E 333 81.55 -17.67 32.43
N PRO E 334 80.89 -18.39 31.53
CA PRO E 334 81.60 -19.09 30.45
C PRO E 334 82.20 -18.10 29.47
N GLU E 335 83.16 -18.58 28.69
CA GLU E 335 83.88 -17.73 27.76
C GLU E 335 83.33 -17.83 26.34
N ASN E 336 83.64 -16.80 25.56
CA ASN E 336 83.38 -16.78 24.12
C ASN E 336 81.90 -16.86 23.72
N VAL E 337 81.01 -16.34 24.57
CA VAL E 337 79.58 -16.42 24.34
C VAL E 337 78.83 -15.14 24.69
N GLU E 338 77.78 -14.87 23.92
CA GLU E 338 76.84 -13.82 24.26
C GLU E 338 75.46 -14.49 24.33
N ILE E 339 74.83 -14.44 25.50
CA ILE E 339 73.58 -15.17 25.71
C ILE E 339 72.43 -14.22 26.02
N HIS E 340 71.33 -14.39 25.30
CA HIS E 340 70.14 -13.62 25.55
C HIS E 340 69.06 -14.47 26.20
N PHE E 341 68.60 -14.03 27.36
CA PHE E 341 67.58 -14.73 28.10
C PHE E 341 66.26 -14.01 27.90
N LEU E 342 65.36 -14.59 27.12
CA LEU E 342 64.12 -13.91 26.71
C LEU E 342 62.86 -14.58 27.24
N SER E 343 61.87 -13.77 27.57
CA SER E 343 60.56 -14.28 27.94
C SER E 343 59.46 -13.27 27.71
N ALA E 344 58.48 -13.65 26.90
CA ALA E 344 57.29 -12.84 26.69
C ALA E 344 56.29 -13.20 27.78
N VAL E 345 56.30 -12.43 28.87
CA VAL E 345 55.52 -12.75 30.05
C VAL E 345 54.13 -12.11 30.01
N CYS E 346 53.11 -12.92 30.29
CA CYS E 346 51.75 -12.39 30.39
C CYS E 346 50.85 -13.36 31.14
N GLU E 347 49.57 -13.00 31.24
CA GLU E 347 48.60 -13.81 31.95
C GLU E 347 47.38 -14.01 31.05
N ASN E 348 46.93 -15.26 30.94
CA ASN E 348 45.78 -15.59 30.08
C ASN E 348 44.47 -15.70 30.85
N MET E 349 43.66 -14.64 30.80
CA MET E 349 42.49 -14.54 31.69
C MET E 349 41.18 -14.27 30.94
N VAL E 350 40.06 -14.38 31.66
CA VAL E 350 38.74 -14.09 31.08
C VAL E 350 38.20 -12.74 31.55
N SER E 351 37.79 -11.91 30.60
CA SER E 351 37.42 -10.53 30.90
C SER E 351 36.58 -9.94 29.79
N LYS E 352 36.07 -8.73 30.01
CA LYS E 352 35.42 -7.96 28.96
C LYS E 352 36.49 -7.61 27.92
N ASN E 353 37.74 -7.58 28.37
CA ASN E 353 38.86 -7.15 27.54
C ASN E 353 39.63 -8.27 26.85
N SER E 354 39.29 -9.52 27.13
CA SER E 354 40.04 -10.67 26.60
C SER E 354 39.98 -10.81 25.08
N TYR E 355 40.96 -11.52 24.51
CA TYR E 355 40.90 -11.80 23.08
C TYR E 355 39.96 -12.98 22.85
N ARG E 356 39.38 -13.05 21.67
CA ARG E 356 38.32 -14.02 21.40
C ARG E 356 38.72 -15.16 20.45
N PRO E 357 38.07 -16.32 20.61
CA PRO E 357 38.17 -17.37 19.59
C PRO E 357 37.66 -16.84 18.25
N GLY E 358 38.46 -17.00 17.19
CA GLY E 358 38.07 -16.50 15.89
C GLY E 358 38.80 -15.22 15.52
N ASP E 359 39.32 -14.54 16.53
CA ASP E 359 40.05 -13.28 16.34
C ASP E 359 41.22 -13.45 15.39
N ILE E 360 41.40 -12.47 14.51
CA ILE E 360 42.58 -12.48 13.65
C ILE E 360 43.52 -11.38 14.14
N ILE E 361 44.73 -11.80 14.49
CA ILE E 361 45.72 -10.90 15.08
C ILE E 361 47.00 -10.90 14.27
N THR E 362 47.79 -9.83 14.41
CA THR E 362 48.98 -9.67 13.59
C THR E 362 50.28 -9.67 14.41
N ALA E 363 51.15 -10.64 14.13
CA ALA E 363 52.43 -10.74 14.83
C ALA E 363 53.44 -9.71 14.34
N SER E 364 54.57 -9.61 15.02
CA SER E 364 55.56 -8.58 14.74
C SER E 364 56.29 -8.78 13.42
N ASN E 365 56.09 -9.94 12.78
CA ASN E 365 56.72 -10.18 11.49
C ASN E 365 55.73 -9.98 10.34
N GLY E 366 54.54 -9.49 10.67
CA GLY E 366 53.55 -9.14 9.66
C GLY E 366 52.52 -10.21 9.35
N LYS E 367 52.76 -11.44 9.83
CA LYS E 367 51.83 -12.54 9.57
C LYS E 367 50.57 -12.45 10.42
N THR E 368 49.41 -12.57 9.76
CA THR E 368 48.14 -12.57 10.47
C THR E 368 47.79 -13.99 10.92
N ILE E 369 47.26 -14.10 12.14
CA ILE E 369 46.99 -15.40 12.74
C ILE E 369 45.53 -15.50 13.14
N GLU E 370 44.87 -16.58 12.72
CA GLU E 370 43.49 -16.82 13.14
C GLU E 370 43.48 -17.65 14.42
N VAL E 371 42.97 -17.05 15.49
CA VAL E 371 42.87 -17.73 16.77
C VAL E 371 41.71 -18.72 16.75
N GLY E 372 42.02 -19.99 16.96
CA GLY E 372 41.00 -21.02 16.98
C GLY E 372 40.73 -21.51 18.38
N ASN E 373 41.68 -21.25 19.27
CA ASN E 373 41.57 -21.67 20.67
C ASN E 373 42.42 -20.76 21.57
N THR E 374 41.77 -20.07 22.49
CA THR E 374 42.46 -19.12 23.37
C THR E 374 43.32 -19.79 24.40
N ASP E 375 43.14 -21.10 24.56
CA ASP E 375 44.00 -21.87 25.45
C ASP E 375 45.30 -22.24 24.76
N ALA E 376 45.42 -21.98 23.45
CA ALA E 376 46.69 -22.23 22.78
C ALA E 376 47.50 -20.94 22.77
N GLU E 377 47.69 -20.37 23.94
CA GLU E 377 48.24 -19.04 24.09
C GLU E 377 49.77 -19.00 23.98
N GLY E 378 50.42 -20.11 24.31
CA GLY E 378 51.86 -20.16 24.35
C GLY E 378 52.53 -19.91 23.02
N ARG E 379 52.01 -20.51 21.96
CA ARG E 379 52.61 -20.35 20.64
C ARG E 379 52.47 -18.92 20.12
N LEU E 380 51.47 -18.21 20.62
CA LEU E 380 51.28 -16.82 20.23
C LEU E 380 52.32 -15.92 20.88
N THR E 381 52.59 -16.16 22.16
CA THR E 381 53.56 -15.34 22.88
C THR E 381 54.96 -15.71 22.42
N LEU E 382 55.18 -16.99 22.14
CA LEU E 382 56.47 -17.45 21.63
C LEU E 382 56.76 -16.97 20.21
N ALA E 383 55.72 -16.86 19.40
CA ALA E 383 55.87 -16.39 18.01
C ALA E 383 56.52 -15.01 17.96
N ASP E 384 55.99 -14.09 18.74
CA ASP E 384 56.51 -12.73 18.79
C ASP E 384 57.86 -12.70 19.48
N ALA E 385 58.03 -13.61 20.43
CA ALA E 385 59.31 -13.74 21.12
C ALA E 385 60.38 -14.26 20.16
N LEU E 386 59.98 -15.17 19.27
CA LEU E 386 60.91 -15.74 18.29
C LEU E 386 61.31 -14.73 17.23
N VAL E 387 60.38 -13.87 16.81
CA VAL E 387 60.70 -12.81 15.86
C VAL E 387 61.70 -11.83 16.47
N TYR E 388 61.46 -11.48 17.72
CA TYR E 388 62.36 -10.60 18.47
C TYR E 388 63.75 -11.22 18.55
N ALA E 389 63.79 -12.52 18.81
CA ALA E 389 65.07 -13.23 18.95
C ALA E 389 65.89 -13.20 17.66
N GLU E 390 65.26 -13.46 16.53
CA GLU E 390 65.97 -13.55 15.26
C GLU E 390 66.50 -12.19 14.80
N LYS E 391 65.84 -11.11 15.20
CA LYS E 391 66.30 -9.77 14.84
C LYS E 391 67.60 -9.41 15.56
N LEU E 392 67.92 -10.15 16.61
CA LEU E 392 69.14 -9.92 17.40
C LEU E 392 70.41 -10.38 16.68
N GLY E 393 70.25 -11.20 15.64
CA GLY E 393 71.39 -11.71 14.90
C GLY E 393 72.15 -12.78 15.65
N VAL E 394 71.47 -13.88 15.97
CA VAL E 394 72.04 -14.95 16.77
C VAL E 394 72.33 -16.20 15.95
N ASP E 395 73.09 -17.12 16.52
CA ASP E 395 73.45 -18.37 15.87
C ASP E 395 72.41 -19.44 16.12
N TYR E 396 71.94 -19.50 17.37
CA TYR E 396 70.96 -20.49 17.79
C TYR E 396 69.79 -19.84 18.52
N ILE E 397 68.58 -20.27 18.21
CA ILE E 397 67.42 -19.90 19.02
C ILE E 397 66.82 -21.14 19.65
N VAL E 398 66.84 -21.21 20.98
CA VAL E 398 66.23 -22.34 21.66
C VAL E 398 65.11 -21.82 22.55
N ASP E 399 63.89 -22.29 22.27
CA ASP E 399 62.77 -21.94 23.13
C ASP E 399 62.40 -23.13 23.99
N ILE E 400 61.92 -22.86 25.20
CA ILE E 400 61.53 -23.91 26.12
C ILE E 400 60.19 -23.53 26.71
N ALA E 401 59.23 -24.45 26.65
CA ALA E 401 57.84 -24.11 26.91
C ALA E 401 56.99 -25.29 27.38
N THR E 402 56.08 -25.02 28.30
CA THR E 402 55.03 -25.97 28.64
C THR E 402 53.89 -25.79 27.64
N LEU E 403 54.07 -26.28 26.42
CA LEU E 403 53.20 -25.88 25.33
C LEU E 403 51.95 -26.77 25.16
N THR E 404 52.15 -28.08 25.10
CA THR E 404 51.05 -29.00 24.79
C THR E 404 50.91 -30.17 25.78
N GLY E 405 49.70 -30.40 26.25
CA GLY E 405 49.42 -31.51 27.14
C GLY E 405 49.56 -32.89 26.51
N ALA E 406 49.56 -32.95 25.18
CA ALA E 406 49.69 -34.22 24.47
C ALA E 406 51.00 -34.92 24.82
N MET E 407 51.95 -34.14 25.31
CA MET E 407 53.26 -34.66 25.67
C MET E 407 53.11 -35.75 26.75
N LEU E 408 52.08 -35.62 27.57
CA LEU E 408 51.78 -36.62 28.59
C LEU E 408 51.41 -37.97 27.96
N TYR E 409 50.76 -37.92 26.79
CA TYR E 409 50.33 -39.14 26.11
C TYR E 409 51.40 -39.68 25.17
N SER E 410 52.28 -38.79 24.71
CA SER E 410 53.33 -39.16 23.77
C SER E 410 54.58 -39.58 24.52
N LEU E 411 55.11 -38.69 25.37
CA LEU E 411 56.35 -38.99 26.07
C LEU E 411 56.17 -39.21 27.58
N GLY E 412 55.10 -38.65 28.16
CA GLY E 412 54.86 -38.86 29.57
C GLY E 412 55.53 -37.83 30.46
N THR E 413 55.92 -38.25 31.66
CA THR E 413 56.40 -37.33 32.69
C THR E 413 57.91 -37.25 32.89
N SER E 414 58.69 -38.06 32.17
CA SER E 414 60.13 -38.09 32.39
C SER E 414 60.94 -37.42 31.30
N TYR E 415 60.58 -37.68 30.05
CA TYR E 415 61.34 -37.18 28.93
C TYR E 415 60.63 -36.00 28.29
N ALA E 416 61.38 -34.95 28.02
CA ALA E 416 60.83 -33.81 27.28
C ALA E 416 61.02 -34.06 25.79
N GLY E 417 60.26 -33.35 24.97
CA GLY E 417 60.40 -33.47 23.54
C GLY E 417 61.18 -32.29 22.99
N VAL E 418 62.02 -32.55 21.99
CA VAL E 418 62.71 -31.47 21.31
C VAL E 418 62.36 -31.49 19.83
N PHE E 419 61.99 -30.33 19.31
CA PHE E 419 61.69 -30.18 17.88
C PHE E 419 62.65 -29.13 17.33
N GLY E 420 62.86 -29.11 16.01
CA GLY E 420 63.76 -28.14 15.44
C GLY E 420 63.84 -28.09 13.92
N ASN E 421 64.55 -27.11 13.40
CA ASN E 421 64.74 -26.96 11.95
C ASN E 421 66.16 -27.28 11.54
N ASN E 422 66.94 -27.76 12.50
CA ASN E 422 68.36 -27.96 12.32
C ASN E 422 68.86 -29.18 13.08
N GLU E 423 69.39 -30.17 12.36
CA GLU E 423 69.82 -31.40 13.00
C GLU E 423 71.05 -31.21 13.88
N GLU E 424 71.92 -30.29 13.52
CA GLU E 424 73.11 -30.04 14.33
C GLU E 424 72.71 -29.48 15.69
N LEU E 425 71.79 -28.53 15.69
CA LEU E 425 71.32 -27.92 16.93
C LEU E 425 70.57 -28.94 17.78
N ILE E 426 69.76 -29.76 17.13
CA ILE E 426 69.03 -30.79 17.83
C ILE E 426 70.02 -31.71 18.54
N ASN E 427 71.06 -32.12 17.82
CA ASN E 427 72.09 -32.98 18.39
C ASN E 427 72.83 -32.41 19.58
N LYS E 428 73.10 -31.11 19.58
CA LYS E 428 73.75 -30.47 20.73
C LYS E 428 72.85 -30.54 21.97
N ILE E 429 71.55 -30.38 21.78
CA ILE E 429 70.60 -30.50 22.89
C ILE E 429 70.56 -31.92 23.48
N LEU E 430 70.56 -32.94 22.63
CA LEU E 430 70.54 -34.31 23.14
C LEU E 430 71.81 -34.64 23.95
N GLN E 431 72.95 -34.15 23.50
CA GLN E 431 74.20 -34.35 24.22
C GLN E 431 74.15 -33.66 25.57
N SER E 432 73.56 -32.47 25.59
CA SER E 432 73.40 -31.73 26.84
C SER E 432 72.43 -32.45 27.77
N SER E 433 71.45 -33.13 27.18
CA SER E 433 70.51 -33.91 27.96
C SER E 433 71.25 -35.06 28.62
N LYS E 434 72.21 -35.61 27.89
CA LYS E 434 72.99 -36.73 28.39
C LYS E 434 73.92 -36.32 29.54
N THR E 435 74.59 -35.18 29.40
CA THR E 435 75.54 -34.77 30.43
C THR E 435 74.88 -34.08 31.62
N SER E 436 73.68 -33.55 31.42
CA SER E 436 72.95 -32.92 32.52
C SER E 436 72.00 -33.90 33.21
N ASN E 437 71.72 -35.01 32.54
CA ASN E 437 70.76 -36.00 33.01
C ASN E 437 69.35 -35.46 33.20
N GLU E 438 68.99 -34.48 32.36
CA GLU E 438 67.61 -34.07 32.20
C GLU E 438 67.20 -34.65 30.86
N PRO E 439 66.49 -35.79 30.90
CA PRO E 439 66.22 -36.63 29.72
C PRO E 439 65.38 -35.93 28.66
N VAL E 440 65.86 -36.01 27.42
CA VAL E 440 65.17 -35.40 26.29
C VAL E 440 65.14 -36.38 25.12
N TRP E 441 64.02 -36.44 24.42
CA TRP E 441 63.89 -37.29 23.25
C TRP E 441 63.48 -36.46 22.04
N TRP E 442 64.07 -36.77 20.90
CA TRP E 442 63.82 -36.06 19.65
C TRP E 442 62.52 -36.47 18.97
N LEU E 443 61.64 -35.50 18.72
CA LEU E 443 60.39 -35.76 18.01
C LEU E 443 60.35 -35.00 16.68
N PRO E 444 59.64 -35.54 15.68
CA PRO E 444 59.72 -34.97 14.33
C PRO E 444 58.77 -33.82 14.05
N ILE E 445 59.24 -32.86 13.25
CA ILE E 445 58.37 -31.86 12.69
C ILE E 445 57.95 -32.35 11.31
N ILE E 446 56.74 -32.90 11.24
CA ILE E 446 56.24 -33.56 10.04
C ILE E 446 55.56 -32.56 9.10
N ASN E 447 56.22 -32.29 7.97
CA ASN E 447 55.77 -31.27 7.03
C ASN E 447 54.39 -31.52 6.43
N GLU E 448 53.94 -32.77 6.41
CA GLU E 448 52.65 -33.09 5.83
C GLU E 448 51.50 -32.46 6.61
N TYR E 449 51.73 -32.12 7.87
CA TYR E 449 50.67 -31.57 8.71
C TYR E 449 50.59 -30.06 8.56
N ARG E 450 51.54 -29.47 7.83
CA ARG E 450 51.62 -28.03 7.66
C ARG E 450 50.36 -27.43 7.04
N ALA E 451 49.74 -28.17 6.13
CA ALA E 451 48.56 -27.70 5.41
C ALA E 451 47.35 -27.51 6.32
N THR E 452 47.32 -28.18 7.46
CA THR E 452 46.19 -28.06 8.36
C THR E 452 46.18 -26.74 9.10
N LEU E 453 47.25 -25.99 8.95
CA LEU E 453 47.34 -24.66 9.54
C LEU E 453 47.04 -23.58 8.49
N ASN E 454 46.70 -24.01 7.29
CA ASN E 454 46.34 -23.08 6.23
C ASN E 454 44.95 -22.50 6.47
N SER E 455 44.90 -21.23 6.84
CA SER E 455 43.65 -20.55 7.16
C SER E 455 42.91 -20.04 5.93
N LYS E 456 41.58 -19.97 6.04
CA LYS E 456 40.72 -19.48 4.97
C LYS E 456 40.80 -17.96 4.86
N TYR E 457 41.04 -17.28 5.99
CA TYR E 457 41.03 -15.82 6.01
C TYR E 457 42.38 -15.20 6.42
N ALA E 458 43.07 -15.82 7.37
CA ALA E 458 44.38 -15.31 7.79
C ALA E 458 45.50 -15.98 7.00
N ASP E 459 46.72 -15.51 7.21
CA ASP E 459 47.90 -16.12 6.58
C ASP E 459 48.07 -17.54 7.10
N ILE E 460 47.77 -17.72 8.38
CA ILE E 460 48.01 -18.99 9.03
C ILE E 460 47.06 -19.19 10.21
N ASN E 461 46.74 -20.46 10.48
CA ASN E 461 45.96 -20.84 11.64
C ASN E 461 46.82 -20.95 12.88
N GLN E 462 46.23 -20.67 14.04
CA GLN E 462 46.93 -20.86 15.30
C GLN E 462 46.99 -22.35 15.63
N ILE E 463 45.89 -23.00 15.20
CA ILE E 463 45.75 -24.43 15.45
C ILE E 463 45.20 -25.16 14.27
N SER E 464 45.38 -26.49 14.27
CA SER E 464 44.77 -27.37 13.29
C SER E 464 43.34 -27.64 13.78
N SER E 465 42.39 -27.91 12.86
CA SER E 465 41.01 -28.24 13.28
C SER E 465 40.99 -29.59 14.05
N SER E 466 41.93 -30.51 13.74
CA SER E 466 42.41 -31.80 14.24
C SER E 466 42.98 -31.80 15.67
N VAL E 467 42.83 -32.80 16.55
CA VAL E 467 43.67 -32.99 17.74
C VAL E 467 44.86 -33.92 17.36
N LYS E 468 44.89 -34.43 16.12
CA LYS E 468 45.97 -35.28 15.65
C LYS E 468 47.31 -34.52 15.66
N ALA E 469 48.32 -35.05 16.40
CA ALA E 469 49.70 -34.55 16.49
C ALA E 469 49.83 -33.08 16.95
N SER E 470 49.17 -32.75 18.08
CA SER E 470 49.15 -31.37 18.57
C SER E 470 50.52 -30.82 18.86
N SER E 471 51.45 -31.58 19.48
CA SER E 471 52.81 -31.11 19.77
C SER E 471 53.58 -30.81 18.49
N ILE E 472 53.32 -31.63 17.42
CA ILE E 472 54.00 -31.48 16.14
C ILE E 472 53.46 -30.25 15.38
N VAL E 473 52.14 -30.07 15.45
CA VAL E 473 51.47 -28.94 14.80
C VAL E 473 51.93 -27.63 15.43
N ALA E 474 52.14 -27.64 16.73
CA ALA E 474 52.61 -26.47 17.45
C ALA E 474 54.03 -26.13 17.01
N SER E 475 54.83 -27.15 16.76
CA SER E 475 56.19 -26.95 16.27
C SER E 475 56.19 -26.41 14.84
N LEU E 476 55.25 -26.87 14.02
CA LEU E 476 55.09 -26.33 12.67
C LEU E 476 54.70 -24.87 12.71
N PHE E 477 53.83 -24.51 13.64
CA PHE E 477 53.42 -23.12 13.82
C PHE E 477 54.62 -22.23 14.15
N LEU E 478 55.35 -22.61 15.19
CA LEU E 478 56.50 -21.84 15.66
C LEU E 478 57.56 -21.72 14.57
N LYS E 479 57.71 -22.78 13.79
CA LYS E 479 58.68 -22.86 12.70
C LYS E 479 58.49 -21.71 11.70
N GLU E 480 57.26 -21.22 11.61
CA GLU E 480 56.92 -20.16 10.69
C GLU E 480 57.48 -18.81 11.11
N PHE E 481 57.99 -18.74 12.34
CA PHE E 481 58.49 -17.47 12.88
C PHE E 481 59.99 -17.47 13.07
N VAL E 482 60.64 -18.43 12.43
CA VAL E 482 62.09 -18.44 12.32
C VAL E 482 62.47 -18.56 10.84
N GLN E 483 63.02 -17.49 10.27
CA GLN E 483 63.25 -17.45 8.83
C GLN E 483 64.54 -18.11 8.40
N ASN E 484 65.64 -17.73 9.03
CA ASN E 484 66.94 -18.24 8.61
C ASN E 484 67.89 -18.45 9.80
N THR E 485 67.38 -19.08 10.84
CA THR E 485 68.19 -19.35 12.01
C THR E 485 67.97 -20.76 12.52
N ALA E 486 69.05 -21.41 12.95
CA ALA E 486 68.93 -22.70 13.61
C ALA E 486 68.08 -22.52 14.84
N TRP E 487 67.00 -23.30 14.93
CA TRP E 487 66.05 -23.12 16.01
C TRP E 487 65.57 -24.45 16.55
N ALA E 488 65.42 -24.51 17.88
CA ALA E 488 64.93 -25.72 18.54
C ALA E 488 63.85 -25.40 19.57
N HIS E 489 62.94 -26.35 19.77
CA HIS E 489 61.81 -26.16 20.64
C HIS E 489 61.67 -27.30 21.64
N ILE E 490 61.77 -27.00 22.92
CA ILE E 490 61.67 -28.02 23.95
C ILE E 490 60.34 -27.93 24.69
N ASP E 491 59.49 -28.93 24.50
CA ASP E 491 58.17 -28.98 25.13
C ASP E 491 58.26 -29.74 26.45
N ILE E 492 58.13 -29.00 27.55
CA ILE E 492 58.28 -29.56 28.90
C ILE E 492 56.95 -29.63 29.68
N ALA E 493 55.83 -29.70 28.97
CA ALA E 493 54.53 -29.69 29.62
C ALA E 493 54.30 -30.91 30.52
N GLY E 494 54.85 -32.05 30.13
CA GLY E 494 54.65 -33.28 30.87
C GLY E 494 55.66 -33.48 31.98
N VAL E 495 56.84 -32.90 31.82
CA VAL E 495 57.94 -33.17 32.74
C VAL E 495 58.18 -32.08 33.76
N SER E 496 57.53 -30.93 33.59
CA SER E 496 57.84 -29.78 34.44
C SER E 496 57.42 -29.99 35.90
N TRP E 497 56.22 -30.51 36.09
CA TRP E 497 55.68 -30.69 37.42
C TRP E 497 55.79 -32.12 37.88
N ASN E 498 56.27 -32.28 39.11
CA ASN E 498 56.32 -33.56 39.80
C ASN E 498 55.01 -33.84 40.51
N PHE E 499 54.14 -34.62 39.88
CA PHE E 499 52.80 -34.88 40.41
C PHE E 499 52.84 -35.70 41.70
N LYS E 500 53.77 -36.64 41.79
CA LYS E 500 53.87 -37.46 42.98
C LYS E 500 54.31 -36.63 44.19
N ALA E 501 55.32 -35.79 44.00
CA ALA E 501 55.85 -34.98 45.10
C ALA E 501 55.13 -33.64 45.28
N ARG E 502 54.22 -33.33 44.35
CA ARG E 502 53.47 -32.06 44.32
C ARG E 502 54.32 -30.80 44.31
N LYS E 503 55.37 -30.78 43.48
CA LYS E 503 56.27 -29.64 43.40
C LYS E 503 56.87 -29.55 42.00
N PRO E 504 57.49 -28.41 41.67
CA PRO E 504 58.13 -28.33 40.35
C PRO E 504 59.41 -29.17 40.28
N LYS E 505 59.90 -29.40 39.07
CA LYS E 505 61.18 -30.08 38.90
C LYS E 505 62.27 -29.07 38.60
N GLY E 506 61.87 -27.90 38.10
CA GLY E 506 62.82 -26.92 37.61
C GLY E 506 63.48 -27.43 36.34
N PHE E 507 62.72 -28.20 35.57
CA PHE E 507 63.24 -28.85 34.38
C PHE E 507 63.76 -27.84 33.37
N GLY E 508 64.96 -28.09 32.83
CA GLY E 508 65.51 -27.26 31.78
C GLY E 508 66.72 -26.43 32.18
N VAL E 509 66.83 -26.06 33.46
CA VAL E 509 67.92 -25.20 33.93
C VAL E 509 69.30 -25.78 33.66
N ARG E 510 69.51 -27.01 34.10
CA ARG E 510 70.82 -27.64 33.91
C ARG E 510 71.02 -28.02 32.44
N LEU E 511 69.95 -28.42 31.79
CA LEU E 511 70.00 -28.77 30.37
C LEU E 511 70.53 -27.62 29.54
N LEU E 512 69.94 -26.45 29.74
CA LEU E 512 70.31 -25.24 29.01
C LEU E 512 71.71 -24.77 29.40
N THR E 513 72.08 -24.97 30.66
CA THR E 513 73.40 -24.55 31.14
C THR E 513 74.49 -25.38 30.50
N GLU E 514 74.29 -26.70 30.43
CA GLU E 514 75.23 -27.59 29.77
C GLU E 514 75.35 -27.27 28.27
N PHE E 515 74.24 -26.81 27.69
CA PHE E 515 74.19 -26.45 26.27
C PHE E 515 75.07 -25.25 25.97
N VAL E 516 75.03 -24.26 26.86
CA VAL E 516 75.81 -23.04 26.72
C VAL E 516 77.29 -23.28 27.03
N LEU E 517 77.56 -24.17 27.97
CA LEU E 517 78.93 -24.41 28.42
C LEU E 517 79.73 -25.35 27.53
N ASN E 518 79.12 -26.46 27.16
CA ASN E 518 79.81 -27.49 26.39
C ASN E 518 79.55 -27.44 24.89
N SER F 2 30.75 6.11 18.45
CA SER F 2 31.17 5.82 17.09
C SER F 2 32.65 5.43 17.09
N GLU F 3 33.38 5.91 18.09
CA GLU F 3 34.80 5.57 18.25
C GLU F 3 34.93 4.19 18.93
N VAL F 4 35.62 3.27 18.26
CA VAL F 4 35.80 1.93 18.81
C VAL F 4 36.85 1.94 19.91
N PRO F 5 36.44 1.49 21.11
CA PRO F 5 37.38 1.43 22.25
C PRO F 5 38.43 0.36 22.03
N GLN F 6 39.63 0.57 22.56
CA GLN F 6 40.73 -0.38 22.41
C GLN F 6 41.31 -0.80 23.75
N VAL F 7 41.85 -2.02 23.81
CA VAL F 7 42.61 -2.46 24.98
C VAL F 7 44.09 -2.17 24.73
N VAL F 8 44.55 -2.49 23.52
CA VAL F 8 45.88 -2.07 23.07
C VAL F 8 45.72 -1.32 21.76
N SER F 9 46.75 -0.55 21.39
CA SER F 9 46.69 0.29 20.19
C SER F 9 46.63 -0.51 18.88
N LEU F 10 46.99 -1.79 18.94
CA LEU F 10 47.05 -2.63 17.75
C LEU F 10 45.69 -3.25 17.45
N ASP F 11 44.72 -2.99 18.30
CA ASP F 11 43.35 -3.47 18.11
C ASP F 11 42.66 -2.69 17.00
N PRO F 12 42.05 -3.41 16.05
CA PRO F 12 41.40 -2.76 14.90
C PRO F 12 40.28 -1.84 15.34
N THR F 13 40.09 -0.74 14.63
CA THR F 13 39.07 0.22 15.02
C THR F 13 37.99 0.29 13.95
N SER F 14 38.07 -0.61 12.96
CA SER F 14 37.02 -0.67 11.95
C SER F 14 37.00 -2.00 11.19
N ILE F 15 35.85 -2.32 10.61
CA ILE F 15 35.73 -3.49 9.75
C ILE F 15 36.15 -3.14 8.34
N PRO F 16 37.18 -3.83 7.82
CA PRO F 16 37.54 -3.63 6.42
C PRO F 16 36.46 -4.19 5.49
N ILE F 17 36.03 -3.41 4.51
CA ILE F 17 34.99 -3.84 3.58
C ILE F 17 35.40 -3.65 2.11
N GLU F 18 35.26 -4.72 1.32
CA GLU F 18 35.44 -4.60 -0.13
C GLU F 18 34.13 -4.27 -0.82
N TYR F 19 34.02 -3.09 -1.39
CA TYR F 19 32.84 -2.72 -2.13
C TYR F 19 32.99 -3.02 -3.62
N ASN F 20 34.08 -2.54 -4.21
CA ASN F 20 34.35 -2.80 -5.62
C ASN F 20 35.09 -4.12 -5.83
N THR F 21 34.33 -5.18 -6.13
CA THR F 21 34.93 -6.50 -6.34
C THR F 21 35.18 -6.71 -7.83
N PRO F 22 36.14 -7.59 -8.17
CA PRO F 22 36.40 -7.94 -9.57
C PRO F 22 35.15 -8.40 -10.33
N ILE F 23 34.15 -8.87 -9.59
CA ILE F 23 32.88 -9.28 -10.17
C ILE F 23 32.14 -8.12 -10.84
N HIS F 24 32.20 -6.94 -10.22
CA HIS F 24 31.52 -5.76 -10.76
C HIS F 24 32.19 -5.30 -12.06
N ASP F 25 33.39 -5.81 -12.32
CA ASP F 25 34.18 -5.47 -13.49
C ASP F 25 33.94 -6.37 -14.69
N ILE F 26 33.14 -7.42 -14.50
CA ILE F 26 32.89 -8.40 -15.56
C ILE F 26 31.77 -8.01 -16.53
N LYS F 27 32.13 -7.80 -17.80
CA LYS F 27 31.41 -7.64 -19.06
C LYS F 27 30.43 -8.81 -19.26
N VAL F 28 29.11 -8.83 -19.13
CA VAL F 28 28.33 -10.04 -19.42
C VAL F 28 27.48 -9.93 -20.68
N GLN F 29 27.62 -10.88 -21.59
CA GLN F 29 26.61 -10.84 -22.65
C GLN F 29 26.04 -12.24 -22.91
N VAL F 30 24.75 -12.19 -23.27
CA VAL F 30 23.94 -13.41 -23.42
C VAL F 30 23.42 -13.61 -24.85
N TYR F 31 23.64 -14.80 -25.40
CA TYR F 31 23.18 -15.11 -26.76
C TYR F 31 22.22 -16.29 -26.82
N ASP F 32 21.46 -16.38 -27.92
CA ASP F 32 20.58 -17.51 -28.13
C ASP F 32 21.37 -18.67 -28.74
N ILE F 33 21.14 -19.87 -28.22
CA ILE F 33 21.87 -21.06 -28.64
C ILE F 33 21.61 -21.44 -30.10
N LYS F 34 20.48 -20.98 -30.64
CA LYS F 34 20.10 -21.31 -32.01
C LYS F 34 21.07 -20.76 -33.06
N GLY F 35 21.73 -19.65 -32.74
CA GLY F 35 22.64 -19.03 -33.68
C GLY F 35 24.00 -19.70 -33.80
N GLY F 36 24.24 -20.69 -32.95
CA GLY F 36 25.51 -21.41 -32.94
C GLY F 36 26.47 -20.73 -31.99
N CYS F 37 27.51 -21.45 -31.57
CA CYS F 37 28.46 -20.89 -30.61
C CYS F 37 29.83 -20.63 -31.23
N ASN F 38 30.44 -19.48 -30.98
CA ASN F 38 31.83 -19.52 -31.41
C ASN F 38 32.79 -19.26 -30.26
N VAL F 39 33.91 -19.92 -30.47
CA VAL F 39 34.94 -20.20 -29.49
C VAL F 39 36.21 -19.39 -29.75
N GLU F 40 36.08 -18.06 -29.81
CA GLU F 40 37.25 -17.19 -29.92
C GLU F 40 38.26 -17.36 -28.77
N GLU F 41 38.09 -16.57 -27.72
CA GLU F 41 39.04 -16.54 -26.60
C GLU F 41 38.56 -17.37 -25.40
N GLY F 42 39.48 -17.60 -24.46
CA GLY F 42 39.13 -18.15 -23.16
C GLY F 42 38.67 -19.60 -23.07
N LEU F 43 37.82 -19.86 -22.09
CA LEU F 43 37.30 -21.20 -21.83
C LEU F 43 35.78 -21.25 -22.06
N THR F 44 35.35 -22.25 -22.82
CA THR F 44 33.93 -22.43 -23.13
C THR F 44 33.40 -23.71 -22.48
N ILE F 45 32.39 -23.57 -21.64
CA ILE F 45 31.85 -24.71 -20.91
C ILE F 45 30.40 -25.04 -21.28
N PHE F 46 30.17 -26.31 -21.61
CA PHE F 46 28.84 -26.80 -21.96
C PHE F 46 28.19 -27.52 -20.76
N LEU F 47 26.99 -27.09 -20.38
CA LEU F 47 26.23 -27.78 -19.33
C LEU F 47 25.25 -28.82 -19.91
N VAL F 48 25.59 -30.10 -19.81
CA VAL F 48 24.82 -31.16 -20.48
C VAL F 48 24.34 -32.22 -19.50
N ASN F 49 23.17 -32.79 -19.78
CA ASN F 49 22.68 -33.90 -18.98
C ASN F 49 22.37 -35.13 -19.83
N ASN F 50 21.81 -36.17 -19.21
CA ASN F 50 21.45 -37.36 -19.96
C ASN F 50 20.38 -38.22 -19.28
N PRO F 51 19.09 -37.95 -19.54
CA PRO F 51 18.05 -38.80 -18.96
C PRO F 51 18.26 -40.25 -19.45
N GLY F 52 18.55 -41.14 -18.51
CA GLY F 52 18.85 -42.53 -18.81
C GLY F 52 20.36 -42.69 -18.68
N LYS F 53 20.88 -42.14 -17.60
CA LYS F 53 22.29 -42.19 -17.30
C LYS F 53 22.62 -42.86 -15.97
N GLU F 54 23.84 -43.37 -15.87
CA GLU F 54 24.31 -44.10 -14.69
C GLU F 54 25.51 -43.56 -13.87
N ASN F 55 25.97 -42.31 -14.02
CA ASN F 55 25.69 -41.40 -15.13
C ASN F 55 26.34 -41.80 -16.47
N GLY F 56 25.62 -41.50 -17.55
CA GLY F 56 25.92 -41.83 -18.93
C GLY F 56 26.84 -40.87 -19.62
N PRO F 57 27.18 -41.17 -20.89
CA PRO F 57 28.11 -40.42 -21.75
C PRO F 57 27.63 -39.02 -22.14
N VAL F 58 28.57 -38.14 -22.44
CA VAL F 58 28.26 -36.76 -22.83
C VAL F 58 28.02 -36.57 -24.35
N LYS F 59 27.03 -35.75 -24.67
CA LYS F 59 26.74 -35.39 -26.07
C LYS F 59 26.45 -33.89 -26.18
N ILE F 60 27.29 -33.21 -26.97
CA ILE F 60 27.17 -31.77 -27.23
C ILE F 60 26.17 -31.54 -28.38
N SER F 61 25.74 -30.30 -28.58
CA SER F 61 24.72 -29.98 -29.57
C SER F 61 24.69 -28.50 -29.96
N SER F 62 25.01 -28.21 -31.23
CA SER F 62 25.09 -26.84 -31.73
C SER F 62 25.31 -26.82 -33.25
N VAL F 64 28.63 -25.20 -32.90
CA VAL F 64 29.84 -24.41 -32.69
C VAL F 64 30.32 -23.87 -34.03
N ASN F 65 30.34 -22.56 -34.22
CA ASN F 65 30.73 -22.07 -35.55
C ASN F 65 32.24 -21.96 -35.78
N ASP F 66 32.94 -23.07 -35.57
CA ASP F 66 34.36 -23.19 -35.85
C ASP F 66 34.67 -24.67 -36.01
N LYS F 67 35.15 -25.04 -37.19
CA LYS F 67 35.34 -26.44 -37.52
C LYS F 67 36.43 -27.10 -36.69
N VAL F 69 36.47 -26.05 -31.35
CA VAL F 69 36.55 -26.94 -32.51
C VAL F 69 35.49 -28.02 -32.45
N SER F 70 34.48 -27.92 -33.31
CA SER F 70 33.38 -28.87 -33.48
C SER F 70 33.81 -30.34 -33.39
N GLU F 71 35.00 -30.63 -33.92
CA GLU F 71 35.57 -31.97 -33.93
C GLU F 71 35.97 -32.53 -32.54
N PHE F 72 36.50 -31.68 -31.67
CA PHE F 72 36.83 -32.13 -30.31
C PHE F 72 35.58 -32.58 -29.60
N LEU F 73 34.51 -31.83 -29.80
CA LEU F 73 33.25 -32.05 -29.11
C LEU F 73 32.39 -33.06 -29.85
N LYS F 74 32.98 -33.76 -30.81
CA LYS F 74 32.26 -34.79 -31.57
C LYS F 74 31.80 -35.89 -30.63
N ASP F 75 30.72 -36.57 -31.02
CA ASP F 75 30.08 -37.56 -30.16
C ASP F 75 31.01 -38.72 -29.79
N GLU F 76 31.86 -39.12 -30.73
CA GLU F 76 32.81 -40.20 -30.50
C GLU F 76 33.83 -39.95 -29.37
N ASN F 77 34.36 -38.74 -29.30
CA ASN F 77 35.34 -38.40 -28.26
C ASN F 77 34.70 -38.09 -26.93
N MET F 78 33.50 -37.56 -26.97
CA MET F 78 32.88 -37.08 -25.77
C MET F 78 32.25 -38.24 -25.02
N GLU F 79 32.00 -39.34 -25.72
CA GLU F 79 31.35 -40.49 -25.11
C GLU F 79 32.23 -41.16 -24.06
N LYS F 80 33.53 -40.84 -24.08
CA LYS F 80 34.48 -41.40 -23.11
C LYS F 80 34.37 -40.78 -21.71
N PHE F 81 33.64 -39.67 -21.62
CA PHE F 81 33.42 -38.98 -20.34
C PHE F 81 31.95 -39.12 -19.94
N ASN F 82 31.66 -39.03 -18.65
CA ASN F 82 30.27 -39.19 -18.21
C ASN F 82 29.70 -37.94 -17.54
N VAL F 83 28.39 -37.91 -17.37
CA VAL F 83 27.69 -36.71 -16.92
C VAL F 83 27.36 -36.69 -15.43
N LYS F 84 28.04 -37.52 -14.64
CA LYS F 84 27.83 -37.57 -13.19
C LYS F 84 27.84 -36.16 -12.64
N LEU F 85 26.80 -35.82 -11.88
CA LEU F 85 26.64 -34.46 -11.40
C LEU F 85 27.88 -34.01 -10.65
N GLY F 86 28.54 -32.99 -11.20
CA GLY F 86 29.74 -32.42 -10.62
C GLY F 86 31.04 -32.82 -11.31
N THR F 87 30.98 -33.87 -12.12
CA THR F 87 32.17 -34.34 -12.82
C THR F 87 32.52 -33.33 -13.93
N SER F 88 33.80 -33.09 -14.17
CA SER F 88 34.20 -32.16 -15.21
C SER F 88 35.57 -32.47 -15.84
N LYS F 89 35.72 -32.09 -17.10
CA LYS F 89 37.01 -32.18 -17.79
C LYS F 89 37.09 -31.04 -18.80
N HIS F 90 38.26 -30.40 -18.89
CA HIS F 90 38.49 -29.36 -19.90
C HIS F 90 39.82 -29.55 -20.62
N PHE F 91 39.81 -29.33 -21.94
CA PHE F 91 40.99 -29.49 -22.77
C PHE F 91 41.33 -28.18 -23.50
N TYR F 92 42.62 -27.91 -23.67
CA TYR F 92 43.10 -26.71 -24.38
C TYR F 92 43.59 -27.07 -25.79
N MET F 93 43.24 -26.22 -26.76
CA MET F 93 43.42 -26.49 -28.19
C MET F 93 43.64 -25.23 -29.02
N PHE F 94 43.94 -25.39 -30.30
CA PHE F 94 43.97 -24.28 -31.25
C PHE F 94 42.72 -24.29 -32.14
N ASN F 95 42.14 -23.11 -32.33
CA ASN F 95 40.94 -22.93 -33.16
C ASN F 95 41.25 -22.56 -34.61
N ASP F 96 40.23 -22.08 -35.33
CA ASP F 96 40.32 -21.67 -36.72
C ASP F 96 41.31 -20.52 -36.92
N ASN F 97 41.34 -19.63 -35.93
CA ASN F 97 42.18 -18.45 -36.02
C ASN F 97 43.57 -18.70 -35.46
N LYS F 98 43.89 -19.98 -35.26
CA LYS F 98 45.18 -20.41 -34.72
C LYS F 98 45.44 -19.75 -33.38
N ASN F 99 44.37 -19.53 -32.62
CA ASN F 99 44.50 -19.02 -31.26
C ASN F 99 44.23 -20.15 -30.28
N SER F 100 44.93 -20.15 -29.14
CA SER F 100 44.76 -21.22 -28.16
C SER F 100 43.51 -21.02 -27.30
N VAL F 101 42.60 -22.00 -27.36
CA VAL F 101 41.38 -21.95 -26.57
C VAL F 101 41.20 -23.21 -25.72
N ALA F 102 40.42 -23.09 -24.66
CA ALA F 102 40.12 -24.21 -23.78
C ALA F 102 38.64 -24.55 -23.81
N VAL F 103 38.33 -25.84 -23.91
CA VAL F 103 36.95 -26.31 -24.05
C VAL F 103 36.70 -27.45 -23.06
N GLY F 104 35.47 -27.57 -22.55
CA GLY F 104 35.12 -28.61 -21.61
C GLY F 104 33.65 -28.77 -21.25
N TYR F 105 33.37 -29.54 -20.19
CA TYR F 105 32.01 -29.87 -19.78
C TYR F 105 31.86 -29.83 -18.26
N VAL F 106 30.63 -29.68 -17.78
CA VAL F 106 30.29 -30.03 -16.40
C VAL F 106 29.03 -30.89 -16.41
N GLY F 107 29.11 -32.07 -15.80
CA GLY F 107 27.99 -32.99 -15.77
C GLY F 107 26.85 -32.51 -14.90
N CYS F 108 25.63 -32.61 -15.42
CA CYS F 108 24.47 -32.14 -14.66
C CYS F 108 23.46 -33.26 -14.36
N GLY F 109 23.94 -34.50 -14.31
CA GLY F 109 23.12 -35.62 -13.92
C GLY F 109 22.05 -35.95 -14.96
N SER F 110 20.97 -36.60 -14.51
CA SER F 110 19.89 -37.04 -15.37
C SER F 110 18.49 -36.59 -14.96
N VAL F 111 18.37 -35.61 -14.08
CA VAL F 111 17.07 -35.33 -13.50
C VAL F 111 16.36 -34.14 -14.18
N ALA F 112 16.97 -33.67 -15.26
CA ALA F 112 16.35 -32.71 -16.20
C ALA F 112 16.09 -31.34 -15.56
N ASP F 113 15.21 -31.28 -14.57
CA ASP F 113 15.06 -30.01 -13.84
C ASP F 113 15.95 -30.02 -12.61
N LEU F 114 17.02 -29.23 -12.68
CA LEU F 114 17.96 -29.21 -11.55
C LEU F 114 17.53 -28.34 -10.39
N SER F 115 17.76 -28.91 -9.22
CA SER F 115 17.42 -28.30 -7.94
C SER F 115 18.43 -27.25 -7.46
N GLU F 116 18.13 -26.73 -6.27
CA GLU F 116 18.94 -25.71 -5.60
C GLU F 116 20.33 -26.18 -5.25
N ALA F 117 20.40 -27.39 -4.74
CA ALA F 117 21.66 -27.98 -4.31
C ALA F 117 22.51 -28.48 -5.45
N ASP F 118 21.85 -29.13 -6.40
CA ASP F 118 22.54 -29.71 -7.54
C ASP F 118 23.18 -28.64 -8.42
N MET F 119 22.46 -27.55 -8.67
CA MET F 119 22.99 -26.45 -9.47
C MET F 119 24.22 -25.85 -8.78
N LYS F 120 24.20 -25.86 -7.45
CA LYS F 120 25.34 -25.40 -6.67
C LYS F 120 26.56 -26.28 -6.96
N ARG F 121 26.33 -27.59 -7.05
CA ARG F 121 27.42 -28.52 -7.31
C ARG F 121 28.01 -28.26 -8.70
N VAL F 122 27.15 -27.89 -9.63
CA VAL F 122 27.60 -27.53 -10.98
C VAL F 122 28.51 -26.31 -10.92
N VAL F 123 28.09 -25.30 -10.16
CA VAL F 123 28.85 -24.06 -10.03
C VAL F 123 30.23 -24.28 -9.41
N LEU F 124 30.30 -25.04 -8.30
CA LEU F 124 31.58 -25.32 -7.66
C LEU F 124 32.54 -25.98 -8.64
N SER F 125 32.01 -26.87 -9.47
CA SER F 125 32.82 -27.52 -10.49
C SER F 125 33.32 -26.50 -11.52
N LEU F 126 32.45 -25.56 -11.89
CA LEU F 126 32.81 -24.50 -12.82
C LEU F 126 33.86 -23.58 -12.22
N VAL F 127 33.64 -23.22 -10.96
CA VAL F 127 34.52 -22.30 -10.25
C VAL F 127 35.90 -22.91 -10.04
N THR F 128 35.95 -24.23 -9.86
CA THR F 128 37.23 -24.92 -9.69
C THR F 128 38.14 -24.73 -10.90
N MET F 129 37.57 -24.78 -12.10
CA MET F 129 38.37 -24.59 -13.30
C MET F 129 38.83 -23.13 -13.44
N LEU F 130 38.03 -22.21 -12.89
CA LEU F 130 38.35 -20.80 -12.99
C LEU F 130 39.46 -20.42 -12.00
N HIS F 131 39.49 -21.12 -10.87
CA HIS F 131 40.48 -20.87 -9.83
C HIS F 131 41.88 -21.40 -10.12
N ASP F 132 42.00 -22.28 -11.11
CA ASP F 132 43.31 -22.83 -11.45
C ASP F 132 43.73 -22.47 -12.87
N ASN F 133 42.99 -21.55 -13.49
CA ASN F 133 43.25 -21.11 -14.86
C ASN F 133 43.27 -19.59 -15.00
N LYS F 134 44.16 -19.09 -15.85
CA LYS F 134 44.36 -17.64 -16.02
C LYS F 134 43.53 -17.05 -17.17
N LEU F 135 42.25 -17.37 -17.19
CA LEU F 135 41.34 -16.92 -18.24
C LEU F 135 40.98 -15.44 -18.17
N SER F 136 40.65 -14.85 -19.32
CA SER F 136 40.18 -13.47 -19.36
C SER F 136 38.69 -13.47 -19.73
N LYS F 137 38.23 -14.56 -20.32
CA LYS F 137 36.82 -14.71 -20.67
C LYS F 137 36.36 -16.15 -20.45
N LEU F 138 35.14 -16.27 -19.93
CA LEU F 138 34.48 -17.55 -19.75
C LEU F 138 33.17 -17.55 -20.52
N THR F 139 32.94 -18.60 -21.31
CA THR F 139 31.68 -18.71 -22.04
C THR F 139 30.97 -19.99 -21.57
N VAL F 140 29.70 -19.84 -21.18
CA VAL F 140 28.93 -20.96 -20.65
C VAL F 140 27.76 -21.33 -21.55
N VAL F 141 27.70 -22.60 -21.96
CA VAL F 141 26.60 -23.06 -22.80
C VAL F 141 25.65 -23.98 -22.04
N PHE F 142 24.40 -23.54 -21.91
CA PHE F 142 23.37 -24.30 -21.20
C PHE F 142 22.65 -25.28 -22.12
N GLU F 143 23.11 -26.53 -22.14
CA GLU F 143 22.41 -27.59 -22.86
C GLU F 143 21.52 -28.38 -21.91
N ILE F 144 21.01 -27.66 -20.91
CA ILE F 144 20.01 -28.17 -19.99
C ILE F 144 18.94 -27.10 -19.87
N ASN F 145 17.77 -27.43 -19.33
CA ASN F 145 16.76 -26.38 -19.21
C ASN F 145 16.50 -25.87 -17.80
N VAL F 146 16.57 -24.55 -17.71
CA VAL F 146 16.43 -23.79 -16.48
C VAL F 146 15.43 -22.65 -16.56
N ASP F 147 14.80 -22.32 -15.43
CA ASP F 147 13.88 -21.21 -15.26
C ASP F 147 14.59 -19.86 -15.37
N LYS F 148 13.83 -18.77 -15.34
CA LYS F 148 14.41 -17.43 -15.37
C LYS F 148 15.02 -17.23 -13.99
N ASN F 149 14.32 -17.68 -12.96
CA ASN F 149 14.81 -17.57 -11.59
C ASN F 149 16.07 -18.40 -11.30
N LEU F 150 16.12 -19.63 -11.81
CA LEU F 150 17.27 -20.51 -11.54
C LEU F 150 18.53 -20.04 -12.26
N PHE F 151 18.34 -19.41 -13.42
CA PHE F 151 19.46 -18.84 -14.15
C PHE F 151 20.11 -17.72 -13.36
N ARG F 152 19.28 -16.88 -12.74
CA ARG F 152 19.78 -15.81 -11.91
C ARG F 152 20.56 -16.42 -10.76
N PHE F 153 20.02 -17.48 -10.18
CA PHE F 153 20.64 -18.22 -9.09
C PHE F 153 21.99 -18.78 -9.52
N PHE F 154 22.05 -19.27 -10.75
CA PHE F 154 23.31 -19.74 -11.32
C PHE F 154 24.33 -18.62 -11.30
N LEU F 155 23.94 -17.45 -11.81
CA LEU F 155 24.83 -16.31 -11.89
C LEU F 155 25.27 -15.83 -10.51
N GLU F 156 24.29 -15.64 -9.62
CA GLU F 156 24.57 -15.22 -8.24
C GLU F 156 25.55 -16.14 -7.53
N THR F 157 25.30 -17.44 -7.61
CA THR F 157 26.13 -18.43 -6.94
C THR F 157 27.51 -18.47 -7.58
N LEU F 158 27.55 -18.37 -8.92
CA LEU F 158 28.81 -18.33 -9.66
C LEU F 158 29.70 -17.20 -9.18
N PHE F 159 29.12 -15.99 -9.16
CA PHE F 159 29.82 -14.79 -8.72
C PHE F 159 30.34 -14.94 -7.29
N TYR F 160 29.48 -15.45 -6.41
CA TYR F 160 29.78 -15.57 -4.99
C TYR F 160 30.90 -16.58 -4.69
N GLU F 161 30.83 -17.72 -5.36
CA GLU F 161 31.81 -18.77 -5.12
C GLU F 161 33.14 -18.37 -5.77
N TYR F 162 33.06 -17.62 -6.86
CA TYR F 162 34.25 -17.22 -7.60
C TYR F 162 35.04 -16.19 -6.81
N MET F 163 34.31 -15.30 -6.14
CA MET F 163 34.94 -14.25 -5.37
C MET F 163 35.68 -14.81 -4.16
N THR F 164 36.87 -14.26 -3.89
CA THR F 164 37.70 -14.71 -2.78
C THR F 164 38.04 -13.57 -1.84
N ASP F 165 37.77 -13.78 -0.55
CA ASP F 165 37.99 -12.76 0.48
C ASP F 165 39.43 -12.79 0.99
N GLU F 166 40.16 -11.70 0.76
CA GLU F 166 41.58 -11.64 1.13
C GLU F 166 41.89 -10.47 2.04
N ARG F 167 40.86 -9.94 2.70
CA ARG F 167 41.01 -8.77 3.57
C ARG F 167 42.03 -8.94 4.70
N PHE F 168 42.13 -10.17 5.22
CA PHE F 168 42.95 -10.41 6.40
C PHE F 168 44.21 -11.20 6.09
N LYS F 169 44.47 -11.38 4.80
CA LYS F 169 45.72 -11.95 4.30
C LYS F 169 46.80 -10.91 4.16
N SER F 170 48.04 -11.36 4.19
CA SER F 170 49.18 -10.50 3.93
C SER F 170 49.78 -11.25 2.75
N THR F 171 49.87 -12.57 2.91
CA THR F 171 50.27 -13.48 1.83
C THR F 171 49.61 -14.85 2.02
N GLU F 178 44.03 -11.72 -12.74
CA GLU F 178 43.62 -12.98 -12.13
C GLU F 178 42.17 -13.32 -12.45
N TYR F 179 41.28 -12.33 -12.32
CA TYR F 179 39.86 -12.54 -12.61
C TYR F 179 39.51 -12.30 -14.07
N ILE F 180 38.58 -13.08 -14.60
CA ILE F 180 38.09 -12.87 -15.95
C ILE F 180 37.44 -11.50 -16.04
N LYS F 181 37.44 -10.93 -17.24
CA LYS F 181 36.86 -9.60 -17.45
C LYS F 181 35.58 -9.72 -18.27
N HIS F 182 35.37 -10.89 -18.86
CA HIS F 182 34.21 -11.10 -19.74
C HIS F 182 33.53 -12.43 -19.45
N LEU F 183 32.20 -12.41 -19.47
CA LEU F 183 31.40 -13.63 -19.28
C LEU F 183 30.39 -13.83 -20.40
N GLY F 184 30.52 -14.94 -21.12
CA GLY F 184 29.58 -15.27 -22.17
C GLY F 184 28.63 -16.40 -21.80
N VAL F 185 27.36 -16.24 -22.14
CA VAL F 185 26.37 -17.29 -21.89
C VAL F 185 25.51 -17.56 -23.12
N TYR F 186 25.50 -18.82 -23.56
CA TYR F 186 24.62 -19.25 -24.63
C TYR F 186 23.48 -20.06 -24.03
N ILE F 187 22.27 -19.59 -24.27
CA ILE F 187 21.07 -20.21 -23.71
C ILE F 187 19.91 -19.97 -24.66
N ASN F 188 18.86 -20.78 -24.61
CA ASN F 188 17.80 -20.42 -25.55
C ASN F 188 16.74 -19.55 -24.93
N ASN F 189 16.12 -18.77 -25.82
CA ASN F 189 15.27 -17.65 -25.47
C ASN F 189 16.03 -16.62 -24.63
N ALA F 190 17.21 -16.26 -25.11
CA ALA F 190 18.14 -15.41 -24.38
C ALA F 190 17.54 -14.08 -24.00
N ASP F 191 16.69 -13.53 -24.87
CA ASP F 191 16.11 -12.22 -24.64
C ASP F 191 15.25 -12.19 -23.37
N THR F 192 14.79 -13.36 -22.94
CA THR F 192 14.01 -13.47 -21.71
C THR F 192 14.88 -13.49 -20.44
N TYR F 193 16.15 -13.86 -20.59
CA TYR F 193 17.05 -14.00 -19.45
C TYR F 193 17.88 -12.75 -19.15
N LYS F 194 17.93 -11.82 -20.11
CA LYS F 194 18.79 -10.65 -19.99
C LYS F 194 18.46 -9.77 -18.78
N GLU F 195 17.19 -9.71 -18.42
CA GLU F 195 16.75 -8.87 -17.30
C GLU F 195 17.27 -9.41 -15.96
N GLU F 196 17.63 -10.69 -15.95
CA GLU F 196 18.08 -11.38 -14.74
C GLU F 196 19.55 -11.13 -14.39
N VAL F 197 20.33 -10.65 -15.36
CA VAL F 197 21.78 -10.50 -15.18
C VAL F 197 22.20 -9.49 -14.11
N GLU F 198 21.75 -8.25 -14.23
CA GLU F 198 22.14 -7.20 -13.28
C GLU F 198 21.47 -7.39 -11.93
N LYS F 199 20.32 -8.04 -11.94
CA LYS F 199 19.63 -8.40 -10.70
C LYS F 199 20.48 -9.39 -9.94
N ALA F 200 21.11 -10.31 -10.67
CA ALA F 200 21.98 -11.32 -10.09
C ALA F 200 23.25 -10.73 -9.44
N ARG F 201 23.88 -9.80 -10.16
CA ARG F 201 25.10 -9.17 -9.67
C ARG F 201 24.81 -8.39 -8.39
N VAL F 202 23.62 -7.79 -8.33
CA VAL F 202 23.19 -7.06 -7.14
C VAL F 202 22.97 -8.04 -5.99
N TYR F 203 22.24 -9.12 -6.26
CA TYR F 203 22.00 -10.13 -5.24
C TYR F 203 23.34 -10.72 -4.81
N TYR F 204 24.24 -10.86 -5.77
CA TYR F 204 25.59 -11.33 -5.47
C TYR F 204 26.24 -10.47 -4.41
N PHE F 205 26.27 -9.15 -4.61
CA PHE F 205 27.02 -8.31 -3.69
C PHE F 205 26.33 -8.23 -2.34
N GLY F 206 25.00 -8.17 -2.35
CA GLY F 206 24.24 -8.17 -1.11
C GLY F 206 24.57 -9.39 -0.28
N THR F 207 24.63 -10.54 -0.95
CA THR F 207 24.99 -11.80 -0.30
C THR F 207 26.45 -11.79 0.13
N TYR F 208 27.33 -11.34 -0.76
CA TYR F 208 28.75 -11.30 -0.47
C TYR F 208 29.08 -10.28 0.60
N TYR F 209 28.34 -9.17 0.58
CA TYR F 209 28.49 -8.15 1.61
C TYR F 209 28.18 -8.73 2.99
N ALA F 210 27.08 -9.47 3.08
CA ALA F 210 26.70 -10.13 4.33
C ALA F 210 27.79 -11.10 4.75
N SER F 211 28.28 -11.86 3.77
CA SER F 211 29.37 -12.80 3.98
C SER F 211 30.58 -12.08 4.58
N GLN F 212 30.88 -10.90 4.04
CA GLN F 212 31.99 -10.11 4.52
C GLN F 212 31.83 -9.69 5.98
N LEU F 213 30.60 -9.33 6.36
CA LEU F 213 30.34 -8.94 7.73
C LEU F 213 30.44 -10.12 8.70
N ILE F 214 29.88 -11.26 8.29
CA ILE F 214 29.88 -12.45 9.15
C ILE F 214 31.28 -13.00 9.33
N ALA F 215 32.03 -13.07 8.24
CA ALA F 215 33.37 -13.64 8.25
C ALA F 215 34.32 -12.76 9.01
N ALA F 216 34.01 -11.47 9.07
CA ALA F 216 34.85 -10.54 9.83
C ALA F 216 34.90 -10.99 11.28
N PRO F 217 36.11 -11.19 11.80
CA PRO F 217 36.25 -11.66 13.19
C PRO F 217 35.71 -10.63 14.17
N SER F 218 35.44 -11.06 15.39
CA SER F 218 34.74 -10.23 16.34
C SER F 218 35.58 -9.08 16.88
N ASN F 219 36.90 -9.17 16.78
CA ASN F 219 37.73 -8.05 17.19
C ASN F 219 37.69 -6.95 16.15
N TYR F 220 37.41 -7.34 14.91
CA TYR F 220 37.21 -6.38 13.83
C TYR F 220 35.74 -5.96 13.83
N CYS F 221 34.86 -6.95 13.89
CA CYS F 221 33.42 -6.70 13.87
C CYS F 221 32.85 -6.73 15.29
N ASN F 222 32.67 -5.55 15.86
CA ASN F 222 32.13 -5.37 17.20
C ASN F 222 30.88 -4.49 17.12
N PRO F 223 30.12 -4.34 18.23
CA PRO F 223 28.91 -3.53 18.16
C PRO F 223 29.10 -2.12 17.54
N VAL F 224 30.22 -1.49 17.85
CA VAL F 224 30.48 -0.15 17.32
C VAL F 224 30.90 -0.17 15.85
N SER F 225 31.86 -1.01 15.52
CA SER F 225 32.38 -1.05 14.15
C SER F 225 31.31 -1.56 13.19
N LEU F 226 30.41 -2.40 13.69
CA LEU F 226 29.35 -2.93 12.86
C LEU F 226 28.29 -1.85 12.58
N SER F 227 27.93 -1.08 13.62
CA SER F 227 26.97 0.01 13.45
C SER F 227 27.52 1.12 12.55
N ASN F 228 28.83 1.35 12.63
CA ASN F 228 29.50 2.30 11.74
C ASN F 228 29.40 1.90 10.27
N ALA F 229 29.61 0.62 10.00
CA ALA F 229 29.53 0.09 8.64
C ALA F 229 28.13 0.23 8.09
N ALA F 230 27.15 0.11 8.99
CA ALA F 230 25.75 0.24 8.62
C ALA F 230 25.46 1.66 8.16
N VAL F 231 26.02 2.63 8.88
CA VAL F 231 25.91 4.04 8.53
C VAL F 231 26.57 4.31 7.18
N GLU F 232 27.78 3.76 7.01
CA GLU F 232 28.51 3.93 5.76
C GLU F 232 27.70 3.33 4.62
N LEU F 233 27.06 2.20 4.90
CA LEU F 233 26.20 1.54 3.92
C LEU F 233 25.00 2.40 3.59
N ALA F 234 24.38 2.93 4.64
CA ALA F 234 23.21 3.79 4.50
C ALA F 234 23.54 5.06 3.72
N GLN F 235 24.75 5.59 3.93
CA GLN F 235 25.18 6.84 3.30
C GLN F 235 25.42 6.72 1.80
N LYS F 236 26.02 5.63 1.41
CA LYS F 236 26.35 5.38 0.03
C LYS F 236 25.14 5.00 -0.68
N LEU F 237 24.30 4.31 0.02
CA LEU F 237 23.08 3.84 -0.53
C LEU F 237 22.25 5.01 -0.69
N ASN F 238 21.82 5.63 0.41
CA ASN F 238 20.95 6.82 0.49
C ASN F 238 19.80 6.51 1.43
N LEU F 239 20.09 5.81 2.52
CA LEU F 239 19.05 5.25 3.33
C LEU F 239 19.04 6.09 4.59
N GLU F 240 17.85 6.36 5.11
CA GLU F 240 17.75 7.08 6.38
C GLU F 240 18.31 6.18 7.46
N TYR F 241 19.10 6.76 8.36
CA TYR F 241 19.70 5.96 9.40
C TYR F 241 19.65 6.63 10.76
N LYS F 242 19.57 5.81 11.78
CA LYS F 242 19.53 6.24 13.17
C LYS F 242 20.18 5.17 14.01
N ILE F 243 21.17 5.57 14.79
CA ILE F 243 21.87 4.62 15.66
C ILE F 243 21.66 4.97 17.13
N LEU F 244 21.10 4.01 17.86
CA LEU F 244 20.79 4.16 19.26
C LEU F 244 21.94 3.73 20.13
N GLY F 245 22.38 4.63 21.01
CA GLY F 245 23.42 4.29 21.97
C GLY F 245 22.77 3.95 23.30
N VAL F 246 23.60 3.66 24.30
CA VAL F 246 23.11 3.20 25.59
C VAL F 246 22.11 4.17 26.22
N LYS F 247 22.37 5.47 26.11
CA LYS F 247 21.52 6.46 26.77
C LYS F 247 20.12 6.45 26.17
N GLU F 248 20.02 6.27 24.86
CA GLU F 248 18.64 6.23 24.35
C GLU F 248 18.03 4.85 24.57
N LEU F 249 18.83 3.80 24.74
CA LEU F 249 18.28 2.49 25.10
C LEU F 249 17.79 2.41 26.55
N GLU F 250 18.44 3.17 27.44
CA GLU F 250 17.99 3.24 28.83
C GLU F 250 16.60 3.88 29.00
N GLU F 251 16.37 4.98 28.31
CA GLU F 251 15.20 5.79 28.00
C GLU F 251 13.99 4.92 27.75
N LEU F 252 14.37 4.16 26.74
CA LEU F 252 13.42 3.31 26.04
C LEU F 252 13.23 2.05 26.86
N LYS F 253 14.00 1.94 27.94
CA LYS F 253 13.83 0.86 28.91
C LYS F 253 14.01 -0.53 28.31
N MET F 254 14.95 -0.68 27.37
CA MET F 254 15.20 -1.98 26.76
C MET F 254 16.10 -2.83 27.66
N GLY F 255 15.55 -3.26 28.79
CA GLY F 255 16.32 -3.97 29.80
C GLY F 255 16.82 -5.35 29.39
N ALA F 256 16.06 -6.04 28.56
CA ALA F 256 16.46 -7.37 28.11
C ALA F 256 17.71 -7.26 27.22
N TYR F 257 17.64 -6.37 26.24
CA TYR F 257 18.75 -6.12 25.33
C TYR F 257 19.98 -5.59 26.09
N LEU F 258 19.77 -4.62 26.99
CA LEU F 258 20.90 -4.05 27.73
C LEU F 258 21.61 -5.00 28.69
N SER F 259 20.89 -5.98 29.23
CA SER F 259 21.52 -6.92 30.16
C SER F 259 22.55 -7.77 29.45
N VAL F 260 22.21 -8.19 28.23
CA VAL F 260 23.06 -9.06 27.44
C VAL F 260 24.43 -8.41 27.16
N GLY F 261 24.45 -7.09 26.99
CA GLY F 261 25.67 -6.39 26.63
C GLY F 261 26.43 -5.83 27.81
N LYS F 262 25.90 -6.01 29.01
CA LYS F 262 26.50 -5.45 30.22
C LYS F 262 27.97 -5.86 30.40
N GLY F 263 28.30 -7.08 30.05
CA GLY F 263 29.65 -7.60 30.25
C GLY F 263 30.63 -7.26 29.15
N SER F 264 30.21 -6.48 28.17
CA SER F 264 31.06 -6.15 27.05
C SER F 264 31.77 -4.82 27.21
N MET F 265 32.94 -4.70 26.59
CA MET F 265 33.69 -3.44 26.57
C MET F 265 33.15 -2.54 25.47
N TYR F 266 32.26 -3.07 24.65
CA TYR F 266 31.64 -2.31 23.58
C TYR F 266 30.21 -1.92 23.95
N PRO F 267 29.91 -0.61 23.94
CA PRO F 267 28.54 -0.15 24.21
C PRO F 267 27.55 -0.70 23.20
N ASN F 268 26.36 -1.03 23.67
CA ASN F 268 25.30 -1.52 22.80
C ASN F 268 24.90 -0.47 21.77
N LYS F 269 24.63 -0.91 20.54
CA LYS F 269 24.22 -0.01 19.48
C LYS F 269 23.02 -0.59 18.75
N PHE F 270 21.91 0.11 18.74
CA PHE F 270 20.73 -0.35 18.03
C PHE F 270 20.72 0.26 16.64
N ILE F 271 20.76 -0.59 15.63
CA ILE F 271 20.81 -0.17 14.24
C ILE F 271 19.40 -0.03 13.66
N HIS F 272 19.10 1.14 13.09
CA HIS F 272 17.81 1.37 12.46
C HIS F 272 17.98 2.05 11.12
N LEU F 273 18.01 1.25 10.05
CA LEU F 273 18.01 1.80 8.70
C LEU F 273 16.58 1.77 8.21
N THR F 274 16.23 2.70 7.32
CA THR F 274 14.88 2.76 6.83
C THR F 274 14.86 3.07 5.32
N TYR F 275 14.14 2.26 4.56
CA TYR F 275 13.88 2.53 3.15
C TYR F 275 12.43 2.96 2.95
N LYS F 276 12.21 4.04 2.22
CA LYS F 276 10.86 4.43 1.86
C LYS F 276 10.76 4.55 0.34
N SER F 277 9.75 3.91 -0.24
CA SER F 277 9.55 3.92 -1.68
C SER F 277 8.99 5.24 -2.18
N LYS F 278 9.33 5.60 -3.42
CA LYS F 278 8.82 6.82 -4.01
C LYS F 278 7.37 6.57 -4.45
N GLY F 279 7.03 5.28 -4.60
CA GLY F 279 5.66 4.87 -4.82
C GLY F 279 4.75 5.30 -3.69
N ASP F 280 3.52 4.80 -3.70
CA ASP F 280 2.65 5.02 -2.55
C ASP F 280 2.71 3.69 -1.83
N VAL F 281 2.67 3.75 -0.50
CA VAL F 281 2.98 2.56 0.28
C VAL F 281 1.77 1.74 0.64
N LYS F 282 1.74 0.50 0.16
CA LYS F 282 0.64 -0.39 0.47
C LYS F 282 1.16 -1.51 1.36
N LYS F 283 2.43 -1.42 1.75
CA LYS F 283 3.01 -2.35 2.70
C LYS F 283 4.16 -1.72 3.48
N LYS F 284 4.07 -1.78 4.80
CA LYS F 284 5.14 -1.33 5.68
C LYS F 284 5.78 -2.55 6.32
N ILE F 285 7.08 -2.75 6.11
CA ILE F 285 7.71 -3.97 6.58
C ILE F 285 8.91 -3.67 7.48
N ALA F 286 9.00 -4.41 8.59
CA ALA F 286 10.17 -4.34 9.45
C ALA F 286 10.97 -5.63 9.38
N LEU F 287 12.25 -5.52 9.05
CA LEU F 287 13.15 -6.67 9.07
C LEU F 287 14.05 -6.57 10.27
N VAL F 288 14.02 -7.59 11.12
CA VAL F 288 14.80 -7.59 12.37
C VAL F 288 15.84 -8.70 12.40
N GLY F 289 17.08 -8.35 12.71
CA GLY F 289 18.15 -9.33 12.74
C GLY F 289 18.87 -9.46 14.07
N LYS F 290 19.15 -10.71 14.47
CA LYS F 290 20.01 -10.93 15.63
C LYS F 290 21.43 -10.45 15.35
N GLY F 291 21.91 -9.56 16.21
CA GLY F 291 23.20 -8.96 16.03
C GLY F 291 24.14 -9.15 17.21
N ILE F 292 24.46 -10.40 17.51
CA ILE F 292 25.44 -10.68 18.55
C ILE F 292 26.81 -10.88 17.90
N THR F 293 27.68 -9.87 18.04
CA THR F 293 28.97 -9.85 17.34
C THR F 293 29.88 -10.96 17.82
N PHE F 294 29.69 -11.40 19.05
CA PHE F 294 30.30 -12.62 19.54
C PHE F 294 29.48 -13.21 20.66
N ASP F 295 29.17 -14.49 20.54
CA ASP F 295 28.42 -15.21 21.55
C ASP F 295 29.34 -16.10 22.33
N SER F 296 29.83 -15.62 23.46
CA SER F 296 30.65 -16.46 24.30
C SER F 296 29.76 -17.42 25.10
N GLY F 297 28.49 -17.03 25.24
CA GLY F 297 27.54 -17.80 26.03
C GLY F 297 27.30 -17.16 27.38
N GLY F 298 28.16 -16.23 27.76
CA GLY F 298 28.12 -15.63 29.07
C GLY F 298 28.54 -16.60 30.16
N TYR F 299 27.95 -16.46 31.34
CA TYR F 299 28.30 -17.32 32.48
C TYR F 299 27.93 -18.78 32.25
N ASN F 300 26.98 -19.01 31.35
CA ASN F 300 26.77 -20.33 30.79
C ASN F 300 27.74 -20.54 29.63
N LEU F 301 29.02 -20.44 29.93
CA LEU F 301 30.06 -20.41 28.93
C LEU F 301 29.98 -21.62 28.00
N LYS F 302 30.22 -21.38 26.71
CA LYS F 302 30.18 -22.44 25.72
C LYS F 302 31.43 -23.28 25.89
N ALA F 303 31.36 -24.25 26.79
CA ALA F 303 32.52 -25.06 27.13
C ALA F 303 32.26 -26.53 26.83
N ALA F 304 31.00 -26.84 26.58
CA ALA F 304 30.59 -28.20 26.26
C ALA F 304 31.01 -28.54 24.83
N PRO F 305 31.35 -29.81 24.58
CA PRO F 305 31.73 -30.30 23.26
C PRO F 305 30.65 -30.04 22.21
N GLY F 306 31.00 -29.39 21.11
CA GLY F 306 30.03 -29.11 20.08
C GLY F 306 29.57 -27.68 20.06
N SER F 307 29.95 -26.91 21.08
CA SER F 307 29.48 -25.53 21.17
C SER F 307 30.05 -24.66 20.06
N MET F 308 31.19 -25.05 19.51
CA MET F 308 31.83 -24.36 18.40
C MET F 308 32.05 -22.88 18.69
N ILE F 309 32.70 -22.59 19.82
CA ILE F 309 32.85 -21.21 20.28
C ILE F 309 33.75 -20.39 19.36
N ASP F 310 34.60 -21.07 18.59
CA ASP F 310 35.49 -20.37 17.67
C ASP F 310 34.74 -19.84 16.46
N LEU F 311 33.47 -20.25 16.33
CA LEU F 311 32.68 -19.86 15.17
C LEU F 311 31.70 -18.74 15.54
N MET F 312 31.64 -18.39 16.82
CA MET F 312 30.52 -17.60 17.32
C MET F 312 30.56 -16.12 16.93
N LYS F 313 31.48 -15.76 16.05
CA LYS F 313 31.45 -14.47 15.38
C LYS F 313 30.28 -14.47 14.41
N PHE F 314 29.81 -15.66 14.08
CA PHE F 314 28.73 -15.86 13.12
C PHE F 314 27.36 -15.52 13.70
N ASP F 315 27.34 -15.12 14.97
CA ASP F 315 26.08 -14.95 15.66
C ASP F 315 25.40 -13.61 15.35
N MET F 316 25.92 -12.92 14.35
CA MET F 316 25.30 -11.69 13.87
C MET F 316 24.88 -11.87 12.41
N SER F 317 24.76 -13.12 11.99
CA SER F 317 24.37 -13.45 10.62
C SER F 317 23.01 -12.84 10.25
N GLY F 318 22.09 -12.83 11.21
CA GLY F 318 20.79 -12.22 10.99
C GLY F 318 20.95 -10.74 10.67
N CYS F 319 21.77 -10.07 11.47
CA CYS F 319 22.10 -8.67 11.25
C CYS F 319 22.76 -8.44 9.89
N ALA F 320 23.70 -9.31 9.55
CA ALA F 320 24.42 -9.21 8.28
C ALA F 320 23.47 -9.39 7.11
N ALA F 321 22.56 -10.35 7.23
CA ALA F 321 21.55 -10.61 6.22
C ALA F 321 20.68 -9.38 6.02
N VAL F 322 20.38 -8.70 7.12
CA VAL F 322 19.54 -7.51 7.10
C VAL F 322 20.22 -6.37 6.35
N LEU F 323 21.51 -6.14 6.60
CA LEU F 323 22.23 -5.10 5.88
C LEU F 323 22.42 -5.47 4.42
N GLY F 324 22.65 -6.75 4.16
CA GLY F 324 22.78 -7.24 2.79
C GLY F 324 21.51 -7.01 2.01
N CYS F 325 20.38 -7.20 2.67
CA CYS F 325 19.09 -6.94 2.05
C CYS F 325 18.95 -5.44 1.76
N ALA F 326 19.45 -4.62 2.69
CA ALA F 326 19.40 -3.17 2.53
C ALA F 326 20.14 -2.76 1.26
N TYR F 327 21.24 -3.44 0.97
CA TYR F 327 21.99 -3.16 -0.26
C TYR F 327 21.12 -3.41 -1.50
N CYS F 328 20.52 -4.58 -1.57
CA CYS F 328 19.70 -4.94 -2.71
C CYS F 328 18.51 -4.00 -2.83
N VAL F 329 17.86 -3.73 -1.71
CA VAL F 329 16.72 -2.84 -1.72
C VAL F 329 17.12 -1.42 -2.14
N GLY F 330 18.22 -0.92 -1.56
CA GLY F 330 18.70 0.41 -1.89
C GLY F 330 19.17 0.55 -3.32
N THR F 331 19.55 -0.56 -3.95
CA THR F 331 20.06 -0.54 -5.31
C THR F 331 18.95 -0.76 -6.35
N LEU F 332 18.10 -1.76 -6.09
CA LEU F 332 17.05 -2.13 -7.02
C LEU F 332 15.84 -1.19 -6.92
N LYS F 333 15.74 -0.47 -5.80
CA LYS F 333 14.71 0.56 -5.59
C LYS F 333 13.29 0.08 -5.88
N PRO F 334 12.77 -0.83 -5.05
CA PRO F 334 11.40 -1.31 -5.27
C PRO F 334 10.30 -0.26 -5.03
N GLU F 335 9.11 -0.56 -5.55
CA GLU F 335 7.87 0.20 -5.57
C GLU F 335 7.00 -0.20 -4.37
N ASN F 336 6.02 0.62 -3.99
CA ASN F 336 4.99 0.42 -2.95
C ASN F 336 5.36 -0.39 -1.72
N VAL F 337 6.54 -0.03 -1.23
CA VAL F 337 7.04 -0.60 0.02
C VAL F 337 7.86 0.35 0.87
N GLU F 338 7.70 0.26 2.19
CA GLU F 338 8.34 0.96 3.30
C GLU F 338 9.18 -0.06 4.06
N ILE F 339 10.52 -0.11 4.10
CA ILE F 339 11.22 -1.15 4.87
C ILE F 339 12.10 -0.59 5.99
N HIS F 340 11.97 -1.19 7.17
CA HIS F 340 12.84 -0.86 8.29
C HIS F 340 13.85 -1.98 8.53
N PHE F 341 15.13 -1.63 8.51
CA PHE F 341 16.19 -2.61 8.75
C PHE F 341 16.72 -2.46 10.17
N LEU F 342 16.39 -3.42 11.00
CA LEU F 342 16.66 -3.32 12.43
C LEU F 342 17.61 -4.40 12.93
N SER F 343 18.45 -4.04 13.89
CA SER F 343 19.25 -5.02 14.61
C SER F 343 19.73 -4.45 15.95
N ALA F 344 19.40 -5.11 17.04
CA ALA F 344 19.89 -4.74 18.35
C ALA F 344 21.25 -5.39 18.61
N VAL F 345 22.33 -4.66 18.34
CA VAL F 345 23.67 -5.24 18.41
C VAL F 345 24.34 -5.08 19.77
N CYS F 346 24.91 -6.18 20.24
CA CYS F 346 25.70 -6.19 21.47
C CYS F 346 26.61 -7.41 21.50
N GLU F 347 27.35 -7.56 22.58
CA GLU F 347 28.28 -8.69 22.69
C GLU F 347 28.07 -9.42 24.02
N ASN F 348 27.97 -10.73 23.95
CA ASN F 348 27.74 -11.54 25.14
C ASN F 348 29.03 -12.12 25.70
N MET F 349 29.52 -11.49 26.75
CA MET F 349 30.84 -11.79 27.30
C MET F 349 30.77 -12.13 28.79
N VAL F 350 31.90 -12.61 29.30
CA VAL F 350 32.02 -12.95 30.70
C VAL F 350 32.81 -11.85 31.40
N SER F 351 32.24 -11.32 32.49
CA SER F 351 32.83 -10.17 33.16
C SER F 351 32.26 -10.04 34.56
N LYS F 352 32.84 -9.13 35.33
CA LYS F 352 32.27 -8.75 36.61
C LYS F 352 30.94 -8.03 36.39
N ASN F 353 30.79 -7.43 35.20
CA ASN F 353 29.62 -6.62 34.87
C ASN F 353 28.50 -7.37 34.16
N SER F 354 28.74 -8.64 33.85
CA SER F 354 27.80 -9.44 33.07
C SER F 354 26.48 -9.75 33.76
N TYR F 355 25.46 -10.10 32.98
CA TYR F 355 24.22 -10.53 33.59
C TYR F 355 24.44 -11.99 33.99
N ARG F 356 23.73 -12.44 35.03
CA ARG F 356 23.94 -13.76 35.60
C ARG F 356 22.76 -14.68 35.36
N PRO F 357 23.01 -16.00 35.36
CA PRO F 357 21.90 -16.95 35.39
C PRO F 357 21.04 -16.70 36.61
N GLY F 358 19.72 -16.58 36.42
CA GLY F 358 18.82 -16.31 37.52
C GLY F 358 18.34 -14.88 37.60
N ASP F 359 19.08 -13.97 36.98
CA ASP F 359 18.72 -12.55 36.98
C ASP F 359 17.35 -12.31 36.39
N ILE F 360 16.58 -11.42 36.99
CA ILE F 360 15.30 -11.02 36.42
C ILE F 360 15.41 -9.63 35.81
N ILE F 361 15.13 -9.55 34.51
CA ILE F 361 15.29 -8.31 33.77
C ILE F 361 13.95 -7.91 33.18
N THR F 362 13.82 -6.63 32.85
CA THR F 362 12.54 -6.11 32.40
C THR F 362 12.62 -5.61 30.97
N ALA F 363 11.83 -6.21 30.09
CA ALA F 363 11.82 -5.80 28.68
C ALA F 363 11.12 -4.45 28.54
N SER F 364 11.19 -3.86 27.35
CA SER F 364 10.68 -2.50 27.15
C SER F 364 9.15 -2.43 27.16
N ASN F 365 8.48 -3.57 27.15
CA ASN F 365 7.02 -3.59 27.20
C ASN F 365 6.52 -3.87 28.60
N GLY F 366 7.46 -3.91 29.55
CA GLY F 366 7.07 -4.08 30.94
C GLY F 366 7.14 -5.52 31.41
N LYS F 367 7.29 -6.45 30.49
CA LYS F 367 7.34 -7.87 30.87
C LYS F 367 8.67 -8.19 31.55
N THR F 368 8.57 -8.81 32.72
CA THR F 368 9.75 -9.23 33.46
C THR F 368 10.16 -10.63 33.02
N ILE F 369 11.46 -10.83 32.88
CA ILE F 369 12.00 -12.07 32.35
C ILE F 369 13.03 -12.67 33.30
N GLU F 370 12.84 -13.94 33.65
CA GLU F 370 13.79 -14.67 34.46
C GLU F 370 14.81 -15.39 33.58
N VAL F 371 16.06 -15.01 33.69
CA VAL F 371 17.13 -15.62 32.91
C VAL F 371 17.52 -16.99 33.45
N GLY F 372 17.41 -18.01 32.61
CA GLY F 372 17.77 -19.36 33.00
C GLY F 372 19.07 -19.83 32.38
N ASN F 373 19.50 -19.16 31.33
CA ASN F 373 20.73 -19.51 30.63
C ASN F 373 21.22 -18.24 29.94
N THR F 374 22.39 -17.75 30.30
CA THR F 374 22.88 -16.50 29.73
C THR F 374 23.24 -16.71 28.28
N ASP F 375 23.31 -17.98 27.90
CA ASP F 375 23.57 -18.34 26.54
C ASP F 375 22.30 -18.29 25.70
N ALA F 376 21.16 -18.05 26.32
CA ALA F 376 19.97 -17.87 25.51
C ALA F 376 19.84 -16.36 25.27
N GLU F 377 20.91 -15.75 24.76
CA GLU F 377 21.01 -14.30 24.73
C GLU F 377 20.25 -13.66 23.57
N GLY F 378 20.12 -14.39 22.46
CA GLY F 378 19.53 -13.84 21.25
C GLY F 378 18.08 -13.43 21.42
N ARG F 379 17.31 -14.28 22.07
CA ARG F 379 15.89 -14.03 22.27
C ARG F 379 15.66 -12.82 23.17
N LEU F 380 16.64 -12.53 24.02
CA LEU F 380 16.55 -11.37 24.90
C LEU F 380 16.71 -10.08 24.10
N THR F 381 17.66 -10.08 23.17
CA THR F 381 17.89 -8.91 22.34
C THR F 381 16.79 -8.77 21.29
N LEU F 382 16.32 -9.91 20.78
CA LEU F 382 15.25 -9.91 19.79
C LEU F 382 13.93 -9.45 20.40
N ALA F 383 13.74 -9.75 21.69
CA ALA F 383 12.52 -9.37 22.39
C ALA F 383 12.31 -7.86 22.33
N ASP F 384 13.35 -7.10 22.67
CA ASP F 384 13.27 -5.65 22.65
C ASP F 384 13.20 -5.09 21.24
N ALA F 385 13.82 -5.77 20.29
CA ALA F 385 13.76 -5.32 18.91
C ALA F 385 12.36 -5.46 18.33
N LEU F 386 11.66 -6.53 18.71
CA LEU F 386 10.30 -6.76 18.22
C LEU F 386 9.31 -5.75 18.79
N VAL F 387 9.53 -5.34 20.04
CA VAL F 387 8.68 -4.32 20.66
C VAL F 387 8.83 -3.00 19.92
N TYR F 388 10.09 -2.66 19.67
CA TYR F 388 10.47 -1.48 18.92
C TYR F 388 9.92 -1.55 17.49
N ALA F 389 10.03 -2.73 16.89
CA ALA F 389 9.56 -2.94 15.53
C ALA F 389 8.06 -2.70 15.45
N GLU F 390 7.33 -3.22 16.42
CA GLU F 390 5.87 -3.10 16.41
C GLU F 390 5.45 -1.65 16.64
N LYS F 391 6.27 -0.90 17.36
CA LYS F 391 5.97 0.50 17.63
C LYS F 391 6.04 1.40 16.40
N LEU F 392 6.67 0.91 15.32
CA LEU F 392 6.76 1.68 14.09
C LEU F 392 5.41 1.66 13.40
N GLY F 393 4.56 0.72 13.82
CA GLY F 393 3.24 0.56 13.24
C GLY F 393 3.32 -0.02 11.85
N VAL F 394 3.88 -1.22 11.74
CA VAL F 394 4.12 -1.83 10.44
C VAL F 394 3.12 -2.95 10.18
N ASP F 395 3.04 -3.38 8.92
CA ASP F 395 2.09 -4.42 8.53
C ASP F 395 2.69 -5.80 8.73
N TYR F 396 3.97 -5.92 8.40
CA TYR F 396 4.69 -7.18 8.53
C TYR F 396 5.98 -7.00 9.31
N ILE F 397 6.23 -7.92 10.22
CA ILE F 397 7.51 -8.01 10.90
C ILE F 397 8.17 -9.36 10.58
N VAL F 398 9.34 -9.32 9.97
CA VAL F 398 10.08 -10.55 9.74
C VAL F 398 11.42 -10.47 10.46
N ASP F 399 11.65 -11.37 11.41
CA ASP F 399 12.95 -11.41 12.06
C ASP F 399 13.72 -12.63 11.58
N ILE F 400 15.03 -12.50 11.53
CA ILE F 400 15.89 -13.58 11.09
C ILE F 400 17.10 -13.68 12.03
N ALA F 401 17.37 -14.88 12.52
CA ALA F 401 18.32 -15.02 13.61
C ALA F 401 18.94 -16.41 13.67
N THR F 402 20.22 -16.45 14.03
CA THR F 402 20.89 -17.69 14.37
C THR F 402 20.58 -18.02 15.83
N LEU F 403 19.37 -18.49 16.09
CA LEU F 403 18.87 -18.58 17.44
C LEU F 403 19.15 -19.93 18.11
N THR F 404 18.92 -20.94 17.47
CA THR F 404 19.02 -22.16 18.00
C THR F 404 19.86 -23.28 17.29
N GLY F 405 20.72 -23.99 17.97
CA GLY F 405 21.53 -25.02 17.39
C GLY F 405 20.72 -26.27 17.08
N ALA F 406 19.54 -26.35 17.69
CA ALA F 406 18.63 -27.47 17.47
C ALA F 406 18.22 -27.57 16.01
N MET F 407 18.33 -26.46 15.28
CA MET F 407 18.00 -26.43 13.85
C MET F 407 18.85 -27.42 13.07
N LEU F 408 20.07 -27.66 13.55
CA LEU F 408 20.95 -28.63 12.93
C LEU F 408 20.35 -30.03 13.05
N TYR F 409 19.59 -30.26 14.11
CA TYR F 409 18.97 -31.55 14.38
C TYR F 409 17.62 -31.66 13.67
N SER F 410 17.03 -30.51 13.39
CA SER F 410 15.69 -30.48 12.79
C SER F 410 15.74 -30.47 11.27
N LEU F 411 16.35 -29.43 10.71
CA LEU F 411 16.35 -29.27 9.26
C LEU F 411 17.74 -29.47 8.67
N GLY F 412 18.76 -29.32 9.51
CA GLY F 412 20.12 -29.51 9.08
C GLY F 412 20.74 -28.22 8.58
N THR F 413 21.64 -28.35 7.61
CA THR F 413 22.45 -27.24 7.18
C THR F 413 21.97 -26.59 5.88
N SER F 414 20.92 -27.15 5.27
CA SER F 414 20.45 -26.64 3.99
C SER F 414 19.15 -25.85 4.10
N TYR F 415 18.20 -26.34 4.89
CA TYR F 415 16.91 -25.67 5.01
C TYR F 415 16.84 -24.91 6.33
N ALA F 416 16.40 -23.67 6.26
CA ALA F 416 16.12 -22.90 7.46
C ALA F 416 14.67 -23.09 7.87
N GLY F 417 14.38 -22.85 9.14
CA GLY F 417 13.03 -22.93 9.63
C GLY F 417 12.40 -21.57 9.80
N VAL F 418 11.11 -21.47 9.48
CA VAL F 418 10.37 -20.25 9.71
C VAL F 418 9.17 -20.55 10.63
N PHE F 419 8.97 -19.69 11.62
CA PHE F 419 7.81 -19.80 12.51
C PHE F 419 6.99 -18.54 12.38
N GLY F 420 5.73 -18.57 12.80
CA GLY F 420 4.92 -17.36 12.69
C GLY F 420 3.54 -17.43 13.29
N ASN F 421 2.89 -16.27 13.36
CA ASN F 421 1.55 -16.14 13.90
C ASN F 421 0.46 -15.89 12.87
N ASN F 422 0.86 -15.84 11.61
CA ASN F 422 -0.06 -15.48 10.53
C ASN F 422 0.32 -16.24 9.26
N GLU F 423 -0.60 -17.07 8.78
CA GLU F 423 -0.33 -17.93 7.63
C GLU F 423 -0.02 -17.23 6.32
N GLU F 424 -0.59 -16.06 6.11
CA GLU F 424 -0.31 -15.32 4.89
C GLU F 424 1.14 -14.90 4.82
N LEU F 425 1.65 -14.37 5.92
CA LEU F 425 3.03 -13.92 5.96
C LEU F 425 3.94 -15.12 5.75
N ILE F 426 3.59 -16.25 6.37
CA ILE F 426 4.30 -17.50 6.16
C ILE F 426 4.29 -17.88 4.69
N ASN F 427 3.13 -17.72 4.05
CA ASN F 427 2.97 -18.04 2.64
C ASN F 427 3.86 -17.19 1.74
N LYS F 428 3.97 -15.90 2.04
CA LYS F 428 4.82 -15.00 1.27
C LYS F 428 6.29 -15.38 1.41
N ILE F 429 6.70 -15.74 2.62
CA ILE F 429 8.08 -16.15 2.88
C ILE F 429 8.42 -17.43 2.12
N LEU F 430 7.49 -18.38 2.11
CA LEU F 430 7.70 -19.63 1.40
C LEU F 430 7.80 -19.40 -0.09
N GLN F 431 6.95 -18.51 -0.60
CA GLN F 431 6.97 -18.17 -2.01
C GLN F 431 8.29 -17.50 -2.36
N SER F 432 8.77 -16.67 -1.44
CA SER F 432 10.05 -16.00 -1.62
C SER F 432 11.19 -17.00 -1.61
N SER F 433 11.04 -18.06 -0.82
CA SER F 433 12.06 -19.12 -0.76
C SER F 433 12.16 -19.83 -2.12
N LYS F 434 11.03 -20.01 -2.78
CA LYS F 434 11.01 -20.69 -4.07
C LYS F 434 11.74 -19.87 -5.14
N THR F 435 11.47 -18.58 -5.20
CA THR F 435 12.04 -17.73 -6.25
C THR F 435 13.44 -17.25 -5.89
N SER F 436 13.78 -17.26 -4.60
CA SER F 436 15.11 -16.87 -4.17
C SER F 436 16.06 -18.06 -4.16
N ASN F 437 15.47 -19.25 -4.16
CA ASN F 437 16.21 -20.51 -4.10
C ASN F 437 17.11 -20.64 -2.88
N GLU F 438 16.72 -19.99 -1.79
CA GLU F 438 17.33 -20.22 -0.48
C GLU F 438 16.31 -21.00 0.35
N PRO F 439 16.53 -22.31 0.50
CA PRO F 439 15.53 -23.24 1.02
C PRO F 439 15.10 -22.96 2.47
N VAL F 440 13.79 -22.92 2.66
CA VAL F 440 13.16 -22.68 3.96
C VAL F 440 11.98 -23.64 4.15
N TRP F 441 11.80 -24.14 5.37
CA TRP F 441 10.68 -25.01 5.67
C TRP F 441 9.84 -24.47 6.84
N TRP F 442 8.52 -24.59 6.72
CA TRP F 442 7.60 -24.10 7.74
C TRP F 442 7.52 -25.05 8.95
N LEU F 443 7.77 -24.51 10.14
CA LEU F 443 7.64 -25.27 11.38
C LEU F 443 6.57 -24.63 12.26
N PRO F 444 5.90 -25.44 13.10
CA PRO F 444 4.76 -24.96 13.89
C PRO F 444 5.14 -24.32 15.22
N ILE F 445 4.38 -23.31 15.62
CA ILE F 445 4.45 -22.79 16.98
C ILE F 445 3.38 -23.48 17.83
N ILE F 446 3.81 -24.44 18.64
CA ILE F 446 2.89 -25.28 19.40
C ILE F 446 2.53 -24.66 20.75
N ASN F 447 1.32 -24.12 20.86
CA ASN F 447 0.91 -23.41 22.07
C ASN F 447 0.90 -24.31 23.30
N GLU F 448 0.84 -25.61 23.07
CA GLU F 448 0.78 -26.59 24.14
C GLU F 448 2.06 -26.54 24.98
N TYR F 449 3.14 -26.04 24.37
CA TYR F 449 4.43 -25.93 25.06
C TYR F 449 4.63 -24.61 25.81
N ARG F 450 3.71 -23.67 25.63
CA ARG F 450 3.85 -22.33 26.23
C ARG F 450 4.00 -22.36 27.75
N ALA F 451 3.35 -23.34 28.39
CA ALA F 451 3.35 -23.45 29.84
C ALA F 451 4.74 -23.71 30.44
N THR F 452 5.67 -24.19 29.62
CA THR F 452 7.02 -24.45 30.10
C THR F 452 7.76 -23.14 30.35
N LEU F 453 7.16 -22.02 29.94
CA LEU F 453 7.74 -20.71 30.15
C LEU F 453 7.09 -19.99 31.34
N ASN F 454 6.18 -20.66 32.03
CA ASN F 454 5.52 -20.09 33.20
C ASN F 454 6.50 -20.01 34.37
N SER F 455 6.93 -18.79 34.67
CA SER F 455 7.89 -18.55 35.74
C SER F 455 7.24 -18.47 37.12
N LYS F 456 8.00 -18.89 38.13
CA LYS F 456 7.55 -18.82 39.51
C LYS F 456 7.56 -17.37 39.99
N TYR F 457 8.48 -16.57 39.46
CA TYR F 457 8.64 -15.21 39.96
C TYR F 457 8.41 -14.11 38.92
N ALA F 458 8.88 -14.32 37.70
CA ALA F 458 8.71 -13.32 36.65
C ALA F 458 7.43 -13.56 35.84
N ASP F 459 7.12 -12.62 34.96
CA ASP F 459 6.00 -12.75 34.05
C ASP F 459 6.19 -13.94 33.13
N ILE F 460 7.45 -14.18 32.76
CA ILE F 460 7.74 -15.26 31.82
C ILE F 460 9.17 -15.76 31.99
N ASN F 461 9.37 -17.05 31.72
CA ASN F 461 10.72 -17.61 31.68
C ASN F 461 11.37 -17.33 30.34
N GLN F 462 12.69 -17.21 30.37
CA GLN F 462 13.46 -17.02 29.15
C GLN F 462 13.49 -18.33 28.36
N ILE F 463 13.72 -19.43 29.07
CA ILE F 463 13.79 -20.75 28.46
C ILE F 463 12.93 -21.78 29.18
N SER F 464 12.78 -22.94 28.56
CA SER F 464 12.17 -24.11 29.21
C SER F 464 13.28 -24.76 30.03
N SER F 465 12.96 -25.71 30.91
CA SER F 465 14.03 -26.32 31.68
C SER F 465 14.37 -27.72 31.18
N SER F 466 13.70 -28.13 30.11
CA SER F 466 13.27 -29.45 29.71
C SER F 466 13.36 -29.62 28.20
N VAL F 467 12.24 -28.97 27.88
CA VAL F 467 11.45 -29.30 26.70
C VAL F 467 12.31 -29.04 25.48
N LYS F 468 13.16 -30.03 25.19
CA LYS F 468 14.12 -29.99 24.10
C LYS F 468 13.64 -29.41 22.77
N ALA F 469 12.36 -29.06 22.65
CA ALA F 469 11.88 -28.40 21.44
C ALA F 469 12.38 -26.96 21.47
N SER F 470 13.70 -26.81 21.41
CA SER F 470 14.36 -25.54 21.70
C SER F 470 13.94 -24.44 20.75
N SER F 471 13.80 -24.78 19.48
CA SER F 471 13.44 -23.81 18.46
C SER F 471 12.00 -23.37 18.62
N ILE F 472 11.14 -24.30 19.01
CA ILE F 472 9.72 -24.00 19.17
C ILE F 472 9.49 -23.19 20.44
N VAL F 473 10.19 -23.55 21.51
CA VAL F 473 10.07 -22.80 22.76
C VAL F 473 10.57 -21.36 22.60
N ALA F 474 11.65 -21.20 21.85
CA ALA F 474 12.23 -19.89 21.58
C ALA F 474 11.28 -19.05 20.75
N SER F 475 10.58 -19.69 19.82
CA SER F 475 9.60 -19.01 18.99
C SER F 475 8.42 -18.58 19.85
N LEU F 476 8.08 -19.42 20.82
CA LEU F 476 7.05 -19.10 21.80
C LEU F 476 7.45 -17.89 22.64
N PHE F 477 8.73 -17.81 23.00
CA PHE F 477 9.25 -16.68 23.76
C PHE F 477 9.04 -15.38 23.00
N LEU F 478 9.51 -15.37 21.74
CA LEU F 478 9.43 -14.17 20.90
C LEU F 478 8.01 -13.72 20.63
N LYS F 479 7.10 -14.68 20.41
CA LYS F 479 5.71 -14.38 20.08
C LYS F 479 5.02 -13.54 21.17
N GLU F 480 5.52 -13.66 22.40
CA GLU F 480 4.97 -12.91 23.53
C GLU F 480 5.28 -11.41 23.42
N PHE F 481 6.12 -11.04 22.45
CA PHE F 481 6.49 -9.64 22.31
C PHE F 481 5.94 -9.07 21.00
N VAL F 482 4.99 -9.78 20.41
CA VAL F 482 4.22 -9.25 19.28
C VAL F 482 2.73 -9.35 19.58
N GLN F 483 2.09 -8.21 19.78
CA GLN F 483 0.69 -8.22 20.22
C GLN F 483 -0.31 -8.32 19.07
N ASN F 484 -0.15 -7.46 18.06
CA ASN F 484 -1.14 -7.37 17.00
C ASN F 484 -0.53 -7.13 15.61
N THR F 485 0.52 -7.86 15.30
CA THR F 485 1.14 -7.72 13.99
C THR F 485 1.53 -9.09 13.41
N ALA F 486 1.30 -9.27 12.12
CA ALA F 486 1.76 -10.48 11.45
C ALA F 486 3.27 -10.55 11.57
N TRP F 487 3.76 -11.66 12.10
CA TRP F 487 5.17 -11.81 12.37
C TRP F 487 5.64 -13.21 12.01
N ALA F 488 6.81 -13.28 11.40
CA ALA F 488 7.42 -14.56 11.05
C ALA F 488 8.85 -14.53 11.52
N HIS F 489 9.37 -15.68 11.87
CA HIS F 489 10.70 -15.77 12.46
C HIS F 489 11.50 -16.78 11.68
N ILE F 490 12.60 -16.33 11.06
CA ILE F 490 13.41 -17.20 10.23
C ILE F 490 14.67 -17.57 10.98
N ASP F 491 14.78 -18.84 11.33
CA ASP F 491 15.90 -19.34 12.09
C ASP F 491 16.99 -19.88 11.16
N ILE F 492 18.12 -19.17 11.10
CA ILE F 492 19.21 -19.54 10.21
C ILE F 492 20.41 -20.10 10.96
N ALA F 493 20.18 -20.59 12.17
CA ALA F 493 21.27 -21.12 12.97
C ALA F 493 21.91 -22.32 12.29
N GLY F 494 21.12 -23.06 11.51
CA GLY F 494 21.61 -24.24 10.83
C GLY F 494 22.21 -24.00 9.45
N VAL F 495 21.75 -22.98 8.74
CA VAL F 495 22.14 -22.77 7.35
C VAL F 495 23.17 -21.67 7.12
N SER F 496 23.46 -20.87 8.14
CA SER F 496 24.29 -19.69 7.95
C SER F 496 25.73 -19.99 7.53
N TRP F 497 26.36 -20.96 8.20
CA TRP F 497 27.76 -21.24 7.94
C TRP F 497 28.00 -22.48 7.06
N ASN F 498 28.86 -22.34 6.05
CA ASN F 498 29.30 -23.47 5.24
C ASN F 498 30.53 -24.14 5.88
N PHE F 499 30.30 -25.23 6.59
CA PHE F 499 31.33 -25.93 7.36
C PHE F 499 32.39 -26.57 6.47
N LYS F 500 31.96 -27.08 5.32
CA LYS F 500 32.89 -27.71 4.39
C LYS F 500 33.86 -26.68 3.81
N ALA F 501 33.34 -25.54 3.39
CA ALA F 501 34.14 -24.50 2.73
C ALA F 501 34.79 -23.48 3.69
N ARG F 502 34.40 -23.59 4.97
CA ARG F 502 34.82 -22.76 6.12
C ARG F 502 34.63 -21.27 5.85
N LYS F 503 33.46 -20.94 5.30
CA LYS F 503 33.10 -19.57 4.98
C LYS F 503 31.57 -19.40 5.17
N PRO F 504 31.10 -18.15 5.26
CA PRO F 504 29.66 -17.91 5.40
C PRO F 504 28.91 -18.15 4.11
N LYS F 505 27.59 -18.23 4.18
CA LYS F 505 26.76 -18.36 2.99
C LYS F 505 26.14 -17.03 2.63
N GLY F 506 26.02 -16.15 3.62
CA GLY F 506 25.26 -14.92 3.45
C GLY F 506 23.80 -15.24 3.28
N PHE F 507 23.34 -16.31 3.92
CA PHE F 507 21.96 -16.78 3.78
C PHE F 507 20.95 -15.74 4.28
N GLY F 508 19.91 -15.53 3.49
CA GLY F 508 18.80 -14.68 3.88
C GLY F 508 18.69 -13.41 3.07
N VAL F 509 19.81 -12.91 2.57
CA VAL F 509 19.83 -11.66 1.83
C VAL F 509 18.89 -11.75 0.62
N ARG F 510 19.04 -12.81 -0.18
CA ARG F 510 18.21 -12.97 -1.36
C ARG F 510 16.75 -13.29 -0.99
N LEU F 511 16.59 -14.08 0.07
CA LEU F 511 15.28 -14.43 0.58
C LEU F 511 14.49 -13.19 1.01
N LEU F 512 15.12 -12.33 1.80
CA LEU F 512 14.46 -11.13 2.30
C LEU F 512 14.14 -10.15 1.18
N THR F 513 15.04 -10.06 0.20
CA THR F 513 14.86 -9.16 -0.93
C THR F 513 13.74 -9.60 -1.86
N GLU F 514 13.69 -10.90 -2.15
CA GLU F 514 12.59 -11.43 -2.96
C GLU F 514 11.26 -11.20 -2.24
N PHE F 515 11.31 -11.22 -0.91
CA PHE F 515 10.11 -11.01 -0.10
C PHE F 515 9.56 -9.59 -0.24
N VAL F 516 10.42 -8.59 -0.25
CA VAL F 516 9.97 -7.21 -0.38
C VAL F 516 9.54 -6.90 -1.83
N LEU F 517 10.15 -7.59 -2.79
CA LEU F 517 9.90 -7.32 -4.21
C LEU F 517 8.57 -7.87 -4.70
N ASN F 518 8.10 -8.96 -4.09
CA ASN F 518 6.88 -9.61 -4.55
C ASN F 518 5.64 -9.07 -3.84
N ALA G 1 -60.59 3.55 -42.15
CA ALA G 1 -60.30 3.25 -40.76
C ALA G 1 -58.98 2.48 -40.63
N SER G 2 -57.96 3.16 -40.10
CA SER G 2 -56.67 2.52 -39.83
C SER G 2 -56.38 2.49 -38.34
N GLU G 3 -55.50 1.57 -37.94
CA GLU G 3 -55.12 1.43 -36.55
C GLU G 3 -54.07 2.46 -36.16
N VAL G 4 -54.39 3.24 -35.13
CA VAL G 4 -53.50 4.27 -34.62
C VAL G 4 -52.37 3.63 -33.83
N PRO G 5 -51.11 3.85 -34.25
CA PRO G 5 -49.95 3.29 -33.56
C PRO G 5 -49.73 3.90 -32.17
N GLN G 6 -49.18 3.12 -31.25
CA GLN G 6 -48.96 3.57 -29.88
C GLN G 6 -47.50 3.42 -29.45
N VAL G 7 -47.05 4.30 -28.55
CA VAL G 7 -45.75 4.14 -27.92
C VAL G 7 -45.93 3.41 -26.59
N VAL G 8 -46.95 3.83 -25.84
CA VAL G 8 -47.39 3.11 -24.65
C VAL G 8 -48.89 2.82 -24.78
N SER G 9 -49.42 1.92 -23.96
CA SER G 9 -50.82 1.53 -24.08
C SER G 9 -51.74 2.69 -23.73
N LEU G 10 -51.20 3.70 -23.06
CA LEU G 10 -51.99 4.84 -22.61
C LEU G 10 -52.11 5.90 -23.69
N ASP G 11 -51.49 5.68 -24.84
CA ASP G 11 -51.63 6.63 -25.94
C ASP G 11 -53.04 6.49 -26.54
N PRO G 12 -53.74 7.61 -26.67
CA PRO G 12 -55.11 7.64 -27.21
C PRO G 12 -55.16 7.16 -28.65
N THR G 13 -56.23 6.45 -29.00
CA THR G 13 -56.34 5.86 -30.32
C THR G 13 -57.45 6.48 -31.15
N SER G 14 -58.07 7.54 -30.64
CA SER G 14 -59.08 8.26 -31.40
C SER G 14 -59.29 9.67 -30.89
N ILE G 15 -59.79 10.54 -31.76
CA ILE G 15 -60.20 11.88 -31.38
C ILE G 15 -61.63 11.85 -30.86
N PRO G 16 -61.84 12.27 -29.61
CA PRO G 16 -63.22 12.38 -29.13
C PRO G 16 -63.98 13.50 -29.85
N ILE G 17 -65.18 13.19 -30.33
CA ILE G 17 -66.01 14.18 -31.00
C ILE G 17 -67.39 14.19 -30.38
N GLU G 18 -67.82 15.37 -29.94
CA GLU G 18 -69.19 15.48 -29.49
C GLU G 18 -70.02 16.00 -30.65
N TYR G 19 -70.95 15.16 -31.11
CA TYR G 19 -71.82 15.55 -32.23
C TYR G 19 -73.09 16.19 -31.73
N ASN G 20 -73.75 15.51 -30.80
CA ASN G 20 -74.97 16.04 -30.20
C ASN G 20 -74.67 16.99 -29.06
N THR G 21 -74.62 18.27 -29.40
CA THR G 21 -74.31 19.31 -28.44
C THR G 21 -75.60 19.86 -27.84
N PRO G 22 -75.50 20.47 -26.66
CA PRO G 22 -76.66 21.13 -26.05
C PRO G 22 -77.32 22.17 -26.97
N ILE G 23 -76.56 22.74 -27.88
CA ILE G 23 -77.10 23.71 -28.83
C ILE G 23 -78.18 23.11 -29.73
N HIS G 24 -77.97 21.85 -30.14
CA HIS G 24 -78.92 21.17 -31.01
C HIS G 24 -80.24 20.86 -30.32
N ASP G 25 -80.23 20.94 -28.99
CA ASP G 25 -81.39 20.65 -28.16
C ASP G 25 -82.24 21.89 -27.89
N ILE G 26 -81.75 23.03 -28.35
CA ILE G 26 -82.44 24.28 -28.13
C ILE G 26 -83.52 24.52 -29.17
N LYS G 27 -84.77 24.56 -28.74
CA LYS G 27 -85.85 24.92 -29.65
C LYS G 27 -85.85 26.42 -29.88
N VAL G 28 -85.81 26.81 -31.15
CA VAL G 28 -85.74 28.22 -31.50
C VAL G 28 -87.07 28.72 -32.04
N GLN G 29 -87.57 29.81 -31.48
CA GLN G 29 -88.80 30.40 -31.99
C GLN G 29 -88.62 31.84 -32.41
N VAL G 30 -89.18 32.16 -33.58
CA VAL G 30 -89.12 33.49 -34.12
C VAL G 30 -90.49 34.11 -34.25
N TYR G 31 -90.65 35.31 -33.68
CA TYR G 31 -91.93 36.02 -33.76
C TYR G 31 -91.76 37.38 -34.39
N ASP G 32 -92.85 37.93 -34.89
CA ASP G 32 -92.85 39.28 -35.41
C ASP G 32 -93.11 40.23 -34.23
N ILE G 33 -92.33 41.31 -34.15
CA ILE G 33 -92.47 42.26 -33.04
C ILE G 33 -93.81 42.99 -33.09
N LYS G 34 -94.37 43.13 -34.30
CA LYS G 34 -95.61 43.88 -34.48
C LYS G 34 -96.79 43.24 -33.76
N GLY G 35 -96.56 42.08 -33.18
CA GLY G 35 -97.57 41.35 -32.44
C GLY G 35 -97.34 41.50 -30.95
N GLY G 36 -96.25 42.19 -30.60
CA GLY G 36 -95.91 42.42 -29.21
C GLY G 36 -95.01 41.32 -28.66
N CYS G 37 -94.37 41.60 -27.54
CA CYS G 37 -93.45 40.64 -26.93
C CYS G 37 -94.04 40.04 -25.67
N ASN G 38 -93.90 38.72 -25.51
CA ASN G 38 -94.27 38.09 -24.26
C ASN G 38 -93.04 37.91 -23.39
N VAL G 39 -93.16 38.34 -22.15
CA VAL G 39 -92.06 38.31 -21.20
C VAL G 39 -92.43 37.39 -20.03
N GLU G 40 -92.10 36.11 -20.15
CA GLU G 40 -92.37 35.16 -19.08
C GLU G 40 -91.11 34.53 -18.49
N GLU G 41 -90.99 33.21 -18.61
CA GLU G 41 -89.90 32.53 -17.93
C GLU G 41 -88.57 32.87 -18.59
N GLY G 42 -87.48 32.51 -17.93
CA GLY G 42 -86.14 32.67 -18.46
C GLY G 42 -85.72 34.13 -18.45
N LEU G 43 -84.85 34.49 -19.38
CA LEU G 43 -84.35 35.86 -19.47
C LEU G 43 -84.71 36.49 -20.82
N THR G 44 -85.23 37.71 -20.80
CA THR G 44 -85.59 38.42 -22.03
C THR G 44 -84.69 39.63 -22.23
N ILE G 45 -83.96 39.65 -23.34
CA ILE G 45 -82.99 40.71 -23.61
C ILE G 45 -83.34 41.55 -24.83
N PHE G 46 -83.28 42.88 -24.66
CA PHE G 46 -83.51 43.80 -25.77
C PHE G 46 -82.17 44.27 -26.35
N LEU G 47 -82.01 44.14 -27.66
CA LEU G 47 -80.83 44.68 -28.33
C LEU G 47 -81.17 46.10 -28.78
N VAL G 48 -80.59 47.09 -28.12
CA VAL G 48 -81.00 48.48 -28.35
C VAL G 48 -79.86 49.40 -28.80
N ASN G 49 -80.19 50.38 -29.61
CA ASN G 49 -79.23 51.41 -29.98
C ASN G 49 -79.78 52.82 -29.75
N ASN G 50 -79.01 53.81 -30.18
CA ASN G 50 -79.45 55.20 -30.17
C ASN G 50 -78.63 55.92 -31.22
N PRO G 51 -79.13 55.91 -32.47
CA PRO G 51 -78.44 56.42 -33.65
C PRO G 51 -78.10 57.92 -33.62
N GLY G 52 -76.79 58.19 -33.57
CA GLY G 52 -76.24 59.53 -33.68
C GLY G 52 -75.93 60.24 -32.37
N LYS G 53 -76.25 59.58 -31.27
CA LYS G 53 -75.95 60.10 -29.95
C LYS G 53 -75.10 59.08 -29.24
N GLU G 54 -73.87 59.43 -28.89
CA GLU G 54 -73.01 58.42 -28.31
C GLU G 54 -73.43 58.56 -26.88
N ASN G 55 -72.84 57.72 -26.04
CA ASN G 55 -73.89 56.97 -25.31
C ASN G 55 -74.88 57.78 -24.51
N GLY G 56 -75.81 57.49 -25.40
CA GLY G 56 -77.17 58.01 -25.34
C GLY G 56 -78.07 57.09 -24.59
N PRO G 57 -79.22 57.59 -24.16
CA PRO G 57 -80.15 56.83 -23.32
C PRO G 57 -80.80 55.62 -23.99
N VAL G 58 -81.25 54.66 -23.18
CA VAL G 58 -81.92 53.49 -23.71
C VAL G 58 -83.40 53.80 -23.90
N LYS G 59 -83.94 53.35 -25.03
CA LYS G 59 -85.35 53.53 -25.32
C LYS G 59 -85.91 52.26 -25.95
N ILE G 60 -86.82 51.60 -25.23
CA ILE G 60 -87.49 50.43 -25.77
C ILE G 60 -88.67 50.90 -26.60
N SER G 61 -88.90 50.26 -27.74
CA SER G 61 -89.91 50.76 -28.67
C SER G 61 -90.74 49.61 -29.19
N SER G 62 -90.96 48.62 -28.34
CA SER G 62 -91.63 47.42 -28.74
C SER G 62 -92.77 47.20 -27.78
N LYS G 63 -93.92 46.88 -28.34
CA LYS G 63 -95.08 46.65 -27.50
C LYS G 63 -94.79 45.45 -26.63
N VAL G 64 -94.98 45.62 -25.33
CA VAL G 64 -94.82 44.52 -24.39
C VAL G 64 -96.20 44.13 -23.87
N ASN G 65 -96.58 42.88 -24.13
CA ASN G 65 -97.91 42.41 -23.77
C ASN G 65 -98.01 42.10 -22.28
N ASP G 66 -97.62 43.09 -21.48
CA ASP G 66 -97.67 43.02 -20.03
C ASP G 66 -97.63 44.43 -19.48
N LYS G 67 -98.64 44.78 -18.70
CA LYS G 67 -98.77 46.14 -18.19
C LYS G 67 -97.63 46.47 -17.22
N GLN G 68 -97.25 45.50 -16.41
CA GLN G 68 -96.23 45.72 -15.40
C GLN G 68 -94.85 45.91 -16.00
N VAL G 69 -94.51 45.12 -17.03
CA VAL G 69 -93.19 45.20 -17.61
C VAL G 69 -93.09 46.41 -18.54
N SER G 70 -94.24 46.84 -19.05
CA SER G 70 -94.32 48.02 -19.90
C SER G 70 -94.08 49.27 -19.06
N GLU G 71 -94.66 49.28 -17.88
CA GLU G 71 -94.47 50.37 -16.93
C GLU G 71 -93.03 50.41 -16.43
N PHE G 72 -92.46 49.23 -16.19
CA PHE G 72 -91.08 49.14 -15.74
C PHE G 72 -90.12 49.65 -16.82
N LEU G 73 -90.38 49.27 -18.07
CA LEU G 73 -89.48 49.59 -19.17
C LEU G 73 -89.79 50.93 -19.86
N LYS G 74 -90.67 51.74 -19.27
CA LYS G 74 -91.01 53.02 -19.86
C LYS G 74 -89.78 53.94 -19.88
N ASP G 75 -89.75 54.90 -20.79
CA ASP G 75 -88.53 55.69 -21.00
C ASP G 75 -88.09 56.44 -19.75
N GLU G 76 -89.03 56.87 -18.91
CA GLU G 76 -88.57 57.65 -17.77
C GLU G 76 -87.73 56.79 -16.84
N ASN G 77 -87.96 55.48 -16.81
CA ASN G 77 -87.15 54.57 -16.00
C ASN G 77 -85.85 54.09 -16.65
N MET G 78 -85.82 54.01 -17.98
CA MET G 78 -84.70 53.40 -18.70
C MET G 78 -83.40 54.14 -19.02
N GLU G 79 -83.55 55.43 -19.30
CA GLU G 79 -82.67 56.62 -19.23
C GLU G 79 -81.24 56.47 -18.83
N LYS G 80 -81.46 56.16 -17.57
CA LYS G 80 -80.47 56.24 -16.56
C LYS G 80 -79.48 55.28 -17.11
N PHE G 81 -79.90 54.52 -18.11
CA PHE G 81 -79.04 53.57 -18.75
C PHE G 81 -78.67 54.08 -20.13
N ASN G 82 -77.50 53.69 -20.62
CA ASN G 82 -77.05 54.10 -21.94
C ASN G 82 -76.78 52.89 -22.83
N VAL G 83 -76.65 53.14 -24.13
CA VAL G 83 -76.57 52.05 -25.11
C VAL G 83 -75.16 51.74 -25.58
N LYS G 84 -74.15 52.19 -24.84
CA LYS G 84 -72.76 51.92 -25.19
C LYS G 84 -72.52 50.46 -25.49
N LEU G 85 -71.88 50.22 -26.62
CA LEU G 85 -71.68 48.89 -27.14
C LEU G 85 -71.03 47.94 -26.12
N GLY G 86 -71.74 46.88 -25.76
CA GLY G 86 -71.23 45.88 -24.85
C GLY G 86 -71.78 45.97 -23.43
N THR G 87 -72.38 47.10 -23.12
CA THR G 87 -73.00 47.31 -21.81
C THR G 87 -74.22 46.40 -21.68
N SER G 88 -74.45 45.90 -20.47
CA SER G 88 -75.55 44.99 -20.20
C SER G 88 -76.11 45.20 -18.79
N LYS G 89 -77.39 44.90 -18.64
CA LYS G 89 -78.11 45.07 -17.39
C LYS G 89 -79.10 43.93 -17.20
N HIS G 90 -79.37 43.57 -15.95
CA HIS G 90 -80.39 42.57 -15.63
C HIS G 90 -81.49 43.28 -14.85
N PHE G 91 -82.74 42.95 -15.14
CA PHE G 91 -83.85 43.58 -14.42
C PHE G 91 -84.71 42.51 -13.75
N TYR G 92 -85.14 42.78 -12.52
CA TYR G 92 -86.07 41.89 -11.84
C TYR G 92 -87.41 42.59 -11.60
N MET G 93 -88.52 41.91 -11.91
CA MET G 93 -89.84 42.50 -11.72
C MET G 93 -90.95 41.44 -11.69
N PHE G 94 -92.16 41.87 -11.36
CA PHE G 94 -93.33 40.99 -11.38
C PHE G 94 -94.24 41.31 -12.57
N ASN G 95 -94.79 40.28 -13.22
CA ASN G 95 -95.66 40.52 -14.37
C ASN G 95 -97.14 40.70 -13.97
N ASP G 96 -98.03 40.71 -14.97
CA ASP G 96 -99.46 40.90 -14.70
C ASP G 96 -100.04 39.72 -13.94
N ASN G 97 -99.46 38.54 -14.16
CA ASN G 97 -99.93 37.33 -13.51
C ASN G 97 -99.20 37.12 -12.17
N LYS G 98 -98.56 38.19 -11.69
CA LYS G 98 -97.82 38.19 -10.43
C LYS G 98 -96.70 37.15 -10.35
N ASN G 99 -96.04 36.89 -11.48
CA ASN G 99 -94.89 36.00 -11.49
C ASN G 99 -93.58 36.78 -11.65
N SER G 100 -92.50 36.31 -11.03
CA SER G 100 -91.22 37.00 -11.12
C SER G 100 -90.57 36.70 -12.47
N VAL G 101 -90.26 37.74 -13.23
CA VAL G 101 -89.62 37.57 -14.53
C VAL G 101 -88.28 38.30 -14.60
N ALA G 102 -87.42 37.87 -15.52
CA ALA G 102 -86.11 38.50 -15.69
C ALA G 102 -85.97 39.15 -17.06
N VAL G 103 -85.52 40.40 -17.05
CA VAL G 103 -85.41 41.23 -18.25
C VAL G 103 -84.06 41.94 -18.28
N GLY G 104 -83.58 42.25 -19.47
CA GLY G 104 -82.38 43.05 -19.59
C GLY G 104 -82.15 43.50 -21.02
N TYR G 105 -81.01 44.14 -21.25
CA TYR G 105 -80.68 44.63 -22.57
C TYR G 105 -79.18 44.57 -22.84
N VAL G 106 -78.81 44.63 -24.10
CA VAL G 106 -77.41 44.76 -24.49
C VAL G 106 -77.23 45.96 -25.38
N GLY G 107 -76.33 46.86 -24.99
CA GLY G 107 -76.10 48.08 -25.73
C GLY G 107 -75.49 47.81 -27.08
N CYS G 108 -76.02 48.46 -28.11
CA CYS G 108 -75.54 48.25 -29.48
C CYS G 108 -74.96 49.50 -30.13
N GLY G 109 -74.41 50.40 -29.30
CA GLY G 109 -73.68 51.55 -29.80
C GLY G 109 -74.55 52.62 -30.46
N SER G 110 -73.96 53.41 -31.35
CA SER G 110 -74.66 54.54 -31.96
C SER G 110 -74.69 54.50 -33.50
N VAL G 111 -74.21 53.40 -34.07
CA VAL G 111 -74.07 53.28 -35.53
C VAL G 111 -75.04 52.31 -36.23
N ALA G 112 -76.28 52.75 -36.42
CA ALA G 112 -77.25 52.13 -37.35
C ALA G 112 -76.82 50.79 -37.97
N ASP G 113 -75.75 50.82 -38.76
CA ASP G 113 -75.17 49.58 -39.34
C ASP G 113 -74.04 49.00 -38.52
N LEU G 114 -74.34 47.89 -37.87
CA LEU G 114 -73.38 47.18 -37.03
C LEU G 114 -72.48 46.34 -37.92
N SER G 115 -71.16 46.41 -37.68
CA SER G 115 -70.25 45.58 -38.45
C SER G 115 -70.22 44.17 -37.87
N GLU G 116 -69.46 43.29 -38.51
CA GLU G 116 -69.37 41.90 -38.06
C GLU G 116 -68.68 41.84 -36.71
N ALA G 117 -67.72 42.74 -36.52
CA ALA G 117 -66.95 42.82 -35.29
C ALA G 117 -67.77 43.35 -34.11
N ASP G 118 -68.59 44.35 -34.37
CA ASP G 118 -69.42 44.95 -33.33
C ASP G 118 -70.42 43.92 -32.83
N MET G 119 -71.00 43.18 -33.76
CA MET G 119 -71.98 42.15 -33.46
C MET G 119 -71.41 41.03 -32.61
N LYS G 120 -70.16 40.67 -32.90
CA LYS G 120 -69.46 39.63 -32.16
C LYS G 120 -69.32 40.01 -30.70
N ARG G 121 -68.96 41.26 -30.47
CA ARG G 121 -68.83 41.80 -29.12
C ARG G 121 -70.19 41.86 -28.42
N VAL G 122 -71.23 42.19 -29.18
CA VAL G 122 -72.59 42.24 -28.64
C VAL G 122 -73.01 40.87 -28.14
N VAL G 123 -72.74 39.86 -28.95
CA VAL G 123 -73.07 38.48 -28.61
C VAL G 123 -72.33 38.07 -27.34
N LEU G 124 -71.04 38.40 -27.29
CA LEU G 124 -70.21 38.12 -26.11
C LEU G 124 -70.82 38.75 -24.86
N SER G 125 -71.39 39.94 -25.01
CA SER G 125 -72.05 40.59 -23.89
C SER G 125 -73.27 39.78 -23.45
N LEU G 126 -73.98 39.21 -24.41
CA LEU G 126 -75.11 38.32 -24.17
C LEU G 126 -74.69 36.99 -23.51
N VAL G 127 -73.61 36.41 -24.00
CA VAL G 127 -73.16 35.10 -23.51
C VAL G 127 -72.74 35.18 -22.05
N THR G 128 -72.16 36.30 -21.65
CA THR G 128 -71.80 36.51 -20.24
C THR G 128 -73.04 36.42 -19.36
N MET G 129 -74.16 36.91 -19.87
CA MET G 129 -75.41 36.89 -19.12
C MET G 129 -75.91 35.45 -19.03
N LEU G 130 -75.56 34.62 -20.01
CA LEU G 130 -75.97 33.22 -20.01
C LEU G 130 -75.07 32.36 -19.11
N HIS G 131 -73.81 32.76 -18.97
CA HIS G 131 -72.89 31.99 -18.14
C HIS G 131 -73.15 32.23 -16.65
N ASP G 132 -72.93 31.18 -15.86
CA ASP G 132 -73.08 31.23 -14.41
C ASP G 132 -74.50 31.55 -13.97
N ASN G 133 -75.45 31.43 -14.90
CA ASN G 133 -76.85 31.65 -14.60
C ASN G 133 -77.56 30.39 -15.09
N LYS G 134 -78.49 29.86 -14.31
CA LYS G 134 -79.14 28.61 -14.65
C LYS G 134 -80.50 28.76 -15.33
N LEU G 135 -80.51 29.48 -16.46
CA LEU G 135 -81.72 29.75 -17.24
C LEU G 135 -82.26 28.53 -18.02
N SER G 136 -83.55 28.54 -18.29
CA SER G 136 -84.18 27.50 -19.12
C SER G 136 -84.57 28.03 -20.51
N LYS G 137 -84.77 29.35 -20.60
CA LYS G 137 -85.19 30.02 -21.82
C LYS G 137 -84.51 31.38 -22.01
N LEU G 138 -84.07 31.69 -23.23
CA LEU G 138 -83.62 33.04 -23.56
C LEU G 138 -84.49 33.63 -24.65
N THR G 139 -84.96 34.87 -24.46
CA THR G 139 -85.73 35.54 -25.49
C THR G 139 -85.03 36.85 -25.88
N VAL G 140 -84.79 37.03 -27.18
CA VAL G 140 -84.06 38.20 -27.66
C VAL G 140 -84.91 39.11 -28.54
N VAL G 141 -84.97 40.38 -28.18
CA VAL G 141 -85.74 41.36 -28.95
C VAL G 141 -84.83 42.30 -29.75
N PHE G 142 -84.92 42.22 -31.08
CA PHE G 142 -84.08 43.02 -31.97
C PHE G 142 -84.67 44.39 -32.25
N GLU G 143 -84.25 45.40 -31.50
CA GLU G 143 -84.62 46.77 -31.80
C GLU G 143 -83.47 47.45 -32.53
N ILE G 144 -82.81 46.66 -33.38
CA ILE G 144 -81.76 47.15 -34.25
C ILE G 144 -82.01 46.60 -35.65
N ASN G 145 -81.34 47.18 -36.64
CA ASN G 145 -81.48 46.71 -38.02
C ASN G 145 -80.34 45.80 -38.44
N VAL G 146 -80.72 44.60 -38.86
CA VAL G 146 -79.76 43.60 -39.34
C VAL G 146 -80.31 42.93 -40.59
N ASP G 147 -79.45 42.65 -41.57
CA ASP G 147 -79.92 41.90 -42.74
C ASP G 147 -79.99 40.41 -42.40
N LYS G 148 -80.40 39.62 -43.38
CA LYS G 148 -80.56 38.19 -43.19
C LYS G 148 -79.24 37.49 -42.87
N ASN G 149 -78.17 37.86 -43.57
CA ASN G 149 -76.85 37.27 -43.31
C ASN G 149 -76.33 37.61 -41.91
N LEU G 150 -76.55 38.85 -41.49
CA LEU G 150 -76.08 39.33 -40.20
C LEU G 150 -76.86 38.68 -39.06
N PHE G 151 -78.14 38.41 -39.31
CA PHE G 151 -78.98 37.73 -38.33
C PHE G 151 -78.49 36.30 -38.14
N ARG G 152 -78.19 35.65 -39.25
CA ARG G 152 -77.67 34.28 -39.21
C ARG G 152 -76.36 34.26 -38.44
N PHE G 153 -75.50 35.24 -38.72
CA PHE G 153 -74.23 35.38 -38.03
C PHE G 153 -74.41 35.54 -36.52
N PHE G 154 -75.45 36.28 -36.14
CA PHE G 154 -75.77 36.48 -34.73
C PHE G 154 -75.98 35.13 -34.04
N LEU G 155 -76.84 34.30 -34.63
CA LEU G 155 -77.12 32.99 -34.08
C LEU G 155 -75.90 32.08 -34.10
N GLU G 156 -75.21 32.05 -35.23
CA GLU G 156 -73.98 31.24 -35.38
C GLU G 156 -73.01 31.52 -34.24
N THR G 157 -72.74 32.80 -34.03
CA THR G 157 -71.79 33.24 -33.02
C THR G 157 -72.31 32.97 -31.62
N LEU G 158 -73.60 33.25 -31.43
CA LEU G 158 -74.24 33.00 -30.15
C LEU G 158 -74.14 31.51 -29.80
N PHE G 159 -74.52 30.65 -30.74
CA PHE G 159 -74.42 29.20 -30.55
C PHE G 159 -72.97 28.80 -30.28
N TYR G 160 -72.05 29.37 -31.06
CA TYR G 160 -70.64 29.02 -30.99
C TYR G 160 -69.92 29.40 -29.69
N GLU G 161 -70.10 30.65 -29.25
CA GLU G 161 -69.35 31.18 -28.11
C GLU G 161 -69.81 30.62 -26.80
N TYR G 162 -71.07 30.28 -26.85
CA TYR G 162 -71.83 29.75 -25.76
C TYR G 162 -71.47 28.29 -25.43
N MET G 163 -71.10 27.55 -26.46
CA MET G 163 -70.73 26.17 -26.27
C MET G 163 -69.43 26.14 -25.45
N THR G 164 -69.30 25.17 -24.55
CA THR G 164 -68.06 25.03 -23.77
C THR G 164 -67.51 23.62 -24.00
N ASP G 165 -66.26 23.54 -24.43
CA ASP G 165 -65.62 22.28 -24.78
C ASP G 165 -65.01 21.62 -23.54
N GLU G 166 -65.53 20.46 -23.17
CA GLU G 166 -65.09 19.76 -21.98
C GLU G 166 -64.59 18.36 -22.27
N ARG G 167 -64.26 18.09 -23.52
CA ARG G 167 -63.82 16.76 -23.94
C ARG G 167 -62.60 16.26 -23.17
N PHE G 168 -61.72 17.19 -22.76
CA PHE G 168 -60.46 16.79 -22.16
C PHE G 168 -60.42 17.06 -20.67
N LYS G 169 -61.57 17.38 -20.09
CA LYS G 169 -61.68 17.50 -18.64
C LYS G 169 -61.99 16.11 -18.05
N SER G 170 -61.48 15.84 -16.86
CA SER G 170 -61.78 14.58 -16.17
C SER G 170 -62.26 14.89 -14.78
N THR G 171 -61.38 15.52 -14.01
CA THR G 171 -61.73 16.06 -12.71
C THR G 171 -62.07 17.46 -13.16
N ASP G 172 -62.13 18.45 -12.27
CA ASP G 172 -62.40 19.85 -12.64
C ASP G 172 -63.12 20.03 -13.99
N LYS G 173 -64.18 19.24 -14.21
CA LYS G 173 -64.99 19.35 -15.42
C LYS G 173 -65.50 20.79 -15.49
N ASN G 174 -66.65 20.93 -14.86
CA ASN G 174 -67.29 22.15 -14.42
C ASN G 174 -68.36 21.43 -13.65
N VAL G 175 -69.42 22.09 -13.22
CA VAL G 175 -70.40 21.39 -12.41
C VAL G 175 -71.71 22.13 -12.30
N ASN G 176 -71.67 23.43 -12.53
CA ASN G 176 -72.85 24.28 -12.36
C ASN G 176 -73.41 24.73 -13.70
N MET G 177 -72.95 24.05 -14.74
CA MET G 177 -73.31 24.32 -16.13
C MET G 177 -74.46 23.49 -16.74
N GLU G 178 -75.56 24.15 -17.06
CA GLU G 178 -76.63 23.55 -17.83
C GLU G 178 -77.07 24.55 -18.91
N TYR G 179 -77.33 24.06 -20.11
CA TYR G 179 -77.68 24.92 -21.23
C TYR G 179 -79.19 25.17 -21.32
N ILE G 180 -79.57 26.35 -21.79
CA ILE G 180 -80.97 26.66 -22.02
C ILE G 180 -81.56 25.67 -23.01
N LYS G 181 -82.88 25.49 -22.92
CA LYS G 181 -83.55 24.54 -23.79
C LYS G 181 -84.39 25.25 -24.83
N HIS G 182 -84.62 26.54 -24.63
CA HIS G 182 -85.47 27.31 -25.51
C HIS G 182 -84.85 28.65 -25.83
N LEU G 183 -84.94 29.04 -27.10
CA LEU G 183 -84.45 30.35 -27.50
C LEU G 183 -85.54 31.07 -28.28
N GLY G 184 -85.96 32.23 -27.76
CA GLY G 184 -86.98 33.01 -28.42
C GLY G 184 -86.37 34.21 -29.12
N VAL G 185 -86.87 34.51 -30.31
CA VAL G 185 -86.36 35.66 -31.04
C VAL G 185 -87.52 36.53 -31.53
N TYR G 186 -87.51 37.80 -31.13
CA TYR G 186 -88.46 38.79 -31.64
C TYR G 186 -87.74 39.73 -32.59
N ILE G 187 -88.22 39.79 -33.83
CA ILE G 187 -87.58 40.63 -34.84
C ILE G 187 -88.62 41.11 -35.85
N ASN G 188 -88.34 42.19 -36.58
CA ASN G 188 -89.31 42.71 -37.53
C ASN G 188 -89.15 41.93 -38.82
N ASN G 189 -90.27 41.76 -39.54
CA ASN G 189 -90.30 40.97 -40.76
C ASN G 189 -89.81 39.54 -40.51
N ALA G 190 -90.37 38.91 -39.48
CA ALA G 190 -89.92 37.62 -38.98
C ALA G 190 -89.97 36.49 -40.01
N ASP G 191 -91.01 36.42 -40.83
CA ASP G 191 -91.11 35.29 -41.77
C ASP G 191 -89.97 35.24 -42.77
N THR G 192 -89.30 36.37 -42.97
CA THR G 192 -88.15 36.43 -43.86
C THR G 192 -86.88 35.91 -43.19
N TYR G 193 -86.86 35.94 -41.86
CA TYR G 193 -85.67 35.54 -41.11
C TYR G 193 -85.66 34.07 -40.66
N LYS G 194 -86.83 33.42 -40.66
CA LYS G 194 -86.93 32.05 -40.15
C LYS G 194 -86.08 31.04 -40.91
N GLU G 195 -85.89 31.26 -42.21
CA GLU G 195 -85.12 30.33 -43.03
C GLU G 195 -83.66 30.30 -42.61
N GLU G 196 -83.21 31.36 -41.94
CA GLU G 196 -81.83 31.47 -41.51
C GLU G 196 -81.57 30.70 -40.23
N VAL G 197 -82.63 30.35 -39.51
CA VAL G 197 -82.48 29.72 -38.21
C VAL G 197 -81.75 28.37 -38.30
N GLU G 198 -82.26 27.45 -39.11
CA GLU G 198 -81.62 26.14 -39.21
C GLU G 198 -80.32 26.21 -39.98
N LYS G 199 -80.18 27.20 -40.86
CA LYS G 199 -78.93 27.41 -41.56
C LYS G 199 -77.84 27.84 -40.59
N ALA G 200 -78.21 28.68 -39.62
CA ALA G 200 -77.26 29.11 -38.61
C ALA G 200 -76.84 27.91 -37.77
N ARG G 201 -77.81 27.06 -37.43
CA ARG G 201 -77.55 25.88 -36.61
C ARG G 201 -76.56 24.96 -37.32
N VAL G 202 -76.71 24.83 -38.64
CA VAL G 202 -75.80 24.04 -39.45
C VAL G 202 -74.43 24.71 -39.54
N TYR G 203 -74.43 25.99 -39.85
CA TYR G 203 -73.18 26.74 -39.93
C TYR G 203 -72.40 26.70 -38.62
N TYR G 204 -73.15 26.76 -37.51
CA TYR G 204 -72.55 26.63 -36.19
C TYR G 204 -71.75 25.35 -36.02
N PHE G 205 -72.37 24.19 -36.27
CA PHE G 205 -71.69 22.95 -35.94
C PHE G 205 -70.49 22.70 -36.86
N GLY G 206 -70.63 23.05 -38.14
CA GLY G 206 -69.54 22.93 -39.08
C GLY G 206 -68.33 23.68 -38.56
N THR G 207 -68.58 24.87 -38.04
CA THR G 207 -67.55 25.68 -37.43
C THR G 207 -67.06 25.02 -36.13
N TYR G 208 -68.02 24.58 -35.32
CA TYR G 208 -67.69 23.99 -34.02
C TYR G 208 -67.01 22.63 -34.18
N TYR G 209 -67.41 21.88 -35.19
CA TYR G 209 -66.79 20.60 -35.48
C TYR G 209 -65.31 20.79 -35.78
N ALA G 210 -65.01 21.76 -36.64
CA ALA G 210 -63.64 22.13 -36.97
C ALA G 210 -62.88 22.59 -35.73
N SER G 211 -63.53 23.43 -34.93
CA SER G 211 -62.97 23.93 -33.68
C SER G 211 -62.54 22.75 -32.79
N GLN G 212 -63.39 21.74 -32.71
CA GLN G 212 -63.07 20.55 -31.95
C GLN G 212 -61.82 19.85 -32.51
N LEU G 213 -61.72 19.83 -33.84
CA LEU G 213 -60.58 19.19 -34.48
C LEU G 213 -59.29 20.00 -34.26
N ILE G 214 -59.37 21.31 -34.37
CA ILE G 214 -58.20 22.16 -34.20
C ILE G 214 -57.72 22.15 -32.75
N ALA G 215 -58.66 22.24 -31.81
CA ALA G 215 -58.36 22.28 -30.38
C ALA G 215 -57.85 20.96 -29.82
N ALA G 216 -58.22 19.85 -30.46
CA ALA G 216 -57.73 18.54 -30.06
C ALA G 216 -56.21 18.46 -30.16
N PRO G 217 -55.54 18.09 -29.06
CA PRO G 217 -54.07 18.00 -29.03
C PRO G 217 -53.54 16.91 -29.97
N SER G 218 -52.25 16.99 -30.28
CA SER G 218 -51.67 16.17 -31.34
C SER G 218 -51.52 14.69 -31.01
N ASN G 219 -51.52 14.33 -29.73
CA ASN G 219 -51.47 12.92 -29.38
C ASN G 219 -52.82 12.26 -29.58
N TYR G 220 -53.87 13.07 -29.54
CA TYR G 220 -55.20 12.58 -29.88
C TYR G 220 -55.39 12.71 -31.39
N CYS G 221 -55.11 13.91 -31.90
CA CYS G 221 -55.32 14.19 -33.32
C CYS G 221 -54.02 14.07 -34.10
N ASN G 222 -53.84 12.90 -34.70
CA ASN G 222 -52.67 12.59 -35.51
C ASN G 222 -53.14 12.18 -36.91
N PRO G 223 -52.21 12.00 -37.86
CA PRO G 223 -52.65 11.66 -39.22
C PRO G 223 -53.62 10.47 -39.32
N VAL G 224 -53.43 9.45 -38.50
CA VAL G 224 -54.32 8.29 -38.56
C VAL G 224 -55.67 8.58 -37.91
N SER G 225 -55.65 9.14 -36.70
CA SER G 225 -56.89 9.40 -35.97
C SER G 225 -57.73 10.50 -36.64
N LEU G 226 -57.08 11.43 -37.32
CA LEU G 226 -57.79 12.50 -38.03
C LEU G 226 -58.51 12.01 -39.27
N SER G 227 -57.85 11.17 -40.07
CA SER G 227 -58.47 10.59 -41.25
C SER G 227 -59.60 9.67 -40.85
N ASN G 228 -59.44 9.00 -39.71
CA ASN G 228 -60.49 8.15 -39.16
C ASN G 228 -61.74 8.95 -38.84
N ALA G 229 -61.56 10.13 -38.25
CA ALA G 229 -62.68 11.00 -37.94
C ALA G 229 -63.36 11.46 -39.22
N ALA G 230 -62.56 11.65 -40.26
CA ALA G 230 -63.06 12.07 -41.57
C ALA G 230 -63.91 10.99 -42.22
N VAL G 231 -63.48 9.74 -42.09
CA VAL G 231 -64.24 8.61 -42.60
C VAL G 231 -65.58 8.51 -41.87
N GLU G 232 -65.51 8.65 -40.56
CA GLU G 232 -66.71 8.58 -39.73
C GLU G 232 -67.70 9.68 -40.10
N LEU G 233 -67.18 10.87 -40.41
CA LEU G 233 -68.03 11.98 -40.84
C LEU G 233 -68.71 11.67 -42.18
N ALA G 234 -67.92 11.13 -43.11
CA ALA G 234 -68.42 10.75 -44.42
C ALA G 234 -69.49 9.69 -44.30
N GLN G 235 -69.30 8.78 -43.35
CA GLN G 235 -70.23 7.68 -43.11
C GLN G 235 -71.55 8.22 -42.57
N LYS G 236 -71.48 9.25 -41.74
CA LYS G 236 -72.66 9.87 -41.17
C LYS G 236 -73.43 10.77 -42.15
N LEU G 237 -72.71 11.31 -43.14
CA LEU G 237 -73.30 12.22 -44.12
C LEU G 237 -73.58 11.61 -45.49
N ASN G 238 -73.16 10.35 -45.66
CA ASN G 238 -73.30 9.63 -46.92
C ASN G 238 -72.49 10.31 -48.01
N LEU G 239 -71.26 10.63 -47.67
CA LEU G 239 -70.30 11.21 -48.61
C LEU G 239 -69.41 10.09 -49.06
N GLU G 240 -69.01 10.08 -50.32
CA GLU G 240 -67.97 9.26 -50.87
C GLU G 240 -66.63 9.55 -50.21
N TYR G 241 -65.87 8.59 -49.70
CA TYR G 241 -64.56 8.88 -49.15
C TYR G 241 -63.53 7.88 -49.59
N LYS G 242 -62.28 8.34 -49.68
CA LYS G 242 -61.13 7.60 -50.15
C LYS G 242 -59.97 8.02 -49.27
N ILE G 243 -59.31 7.13 -48.54
CA ILE G 243 -58.12 7.49 -47.80
C ILE G 243 -56.89 6.77 -48.36
N LEU G 244 -55.92 7.57 -48.79
CA LEU G 244 -54.72 7.00 -49.42
C LEU G 244 -53.62 6.74 -48.40
N GLY G 245 -53.06 5.54 -48.42
CA GLY G 245 -51.95 5.24 -47.54
C GLY G 245 -50.63 5.42 -48.27
N VAL G 246 -49.53 5.15 -47.58
CA VAL G 246 -48.19 5.39 -48.09
C VAL G 246 -47.97 4.68 -49.41
N LYS G 247 -48.45 3.44 -49.49
CA LYS G 247 -48.24 2.63 -50.67
C LYS G 247 -48.90 3.24 -51.92
N GLU G 248 -50.11 3.75 -51.79
CA GLU G 248 -50.72 4.45 -52.92
C GLU G 248 -50.04 5.78 -53.22
N LEU G 249 -49.61 6.48 -52.17
CA LEU G 249 -48.95 7.78 -52.33
C LEU G 249 -47.61 7.64 -53.04
N GLU G 250 -46.94 6.51 -52.79
CA GLU G 250 -45.69 6.21 -53.48
C GLU G 250 -45.96 5.99 -54.97
N GLU G 251 -47.09 5.36 -55.26
CA GLU G 251 -47.48 5.04 -56.63
C GLU G 251 -47.86 6.30 -57.39
N LEU G 252 -48.38 7.28 -56.67
CA LEU G 252 -48.73 8.55 -57.27
C LEU G 252 -47.53 9.48 -57.30
N LYS G 253 -46.41 9.00 -56.77
CA LYS G 253 -45.13 9.69 -56.81
C LYS G 253 -45.17 11.05 -56.10
N MET G 254 -45.95 11.13 -55.02
CA MET G 254 -46.06 12.38 -54.27
C MET G 254 -44.90 12.55 -53.30
N GLY G 255 -43.72 12.81 -53.83
CA GLY G 255 -42.52 12.86 -53.02
C GLY G 255 -42.47 14.03 -52.05
N ALA G 256 -43.06 15.16 -52.43
CA ALA G 256 -43.05 16.34 -51.57
C ALA G 256 -43.85 16.12 -50.29
N TYR G 257 -45.09 15.64 -50.45
CA TYR G 257 -45.97 15.33 -49.34
C TYR G 257 -45.35 14.25 -48.46
N LEU G 258 -44.84 13.21 -49.10
CA LEU G 258 -44.22 12.09 -48.41
C LEU G 258 -42.94 12.51 -47.70
N SER G 259 -42.27 13.53 -48.23
CA SER G 259 -41.02 13.96 -47.60
C SER G 259 -41.30 14.53 -46.23
N VAL G 260 -42.34 15.36 -46.11
CA VAL G 260 -42.68 16.00 -44.85
C VAL G 260 -43.00 15.02 -43.71
N GLY G 261 -43.61 13.88 -44.04
CA GLY G 261 -44.04 12.93 -43.02
C GLY G 261 -43.07 11.81 -42.67
N LYS G 262 -41.92 11.82 -43.32
CA LYS G 262 -40.91 10.78 -43.15
C LYS G 262 -40.46 10.60 -41.68
N GLY G 263 -40.37 11.70 -40.94
CA GLY G 263 -39.90 11.65 -39.57
C GLY G 263 -40.95 11.29 -38.52
N SER G 264 -42.16 10.97 -38.97
CA SER G 264 -43.25 10.70 -38.05
C SER G 264 -43.46 9.21 -37.75
N MET G 265 -44.02 8.92 -36.59
CA MET G 265 -44.41 7.57 -36.23
C MET G 265 -45.78 7.25 -36.84
N TYR G 266 -46.44 8.28 -37.34
CA TYR G 266 -47.74 8.11 -37.98
C TYR G 266 -47.59 8.20 -39.50
N PRO G 267 -47.96 7.11 -40.21
CA PRO G 267 -47.95 7.08 -41.67
C PRO G 267 -48.88 8.13 -42.27
N ASN G 268 -48.49 8.71 -43.40
CA ASN G 268 -49.32 9.70 -44.07
C ASN G 268 -50.67 9.15 -44.52
N LYS G 269 -51.70 9.98 -44.39
CA LYS G 269 -53.05 9.62 -44.82
C LYS G 269 -53.64 10.77 -45.63
N PHE G 270 -53.99 10.51 -46.89
CA PHE G 270 -54.58 11.53 -47.74
C PHE G 270 -56.10 11.42 -47.72
N ILE G 271 -56.75 12.49 -47.28
CA ILE G 271 -58.21 12.49 -47.16
C ILE G 271 -58.84 13.00 -48.44
N HIS G 272 -59.76 12.20 -48.98
CA HIS G 272 -60.50 12.57 -50.17
C HIS G 272 -61.99 12.29 -49.98
N LEU G 273 -62.73 13.30 -49.58
CA LEU G 273 -64.18 13.21 -49.50
C LEU G 273 -64.80 13.78 -50.77
N THR G 274 -65.97 13.25 -51.12
CA THR G 274 -66.66 13.74 -52.30
C THR G 274 -68.15 13.84 -52.05
N TYR G 275 -68.69 15.01 -52.33
CA TYR G 275 -70.12 15.22 -52.39
C TYR G 275 -70.50 15.35 -53.87
N LYS G 276 -71.48 14.56 -54.32
CA LYS G 276 -71.98 14.72 -55.69
C LYS G 276 -73.49 14.95 -55.66
N SER G 277 -73.95 15.93 -56.42
CA SER G 277 -75.38 16.24 -56.47
C SER G 277 -76.16 15.22 -57.28
N LYS G 278 -77.43 15.05 -56.92
CA LYS G 278 -78.31 14.10 -57.59
C LYS G 278 -78.77 14.71 -58.90
N GLY G 279 -78.69 16.04 -58.98
CA GLY G 279 -78.88 16.79 -60.21
C GLY G 279 -77.90 16.38 -61.30
N ASP G 280 -77.83 17.19 -62.34
CA ASP G 280 -76.78 17.01 -63.32
C ASP G 280 -75.77 18.07 -62.90
N VAL G 281 -74.48 17.79 -63.09
CA VAL G 281 -73.45 18.60 -62.46
C VAL G 281 -72.97 19.73 -63.35
N LYS G 282 -73.14 20.96 -62.88
CA LYS G 282 -72.74 22.10 -63.68
C LYS G 282 -71.55 22.84 -63.08
N LYS G 283 -71.05 22.36 -61.94
CA LYS G 283 -69.85 22.91 -61.32
C LYS G 283 -69.05 21.94 -60.49
N LYS G 284 -67.76 21.85 -60.80
CA LYS G 284 -66.85 20.98 -60.08
C LYS G 284 -65.89 21.79 -59.19
N ILE G 285 -65.88 21.50 -57.90
CA ILE G 285 -65.04 22.25 -56.97
C ILE G 285 -64.16 21.33 -56.11
N ALA G 286 -62.87 21.68 -56.02
CA ALA G 286 -61.94 21.01 -55.11
C ALA G 286 -61.55 21.96 -53.98
N LEU G 287 -61.77 21.53 -52.75
CA LEU G 287 -61.33 22.29 -51.58
C LEU G 287 -60.15 21.60 -50.93
N VAL G 288 -59.03 22.29 -50.83
CA VAL G 288 -57.81 21.67 -50.31
C VAL G 288 -57.37 22.31 -49.01
N GLY G 289 -57.14 21.50 -47.98
CA GLY G 289 -56.76 22.02 -46.68
C GLY G 289 -55.42 21.52 -46.21
N LYS G 290 -54.62 22.44 -45.67
CA LYS G 290 -53.34 22.08 -45.06
C LYS G 290 -53.59 21.22 -43.82
N GLY G 291 -53.00 20.02 -43.78
CA GLY G 291 -53.25 19.11 -42.68
C GLY G 291 -52.00 18.64 -41.96
N ILE G 292 -51.26 19.57 -41.35
CA ILE G 292 -50.10 19.20 -40.56
C ILE G 292 -50.52 19.10 -39.10
N THR G 293 -50.66 17.87 -38.61
CA THR G 293 -51.21 17.63 -37.29
C THR G 293 -50.31 18.14 -36.16
N PHE G 294 -49.02 18.24 -36.44
CA PHE G 294 -48.11 18.94 -35.54
C PHE G 294 -46.92 19.47 -36.33
N ASP G 295 -46.65 20.76 -36.20
CA ASP G 295 -45.53 21.40 -36.86
C ASP G 295 -44.44 21.72 -35.85
N SER G 296 -43.47 20.83 -35.69
CA SER G 296 -42.33 21.10 -34.83
C SER G 296 -41.33 21.98 -35.56
N GLY G 297 -41.41 21.94 -36.89
CA GLY G 297 -40.46 22.64 -37.73
C GLY G 297 -39.47 21.65 -38.32
N GLY G 298 -39.44 20.44 -37.77
CA GLY G 298 -38.48 19.45 -38.21
C GLY G 298 -37.09 19.84 -37.77
N TYR G 299 -36.10 19.50 -38.60
CA TYR G 299 -34.71 19.82 -38.26
C TYR G 299 -34.47 21.32 -38.19
N ASN G 300 -35.31 22.10 -38.86
CA ASN G 300 -35.38 23.53 -38.61
C ASN G 300 -36.34 23.79 -37.45
N LEU G 301 -36.01 23.22 -36.30
CA LEU G 301 -36.88 23.20 -35.12
C LEU G 301 -37.33 24.57 -34.66
N LYS G 302 -38.59 24.65 -34.20
CA LYS G 302 -39.13 25.89 -33.66
C LYS G 302 -38.55 26.20 -32.28
N ALA G 303 -37.39 26.86 -32.28
CA ALA G 303 -36.67 27.14 -31.04
C ALA G 303 -36.50 28.64 -30.86
N ALA G 304 -36.87 29.40 -31.88
CA ALA G 304 -36.80 30.86 -31.85
C ALA G 304 -37.93 31.45 -30.99
N PRO G 305 -37.66 32.61 -30.35
CA PRO G 305 -38.63 33.34 -29.53
C PRO G 305 -39.91 33.73 -30.28
N GLY G 306 -41.05 33.19 -29.91
CA GLY G 306 -42.28 33.53 -30.61
C GLY G 306 -42.79 32.41 -31.48
N SER G 307 -42.01 31.34 -31.58
CA SER G 307 -42.32 30.25 -32.48
C SER G 307 -43.62 29.55 -32.09
N MET G 308 -43.98 29.68 -30.82
CA MET G 308 -45.25 29.17 -30.30
C MET G 308 -45.44 27.69 -30.62
N ILE G 309 -44.44 26.89 -30.28
CA ILE G 309 -44.45 25.47 -30.64
C ILE G 309 -45.56 24.75 -29.89
N ASP G 310 -46.04 25.34 -28.80
CA ASP G 310 -47.09 24.71 -28.01
C ASP G 310 -48.46 24.81 -28.68
N LEU G 311 -48.58 25.65 -29.69
CA LEU G 311 -49.87 25.85 -30.34
C LEU G 311 -49.98 25.10 -31.66
N MET G 312 -48.90 24.43 -32.07
CA MET G 312 -48.78 23.96 -33.43
C MET G 312 -49.63 22.73 -33.75
N LYS G 313 -50.52 22.37 -32.84
CA LYS G 313 -51.56 21.39 -33.14
C LYS G 313 -52.56 22.02 -34.10
N PHE G 314 -52.51 23.35 -34.16
CA PHE G 314 -53.42 24.16 -34.96
C PHE G 314 -53.04 24.18 -36.45
N ASP G 315 -51.99 23.46 -36.82
CA ASP G 315 -51.49 23.53 -38.18
C ASP G 315 -52.25 22.60 -39.13
N MET G 316 -53.38 22.10 -38.65
CA MET G 316 -54.28 21.31 -39.48
C MET G 316 -55.64 22.01 -39.57
N SER G 317 -55.65 23.31 -39.27
CA SER G 317 -56.85 24.12 -39.27
C SER G 317 -57.55 24.19 -40.63
N GLY G 318 -56.76 24.27 -41.69
CA GLY G 318 -57.30 24.30 -43.04
C GLY G 318 -58.06 23.02 -43.31
N CYS G 319 -57.47 21.89 -42.94
CA CYS G 319 -58.10 20.59 -43.06
C CYS G 319 -59.39 20.56 -42.27
N ALA G 320 -59.36 21.15 -41.08
CA ALA G 320 -60.55 21.23 -40.24
C ALA G 320 -61.63 22.08 -40.91
N ALA G 321 -61.22 23.20 -41.49
CA ALA G 321 -62.15 24.08 -42.20
C ALA G 321 -62.82 23.37 -43.36
N VAL G 322 -62.06 22.54 -44.06
CA VAL G 322 -62.56 21.78 -45.21
C VAL G 322 -63.57 20.71 -44.78
N LEU G 323 -63.23 19.98 -43.72
CA LEU G 323 -64.11 18.95 -43.18
C LEU G 323 -65.37 19.55 -42.57
N GLY G 324 -65.24 20.71 -41.93
CA GLY G 324 -66.38 21.42 -41.40
C GLY G 324 -67.33 21.83 -42.50
N CYS G 325 -66.74 22.27 -43.62
CA CYS G 325 -67.50 22.60 -44.80
C CYS G 325 -68.17 21.36 -45.34
N ALA G 326 -67.47 20.23 -45.27
CA ALA G 326 -68.03 18.95 -45.68
C ALA G 326 -69.28 18.63 -44.85
N TYR G 327 -69.24 18.99 -43.57
CA TYR G 327 -70.41 18.79 -42.74
C TYR G 327 -71.60 19.60 -43.26
N CYS G 328 -71.36 20.88 -43.52
CA CYS G 328 -72.43 21.78 -43.96
C CYS G 328 -73.07 21.37 -45.28
N VAL G 329 -72.25 21.06 -46.28
CA VAL G 329 -72.79 20.67 -47.58
C VAL G 329 -73.54 19.33 -47.51
N GLY G 330 -72.98 18.36 -46.80
CA GLY G 330 -73.61 17.04 -46.70
C GLY G 330 -74.94 17.08 -45.99
N THR G 331 -75.14 18.12 -45.19
CA THR G 331 -76.37 18.27 -44.44
C THR G 331 -77.35 19.10 -45.26
N LEU G 332 -76.87 20.21 -45.82
CA LEU G 332 -77.73 21.12 -46.57
C LEU G 332 -78.03 20.60 -47.97
N LYS G 333 -77.17 19.70 -48.46
CA LYS G 333 -77.37 19.02 -49.74
C LYS G 333 -77.68 19.95 -50.91
N PRO G 334 -76.69 20.75 -51.33
CA PRO G 334 -76.88 21.66 -52.47
C PRO G 334 -77.13 20.98 -53.82
N GLU G 335 -77.52 21.78 -54.82
CA GLU G 335 -77.59 20.89 -55.98
C GLU G 335 -76.76 21.37 -57.18
N ASN G 336 -76.85 20.53 -58.21
CA ASN G 336 -76.03 20.66 -59.42
C ASN G 336 -74.54 20.94 -59.21
N VAL G 337 -73.97 20.37 -58.16
CA VAL G 337 -72.58 20.65 -57.82
C VAL G 337 -71.86 19.38 -57.36
N GLU G 338 -70.57 19.29 -57.69
CA GLU G 338 -69.74 18.21 -57.18
C GLU G 338 -68.52 18.78 -56.44
N ILE G 339 -68.39 18.42 -55.16
CA ILE G 339 -67.35 18.98 -54.29
C ILE G 339 -66.38 17.92 -53.82
N HIS G 340 -65.10 18.23 -53.94
CA HIS G 340 -64.06 17.34 -53.44
C HIS G 340 -63.38 17.92 -52.19
N PHE G 341 -63.36 17.15 -51.11
CA PHE G 341 -62.71 17.57 -49.87
C PHE G 341 -61.38 16.86 -49.70
N LEU G 342 -60.29 17.62 -49.86
CA LEU G 342 -58.95 17.05 -49.89
C LEU G 342 -58.07 17.53 -48.76
N SER G 343 -57.23 16.64 -48.25
CA SER G 343 -56.20 17.03 -47.30
C SER G 343 -55.05 16.04 -47.26
N ALA G 344 -53.84 16.53 -47.53
CA ALA G 344 -52.65 15.72 -47.39
C ALA G 344 -52.17 15.80 -45.94
N VAL G 345 -52.59 14.82 -45.14
CA VAL G 345 -52.33 14.86 -43.70
C VAL G 345 -51.05 14.13 -43.31
N CYS G 346 -50.22 14.80 -42.50
CA CYS G 346 -49.02 14.20 -41.94
C CYS G 346 -48.55 15.01 -40.75
N GLU G 347 -47.44 14.60 -40.17
CA GLU G 347 -46.91 15.25 -38.98
C GLU G 347 -45.45 15.60 -39.24
N ASN G 348 -45.06 16.83 -38.93
CA ASN G 348 -43.69 17.26 -39.18
C ASN G 348 -42.86 17.17 -37.91
N MET G 349 -42.05 16.11 -37.83
CA MET G 349 -41.35 15.78 -36.60
C MET G 349 -39.85 15.65 -36.80
N VAL G 350 -39.12 15.55 -35.70
CA VAL G 350 -37.67 15.38 -35.72
C VAL G 350 -37.32 13.94 -35.44
N SER G 351 -36.52 13.34 -36.32
CA SER G 351 -36.23 11.92 -36.27
C SER G 351 -35.00 11.59 -37.10
N LYS G 352 -34.50 10.37 -36.99
CA LYS G 352 -33.46 9.90 -37.90
C LYS G 352 -33.99 9.78 -39.32
N ASN G 353 -35.29 9.58 -39.44
CA ASN G 353 -35.94 9.34 -40.73
C ASN G 353 -36.46 10.62 -41.37
N SER G 354 -36.29 11.75 -40.67
CA SER G 354 -36.78 13.02 -41.17
C SER G 354 -36.04 13.43 -42.43
N TYR G 355 -36.66 14.27 -43.24
CA TYR G 355 -35.99 14.83 -44.38
C TYR G 355 -35.12 16.00 -43.92
N ARG G 356 -34.07 16.29 -44.66
CA ARG G 356 -33.09 17.25 -44.19
C ARG G 356 -33.14 18.54 -45.00
N PRO G 357 -32.78 19.65 -44.36
CA PRO G 357 -32.58 20.90 -45.10
C PRO G 357 -31.53 20.68 -46.19
N GLY G 358 -31.87 21.03 -47.42
CA GLY G 358 -30.96 20.82 -48.53
C GLY G 358 -31.38 19.66 -49.39
N ASP G 359 -32.22 18.78 -48.86
CA ASP G 359 -32.70 17.64 -49.62
C ASP G 359 -33.41 18.12 -50.87
N ILE G 360 -33.19 17.43 -51.98
CA ILE G 360 -33.93 17.71 -53.21
C ILE G 360 -34.95 16.61 -53.43
N ILE G 361 -36.21 17.00 -53.50
CA ILE G 361 -37.29 16.04 -53.62
C ILE G 361 -38.14 16.32 -54.85
N THR G 362 -38.84 15.30 -55.33
CA THR G 362 -39.60 15.44 -56.54
C THR G 362 -41.08 15.27 -56.25
N ALA G 363 -41.85 16.30 -56.55
CA ALA G 363 -43.29 16.27 -56.35
C ALA G 363 -43.94 15.39 -57.41
N SER G 364 -45.24 15.16 -57.28
CA SER G 364 -45.96 14.23 -58.14
C SER G 364 -46.13 14.71 -59.59
N ASN G 365 -45.79 15.96 -59.87
CA ASN G 365 -45.86 16.45 -61.24
C ASN G 365 -44.49 16.47 -61.90
N GLY G 366 -43.50 15.93 -61.20
CA GLY G 366 -42.17 15.78 -61.75
C GLY G 366 -41.19 16.88 -61.42
N LYS G 367 -41.69 18.00 -60.89
CA LYS G 367 -40.81 19.11 -60.54
C LYS G 367 -39.98 18.78 -59.30
N THR G 368 -38.68 19.00 -59.39
CA THR G 368 -37.78 18.81 -58.27
C THR G 368 -37.71 20.07 -57.43
N ILE G 369 -37.69 19.89 -56.11
CA ILE G 369 -37.73 21.00 -55.17
C ILE G 369 -36.55 20.93 -54.20
N GLU G 370 -35.82 22.03 -54.04
CA GLU G 370 -34.75 22.11 -53.06
C GLU G 370 -35.28 22.63 -51.72
N VAL G 371 -35.19 21.78 -50.68
CA VAL G 371 -35.66 22.17 -49.36
C VAL G 371 -34.66 23.12 -48.70
N GLY G 372 -35.12 24.33 -48.36
CA GLY G 372 -34.28 25.31 -47.71
C GLY G 372 -34.64 25.48 -46.24
N ASN G 373 -35.85 25.07 -45.89
CA ASN G 373 -36.32 25.15 -44.51
C ASN G 373 -37.43 24.11 -44.31
N THR G 374 -37.21 23.17 -43.41
CA THR G 374 -38.16 22.08 -43.18
C THR G 374 -39.42 22.60 -42.48
N ASP G 375 -39.35 23.83 -42.00
CA ASP G 375 -40.50 24.48 -41.37
C ASP G 375 -41.42 25.17 -42.39
N ALA G 376 -41.10 25.04 -43.68
CA ALA G 376 -42.04 25.42 -44.73
C ALA G 376 -42.68 24.15 -45.28
N GLU G 377 -43.20 23.32 -44.39
CA GLU G 377 -43.59 21.96 -44.75
C GLU G 377 -44.95 21.92 -45.43
N GLY G 378 -45.78 22.92 -45.14
CA GLY G 378 -47.13 22.97 -45.66
C GLY G 378 -47.19 23.11 -47.17
N ARG G 379 -46.37 23.99 -47.72
CA ARG G 379 -46.38 24.24 -49.16
C ARG G 379 -45.91 23.01 -49.92
N LEU G 380 -45.13 22.16 -49.26
CA LEU G 380 -44.69 20.91 -49.87
C LEU G 380 -45.83 19.90 -49.95
N THR G 381 -46.62 19.81 -48.89
CA THR G 381 -47.75 18.90 -48.85
C THR G 381 -48.90 19.38 -49.73
N LEU G 382 -49.09 20.70 -49.77
CA LEU G 382 -50.12 21.32 -50.60
C LEU G 382 -49.80 21.17 -52.09
N ALA G 383 -48.50 21.17 -52.40
CA ALA G 383 -48.04 21.02 -53.77
C ALA G 383 -48.57 19.74 -54.42
N ASP G 384 -48.43 18.63 -53.70
CA ASP G 384 -48.89 17.34 -54.18
C ASP G 384 -50.41 17.23 -54.20
N ALA G 385 -51.06 17.90 -53.25
CA ALA G 385 -52.52 17.91 -53.17
C ALA G 385 -53.13 18.70 -54.32
N LEU G 386 -52.47 19.78 -54.73
CA LEU G 386 -52.95 20.60 -55.83
C LEU G 386 -52.81 19.86 -57.16
N VAL G 387 -51.73 19.11 -57.32
CA VAL G 387 -51.56 18.27 -58.50
C VAL G 387 -52.65 17.22 -58.52
N TYR G 388 -52.92 16.64 -57.36
CA TYR G 388 -54.00 15.67 -57.21
C TYR G 388 -55.33 16.34 -57.55
N ALA G 389 -55.50 17.57 -57.06
CA ALA G 389 -56.74 18.33 -57.26
C ALA G 389 -56.98 18.62 -58.73
N GLU G 390 -55.94 19.04 -59.44
CA GLU G 390 -56.08 19.41 -60.84
C GLU G 390 -56.36 18.19 -61.70
N LYS G 391 -55.89 17.02 -61.27
CA LYS G 391 -56.14 15.79 -62.01
C LYS G 391 -57.61 15.38 -61.94
N LEU G 392 -58.34 15.92 -60.98
CA LEU G 392 -59.76 15.61 -60.84
C LEU G 392 -60.61 16.26 -61.90
N GLY G 393 -60.07 17.27 -62.57
CA GLY G 393 -60.79 17.96 -63.62
C GLY G 393 -61.91 18.82 -63.07
N VAL G 394 -61.53 19.78 -62.24
CA VAL G 394 -62.51 20.62 -61.56
C VAL G 394 -62.50 22.03 -62.14
N ASP G 395 -63.52 22.81 -61.82
CA ASP G 395 -63.62 24.17 -62.32
C ASP G 395 -62.86 25.14 -61.41
N TYR G 396 -62.97 24.92 -60.10
CA TYR G 396 -62.30 25.78 -59.11
C TYR G 396 -61.52 24.97 -58.07
N ILE G 397 -60.29 25.39 -57.80
CA ILE G 397 -59.52 24.87 -56.67
C ILE G 397 -59.20 25.95 -55.65
N VAL G 398 -59.73 25.79 -54.45
CA VAL G 398 -59.46 26.74 -53.39
C VAL G 398 -58.75 26.02 -52.24
N ASP G 399 -57.55 26.48 -51.90
CA ASP G 399 -56.87 25.92 -50.75
C ASP G 399 -56.95 26.87 -49.57
N ILE G 400 -56.98 26.31 -48.37
CA ILE G 400 -57.04 27.11 -47.15
C ILE G 400 -56.00 26.54 -46.19
N ALA G 401 -55.16 27.42 -45.65
CA ALA G 401 -53.97 26.96 -44.95
C ALA G 401 -53.43 27.96 -43.96
N THR G 402 -52.96 27.46 -42.83
CA THR G 402 -52.16 28.25 -41.90
C THR G 402 -50.72 28.21 -42.40
N LEU G 403 -50.43 28.95 -43.45
CA LEU G 403 -49.17 28.75 -44.16
C LEU G 403 -48.04 29.58 -43.61
N THR G 404 -48.27 30.89 -43.47
CA THR G 404 -47.18 31.78 -43.09
C THR G 404 -47.51 32.66 -41.89
N GLY G 405 -46.64 32.64 -40.90
CA GLY G 405 -46.82 33.43 -39.68
C GLY G 405 -46.75 34.92 -39.95
N ALA G 406 -46.21 35.28 -41.10
CA ALA G 406 -46.12 36.68 -41.51
C ALA G 406 -47.49 37.33 -41.62
N MET G 407 -48.53 36.51 -41.79
CA MET G 407 -49.89 37.03 -41.91
C MET G 407 -50.27 37.86 -40.70
N LEU G 408 -49.73 37.51 -39.54
CA LEU G 408 -49.95 38.27 -38.32
C LEU G 408 -49.38 39.68 -38.47
N TYR G 409 -48.31 39.81 -39.24
CA TYR G 409 -47.68 41.11 -39.44
C TYR G 409 -48.39 41.97 -40.48
N SER G 410 -48.99 41.31 -41.47
CA SER G 410 -49.64 42.03 -42.57
C SER G 410 -51.11 42.29 -42.25
N LEU G 411 -51.89 41.22 -42.05
CA LEU G 411 -53.33 41.38 -41.84
C LEU G 411 -53.79 41.23 -40.40
N GLY G 412 -53.00 40.54 -39.57
CA GLY G 412 -53.31 40.41 -38.16
C GLY G 412 -54.17 39.22 -37.81
N THR G 413 -54.98 39.37 -36.76
CA THR G 413 -55.71 38.24 -36.20
C THR G 413 -57.17 38.16 -36.62
N SER G 414 -57.65 39.15 -37.39
CA SER G 414 -59.05 39.18 -37.79
C SER G 414 -59.26 38.83 -39.26
N TYR G 415 -58.39 39.35 -40.13
CA TYR G 415 -58.54 39.17 -41.57
C TYR G 415 -57.57 38.14 -42.15
N ALA G 416 -58.09 37.22 -42.96
CA ALA G 416 -57.25 36.30 -43.71
C ALA G 416 -56.90 36.90 -45.06
N GLY G 417 -55.82 36.41 -45.66
CA GLY G 417 -55.42 36.90 -46.97
C GLY G 417 -55.79 35.90 -48.04
N VAL G 418 -56.23 36.41 -49.19
CA VAL G 418 -56.55 35.54 -50.32
C VAL G 418 -55.68 35.90 -51.52
N PHE G 419 -55.10 34.87 -52.11
CA PHE G 419 -54.26 34.98 -53.30
C PHE G 419 -54.89 34.14 -54.39
N GLY G 420 -54.50 34.36 -55.64
CA GLY G 420 -55.05 33.56 -56.73
C GLY G 420 -54.45 33.83 -58.09
N ASN G 421 -54.84 33.01 -59.07
CA ASN G 421 -54.40 33.18 -60.44
C ASN G 421 -55.56 33.61 -61.33
N ASN G 422 -56.70 33.87 -60.69
CA ASN G 422 -57.92 34.14 -61.42
C ASN G 422 -58.82 35.13 -60.67
N GLU G 423 -59.10 36.29 -61.30
CA GLU G 423 -59.86 37.35 -60.64
C GLU G 423 -61.31 37.00 -60.39
N GLU G 424 -61.90 36.20 -61.27
CA GLU G 424 -63.32 35.99 -61.04
C GLU G 424 -63.48 34.99 -59.88
N LEU G 425 -62.57 34.04 -59.66
CA LEU G 425 -62.60 33.19 -58.48
C LEU G 425 -62.37 33.99 -57.20
N ILE G 426 -61.40 34.90 -57.25
CA ILE G 426 -61.10 35.79 -56.12
C ILE G 426 -62.33 36.60 -55.74
N ASN G 427 -63.06 37.05 -56.76
CA ASN G 427 -64.28 37.82 -56.58
C ASN G 427 -65.35 37.09 -55.76
N LYS G 428 -65.51 35.80 -56.05
CA LYS G 428 -66.42 34.89 -55.38
C LYS G 428 -66.06 34.73 -53.90
N ILE G 429 -64.77 34.58 -53.67
CA ILE G 429 -64.25 34.42 -52.32
C ILE G 429 -64.58 35.68 -51.52
N LEU G 430 -64.41 36.83 -52.18
CA LEU G 430 -64.75 38.11 -51.59
C LEU G 430 -66.23 38.22 -51.24
N GLN G 431 -67.09 37.76 -52.15
CA GLN G 431 -68.55 37.74 -51.92
C GLN G 431 -68.89 36.87 -50.73
N SER G 432 -68.24 35.72 -50.70
CA SER G 432 -68.44 34.73 -49.64
C SER G 432 -68.02 35.31 -48.31
N SER G 433 -66.99 36.15 -48.32
CA SER G 433 -66.51 36.79 -47.12
C SER G 433 -67.57 37.73 -46.54
N LYS G 434 -68.28 38.42 -47.41
CA LYS G 434 -69.35 39.34 -47.00
C LYS G 434 -70.52 38.58 -46.41
N THR G 435 -70.90 37.49 -47.07
CA THR G 435 -72.09 36.76 -46.71
C THR G 435 -71.89 35.78 -45.55
N SER G 436 -70.65 35.34 -45.32
CA SER G 436 -70.36 34.46 -44.18
C SER G 436 -69.94 35.27 -42.96
N ASN G 437 -69.61 36.54 -43.18
CA ASN G 437 -69.05 37.44 -42.17
C ASN G 437 -67.73 36.93 -41.61
N GLU G 438 -66.99 36.18 -42.42
CA GLU G 438 -65.62 35.85 -42.10
C GLU G 438 -64.67 36.65 -42.97
N PRO G 439 -64.07 37.69 -42.40
CA PRO G 439 -63.31 38.71 -43.14
C PRO G 439 -62.09 38.16 -43.86
N VAL G 440 -62.00 38.51 -45.14
CA VAL G 440 -60.92 38.08 -46.01
C VAL G 440 -60.41 39.27 -46.81
N TRP G 441 -59.10 39.37 -47.00
CA TRP G 441 -58.55 40.44 -47.81
C TRP G 441 -57.67 39.93 -48.96
N TRP G 442 -57.81 40.56 -50.13
CA TRP G 442 -57.06 40.16 -51.31
C TRP G 442 -55.63 40.73 -51.31
N LEU G 443 -54.65 39.83 -51.41
CA LEU G 443 -53.25 40.23 -51.45
C LEU G 443 -52.66 39.85 -52.81
N PRO G 444 -51.63 40.60 -53.26
CA PRO G 444 -51.17 40.39 -54.63
C PRO G 444 -50.14 39.26 -54.75
N ILE G 445 -50.20 38.53 -55.86
CA ILE G 445 -49.11 37.64 -56.20
C ILE G 445 -48.18 38.40 -57.14
N ILE G 446 -47.05 38.83 -56.59
CA ILE G 446 -46.11 39.69 -57.28
C ILE G 446 -45.10 38.89 -58.09
N ASN G 447 -45.24 38.90 -59.41
CA ASN G 447 -44.39 38.08 -60.28
C ASN G 447 -42.89 38.38 -60.18
N GLU G 448 -42.54 39.58 -59.73
CA GLU G 448 -41.13 39.96 -59.63
C GLU G 448 -40.34 39.13 -58.61
N TYR G 449 -41.05 38.51 -57.67
CA TYR G 449 -40.39 37.73 -56.62
C TYR G 449 -40.13 36.29 -57.02
N ARG G 450 -40.65 35.89 -58.17
CA ARG G 450 -40.53 34.52 -58.64
C ARG G 450 -39.08 34.08 -58.82
N ALA G 451 -38.23 35.01 -59.23
CA ALA G 451 -36.82 34.70 -59.50
C ALA G 451 -36.08 34.24 -58.25
N THR G 452 -36.58 34.63 -57.08
CA THR G 452 -35.95 34.26 -55.82
C THR G 452 -36.17 32.78 -55.49
N LEU G 453 -37.01 32.13 -56.28
CA LEU G 453 -37.27 30.71 -56.11
C LEU G 453 -36.48 29.87 -57.10
N ASN G 454 -35.62 30.52 -57.89
CA ASN G 454 -34.78 29.82 -58.85
C ASN G 454 -33.63 29.04 -58.21
N SER G 455 -33.74 27.72 -58.17
CA SER G 455 -32.71 26.88 -57.58
C SER G 455 -31.58 26.60 -58.55
N LYS G 456 -30.37 26.43 -58.01
CA LYS G 456 -29.19 26.15 -58.82
C LYS G 456 -29.19 24.72 -59.31
N TYR G 457 -29.78 23.84 -58.52
CA TYR G 457 -29.72 22.41 -58.82
C TYR G 457 -31.09 21.81 -59.06
N ALA G 458 -32.09 22.22 -58.28
CA ALA G 458 -33.43 21.70 -58.45
C ALA G 458 -34.23 22.54 -59.42
N ASP G 459 -35.44 22.09 -59.77
CA ASP G 459 -36.31 22.86 -60.64
C ASP G 459 -36.71 24.18 -59.98
N ILE G 460 -36.92 24.12 -58.66
CA ILE G 460 -37.43 25.27 -57.91
C ILE G 460 -37.05 25.23 -56.41
N ASN G 461 -36.89 26.42 -55.81
CA ASN G 461 -36.70 26.53 -54.36
C ASN G 461 -38.01 26.43 -53.64
N GLN G 462 -37.97 25.86 -52.44
CA GLN G 462 -39.14 25.81 -51.59
C GLN G 462 -39.40 27.18 -50.98
N ILE G 463 -38.35 27.82 -50.50
CA ILE G 463 -38.48 29.14 -49.90
C ILE G 463 -37.47 30.11 -50.52
N SER G 464 -37.63 31.38 -50.19
CA SER G 464 -36.76 32.47 -50.60
C SER G 464 -35.58 32.53 -49.63
N SER G 465 -34.55 33.30 -50.01
CA SER G 465 -33.25 33.42 -49.34
C SER G 465 -32.69 34.84 -49.19
N SER G 466 -33.38 35.94 -48.85
CA SER G 466 -34.78 35.98 -48.44
C SER G 466 -35.43 37.35 -48.65
N VAL G 467 -36.31 37.43 -49.64
CA VAL G 467 -36.94 38.69 -50.05
C VAL G 467 -37.96 39.11 -49.01
N LYS G 468 -38.21 38.18 -48.09
CA LYS G 468 -39.23 38.28 -47.05
C LYS G 468 -40.53 37.99 -47.76
N ALA G 469 -41.44 38.96 -47.82
CA ALA G 469 -42.76 38.84 -48.46
C ALA G 469 -43.21 37.38 -48.51
N SER G 470 -43.12 36.74 -47.34
CA SER G 470 -43.26 35.30 -47.21
C SER G 470 -44.63 34.74 -47.58
N SER G 471 -45.69 35.48 -47.32
CA SER G 471 -47.02 35.00 -47.69
C SER G 471 -47.13 34.97 -49.22
N ILE G 472 -46.51 35.95 -49.85
CA ILE G 472 -46.51 36.09 -51.31
C ILE G 472 -45.56 35.10 -51.98
N VAL G 473 -44.39 34.91 -51.39
CA VAL G 473 -43.43 33.98 -51.96
C VAL G 473 -43.99 32.57 -51.96
N ALA G 474 -44.68 32.21 -50.89
CA ALA G 474 -45.28 30.88 -50.77
C ALA G 474 -46.39 30.66 -51.80
N SER G 475 -47.17 31.71 -52.07
CA SER G 475 -48.24 31.64 -53.04
C SER G 475 -47.66 31.47 -54.44
N LEU G 476 -46.51 32.09 -54.66
CA LEU G 476 -45.78 31.94 -55.91
C LEU G 476 -45.35 30.48 -56.09
N PHE G 477 -44.91 29.87 -54.99
CA PHE G 477 -44.54 28.45 -54.97
C PHE G 477 -45.73 27.56 -55.34
N LEU G 478 -46.83 27.73 -54.61
CA LEU G 478 -48.02 26.92 -54.81
C LEU G 478 -48.59 27.09 -56.21
N LYS G 479 -48.50 28.31 -56.74
CA LYS G 479 -49.00 28.62 -58.09
C LYS G 479 -48.31 27.75 -59.14
N GLU G 480 -47.10 27.30 -58.85
CA GLU G 480 -46.34 26.45 -59.78
C GLU G 480 -46.88 25.04 -59.93
N PHE G 481 -47.84 24.66 -59.10
CA PHE G 481 -48.36 23.30 -59.17
C PHE G 481 -49.81 23.28 -59.64
N VAL G 482 -50.27 24.41 -60.18
CA VAL G 482 -51.54 24.48 -60.87
C VAL G 482 -51.36 25.08 -62.26
N GLN G 483 -51.53 24.26 -63.29
CA GLN G 483 -51.21 24.68 -64.65
C GLN G 483 -52.35 25.39 -65.39
N ASN G 484 -53.54 24.81 -65.37
CA ASN G 484 -54.64 25.32 -66.19
C ASN G 484 -55.98 25.29 -65.45
N THR G 485 -55.98 25.71 -64.20
CA THR G 485 -57.20 25.73 -63.40
C THR G 485 -57.29 27.01 -62.57
N ALA G 486 -58.49 27.56 -62.47
CA ALA G 486 -58.75 28.69 -61.58
C ALA G 486 -58.46 28.25 -60.16
N TRP G 487 -57.60 29.00 -59.47
CA TRP G 487 -57.14 28.59 -58.14
C TRP G 487 -57.03 29.78 -57.20
N ALA G 488 -57.46 29.59 -55.96
CA ALA G 488 -57.36 30.65 -54.95
C ALA G 488 -56.78 30.08 -53.66
N HIS G 489 -56.04 30.92 -52.94
CA HIS G 489 -55.32 30.49 -51.76
C HIS G 489 -55.60 31.40 -50.57
N ILE G 490 -56.16 30.84 -49.51
CA ILE G 490 -56.48 31.61 -48.31
C ILE G 490 -55.56 31.25 -47.15
N ASP G 491 -54.69 32.20 -46.75
CA ASP G 491 -53.75 31.95 -45.66
C ASP G 491 -54.35 32.37 -44.33
N ILE G 492 -54.66 31.38 -43.50
CA ILE G 492 -55.35 31.60 -42.23
C ILE G 492 -54.43 31.41 -41.02
N ALA G 493 -53.13 31.58 -41.24
CA ALA G 493 -52.17 31.40 -40.16
C ALA G 493 -52.39 32.42 -39.05
N GLY G 494 -52.84 33.61 -39.42
CA GLY G 494 -53.04 34.66 -38.45
C GLY G 494 -54.40 34.66 -37.76
N VAL G 495 -55.42 34.14 -38.43
CA VAL G 495 -56.79 34.25 -37.93
C VAL G 495 -57.35 32.97 -37.30
N SER G 496 -56.64 31.86 -37.44
CA SER G 496 -57.16 30.56 -37.02
C SER G 496 -57.36 30.47 -35.50
N TRP G 497 -56.40 30.98 -34.73
CA TRP G 497 -56.46 30.87 -33.27
C TRP G 497 -56.94 32.17 -32.63
N ASN G 498 -57.90 32.04 -31.70
CA ASN G 498 -58.36 33.17 -30.88
C ASN G 498 -57.53 33.33 -29.61
N PHE G 499 -56.58 34.27 -29.64
CA PHE G 499 -55.65 34.44 -28.52
C PHE G 499 -56.30 34.92 -27.23
N LYS G 500 -57.30 35.78 -27.32
CA LYS G 500 -57.97 36.28 -26.11
C LYS G 500 -58.71 35.17 -25.37
N ALA G 501 -59.43 34.33 -26.11
CA ALA G 501 -60.19 33.24 -25.50
C ALA G 501 -59.40 31.95 -25.35
N ARG G 502 -58.18 31.92 -25.86
CA ARG G 502 -57.30 30.74 -25.87
C ARG G 502 -57.97 29.51 -26.51
N LYS G 503 -58.66 29.72 -27.63
CA LYS G 503 -59.37 28.64 -28.31
C LYS G 503 -59.41 28.87 -29.83
N PRO G 504 -59.72 27.83 -30.62
CA PRO G 504 -59.79 28.02 -32.07
C PRO G 504 -61.04 28.78 -32.50
N LYS G 505 -61.05 29.28 -33.73
CA LYS G 505 -62.21 29.97 -34.27
C LYS G 505 -63.04 29.09 -35.19
N GLY G 506 -62.42 28.05 -35.73
CA GLY G 506 -63.06 27.25 -36.75
C GLY G 506 -63.22 28.09 -38.01
N PHE G 507 -62.30 29.03 -38.19
CA PHE G 507 -62.34 29.98 -39.30
C PHE G 507 -62.26 29.27 -40.64
N GLY G 508 -63.09 29.70 -41.59
CA GLY G 508 -62.99 29.19 -42.95
C GLY G 508 -64.13 28.32 -43.39
N VAL G 509 -64.76 27.62 -42.44
CA VAL G 509 -65.84 26.69 -42.76
C VAL G 509 -67.01 27.37 -43.45
N ARG G 510 -67.51 28.45 -42.85
CA ARG G 510 -68.65 29.16 -43.39
C ARG G 510 -68.33 29.91 -44.67
N LEU G 511 -67.11 30.43 -44.75
CA LEU G 511 -66.64 31.11 -45.96
C LEU G 511 -66.71 30.13 -47.12
N LEU G 512 -66.17 28.93 -46.91
CA LEU G 512 -66.13 27.92 -47.95
C LEU G 512 -67.53 27.44 -48.32
N THR G 513 -68.41 27.34 -47.34
CA THR G 513 -69.78 26.87 -47.58
C THR G 513 -70.59 27.92 -48.35
N GLU G 514 -70.50 29.19 -47.96
CA GLU G 514 -71.20 30.24 -48.70
C GLU G 514 -70.69 30.28 -50.12
N PHE G 515 -69.41 29.96 -50.29
CA PHE G 515 -68.79 29.89 -51.60
C PHE G 515 -69.36 28.74 -52.41
N VAL G 516 -69.57 27.60 -51.76
CA VAL G 516 -70.08 26.43 -52.45
C VAL G 516 -71.54 26.60 -52.80
N LEU G 517 -72.27 27.28 -51.92
CA LEU G 517 -73.70 27.42 -52.07
C LEU G 517 -74.16 28.49 -53.04
N ASN G 518 -73.44 29.60 -53.10
CA ASN G 518 -73.96 30.70 -53.92
C ASN G 518 -73.44 30.88 -55.33
N ASP G 519 -73.18 29.79 -56.03
CA ASP G 519 -73.02 29.92 -57.46
C ASP G 519 -74.17 29.14 -58.11
N SER H 2 -23.80 -1.86 -48.01
CA SER H 2 -23.94 -1.69 -49.46
C SER H 2 -25.37 -1.30 -49.88
N GLU H 3 -26.38 -1.94 -49.29
CA GLU H 3 -27.76 -1.60 -49.62
C GLU H 3 -28.19 -0.36 -48.84
N VAL H 4 -28.59 0.68 -49.57
CA VAL H 4 -29.04 1.93 -48.96
C VAL H 4 -30.45 1.82 -48.40
N PRO H 5 -30.61 2.07 -47.10
CA PRO H 5 -31.95 2.01 -46.50
C PRO H 5 -32.87 3.13 -46.98
N GLN H 6 -34.16 2.84 -47.02
CA GLN H 6 -35.16 3.82 -47.43
C GLN H 6 -36.22 3.94 -46.35
N VAL H 7 -36.84 5.12 -46.25
CA VAL H 7 -38.02 5.26 -45.41
C VAL H 7 -39.26 5.06 -46.29
N VAL H 8 -39.23 5.68 -47.47
CA VAL H 8 -40.24 5.46 -48.49
C VAL H 8 -39.58 5.06 -49.81
N SER H 9 -40.37 4.51 -50.73
CA SER H 9 -39.84 4.00 -52.00
C SER H 9 -39.28 5.12 -52.88
N LEU H 10 -39.67 6.36 -52.61
CA LEU H 10 -39.26 7.50 -53.43
C LEU H 10 -37.92 8.08 -52.99
N ASP H 11 -37.34 7.55 -51.93
CA ASP H 11 -36.02 7.99 -51.50
C ASP H 11 -34.94 7.40 -52.42
N PRO H 12 -34.05 8.25 -52.92
CA PRO H 12 -32.99 7.84 -53.85
C PRO H 12 -32.03 6.82 -53.26
N THR H 13 -31.55 5.90 -54.09
CA THR H 13 -30.68 4.82 -53.62
C THR H 13 -29.24 4.92 -54.12
N SER H 14 -28.90 5.99 -54.84
CA SER H 14 -27.54 6.20 -55.31
C SER H 14 -27.30 7.67 -55.65
N ILE H 15 -26.03 8.08 -55.66
CA ILE H 15 -25.68 9.42 -56.10
C ILE H 15 -25.52 9.43 -57.61
N PRO H 16 -26.31 10.27 -58.31
CA PRO H 16 -26.07 10.38 -59.75
C PRO H 16 -24.73 11.06 -60.01
N ILE H 17 -23.90 10.45 -60.85
CA ILE H 17 -22.60 11.03 -61.14
C ILE H 17 -22.40 11.11 -62.64
N GLU H 18 -22.10 12.29 -63.14
CA GLU H 18 -21.78 12.39 -64.56
C GLU H 18 -20.26 12.24 -64.70
N TYR H 19 -19.85 11.16 -65.35
CA TYR H 19 -18.43 10.88 -65.56
C TYR H 19 -17.90 11.49 -66.84
N ASN H 20 -18.56 11.17 -67.96
CA ASN H 20 -18.23 11.81 -69.22
C ASN H 20 -18.99 13.10 -69.38
N THR H 21 -18.33 14.20 -69.05
CA THR H 21 -18.93 15.52 -69.14
C THR H 21 -18.65 16.07 -70.53
N PRO H 22 -19.46 17.04 -70.98
CA PRO H 22 -19.23 17.70 -72.28
C PRO H 22 -17.83 18.27 -72.39
N ILE H 23 -17.19 18.55 -71.26
CA ILE H 23 -15.80 19.01 -71.26
C ILE H 23 -14.88 17.95 -71.84
N HIS H 24 -15.13 16.68 -71.52
CA HIS H 24 -14.31 15.60 -72.02
C HIS H 24 -14.45 15.41 -73.53
N ASP H 25 -15.50 15.99 -74.10
CA ASP H 25 -15.79 15.85 -75.53
C ASP H 25 -15.16 16.96 -76.35
N ILE H 26 -14.53 17.91 -75.68
CA ILE H 26 -13.92 19.05 -76.36
C ILE H 26 -12.51 18.72 -76.87
N LYS H 27 -12.31 18.74 -78.17
CA LYS H 27 -10.98 18.51 -78.74
C LYS H 27 -10.12 19.75 -78.56
N VAL H 28 -8.98 19.59 -77.89
CA VAL H 28 -8.10 20.70 -77.57
C VAL H 28 -6.84 20.67 -78.43
N GLN H 29 -6.60 21.79 -79.10
CA GLN H 29 -5.39 21.94 -79.90
C GLN H 29 -4.58 23.13 -79.40
N VAL H 30 -3.27 22.94 -79.33
CA VAL H 30 -2.38 24.00 -78.92
C VAL H 30 -1.46 24.34 -80.08
N TYR H 31 -1.41 25.61 -80.46
CA TYR H 31 -0.53 26.04 -81.53
C TYR H 31 0.43 27.08 -81.00
N ASP H 32 1.54 27.27 -81.70
CA ASP H 32 2.49 28.29 -81.31
C ASP H 32 2.08 29.67 -81.80
N ILE H 33 2.33 30.73 -81.03
CA ILE H 33 1.83 32.01 -81.54
C ILE H 33 2.56 32.51 -82.77
N LYS H 34 3.84 32.19 -82.94
CA LYS H 34 4.53 32.52 -84.16
C LYS H 34 4.20 31.58 -85.29
N GLY H 35 3.71 32.10 -86.39
CA GLY H 35 3.34 31.32 -87.54
C GLY H 35 1.97 31.88 -87.83
N GLY H 36 1.51 32.71 -86.90
CA GLY H 36 0.22 33.35 -87.05
C GLY H 36 -0.99 32.64 -86.50
N CYS H 37 -2.09 33.39 -86.42
CA CYS H 37 -3.38 32.87 -85.94
C CYS H 37 -4.34 32.66 -87.09
N ASN H 38 -5.10 31.58 -87.05
CA ASN H 38 -6.14 31.49 -88.06
C ASN H 38 -7.51 31.64 -87.44
N VAL H 39 -8.29 32.46 -88.11
CA VAL H 39 -9.58 32.93 -87.63
C VAL H 39 -10.65 31.88 -87.94
N GLU H 40 -11.30 32.04 -89.10
CA GLU H 40 -12.31 31.09 -89.56
C GLU H 40 -13.42 30.91 -88.51
N GLU H 41 -14.04 29.75 -88.51
CA GLU H 41 -15.18 29.42 -87.66
C GLU H 41 -15.05 29.68 -86.14
N GLY H 42 -16.19 29.68 -85.46
CA GLY H 42 -16.29 29.77 -84.01
C GLY H 42 -16.05 31.19 -83.52
N LEU H 43 -15.60 31.31 -82.27
CA LEU H 43 -15.31 32.61 -81.67
C LEU H 43 -13.83 32.71 -81.30
N THR H 44 -13.17 33.79 -81.71
CA THR H 44 -11.74 33.95 -81.40
C THR H 44 -11.50 35.12 -80.45
N ILE H 45 -11.01 34.83 -79.24
CA ILE H 45 -10.80 35.86 -78.24
C ILE H 45 -9.35 36.00 -77.82
N PHE H 46 -8.90 37.25 -77.83
CA PHE H 46 -7.54 37.60 -77.44
C PHE H 46 -7.51 38.02 -75.97
N LEU H 47 -6.61 37.40 -75.21
CA LEU H 47 -6.40 37.82 -73.83
C LEU H 47 -5.31 38.88 -73.88
N VAL H 48 -5.70 40.13 -73.69
CA VAL H 48 -4.78 41.24 -73.92
C VAL H 48 -4.57 42.08 -72.66
N ASN H 49 -3.35 42.61 -72.51
CA ASN H 49 -3.05 43.53 -71.41
C ASN H 49 -2.46 44.82 -71.93
N ASN H 50 -2.03 45.67 -71.01
CA ASN H 50 -1.27 46.86 -71.34
C ASN H 50 -0.51 47.27 -70.09
N PRO H 51 0.69 46.70 -69.92
CA PRO H 51 1.56 46.88 -68.75
C PRO H 51 1.99 48.33 -68.52
N GLY H 52 1.55 48.88 -67.40
CA GLY H 52 1.94 50.21 -66.97
C GLY H 52 0.97 51.34 -67.22
N LYS H 53 -0.19 51.03 -67.80
CA LYS H 53 -1.23 52.03 -68.00
C LYS H 53 -2.40 51.54 -67.18
N GLU H 54 -3.31 52.41 -66.75
CA GLU H 54 -4.34 51.96 -65.80
C GLU H 54 -5.46 51.25 -66.53
N ASN H 55 -6.13 51.96 -67.43
CA ASN H 55 -6.91 51.29 -68.46
C ASN H 55 -6.45 51.75 -69.82
N GLY H 56 -5.41 51.08 -70.33
CA GLY H 56 -4.81 51.47 -71.59
C GLY H 56 -5.53 50.89 -72.77
N PRO H 57 -5.17 51.35 -73.98
CA PRO H 57 -5.84 50.90 -75.20
C PRO H 57 -5.52 49.44 -75.51
N VAL H 58 -6.41 48.80 -76.26
CA VAL H 58 -6.21 47.43 -76.68
C VAL H 58 -5.32 47.42 -77.93
N LYS H 59 -4.32 46.56 -77.94
CA LYS H 59 -3.44 46.42 -79.08
C LYS H 59 -3.15 44.95 -79.35
N ILE H 60 -3.50 44.47 -80.53
CA ILE H 60 -3.22 43.08 -80.85
C ILE H 60 -1.82 43.05 -81.48
N SER H 61 -1.06 42.04 -81.06
CA SER H 61 0.40 41.92 -81.21
C SER H 61 0.78 40.63 -81.87
N SER H 62 -0.19 39.98 -82.45
CA SER H 62 0.04 38.64 -82.93
C SER H 62 -0.27 38.65 -84.40
N LYS H 63 0.62 38.05 -85.18
CA LYS H 63 0.39 37.98 -86.61
C LYS H 63 -0.92 37.23 -86.83
N VAL H 64 -1.78 37.79 -87.65
CA VAL H 64 -3.04 37.14 -87.99
C VAL H 64 -2.91 36.71 -89.46
N ASN H 65 -3.08 35.43 -89.72
CA ASN H 65 -2.91 34.92 -91.08
C ASN H 65 -4.17 35.21 -91.90
N ASP H 66 -4.59 36.47 -91.88
CA ASP H 66 -5.66 36.92 -92.75
C ASP H 66 -5.69 38.44 -92.83
N LYS H 67 -5.75 38.88 -94.08
CA LYS H 67 -5.59 40.30 -94.40
C LYS H 67 -6.66 41.20 -93.80
N GLN H 68 -7.92 40.77 -93.92
CA GLN H 68 -9.17 41.33 -93.42
C GLN H 68 -9.10 41.67 -91.95
N VAL H 69 -8.86 40.54 -91.29
CA VAL H 69 -8.92 40.53 -89.85
C VAL H 69 -7.70 41.28 -89.34
N SER H 70 -6.69 41.43 -90.19
CA SER H 70 -5.51 42.21 -89.83
C SER H 70 -5.82 43.70 -89.80
N GLU H 71 -6.53 44.14 -90.84
CA GLU H 71 -6.82 45.57 -90.88
C GLU H 71 -7.93 45.92 -89.93
N PHE H 72 -8.86 45.01 -89.64
CA PHE H 72 -9.88 45.25 -88.63
C PHE H 72 -9.21 45.34 -87.25
N LEU H 73 -8.21 44.50 -87.02
CA LEU H 73 -7.55 44.41 -85.71
C LEU H 73 -6.39 45.40 -85.54
N LYS H 74 -6.32 46.38 -86.44
CA LYS H 74 -5.31 47.43 -86.39
C LYS H 74 -5.44 48.32 -85.14
N ASP H 75 -4.34 48.94 -84.71
CA ASP H 75 -4.36 49.72 -83.46
C ASP H 75 -5.36 50.86 -83.50
N GLU H 76 -5.49 51.49 -84.66
CA GLU H 76 -6.41 52.61 -84.86
C GLU H 76 -7.85 52.27 -84.50
N ASN H 77 -8.25 51.06 -84.87
CA ASN H 77 -9.58 50.52 -84.62
C ASN H 77 -9.75 50.15 -83.16
N MET H 78 -8.66 49.61 -82.62
CA MET H 78 -8.65 49.00 -81.29
C MET H 78 -8.48 50.04 -80.18
N GLU H 79 -8.02 51.24 -80.51
CA GLU H 79 -7.71 52.24 -79.49
C GLU H 79 -8.89 52.74 -78.67
N LYS H 80 -10.10 52.56 -79.17
CA LYS H 80 -11.11 53.06 -78.26
C LYS H 80 -11.63 51.97 -77.32
N PHE H 81 -10.93 50.84 -77.29
CA PHE H 81 -11.16 49.84 -76.23
C PHE H 81 -10.03 49.79 -75.22
N ASN H 82 -10.36 49.39 -73.99
CA ASN H 82 -9.35 49.30 -72.95
C ASN H 82 -9.20 47.89 -72.40
N VAL H 83 -8.10 47.66 -71.70
CA VAL H 83 -7.73 46.33 -71.23
C VAL H 83 -8.05 46.11 -69.75
N LYS H 84 -8.92 46.94 -69.20
CA LYS H 84 -9.36 46.81 -67.81
C LYS H 84 -9.74 45.38 -67.48
N LEU H 85 -9.21 44.88 -66.38
CA LEU H 85 -9.43 43.50 -65.98
C LEU H 85 -10.90 43.12 -65.93
N GLY H 86 -11.30 42.14 -66.74
CA GLY H 86 -12.68 41.68 -66.74
C GLY H 86 -13.49 42.17 -67.92
N THR H 87 -12.97 43.18 -68.61
CA THR H 87 -13.62 43.78 -69.77
C THR H 87 -13.70 42.78 -70.92
N SER H 88 -14.75 42.85 -71.73
CA SER H 88 -14.91 41.96 -72.88
C SER H 88 -15.62 42.68 -74.02
N LYS H 89 -15.30 42.28 -75.24
CA LYS H 89 -15.90 42.84 -76.46
C LYS H 89 -16.05 41.77 -77.54
N HIS H 90 -17.02 41.97 -78.42
CA HIS H 90 -17.27 41.07 -79.55
C HIS H 90 -17.18 41.81 -80.89
N PHE H 91 -16.56 41.18 -81.90
CA PHE H 91 -16.42 41.81 -83.22
C PHE H 91 -17.09 41.03 -84.33
N TYR H 92 -17.69 41.72 -85.29
CA TYR H 92 -18.18 41.02 -86.48
C TYR H 92 -17.50 41.50 -87.76
N MET H 93 -17.13 40.54 -88.59
CA MET H 93 -16.39 40.84 -89.81
C MET H 93 -16.38 39.74 -90.88
N PHE H 94 -15.91 40.09 -92.07
CA PHE H 94 -15.73 39.08 -93.08
C PHE H 94 -14.25 38.87 -93.35
N ASN H 95 -13.89 37.61 -93.52
CA ASN H 95 -12.48 37.30 -93.75
C ASN H 95 -12.20 37.29 -95.24
N ASP H 96 -11.03 36.82 -95.62
CA ASP H 96 -10.63 36.79 -97.02
C ASP H 96 -11.49 35.86 -97.90
N ASN H 97 -12.01 34.77 -97.31
CA ASN H 97 -12.89 33.88 -98.06
C ASN H 97 -14.33 34.38 -98.05
N LYS H 98 -14.52 35.63 -97.64
CA LYS H 98 -15.84 36.24 -97.56
C LYS H 98 -16.68 35.42 -96.59
N ASN H 99 -16.06 35.03 -95.48
CA ASN H 99 -16.75 34.32 -94.40
C ASN H 99 -17.02 35.17 -93.17
N SER H 100 -18.11 34.87 -92.48
CA SER H 100 -18.47 35.57 -91.26
C SER H 100 -17.71 34.93 -90.10
N VAL H 101 -16.89 35.71 -89.41
CA VAL H 101 -16.18 35.24 -88.22
C VAL H 101 -16.43 36.16 -87.02
N ALA H 102 -16.22 35.62 -85.82
CA ALA H 102 -16.39 36.39 -84.60
C ALA H 102 -15.06 36.53 -83.85
N VAL H 103 -14.78 37.77 -83.46
CA VAL H 103 -13.54 38.14 -82.80
C VAL H 103 -13.85 39.07 -81.62
N GLY H 104 -12.99 39.08 -80.61
CA GLY H 104 -13.14 40.00 -79.50
C GLY H 104 -11.95 39.88 -78.59
N TYR H 105 -12.04 40.48 -77.40
CA TYR H 105 -10.94 40.44 -76.45
C TYR H 105 -11.46 40.36 -75.00
N VAL H 106 -10.59 39.95 -74.09
CA VAL H 106 -10.87 40.00 -72.66
C VAL H 106 -9.74 40.74 -71.94
N GLY H 107 -10.08 41.78 -71.19
CA GLY H 107 -9.08 42.58 -70.51
C GLY H 107 -8.38 41.86 -69.37
N CYS H 108 -7.05 41.96 -69.36
CA CYS H 108 -6.24 41.31 -68.33
C CYS H 108 -5.40 42.31 -67.53
N GLY H 109 -5.90 43.54 -67.41
CA GLY H 109 -5.30 44.54 -66.56
C GLY H 109 -3.96 45.11 -67.03
N SER H 110 -3.18 45.59 -66.06
CA SER H 110 -1.92 46.21 -66.47
C SER H 110 -0.65 45.70 -65.80
N VAL H 111 -0.78 44.60 -65.07
CA VAL H 111 0.35 44.02 -64.35
C VAL H 111 0.80 42.67 -64.92
N ALA H 112 1.54 42.70 -66.03
CA ALA H 112 2.33 41.56 -66.54
C ALA H 112 2.04 40.16 -65.95
N ASP H 113 2.30 40.01 -64.65
CA ASP H 113 2.04 38.76 -63.93
C ASP H 113 0.68 38.76 -63.20
N LEU H 114 -0.29 38.04 -63.76
CA LEU H 114 -1.63 37.95 -63.17
C LEU H 114 -1.70 36.93 -62.02
N SER H 115 -2.33 37.33 -60.91
CA SER H 115 -2.47 36.44 -59.75
C SER H 115 -3.60 35.43 -59.98
N GLU H 116 -3.80 34.52 -59.04
CA GLU H 116 -4.85 33.50 -59.01
C GLU H 116 -6.26 34.12 -59.19
N ALA H 117 -6.47 35.14 -58.33
CA ALA H 117 -7.80 35.75 -58.26
C ALA H 117 -8.10 36.49 -59.56
N ASP H 118 -7.07 37.12 -60.12
CA ASP H 118 -7.16 37.88 -61.37
C ASP H 118 -7.58 37.01 -62.54
N MET H 119 -6.92 35.87 -62.66
CA MET H 119 -7.15 34.94 -63.75
C MET H 119 -8.55 34.35 -63.72
N LYS H 120 -9.05 34.12 -62.51
CA LYS H 120 -10.40 33.59 -62.36
C LYS H 120 -11.39 34.58 -62.94
N ARG H 121 -11.17 35.87 -62.70
CA ARG H 121 -12.06 36.89 -63.21
C ARG H 121 -12.03 36.95 -64.74
N VAL H 122 -10.86 36.72 -65.31
CA VAL H 122 -10.70 36.69 -66.76
C VAL H 122 -11.51 35.56 -67.38
N VAL H 123 -11.41 34.37 -66.79
CA VAL H 123 -12.13 33.20 -67.25
C VAL H 123 -13.63 33.39 -67.21
N LEU H 124 -14.12 33.98 -66.11
CA LEU H 124 -15.54 34.26 -65.93
C LEU H 124 -16.04 35.12 -67.10
N SER H 125 -15.19 36.07 -67.52
CA SER H 125 -15.53 36.93 -68.64
C SER H 125 -15.64 36.10 -69.92
N LEU H 126 -14.76 35.11 -70.08
CA LEU H 126 -14.88 34.19 -71.22
C LEU H 126 -16.14 33.36 -71.12
N VAL H 127 -16.42 32.86 -69.91
CA VAL H 127 -17.57 31.99 -69.71
C VAL H 127 -18.85 32.77 -69.97
N THR H 128 -18.82 34.06 -69.63
CA THR H 128 -19.92 34.94 -69.92
C THR H 128 -20.14 35.00 -71.45
N MET H 129 -19.04 35.00 -72.19
CA MET H 129 -19.10 35.00 -73.65
C MET H 129 -19.52 33.62 -74.18
N LEU H 130 -19.20 32.57 -73.42
CA LEU H 130 -19.53 31.21 -73.84
C LEU H 130 -20.98 30.87 -73.58
N HIS H 131 -21.53 31.48 -72.53
CA HIS H 131 -22.92 31.26 -72.17
C HIS H 131 -23.81 32.08 -73.09
N ASP H 132 -25.02 31.58 -73.33
CA ASP H 132 -26.03 32.23 -74.16
C ASP H 132 -25.64 32.38 -75.64
N ASN H 133 -24.58 31.70 -76.07
CA ASN H 133 -24.19 31.74 -77.48
C ASN H 133 -23.99 30.29 -77.94
N LYS H 134 -24.42 29.97 -79.16
CA LYS H 134 -24.43 28.60 -79.66
C LYS H 134 -23.17 28.25 -80.48
N LEU H 135 -22.00 28.55 -79.91
CA LEU H 135 -20.72 28.33 -80.60
C LEU H 135 -20.31 26.87 -80.76
N SER H 136 -19.54 26.59 -81.81
CA SER H 136 -19.03 25.24 -82.07
C SER H 136 -17.53 25.11 -81.75
N LYS H 137 -16.84 26.24 -81.82
CA LYS H 137 -15.40 26.34 -81.56
C LYS H 137 -15.03 27.59 -80.81
N LEU H 138 -14.14 27.45 -79.83
CA LEU H 138 -13.57 28.62 -79.17
C LEU H 138 -12.08 28.66 -79.40
N THR H 139 -11.56 29.81 -79.80
CA THR H 139 -10.13 29.96 -79.98
C THR H 139 -9.61 31.05 -79.06
N VAL H 140 -8.59 30.71 -78.27
CA VAL H 140 -8.05 31.67 -77.31
C VAL H 140 -6.61 32.01 -77.65
N VAL H 141 -6.35 33.31 -77.78
CA VAL H 141 -5.00 33.80 -78.08
C VAL H 141 -4.38 34.47 -76.87
N PHE H 142 -3.28 33.91 -76.39
CA PHE H 142 -2.59 34.46 -75.22
C PHE H 142 -1.58 35.54 -75.58
N GLU H 143 -1.99 36.80 -75.51
CA GLU H 143 -1.05 37.89 -75.65
C GLU H 143 -0.64 38.40 -74.28
N ILE H 144 -0.56 37.48 -73.32
CA ILE H 144 -0.06 37.80 -71.99
C ILE H 144 0.91 36.70 -71.64
N ASN H 145 1.75 36.94 -70.64
CA ASN H 145 2.76 36.00 -70.20
C ASN H 145 2.22 35.17 -69.05
N VAL H 146 2.16 33.85 -69.18
CA VAL H 146 1.74 33.02 -68.07
C VAL H 146 2.62 31.77 -68.05
N ASP H 147 3.04 31.43 -66.85
CA ASP H 147 3.54 30.22 -66.26
C ASP H 147 2.89 29.03 -67.00
N LYS H 148 3.36 27.81 -66.79
CA LYS H 148 2.60 26.62 -67.18
C LYS H 148 1.51 26.33 -66.18
N ASN H 149 1.84 26.48 -64.89
CA ASN H 149 0.86 26.24 -63.82
C ASN H 149 -0.32 27.18 -64.00
N LEU H 150 -0.02 28.43 -64.34
CA LEU H 150 -1.08 29.43 -64.52
C LEU H 150 -1.89 29.12 -65.77
N PHE H 151 -1.21 28.57 -66.77
CA PHE H 151 -1.88 28.16 -68.00
C PHE H 151 -2.83 27.00 -67.67
N ARG H 152 -2.33 26.05 -66.87
CA ARG H 152 -3.15 24.93 -66.43
C ARG H 152 -4.31 25.40 -65.58
N PHE H 153 -4.04 26.33 -64.67
CA PHE H 153 -5.08 26.90 -63.82
C PHE H 153 -6.15 27.58 -64.68
N PHE H 154 -5.72 28.22 -65.76
CA PHE H 154 -6.65 28.82 -66.69
C PHE H 154 -7.62 27.77 -67.24
N LEU H 155 -7.07 26.66 -67.72
CA LEU H 155 -7.87 25.58 -68.30
C LEU H 155 -8.76 24.92 -67.24
N GLU H 156 -8.18 24.59 -66.10
CA GLU H 156 -8.92 24.02 -64.98
C GLU H 156 -10.13 24.88 -64.61
N THR H 157 -9.88 26.18 -64.44
CA THR H 157 -10.93 27.11 -64.05
C THR H 157 -11.95 27.28 -65.17
N LEU H 158 -11.48 27.40 -66.40
CA LEU H 158 -12.36 27.52 -67.54
C LEU H 158 -13.30 26.33 -67.65
N PHE H 159 -12.73 25.14 -67.65
CA PHE H 159 -13.51 23.91 -67.72
C PHE H 159 -14.52 23.82 -66.58
N TYR H 160 -14.06 24.15 -65.37
CA TYR H 160 -14.89 24.01 -64.17
C TYR H 160 -16.08 24.97 -64.21
N GLU H 161 -15.81 26.21 -64.60
CA GLU H 161 -16.85 27.23 -64.62
C GLU H 161 -17.79 27.04 -65.81
N TYR H 162 -17.27 26.45 -66.88
CA TYR H 162 -18.04 26.27 -68.10
C TYR H 162 -19.08 25.18 -67.86
N MET H 163 -18.69 24.16 -67.10
CA MET H 163 -19.57 23.05 -66.78
C MET H 163 -20.75 23.42 -65.88
N THR H 164 -21.93 22.88 -66.21
CA THR H 164 -23.14 23.14 -65.44
C THR H 164 -23.80 21.84 -64.97
N ASP H 165 -24.08 21.77 -63.67
CA ASP H 165 -24.65 20.57 -63.07
C ASP H 165 -26.16 20.55 -63.27
N GLU H 166 -26.63 19.55 -64.02
CA GLU H 166 -28.05 19.47 -64.35
C GLU H 166 -28.65 18.16 -63.86
N ARG H 167 -27.94 17.48 -62.96
CA ARG H 167 -28.37 16.19 -62.46
C ARG H 167 -29.73 16.19 -61.74
N PHE H 168 -30.04 17.28 -61.04
CA PHE H 168 -31.23 17.33 -60.20
C PHE H 168 -32.33 18.19 -60.78
N LYS H 169 -32.14 18.59 -62.03
CA LYS H 169 -33.15 19.26 -62.84
C LYS H 169 -34.03 18.21 -63.52
N SER H 170 -35.23 18.61 -63.89
CA SER H 170 -36.20 17.78 -64.56
C SER H 170 -36.89 18.65 -65.55
N THR H 171 -37.90 19.39 -65.10
CA THR H 171 -38.68 20.34 -65.90
C THR H 171 -37.86 21.55 -66.31
N GLU H 178 -25.65 24.35 -75.32
CA GLU H 178 -24.89 24.05 -76.52
C GLU H 178 -23.39 24.23 -76.28
N TYR H 179 -22.75 23.19 -75.77
CA TYR H 179 -21.32 23.22 -75.49
C TYR H 179 -20.48 23.21 -76.77
N ILE H 180 -19.37 23.93 -76.75
CA ILE H 180 -18.42 23.90 -77.86
C ILE H 180 -17.81 22.52 -78.04
N LYS H 181 -17.36 22.22 -79.26
CA LYS H 181 -16.74 20.93 -79.55
C LYS H 181 -15.24 21.09 -79.82
N HIS H 182 -14.78 22.32 -80.02
CA HIS H 182 -13.38 22.57 -80.30
C HIS H 182 -12.81 23.75 -79.52
N LEU H 183 -11.59 23.58 -79.01
CA LEU H 183 -10.88 24.66 -78.33
C LEU H 183 -9.49 24.86 -78.90
N GLY H 184 -9.24 26.04 -79.46
CA GLY H 184 -7.93 26.37 -79.99
C GLY H 184 -7.20 27.34 -79.09
N VAL H 185 -5.90 27.11 -78.89
CA VAL H 185 -5.09 28.01 -78.08
C VAL H 185 -3.77 28.38 -78.76
N TYR H 186 -3.53 29.68 -78.90
CA TYR H 186 -2.26 30.17 -79.41
C TYR H 186 -1.42 30.72 -78.25
N ILE H 187 -0.24 30.14 -78.05
CA ILE H 187 0.62 30.56 -76.93
C ILE H 187 2.11 30.41 -77.28
N ASN H 188 2.97 31.19 -76.62
CA ASN H 188 4.39 31.15 -76.94
C ASN H 188 5.11 29.98 -76.30
N ASN H 189 6.06 29.43 -77.07
CA ASN H 189 6.77 28.22 -76.68
C ASN H 189 5.74 27.13 -76.42
N ALA H 190 4.81 26.97 -77.37
CA ALA H 190 3.60 26.17 -77.18
C ALA H 190 3.78 24.71 -76.79
N ASP H 191 4.78 24.03 -77.36
CA ASP H 191 4.87 22.60 -77.08
C ASP H 191 5.31 22.35 -75.63
N THR H 192 5.78 23.38 -74.95
CA THR H 192 6.02 23.21 -73.53
C THR H 192 4.67 23.23 -72.82
N TYR H 193 3.65 23.84 -73.43
CA TYR H 193 2.33 23.99 -72.76
C TYR H 193 1.39 22.81 -73.03
N LYS H 194 1.69 22.02 -74.04
CA LYS H 194 0.84 20.90 -74.43
C LYS H 194 0.68 19.86 -73.31
N GLU H 195 1.72 19.69 -72.50
CA GLU H 195 1.69 18.69 -71.44
C GLU H 195 0.71 19.04 -70.32
N GLU H 196 0.39 20.32 -70.19
CA GLU H 196 -0.51 20.78 -69.15
C GLU H 196 -1.97 20.57 -69.54
N VAL H 197 -2.21 20.35 -70.83
CA VAL H 197 -3.57 20.25 -71.35
C VAL H 197 -4.33 19.07 -70.74
N GLU H 198 -3.79 17.86 -70.87
CA GLU H 198 -4.48 16.69 -70.34
C GLU H 198 -4.39 16.64 -68.83
N LYS H 199 -3.35 17.26 -68.27
CA LYS H 199 -3.23 17.36 -66.82
C LYS H 199 -4.31 18.29 -66.27
N ALA H 200 -4.64 19.34 -67.01
CA ALA H 200 -5.71 20.24 -66.59
C ALA H 200 -7.04 19.50 -66.63
N ARG H 201 -7.26 18.74 -67.69
CA ARG H 201 -8.49 17.97 -67.88
C ARG H 201 -8.66 16.96 -66.75
N VAL H 202 -7.56 16.39 -66.29
CA VAL H 202 -7.61 15.45 -65.17
C VAL H 202 -7.96 16.18 -63.87
N TYR H 203 -7.24 17.27 -63.61
CA TYR H 203 -7.47 18.10 -62.44
C TYR H 203 -8.88 18.66 -62.47
N TYR H 204 -9.35 18.99 -63.67
CA TYR H 204 -10.70 19.50 -63.86
C TYR H 204 -11.74 18.58 -63.26
N PHE H 205 -11.69 17.31 -63.68
CA PHE H 205 -12.74 16.39 -63.30
C PHE H 205 -12.66 16.01 -61.84
N GLY H 206 -11.45 15.83 -61.33
CA GLY H 206 -11.26 15.53 -59.92
C GLY H 206 -11.93 16.59 -59.08
N THR H 207 -11.75 17.84 -59.49
CA THR H 207 -12.41 18.96 -58.83
C THR H 207 -13.91 18.89 -59.07
N TYR H 208 -14.31 18.62 -60.32
CA TYR H 208 -15.72 18.57 -60.64
C TYR H 208 -16.40 17.36 -59.99
N TYR H 209 -15.68 16.24 -59.92
CA TYR H 209 -16.20 15.06 -59.25
C TYR H 209 -16.47 15.32 -57.78
N ALA H 210 -15.51 15.94 -57.10
CA ALA H 210 -15.68 16.31 -55.70
C ALA H 210 -16.84 17.28 -55.58
N SER H 211 -16.87 18.26 -56.47
CA SER H 211 -17.94 19.25 -56.51
C SER H 211 -19.32 18.59 -56.61
N GLN H 212 -19.42 17.55 -57.46
CA GLN H 212 -20.67 16.84 -57.64
C GLN H 212 -21.14 16.15 -56.36
N LEU H 213 -20.20 15.58 -55.63
CA LEU H 213 -20.53 14.86 -54.41
C LEU H 213 -21.02 15.82 -53.33
N ILE H 214 -20.38 16.99 -53.26
CA ILE H 214 -20.74 17.99 -52.27
C ILE H 214 -22.12 18.58 -52.58
N ALA H 215 -22.36 18.88 -53.85
CA ALA H 215 -23.62 19.49 -54.28
C ALA H 215 -24.79 18.52 -54.16
N ALA H 216 -24.52 17.22 -54.27
CA ALA H 216 -25.54 16.20 -54.08
C ALA H 216 -26.10 16.30 -52.66
N PRO H 217 -27.41 16.44 -52.53
CA PRO H 217 -28.09 16.57 -51.24
C PRO H 217 -27.97 15.31 -50.38
N SER H 218 -28.23 15.46 -49.09
CA SER H 218 -27.96 14.39 -48.13
C SER H 218 -28.91 13.22 -48.27
N ASN H 219 -30.06 13.42 -48.93
CA ASN H 219 -30.94 12.28 -49.17
C ASN H 219 -30.41 11.44 -50.32
N TYR H 220 -29.61 12.07 -51.18
CA TYR H 220 -28.90 11.36 -52.23
C TYR H 220 -27.55 10.86 -51.74
N CYS H 221 -26.75 11.76 -51.17
CA CYS H 221 -25.42 11.41 -50.68
C CYS H 221 -25.45 11.15 -49.18
N ASN H 222 -25.55 9.88 -48.83
CA ASN H 222 -25.58 9.45 -47.44
C ASN H 222 -24.40 8.51 -47.24
N PRO H 223 -24.12 8.10 -45.99
CA PRO H 223 -22.98 7.20 -45.75
C PRO H 223 -22.92 5.97 -46.65
N VAL H 224 -24.07 5.40 -46.97
CA VAL H 224 -24.07 4.21 -47.82
C VAL H 224 -23.84 4.56 -49.28
N SER H 225 -24.59 5.54 -49.80
CA SER H 225 -24.48 5.89 -51.22
C SER H 225 -23.12 6.49 -51.54
N LEU H 226 -22.52 7.17 -50.56
CA LEU H 226 -21.22 7.79 -50.76
C LEU H 226 -20.14 6.71 -50.81
N SER H 227 -20.23 5.74 -49.91
CA SER H 227 -19.41 4.53 -49.84
C SER H 227 -19.46 3.74 -51.14
N ASN H 228 -20.69 3.60 -51.63
CA ASN H 228 -20.95 2.87 -52.86
C ASN H 228 -20.29 3.53 -54.07
N ALA H 229 -20.40 4.85 -54.13
CA ALA H 229 -19.80 5.63 -55.21
C ALA H 229 -18.28 5.54 -55.16
N ALA H 230 -17.73 5.49 -53.94
CA ALA H 230 -16.29 5.41 -53.74
C ALA H 230 -15.76 4.07 -54.25
N VAL H 231 -16.53 3.01 -54.02
CA VAL H 231 -16.19 1.70 -54.54
C VAL H 231 -16.27 1.78 -56.07
N GLU H 232 -17.33 2.41 -56.56
CA GLU H 232 -17.52 2.58 -57.99
C GLU H 232 -16.33 3.30 -58.59
N LEU H 233 -15.93 4.41 -57.96
CA LEU H 233 -14.80 5.18 -58.44
C LEU H 233 -13.55 4.32 -58.39
N ALA H 234 -13.39 3.61 -57.28
CA ALA H 234 -12.23 2.74 -57.08
C ALA H 234 -12.14 1.63 -58.13
N GLN H 235 -13.29 1.09 -58.52
CA GLN H 235 -13.32 0.01 -59.50
C GLN H 235 -12.92 0.50 -60.89
N LYS H 236 -13.26 1.75 -61.21
CA LYS H 236 -12.94 2.32 -62.51
C LYS H 236 -11.46 2.68 -62.69
N LEU H 237 -10.75 2.90 -61.58
CA LEU H 237 -9.32 3.22 -61.61
C LEU H 237 -8.81 1.82 -61.35
N ASN H 238 -7.69 1.59 -60.66
CA ASN H 238 -7.86 0.48 -59.74
C ASN H 238 -6.97 0.46 -58.52
N LEU H 239 -7.67 0.99 -57.55
CA LEU H 239 -7.23 1.13 -56.23
C LEU H 239 -7.78 -0.10 -55.56
N GLU H 240 -7.00 -0.65 -54.66
CA GLU H 240 -7.50 -1.68 -53.78
C GLU H 240 -8.49 -0.95 -52.91
N TYR H 241 -9.61 -1.59 -52.59
CA TYR H 241 -10.59 -0.92 -51.77
C TYR H 241 -11.21 -1.84 -50.75
N LYS H 242 -11.55 -1.26 -49.62
CA LYS H 242 -12.14 -1.96 -48.50
C LYS H 242 -13.08 -0.98 -47.82
N ILE H 243 -14.33 -1.36 -47.63
CA ILE H 243 -15.27 -0.55 -46.87
C ILE H 243 -15.49 -1.24 -45.54
N LEU H 244 -15.23 -0.53 -44.45
CA LEU H 244 -15.40 -1.09 -43.12
C LEU H 244 -16.82 -0.79 -42.63
N GLY H 245 -17.56 -1.83 -42.23
CA GLY H 245 -18.89 -1.64 -41.68
C GLY H 245 -18.91 -1.62 -40.17
N VAL H 246 -20.11 -1.50 -39.59
CA VAL H 246 -20.27 -1.32 -38.15
C VAL H 246 -19.62 -2.43 -37.32
N LYS H 247 -19.79 -3.68 -37.72
CA LYS H 247 -19.25 -4.80 -36.97
C LYS H 247 -17.72 -4.73 -36.99
N GLU H 248 -17.17 -4.33 -38.14
CA GLU H 248 -15.73 -4.14 -38.25
C GLU H 248 -15.21 -2.95 -37.45
N LEU H 249 -15.99 -1.88 -37.41
CA LEU H 249 -15.61 -0.69 -36.68
C LEU H 249 -15.71 -0.93 -35.17
N GLU H 250 -16.64 -1.78 -34.79
CA GLU H 250 -16.78 -2.18 -33.39
C GLU H 250 -15.61 -3.10 -33.06
N GLU H 251 -15.14 -3.86 -34.05
CA GLU H 251 -14.04 -4.75 -33.70
C GLU H 251 -12.72 -3.98 -33.64
N LEU H 252 -12.63 -2.81 -34.27
CA LEU H 252 -11.45 -1.95 -34.12
C LEU H 252 -11.64 -0.91 -33.02
N LYS H 253 -12.79 -0.98 -32.36
CA LYS H 253 -13.10 -0.18 -31.16
C LYS H 253 -13.12 1.33 -31.45
N MET H 254 -13.59 1.71 -32.62
CA MET H 254 -13.66 3.11 -33.01
C MET H 254 -14.90 3.79 -32.42
N GLY H 255 -14.88 3.99 -31.10
CA GLY H 255 -16.04 4.49 -30.37
C GLY H 255 -16.47 5.92 -30.63
N ALA H 256 -15.51 6.80 -30.90
CA ALA H 256 -15.82 8.20 -31.18
C ALA H 256 -16.59 8.32 -32.48
N TYR H 257 -16.06 7.67 -33.51
CA TYR H 257 -16.67 7.65 -34.83
C TYR H 257 -18.06 6.99 -34.80
N LEU H 258 -18.15 5.85 -34.11
CA LEU H 258 -19.42 5.14 -34.06
C LEU H 258 -20.49 5.92 -33.31
N SER H 259 -20.07 6.75 -32.36
CA SER H 259 -21.07 7.49 -31.57
C SER H 259 -21.74 8.62 -32.37
N VAL H 260 -21.00 9.31 -33.23
CA VAL H 260 -21.57 10.38 -34.04
C VAL H 260 -22.71 9.86 -34.94
N GLY H 261 -22.57 8.62 -35.40
CA GLY H 261 -23.53 8.08 -36.35
C GLY H 261 -24.68 7.30 -35.75
N LYS H 262 -24.69 7.17 -34.43
CA LYS H 262 -25.69 6.39 -33.73
C LYS H 262 -27.13 6.81 -34.01
N GLY H 263 -27.35 8.11 -34.12
CA GLY H 263 -28.67 8.66 -34.31
C GLY H 263 -29.11 8.65 -35.77
N SER H 264 -28.28 8.07 -36.64
CA SER H 264 -28.59 8.05 -38.05
C SER H 264 -29.27 6.76 -38.47
N MET H 265 -30.08 6.86 -39.51
CA MET H 265 -30.72 5.68 -40.08
C MET H 265 -29.74 4.99 -41.02
N TYR H 266 -28.64 5.65 -41.30
CA TYR H 266 -27.61 5.09 -42.18
C TYR H 266 -26.42 4.57 -41.39
N PRO H 267 -26.11 3.28 -41.55
CA PRO H 267 -24.93 2.70 -40.91
C PRO H 267 -23.65 3.38 -41.37
N ASN H 268 -22.70 3.54 -40.45
CA ASN H 268 -21.41 4.13 -40.78
C ASN H 268 -20.64 3.28 -41.79
N LYS H 269 -19.94 3.97 -42.70
CA LYS H 269 -19.11 3.31 -43.70
C LYS H 269 -17.75 3.98 -43.77
N PHE H 270 -16.70 3.21 -43.50
CA PHE H 270 -15.33 3.72 -43.52
C PHE H 270 -14.68 3.45 -44.87
N ILE H 271 -14.25 4.51 -45.55
CA ILE H 271 -13.62 4.38 -46.86
C ILE H 271 -12.11 4.24 -46.76
N HIS H 272 -11.57 3.19 -47.39
CA HIS H 272 -10.13 2.96 -47.44
C HIS H 272 -9.71 2.57 -48.86
N LEU H 273 -9.32 3.56 -49.65
CA LEU H 273 -8.78 3.32 -50.99
C LEU H 273 -7.25 3.34 -50.98
N THR H 274 -6.63 2.60 -51.90
CA THR H 274 -5.19 2.54 -51.98
C THR H 274 -4.62 2.56 -53.41
N TYR H 275 -3.70 3.48 -53.64
CA TYR H 275 -2.88 3.48 -54.85
C TYR H 275 -1.47 3.05 -54.51
N LYS H 276 -0.92 2.09 -55.24
CA LYS H 276 0.49 1.73 -55.04
C LYS H 276 1.28 1.73 -56.34
N SER H 277 2.46 2.36 -56.30
CA SER H 277 3.35 2.44 -57.46
C SER H 277 4.01 1.09 -57.73
N LYS H 278 4.36 0.85 -58.99
CA LYS H 278 4.97 -0.42 -59.36
C LYS H 278 6.44 -0.53 -58.92
N GLY H 279 7.16 0.58 -58.99
CA GLY H 279 8.53 0.65 -58.48
C GLY H 279 8.67 0.25 -57.02
N ASP H 280 9.60 0.91 -56.35
CA ASP H 280 9.75 0.79 -54.91
C ASP H 280 9.23 2.06 -54.26
N VAL H 281 8.69 1.92 -53.06
CA VAL H 281 8.00 3.03 -52.41
C VAL H 281 8.94 3.88 -51.56
N LYS H 282 8.98 5.17 -51.83
CA LYS H 282 9.87 6.06 -51.11
C LYS H 282 9.08 6.97 -50.17
N LYS H 283 7.77 7.04 -50.37
CA LYS H 283 6.92 7.79 -49.47
C LYS H 283 5.54 7.17 -49.36
N LYS H 284 5.11 6.87 -48.14
CA LYS H 284 3.75 6.38 -47.91
C LYS H 284 2.92 7.49 -47.28
N ILE H 285 1.80 7.78 -47.92
CA ILE H 285 0.96 8.90 -47.51
C ILE H 285 -0.46 8.43 -47.21
N ALA H 286 -0.99 8.91 -46.08
CA ALA H 286 -2.39 8.68 -45.75
C ALA H 286 -3.15 10.00 -45.86
N LEU H 287 -4.17 10.00 -46.70
CA LEU H 287 -5.03 11.17 -46.84
C LEU H 287 -6.38 10.91 -46.19
N VAL H 288 -6.74 11.74 -45.22
CA VAL H 288 -7.95 11.55 -44.45
C VAL H 288 -8.94 12.69 -44.67
N GLY H 289 -10.19 12.35 -44.97
CA GLY H 289 -11.21 13.35 -45.22
C GLY H 289 -12.39 13.26 -44.28
N LYS H 290 -12.83 14.41 -43.77
CA LYS H 290 -14.06 14.49 -42.97
C LYS H 290 -15.26 14.13 -43.82
N GLY H 291 -16.04 13.15 -43.38
CA GLY H 291 -17.16 12.67 -44.15
C GLY H 291 -18.51 12.71 -43.44
N ILE H 292 -18.98 13.91 -43.10
CA ILE H 292 -20.32 14.04 -42.52
C ILE H 292 -21.31 14.41 -43.62
N THR H 293 -22.12 13.45 -44.04
CA THR H 293 -23.02 13.66 -45.16
C THR H 293 -24.11 14.67 -44.83
N PHE H 294 -24.43 14.79 -43.54
CA PHE H 294 -25.27 15.89 -43.06
C PHE H 294 -24.96 16.20 -41.61
N ASP H 295 -24.69 17.47 -41.33
CA ASP H 295 -24.42 17.92 -39.97
C ASP H 295 -25.57 18.77 -39.44
N SER H 296 -26.50 18.15 -38.73
CA SER H 296 -27.58 18.88 -38.08
C SER H 296 -27.12 19.49 -36.76
N GLY H 297 -26.05 18.92 -36.21
CA GLY H 297 -25.57 19.29 -34.89
C GLY H 297 -25.85 18.24 -33.83
N GLY H 298 -26.70 17.27 -34.12
CA GLY H 298 -27.09 16.29 -33.12
C GLY H 298 -27.93 17.01 -32.10
N TYR H 299 -27.87 16.61 -30.83
CA TYR H 299 -28.66 17.29 -29.80
C TYR H 299 -28.20 18.74 -29.58
N ASN H 300 -26.96 19.05 -29.94
CA ASN H 300 -26.56 20.46 -30.05
C ASN H 300 -26.94 21.01 -31.42
N LEU H 301 -28.23 20.91 -31.72
CA LEU H 301 -28.79 21.23 -33.03
C LEU H 301 -28.45 22.65 -33.45
N LYS H 302 -28.19 22.81 -34.74
CA LYS H 302 -27.93 24.11 -35.36
C LYS H 302 -29.21 24.91 -35.46
N ALA H 303 -29.53 25.65 -34.40
CA ALA H 303 -30.78 26.39 -34.39
C ALA H 303 -30.49 27.87 -34.27
N ALA H 304 -29.23 28.19 -34.00
CA ALA H 304 -28.85 29.58 -33.84
C ALA H 304 -28.85 30.27 -35.18
N PRO H 305 -29.22 31.56 -35.19
CA PRO H 305 -29.17 32.37 -36.40
C PRO H 305 -27.76 32.37 -36.96
N GLY H 306 -27.60 32.01 -38.22
CA GLY H 306 -26.27 31.98 -38.79
C GLY H 306 -25.71 30.58 -38.97
N SER H 307 -26.39 29.57 -38.44
CA SER H 307 -25.85 28.22 -38.50
C SER H 307 -25.77 27.66 -39.93
N MET H 308 -26.62 28.15 -40.82
CA MET H 308 -26.66 27.72 -42.22
C MET H 308 -26.82 26.20 -42.32
N ILE H 309 -27.86 25.67 -41.66
CA ILE H 309 -28.05 24.22 -41.59
C ILE H 309 -28.45 23.65 -42.96
N ASP H 310 -28.94 24.51 -43.85
CA ASP H 310 -29.36 24.07 -45.19
C ASP H 310 -28.18 23.79 -46.10
N LEU H 311 -26.99 24.19 -45.65
CA LEU H 311 -25.79 24.06 -46.46
C LEU H 311 -25.02 22.84 -45.99
N MET H 312 -25.52 22.20 -44.94
CA MET H 312 -24.75 21.21 -44.19
C MET H 312 -24.61 19.86 -44.91
N LYS H 313 -25.04 19.79 -46.17
CA LYS H 313 -24.73 18.64 -47.04
C LYS H 313 -23.24 18.65 -47.37
N PHE H 314 -22.64 19.78 -47.18
CA PHE H 314 -21.29 20.14 -47.43
C PHE H 314 -20.29 19.63 -46.42
N ASP H 315 -20.72 18.89 -45.45
CA ASP H 315 -19.82 18.52 -44.36
C ASP H 315 -19.01 17.26 -44.67
N MET H 316 -19.06 16.84 -45.94
CA MET H 316 -18.22 15.75 -46.39
C MET H 316 -17.31 16.23 -47.51
N SER H 317 -17.13 17.55 -47.59
CA SER H 317 -16.26 18.16 -48.60
C SER H 317 -14.84 17.62 -48.51
N GLY H 318 -14.40 17.40 -47.28
CA GLY H 318 -13.08 16.85 -47.03
C GLY H 318 -12.94 15.49 -47.69
N CYS H 319 -13.94 14.65 -47.46
CA CYS H 319 -13.99 13.33 -48.09
C CYS H 319 -14.03 13.44 -49.63
N ALA H 320 -14.82 14.39 -50.14
CA ALA H 320 -14.95 14.59 -51.58
C ALA H 320 -13.62 15.00 -52.20
N ALA H 321 -12.91 15.90 -51.51
CA ALA H 321 -11.59 16.32 -51.96
C ALA H 321 -10.64 15.13 -51.99
N VAL H 322 -10.79 14.26 -51.01
CA VAL H 322 -9.95 13.07 -50.90
C VAL H 322 -10.25 12.09 -52.03
N LEU H 323 -11.52 11.89 -52.34
CA LEU H 323 -11.90 11.02 -53.46
C LEU H 323 -11.53 11.62 -54.81
N GLY H 324 -11.67 12.93 -54.93
CA GLY H 324 -11.28 13.62 -56.16
C GLY H 324 -9.79 13.48 -56.41
N CYS H 325 -9.01 13.55 -55.34
CA CYS H 325 -7.58 13.34 -55.42
C CYS H 325 -7.28 11.91 -55.88
N ALA H 326 -8.06 10.98 -55.36
CA ALA H 326 -7.90 9.57 -55.72
C ALA H 326 -8.09 9.40 -57.23
N TYR H 327 -9.03 10.16 -57.81
CA TYR H 327 -9.22 10.12 -59.25
C TYR H 327 -7.98 10.61 -60.00
N CYS H 328 -7.47 11.77 -59.61
CA CYS H 328 -6.32 12.38 -60.29
C CYS H 328 -5.10 11.46 -60.23
N VAL H 329 -4.84 10.95 -59.04
CA VAL H 329 -3.71 10.06 -58.80
C VAL H 329 -3.83 8.77 -59.58
N GLY H 330 -5.01 8.17 -59.58
CA GLY H 330 -5.22 6.92 -60.30
C GLY H 330 -5.06 7.09 -61.80
N THR H 331 -5.24 8.32 -62.27
CA THR H 331 -5.17 8.62 -63.69
C THR H 331 -3.75 8.99 -64.11
N LEU H 332 -3.12 9.88 -63.35
CA LEU H 332 -1.78 10.36 -63.68
C LEU H 332 -0.71 9.35 -63.30
N LYS H 333 -1.05 8.44 -62.39
CA LYS H 333 -0.19 7.34 -61.96
C LYS H 333 1.24 7.76 -61.59
N PRO H 334 1.40 8.47 -60.46
CA PRO H 334 2.74 8.88 -60.02
C PRO H 334 3.48 7.66 -59.46
N GLU H 335 4.81 7.66 -59.59
CA GLU H 335 5.63 6.55 -59.13
C GLU H 335 6.28 6.73 -57.78
N ASN H 336 6.66 5.62 -57.16
CA ASN H 336 7.56 5.88 -56.05
C ASN H 336 6.70 6.04 -54.82
N VAL H 337 5.39 5.93 -54.91
CA VAL H 337 4.55 6.42 -53.83
C VAL H 337 3.41 5.43 -53.55
N GLU H 338 3.03 5.35 -52.28
CA GLU H 338 1.85 4.60 -51.85
C GLU H 338 0.90 5.52 -51.10
N ILE H 339 -0.34 5.61 -51.58
CA ILE H 339 -1.30 6.54 -51.00
C ILE H 339 -2.50 5.82 -50.39
N HIS H 340 -2.84 6.18 -49.15
CA HIS H 340 -4.06 5.68 -48.54
C HIS H 340 -5.07 6.83 -48.50
N PHE H 341 -6.22 6.59 -49.11
CA PHE H 341 -7.29 7.57 -49.16
C PHE H 341 -8.35 7.16 -48.15
N LEU H 342 -8.43 7.89 -47.04
CA LEU H 342 -9.31 7.48 -45.94
C LEU H 342 -10.44 8.47 -45.62
N SER H 343 -11.59 7.93 -45.26
CA SER H 343 -12.69 8.73 -44.74
C SER H 343 -13.69 7.93 -43.91
N ALA H 344 -13.87 8.37 -42.66
CA ALA H 344 -14.86 7.81 -41.76
C ALA H 344 -16.20 8.51 -41.99
N VAL H 345 -17.06 7.89 -42.78
CA VAL H 345 -18.31 8.52 -43.19
C VAL H 345 -19.45 8.19 -42.24
N CYS H 346 -20.19 9.23 -41.85
CA CYS H 346 -21.37 9.07 -41.03
C CYS H 346 -22.29 10.29 -41.11
N GLU H 347 -23.40 10.25 -40.39
CA GLU H 347 -24.36 11.34 -40.40
C GLU H 347 -24.74 11.77 -38.98
N ASN H 348 -24.71 13.08 -38.73
CA ASN H 348 -24.97 13.63 -37.40
C ASN H 348 -26.43 14.08 -37.27
N MET H 349 -27.25 13.23 -36.67
CA MET H 349 -28.70 13.43 -36.65
C MET H 349 -29.31 13.40 -35.26
N VAL H 350 -30.59 13.76 -35.19
CA VAL H 350 -31.32 13.77 -33.93
C VAL H 350 -32.27 12.57 -33.84
N SER H 351 -32.14 11.83 -32.74
CA SER H 351 -32.85 10.58 -32.56
C SER H 351 -32.87 10.14 -31.10
N LYS H 352 -33.64 9.10 -30.81
CA LYS H 352 -33.58 8.46 -29.51
C LYS H 352 -32.24 7.75 -29.37
N ASN H 353 -31.65 7.40 -30.50
CA ASN H 353 -30.41 6.62 -30.51
C ASN H 353 -29.16 7.49 -30.56
N SER H 354 -29.36 8.81 -30.63
CA SER H 354 -28.26 9.76 -30.75
C SER H 354 -27.37 9.80 -29.52
N TYR H 355 -26.15 10.28 -29.70
CA TYR H 355 -25.23 10.50 -28.58
C TYR H 355 -25.61 11.83 -27.93
N ARG H 356 -25.31 11.98 -26.64
CA ARG H 356 -25.74 13.16 -25.89
C ARG H 356 -24.56 14.02 -25.46
N PRO H 357 -24.82 15.32 -25.26
CA PRO H 357 -23.82 16.17 -24.59
C PRO H 357 -23.50 15.63 -23.20
N GLY H 358 -22.21 15.48 -22.90
CA GLY H 358 -21.77 14.95 -21.62
C GLY H 358 -21.28 13.51 -21.66
N ASP H 359 -21.67 12.78 -22.69
CA ASP H 359 -21.26 11.38 -22.86
C ASP H 359 -19.75 11.23 -22.95
N ILE H 360 -19.23 10.19 -22.33
CA ILE H 360 -17.82 9.87 -22.46
C ILE H 360 -17.66 8.64 -23.35
N ILE H 361 -16.91 8.81 -24.44
CA ILE H 361 -16.75 7.77 -25.43
C ILE H 361 -15.27 7.42 -25.60
N THR H 362 -14.99 6.22 -26.08
CA THR H 362 -13.62 5.74 -26.15
C THR H 362 -13.13 5.52 -27.58
N ALA H 363 -12.07 6.24 -27.94
CA ALA H 363 -11.48 6.12 -29.26
C ALA H 363 -10.69 4.83 -29.42
N SER H 364 -10.22 4.57 -30.63
CA SER H 364 -9.52 3.32 -30.93
C SER H 364 -8.12 3.28 -30.33
N ASN H 365 -7.64 4.40 -29.80
CA ASN H 365 -6.32 4.42 -29.15
C ASN H 365 -6.43 4.34 -27.64
N GLY H 366 -7.65 4.15 -27.14
CA GLY H 366 -7.88 3.97 -25.73
C GLY H 366 -8.27 5.24 -24.97
N LYS H 367 -8.12 6.40 -25.61
CA LYS H 367 -8.45 7.66 -24.95
C LYS H 367 -9.94 7.85 -24.78
N THR H 368 -10.36 8.19 -23.56
CA THR H 368 -11.75 8.51 -23.31
C THR H 368 -11.97 9.99 -23.55
N ILE H 369 -13.07 10.33 -24.18
CA ILE H 369 -13.34 11.70 -24.59
C ILE H 369 -14.67 12.18 -24.03
N GLU H 370 -14.68 13.33 -23.37
CA GLU H 370 -15.93 13.89 -22.87
C GLU H 370 -16.57 14.82 -23.89
N VAL H 371 -17.75 14.44 -24.36
CA VAL H 371 -18.48 15.25 -25.33
C VAL H 371 -19.15 16.46 -24.68
N GLY H 372 -18.80 17.66 -25.12
CA GLY H 372 -19.36 18.88 -24.57
C GLY H 372 -20.32 19.55 -25.52
N ASN H 373 -20.24 19.15 -26.77
CA ASN H 373 -21.05 19.68 -27.83
C ASN H 373 -21.11 18.61 -28.87
N THR H 374 -22.30 18.21 -29.30
CA THR H 374 -22.36 17.36 -30.46
C THR H 374 -21.91 18.34 -31.55
N ASP H 375 -22.26 18.29 -32.82
CA ASP H 375 -21.75 19.36 -33.75
C ASP H 375 -20.15 19.45 -33.70
N ALA H 376 -19.54 19.23 -32.56
CA ALA H 376 -18.08 19.19 -32.53
C ALA H 376 -17.86 17.75 -32.85
N GLU H 377 -18.49 17.31 -33.91
CA GLU H 377 -18.48 15.92 -34.29
C GLU H 377 -17.45 15.51 -35.27
N GLY H 378 -16.99 16.45 -36.05
CA GLY H 378 -16.01 16.15 -37.07
C GLY H 378 -14.71 15.63 -36.51
N ARG H 379 -14.23 16.29 -35.46
CA ARG H 379 -12.96 15.93 -34.84
C ARG H 379 -13.03 14.55 -34.17
N LEU H 380 -14.23 14.13 -33.81
CA LEU H 380 -14.42 12.81 -33.22
C LEU H 380 -14.23 11.73 -34.27
N THR H 381 -14.75 11.97 -35.46
CA THR H 381 -14.61 11.00 -36.55
C THR H 381 -13.18 11.02 -37.07
N LEU H 382 -12.58 12.19 -37.08
CA LEU H 382 -11.20 12.32 -37.53
C LEU H 382 -10.25 11.64 -36.54
N ALA H 383 -10.61 11.70 -35.26
CA ALA H 383 -9.79 11.10 -34.21
C ALA H 383 -9.55 9.61 -34.44
N ASP H 384 -10.64 8.89 -34.67
CA ASP H 384 -10.56 7.45 -34.91
C ASP H 384 -9.94 7.17 -36.27
N ALA H 385 -10.18 8.05 -37.23
CA ALA H 385 -9.60 7.93 -38.56
C ALA H 385 -8.09 8.12 -38.53
N LEU H 386 -7.61 9.04 -37.69
CA LEU H 386 -6.19 9.30 -37.58
C LEU H 386 -5.43 8.17 -36.90
N VAL H 387 -6.07 7.53 -35.92
CA VAL H 387 -5.48 6.37 -35.25
C VAL H 387 -5.28 5.25 -36.27
N TYR H 388 -6.29 5.04 -37.09
CA TYR H 388 -6.25 4.06 -38.18
C TYR H 388 -5.14 4.37 -39.18
N ALA H 389 -5.02 5.65 -39.53
CA ALA H 389 -4.03 6.10 -40.49
C ALA H 389 -2.61 5.84 -40.00
N GLU H 390 -2.38 6.10 -38.72
CA GLU H 390 -1.04 5.96 -38.17
C GLU H 390 -0.61 4.50 -38.00
N LYS H 391 -1.55 3.58 -37.84
CA LYS H 391 -1.18 2.19 -37.69
C LYS H 391 -0.78 1.61 -39.01
N LEU H 392 -1.07 2.31 -40.08
CA LEU H 392 -0.68 1.87 -41.42
C LEU H 392 0.82 1.99 -41.65
N GLY H 393 1.50 2.72 -40.78
CA GLY H 393 2.93 2.88 -40.87
C GLY H 393 3.32 3.80 -42.02
N VAL H 394 2.84 5.04 -41.95
CA VAL H 394 3.05 6.02 -43.01
C VAL H 394 4.02 7.12 -42.60
N ASP H 395 4.50 7.86 -43.59
CA ASP H 395 5.43 8.99 -43.37
C ASP H 395 4.69 10.30 -43.15
N TYR H 396 3.61 10.49 -43.92
CA TYR H 396 2.80 11.69 -43.86
C TYR H 396 1.32 11.39 -43.65
N ILE H 397 0.67 12.11 -42.75
CA ILE H 397 -0.78 12.10 -42.64
C ILE H 397 -1.37 13.50 -42.86
N VAL H 398 -2.19 13.65 -43.89
CA VAL H 398 -2.86 14.93 -44.15
C VAL H 398 -4.38 14.80 -44.12
N ASP H 399 -5.04 15.52 -43.20
CA ASP H 399 -6.49 15.54 -43.21
C ASP H 399 -7.01 16.89 -43.71
N ILE H 400 -8.18 16.85 -44.34
CA ILE H 400 -8.83 18.05 -44.86
C ILE H 400 -10.30 18.01 -44.45
N ALA H 401 -10.79 19.11 -43.87
CA ALA H 401 -12.09 19.09 -43.20
C ALA H 401 -12.76 20.46 -43.10
N THR H 402 -14.09 20.47 -43.23
CA THR H 402 -14.89 21.64 -42.89
C THR H 402 -15.15 21.64 -41.40
N LEU H 403 -14.13 21.99 -40.61
CA LEU H 403 -14.16 21.73 -39.19
C LEU H 403 -14.75 22.88 -38.37
N THR H 404 -14.27 24.10 -38.59
CA THR H 404 -14.69 25.22 -37.76
C THR H 404 -15.18 26.42 -38.55
N GLY H 405 -16.35 26.93 -38.17
CA GLY H 405 -16.91 28.12 -38.79
C GLY H 405 -16.06 29.35 -38.51
N ALA H 406 -15.17 29.24 -37.52
CA ALA H 406 -14.27 30.32 -37.17
C ALA H 406 -13.35 30.69 -38.32
N MET H 407 -13.16 29.77 -39.26
CA MET H 407 -12.32 30.05 -40.41
C MET H 407 -12.83 31.25 -41.22
N LEU H 408 -14.15 31.43 -41.24
CA LEU H 408 -14.74 32.58 -41.93
C LEU H 408 -14.34 33.91 -41.30
N TYR H 409 -14.10 33.90 -39.99
CA TYR H 409 -13.70 35.10 -39.26
C TYR H 409 -12.20 35.31 -39.31
N SER H 410 -11.48 34.25 -39.52
CA SER H 410 -10.06 34.32 -39.57
C SER H 410 -9.51 34.54 -40.94
N LEU H 411 -9.76 33.63 -41.84
CA LEU H 411 -9.20 33.74 -43.20
C LEU H 411 -10.25 34.07 -44.26
N GLY H 412 -11.51 33.78 -43.98
CA GLY H 412 -12.55 34.11 -44.94
C GLY H 412 -12.84 33.01 -45.94
N THR H 413 -13.18 33.42 -47.16
CA THR H 413 -13.67 32.49 -48.17
C THR H 413 -12.64 32.09 -49.24
N SER H 414 -11.44 32.65 -49.20
CA SER H 414 -10.45 32.36 -50.24
C SER H 414 -9.31 31.46 -49.78
N TYR H 415 -8.80 31.69 -48.59
CA TYR H 415 -7.65 30.95 -48.10
C TYR H 415 -8.07 29.90 -47.08
N ALA H 416 -7.59 28.67 -47.26
CA ALA H 416 -7.83 27.64 -46.27
C ALA H 416 -6.69 27.72 -45.26
N GLY H 417 -6.92 27.19 -44.07
CA GLY H 417 -5.89 27.21 -43.05
C GLY H 417 -5.22 25.86 -42.92
N VAL H 418 -3.91 25.86 -42.70
CA VAL H 418 -3.22 24.59 -42.48
C VAL H 418 -2.54 24.58 -41.11
N PHE H 419 -2.76 23.48 -40.39
CA PHE H 419 -2.12 23.25 -39.11
C PHE H 419 -1.28 22.00 -39.22
N GLY H 420 -0.35 21.81 -38.31
CA GLY H 420 0.47 20.61 -38.32
C GLY H 420 1.40 20.52 -37.13
N ASN H 421 2.06 19.38 -37.00
CA ASN H 421 3.02 19.12 -35.92
C ASN H 421 4.44 18.99 -36.45
N ASN H 422 4.60 19.27 -37.73
CA ASN H 422 5.86 19.06 -38.41
C ASN H 422 6.00 20.13 -39.47
N GLU H 423 6.98 21.00 -39.29
CA GLU H 423 7.10 22.11 -40.21
C GLU H 423 7.60 21.66 -41.59
N GLU H 424 8.35 20.58 -41.69
CA GLU H 424 8.68 20.23 -43.06
C GLU H 424 7.41 19.67 -43.76
N LEU H 425 6.51 18.95 -43.11
CA LEU H 425 5.27 18.54 -43.79
C LEU H 425 4.40 19.74 -44.17
N ILE H 426 4.30 20.71 -43.26
CA ILE H 426 3.52 21.93 -43.49
C ILE H 426 4.03 22.70 -44.70
N ASN H 427 5.35 22.85 -44.82
CA ASN H 427 5.92 23.56 -45.97
C ASN H 427 5.62 22.90 -47.30
N LYS H 428 5.60 21.57 -47.32
CA LYS H 428 5.26 20.85 -48.53
C LYS H 428 3.82 21.19 -48.95
N ILE H 429 2.93 21.28 -47.95
CA ILE H 429 1.54 21.65 -48.23
C ILE H 429 1.45 23.07 -48.74
N LEU H 430 2.21 23.96 -48.11
CA LEU H 430 2.25 25.36 -48.53
C LEU H 430 2.70 25.52 -49.96
N GLN H 431 3.77 24.81 -50.32
CA GLN H 431 4.28 24.83 -51.69
C GLN H 431 3.27 24.23 -52.66
N SER H 432 2.61 23.17 -52.22
CA SER H 432 1.60 22.50 -53.03
C SER H 432 0.47 23.49 -53.31
N SER H 433 0.21 24.38 -52.35
CA SER H 433 -0.80 25.41 -52.51
C SER H 433 -0.40 26.40 -53.60
N LYS H 434 0.89 26.67 -53.68
CA LYS H 434 1.42 27.60 -54.68
C LYS H 434 1.25 27.04 -56.09
N THR H 435 1.57 25.76 -56.28
CA THR H 435 1.57 25.15 -57.61
C THR H 435 0.19 24.68 -58.05
N SER H 436 -0.71 24.45 -57.09
CA SER H 436 -2.08 24.04 -57.38
C SER H 436 -2.99 25.25 -57.53
N ASN H 437 -2.48 26.38 -57.05
CA ASN H 437 -3.22 27.63 -57.01
C ASN H 437 -4.49 27.51 -56.17
N GLU H 438 -4.48 26.66 -55.16
CA GLU H 438 -5.54 26.70 -54.16
C GLU H 438 -4.95 27.25 -52.86
N PRO H 439 -5.21 28.53 -52.57
CA PRO H 439 -4.55 29.30 -51.52
C PRO H 439 -4.76 28.75 -50.11
N VAL H 440 -3.66 28.61 -49.39
CA VAL H 440 -3.64 28.09 -48.03
C VAL H 440 -2.78 28.98 -47.16
N TRP H 441 -3.20 29.21 -45.91
CA TRP H 441 -2.41 29.99 -45.00
C TRP H 441 -2.08 29.18 -43.75
N TRP H 442 -0.83 29.29 -43.31
CA TRP H 442 -0.36 28.53 -42.17
C TRP H 442 -0.78 29.16 -40.84
N LEU H 443 -1.49 28.39 -40.02
CA LEU H 443 -1.90 28.85 -38.70
C LEU H 443 -1.26 27.97 -37.61
N PRO H 444 -1.02 28.56 -36.42
CA PRO H 444 -0.27 27.88 -35.36
C PRO H 444 -1.14 27.01 -34.46
N ILE H 445 -0.58 25.90 -34.00
CA ILE H 445 -1.22 25.14 -32.93
C ILE H 445 -0.63 25.61 -31.61
N ILE H 446 -1.39 26.45 -30.91
CA ILE H 446 -0.92 27.12 -29.70
C ILE H 446 -1.12 26.27 -28.47
N ASN H 447 -0.02 25.73 -27.95
CA ASN H 447 -0.05 24.78 -26.84
C ASN H 447 -0.64 25.33 -25.55
N GLU H 448 -0.65 26.65 -25.39
CA GLU H 448 -1.21 27.31 -24.21
C GLU H 448 -2.69 26.96 -24.03
N TYR H 449 -3.34 26.65 -25.14
CA TYR H 449 -4.78 26.38 -25.14
C TYR H 449 -5.09 24.91 -24.86
N ARG H 450 -4.04 24.07 -24.80
CA ARG H 450 -4.23 22.64 -24.56
C ARG H 450 -4.90 22.37 -23.22
N ALA H 451 -4.62 23.23 -22.24
CA ALA H 451 -5.15 23.06 -20.89
C ALA H 451 -6.67 23.16 -20.85
N THR H 452 -7.26 23.83 -21.84
CA THR H 452 -8.71 23.99 -21.90
C THR H 452 -9.41 22.69 -22.28
N LEU H 453 -8.62 21.70 -22.68
CA LEU H 453 -9.17 20.40 -23.04
C LEU H 453 -8.99 19.39 -21.90
N ASN H 454 -8.48 19.85 -20.76
CA ASN H 454 -8.34 18.98 -19.59
C ASN H 454 -9.69 18.66 -18.96
N SER H 455 -10.12 17.41 -19.13
CA SER H 455 -11.41 16.97 -18.60
C SER H 455 -11.28 16.57 -17.13
N LYS H 456 -12.36 16.78 -16.38
CA LYS H 456 -12.39 16.41 -14.97
C LYS H 456 -12.55 14.90 -14.83
N TYR H 457 -13.24 14.30 -15.80
CA TYR H 457 -13.58 12.89 -15.72
C TYR H 457 -12.99 12.05 -16.87
N ALA H 458 -12.99 12.59 -18.08
CA ALA H 458 -12.43 11.86 -19.22
C ALA H 458 -10.94 12.15 -19.41
N ASP H 459 -10.30 11.43 -20.32
CA ASP H 459 -8.90 11.71 -20.64
C ASP H 459 -8.77 13.09 -21.25
N ILE H 460 -9.76 13.47 -22.06
CA ILE H 460 -9.70 14.75 -22.77
C ILE H 460 -11.08 15.29 -23.17
N ASN H 461 -11.20 16.61 -23.19
CA ASN H 461 -12.39 17.30 -23.69
C ASN H 461 -12.33 17.45 -25.21
N GLN H 462 -13.50 17.44 -25.85
CA GLN H 462 -13.59 17.72 -27.27
C GLN H 462 -13.49 19.22 -27.54
N ILE H 463 -14.12 20.05 -26.71
CA ILE H 463 -14.07 21.49 -26.92
C ILE H 463 -13.68 22.26 -25.67
N SER H 464 -13.37 23.54 -25.88
CA SER H 464 -13.11 24.51 -24.82
C SER H 464 -14.40 25.19 -24.35
N SER H 465 -14.29 25.99 -23.28
CA SER H 465 -15.40 26.71 -22.68
C SER H 465 -15.40 28.19 -23.07
N SER H 466 -15.59 28.51 -24.35
CA SER H 466 -15.69 29.91 -24.71
C SER H 466 -16.46 30.06 -26.02
N LYS H 468 -11.82 30.71 -27.29
CA LYS H 468 -12.77 30.83 -28.40
C LYS H 468 -12.06 30.69 -29.75
N ALA H 469 -10.74 30.50 -29.72
CA ALA H 469 -9.98 30.23 -30.93
C ALA H 469 -10.27 28.79 -31.39
N SER H 470 -11.51 28.54 -31.81
CA SER H 470 -12.02 27.20 -32.01
C SER H 470 -11.25 26.35 -33.03
N SER H 471 -10.73 26.98 -34.08
CA SER H 471 -10.00 26.23 -35.10
C SER H 471 -8.70 25.66 -34.52
N ILE H 472 -8.07 26.41 -33.64
CA ILE H 472 -6.84 26.00 -33.01
C ILE H 472 -7.10 24.94 -31.94
N VAL H 473 -8.20 25.12 -31.20
CA VAL H 473 -8.59 24.15 -30.18
C VAL H 473 -8.89 22.80 -30.82
N ALA H 474 -9.51 22.83 -31.99
CA ALA H 474 -9.80 21.60 -32.73
C ALA H 474 -8.50 20.94 -33.22
N SER H 475 -7.53 21.76 -33.61
CA SER H 475 -6.24 21.22 -34.05
C SER H 475 -5.47 20.61 -32.89
N LEU H 476 -5.58 21.23 -31.72
CA LEU H 476 -4.99 20.70 -30.50
C LEU H 476 -5.59 19.34 -30.17
N PHE H 477 -6.90 19.22 -30.35
CA PHE H 477 -7.58 17.95 -30.13
C PHE H 477 -7.03 16.88 -31.06
N LEU H 478 -6.99 17.19 -32.36
CA LEU H 478 -6.58 16.23 -33.37
C LEU H 478 -5.15 15.77 -33.10
N LYS H 479 -4.32 16.70 -32.63
CA LYS H 479 -2.92 16.43 -32.33
C LYS H 479 -2.74 15.29 -31.31
N GLU H 480 -3.71 15.14 -30.43
CA GLU H 480 -3.65 14.10 -29.40
C GLU H 480 -3.88 12.69 -29.90
N PHE H 481 -4.27 12.55 -31.17
CA PHE H 481 -4.55 11.21 -31.69
C PHE H 481 -3.52 10.84 -32.74
N VAL H 482 -2.42 11.59 -32.77
CA VAL H 482 -1.26 11.24 -33.58
C VAL H 482 -0.03 11.19 -32.66
N GLN H 483 0.52 9.99 -32.46
CA GLN H 483 1.57 9.81 -31.46
C GLN H 483 2.99 10.12 -32.00
N ASN H 484 3.35 9.55 -33.13
CA ASN H 484 4.71 9.66 -33.69
C ASN H 484 4.73 9.75 -35.22
N THR H 485 3.84 10.53 -35.82
CA THR H 485 3.90 10.65 -37.26
C THR H 485 3.68 12.08 -37.68
N ALA H 486 4.43 12.52 -38.70
CA ALA H 486 4.25 13.84 -39.28
C ALA H 486 2.83 14.00 -39.81
N TRP H 487 2.15 15.04 -39.33
CA TRP H 487 0.74 15.23 -39.64
C TRP H 487 0.38 16.70 -39.86
N ALA H 488 -0.49 16.95 -40.83
CA ALA H 488 -0.97 18.30 -41.11
C ALA H 488 -2.48 18.31 -41.25
N HIS H 489 -3.12 19.43 -40.90
CA HIS H 489 -4.57 19.50 -40.86
C HIS H 489 -5.06 20.73 -41.63
N ILE H 490 -5.87 20.50 -42.66
CA ILE H 490 -6.37 21.60 -43.49
C ILE H 490 -7.85 21.89 -43.24
N ASP H 491 -8.14 23.05 -42.65
CA ASP H 491 -9.52 23.41 -42.35
C ASP H 491 -10.12 24.19 -43.52
N ILE H 492 -11.04 23.55 -44.23
CA ILE H 492 -11.60 24.17 -45.44
C ILE H 492 -13.04 24.60 -45.24
N ALA H 493 -13.42 24.86 -43.99
CA ALA H 493 -14.79 25.24 -43.65
C ALA H 493 -15.18 26.55 -44.32
N GLY H 494 -14.20 27.44 -44.50
CA GLY H 494 -14.46 28.74 -45.06
C GLY H 494 -14.44 28.79 -46.56
N VAL H 495 -13.67 27.89 -47.19
CA VAL H 495 -13.44 27.97 -48.62
C VAL H 495 -14.23 26.97 -49.46
N SER H 496 -14.87 26.00 -48.81
CA SER H 496 -15.51 24.91 -49.56
C SER H 496 -16.66 25.40 -50.42
N TRP H 497 -17.51 26.24 -49.86
CA TRP H 497 -18.70 26.69 -50.58
C TRP H 497 -18.56 28.09 -51.18
N ASN H 498 -18.91 28.21 -52.45
CA ASN H 498 -18.95 29.50 -53.12
C ASN H 498 -20.32 30.14 -52.90
N PHE H 499 -20.39 31.06 -51.94
CA PHE H 499 -21.67 31.65 -51.56
C PHE H 499 -22.30 32.49 -52.68
N LYS H 500 -21.48 33.19 -53.44
CA LYS H 500 -21.98 34.00 -54.54
C LYS H 500 -22.52 33.12 -55.67
N ALA H 501 -21.80 32.07 -56.04
CA ALA H 501 -22.17 31.23 -57.19
C ALA H 501 -23.13 30.06 -56.98
N ARG H 502 -23.58 29.89 -55.73
CA ARG H 502 -24.49 28.82 -55.24
C ARG H 502 -23.99 27.41 -55.59
N LYS H 503 -22.71 27.19 -55.37
CA LYS H 503 -22.09 25.89 -55.61
C LYS H 503 -20.79 25.58 -54.85
N PRO H 504 -20.39 24.30 -54.81
CA PRO H 504 -19.12 23.97 -54.15
C PRO H 504 -17.93 24.45 -54.97
N LYS H 505 -16.76 24.48 -54.37
CA LYS H 505 -15.56 24.86 -55.11
C LYS H 505 -14.73 23.63 -55.49
N GLY H 506 -14.95 22.54 -54.77
CA GLY H 506 -14.13 21.34 -54.94
C GLY H 506 -12.72 21.62 -54.44
N PHE H 507 -12.62 22.50 -53.45
CA PHE H 507 -11.34 22.93 -52.92
C PHE H 507 -10.57 21.75 -52.33
N GLY H 508 -9.29 21.65 -52.66
CA GLY H 508 -8.44 20.64 -52.06
C GLY H 508 -7.97 19.53 -52.98
N VAL H 509 -8.76 19.23 -54.01
CA VAL H 509 -8.41 18.17 -54.93
C VAL H 509 -7.06 18.44 -55.59
N ARG H 510 -6.91 19.64 -56.14
CA ARG H 510 -5.68 20.02 -56.83
C ARG H 510 -4.53 20.21 -55.84
N LEU H 511 -4.84 20.76 -54.67
CA LEU H 511 -3.84 20.94 -53.61
C LEU H 511 -3.23 19.61 -53.19
N LEU H 512 -4.09 18.64 -52.87
CA LEU H 512 -3.65 17.34 -52.39
C LEU H 512 -2.90 16.57 -53.48
N THR H 513 -3.33 16.73 -54.73
CA THR H 513 -2.68 16.04 -55.84
C THR H 513 -1.28 16.59 -56.13
N GLU H 514 -1.14 17.91 -56.12
CA GLU H 514 0.16 18.53 -56.32
C GLU H 514 1.10 18.07 -55.22
N PHE H 515 0.51 17.83 -54.04
CA PHE H 515 1.24 17.35 -52.88
C PHE H 515 1.74 15.93 -53.12
N VAL H 516 0.89 15.11 -53.74
CA VAL H 516 1.22 13.72 -54.03
C VAL H 516 2.22 13.63 -55.19
N LEU H 517 2.12 14.58 -56.13
CA LEU H 517 2.95 14.58 -57.32
C LEU H 517 4.35 15.16 -57.10
N ASN H 518 4.46 16.15 -56.22
CA ASN H 518 5.73 16.83 -56.00
C ASN H 518 6.52 16.19 -54.86
N SER I 2 -34.27 -5.22 -17.32
CA SER I 2 -32.99 -5.29 -16.60
C SER I 2 -31.81 -5.30 -17.58
N GLU I 3 -31.94 -5.82 -18.80
CA GLU I 3 -30.89 -5.76 -19.82
C GLU I 3 -30.82 -4.41 -20.53
N VAL I 4 -29.66 -3.77 -20.45
CA VAL I 4 -29.46 -2.46 -21.07
C VAL I 4 -29.30 -2.53 -22.59
N PRO I 5 -30.18 -1.86 -23.33
CA PRO I 5 -30.13 -1.84 -24.79
C PRO I 5 -28.92 -1.08 -25.34
N GLN I 6 -28.45 -1.51 -26.50
CA GLN I 6 -27.28 -0.90 -27.12
C GLN I 6 -27.59 -0.48 -28.56
N VAL I 7 -26.92 0.56 -29.02
CA VAL I 7 -26.97 0.93 -30.43
C VAL I 7 -25.79 0.29 -31.15
N VAL I 8 -24.61 0.38 -30.54
CA VAL I 8 -23.42 -0.34 -31.00
C VAL I 8 -22.83 -1.18 -29.88
N SER I 9 -21.95 -2.09 -30.21
CA SER I 9 -21.26 -2.98 -29.31
C SER I 9 -20.49 -2.30 -28.19
N LEU I 10 -20.08 -1.09 -28.49
CA LEU I 10 -19.21 -0.35 -27.60
C LEU I 10 -19.99 0.47 -26.57
N ASP I 11 -21.32 0.43 -26.66
CA ASP I 11 -22.16 1.15 -25.71
C ASP I 11 -22.17 0.43 -24.38
N PRO I 12 -21.92 1.17 -23.29
CA PRO I 12 -21.85 0.62 -21.93
C PRO I 12 -23.15 -0.03 -21.47
N THR I 13 -23.05 -1.11 -20.70
CA THR I 13 -24.24 -1.81 -20.25
C THR I 13 -24.40 -1.69 -18.74
N SER I 14 -23.54 -0.90 -18.12
CA SER I 14 -23.65 -0.67 -16.69
C SER I 14 -22.91 0.59 -16.24
N ILE I 15 -23.30 1.13 -15.10
CA ILE I 15 -22.57 2.23 -14.47
C ILE I 15 -21.42 1.67 -13.66
N PRO I 16 -20.19 2.10 -13.95
CA PRO I 16 -19.06 1.68 -13.11
C PRO I 16 -19.19 2.27 -11.70
N ILE I 17 -19.02 1.43 -10.69
CA ILE I 17 -19.23 1.86 -9.31
C ILE I 17 -18.06 1.54 -8.39
N GLU I 18 -17.55 2.56 -7.71
CA GLU I 18 -16.54 2.37 -6.67
C GLU I 18 -17.21 2.22 -5.32
N TYR I 19 -17.19 1.01 -4.76
CA TYR I 19 -17.74 0.78 -3.42
C TYR I 19 -16.63 0.87 -2.37
N ASN I 20 -15.56 0.11 -2.59
CA ASN I 20 -14.40 0.16 -1.71
C ASN I 20 -13.47 1.29 -2.13
N THR I 21 -13.62 2.46 -1.51
CA THR I 21 -12.78 3.59 -1.83
C THR I 21 -11.58 3.63 -0.90
N PRO I 22 -10.49 4.30 -1.32
CA PRO I 22 -9.31 4.49 -0.48
C PRO I 22 -9.65 5.11 0.87
N ILE I 23 -10.76 5.83 0.96
CA ILE I 23 -11.20 6.40 2.22
C ILE I 23 -11.56 5.31 3.24
N HIS I 24 -12.17 4.23 2.78
CA HIS I 24 -12.57 3.14 3.67
C HIS I 24 -11.39 2.39 4.27
N ASP I 25 -10.21 2.57 3.71
CA ASP I 25 -9.08 1.83 4.24
C ASP I 25 -8.25 2.68 5.21
N ILE I 26 -8.70 3.90 5.45
CA ILE I 26 -8.01 4.82 6.36
C ILE I 26 -8.38 4.53 7.81
N LYS I 27 -7.39 4.14 8.61
CA LYS I 27 -7.59 3.93 10.03
C LYS I 27 -7.66 5.26 10.76
N VAL I 28 -8.77 5.52 11.43
CA VAL I 28 -8.96 6.79 12.12
C VAL I 28 -8.89 6.61 13.62
N GLN I 29 -8.02 7.38 14.28
CA GLN I 29 -7.95 7.33 15.72
C GLN I 29 -8.17 8.72 16.31
N VAL I 30 -8.92 8.76 17.40
CA VAL I 30 -9.25 10.02 18.06
C VAL I 30 -8.65 10.08 19.45
N TYR I 31 -7.96 11.19 19.74
CA TYR I 31 -7.35 11.40 21.04
C TYR I 31 -7.85 12.69 21.70
N ASP I 32 -7.75 12.77 23.03
CA ASP I 32 -8.09 14.01 23.72
C ASP I 32 -6.86 14.91 23.80
N ILE I 33 -7.06 16.20 23.58
CA ILE I 33 -5.96 17.16 23.60
C ILE I 33 -5.31 17.27 24.98
N LYS I 34 -6.07 17.00 26.03
CA LYS I 34 -5.54 17.11 27.39
C LYS I 34 -4.44 16.08 27.67
N GLY I 35 -4.15 15.23 26.70
CA GLY I 35 -3.14 14.19 26.83
C GLY I 35 -1.86 14.49 26.07
N GLY I 36 -1.87 15.59 25.31
CA GLY I 36 -0.71 16.00 24.54
C GLY I 36 -0.67 15.52 23.10
N CYS I 37 0.24 16.08 22.31
CA CYS I 37 0.27 15.60 20.93
C CYS I 37 1.59 14.89 20.61
N ASN I 38 1.42 13.81 19.87
CA ASN I 38 2.58 13.06 19.38
C ASN I 38 2.78 13.40 17.91
N VAL I 39 4.00 13.79 17.58
CA VAL I 39 4.34 14.25 16.24
C VAL I 39 5.38 13.35 15.60
N GLU I 40 5.13 12.05 15.63
CA GLU I 40 6.04 11.13 14.96
C GLU I 40 6.07 11.38 13.45
N GLU I 41 5.49 10.53 12.61
CA GLU I 41 5.47 10.36 11.16
C GLU I 41 4.57 11.38 10.47
N GLY I 42 4.78 11.70 9.19
CA GLY I 42 3.71 12.18 8.34
C GLY I 42 3.52 13.67 8.54
N LEU I 43 2.29 14.13 8.31
CA LEU I 43 1.98 15.54 8.43
C LEU I 43 1.00 15.81 9.58
N THR I 44 1.36 16.79 10.41
CA THR I 44 0.54 17.18 11.56
C THR I 44 0.03 18.61 11.37
N ILE I 45 -1.29 18.76 11.33
CA ILE I 45 -1.90 20.06 11.05
C ILE I 45 -2.71 20.62 12.22
N PHE I 46 -2.42 21.87 12.57
CA PHE I 46 -3.12 22.57 13.63
C PHE I 46 -4.19 23.50 13.07
N LEU I 47 -5.42 23.37 13.57
CA LEU I 47 -6.49 24.29 13.20
C LEU I 47 -6.56 25.46 14.17
N VAL I 48 -6.10 26.63 13.74
CA VAL I 48 -5.96 27.77 14.65
C VAL I 48 -6.67 29.04 14.18
N ASN I 49 -7.20 29.80 15.13
CA ASN I 49 -7.78 31.11 14.85
C ASN I 49 -7.24 32.18 15.80
N ASN I 50 -7.84 33.37 15.76
CA ASN I 50 -7.51 34.42 16.70
C ASN I 50 -8.70 35.36 16.85
N PRO I 51 -9.61 35.01 17.77
CA PRO I 51 -10.88 35.69 18.02
C PRO I 51 -10.77 37.14 18.44
N GLY I 52 -11.26 38.02 17.57
CA GLY I 52 -11.36 39.45 17.81
C GLY I 52 -10.28 40.31 17.17
N LYS I 53 -9.30 39.68 16.54
CA LYS I 53 -8.29 40.44 15.82
C LYS I 53 -8.32 39.96 14.39
N GLU I 54 -8.12 40.88 13.45
CA GLU I 54 -8.19 40.49 12.06
C GLU I 54 -6.81 39.96 11.75
N ASN I 55 -6.67 39.27 10.62
CA ASN I 55 -5.65 38.25 10.41
C ASN I 55 -4.53 38.26 11.45
N GLY I 56 -4.79 37.61 12.58
CA GLY I 56 -3.89 37.64 13.71
C GLY I 56 -2.78 36.60 13.66
N PRO I 57 -1.81 36.70 14.59
CA PRO I 57 -0.67 35.79 14.63
C PRO I 57 -1.05 34.37 15.02
N VAL I 58 -0.24 33.40 14.62
CA VAL I 58 -0.45 32.01 14.97
C VAL I 58 0.18 31.72 16.33
N LYS I 59 -0.56 31.06 17.20
CA LYS I 59 -0.02 30.62 18.49
C LYS I 59 -0.56 29.25 18.85
N ILE I 60 0.36 28.29 19.06
CA ILE I 60 -0.03 26.92 19.39
C ILE I 60 -0.45 26.78 20.84
N SER I 61 -1.49 25.96 21.05
CA SER I 61 -1.99 25.90 22.40
C SER I 61 -2.31 24.51 22.84
N SER I 62 -1.46 23.65 22.34
CA SER I 62 -1.56 22.26 22.65
C SER I 62 -0.19 21.82 23.08
N LYS I 63 -0.14 21.11 24.19
CA LYS I 63 1.12 20.60 24.67
C LYS I 63 1.58 19.61 23.62
N VAL I 64 2.81 19.75 23.15
CA VAL I 64 3.34 18.80 22.19
C VAL I 64 4.42 17.99 22.88
N ASN I 65 4.23 16.67 22.89
CA ASN I 65 5.12 15.78 23.61
C ASN I 65 6.42 15.57 22.86
N ASP I 66 7.07 16.68 22.51
CA ASP I 66 8.34 16.64 21.81
C ASP I 66 9.10 17.95 21.97
N LYS I 67 10.32 17.86 22.51
CA LYS I 67 11.12 19.04 22.80
C LYS I 67 11.49 19.75 21.51
N GLN I 68 11.81 18.97 20.48
CA GLN I 68 12.22 19.51 19.19
C GLN I 68 11.06 20.22 18.51
N VAL I 69 9.88 19.63 18.61
CA VAL I 69 8.70 20.20 17.95
C VAL I 69 8.05 21.32 18.77
N SER I 70 8.24 21.28 20.08
CA SER I 70 7.73 22.32 20.96
C SER I 70 8.49 23.61 20.76
N GLU I 71 9.81 23.48 20.61
CA GLU I 71 10.69 24.62 20.40
C GLU I 71 10.45 25.28 19.04
N PHE I 72 10.20 24.45 18.03
CA PHE I 72 9.95 24.96 16.68
C PHE I 72 8.67 25.80 16.69
N LEU I 73 7.66 25.33 17.42
CA LEU I 73 6.29 25.89 17.49
C LEU I 73 6.10 27.05 18.46
N LYS I 74 7.17 27.56 19.07
CA LYS I 74 7.05 28.65 19.98
C LYS I 74 6.54 29.78 19.18
N ASP I 75 5.92 30.56 19.91
CA ASP I 75 5.33 31.70 19.47
C ASP I 75 6.06 32.76 18.64
N GLU I 76 7.26 32.98 19.13
CA GLU I 76 8.22 33.89 18.54
C GLU I 76 8.52 33.40 17.13
N ASN I 77 8.54 32.09 16.95
CA ASN I 77 8.76 31.48 15.64
C ASN I 77 7.49 31.53 14.80
N MET I 78 6.33 31.49 15.47
CA MET I 78 5.06 31.43 14.76
C MET I 78 4.47 32.78 14.38
N GLU I 79 4.98 33.86 14.99
CA GLU I 79 4.38 35.19 14.85
C GLU I 79 4.49 35.70 13.42
N LYS I 80 5.35 35.05 12.64
CA LYS I 80 5.57 35.38 11.23
C LYS I 80 4.36 34.99 10.39
N PHE I 81 3.53 34.13 10.97
CA PHE I 81 2.36 33.59 10.30
C PHE I 81 1.05 34.10 10.90
N ASN I 82 0.03 34.19 10.05
CA ASN I 82 -1.28 34.65 10.50
C ASN I 82 -2.41 33.64 10.25
N VAL I 83 -3.55 33.90 10.89
CA VAL I 83 -4.66 32.95 10.90
C VAL I 83 -5.76 33.26 9.89
N LYS I 84 -5.46 34.10 8.90
CA LYS I 84 -6.43 34.41 7.85
C LYS I 84 -7.11 33.16 7.31
N LEU I 85 -8.43 33.20 7.24
CA LEU I 85 -9.23 32.04 6.86
C LEU I 85 -8.77 31.43 5.54
N GLY I 86 -8.32 30.18 5.60
CA GLY I 86 -7.90 29.45 4.41
C GLY I 86 -6.40 29.37 4.19
N THR I 87 -5.65 30.21 4.91
CA THR I 87 -4.20 30.25 4.80
C THR I 87 -3.59 28.96 5.35
N SER I 88 -2.47 28.52 4.78
CA SER I 88 -1.82 27.28 5.19
C SER I 88 -0.29 27.38 5.04
N LYS I 89 0.45 26.63 5.85
CA LYS I 89 1.92 26.65 5.80
C LYS I 89 2.49 25.25 6.08
N HIS I 90 3.71 24.97 5.60
CA HIS I 90 4.38 23.69 5.84
C HIS I 90 5.68 23.84 6.62
N PHE I 91 5.92 22.93 7.57
CA PHE I 91 7.14 22.97 8.36
C PHE I 91 7.89 21.65 8.24
N TYR I 92 9.21 21.71 8.11
CA TYR I 92 10.05 20.50 8.14
C TYR I 92 10.95 20.53 9.37
N MET I 93 11.04 19.41 10.08
CA MET I 93 11.90 19.35 11.26
C MET I 93 12.18 17.92 11.71
N PHE I 94 13.10 17.78 12.64
CA PHE I 94 13.40 16.49 13.26
C PHE I 94 12.81 16.42 14.65
N ASN I 95 12.26 15.27 15.03
CA ASN I 95 11.71 15.13 16.37
C ASN I 95 12.75 14.60 17.37
N ASP I 96 12.30 14.26 18.58
CA ASP I 96 13.23 13.78 19.61
C ASP I 96 13.85 12.43 19.25
N ASN I 97 13.14 11.64 18.43
CA ASN I 97 13.66 10.34 18.03
C ASN I 97 14.54 10.45 16.80
N LYS I 98 14.96 11.67 16.49
CA LYS I 98 15.80 11.95 15.33
C LYS I 98 15.18 11.51 14.01
N ASN I 99 13.85 11.60 13.93
CA ASN I 99 13.12 11.33 12.68
C ASN I 99 12.57 12.62 12.08
N SER I 100 12.52 12.69 10.75
CA SER I 100 12.02 13.86 10.04
C SER I 100 10.49 13.86 10.05
N VAL I 101 9.88 14.96 10.52
CA VAL I 101 8.44 15.06 10.56
C VAL I 101 7.97 16.29 9.79
N ALA I 102 6.72 16.28 9.35
CA ALA I 102 6.14 17.44 8.66
C ALA I 102 5.00 18.00 9.51
N VAL I 103 5.01 19.32 9.68
CA VAL I 103 4.10 20.04 10.55
C VAL I 103 3.53 21.25 9.81
N GLY I 104 2.32 21.66 10.15
CA GLY I 104 1.76 22.87 9.57
C GLY I 104 0.50 23.34 10.24
N TYR I 105 -0.15 24.34 9.65
CA TYR I 105 -1.40 24.85 10.21
C TYR I 105 -2.33 25.31 9.10
N VAL I 106 -3.61 25.43 9.45
CA VAL I 106 -4.60 26.03 8.57
C VAL I 106 -5.34 27.13 9.31
N GLY I 107 -5.38 28.31 8.72
CA GLY I 107 -6.03 29.47 9.32
C GLY I 107 -7.53 29.35 9.39
N CYS I 108 -8.10 29.69 10.54
CA CYS I 108 -9.54 29.59 10.73
C CYS I 108 -10.22 30.93 11.04
N GLY I 109 -9.61 32.03 10.56
CA GLY I 109 -10.21 33.36 10.62
C GLY I 109 -10.31 33.98 12.01
N SER I 110 -11.25 34.91 12.18
CA SER I 110 -11.38 35.64 13.44
C SER I 110 -12.76 35.47 14.07
N VAL I 111 -13.58 34.60 13.51
CA VAL I 111 -14.97 34.45 13.94
C VAL I 111 -15.27 33.14 14.66
N ALA I 112 -14.90 33.06 15.94
CA ALA I 112 -15.42 32.05 16.89
C ALA I 112 -16.28 30.94 16.28
N ASP I 113 -17.43 31.33 15.73
CA ASP I 113 -18.36 30.40 15.09
C ASP I 113 -18.13 30.30 13.58
N LEU I 114 -17.54 29.20 13.15
CA LEU I 114 -17.27 28.97 11.74
C LEU I 114 -18.55 28.50 11.07
N SER I 115 -18.89 29.08 9.93
CA SER I 115 -20.01 28.70 9.09
C SER I 115 -19.70 27.37 8.43
N GLU I 116 -20.67 26.80 7.73
CA GLU I 116 -20.69 25.76 6.73
C GLU I 116 -19.50 25.92 5.79
N ALA I 117 -19.61 27.15 5.29
CA ALA I 117 -18.77 27.61 4.20
C ALA I 117 -17.32 27.82 4.64
N ASP I 118 -17.13 28.35 5.84
CA ASP I 118 -15.79 28.59 6.35
C ASP I 118 -15.05 27.28 6.53
N MET I 119 -15.74 26.30 7.12
CA MET I 119 -15.17 24.97 7.34
C MET I 119 -14.90 24.32 5.99
N LYS I 120 -15.75 24.59 5.00
CA LYS I 120 -15.46 24.12 3.64
C LYS I 120 -14.16 24.74 3.14
N ARG I 121 -13.93 26.01 3.40
CA ARG I 121 -12.67 26.63 2.99
C ARG I 121 -11.47 26.03 3.74
N VAL I 122 -11.67 25.71 5.01
CA VAL I 122 -10.61 25.09 5.82
C VAL I 122 -10.17 23.73 5.28
N VAL I 123 -11.15 22.88 4.98
CA VAL I 123 -10.90 21.54 4.45
C VAL I 123 -10.18 21.58 3.11
N LEU I 124 -10.62 22.47 2.22
CA LEU I 124 -10.03 22.61 0.90
C LEU I 124 -8.53 22.90 0.99
N SER I 125 -8.17 23.77 1.93
CA SER I 125 -6.77 24.14 2.16
C SER I 125 -5.98 22.95 2.66
N LEU I 126 -6.61 22.16 3.51
CA LEU I 126 -6.01 20.94 4.02
C LEU I 126 -5.80 19.95 2.89
N VAL I 127 -6.78 19.84 1.98
CA VAL I 127 -6.72 18.92 0.86
C VAL I 127 -5.58 19.28 -0.11
N THR I 128 -5.31 20.57 -0.24
CA THR I 128 -4.17 21.01 -1.06
C THR I 128 -2.88 20.44 -0.50
N MET I 129 -2.80 20.35 0.83
CA MET I 129 -1.62 19.83 1.51
C MET I 129 -1.44 18.32 1.29
N LEU I 130 -2.54 17.62 1.09
CA LEU I 130 -2.52 16.17 0.85
C LEU I 130 -2.19 15.85 -0.61
N HIS I 131 -2.57 16.73 -1.52
CA HIS I 131 -2.32 16.52 -2.94
C HIS I 131 -0.86 16.79 -3.25
N ASP I 132 -0.36 16.16 -4.30
CA ASP I 132 1.03 16.33 -4.74
C ASP I 132 2.02 15.96 -3.63
N ASN I 133 1.54 15.28 -2.59
CA ASN I 133 2.39 14.87 -1.49
C ASN I 133 2.14 13.38 -1.27
N LYS I 134 3.20 12.60 -1.03
CA LYS I 134 3.06 11.15 -0.88
C LYS I 134 3.06 10.62 0.57
N LEU I 135 2.29 11.27 1.45
CA LEU I 135 2.22 10.85 2.87
C LEU I 135 1.44 9.58 3.14
N SER I 136 1.77 8.94 4.25
CA SER I 136 1.06 7.75 4.70
C SER I 136 0.07 8.07 5.83
N LYS I 137 0.35 9.10 6.62
CA LYS I 137 -0.40 9.42 7.82
C LYS I 137 -0.69 10.91 7.91
N LEU I 138 -1.92 11.35 8.14
CA LEU I 138 -2.21 12.74 8.51
C LEU I 138 -2.79 12.84 9.91
N THR I 139 -2.32 13.82 10.69
CA THR I 139 -2.84 14.06 12.03
C THR I 139 -3.39 15.48 12.16
N VAL I 140 -4.62 15.62 12.67
CA VAL I 140 -5.23 16.94 12.81
C VAL I 140 -5.43 17.30 14.28
N VAL I 141 -4.90 18.45 14.69
CA VAL I 141 -5.04 18.92 16.07
C VAL I 141 -6.01 20.11 16.10
N PHE I 142 -7.12 19.92 16.80
CA PHE I 142 -8.20 20.91 16.84
C PHE I 142 -8.03 21.98 17.91
N GLU I 143 -7.45 23.12 17.55
CA GLU I 143 -7.55 24.14 18.59
C GLU I 143 -8.48 25.30 18.19
N ILE I 144 -9.65 24.83 17.76
CA ILE I 144 -10.80 25.70 17.54
C ILE I 144 -12.07 25.10 18.14
N ASN I 145 -13.15 25.88 18.22
CA ASN I 145 -14.40 25.35 18.73
C ASN I 145 -15.38 24.96 17.63
N VAL I 146 -15.78 23.70 17.62
CA VAL I 146 -16.77 23.18 16.70
C VAL I 146 -17.67 22.22 17.49
N ASP I 147 -18.97 22.23 17.22
CA ASP I 147 -19.83 21.25 17.88
C ASP I 147 -19.69 19.89 17.19
N LYS I 148 -20.42 18.90 17.67
CA LYS I 148 -20.31 17.53 17.14
C LYS I 148 -20.69 17.42 15.66
N ASN I 149 -21.74 18.13 15.25
CA ASN I 149 -22.17 18.11 13.86
C ASN I 149 -21.11 18.68 12.93
N LEU I 150 -20.50 19.78 13.37
CA LEU I 150 -19.50 20.47 12.57
C LEU I 150 -18.21 19.65 12.49
N PHE I 151 -17.91 18.89 13.54
CA PHE I 151 -16.75 17.99 13.52
C PHE I 151 -16.99 16.91 12.49
N ARG I 152 -18.21 16.36 12.49
CA ARG I 152 -18.59 15.34 11.53
C ARG I 152 -18.55 15.93 10.12
N PHE I 153 -19.08 17.15 9.99
CA PHE I 153 -19.09 17.84 8.70
C PHE I 153 -17.66 18.00 8.21
N PHE I 154 -16.74 18.27 9.13
CA PHE I 154 -15.33 18.38 8.80
C PHE I 154 -14.83 17.09 8.14
N LEU I 155 -15.13 15.96 8.78
CA LEU I 155 -14.72 14.65 8.27
C LEU I 155 -15.39 14.28 6.95
N GLU I 156 -16.72 14.46 6.88
CA GLU I 156 -17.48 14.18 5.66
C GLU I 156 -16.85 14.90 4.47
N THR I 157 -16.59 16.18 4.68
CA THR I 157 -16.05 17.03 3.64
C THR I 157 -14.60 16.67 3.30
N LEU I 158 -13.80 16.38 4.33
CA LEU I 158 -12.42 15.96 4.13
C LEU I 158 -12.35 14.71 3.28
N PHE I 159 -13.14 13.71 3.66
CA PHE I 159 -13.22 12.49 2.90
C PHE I 159 -13.63 12.76 1.44
N TYR I 160 -14.66 13.57 1.26
CA TYR I 160 -15.25 13.82 -0.06
C TYR I 160 -14.33 14.56 -1.01
N GLU I 161 -13.67 15.60 -0.50
CA GLU I 161 -12.79 16.40 -1.34
C GLU I 161 -11.46 15.71 -1.61
N TYR I 162 -11.03 14.85 -0.69
CA TYR I 162 -9.76 14.16 -0.82
C TYR I 162 -9.87 13.10 -1.92
N MET I 163 -11.06 12.48 -2.00
CA MET I 163 -11.33 11.42 -2.98
C MET I 163 -11.38 11.93 -4.42
N THR I 164 -10.82 11.13 -5.33
CA THR I 164 -10.76 11.48 -6.74
C THR I 164 -11.42 10.43 -7.65
N ASP I 165 -12.35 10.88 -8.49
CA ASP I 165 -13.07 9.97 -9.38
C ASP I 165 -12.27 9.70 -10.65
N GLU I 166 -11.82 8.46 -10.83
CA GLU I 166 -11.01 8.10 -11.98
C GLU I 166 -11.62 6.96 -12.78
N ARG I 167 -12.91 6.73 -12.59
CA ARG I 167 -13.62 5.66 -13.28
C ARG I 167 -13.56 5.80 -14.79
N PHE I 168 -13.55 7.04 -15.27
CA PHE I 168 -13.63 7.28 -16.70
C PHE I 168 -12.32 7.77 -17.29
N LYS I 169 -11.24 7.72 -16.51
CA LYS I 169 -9.93 8.01 -17.08
C LYS I 169 -9.43 6.70 -17.66
N SER I 170 -8.63 6.79 -18.72
CA SER I 170 -8.03 5.60 -19.32
C SER I 170 -6.53 5.74 -19.45
N THR I 171 -6.10 6.77 -20.17
CA THR I 171 -4.67 7.00 -20.41
C THR I 171 -4.20 8.25 -19.71
N ASP I 172 -5.06 8.82 -18.89
CA ASP I 172 -4.73 10.05 -18.15
C ASP I 172 -4.96 9.87 -16.64
N LYS I 173 -4.83 8.64 -16.15
CA LYS I 173 -4.93 8.44 -14.72
C LYS I 173 -3.74 9.15 -14.07
N ASN I 174 -3.92 9.62 -12.83
CA ASN I 174 -2.84 10.27 -12.11
C ASN I 174 -1.74 9.29 -11.71
N GLU I 178 -2.00 8.19 -4.48
CA GLU I 178 -1.29 8.05 -3.21
C GLU I 178 -2.12 8.55 -2.03
N TYR I 179 -3.04 7.72 -1.55
CA TYR I 179 -3.89 8.09 -0.40
C TYR I 179 -3.29 7.72 0.96
N ILE I 180 -3.52 8.56 1.96
CA ILE I 180 -3.08 8.25 3.33
C ILE I 180 -3.79 6.99 3.84
N LYS I 181 -3.13 6.31 4.77
CA LYS I 181 -3.67 5.06 5.32
C LYS I 181 -4.09 5.24 6.77
N HIS I 182 -3.65 6.33 7.38
CA HIS I 182 -3.96 6.60 8.78
C HIS I 182 -4.33 8.07 9.00
N LEU I 183 -5.33 8.29 9.85
CA LEU I 183 -5.75 9.62 10.25
C LEU I 183 -5.83 9.78 11.75
N GLY I 184 -5.06 10.73 12.28
CA GLY I 184 -5.13 11.04 13.70
C GLY I 184 -5.88 12.33 13.95
N VAL I 185 -6.73 12.34 14.97
CA VAL I 185 -7.48 13.54 15.34
C VAL I 185 -7.35 13.83 16.84
N TYR I 186 -6.86 15.03 17.15
CA TYR I 186 -6.78 15.53 18.52
C TYR I 186 -7.83 16.64 18.74
N ILE I 187 -8.72 16.46 19.70
CA ILE I 187 -9.77 17.45 19.94
C ILE I 187 -10.18 17.45 21.41
N ASN I 188 -10.74 18.56 21.90
CA ASN I 188 -11.19 18.60 23.28
C ASN I 188 -12.56 18.01 23.66
N ASN I 189 -12.60 17.31 24.80
CA ASN I 189 -13.88 16.60 24.81
C ASN I 189 -13.76 15.25 24.10
N ALA I 190 -12.63 14.66 23.70
CA ALA I 190 -12.65 13.72 22.58
C ALA I 190 -13.62 12.53 22.61
N ASP I 191 -13.93 12.03 23.80
CA ASP I 191 -14.81 10.87 23.93
C ASP I 191 -16.20 11.21 23.41
N THR I 192 -16.49 12.50 23.36
CA THR I 192 -17.77 12.96 22.86
C THR I 192 -17.81 12.90 21.33
N TYR I 193 -16.63 12.92 20.72
CA TYR I 193 -16.52 12.97 19.26
C TYR I 193 -16.29 11.63 18.56
N LYS I 194 -15.87 10.61 19.31
CA LYS I 194 -15.50 9.33 18.71
C LYS I 194 -16.64 8.67 17.92
N GLU I 195 -17.87 8.86 18.40
CA GLU I 195 -19.04 8.27 17.77
C GLU I 195 -19.34 8.87 16.39
N GLU I 196 -18.84 10.08 16.15
CA GLU I 196 -19.12 10.80 14.91
C GLU I 196 -18.25 10.31 13.75
N VAL I 197 -17.18 9.60 14.06
CA VAL I 197 -16.22 9.17 13.06
C VAL I 197 -16.80 8.22 12.03
N GLU I 198 -17.38 7.11 12.49
CA GLU I 198 -17.89 6.11 11.55
C GLU I 198 -19.18 6.61 10.91
N LYS I 199 -19.88 7.50 11.61
CA LYS I 199 -21.07 8.13 11.06
C LYS I 199 -20.65 9.01 9.88
N ALA I 200 -19.50 9.65 10.02
CA ALA I 200 -18.93 10.47 8.97
C ALA I 200 -18.57 9.60 7.78
N ARG I 201 -18.02 8.44 8.06
CA ARG I 201 -17.61 7.51 7.00
C ARG I 201 -18.81 7.04 6.18
N VAL I 202 -19.93 6.81 6.84
CA VAL I 202 -21.16 6.41 6.16
C VAL I 202 -21.76 7.57 5.34
N TYR I 203 -21.90 8.74 5.97
CA TYR I 203 -22.43 9.91 5.28
C TYR I 203 -21.55 10.24 4.09
N TYR I 204 -20.25 10.02 4.26
CA TYR I 204 -19.29 10.26 3.20
C TYR I 204 -19.65 9.50 1.94
N PHE I 205 -19.84 8.19 2.07
CA PHE I 205 -20.04 7.37 0.90
C PHE I 205 -21.40 7.59 0.26
N GLY I 206 -22.44 7.80 1.07
CA GLY I 206 -23.76 8.10 0.53
C GLY I 206 -23.71 9.31 -0.39
N THR I 207 -22.99 10.34 0.04
CA THR I 207 -22.79 11.53 -0.77
C THR I 207 -21.92 11.20 -1.98
N TYR I 208 -20.85 10.45 -1.74
CA TYR I 208 -19.94 10.08 -2.82
C TYR I 208 -20.57 9.08 -3.78
N TYR I 209 -21.40 8.18 -3.27
CA TYR I 209 -22.15 7.26 -4.13
C TYR I 209 -23.07 8.04 -5.04
N ALA I 210 -23.77 9.01 -4.46
CA ALA I 210 -24.64 9.89 -5.22
C ALA I 210 -23.82 10.63 -6.27
N SER I 211 -22.65 11.11 -5.86
CA SER I 211 -21.70 11.80 -6.73
C SER I 211 -21.32 10.99 -7.96
N GLN I 212 -21.07 9.70 -7.76
CA GLN I 212 -20.70 8.81 -8.85
C GLN I 212 -21.83 8.67 -9.88
N LEU I 213 -23.06 8.62 -9.39
CA LEU I 213 -24.22 8.48 -10.25
C LEU I 213 -24.49 9.75 -11.07
N ILE I 214 -24.35 10.91 -10.43
CA ILE I 214 -24.58 12.17 -11.11
C ILE I 214 -23.53 12.46 -12.19
N ALA I 215 -22.26 12.25 -11.84
CA ALA I 215 -21.16 12.54 -12.74
C ALA I 215 -21.11 11.57 -13.92
N ALA I 216 -21.68 10.38 -13.72
CA ALA I 216 -21.73 9.40 -14.80
C ALA I 216 -22.51 9.98 -15.99
N PRO I 217 -21.90 9.95 -17.17
CA PRO I 217 -22.55 10.48 -18.38
C PRO I 217 -23.81 9.70 -18.73
N SER I 218 -24.65 10.28 -19.58
CA SER I 218 -25.98 9.75 -19.82
C SER I 218 -25.98 8.42 -20.58
N ASN I 219 -24.89 8.10 -21.27
CA ASN I 219 -24.80 6.79 -21.93
C ASN I 219 -24.45 5.68 -20.94
N TYR I 220 -23.81 6.06 -19.83
CA TYR I 220 -23.53 5.13 -18.75
C TYR I 220 -24.72 5.02 -17.81
N CYS I 221 -25.20 6.18 -17.36
CA CYS I 221 -26.32 6.24 -16.44
C CYS I 221 -27.62 6.52 -17.18
N ASN I 222 -28.35 5.46 -17.48
CA ASN I 222 -29.64 5.58 -18.18
C ASN I 222 -30.72 4.92 -17.31
N PRO I 223 -32.00 5.08 -17.68
CA PRO I 223 -33.06 4.53 -16.83
C PRO I 223 -32.88 3.06 -16.44
N VAL I 224 -32.34 2.24 -17.33
CA VAL I 224 -32.14 0.84 -17.00
C VAL I 224 -30.94 0.66 -16.07
N SER I 225 -29.80 1.23 -16.44
CA SER I 225 -28.58 1.05 -15.67
C SER I 225 -28.65 1.68 -14.30
N LEU I 226 -29.44 2.74 -14.17
CA LEU I 226 -29.61 3.41 -12.89
C LEU I 226 -30.49 2.55 -11.99
N SER I 227 -31.55 1.98 -12.57
CA SER I 227 -32.43 1.09 -11.84
C SER I 227 -31.71 -0.20 -11.43
N ASN I 228 -30.80 -0.65 -12.29
CA ASN I 228 -29.98 -1.81 -11.99
C ASN I 228 -29.07 -1.54 -10.78
N ALA I 229 -28.52 -0.34 -10.71
CA ALA I 229 -27.67 0.03 -9.59
C ALA I 229 -28.46 0.06 -8.28
N ALA I 230 -29.72 0.46 -8.37
CA ALA I 230 -30.58 0.52 -7.18
C ALA I 230 -30.83 -0.88 -6.61
N VAL I 231 -31.02 -1.85 -7.50
CA VAL I 231 -31.19 -3.24 -7.09
C VAL I 231 -29.93 -3.77 -6.42
N GLU I 232 -28.79 -3.48 -7.02
CA GLU I 232 -27.52 -3.94 -6.51
C GLU I 232 -27.22 -3.35 -5.12
N LEU I 233 -27.55 -2.08 -4.92
CA LEU I 233 -27.35 -1.46 -3.60
C LEU I 233 -28.30 -2.06 -2.57
N ALA I 234 -29.56 -2.18 -2.95
CA ALA I 234 -30.59 -2.70 -2.07
C ALA I 234 -30.28 -4.13 -1.65
N GLN I 235 -29.71 -4.90 -2.56
CA GLN I 235 -29.33 -6.27 -2.26
C GLN I 235 -28.15 -6.29 -1.30
N LYS I 236 -27.25 -5.31 -1.44
CA LYS I 236 -26.08 -5.22 -0.56
C LYS I 236 -26.48 -4.78 0.85
N LEU I 237 -27.59 -4.07 0.95
CA LEU I 237 -28.08 -3.54 2.22
C LEU I 237 -29.23 -4.35 2.78
N ASN I 238 -29.59 -5.41 2.07
CA ASN I 238 -30.70 -6.29 2.39
C ASN I 238 -31.97 -5.46 2.61
N LEU I 239 -32.23 -4.58 1.65
CA LEU I 239 -33.43 -3.75 1.64
C LEU I 239 -34.41 -4.38 0.67
N GLU I 240 -35.70 -4.27 0.96
CA GLU I 240 -36.70 -4.69 -0.01
C GLU I 240 -36.62 -3.75 -1.21
N TYR I 241 -36.70 -4.32 -2.41
CA TYR I 241 -36.62 -3.52 -3.62
C TYR I 241 -37.62 -4.01 -4.65
N LYS I 242 -38.09 -3.08 -5.48
CA LYS I 242 -39.01 -3.42 -6.55
C LYS I 242 -38.80 -2.42 -7.67
N ILE I 243 -38.65 -2.93 -8.89
CA ILE I 243 -38.50 -2.06 -10.05
C ILE I 243 -39.73 -2.20 -10.93
N LEU I 244 -40.44 -1.10 -11.14
CA LEU I 244 -41.65 -1.19 -11.94
C LEU I 244 -41.31 -0.94 -13.39
N GLY I 245 -41.72 -1.85 -14.25
CA GLY I 245 -41.49 -1.71 -15.67
C GLY I 245 -42.70 -1.10 -16.37
N VAL I 246 -42.60 -0.95 -17.69
CA VAL I 246 -43.60 -0.26 -18.47
C VAL I 246 -45.00 -0.86 -18.33
N LYS I 247 -45.11 -2.19 -18.40
CA LYS I 247 -46.46 -2.74 -18.34
C LYS I 247 -47.05 -2.56 -16.93
N GLU I 248 -46.26 -2.62 -15.86
CA GLU I 248 -46.80 -2.32 -14.53
C GLU I 248 -47.16 -0.84 -14.42
N LEU I 249 -46.40 0.02 -15.09
CA LEU I 249 -46.73 1.45 -15.11
C LEU I 249 -48.01 1.70 -15.91
N GLU I 250 -48.20 0.92 -16.96
CA GLU I 250 -49.43 1.00 -17.76
C GLU I 250 -50.61 0.55 -16.92
N GLU I 251 -50.38 -0.47 -16.10
CA GLU I 251 -51.42 -1.05 -15.27
C GLU I 251 -51.79 -0.02 -14.20
N LEU I 252 -50.82 0.79 -13.80
CA LEU I 252 -51.06 1.84 -12.82
C LEU I 252 -51.53 3.16 -13.45
N LYS I 253 -51.62 3.18 -14.78
CA LYS I 253 -52.18 4.32 -15.51
C LYS I 253 -51.40 5.61 -15.27
N MET I 254 -50.08 5.49 -15.14
CA MET I 254 -49.20 6.63 -14.89
C MET I 254 -48.85 7.39 -16.18
N GLY I 255 -49.84 8.08 -16.73
CA GLY I 255 -49.74 8.75 -18.02
C GLY I 255 -48.80 9.93 -18.15
N ALA I 256 -48.64 10.69 -17.07
CA ALA I 256 -47.76 11.85 -17.08
C ALA I 256 -46.28 11.43 -17.20
N TYR I 257 -45.90 10.50 -16.34
CA TYR I 257 -44.54 9.95 -16.30
C TYR I 257 -44.20 9.20 -17.58
N LEU I 258 -45.11 8.35 -18.05
CA LEU I 258 -44.88 7.55 -19.24
C LEU I 258 -44.74 8.39 -20.48
N SER I 259 -45.37 9.55 -20.47
CA SER I 259 -45.31 10.42 -21.61
C SER I 259 -43.87 10.91 -21.74
N VAL I 260 -43.25 11.27 -20.60
CA VAL I 260 -41.91 11.86 -20.58
C VAL I 260 -40.84 10.98 -21.20
N GLY I 261 -40.98 9.68 -21.01
CA GLY I 261 -39.99 8.73 -21.48
C GLY I 261 -40.25 8.07 -22.81
N LYS I 262 -41.38 8.41 -23.45
CA LYS I 262 -41.78 7.79 -24.72
C LYS I 262 -40.69 7.87 -25.79
N GLY I 263 -39.99 9.00 -25.82
CA GLY I 263 -39.00 9.25 -26.85
C GLY I 263 -37.64 8.63 -26.56
N SER I 264 -37.56 7.85 -25.50
CA SER I 264 -36.28 7.26 -25.09
C SER I 264 -36.13 5.86 -25.66
N MET I 265 -34.89 5.45 -25.89
CA MET I 265 -34.58 4.09 -26.31
C MET I 265 -34.53 3.20 -25.09
N TYR I 266 -34.55 3.84 -23.92
CA TYR I 266 -34.56 3.13 -22.65
C TYR I 266 -35.96 3.17 -22.03
N PRO I 267 -36.51 1.99 -21.74
CA PRO I 267 -37.82 1.83 -21.10
C PRO I 267 -37.87 2.52 -19.74
N ASN I 268 -39.02 3.10 -19.38
CA ASN I 268 -39.17 3.70 -18.08
C ASN I 268 -38.96 2.68 -16.97
N LYS I 269 -38.30 3.12 -15.91
CA LYS I 269 -38.08 2.25 -14.76
C LYS I 269 -38.42 3.02 -13.48
N PHE I 270 -39.42 2.52 -12.75
CA PHE I 270 -39.80 3.15 -11.50
C PHE I 270 -39.15 2.42 -10.33
N ILE I 271 -38.33 3.15 -9.59
CA ILE I 271 -37.58 2.57 -8.48
C ILE I 271 -38.36 2.69 -7.17
N HIS I 272 -38.52 1.57 -6.47
CA HIS I 272 -39.19 1.55 -5.18
C HIS I 272 -38.39 0.73 -4.19
N LEU I 273 -37.55 1.40 -3.41
CA LEU I 273 -36.81 0.75 -2.34
C LEU I 273 -37.53 0.94 -1.01
N THR I 274 -37.36 -0.03 -0.12
CA THR I 274 -38.01 0.03 1.17
C THR I 274 -37.10 -0.40 2.32
N TYR I 275 -36.99 0.48 3.31
CA TYR I 275 -36.33 0.14 4.56
C TYR I 275 -37.40 -0.03 5.61
N LYS I 276 -37.38 -1.14 6.33
CA LYS I 276 -38.31 -1.34 7.43
C LYS I 276 -37.55 -1.67 8.70
N SER I 277 -37.85 -0.94 9.76
CA SER I 277 -37.24 -1.19 11.06
C SER I 277 -37.89 -2.40 11.72
N LYS I 278 -37.14 -3.14 12.52
CA LYS I 278 -37.74 -4.21 13.30
C LYS I 278 -38.44 -3.48 14.44
N GLY I 279 -39.32 -4.14 15.17
CA GLY I 279 -39.93 -3.46 16.30
C GLY I 279 -41.20 -2.79 15.78
N ASP I 280 -41.61 -1.69 16.38
CA ASP I 280 -42.76 -0.98 15.83
C ASP I 280 -42.38 0.30 15.09
N VAL I 281 -43.13 0.57 14.02
CA VAL I 281 -42.83 1.68 13.13
C VAL I 281 -43.70 2.87 13.51
N LYS I 282 -43.09 3.99 13.90
CA LYS I 282 -43.90 5.12 14.31
C LYS I 282 -43.82 6.26 13.31
N LYS I 283 -43.12 6.03 12.21
CA LYS I 283 -43.09 7.00 11.13
C LYS I 283 -42.89 6.28 9.81
N LYS I 284 -43.79 6.52 8.87
CA LYS I 284 -43.66 6.00 7.52
C LYS I 284 -43.35 7.21 6.63
N ILE I 285 -42.23 7.16 5.91
CA ILE I 285 -41.80 8.29 5.13
C ILE I 285 -41.54 7.94 3.67
N ALA I 286 -42.02 8.80 2.76
CA ALA I 286 -41.68 8.63 1.35
C ALA I 286 -40.71 9.70 0.88
N LEU I 287 -39.55 9.24 0.38
CA LEU I 287 -38.58 10.12 -0.23
C LEU I 287 -38.59 9.91 -1.74
N VAL I 288 -38.84 10.98 -2.48
CA VAL I 288 -38.99 10.89 -3.93
C VAL I 288 -37.87 11.67 -4.61
N GLY I 289 -37.19 11.04 -5.55
CA GLY I 289 -36.12 11.70 -6.25
C GLY I 289 -36.41 11.82 -7.73
N LYS I 290 -36.18 13.01 -8.27
CA LYS I 290 -36.27 13.24 -9.71
C LYS I 290 -35.21 12.45 -10.45
N GLY I 291 -35.64 11.63 -11.40
CA GLY I 291 -34.73 10.75 -12.10
C GLY I 291 -34.73 10.92 -13.62
N ILE I 292 -34.32 12.11 -14.08
CA ILE I 292 -34.15 12.34 -15.50
C ILE I 292 -32.68 12.12 -15.86
N THR I 293 -32.38 10.99 -16.49
CA THR I 293 -30.99 10.63 -16.74
C THR I 293 -30.38 11.59 -17.76
N PHE I 294 -31.21 12.14 -18.61
CA PHE I 294 -30.80 13.26 -19.48
C PHE I 294 -31.98 14.12 -19.89
N ASP I 295 -31.83 15.43 -19.68
CA ASP I 295 -32.83 16.41 -20.03
C ASP I 295 -32.40 17.18 -21.27
N SER I 296 -32.84 16.73 -22.45
CA SER I 296 -32.57 17.47 -23.68
C SER I 296 -33.53 18.63 -23.78
N GLY I 297 -34.65 18.51 -23.07
CA GLY I 297 -35.71 19.48 -23.14
C GLY I 297 -36.86 18.96 -23.99
N GLY I 298 -36.59 17.88 -24.73
CA GLY I 298 -37.57 17.35 -25.67
C GLY I 298 -37.70 18.26 -26.88
N TYR I 299 -38.90 18.33 -27.45
CA TYR I 299 -39.09 19.18 -28.62
C TYR I 299 -38.88 20.66 -28.28
N ASN I 300 -39.06 21.00 -27.00
CA ASN I 300 -38.59 22.29 -26.51
C ASN I 300 -37.11 22.18 -26.21
N LEU I 301 -36.34 21.84 -27.24
CA LEU I 301 -34.93 21.50 -27.09
C LEU I 301 -34.13 22.62 -26.43
N LYS I 302 -33.21 22.22 -25.56
CA LYS I 302 -32.34 23.19 -24.90
C LYS I 302 -31.35 23.74 -25.90
N ALA I 303 -31.78 24.78 -26.61
CA ALA I 303 -30.98 25.36 -27.68
C ALA I 303 -30.67 26.82 -27.38
N ALA I 304 -31.34 27.36 -26.38
CA ALA I 304 -31.13 28.75 -25.98
C ALA I 304 -29.83 28.91 -25.20
N PRO I 305 -29.16 30.06 -25.39
CA PRO I 305 -27.93 30.42 -24.68
C PRO I 305 -28.14 30.40 -23.17
N GLY I 306 -27.43 29.54 -22.45
CA GLY I 306 -27.60 29.46 -21.01
C GLY I 306 -28.23 28.17 -20.52
N SER I 307 -28.70 27.34 -21.45
CA SER I 307 -29.40 26.10 -21.10
C SER I 307 -28.48 25.07 -20.44
N MET I 308 -27.17 25.16 -20.74
CA MET I 308 -26.17 24.25 -20.18
C MET I 308 -26.53 22.79 -20.47
N ILE I 309 -26.77 22.47 -21.73
CA ILE I 309 -27.24 21.15 -22.11
C ILE I 309 -26.17 20.06 -21.89
N ASP I 310 -24.91 20.44 -21.83
CA ASP I 310 -23.84 19.47 -21.63
C ASP I 310 -23.78 18.99 -20.18
N LEU I 311 -24.56 19.63 -19.32
CA LEU I 311 -24.55 19.35 -17.89
C LEU I 311 -25.72 18.46 -17.47
N MET I 312 -26.66 18.21 -18.39
CA MET I 312 -27.97 17.69 -18.03
C MET I 312 -28.00 16.21 -17.67
N LYS I 313 -26.82 15.62 -17.53
CA LYS I 313 -26.71 14.29 -16.94
C LYS I 313 -27.10 14.46 -15.46
N PHE I 314 -27.08 15.70 -15.01
CA PHE I 314 -27.40 16.21 -13.72
C PHE I 314 -28.89 16.18 -13.35
N ASP I 315 -29.72 15.78 -14.25
CA ASP I 315 -31.15 15.93 -13.97
C ASP I 315 -31.71 14.73 -13.21
N MET I 316 -30.82 13.86 -12.72
CA MET I 316 -31.19 12.73 -11.88
C MET I 316 -30.53 12.82 -10.51
N SER I 317 -30.09 14.01 -10.15
CA SER I 317 -29.47 14.29 -8.87
C SER I 317 -30.39 13.99 -7.69
N GLY I 318 -31.67 14.29 -7.85
CA GLY I 318 -32.65 14.03 -6.82
C GLY I 318 -32.72 12.55 -6.50
N CYS I 319 -32.82 11.75 -7.55
CA CYS I 319 -32.82 10.30 -7.42
C CYS I 319 -31.55 9.82 -6.73
N ALA I 320 -30.43 10.42 -7.13
CA ALA I 320 -29.12 10.10 -6.59
C ALA I 320 -29.04 10.43 -5.11
N ALA I 321 -29.61 11.58 -4.74
CA ALA I 321 -29.66 11.99 -3.35
C ALA I 321 -30.44 10.98 -2.53
N VAL I 322 -31.51 10.45 -3.11
CA VAL I 322 -32.36 9.48 -2.43
C VAL I 322 -31.69 8.12 -2.22
N LEU I 323 -31.03 7.61 -3.26
CA LEU I 323 -30.31 6.33 -3.16
C LEU I 323 -29.11 6.47 -2.22
N GLY I 324 -28.47 7.65 -2.26
CA GLY I 324 -27.38 7.92 -1.35
C GLY I 324 -27.90 7.88 0.08
N CYS I 325 -29.09 8.44 0.28
CA CYS I 325 -29.74 8.39 1.58
C CYS I 325 -30.09 6.95 1.97
N ALA I 326 -30.56 6.18 0.99
CA ALA I 326 -30.93 4.79 1.23
C ALA I 326 -29.73 4.00 1.76
N TYR I 327 -28.55 4.31 1.23
CA TYR I 327 -27.33 3.66 1.70
C TYR I 327 -27.09 3.99 3.16
N CYS I 328 -27.17 5.28 3.49
CA CYS I 328 -26.95 5.73 4.86
C CYS I 328 -27.95 5.09 5.81
N VAL I 329 -29.23 5.11 5.42
CA VAL I 329 -30.28 4.51 6.25
C VAL I 329 -30.10 3.01 6.37
N GLY I 330 -29.82 2.36 5.26
CA GLY I 330 -29.64 0.92 5.23
C GLY I 330 -28.43 0.45 6.00
N THR I 331 -27.47 1.36 6.20
CA THR I 331 -26.24 1.02 6.92
C THR I 331 -26.37 1.33 8.41
N LEU I 332 -26.92 2.49 8.73
CA LEU I 332 -27.01 2.94 10.12
C LEU I 332 -28.16 2.24 10.85
N LYS I 333 -29.11 1.71 10.10
CA LYS I 333 -30.29 0.98 10.56
C LYS I 333 -30.98 1.63 11.75
N PRO I 334 -31.62 2.79 11.47
CA PRO I 334 -32.36 3.48 12.53
C PRO I 334 -33.63 2.73 12.86
N GLU I 335 -34.14 2.91 14.07
CA GLU I 335 -35.33 2.23 14.57
C GLU I 335 -36.58 3.07 14.49
N ASN I 336 -37.74 2.41 14.49
CA ASN I 336 -39.06 3.05 14.59
C ASN I 336 -39.44 3.85 13.35
N VAL I 337 -38.88 3.47 12.20
CA VAL I 337 -39.16 4.17 10.94
C VAL I 337 -39.30 3.20 9.77
N GLU I 338 -40.19 3.55 8.85
CA GLU I 338 -40.31 2.87 7.56
C GLU I 338 -40.13 3.91 6.47
N ILE I 339 -39.11 3.71 5.64
CA ILE I 339 -38.77 4.68 4.62
C ILE I 339 -38.91 4.05 3.24
N HIS I 340 -39.63 4.75 2.36
CA HIS I 340 -39.73 4.34 0.97
C HIS I 340 -38.94 5.28 0.08
N PHE I 341 -38.02 4.70 -0.69
CA PHE I 341 -37.20 5.48 -1.62
C PHE I 341 -37.72 5.31 -3.03
N LEU I 342 -38.31 6.37 -3.56
CA LEU I 342 -39.00 6.31 -4.84
C LEU I 342 -38.32 7.18 -5.87
N SER I 343 -38.30 6.70 -7.10
CA SER I 343 -37.83 7.51 -8.21
C SER I 343 -38.41 6.98 -9.51
N ALA I 344 -39.14 7.86 -10.20
CA ALA I 344 -39.65 7.57 -11.53
C ALA I 344 -38.57 7.93 -12.54
N VAL I 345 -37.77 6.95 -12.93
CA VAL I 345 -36.62 7.24 -13.77
C VAL I 345 -36.98 7.11 -15.24
N CYS I 346 -36.59 8.13 -16.01
CA CYS I 346 -36.76 8.11 -17.46
C CYS I 346 -35.83 9.13 -18.11
N GLU I 347 -35.95 9.24 -19.43
CA GLU I 347 -35.10 10.13 -20.21
C GLU I 347 -35.96 10.99 -21.13
N ASN I 348 -35.70 12.30 -21.16
CA ASN I 348 -36.47 13.24 -21.97
C ASN I 348 -35.75 13.53 -23.29
N MET I 349 -36.16 12.87 -24.37
CA MET I 349 -35.40 12.91 -25.62
C MET I 349 -36.24 13.38 -26.81
N VAL I 350 -35.58 13.65 -27.93
CA VAL I 350 -36.28 14.05 -29.14
C VAL I 350 -36.32 12.89 -30.14
N SER I 351 -37.53 12.56 -30.59
CA SER I 351 -37.73 11.38 -31.42
C SER I 351 -39.08 11.46 -32.10
N LYS I 352 -39.33 10.52 -33.01
CA LYS I 352 -40.66 10.36 -33.58
C LYS I 352 -41.64 9.87 -32.53
N ASN I 353 -41.13 9.25 -31.46
CA ASN I 353 -41.99 8.69 -30.42
C ASN I 353 -42.24 9.64 -29.25
N SER I 354 -41.59 10.79 -29.29
CA SER I 354 -41.64 11.79 -28.22
C SER I 354 -43.01 12.45 -28.06
N TYR I 355 -43.20 13.09 -26.92
CA TYR I 355 -44.33 13.87 -26.47
C TYR I 355 -44.25 15.23 -27.07
N ARG I 356 -45.36 15.91 -27.35
CA ARG I 356 -45.35 17.22 -27.97
C ARG I 356 -45.80 18.32 -27.04
N PRO I 357 -45.24 19.53 -27.21
CA PRO I 357 -45.86 20.67 -26.54
C PRO I 357 -47.29 20.81 -27.03
N GLY I 358 -48.23 20.95 -26.11
CA GLY I 358 -49.64 21.05 -26.45
C GLY I 358 -50.38 19.78 -26.16
N ASP I 359 -49.65 18.67 -26.07
CA ASP I 359 -50.27 17.38 -25.76
C ASP I 359 -50.98 17.37 -24.42
N ILE I 360 -52.12 16.71 -24.38
CA ILE I 360 -52.85 16.54 -23.13
C ILE I 360 -52.70 15.10 -22.63
N ILE I 361 -52.19 14.97 -21.42
CA ILE I 361 -51.92 13.66 -20.84
C ILE I 361 -52.67 13.48 -19.52
N THR I 362 -52.88 12.24 -19.12
CA THR I 362 -53.67 11.94 -17.91
C THR I 362 -52.86 11.25 -16.81
N ALA I 363 -52.79 11.89 -15.65
CA ALA I 363 -52.04 11.33 -14.52
C ALA I 363 -52.77 10.16 -13.86
N SER I 364 -52.08 9.48 -12.95
CA SER I 364 -52.59 8.26 -12.32
C SER I 364 -53.69 8.55 -11.29
N ASN I 365 -53.90 9.82 -10.99
CA ASN I 365 -54.96 10.23 -10.09
C ASN I 365 -56.17 10.75 -10.88
N GLY I 366 -56.09 10.67 -12.20
CA GLY I 366 -57.18 11.06 -13.07
C GLY I 366 -57.12 12.48 -13.62
N LYS I 367 -56.25 13.32 -13.06
CA LYS I 367 -56.18 14.70 -13.53
C LYS I 367 -55.51 14.78 -14.90
N THR I 368 -56.15 15.46 -15.83
CA THR I 368 -55.60 15.66 -17.16
C THR I 368 -54.71 16.90 -17.19
N ILE I 369 -53.57 16.79 -17.87
CA ILE I 369 -52.57 17.84 -17.89
C ILE I 369 -52.22 18.30 -19.30
N GLU I 370 -52.30 19.61 -19.54
CA GLU I 370 -51.87 20.15 -20.83
C GLU I 370 -50.41 20.56 -20.78
N VAL I 371 -49.60 19.90 -21.59
CA VAL I 371 -48.18 20.19 -21.68
C VAL I 371 -47.95 21.48 -22.45
N GLY I 372 -47.31 22.46 -21.82
CA GLY I 372 -47.02 23.72 -22.49
C GLY I 372 -45.56 23.83 -22.84
N ASN I 373 -44.75 23.01 -22.19
CA ASN I 373 -43.32 22.98 -22.44
C ASN I 373 -42.78 21.61 -22.06
N THR I 374 -42.21 20.91 -23.04
CA THR I 374 -41.72 19.57 -22.82
C THR I 374 -40.48 19.54 -21.94
N ASP I 375 -39.88 20.70 -21.73
CA ASP I 375 -38.74 20.82 -20.83
C ASP I 375 -39.13 20.98 -19.36
N ALA I 376 -40.41 21.11 -19.06
CA ALA I 376 -40.85 21.10 -17.67
C ALA I 376 -41.30 19.70 -17.32
N GLU I 377 -40.44 18.74 -17.62
CA GLU I 377 -40.80 17.33 -17.62
C GLU I 377 -40.75 16.71 -16.23
N GLY I 378 -39.94 17.29 -15.34
CA GLY I 378 -39.75 16.71 -14.03
C GLY I 378 -41.02 16.69 -13.19
N ARG I 379 -41.77 17.79 -13.25
CA ARG I 379 -43.00 17.92 -12.50
C ARG I 379 -44.04 16.92 -13.03
N LEU I 380 -43.88 16.51 -14.29
CA LEU I 380 -44.75 15.49 -14.87
C LEU I 380 -44.40 14.12 -14.30
N THR I 381 -43.09 13.86 -14.19
CA THR I 381 -42.63 12.59 -13.66
C THR I 381 -42.86 12.54 -12.16
N LEU I 382 -42.66 13.67 -11.49
CA LEU I 382 -42.88 13.74 -10.05
C LEU I 382 -44.37 13.65 -9.72
N ALA I 383 -45.21 14.16 -10.61
CA ALA I 383 -46.66 14.14 -10.41
C ALA I 383 -47.17 12.73 -10.14
N ASP I 384 -46.76 11.80 -11.01
CA ASP I 384 -47.15 10.41 -10.87
C ASP I 384 -46.47 9.74 -9.66
N ALA I 385 -45.25 10.18 -9.37
CA ALA I 385 -44.50 9.66 -8.24
C ALA I 385 -45.13 10.05 -6.92
N LEU I 386 -45.66 11.27 -6.86
CA LEU I 386 -46.29 11.78 -5.64
C LEU I 386 -47.59 11.03 -5.37
N VAL I 387 -48.33 10.72 -6.43
CA VAL I 387 -49.55 9.93 -6.33
C VAL I 387 -49.24 8.53 -5.82
N TYR I 388 -48.18 7.95 -6.38
CA TYR I 388 -47.71 6.64 -5.96
C TYR I 388 -47.31 6.68 -4.49
N ALA I 389 -46.62 7.75 -4.10
CA ALA I 389 -46.15 7.93 -2.73
C ALA I 389 -47.30 7.99 -1.73
N GLU I 390 -48.33 8.75 -2.06
CA GLU I 390 -49.45 8.95 -1.15
C GLU I 390 -50.27 7.68 -0.98
N LYS I 391 -50.32 6.83 -2.00
CA LYS I 391 -51.06 5.57 -1.90
C LYS I 391 -50.42 4.58 -0.93
N LEU I 392 -49.15 4.81 -0.57
CA LEU I 392 -48.46 3.94 0.38
C LEU I 392 -48.96 4.13 1.80
N GLY I 393 -49.74 5.18 2.04
CA GLY I 393 -50.26 5.43 3.37
C GLY I 393 -49.12 5.88 4.23
N VAL I 394 -48.52 6.99 3.82
CA VAL I 394 -47.33 7.51 4.46
C VAL I 394 -47.63 8.79 5.27
N ASP I 395 -46.75 9.13 6.21
CA ASP I 395 -46.91 10.35 7.02
C ASP I 395 -46.26 11.54 6.35
N TYR I 396 -45.07 11.33 5.77
CA TYR I 396 -44.35 12.39 5.10
C TYR I 396 -43.91 12.05 3.69
N ILE I 397 -44.15 12.98 2.77
CA ILE I 397 -43.59 12.89 1.43
C ILE I 397 -42.62 14.04 1.20
N VAL I 398 -41.34 13.71 1.01
CA VAL I 398 -40.37 14.73 0.67
C VAL I 398 -39.78 14.39 -0.68
N ASP I 399 -39.95 15.28 -1.66
CA ASP I 399 -39.32 15.07 -2.96
C ASP I 399 -38.14 16.03 -3.10
N ILE I 400 -37.13 15.60 -3.83
CA ILE I 400 -35.96 16.45 -4.04
C ILE I 400 -35.60 16.38 -5.52
N ALA I 401 -35.40 17.54 -6.15
CA ALA I 401 -35.32 17.60 -7.59
C ALA I 401 -34.55 18.80 -8.17
N THR I 402 -33.81 18.54 -9.25
CA THR I 402 -33.23 19.59 -10.05
C THR I 402 -34.28 20.09 -11.04
N LEU I 403 -35.25 20.84 -10.52
CA LEU I 403 -36.49 21.11 -11.26
C LEU I 403 -36.48 22.37 -12.12
N THR I 404 -36.11 23.51 -11.51
CA THR I 404 -36.23 24.78 -12.22
C THR I 404 -34.92 25.57 -12.16
N GLY I 405 -34.45 26.02 -13.33
CA GLY I 405 -33.22 26.79 -13.40
C GLY I 405 -33.30 28.14 -12.70
N ALA I 406 -34.54 28.56 -12.41
CA ALA I 406 -34.78 29.84 -11.73
C ALA I 406 -34.13 29.88 -10.36
N MET I 407 -33.85 28.73 -9.78
CA MET I 407 -33.21 28.66 -8.47
C MET I 407 -31.84 29.33 -8.44
N LEU I 408 -31.13 29.33 -9.56
CA LEU I 408 -29.84 30.02 -9.65
C LEU I 408 -30.00 31.53 -9.44
N TYR I 409 -31.18 32.04 -9.82
CA TYR I 409 -31.47 33.46 -9.69
C TYR I 409 -32.05 33.83 -8.32
N SER I 410 -32.67 32.86 -7.65
CA SER I 410 -33.33 33.13 -6.38
C SER I 410 -32.38 32.94 -5.20
N LEU I 411 -31.85 31.73 -5.05
CA LEU I 411 -30.98 31.44 -3.91
C LEU I 411 -29.53 31.21 -4.34
N GLY I 412 -29.33 30.86 -5.60
CA GLY I 412 -27.99 30.68 -6.13
C GLY I 412 -27.46 29.26 -6.03
N THR I 413 -26.15 29.12 -5.85
CA THR I 413 -25.50 27.81 -5.92
C THR I 413 -25.22 27.26 -4.53
N SER I 414 -25.54 28.03 -3.49
CA SER I 414 -25.23 27.61 -2.14
C SER I 414 -26.45 27.11 -1.38
N TYR I 415 -27.57 27.81 -1.51
CA TYR I 415 -28.78 27.47 -0.78
C TYR I 415 -29.84 26.83 -1.67
N ALA I 416 -30.41 25.72 -1.23
CA ALA I 416 -31.54 25.15 -1.93
C ALA I 416 -32.83 25.74 -1.38
N GLY I 417 -33.90 25.69 -2.16
CA GLY I 417 -35.19 26.18 -1.70
C GLY I 417 -36.07 25.03 -1.29
N VAL I 418 -36.84 25.19 -0.22
CA VAL I 418 -37.80 24.17 0.19
C VAL I 418 -39.21 24.77 0.20
N PHE I 419 -40.15 24.03 -0.39
CA PHE I 419 -41.55 24.41 -0.44
C PHE I 419 -42.37 23.32 0.23
N GLY I 420 -43.60 23.62 0.64
CA GLY I 420 -44.42 22.61 1.27
C GLY I 420 -45.86 23.01 1.60
N ASN I 421 -46.65 22.02 2.01
CA ASN I 421 -48.04 22.24 2.39
C ASN I 421 -48.25 22.04 3.89
N ASN I 422 -47.16 21.89 4.62
CA ASN I 422 -47.21 21.57 6.04
C ASN I 422 -46.04 22.25 6.75
N GLU I 423 -46.33 23.14 7.69
CA GLU I 423 -45.29 23.93 8.34
C GLU I 423 -44.38 23.09 9.23
N GLU I 424 -44.93 22.06 9.85
CA GLU I 424 -44.15 21.21 10.72
C GLU I 424 -43.11 20.45 9.90
N LEU I 425 -43.54 19.92 8.76
CA LEU I 425 -42.64 19.17 7.89
C LEU I 425 -41.55 20.05 7.31
N ILE I 426 -41.90 21.25 6.89
CA ILE I 426 -40.92 22.20 6.39
C ILE I 426 -39.87 22.48 7.47
N ASN I 427 -40.35 22.67 8.71
CA ASN I 427 -39.49 22.95 9.84
C ASN I 427 -38.50 21.84 10.19
N LYS I 428 -38.95 20.59 10.10
CA LYS I 428 -38.08 19.45 10.38
C LYS I 428 -36.94 19.38 9.38
N ILE I 429 -37.25 19.69 8.12
CA ILE I 429 -36.26 19.76 7.07
C ILE I 429 -35.25 20.90 7.32
N LEU I 430 -35.73 22.05 7.80
CA LEU I 430 -34.85 23.17 8.12
C LEU I 430 -33.91 22.75 9.24
N GLN I 431 -34.44 21.99 10.20
CA GLN I 431 -33.64 21.44 11.28
C GLN I 431 -32.60 20.46 10.74
N SER I 432 -33.01 19.68 9.76
CA SER I 432 -32.09 18.76 9.11
C SER I 432 -31.05 19.55 8.31
N SER I 433 -31.46 20.71 7.81
CA SER I 433 -30.55 21.61 7.10
C SER I 433 -29.48 22.15 8.03
N LYS I 434 -29.88 22.46 9.26
CA LYS I 434 -28.96 22.98 10.25
C LYS I 434 -27.93 21.94 10.72
N THR I 435 -28.41 20.73 10.99
CA THR I 435 -27.73 19.51 11.44
C THR I 435 -26.74 18.89 10.50
N SER I 436 -27.09 18.97 9.26
CA SER I 436 -26.31 18.34 8.20
C SER I 436 -25.37 19.35 7.56
N ASN I 437 -25.63 20.63 7.82
CA ASN I 437 -24.90 21.74 7.22
C ASN I 437 -24.93 21.75 5.70
N GLU I 438 -26.03 21.24 5.16
CA GLU I 438 -26.35 21.43 3.76
C GLU I 438 -27.48 22.45 3.76
N PRO I 439 -27.14 23.72 3.48
CA PRO I 439 -28.06 24.86 3.67
C PRO I 439 -29.32 24.80 2.82
N VAL I 440 -30.44 25.05 3.48
CA VAL I 440 -31.74 25.07 2.83
C VAL I 440 -32.49 26.32 3.31
N TRP I 441 -33.19 26.97 2.38
CA TRP I 441 -33.97 28.15 2.74
C TRP I 441 -35.43 27.95 2.35
N TRP I 442 -36.33 28.39 3.22
CA TRP I 442 -37.75 28.20 3.00
C TRP I 442 -38.29 29.23 2.02
N LEU I 443 -38.87 28.76 0.92
CA LEU I 443 -39.47 29.65 -0.06
C LEU I 443 -40.97 29.37 -0.12
N PRO I 444 -41.78 30.40 -0.45
CA PRO I 444 -43.24 30.26 -0.34
C PRO I 444 -43.93 29.65 -1.56
N ILE I 445 -44.99 28.87 -1.32
CA ILE I 445 -45.90 28.48 -2.38
C ILE I 445 -47.05 29.48 -2.38
N ILE I 446 -47.01 30.40 -3.34
CA ILE I 446 -47.96 31.52 -3.39
C ILE I 446 -49.22 31.13 -4.17
N ASN I 447 -50.31 30.93 -3.44
CA ASN I 447 -51.56 30.42 -4.02
C ASN I 447 -52.15 31.29 -5.12
N GLU I 448 -51.80 32.58 -5.10
CA GLU I 448 -52.34 33.55 -6.06
C GLU I 448 -51.96 33.22 -7.50
N TYR I 449 -50.87 32.47 -7.66
CA TYR I 449 -50.35 32.13 -8.98
C TYR I 449 -51.01 30.88 -9.57
N ARG I 450 -51.85 30.22 -8.77
CA ARG I 450 -52.49 28.97 -9.18
C ARG I 450 -53.35 29.15 -10.43
N ALA I 451 -53.98 30.32 -10.59
CA ALA I 451 -54.89 30.55 -11.71
C ALA I 451 -54.16 30.52 -13.05
N THR I 452 -52.84 30.74 -13.03
CA THR I 452 -52.05 30.72 -14.25
C THR I 452 -51.85 29.29 -14.78
N LEU I 453 -52.24 28.31 -13.97
CA LEU I 453 -52.15 26.91 -14.34
C LEU I 453 -53.51 26.35 -14.79
N ASN I 454 -54.50 27.24 -14.87
CA ASN I 454 -55.83 26.88 -15.35
C ASN I 454 -55.86 26.67 -16.87
N SER I 455 -56.01 25.41 -17.28
CA SER I 455 -56.08 25.08 -18.71
C SER I 455 -57.48 25.29 -19.26
N LYS I 456 -57.57 25.65 -20.53
CA LYS I 456 -58.86 25.84 -21.19
C LYS I 456 -59.54 24.50 -21.48
N TYR I 457 -58.73 23.47 -21.69
CA TYR I 457 -59.25 22.18 -22.12
C TYR I 457 -58.94 21.08 -21.12
N ALA I 458 -57.74 21.13 -20.53
CA ALA I 458 -57.37 20.12 -19.54
C ALA I 458 -57.76 20.61 -18.15
N ASP I 459 -57.63 19.71 -17.17
CA ASP I 459 -57.90 20.07 -15.78
C ASP I 459 -56.92 21.13 -15.30
N ILE I 460 -55.69 21.04 -15.78
CA ILE I 460 -54.64 21.93 -15.30
C ILE I 460 -53.54 22.09 -16.35
N ASN I 461 -52.89 23.24 -16.36
CA ASN I 461 -51.73 23.46 -17.19
C ASN I 461 -50.45 22.92 -16.54
N GLN I 462 -49.50 22.50 -17.37
CA GLN I 462 -48.20 22.05 -16.89
C GLN I 462 -47.36 23.24 -16.47
N ILE I 463 -47.42 24.29 -17.29
CA ILE I 463 -46.69 25.51 -17.02
C ILE I 463 -47.59 26.71 -17.03
N SER I 464 -47.04 27.79 -16.51
CA SER I 464 -47.66 29.05 -16.64
C SER I 464 -47.21 29.61 -17.98
N SER I 465 -47.85 30.66 -18.46
CA SER I 465 -47.42 31.25 -19.72
C SER I 465 -46.80 32.57 -19.36
N SER I 466 -47.13 32.99 -18.15
CA SER I 466 -46.99 34.35 -17.67
C SER I 466 -45.81 34.54 -16.72
N VAL I 467 -46.12 35.24 -15.63
CA VAL I 467 -45.64 34.90 -14.31
C VAL I 467 -44.29 34.18 -14.27
N LYS I 468 -43.15 34.85 -14.39
CA LYS I 468 -41.92 34.10 -14.38
C LYS I 468 -41.43 33.41 -13.07
N ALA I 469 -42.21 33.47 -11.99
CA ALA I 469 -41.83 32.79 -10.74
C ALA I 469 -41.97 31.27 -10.86
N SER I 470 -41.16 30.70 -11.74
CA SER I 470 -41.30 29.31 -12.18
C SER I 470 -41.09 28.31 -11.04
N SER I 471 -40.23 28.65 -10.09
CA SER I 471 -39.96 27.74 -8.97
C SER I 471 -41.21 27.60 -8.10
N ILE I 472 -41.95 28.70 -7.96
CA ILE I 472 -43.17 28.71 -7.16
C ILE I 472 -44.32 28.04 -7.92
N VAL I 473 -44.38 28.30 -9.23
CA VAL I 473 -45.41 27.71 -10.09
C VAL I 473 -45.30 26.19 -10.15
N ALA I 474 -44.07 25.69 -10.21
CA ALA I 474 -43.83 24.25 -10.24
C ALA I 474 -44.28 23.61 -8.93
N SER I 475 -44.09 24.33 -7.83
CA SER I 475 -44.55 23.84 -6.53
C SER I 475 -46.07 23.80 -6.46
N LEU I 476 -46.72 24.79 -7.07
CA LEU I 476 -48.17 24.83 -7.15
C LEU I 476 -48.70 23.65 -7.95
N PHE I 477 -48.00 23.30 -9.03
CA PHE I 477 -48.34 22.13 -9.84
C PHE I 477 -48.27 20.87 -9.01
N LEU I 478 -47.13 20.64 -8.36
CA LEU I 478 -46.91 19.41 -7.62
C LEU I 478 -47.89 19.22 -6.47
N LYS I 479 -48.21 20.32 -5.80
CA LYS I 479 -49.14 20.26 -4.67
C LYS I 479 -50.48 19.67 -5.08
N GLU I 480 -50.80 19.81 -6.36
CA GLU I 480 -52.07 19.34 -6.89
C GLU I 480 -52.13 17.81 -6.92
N PHE I 481 -51.00 17.16 -6.68
CA PHE I 481 -50.93 15.70 -6.73
C PHE I 481 -50.64 15.10 -5.37
N VAL I 482 -50.80 15.91 -4.32
CA VAL I 482 -50.80 15.44 -2.94
C VAL I 482 -52.08 15.93 -2.28
N GLN I 483 -53.00 15.02 -1.99
CA GLN I 483 -54.33 15.39 -1.52
C GLN I 483 -54.44 15.58 0.00
N ASN I 484 -53.98 14.60 0.77
CA ASN I 484 -54.17 14.60 2.23
C ASN I 484 -52.95 14.07 3.00
N THR I 485 -51.76 14.51 2.59
CA THR I 485 -50.53 14.09 3.23
C THR I 485 -49.56 15.26 3.40
N ALA I 486 -48.85 15.28 4.53
CA ALA I 486 -47.78 16.25 4.72
C ALA I 486 -46.70 16.07 3.66
N TRP I 487 -46.41 17.15 2.93
CA TRP I 487 -45.47 17.05 1.80
C TRP I 487 -44.56 18.27 1.70
N ALA I 488 -43.30 18.03 1.36
CA ALA I 488 -42.33 19.10 1.14
C ALA I 488 -41.51 18.86 -0.13
N HIS I 489 -41.09 19.96 -0.77
CA HIS I 489 -40.40 19.89 -2.06
C HIS I 489 -39.11 20.70 -2.03
N ILE I 490 -38.00 20.02 -2.25
CA ILE I 490 -36.69 20.66 -2.20
C ILE I 490 -36.14 20.84 -3.61
N ASP I 491 -36.05 22.09 -4.05
CA ASP I 491 -35.56 22.39 -5.38
C ASP I 491 -34.05 22.61 -5.33
N ILE I 492 -33.28 21.64 -5.85
CA ILE I 492 -31.82 21.69 -5.76
C ILE I 492 -31.17 21.95 -7.12
N ALA I 493 -31.91 22.58 -8.03
CA ALA I 493 -31.40 22.83 -9.38
C ALA I 493 -30.17 23.74 -9.39
N GLY I 494 -30.11 24.64 -8.42
CA GLY I 494 -29.00 25.59 -8.36
C GLY I 494 -27.79 25.09 -7.61
N VAL I 495 -28.01 24.18 -6.67
CA VAL I 495 -26.96 23.76 -5.76
C VAL I 495 -26.35 22.40 -6.11
N SER I 496 -26.95 21.70 -7.08
CA SER I 496 -26.54 20.33 -7.37
C SER I 496 -25.12 20.23 -7.93
N TRP I 497 -24.79 21.11 -8.87
CA TRP I 497 -23.49 21.03 -9.53
C TRP I 497 -22.52 22.07 -8.99
N ASN I 498 -21.30 21.63 -8.68
CA ASN I 498 -20.26 22.57 -8.28
C ASN I 498 -19.52 23.05 -9.53
N PHE I 499 -19.88 24.25 -9.99
CA PHE I 499 -19.36 24.78 -11.25
C PHE I 499 -17.86 25.07 -11.18
N LYS I 500 -17.41 25.60 -10.04
CA LYS I 500 -15.99 25.90 -9.88
C LYS I 500 -15.18 24.61 -9.85
N ALA I 501 -15.66 23.61 -9.12
CA ALA I 501 -14.93 22.36 -8.98
C ALA I 501 -15.26 21.41 -10.13
N ARG I 502 -16.23 21.81 -10.96
CA ARG I 502 -16.64 21.05 -12.15
C ARG I 502 -17.01 19.60 -11.82
N LYS I 503 -17.72 19.42 -10.70
CA LYS I 503 -18.12 18.11 -10.24
C LYS I 503 -19.43 18.19 -9.43
N PRO I 504 -20.10 17.05 -9.21
CA PRO I 504 -21.31 17.10 -8.39
C PRO I 504 -21.01 17.33 -6.91
N LYS I 505 -22.03 17.70 -6.15
CA LYS I 505 -21.88 17.87 -4.71
C LYS I 505 -22.45 16.68 -3.96
N GLY I 506 -23.36 15.95 -4.60
CA GLY I 506 -24.08 14.89 -3.92
C GLY I 506 -25.02 15.49 -2.90
N PHE I 507 -25.54 16.69 -3.19
CA PHE I 507 -26.39 17.43 -2.28
C PHE I 507 -27.66 16.66 -1.94
N GLY I 508 -28.01 16.64 -0.65
CA GLY I 508 -29.25 16.05 -0.22
C GLY I 508 -29.10 14.78 0.60
N VAL I 509 -28.04 14.03 0.36
CA VAL I 509 -27.84 12.75 1.05
C VAL I 509 -27.80 12.95 2.55
N ARG I 510 -26.99 13.89 3.01
CA ARG I 510 -26.86 14.16 4.44
C ARG I 510 -28.11 14.84 4.98
N LEU I 511 -28.70 15.73 4.18
CA LEU I 511 -29.90 16.44 4.57
C LEU I 511 -31.03 15.46 4.89
N LEU I 512 -31.28 14.55 3.95
CA LEU I 512 -32.36 13.58 4.09
C LEU I 512 -32.13 12.53 5.20
N THR I 513 -30.88 12.09 5.37
CA THR I 513 -30.57 11.07 6.38
C THR I 513 -30.76 11.66 7.78
N GLU I 514 -30.32 12.91 7.97
CA GLU I 514 -30.54 13.60 9.22
C GLU I 514 -32.03 13.73 9.49
N PHE I 515 -32.81 13.86 8.42
CA PHE I 515 -34.25 14.00 8.52
C PHE I 515 -34.95 12.73 8.99
N VAL I 516 -34.53 11.57 8.48
CA VAL I 516 -35.17 10.31 8.87
C VAL I 516 -34.78 9.91 10.30
N LEU I 517 -33.58 10.27 10.67
CA LEU I 517 -33.07 9.93 11.95
C LEU I 517 -33.31 11.01 12.96
N ASN I 518 -34.53 11.50 13.09
CA ASN I 518 -34.80 12.53 14.07
C ASN I 518 -36.14 13.12 14.12
N ASP I 519 -36.45 13.87 13.07
CA ASP I 519 -37.68 14.61 12.93
C ASP I 519 -38.84 13.95 12.14
N ALA J 1 -37.66 75.01 -3.67
CA ALA J 1 -38.29 75.18 -4.98
C ALA J 1 -37.27 75.52 -6.05
N SER J 2 -36.98 74.57 -6.93
CA SER J 2 -36.16 74.98 -8.06
C SER J 2 -36.88 74.72 -9.37
N GLU J 3 -36.49 75.52 -10.35
CA GLU J 3 -37.13 75.57 -11.66
C GLU J 3 -36.74 74.40 -12.55
N VAL J 4 -37.76 73.72 -13.06
CA VAL J 4 -37.56 72.58 -13.93
C VAL J 4 -37.11 73.04 -15.30
N PRO J 5 -35.93 72.57 -15.75
CA PRO J 5 -35.38 72.92 -17.06
C PRO J 5 -36.21 72.33 -18.18
N GLN J 6 -36.28 73.03 -19.30
CA GLN J 6 -37.06 72.57 -20.44
C GLN J 6 -36.21 72.49 -21.69
N VAL J 7 -36.58 71.60 -22.60
CA VAL J 7 -35.98 71.58 -23.93
C VAL J 7 -36.81 72.43 -24.89
N VAL J 8 -38.13 72.26 -24.83
CA VAL J 8 -39.06 73.13 -25.56
C VAL J 8 -40.06 73.73 -24.58
N SER J 9 -40.77 74.76 -25.02
CA SER J 9 -41.71 75.47 -24.14
C SER J 9 -42.88 74.58 -23.72
N LEU J 10 -43.09 73.49 -24.46
CA LEU J 10 -44.20 72.59 -24.21
C LEU J 10 -43.88 71.51 -23.18
N ASP J 11 -42.65 71.52 -22.67
CA ASP J 11 -42.24 70.55 -21.64
C ASP J 11 -42.86 70.88 -20.29
N PRO J 12 -43.53 69.90 -19.67
CA PRO J 12 -44.17 70.13 -18.36
C PRO J 12 -43.15 70.47 -17.27
N THR J 13 -43.54 71.36 -16.36
CA THR J 13 -42.63 71.85 -15.34
C THR J 13 -43.03 71.41 -13.95
N SER J 14 -44.05 70.55 -13.87
CA SER J 14 -44.49 70.02 -12.58
C SER J 14 -45.29 68.73 -12.72
N ILE J 15 -45.35 67.96 -11.64
CA ILE J 15 -46.22 66.80 -11.57
C ILE J 15 -47.61 67.23 -11.13
N PRO J 16 -48.63 66.97 -11.96
CA PRO J 16 -50.00 67.23 -11.50
C PRO J 16 -50.41 66.23 -10.42
N ILE J 17 -50.96 66.71 -9.32
CA ILE J 17 -51.41 65.84 -8.24
C ILE J 17 -52.84 66.17 -7.78
N GLU J 18 -53.67 65.14 -7.69
CA GLU J 18 -55.02 65.27 -7.12
C GLU J 18 -54.99 65.07 -5.61
N TYR J 19 -55.31 66.11 -4.87
CA TYR J 19 -55.36 66.00 -3.41
C TYR J 19 -56.76 65.64 -2.91
N ASN J 20 -57.75 66.41 -3.31
CA ASN J 20 -59.14 66.13 -2.95
C ASN J 20 -59.83 65.20 -3.95
N THR J 21 -59.84 63.92 -3.63
CA THR J 21 -60.43 62.90 -4.48
C THR J 21 -61.88 62.64 -4.06
N PRO J 22 -62.71 62.10 -4.98
CA PRO J 22 -64.10 61.72 -4.66
C PRO J 22 -64.24 60.80 -3.44
N ILE J 23 -63.19 60.06 -3.10
CA ILE J 23 -63.21 59.22 -1.90
C ILE J 23 -63.40 60.04 -0.63
N HIS J 24 -62.78 61.22 -0.60
CA HIS J 24 -62.86 62.09 0.57
C HIS J 24 -64.27 62.65 0.77
N ASP J 25 -65.10 62.55 -0.26
CA ASP J 25 -66.49 63.01 -0.19
C ASP J 25 -67.45 61.89 0.21
N ILE J 26 -66.94 60.66 0.30
CA ILE J 26 -67.79 59.52 0.62
C ILE J 26 -68.06 59.33 2.11
N LYS J 27 -69.33 59.46 2.50
CA LYS J 27 -69.56 59.16 3.93
C LYS J 27 -69.90 57.70 4.14
N VAL J 28 -69.18 57.23 5.15
CA VAL J 28 -69.15 55.81 5.46
C VAL J 28 -69.79 55.50 6.81
N GLN J 29 -70.82 54.66 6.81
CA GLN J 29 -71.43 54.18 8.05
C GLN J 29 -71.43 52.64 8.11
N VAL J 30 -71.12 52.10 9.28
CA VAL J 30 -71.09 50.65 9.45
C VAL J 30 -72.13 50.18 10.48
N TYR J 31 -72.94 49.19 10.09
CA TYR J 31 -73.97 48.67 10.98
C TYR J 31 -73.73 47.19 11.29
N ASP J 32 -74.32 46.70 12.37
CA ASP J 32 -74.18 45.28 12.70
C ASP J 32 -75.21 44.48 11.93
N ILE J 33 -74.76 43.37 11.37
CA ILE J 33 -75.60 42.53 10.52
C ILE J 33 -76.75 41.85 11.26
N LYS J 34 -76.58 41.62 12.56
CA LYS J 34 -77.58 40.86 13.32
C LYS J 34 -78.92 41.60 13.42
N GLY J 35 -78.93 42.88 13.07
CA GLY J 35 -80.14 43.68 13.15
C GLY J 35 -80.94 43.71 11.86
N GLY J 36 -80.43 43.06 10.82
CA GLY J 36 -81.08 43.04 9.52
C GLY J 36 -80.60 44.19 8.65
N CYS J 37 -80.82 44.05 7.35
CA CYS J 37 -80.35 45.03 6.37
C CYS J 37 -81.47 45.88 5.79
N ASN J 38 -81.21 47.18 5.67
CA ASN J 38 -82.14 48.02 4.95
C ASN J 38 -81.64 48.22 3.53
N VAL J 39 -82.54 47.96 2.57
CA VAL J 39 -82.20 48.06 1.16
C VAL J 39 -83.09 49.12 0.51
N GLU J 40 -83.19 50.25 1.20
CA GLU J 40 -83.85 51.45 0.69
C GLU J 40 -83.18 52.02 -0.56
N GLU J 41 -82.03 52.66 -0.37
CA GLU J 41 -81.33 53.40 -1.41
C GLU J 41 -80.20 52.59 -2.09
N GLY J 42 -79.75 53.07 -3.24
CA GLY J 42 -78.51 52.61 -3.85
C GLY J 42 -78.38 51.19 -4.38
N LEU J 43 -77.14 50.70 -4.33
CA LEU J 43 -76.76 49.36 -4.78
C LEU J 43 -76.30 48.54 -3.58
N THR J 44 -76.89 47.35 -3.42
CA THR J 44 -76.54 46.47 -2.31
C THR J 44 -75.94 45.15 -2.79
N ILE J 45 -74.71 44.87 -2.38
CA ILE J 45 -74.02 43.65 -2.78
C ILE J 45 -73.76 42.76 -1.57
N PHE J 46 -74.11 41.49 -1.70
CA PHE J 46 -73.85 40.51 -0.64
C PHE J 46 -72.56 39.75 -0.92
N LEU J 47 -71.66 39.73 0.05
CA LEU J 47 -70.45 38.92 -0.06
C LEU J 47 -70.75 37.55 0.51
N VAL J 48 -70.85 36.58 -0.38
CA VAL J 48 -71.34 35.25 -0.04
C VAL J 48 -70.34 34.15 -0.34
N ASN J 49 -70.28 33.15 0.52
CA ASN J 49 -69.48 31.98 0.23
C ASN J 49 -70.29 30.71 0.40
N ASN J 50 -69.61 29.58 0.27
CA ASN J 50 -70.19 28.29 0.50
C ASN J 50 -69.06 27.32 0.84
N PRO J 51 -68.69 27.25 2.13
CA PRO J 51 -67.59 26.42 2.62
C PRO J 51 -67.79 24.94 2.35
N GLY J 52 -66.94 24.33 1.52
CA GLY J 52 -67.07 22.91 1.23
C GLY J 52 -68.30 22.89 0.35
N LYS J 53 -68.06 22.68 -0.95
CA LYS J 53 -69.03 22.72 -2.05
C LYS J 53 -68.40 23.74 -2.96
N GLU J 54 -67.61 23.27 -3.91
CA GLU J 54 -66.92 24.22 -4.75
C GLU J 54 -67.93 24.63 -5.81
N ASN J 55 -67.68 25.76 -6.45
CA ASN J 55 -68.71 26.57 -7.11
C ASN J 55 -70.17 26.30 -6.69
N GLY J 56 -70.43 26.25 -5.38
CA GLY J 56 -71.74 25.88 -4.90
C GLY J 56 -72.71 27.04 -4.97
N PRO J 57 -74.00 26.78 -4.72
CA PRO J 57 -75.00 27.84 -4.85
C PRO J 57 -74.88 28.93 -3.80
N VAL J 58 -75.39 30.10 -4.15
CA VAL J 58 -75.44 31.25 -3.26
C VAL J 58 -76.65 31.15 -2.36
N LYS J 59 -76.45 31.45 -1.08
CA LYS J 59 -77.57 31.50 -0.15
C LYS J 59 -77.41 32.73 0.73
N ILE J 60 -78.35 33.65 0.61
CA ILE J 60 -78.38 34.85 1.45
C ILE J 60 -79.15 34.53 2.72
N SER J 61 -78.68 35.01 3.87
CA SER J 61 -79.35 34.63 5.10
C SER J 61 -79.54 35.84 5.98
N SER J 62 -79.73 37.00 5.37
CA SER J 62 -79.88 38.20 6.16
C SER J 62 -81.24 38.77 5.86
N LYS J 63 -81.91 39.13 6.93
CA LYS J 63 -83.20 39.63 6.54
C LYS J 63 -83.10 41.10 6.18
N VAL J 64 -83.91 41.33 5.16
CA VAL J 64 -83.98 42.62 4.51
C VAL J 64 -85.37 43.21 4.77
N ASN J 65 -85.40 44.38 5.38
CA ASN J 65 -86.66 45.02 5.74
C ASN J 65 -87.36 45.59 4.51
N ASP J 66 -87.55 44.72 3.52
CA ASP J 66 -88.23 45.08 2.27
C ASP J 66 -88.76 43.79 1.65
N LYS J 67 -90.06 43.72 1.44
CA LYS J 67 -90.71 42.48 0.99
C LYS J 67 -90.25 42.06 -0.41
N GLN J 68 -90.10 43.03 -1.30
CA GLN J 68 -89.76 42.74 -2.68
C GLN J 68 -88.36 42.21 -2.86
N VAL J 69 -87.42 42.81 -2.15
CA VAL J 69 -86.05 42.43 -2.27
C VAL J 69 -85.89 41.13 -1.50
N SER J 70 -86.84 40.88 -0.61
CA SER J 70 -86.88 39.63 0.14
C SER J 70 -87.25 38.48 -0.78
N GLU J 71 -88.18 38.75 -1.68
CA GLU J 71 -88.60 37.76 -2.65
C GLU J 71 -87.51 37.54 -3.69
N PHE J 72 -86.77 38.57 -4.04
CA PHE J 72 -85.64 38.38 -4.92
C PHE J 72 -84.59 37.50 -4.28
N LEU J 73 -84.34 37.68 -2.98
CA LEU J 73 -83.22 36.99 -2.35
C LEU J 73 -83.42 35.60 -1.74
N LYS J 74 -84.66 35.10 -1.78
CA LYS J 74 -84.98 33.76 -1.27
C LYS J 74 -84.26 32.68 -2.07
N ASP J 75 -84.07 31.51 -1.46
CA ASP J 75 -83.25 30.46 -2.08
C ASP J 75 -83.54 29.94 -3.48
N GLU J 76 -84.83 29.85 -3.84
CA GLU J 76 -85.22 29.35 -5.15
C GLU J 76 -84.60 30.21 -6.24
N ASN J 77 -84.55 31.51 -6.00
CA ASN J 77 -83.95 32.41 -6.96
C ASN J 77 -82.43 32.49 -6.91
N MET J 78 -81.83 32.42 -5.73
CA MET J 78 -80.39 32.67 -5.69
C MET J 78 -79.58 31.40 -5.95
N GLU J 79 -80.20 30.23 -5.82
CA GLU J 79 -79.47 28.98 -6.06
C GLU J 79 -79.12 28.88 -7.54
N LYS J 80 -79.72 29.75 -8.34
CA LYS J 80 -79.44 29.80 -9.76
C LYS J 80 -78.03 30.37 -10.01
N PHE J 81 -77.42 30.94 -8.97
CA PHE J 81 -76.08 31.49 -9.03
C PHE J 81 -75.08 30.71 -8.17
N ASN J 82 -73.80 30.79 -8.51
CA ASN J 82 -72.78 30.10 -7.73
C ASN J 82 -71.75 31.06 -7.15
N VAL J 83 -70.99 30.57 -6.17
CA VAL J 83 -70.09 31.42 -5.38
C VAL J 83 -68.64 31.38 -5.84
N LYS J 84 -68.40 30.87 -7.05
CA LYS J 84 -67.05 30.81 -7.62
C LYS J 84 -66.40 32.17 -7.44
N LEU J 85 -65.19 32.17 -6.92
CA LEU J 85 -64.50 33.40 -6.51
C LEU J 85 -64.42 34.45 -7.61
N GLY J 86 -65.09 35.58 -7.36
CA GLY J 86 -65.08 36.72 -8.26
C GLY J 86 -66.33 36.83 -9.12
N THR J 87 -67.10 35.75 -9.23
CA THR J 87 -68.31 35.76 -10.05
C THR J 87 -69.35 36.66 -9.38
N SER J 88 -70.12 37.38 -10.18
CA SER J 88 -71.08 38.32 -9.64
C SER J 88 -72.31 38.51 -10.53
N LYS J 89 -73.45 38.85 -9.92
CA LYS J 89 -74.64 39.16 -10.68
C LYS J 89 -75.34 40.28 -9.93
N HIS J 90 -75.83 41.31 -10.62
CA HIS J 90 -76.67 42.31 -9.95
C HIS J 90 -77.88 42.66 -10.82
N PHE J 91 -79.02 42.85 -10.18
CA PHE J 91 -80.28 43.11 -10.86
C PHE J 91 -80.89 44.44 -10.41
N TYR J 92 -81.62 45.10 -11.32
CA TYR J 92 -82.34 46.33 -11.02
C TYR J 92 -83.83 46.05 -10.84
N MET J 93 -84.41 46.68 -9.80
CA MET J 93 -85.81 46.48 -9.46
C MET J 93 -86.36 47.67 -8.67
N PHE J 94 -87.65 47.66 -8.39
CA PHE J 94 -88.31 48.67 -7.60
C PHE J 94 -88.52 48.09 -6.24
N ASN J 95 -88.36 48.89 -5.20
CA ASN J 95 -88.57 48.37 -3.83
C ASN J 95 -89.99 48.59 -3.32
N ASP J 96 -90.18 48.44 -2.00
CA ASP J 96 -91.52 48.58 -1.43
C ASP J 96 -92.02 50.01 -1.61
N ASN J 97 -91.09 50.97 -1.66
CA ASN J 97 -91.48 52.37 -1.85
C ASN J 97 -91.50 52.78 -3.32
N LYS J 98 -91.49 51.80 -4.22
CA LYS J 98 -91.47 52.05 -5.67
C LYS J 98 -90.23 52.90 -5.95
N ASN J 99 -89.14 52.54 -5.29
CA ASN J 99 -87.96 53.25 -5.77
C ASN J 99 -86.96 52.28 -6.41
N SER J 100 -86.11 52.85 -7.27
CA SER J 100 -85.23 52.02 -8.10
C SER J 100 -84.01 51.66 -7.27
N VAL J 101 -83.83 50.37 -7.02
CA VAL J 101 -82.66 49.87 -6.31
C VAL J 101 -81.98 48.79 -7.12
N ALA J 102 -80.70 48.57 -6.85
CA ALA J 102 -79.95 47.51 -7.49
C ALA J 102 -79.47 46.53 -6.44
N VAL J 103 -79.66 45.23 -6.69
CA VAL J 103 -79.29 44.22 -5.72
C VAL J 103 -78.48 43.12 -6.41
N GLY J 104 -77.53 42.56 -5.67
CA GLY J 104 -76.70 41.49 -6.19
C GLY J 104 -75.77 40.87 -5.16
N TYR J 105 -74.82 40.08 -5.65
CA TYR J 105 -73.84 39.42 -4.81
C TYR J 105 -72.49 39.33 -5.52
N VAL J 106 -71.43 39.10 -4.76
CA VAL J 106 -70.14 38.71 -5.32
C VAL J 106 -69.67 37.46 -4.58
N GLY J 107 -69.38 36.40 -5.34
CA GLY J 107 -68.94 35.14 -4.80
C GLY J 107 -67.55 35.21 -4.16
N CYS J 108 -67.43 34.63 -2.97
CA CYS J 108 -66.17 34.65 -2.23
C CYS J 108 -65.62 33.24 -2.04
N GLY J 109 -65.93 32.36 -3.00
CA GLY J 109 -65.38 31.01 -3.01
C GLY J 109 -65.94 30.08 -1.95
N SER J 110 -65.15 29.06 -1.61
CA SER J 110 -65.61 28.04 -0.67
C SER J 110 -64.70 27.90 0.55
N VAL J 111 -63.75 28.82 0.68
CA VAL J 111 -62.76 28.74 1.75
C VAL J 111 -62.89 29.85 2.81
N ALA J 112 -63.87 29.71 3.70
CA ALA J 112 -63.98 30.45 4.97
C ALA J 112 -63.02 31.64 5.17
N ASP J 113 -61.71 31.35 5.21
CA ASP J 113 -60.72 32.41 5.38
C ASP J 113 -60.17 32.94 4.06
N LEU J 114 -60.61 34.14 3.75
CA LEU J 114 -60.21 34.79 2.52
C LEU J 114 -58.82 35.37 2.65
N SER J 115 -58.01 35.12 1.63
CA SER J 115 -56.66 35.63 1.60
C SER J 115 -56.75 37.08 1.23
N GLU J 116 -55.59 37.69 1.13
CA GLU J 116 -55.46 39.07 0.71
C GLU J 116 -55.66 39.20 -0.82
N ALA J 117 -55.26 38.15 -1.53
CA ALA J 117 -55.39 38.06 -2.99
C ALA J 117 -56.84 37.84 -3.37
N ASP J 118 -57.50 37.03 -2.56
CA ASP J 118 -58.91 36.70 -2.76
C ASP J 118 -59.75 37.96 -2.59
N MET J 119 -59.41 38.76 -1.59
CA MET J 119 -60.10 40.01 -1.33
C MET J 119 -59.98 40.96 -2.51
N LYS J 120 -58.82 40.97 -3.16
CA LYS J 120 -58.61 41.79 -4.35
C LYS J 120 -59.58 41.40 -5.45
N ARG J 121 -59.76 40.09 -5.66
CA ARG J 121 -60.66 39.61 -6.70
C ARG J 121 -62.10 40.03 -6.40
N VAL J 122 -62.45 40.00 -5.12
CA VAL J 122 -63.78 40.43 -4.70
C VAL J 122 -64.01 41.92 -4.98
N VAL J 123 -63.04 42.74 -4.59
CA VAL J 123 -63.15 44.19 -4.77
C VAL J 123 -63.24 44.57 -6.26
N LEU J 124 -62.36 43.96 -7.06
CA LEU J 124 -62.33 44.21 -8.49
C LEU J 124 -63.70 43.89 -9.10
N SER J 125 -64.32 42.82 -8.60
CA SER J 125 -65.64 42.43 -9.04
C SER J 125 -66.66 43.51 -8.62
N LEU J 126 -66.47 44.07 -7.44
CA LEU J 126 -67.31 45.17 -6.97
C LEU J 126 -67.08 46.42 -7.81
N VAL J 127 -65.82 46.71 -8.09
CA VAL J 127 -65.45 47.92 -8.81
C VAL J 127 -65.99 47.91 -10.25
N THR J 128 -66.06 46.73 -10.85
CA THR J 128 -66.64 46.61 -12.18
C THR J 128 -68.11 47.04 -12.15
N MET J 129 -68.80 46.66 -11.08
CA MET J 129 -70.20 47.03 -10.92
C MET J 129 -70.35 48.51 -10.60
N LEU J 130 -69.34 49.06 -9.94
CA LEU J 130 -69.37 50.45 -9.53
C LEU J 130 -69.07 51.40 -10.69
N HIS J 131 -68.29 50.93 -11.65
CA HIS J 131 -67.91 51.72 -12.83
C HIS J 131 -69.01 51.78 -13.89
N ASP J 132 -70.03 50.94 -13.74
CA ASP J 132 -71.18 50.96 -14.65
C ASP J 132 -72.41 51.38 -13.84
N ASN J 133 -72.18 51.97 -12.70
CA ASN J 133 -73.28 52.34 -11.91
C ASN J 133 -73.28 53.77 -11.78
N LYS J 134 -74.45 54.36 -11.87
CA LYS J 134 -74.57 55.75 -11.65
C LYS J 134 -75.29 55.91 -10.31
N LEU J 135 -75.12 54.92 -9.45
CA LEU J 135 -75.67 54.89 -8.12
C LEU J 135 -75.11 55.98 -7.18
N SER J 136 -75.85 56.31 -6.13
CA SER J 136 -75.42 57.30 -5.14
C SER J 136 -75.01 56.67 -3.83
N LYS J 137 -75.31 55.40 -3.66
CA LYS J 137 -74.93 54.65 -2.50
C LYS J 137 -74.59 53.22 -2.77
N LEU J 138 -73.54 52.73 -2.15
CA LEU J 138 -73.18 51.32 -2.19
C LEU J 138 -73.23 50.72 -0.80
N THR J 139 -73.90 49.59 -0.66
CA THR J 139 -73.95 48.89 0.60
C THR J 139 -73.39 47.47 0.44
N VAL J 140 -72.45 47.08 1.30
CA VAL J 140 -71.85 45.77 1.19
C VAL J 140 -72.20 44.91 2.40
N VAL J 141 -72.75 43.74 2.14
CA VAL J 141 -73.14 42.84 3.22
C VAL J 141 -72.18 41.67 3.33
N PHE J 142 -71.49 41.61 4.47
CA PHE J 142 -70.49 40.57 4.71
C PHE J 142 -71.13 39.33 5.33
N GLU J 143 -71.47 38.36 4.49
CA GLU J 143 -71.97 37.10 5.03
C GLU J 143 -70.81 36.10 5.04
N ILE J 144 -69.60 36.64 5.25
CA ILE J 144 -68.36 35.88 5.39
C ILE J 144 -67.56 36.48 6.52
N ASN J 145 -66.56 35.78 7.03
CA ASN J 145 -65.79 36.46 8.04
C ASN J 145 -64.37 36.88 7.73
N VAL J 146 -64.15 38.15 8.07
CA VAL J 146 -62.90 38.85 7.93
C VAL J 146 -62.53 39.53 9.25
N ASP J 147 -61.24 39.53 9.57
CA ASP J 147 -60.78 40.23 10.76
C ASP J 147 -60.67 41.75 10.67
N LYS J 148 -60.10 42.36 11.69
CA LYS J 148 -60.25 43.80 11.49
C LYS J 148 -59.12 44.36 10.63
N ASN J 149 -58.00 43.70 10.37
CA ASN J 149 -57.12 44.09 9.29
C ASN J 149 -57.60 43.79 7.86
N LEU J 150 -58.28 42.66 7.69
CA LEU J 150 -58.75 42.26 6.38
C LEU J 150 -59.87 43.19 5.89
N PHE J 151 -60.68 43.67 6.83
CA PHE J 151 -61.76 44.61 6.52
C PHE J 151 -61.22 45.97 6.07
N ARG J 152 -60.20 46.46 6.75
CA ARG J 152 -59.57 47.71 6.38
C ARG J 152 -58.95 47.57 4.99
N PHE J 153 -58.31 46.43 4.74
CA PHE J 153 -57.74 46.15 3.44
C PHE J 153 -58.82 46.19 2.37
N PHE J 154 -60.00 45.68 2.71
CA PHE J 154 -61.13 45.76 1.80
C PHE J 154 -61.45 47.20 1.42
N LEU J 155 -61.58 48.06 2.42
CA LEU J 155 -61.90 49.46 2.18
C LEU J 155 -60.81 50.16 1.38
N GLU J 156 -59.56 49.99 1.82
CA GLU J 156 -58.41 50.56 1.11
C GLU J 156 -58.41 50.16 -0.35
N THR J 157 -58.58 48.86 -0.60
CA THR J 157 -58.55 48.35 -1.95
C THR J 157 -59.74 48.86 -2.74
N LEU J 158 -60.91 48.89 -2.10
CA LEU J 158 -62.10 49.42 -2.75
C LEU J 158 -61.92 50.87 -3.20
N PHE J 159 -61.51 51.75 -2.29
CA PHE J 159 -61.28 53.15 -2.65
C PHE J 159 -60.26 53.28 -3.77
N TYR J 160 -59.12 52.59 -3.62
CA TYR J 160 -58.01 52.72 -4.56
C TYR J 160 -58.35 52.22 -5.95
N GLU J 161 -58.99 51.05 -6.03
CA GLU J 161 -59.29 50.45 -7.32
C GLU J 161 -60.44 51.20 -7.98
N TYR J 162 -61.30 51.79 -7.15
CA TYR J 162 -62.47 52.55 -7.61
C TYR J 162 -62.05 53.88 -8.23
N MET J 163 -61.06 54.52 -7.62
CA MET J 163 -60.58 55.81 -8.08
C MET J 163 -59.90 55.69 -9.45
N THR J 164 -60.13 56.68 -10.32
CA THR J 164 -59.56 56.66 -11.66
C THR J 164 -58.66 57.86 -11.94
N ASP J 165 -57.45 57.58 -12.41
CA ASP J 165 -56.48 58.63 -12.68
C ASP J 165 -56.71 59.20 -14.06
N GLU J 166 -57.12 60.47 -14.11
CA GLU J 166 -57.46 61.13 -15.35
C GLU J 166 -56.63 62.39 -15.54
N ARG J 167 -55.51 62.48 -14.82
CA ARG J 167 -54.65 63.65 -14.87
C ARG J 167 -54.13 63.91 -16.28
N PHE J 168 -53.91 62.83 -17.03
CA PHE J 168 -53.30 62.94 -18.35
C PHE J 168 -54.27 62.68 -19.49
N LYS J 169 -55.55 62.59 -19.16
CA LYS J 169 -56.61 62.54 -20.17
C LYS J 169 -56.96 63.98 -20.55
N SER J 170 -57.47 64.18 -21.76
CA SER J 170 -57.88 65.53 -22.16
C SER J 170 -59.33 65.52 -22.59
N GLU J 178 -71.82 59.88 -11.20
CA GLU J 178 -70.39 59.91 -10.93
C GLU J 178 -70.02 58.95 -9.81
N TYR J 179 -69.28 59.45 -8.82
CA TYR J 179 -68.86 58.62 -7.69
C TYR J 179 -69.94 58.64 -6.61
N ILE J 180 -70.07 57.50 -5.93
CA ILE J 180 -71.01 57.38 -4.82
C ILE J 180 -70.68 58.37 -3.72
N LYS J 181 -71.69 58.77 -2.95
CA LYS J 181 -71.51 59.74 -1.88
C LYS J 181 -71.64 59.05 -0.52
N HIS J 182 -72.16 57.84 -0.54
CA HIS J 182 -72.36 57.06 0.67
C HIS J 182 -71.93 55.61 0.50
N LEU J 183 -71.32 55.07 1.54
CA LEU J 183 -70.96 53.66 1.56
C LEU J 183 -71.50 53.00 2.82
N GLY J 184 -72.33 51.98 2.64
CA GLY J 184 -72.90 51.25 3.76
C GLY J 184 -72.22 49.90 3.96
N VAL J 185 -72.00 49.52 5.21
CA VAL J 185 -71.38 48.24 5.53
C VAL J 185 -72.16 47.46 6.59
N TYR J 186 -72.59 46.25 6.24
CA TYR J 186 -73.19 45.35 7.23
C TYR J 186 -72.23 44.22 7.57
N ILE J 187 -71.85 44.14 8.84
CA ILE J 187 -70.90 43.15 9.29
C ILE J 187 -71.13 42.85 10.77
N ASN J 188 -70.64 41.70 11.22
CA ASN J 188 -70.81 41.33 12.61
C ASN J 188 -69.75 42.05 13.44
N ASN J 189 -70.09 42.40 14.68
CA ASN J 189 -69.22 43.21 15.54
C ASN J 189 -68.88 44.57 14.94
N ALA J 190 -69.89 45.28 14.47
CA ALA J 190 -69.69 46.51 13.73
C ALA J 190 -68.93 47.60 14.49
N ASP J 191 -69.23 47.80 15.76
CA ASP J 191 -68.55 48.92 16.43
C ASP J 191 -67.07 48.69 16.69
N THR J 192 -66.59 47.46 16.57
CA THR J 192 -65.16 47.25 16.66
C THR J 192 -64.49 47.62 15.33
N TYR J 193 -65.26 47.61 14.24
CA TYR J 193 -64.67 47.83 12.92
C TYR J 193 -64.66 49.30 12.50
N LYS J 194 -65.46 50.11 13.18
CA LYS J 194 -65.59 51.51 12.86
C LYS J 194 -64.32 52.34 12.91
N GLU J 195 -63.39 52.00 13.77
CA GLU J 195 -62.14 52.73 13.91
C GLU J 195 -61.23 52.51 12.70
N GLU J 196 -61.48 51.45 11.95
CA GLU J 196 -60.64 51.10 10.81
C GLU J 196 -60.95 51.95 9.57
N VAL J 197 -62.13 52.57 9.57
CA VAL J 197 -62.62 53.28 8.39
C VAL J 197 -61.78 54.51 8.01
N GLU J 198 -61.59 55.44 8.94
CA GLU J 198 -60.82 56.63 8.63
C GLU J 198 -59.32 56.32 8.54
N LYS J 199 -58.90 55.24 9.18
CA LYS J 199 -57.53 54.76 9.02
C LYS J 199 -57.35 54.27 7.59
N ALA J 200 -58.38 53.61 7.07
CA ALA J 200 -58.37 53.13 5.70
C ALA J 200 -58.36 54.29 4.71
N ARG J 201 -59.16 55.31 5.01
CA ARG J 201 -59.26 56.47 4.14
C ARG J 201 -57.89 57.15 4.03
N VAL J 202 -57.14 57.17 5.13
CA VAL J 202 -55.80 57.75 5.13
C VAL J 202 -54.81 56.89 4.33
N TYR J 203 -54.80 55.59 4.60
CA TYR J 203 -53.93 54.65 3.91
C TYR J 203 -54.16 54.66 2.40
N TYR J 204 -55.42 54.81 2.02
CA TYR J 204 -55.79 54.94 0.63
C TYR J 204 -55.08 56.07 -0.11
N PHE J 205 -55.12 57.28 0.45
CA PHE J 205 -54.60 58.42 -0.30
C PHE J 205 -53.09 58.32 -0.39
N GLY J 206 -52.46 57.85 0.70
CA GLY J 206 -51.03 57.62 0.70
C GLY J 206 -50.60 56.67 -0.39
N THR J 207 -51.36 55.59 -0.57
CA THR J 207 -51.09 54.64 -1.64
C THR J 207 -51.36 55.25 -3.01
N TYR J 208 -52.49 55.96 -3.12
CA TYR J 208 -52.89 56.57 -4.38
C TYR J 208 -51.99 57.74 -4.74
N TYR J 209 -51.53 58.48 -3.72
CA TYR J 209 -50.60 59.57 -3.95
C TYR J 209 -49.29 59.02 -4.53
N ALA J 210 -48.79 57.94 -3.92
CA ALA J 210 -47.60 57.26 -4.41
C ALA J 210 -47.83 56.78 -5.82
N SER J 211 -49.01 56.19 -6.04
CA SER J 211 -49.42 55.74 -7.35
C SER J 211 -49.36 56.87 -8.36
N GLN J 212 -49.82 58.05 -7.96
CA GLN J 212 -49.84 59.19 -8.85
C GLN J 212 -48.44 59.61 -9.28
N LEU J 213 -47.49 59.54 -8.35
CA LEU J 213 -46.13 59.93 -8.67
C LEU J 213 -45.49 58.93 -9.63
N ILE J 214 -45.74 57.64 -9.39
CA ILE J 214 -45.17 56.59 -10.22
C ILE J 214 -45.75 56.59 -11.62
N ALA J 215 -47.07 56.73 -11.72
CA ALA J 215 -47.72 56.66 -13.02
C ALA J 215 -47.38 57.85 -13.89
N ALA J 216 -47.03 58.96 -13.25
CA ALA J 216 -46.60 60.14 -13.99
C ALA J 216 -45.34 59.82 -14.77
N PRO J 217 -45.38 60.06 -16.09
CA PRO J 217 -44.27 59.81 -17.01
C PRO J 217 -43.05 60.69 -16.72
N SER J 218 -41.89 60.30 -17.25
CA SER J 218 -40.64 60.94 -16.86
C SER J 218 -40.47 62.37 -17.38
N ASN J 219 -41.23 62.78 -18.38
CA ASN J 219 -41.16 64.16 -18.82
C ASN J 219 -41.93 65.07 -17.85
N TYR J 220 -42.88 64.50 -17.15
CA TYR J 220 -43.59 65.20 -16.08
C TYR J 220 -42.85 65.04 -14.76
N CYS J 221 -42.53 63.79 -14.42
CA CYS J 221 -41.90 63.48 -13.15
C CYS J 221 -40.38 63.32 -13.29
N ASN J 222 -39.67 64.39 -12.96
CA ASN J 222 -38.20 64.41 -13.01
C ASN J 222 -37.65 64.81 -11.64
N PRO J 223 -36.31 64.69 -11.42
CA PRO J 223 -35.73 65.02 -10.11
C PRO J 223 -36.12 66.38 -9.54
N VAL J 224 -36.27 67.39 -10.39
CA VAL J 224 -36.63 68.72 -9.93
C VAL J 224 -38.12 68.79 -9.56
N SER J 225 -39.00 68.35 -10.47
CA SER J 225 -40.45 68.40 -10.23
C SER J 225 -40.84 67.42 -9.13
N LEU J 226 -40.08 66.34 -8.98
CA LEU J 226 -40.38 65.36 -7.94
C LEU J 226 -40.06 65.93 -6.56
N SER J 227 -38.91 66.59 -6.43
CA SER J 227 -38.52 67.19 -5.17
C SER J 227 -39.46 68.33 -4.81
N ASN J 228 -39.92 69.05 -5.84
CA ASN J 228 -40.86 70.13 -5.66
C ASN J 228 -42.18 69.60 -5.09
N ALA J 229 -42.62 68.45 -5.60
CA ALA J 229 -43.84 67.84 -5.11
C ALA J 229 -43.68 67.38 -3.66
N ALA J 230 -42.49 66.92 -3.32
CA ALA J 230 -42.20 66.47 -1.95
C ALA J 230 -42.24 67.66 -0.99
N VAL J 231 -41.72 68.79 -1.45
CA VAL J 231 -41.73 70.04 -0.68
C VAL J 231 -43.17 70.49 -0.42
N GLU J 232 -43.99 70.43 -1.46
CA GLU J 232 -45.38 70.86 -1.36
C GLU J 232 -46.14 69.96 -0.35
N LEU J 233 -45.83 68.67 -0.36
CA LEU J 233 -46.42 67.71 0.59
C LEU J 233 -46.01 67.99 2.04
N ALA J 234 -44.71 68.21 2.23
CA ALA J 234 -44.14 68.46 3.55
C ALA J 234 -44.73 69.72 4.17
N GLN J 235 -45.02 70.71 3.33
CA GLN J 235 -45.60 71.96 3.76
C GLN J 235 -47.06 71.79 4.21
N LYS J 236 -47.79 70.92 3.53
CA LYS J 236 -49.19 70.68 3.87
C LYS J 236 -49.36 69.89 5.14
N LEU J 237 -48.34 69.11 5.49
CA LEU J 237 -48.41 68.29 6.70
C LEU J 237 -47.64 68.84 7.88
N ASN J 238 -47.16 70.08 7.76
CA ASN J 238 -46.40 70.71 8.82
C ASN J 238 -45.09 69.97 9.06
N LEU J 239 -44.45 69.52 7.98
CA LEU J 239 -43.19 68.79 8.15
C LEU J 239 -41.95 69.64 7.86
N GLU J 240 -40.89 69.43 8.62
CA GLU J 240 -39.61 70.05 8.32
C GLU J 240 -39.07 69.44 7.03
N TYR J 241 -38.54 70.26 6.15
CA TYR J 241 -38.07 69.75 4.87
C TYR J 241 -36.73 70.33 4.43
N LYS J 242 -36.00 69.53 3.64
CA LYS J 242 -34.69 69.91 3.16
C LYS J 242 -34.45 69.29 1.79
N ILE J 243 -34.12 70.11 0.80
CA ILE J 243 -33.75 69.57 -0.50
C ILE J 243 -32.31 69.94 -0.81
N LEU J 244 -31.48 68.91 -0.98
CA LEU J 244 -30.05 69.09 -1.20
C LEU J 244 -29.76 69.15 -2.70
N GLY J 245 -29.07 70.21 -3.14
CA GLY J 245 -28.70 70.34 -4.53
C GLY J 245 -27.29 69.86 -4.82
N VAL J 246 -26.88 69.98 -6.08
CA VAL J 246 -25.60 69.43 -6.55
C VAL J 246 -24.43 69.97 -5.74
N LYS J 247 -24.46 71.28 -5.48
CA LYS J 247 -23.35 71.90 -4.78
C LYS J 247 -23.21 71.32 -3.38
N GLU J 248 -24.34 71.11 -2.71
CA GLU J 248 -24.37 70.51 -1.38
C GLU J 248 -24.01 69.03 -1.40
N LEU J 249 -24.45 68.33 -2.44
CA LEU J 249 -24.16 66.91 -2.60
C LEU J 249 -22.68 66.67 -2.87
N GLU J 250 -22.07 67.62 -3.59
CA GLU J 250 -20.64 67.59 -3.87
C GLU J 250 -19.85 67.81 -2.58
N GLU J 251 -20.38 68.68 -1.73
CA GLU J 251 -19.63 68.97 -0.51
C GLU J 251 -19.78 67.84 0.48
N LEU J 252 -20.84 67.05 0.35
CA LEU J 252 -21.04 65.86 1.18
C LEU J 252 -20.39 64.61 0.64
N LYS J 253 -19.64 64.75 -0.44
CA LYS J 253 -18.94 63.63 -1.06
C LYS J 253 -19.85 62.54 -1.65
N MET J 254 -21.04 62.88 -2.13
CA MET J 254 -21.89 61.80 -2.62
C MET J 254 -21.58 61.45 -4.08
N GLY J 255 -20.39 60.89 -4.29
CA GLY J 255 -19.88 60.60 -5.63
C GLY J 255 -20.57 59.48 -6.40
N ALA J 256 -21.02 58.45 -5.70
CA ALA J 256 -21.72 57.34 -6.35
C ALA J 256 -23.05 57.84 -6.89
N TYR J 257 -23.78 58.56 -6.03
CA TYR J 257 -25.07 59.14 -6.36
C TYR J 257 -24.96 60.17 -7.50
N LEU J 258 -23.96 61.04 -7.40
CA LEU J 258 -23.76 62.07 -8.42
C LEU J 258 -23.36 61.45 -9.76
N SER J 259 -22.71 60.29 -9.72
CA SER J 259 -22.26 59.64 -10.96
C SER J 259 -23.44 59.24 -11.83
N VAL J 260 -24.46 58.66 -11.19
CA VAL J 260 -25.64 58.17 -11.87
C VAL J 260 -26.38 59.27 -12.63
N GLY J 261 -26.37 60.49 -12.08
CA GLY J 261 -27.11 61.61 -12.63
C GLY J 261 -26.33 62.53 -13.54
N LYS J 262 -25.05 62.24 -13.71
CA LYS J 262 -24.14 63.02 -14.54
C LYS J 262 -24.68 63.21 -15.96
N GLY J 263 -25.28 62.16 -16.50
CA GLY J 263 -25.78 62.19 -17.87
C GLY J 263 -27.17 62.80 -18.05
N SER J 264 -27.76 63.28 -16.96
CA SER J 264 -29.10 63.84 -17.02
C SER J 264 -29.07 65.35 -17.17
N MET J 265 -30.13 65.88 -17.78
CA MET J 265 -30.34 67.30 -17.90
C MET J 265 -30.97 67.84 -16.61
N TYR J 266 -31.39 66.92 -15.75
CA TYR J 266 -31.99 67.30 -14.48
C TYR J 266 -30.98 67.14 -13.36
N PRO J 267 -30.68 68.22 -12.64
CA PRO J 267 -29.77 68.21 -11.50
C PRO J 267 -30.25 67.25 -10.42
N ASN J 268 -29.33 66.54 -9.78
CA ASN J 268 -29.69 65.63 -8.71
C ASN J 268 -30.33 66.36 -7.55
N LYS J 269 -31.36 65.76 -6.97
CA LYS J 269 -32.04 66.34 -5.83
C LYS J 269 -32.24 65.29 -4.74
N PHE J 270 -31.63 65.53 -3.58
CA PHE J 270 -31.76 64.63 -2.44
C PHE J 270 -32.86 65.13 -1.51
N ILE J 271 -33.89 64.31 -1.34
CA ILE J 271 -35.04 64.69 -0.52
C ILE J 271 -34.82 64.21 0.91
N HIS J 272 -34.97 65.12 1.86
CA HIS J 272 -34.85 64.79 3.29
C HIS J 272 -36.02 65.41 4.03
N LEU J 273 -37.08 64.63 4.19
CA LEU J 273 -38.24 65.09 4.94
C LEU J 273 -38.14 64.55 6.36
N THR J 274 -38.69 65.28 7.31
CA THR J 274 -38.59 64.84 8.70
C THR J 274 -39.89 65.03 9.49
N TYR J 275 -40.34 63.93 10.11
CA TYR J 275 -41.41 63.98 11.10
C TYR J 275 -40.84 63.73 12.49
N LYS J 276 -41.13 64.63 13.41
CA LYS J 276 -40.78 64.44 14.81
C LYS J 276 -42.03 64.63 15.67
N SER J 277 -42.26 63.71 16.60
CA SER J 277 -43.44 63.79 17.46
C SER J 277 -43.27 64.93 18.45
N LYS J 278 -44.38 65.53 18.86
CA LYS J 278 -44.31 66.64 19.82
C LYS J 278 -44.03 66.07 21.20
N GLY J 279 -44.29 64.78 21.36
CA GLY J 279 -43.88 63.99 22.51
C GLY J 279 -42.37 63.99 22.71
N ASP J 280 -41.88 63.06 23.53
CA ASP J 280 -40.45 62.88 23.63
C ASP J 280 -40.12 61.66 22.77
N VAL J 281 -38.92 61.65 22.17
CA VAL J 281 -38.61 60.67 21.13
C VAL J 281 -37.95 59.41 21.62
N LYS J 282 -38.62 58.27 21.43
CA LYS J 282 -38.06 57.01 21.92
C LYS J 282 -37.67 56.02 20.83
N LYS J 283 -37.86 56.39 19.56
CA LYS J 283 -37.40 55.57 18.45
C LYS J 283 -37.09 56.43 17.22
N LYS J 284 -35.89 56.29 16.68
CA LYS J 284 -35.52 57.00 15.45
C LYS J 284 -35.42 56.07 14.24
N ILE J 285 -36.17 56.40 13.20
CA ILE J 285 -36.24 55.59 12.00
C ILE J 285 -35.90 56.40 10.74
N ALA J 286 -35.05 55.83 9.88
CA ALA J 286 -34.77 56.43 8.59
C ALA J 286 -35.39 55.57 7.48
N LEU J 287 -36.24 56.19 6.66
CA LEU J 287 -36.83 55.48 5.53
C LEU J 287 -36.24 55.97 4.22
N VAL J 288 -35.66 55.04 3.45
CA VAL J 288 -34.99 55.41 2.22
C VAL J 288 -35.64 54.76 1.00
N GLY J 289 -35.95 55.57 -0.02
CA GLY J 289 -36.55 55.06 -1.22
C GLY J 289 -35.72 55.35 -2.46
N LYS J 290 -35.56 54.33 -3.31
CA LYS J 290 -34.91 54.51 -4.59
C LYS J 290 -35.72 55.46 -5.47
N GLY J 291 -35.07 56.51 -5.95
CA GLY J 291 -35.74 57.55 -6.71
C GLY J 291 -35.15 57.79 -8.08
N ILE J 292 -35.21 56.78 -8.94
CA ILE J 292 -34.77 56.94 -10.32
C ILE J 292 -35.96 57.29 -11.18
N THR J 293 -36.05 58.56 -11.57
CA THR J 293 -37.22 59.03 -12.29
C THR J 293 -37.32 58.39 -13.67
N PHE J 294 -36.17 58.01 -14.22
CA PHE J 294 -36.16 57.18 -15.41
C PHE J 294 -34.88 56.38 -15.50
N ASP J 295 -35.04 55.07 -15.68
CA ASP J 295 -33.92 54.17 -15.82
C ASP J 295 -33.81 53.75 -17.29
N SER J 296 -32.94 54.42 -18.05
CA SER J 296 -32.72 54.01 -19.43
C SER J 296 -31.77 52.83 -19.45
N GLY J 297 -31.03 52.67 -18.35
CA GLY J 297 -30.00 51.66 -18.23
C GLY J 297 -28.63 52.29 -18.42
N GLY J 298 -28.62 53.51 -18.95
CA GLY J 298 -27.38 54.18 -19.29
C GLY J 298 -26.74 53.53 -20.51
N TYR J 299 -25.41 53.55 -20.55
CA TYR J 299 -24.69 52.98 -21.68
C TYR J 299 -24.89 51.47 -21.75
N ASN J 300 -25.21 50.85 -20.61
CA ASN J 300 -25.72 49.50 -20.58
C ASN J 300 -27.21 49.56 -20.87
N LEU J 301 -27.53 50.09 -22.05
CA LEU J 301 -28.90 50.41 -22.44
C LEU J 301 -29.86 49.24 -22.39
N LYS J 302 -31.08 49.50 -21.93
CA LYS J 302 -32.11 48.49 -21.88
C LYS J 302 -32.56 48.26 -23.32
N ALA J 303 -31.84 47.37 -23.98
CA ALA J 303 -32.01 47.11 -25.40
C ALA J 303 -32.42 45.67 -25.63
N ALA J 304 -32.34 44.88 -24.57
CA ALA J 304 -32.71 43.48 -24.61
C ALA J 304 -34.22 43.34 -24.66
N PRO J 305 -34.70 42.25 -25.28
CA PRO J 305 -36.12 41.91 -25.38
C PRO J 305 -36.78 41.81 -24.00
N GLY J 306 -38.05 42.21 -23.93
CA GLY J 306 -38.76 42.23 -22.68
C GLY J 306 -38.37 43.52 -22.00
N SER J 307 -37.30 43.46 -21.19
CA SER J 307 -36.73 44.56 -20.38
C SER J 307 -37.58 45.79 -20.01
N MET J 308 -38.67 46.03 -20.74
CA MET J 308 -39.64 47.05 -20.38
C MET J 308 -39.15 48.47 -20.19
N ILE J 309 -38.45 48.99 -21.19
CA ILE J 309 -37.89 50.32 -21.09
C ILE J 309 -39.00 51.36 -21.09
N ASP J 310 -40.18 51.00 -21.59
CA ASP J 310 -41.29 51.97 -21.63
C ASP J 310 -41.97 52.12 -20.26
N LEU J 311 -41.58 51.30 -19.34
CA LEU J 311 -42.14 51.30 -18.05
C LEU J 311 -41.12 51.71 -16.97
N MET J 312 -40.00 52.22 -17.38
CA MET J 312 -38.91 52.52 -16.44
C MET J 312 -39.04 53.85 -15.73
N LYS J 313 -40.20 54.48 -15.84
CA LYS J 313 -40.58 55.61 -14.99
C LYS J 313 -40.87 55.14 -13.57
N PHE J 314 -41.20 53.89 -13.42
CA PHE J 314 -41.51 53.18 -12.20
C PHE J 314 -40.29 53.04 -11.25
N ASP J 315 -39.14 53.41 -11.70
CA ASP J 315 -37.95 53.06 -10.95
C ASP J 315 -37.75 53.98 -9.76
N MET J 316 -38.77 54.77 -9.46
CA MET J 316 -38.78 55.62 -8.27
C MET J 316 -39.92 55.22 -7.33
N SER J 317 -40.42 53.99 -7.48
CA SER J 317 -41.50 53.48 -6.63
C SER J 317 -41.15 53.51 -5.16
N GLY J 318 -39.89 53.20 -4.85
CA GLY J 318 -39.44 53.25 -3.48
C GLY J 318 -39.65 54.64 -2.93
N CYS J 319 -39.22 55.62 -3.71
CA CYS J 319 -39.39 57.02 -3.35
C CYS J 319 -40.86 57.39 -3.17
N ALA J 320 -41.71 56.92 -4.08
CA ALA J 320 -43.14 57.21 -4.00
C ALA J 320 -43.76 56.59 -2.76
N ALA J 321 -43.38 55.35 -2.48
CA ALA J 321 -43.85 54.65 -1.29
C ALA J 321 -43.43 55.36 0.00
N VAL J 322 -42.22 55.91 -0.01
CA VAL J 322 -41.68 56.61 1.15
C VAL J 322 -42.45 57.90 1.39
N LEU J 323 -42.72 58.64 0.31
CA LEU J 323 -43.48 59.87 0.43
C LEU J 323 -44.92 59.54 0.82
N GLY J 324 -45.42 58.44 0.28
CA GLY J 324 -46.76 57.98 0.62
C GLY J 324 -46.87 57.66 2.10
N CYS J 325 -45.81 57.05 2.64
CA CYS J 325 -45.73 56.74 4.06
C CYS J 325 -45.71 58.01 4.89
N ALA J 326 -44.98 59.01 4.41
CA ALA J 326 -44.91 60.29 5.09
C ALA J 326 -46.29 60.93 5.20
N TYR J 327 -47.11 60.78 4.17
CA TYR J 327 -48.46 61.32 4.20
C TYR J 327 -49.25 60.68 5.34
N CYS J 328 -49.23 59.36 5.39
CA CYS J 328 -49.96 58.59 6.39
C CYS J 328 -49.49 58.95 7.79
N VAL J 329 -48.18 58.97 7.97
CA VAL J 329 -47.57 59.31 9.25
C VAL J 329 -47.84 60.75 9.69
N GLY J 330 -47.70 61.69 8.76
CA GLY J 330 -47.92 63.10 9.06
C GLY J 330 -49.35 63.42 9.42
N THR J 331 -50.26 62.55 9.00
CA THR J 331 -51.68 62.72 9.26
C THR J 331 -52.12 62.05 10.56
N LEU J 332 -51.65 60.82 10.77
CA LEU J 332 -52.05 60.05 11.93
C LEU J 332 -51.28 60.48 13.18
N LYS J 333 -50.14 61.13 12.95
CA LYS J 333 -49.30 61.73 14.00
C LYS J 333 -48.97 60.79 15.16
N PRO J 334 -48.17 59.74 14.90
CA PRO J 334 -47.81 58.84 16.00
C PRO J 334 -46.88 59.50 17.02
N GLU J 335 -46.82 58.95 18.20
CA GLU J 335 -45.99 59.50 19.22
C GLU J 335 -44.71 58.74 19.55
N ASN J 336 -43.81 59.45 20.22
CA ASN J 336 -42.52 58.89 20.68
C ASN J 336 -41.60 58.34 19.59
N VAL J 337 -41.73 58.88 18.38
CA VAL J 337 -40.97 58.41 17.23
C VAL J 337 -40.47 59.57 16.36
N GLU J 338 -39.27 59.42 15.82
CA GLU J 338 -38.75 60.38 14.84
C GLU J 338 -38.35 59.67 13.54
N ILE J 339 -38.98 60.07 12.45
CA ILE J 339 -38.79 59.42 11.16
C ILE J 339 -38.23 60.39 10.14
N HIS J 340 -37.18 59.96 9.45
CA HIS J 340 -36.61 60.74 8.35
C HIS J 340 -37.00 60.09 7.03
N PHE J 341 -37.58 60.90 6.15
CA PHE J 341 -38.02 60.42 4.85
C PHE J 341 -36.97 60.83 3.82
N LEU J 342 -36.20 59.87 3.35
CA LEU J 342 -35.03 60.14 2.50
C LEU J 342 -35.19 59.56 1.10
N SER J 343 -34.73 60.31 0.11
CA SER J 343 -34.65 59.78 -1.26
C SER J 343 -33.64 60.56 -2.12
N ALA J 344 -32.64 59.85 -2.63
CA ALA J 344 -31.68 60.44 -3.56
C ALA J 344 -32.19 60.36 -4.99
N VAL J 345 -32.82 61.43 -5.47
CA VAL J 345 -33.47 61.42 -6.77
C VAL J 345 -32.55 61.88 -7.90
N CYS J 346 -32.54 61.12 -8.99
CA CYS J 346 -31.78 61.48 -10.18
C CYS J 346 -32.30 60.72 -11.39
N GLU J 347 -31.66 60.92 -12.54
CA GLU J 347 -32.09 60.26 -13.78
C GLU J 347 -30.89 59.59 -14.45
N ASN J 348 -31.05 58.32 -14.81
CA ASN J 348 -29.96 57.55 -15.41
C ASN J 348 -30.11 57.50 -16.92
N MET J 349 -29.34 58.34 -17.60
CA MET J 349 -29.52 58.56 -19.03
C MET J 349 -28.23 58.32 -19.80
N VAL J 350 -28.35 58.33 -21.12
CA VAL J 350 -27.20 58.14 -21.99
C VAL J 350 -26.79 59.49 -22.54
N SER J 351 -25.52 59.84 -22.38
CA SER J 351 -25.07 61.18 -22.75
C SER J 351 -23.56 61.23 -22.90
N LYS J 352 -23.07 62.35 -23.44
CA LYS J 352 -21.64 62.60 -23.48
C LYS J 352 -21.12 62.82 -22.05
N ASN J 353 -22.01 63.27 -21.17
CA ASN J 353 -21.63 63.55 -19.80
C ASN J 353 -21.89 62.36 -18.89
N SER J 354 -22.48 61.31 -19.46
CA SER J 354 -22.84 60.14 -18.67
C SER J 354 -21.61 59.43 -18.12
N TYR J 355 -21.80 58.66 -17.05
CA TYR J 355 -20.71 57.86 -16.53
C TYR J 355 -20.64 56.58 -17.34
N ARG J 356 -19.47 55.96 -17.35
CA ARG J 356 -19.20 54.85 -18.24
C ARG J 356 -19.08 53.52 -17.50
N PRO J 357 -19.38 52.43 -18.21
CA PRO J 357 -19.04 51.11 -17.67
C PRO J 357 -17.54 51.05 -17.42
N GLY J 358 -17.12 50.64 -16.23
CA GLY J 358 -15.72 50.59 -15.90
C GLY J 358 -15.25 51.72 -15.00
N ASP J 359 -16.03 52.80 -14.97
CA ASP J 359 -15.68 53.96 -14.15
C ASP J 359 -15.53 53.56 -12.67
N ILE J 360 -14.51 54.11 -12.03
CA ILE J 360 -14.36 53.94 -10.59
C ILE J 360 -14.71 55.24 -9.91
N ILE J 361 -15.69 55.17 -9.02
CA ILE J 361 -16.26 56.35 -8.38
C ILE J 361 -16.11 56.23 -6.87
N THR J 362 -16.20 57.36 -6.16
CA THR J 362 -15.97 57.39 -4.72
C THR J 362 -17.21 57.77 -3.91
N ALA J 363 -17.64 56.87 -3.03
CA ALA J 363 -18.81 57.12 -2.18
C ALA J 363 -18.54 58.12 -1.05
N SER J 364 -19.61 58.53 -0.37
CA SER J 364 -19.49 59.56 0.67
C SER J 364 -18.83 59.05 1.93
N ASN J 365 -18.66 57.73 2.01
CA ASN J 365 -17.97 57.11 3.13
C ASN J 365 -16.53 56.69 2.80
N GLY J 366 -16.08 57.08 1.61
CA GLY J 366 -14.70 56.83 1.20
C GLY J 366 -14.45 55.60 0.36
N LYS J 367 -15.44 54.71 0.27
CA LYS J 367 -15.27 53.50 -0.53
C LYS J 367 -15.34 53.78 -2.02
N THR J 368 -14.35 53.25 -2.75
CA THR J 368 -14.34 53.36 -4.21
C THR J 368 -15.12 52.20 -4.81
N ILE J 369 -15.93 52.50 -5.82
CA ILE J 369 -16.81 51.52 -6.41
C ILE J 369 -16.54 51.38 -7.90
N GLU J 370 -16.29 50.14 -8.33
CA GLU J 370 -16.10 49.87 -9.74
C GLU J 370 -17.42 49.51 -10.41
N VAL J 371 -17.84 50.38 -11.33
CA VAL J 371 -19.08 50.17 -12.04
C VAL J 371 -18.88 49.09 -13.10
N GLY J 372 -19.67 48.03 -13.01
CA GLY J 372 -19.61 46.92 -13.95
C GLY J 372 -20.80 46.95 -14.89
N ASN J 373 -21.84 47.67 -14.49
CA ASN J 373 -23.04 47.82 -15.30
C ASN J 373 -23.77 49.11 -14.94
N THR J 374 -23.91 50.00 -15.90
CA THR J 374 -24.53 51.30 -15.65
C THR J 374 -26.04 51.19 -15.43
N ASP J 375 -26.59 50.02 -15.74
CA ASP J 375 -27.99 49.74 -15.46
C ASP J 375 -28.18 49.28 -14.01
N ALA J 376 -27.08 49.10 -13.29
CA ALA J 376 -27.15 48.80 -11.87
C ALA J 376 -26.96 50.07 -11.06
N GLU J 377 -27.75 51.08 -11.39
CA GLU J 377 -27.59 52.43 -10.88
C GLU J 377 -28.21 52.59 -9.50
N GLY J 378 -29.19 51.75 -9.18
CA GLY J 378 -29.92 51.86 -7.94
C GLY J 378 -29.04 51.66 -6.72
N ARG J 379 -28.14 50.69 -6.78
CA ARG J 379 -27.27 50.44 -5.64
C ARG J 379 -26.34 51.62 -5.43
N LEU J 380 -26.07 52.36 -6.49
CA LEU J 380 -25.19 53.52 -6.39
C LEU J 380 -25.85 54.68 -5.66
N THR J 381 -27.11 54.95 -5.97
CA THR J 381 -27.79 56.06 -5.33
C THR J 381 -28.14 55.77 -3.87
N LEU J 382 -28.54 54.52 -3.61
CA LEU J 382 -28.89 54.10 -2.26
C LEU J 382 -27.70 53.97 -1.31
N ALA J 383 -26.55 53.54 -1.85
CA ALA J 383 -25.33 53.38 -1.06
C ALA J 383 -24.98 54.69 -0.37
N ASP J 384 -24.98 55.77 -1.13
CA ASP J 384 -24.72 57.09 -0.58
C ASP J 384 -25.88 57.55 0.29
N ALA J 385 -27.09 57.12 -0.05
CA ALA J 385 -28.25 57.45 0.76
C ALA J 385 -28.16 56.73 2.10
N LEU J 386 -27.65 55.51 2.10
CA LEU J 386 -27.53 54.75 3.35
C LEU J 386 -26.47 55.35 4.27
N VAL J 387 -25.38 55.84 3.68
CA VAL J 387 -24.34 56.52 4.45
C VAL J 387 -24.92 57.78 5.10
N TYR J 388 -25.73 58.51 4.34
CA TYR J 388 -26.38 59.71 4.86
C TYR J 388 -27.30 59.37 6.04
N ALA J 389 -28.07 58.30 5.89
CA ALA J 389 -29.03 57.89 6.91
C ALA J 389 -28.35 57.53 8.23
N GLU J 390 -27.25 56.79 8.14
CA GLU J 390 -26.57 56.33 9.34
C GLU J 390 -25.95 57.51 10.09
N LYS J 391 -25.61 58.58 9.37
CA LYS J 391 -25.08 59.77 10.02
C LYS J 391 -26.13 60.51 10.84
N LEU J 392 -27.41 60.23 10.59
CA LEU J 392 -28.48 60.88 11.33
C LEU J 392 -28.61 60.32 12.74
N GLY J 393 -28.02 59.15 12.97
CA GLY J 393 -28.06 58.52 14.28
C GLY J 393 -29.43 57.92 14.60
N VAL J 394 -29.85 56.96 13.78
CA VAL J 394 -31.17 56.35 13.91
C VAL J 394 -31.04 54.91 14.43
N ASP J 395 -32.16 54.34 14.85
CA ASP J 395 -32.04 52.97 15.35
C ASP J 395 -32.35 51.94 14.28
N TYR J 396 -33.23 52.24 13.33
CA TYR J 396 -33.52 51.32 12.24
C TYR J 396 -33.37 52.04 10.89
N ILE J 397 -32.72 51.37 9.94
CA ILE J 397 -32.68 51.88 8.58
C ILE J 397 -33.40 50.91 7.64
N VAL J 398 -34.49 51.36 7.05
CA VAL J 398 -35.22 50.52 6.09
C VAL J 398 -35.26 51.19 4.73
N ASP J 399 -34.65 50.56 3.74
CA ASP J 399 -34.70 51.09 2.39
C ASP J 399 -35.63 50.26 1.50
N ILE J 400 -36.28 50.95 0.56
CA ILE J 400 -37.24 50.31 -0.34
C ILE J 400 -36.94 50.74 -1.78
N ALA J 401 -36.84 49.76 -2.66
CA ALA J 401 -36.30 49.98 -3.99
C ALA J 401 -36.77 48.96 -5.02
N THR J 402 -37.00 49.43 -6.24
CA THR J 402 -37.19 48.53 -7.39
C THR J 402 -35.80 48.15 -7.89
N LEU J 403 -35.13 47.23 -7.19
CA LEU J 403 -33.70 47.00 -7.40
C LEU J 403 -33.34 45.96 -8.47
N THR J 404 -33.91 44.76 -8.38
CA THR J 404 -33.50 43.68 -9.27
C THR J 404 -34.65 42.97 -9.98
N GLY J 405 -34.53 42.82 -11.29
CA GLY J 405 -35.52 42.11 -12.08
C GLY J 405 -35.58 40.63 -11.75
N ALA J 406 -34.55 40.11 -11.09
CA ALA J 406 -34.51 38.72 -10.69
C ALA J 406 -35.66 38.38 -9.72
N MET J 407 -36.21 39.41 -9.07
CA MET J 407 -37.33 39.25 -8.16
C MET J 407 -38.54 38.64 -8.85
N LEU J 408 -38.71 38.94 -10.13
CA LEU J 408 -39.77 38.35 -10.93
C LEU J 408 -39.60 36.84 -11.02
N TYR J 409 -38.34 36.40 -11.04
CA TYR J 409 -38.00 34.99 -11.15
C TYR J 409 -37.95 34.28 -9.79
N SER J 410 -37.75 35.04 -8.72
CA SER J 410 -37.67 34.45 -7.38
C SER J 410 -39.07 34.39 -6.71
N LEU J 411 -39.71 35.53 -6.51
CA LEU J 411 -41.01 35.56 -5.82
C LEU J 411 -42.19 35.95 -6.72
N GLY J 412 -41.90 36.60 -7.85
CA GLY J 412 -42.94 36.99 -8.79
C GLY J 412 -43.49 38.38 -8.56
N THR J 413 -44.76 38.57 -8.86
CA THR J 413 -45.36 39.91 -8.88
C THR J 413 -46.22 40.25 -7.65
N SER J 414 -46.38 39.29 -6.75
CA SER J 414 -47.24 39.48 -5.58
C SER J 414 -46.45 39.68 -4.29
N TYR J 415 -45.37 38.91 -4.11
CA TYR J 415 -44.56 39.01 -2.90
C TYR J 415 -43.26 39.77 -3.13
N ALA J 416 -42.98 40.72 -2.24
CA ALA J 416 -41.72 41.45 -2.25
C ALA J 416 -40.70 40.75 -1.38
N GLY J 417 -39.43 41.04 -1.63
CA GLY J 417 -38.37 40.45 -0.84
C GLY J 417 -37.83 41.45 0.16
N VAL J 418 -37.51 40.98 1.36
CA VAL J 418 -36.86 41.81 2.36
C VAL J 418 -35.53 41.17 2.72
N PHE J 419 -34.48 41.99 2.74
CA PHE J 419 -33.16 41.52 3.13
C PHE J 419 -32.71 42.35 4.33
N GLY J 420 -31.75 41.87 5.11
CA GLY J 420 -31.30 42.63 6.26
C GLY J 420 -30.13 42.07 7.05
N ASN J 421 -29.65 42.87 8.00
CA ASN J 421 -28.55 42.50 8.87
C ASN J 421 -28.99 42.26 10.30
N ASN J 422 -30.30 42.27 10.51
CA ASN J 422 -30.87 42.25 11.86
C ASN J 422 -32.17 41.47 11.94
N GLU J 423 -32.19 40.44 12.77
CA GLU J 423 -33.33 39.53 12.87
C GLU J 423 -34.59 40.21 13.45
N GLU J 424 -34.42 41.14 14.39
CA GLU J 424 -35.59 41.82 14.98
C GLU J 424 -36.30 42.74 14.00
N LEU J 425 -35.53 43.53 13.26
CA LEU J 425 -36.10 44.47 12.30
C LEU J 425 -36.83 43.73 11.19
N ILE J 426 -36.24 42.64 10.71
CA ILE J 426 -36.86 41.80 9.69
C ILE J 426 -38.19 41.23 10.20
N ASN J 427 -38.20 40.78 11.45
CA ASN J 427 -39.40 40.24 12.08
C ASN J 427 -40.49 41.33 12.15
N LYS J 428 -40.07 42.55 12.44
CA LYS J 428 -41.00 43.68 12.46
C LYS J 428 -41.52 43.98 11.07
N ILE J 429 -40.68 43.86 10.05
CA ILE J 429 -41.13 44.06 8.68
C ILE J 429 -42.18 43.01 8.31
N LEU J 430 -41.90 41.77 8.70
CA LEU J 430 -42.80 40.65 8.43
C LEU J 430 -44.14 40.80 9.14
N GLN J 431 -44.11 41.26 10.39
CA GLN J 431 -45.36 41.49 11.13
C GLN J 431 -46.17 42.57 10.48
N SER J 432 -45.48 43.61 10.02
CA SER J 432 -46.11 44.71 9.31
C SER J 432 -46.66 44.21 7.98
N SER J 433 -46.01 43.21 7.41
CA SER J 433 -46.49 42.60 6.18
C SER J 433 -47.85 41.96 6.46
N LYS J 434 -48.00 41.39 7.66
CA LYS J 434 -49.25 40.75 8.06
C LYS J 434 -50.41 41.73 8.24
N THR J 435 -50.18 42.84 8.94
CA THR J 435 -51.27 43.73 9.29
C THR J 435 -51.59 44.72 8.17
N SER J 436 -50.63 44.96 7.28
CA SER J 436 -50.87 45.85 6.15
C SER J 436 -51.41 45.09 4.94
N ASN J 437 -51.25 43.78 4.97
CA ASN J 437 -51.60 42.89 3.86
C ASN J 437 -50.88 43.27 2.58
N GLU J 438 -49.68 43.83 2.73
CA GLU J 438 -48.77 43.99 1.62
C GLU J 438 -47.69 42.95 1.83
N PRO J 439 -47.82 41.82 1.11
CA PRO J 439 -47.04 40.60 1.32
C PRO J 439 -45.54 40.75 1.03
N VAL J 440 -44.74 40.29 1.99
CA VAL J 440 -43.28 40.34 1.88
C VAL J 440 -42.71 39.00 2.36
N TRP J 441 -41.66 38.52 1.71
CA TRP J 441 -41.01 37.29 2.12
C TRP J 441 -39.54 37.56 2.43
N TRP J 442 -39.06 36.94 3.50
CA TRP J 442 -37.68 37.13 3.94
C TRP J 442 -36.70 36.31 3.10
N LEU J 443 -35.72 36.98 2.51
CA LEU J 443 -34.69 36.30 1.73
C LEU J 443 -33.31 36.47 2.38
N PRO J 444 -32.41 35.50 2.18
CA PRO J 444 -31.14 35.52 2.89
C PRO J 444 -30.06 36.36 2.22
N ILE J 445 -29.23 37.00 3.04
CA ILE J 445 -28.00 37.60 2.55
C ILE J 445 -26.91 36.56 2.75
N ILE J 446 -26.55 35.87 1.67
CA ILE J 446 -25.62 34.75 1.74
C ILE J 446 -24.18 35.25 1.65
N ASN J 447 -23.49 35.21 2.78
CA ASN J 447 -22.15 35.77 2.89
C ASN J 447 -21.12 35.17 1.95
N GLU J 448 -21.36 33.94 1.52
CA GLU J 448 -20.43 33.25 0.63
C GLU J 448 -20.34 33.94 -0.75
N TYR J 449 -21.37 34.70 -1.09
CA TYR J 449 -21.36 35.37 -2.39
C TYR J 449 -20.62 36.70 -2.33
N ARG J 450 -20.24 37.12 -1.12
CA ARG J 450 -19.60 38.42 -0.92
C ARG J 450 -18.29 38.54 -1.70
N ALA J 451 -17.58 37.42 -1.83
CA ALA J 451 -16.27 37.40 -2.48
C ALA J 451 -16.37 37.75 -3.96
N THR J 452 -17.57 37.57 -4.53
CA THR J 452 -17.78 37.86 -5.95
C THR J 452 -17.77 39.36 -6.20
N LEU J 453 -17.78 40.15 -5.13
CA LEU J 453 -17.71 41.60 -5.22
C LEU J 453 -16.32 42.16 -4.95
N ASN J 454 -15.34 41.30 -4.73
CA ASN J 454 -13.97 41.77 -4.54
C ASN J 454 -13.36 42.25 -5.85
N SER J 455 -13.21 43.57 -5.98
CA SER J 455 -12.69 44.19 -7.20
C SER J 455 -11.17 44.14 -7.24
N LYS J 456 -10.60 44.07 -8.43
CA LYS J 456 -9.14 44.03 -8.59
C LYS J 456 -8.53 45.39 -8.33
N TYR J 457 -9.28 46.45 -8.63
CA TYR J 457 -8.76 47.81 -8.55
C TYR J 457 -9.51 48.70 -7.55
N ALA J 458 -10.83 48.55 -7.47
CA ALA J 458 -11.62 49.36 -6.54
C ALA J 458 -11.72 48.66 -5.20
N ASP J 459 -12.25 49.35 -4.19
CA ASP J 459 -12.44 48.73 -2.89
C ASP J 459 -13.42 47.57 -3.00
N ILE J 460 -14.42 47.74 -3.87
CA ILE J 460 -15.48 46.77 -4.01
C ILE J 460 -16.14 46.86 -5.39
N ASN J 461 -16.67 45.74 -5.88
CA ASN J 461 -17.44 45.71 -7.10
C ASN J 461 -18.87 46.18 -6.93
N GLN J 462 -19.38 46.78 -7.98
CA GLN J 462 -20.77 47.20 -8.06
C GLN J 462 -21.69 46.02 -8.26
N ILE J 463 -21.30 45.14 -9.16
CA ILE J 463 -22.04 43.94 -9.48
C ILE J 463 -21.13 42.72 -9.47
N SER J 464 -21.73 41.55 -9.54
CA SER J 464 -21.00 40.30 -9.64
C SER J 464 -20.58 39.97 -11.07
N SER J 465 -19.70 38.98 -11.19
CA SER J 465 -19.29 38.50 -12.51
C SER J 465 -20.44 37.65 -13.03
N SER J 466 -21.45 37.51 -12.16
CA SER J 466 -22.82 37.34 -12.60
C SER J 466 -23.12 35.90 -13.06
N VAL J 467 -24.32 35.64 -13.60
CA VAL J 467 -25.53 36.42 -13.35
C VAL J 467 -25.96 36.06 -11.96
N LYS J 468 -26.60 34.94 -11.88
CA LYS J 468 -27.02 34.44 -10.64
C LYS J 468 -27.91 35.29 -9.80
N ALA J 469 -27.65 35.17 -8.51
CA ALA J 469 -28.45 35.84 -7.50
C ALA J 469 -28.37 37.35 -7.53
N SER J 470 -28.96 37.97 -8.56
CA SER J 470 -28.76 39.40 -8.75
C SER J 470 -29.21 40.12 -7.49
N SER J 471 -30.28 39.62 -6.87
CA SER J 471 -30.86 40.19 -5.66
C SER J 471 -30.06 39.95 -4.36
N ILE J 472 -29.48 38.76 -4.18
CA ILE J 472 -28.72 38.49 -2.96
C ILE J 472 -27.38 39.22 -3.01
N VAL J 473 -26.76 39.26 -4.18
CA VAL J 473 -25.52 39.99 -4.38
C VAL J 473 -25.72 41.50 -4.15
N ALA J 474 -26.84 42.02 -4.61
CA ALA J 474 -27.17 43.44 -4.44
C ALA J 474 -27.37 43.81 -2.97
N SER J 475 -27.93 42.89 -2.20
CA SER J 475 -28.12 43.12 -0.76
C SER J 475 -26.78 43.15 -0.04
N LEU J 476 -25.85 42.29 -0.50
CA LEU J 476 -24.49 42.30 0.01
C LEU J 476 -23.81 43.63 -0.28
N PHE J 477 -24.05 44.16 -1.47
CA PHE J 477 -23.50 45.46 -1.83
C PHE J 477 -23.95 46.53 -0.85
N LEU J 478 -25.26 46.62 -0.68
CA LEU J 478 -25.87 47.63 0.19
C LEU J 478 -25.38 47.49 1.62
N LYS J 479 -25.23 46.25 2.05
CA LYS J 479 -24.78 45.94 3.41
C LYS J 479 -23.43 46.57 3.72
N GLU J 480 -22.61 46.77 2.69
CA GLU J 480 -21.28 47.33 2.88
C GLU J 480 -21.31 48.80 3.25
N PHE J 481 -22.48 49.42 3.14
CA PHE J 481 -22.57 50.84 3.45
C PHE J 481 -23.44 51.10 4.68
N VAL J 482 -23.69 50.05 5.44
CA VAL J 482 -24.31 50.19 6.75
C VAL J 482 -23.36 49.59 7.78
N GLN J 483 -22.76 50.44 8.58
CA GLN J 483 -21.76 50.01 9.49
C GLN J 483 -22.24 49.48 10.82
N ASN J 484 -23.11 50.14 11.56
CA ASN J 484 -23.51 49.49 12.81
C ASN J 484 -24.90 49.95 13.27
N THR J 485 -25.84 49.79 12.34
CA THR J 485 -27.25 50.09 12.56
C THR J 485 -28.09 48.91 12.04
N ALA J 486 -29.14 48.55 12.77
CA ALA J 486 -30.09 47.54 12.31
C ALA J 486 -30.69 48.04 11.01
N TRP J 487 -30.58 47.24 9.95
CA TRP J 487 -30.97 47.71 8.63
C TRP J 487 -31.70 46.66 7.80
N ALA J 488 -32.71 47.10 7.06
CA ALA J 488 -33.46 46.22 6.19
C ALA J 488 -33.66 46.84 4.81
N HIS J 489 -33.76 45.97 3.81
CA HIS J 489 -33.85 46.36 2.41
C HIS J 489 -35.04 45.68 1.75
N ILE J 490 -35.97 46.48 1.23
CA ILE J 490 -37.17 45.93 0.60
C ILE J 490 -37.13 46.06 -0.92
N ASP J 491 -37.04 44.93 -1.60
CA ASP J 491 -36.96 44.89 -3.07
C ASP J 491 -38.34 44.73 -3.70
N ILE J 492 -38.84 45.80 -4.31
CA ILE J 492 -40.17 45.83 -4.90
C ILE J 492 -40.21 45.88 -6.43
N ALA J 493 -39.15 45.41 -7.08
CA ALA J 493 -39.08 45.45 -8.54
C ALA J 493 -40.16 44.59 -9.20
N GLY J 494 -40.54 43.51 -8.54
CA GLY J 494 -41.51 42.61 -9.10
C GLY J 494 -42.95 42.97 -8.79
N VAL J 495 -43.15 43.66 -7.66
CA VAL J 495 -44.50 43.89 -7.15
C VAL J 495 -45.03 45.30 -7.41
N SER J 496 -44.16 46.21 -7.83
CA SER J 496 -44.54 47.61 -7.94
C SER J 496 -45.60 47.86 -9.01
N TRP J 497 -45.41 47.25 -10.17
CA TRP J 497 -46.32 47.48 -11.30
C TRP J 497 -47.35 46.37 -11.47
N ASN J 498 -48.62 46.76 -11.62
CA ASN J 498 -49.68 45.83 -11.95
C ASN J 498 -49.78 45.69 -13.47
N PHE J 499 -49.16 44.64 -14.00
CA PHE J 499 -49.06 44.48 -15.45
C PHE J 499 -50.42 44.23 -16.10
N LYS J 500 -51.27 43.49 -15.40
CA LYS J 500 -52.59 43.19 -15.91
C LYS J 500 -53.44 44.46 -16.00
N ALA J 501 -53.39 45.28 -14.96
CA ALA J 501 -54.21 46.50 -14.86
C ALA J 501 -53.59 47.77 -15.48
N ARG J 502 -52.35 47.65 -15.95
CA ARG J 502 -51.55 48.73 -16.53
C ARG J 502 -51.45 50.00 -15.66
N LYS J 503 -51.19 49.74 -14.39
CA LYS J 503 -51.08 50.78 -13.38
C LYS J 503 -50.16 50.37 -12.21
N PRO J 504 -49.71 51.34 -11.40
CA PRO J 504 -48.90 51.03 -10.21
C PRO J 504 -49.71 50.44 -9.07
N LYS J 505 -49.04 49.83 -8.10
CA LYS J 505 -49.73 49.33 -6.91
C LYS J 505 -49.58 50.27 -5.73
N GLY J 506 -48.57 51.13 -5.77
CA GLY J 506 -48.26 51.97 -4.62
C GLY J 506 -47.77 51.10 -3.49
N PHE J 507 -47.08 50.02 -3.86
CA PHE J 507 -46.61 49.03 -2.91
C PHE J 507 -45.66 49.66 -1.91
N GLY J 508 -45.86 49.34 -0.64
CA GLY J 508 -44.95 49.77 0.40
C GLY J 508 -45.49 50.80 1.38
N VAL J 509 -46.43 51.64 0.94
CA VAL J 509 -46.94 52.70 1.80
C VAL J 509 -47.57 52.15 3.07
N ARG J 510 -48.47 51.18 2.92
CA ARG J 510 -49.16 50.60 4.06
C ARG J 510 -48.21 49.74 4.90
N LEU J 511 -47.30 49.05 4.23
CA LEU J 511 -46.29 48.25 4.90
C LEU J 511 -45.44 49.15 5.80
N LEU J 512 -44.95 50.24 5.23
CA LEU J 512 -44.09 51.16 5.97
C LEU J 512 -44.80 51.91 7.10
N THR J 513 -46.05 52.31 6.86
CA THR J 513 -46.79 53.06 7.87
C THR J 513 -47.15 52.17 9.06
N GLU J 514 -47.59 50.95 8.78
CA GLU J 514 -47.88 49.97 9.82
C GLU J 514 -46.60 49.68 10.61
N PHE J 515 -45.47 49.71 9.92
CA PHE J 515 -44.18 49.48 10.55
C PHE J 515 -43.86 50.62 11.52
N VAL J 516 -44.15 51.84 11.12
CA VAL J 516 -43.88 52.99 11.97
C VAL J 516 -44.84 53.11 13.15
N LEU J 517 -46.10 52.75 12.92
CA LEU J 517 -47.15 52.94 13.93
C LEU J 517 -47.15 51.84 15.00
N ASN J 518 -46.83 50.61 14.61
CA ASN J 518 -46.88 49.49 15.53
C ASN J 518 -45.51 49.24 16.19
N SER K 2 -5.39 71.04 -22.20
CA SER K 2 -4.70 71.00 -20.91
C SER K 2 -5.66 70.81 -19.73
N GLU K 3 -6.65 71.69 -19.59
CA GLU K 3 -7.60 71.58 -18.49
C GLU K 3 -8.66 70.53 -18.78
N VAL K 4 -8.75 69.53 -17.91
CA VAL K 4 -9.71 68.45 -18.03
C VAL K 4 -11.09 68.92 -17.56
N PRO K 5 -12.09 68.83 -18.45
CA PRO K 5 -13.45 69.24 -18.12
C PRO K 5 -14.10 68.31 -17.10
N GLN K 6 -15.01 68.83 -16.28
CA GLN K 6 -15.68 68.02 -15.28
C GLN K 6 -17.19 68.13 -15.45
N VAL K 7 -17.90 67.08 -15.06
CA VAL K 7 -19.35 67.15 -15.05
C VAL K 7 -19.80 67.60 -13.66
N VAL K 8 -19.19 66.96 -12.65
CA VAL K 8 -19.34 67.36 -11.25
C VAL K 8 -17.95 67.59 -10.66
N SER K 9 -17.89 68.27 -9.52
CA SER K 9 -16.61 68.63 -8.90
C SER K 9 -15.83 67.38 -8.49
N LEU K 10 -16.54 66.25 -8.42
CA LEU K 10 -15.96 65.01 -7.96
C LEU K 10 -15.30 64.24 -9.10
N ASP K 11 -15.43 64.71 -10.34
CA ASP K 11 -14.72 64.04 -11.43
C ASP K 11 -13.24 64.35 -11.49
N PRO K 12 -12.43 63.29 -11.56
CA PRO K 12 -10.97 63.35 -11.56
C PRO K 12 -10.44 64.13 -12.75
N THR K 13 -9.34 64.85 -12.52
CA THR K 13 -8.75 65.71 -13.54
C THR K 13 -7.35 65.22 -13.93
N SER K 14 -6.96 64.06 -13.42
CA SER K 14 -5.69 63.46 -13.81
C SER K 14 -5.67 61.96 -13.54
N ILE K 15 -4.82 61.25 -14.28
CA ILE K 15 -4.57 59.83 -14.05
C ILE K 15 -3.49 59.67 -13.00
N PRO K 16 -3.80 58.97 -11.90
CA PRO K 16 -2.72 58.69 -10.95
C PRO K 16 -1.69 57.78 -11.59
N ILE K 17 -0.41 58.12 -11.44
CA ILE K 17 0.66 57.31 -12.00
C ILE K 17 1.68 57.00 -10.92
N GLU K 18 1.94 55.71 -10.70
CA GLU K 18 3.00 55.27 -9.81
C GLU K 18 4.29 55.07 -10.61
N TYR K 19 5.29 55.93 -10.37
CA TYR K 19 6.57 55.84 -11.05
C TYR K 19 7.62 55.06 -10.26
N ASN K 20 7.83 55.43 -9.00
CA ASN K 20 8.77 54.72 -8.14
C ASN K 20 8.10 53.53 -7.46
N THR K 21 8.24 52.36 -8.07
CA THR K 21 7.59 51.15 -7.55
C THR K 21 8.52 50.37 -6.63
N PRO K 22 7.95 49.57 -5.72
CA PRO K 22 8.74 48.71 -4.82
C PRO K 22 9.69 47.76 -5.55
N ILE K 23 9.39 47.46 -6.81
CA ILE K 23 10.24 46.61 -7.62
C ILE K 23 11.62 47.25 -7.82
N HIS K 24 11.65 48.56 -7.94
CA HIS K 24 12.89 49.29 -8.19
C HIS K 24 13.87 49.20 -6.99
N ASP K 25 13.37 48.80 -5.84
CA ASP K 25 14.19 48.69 -4.62
C ASP K 25 14.80 47.31 -4.40
N ILE K 26 14.48 46.35 -5.27
CA ILE K 26 14.97 45.00 -5.10
C ILE K 26 16.40 44.84 -5.61
N LYS K 27 17.33 44.57 -4.71
CA LYS K 27 18.71 44.33 -5.12
C LYS K 27 18.82 42.93 -5.71
N VAL K 28 19.28 42.85 -6.95
CA VAL K 28 19.36 41.58 -7.64
C VAL K 28 20.80 41.13 -7.81
N GLN K 29 21.10 39.92 -7.35
CA GLN K 29 22.42 39.34 -7.52
C GLN K 29 22.33 38.03 -8.28
N VAL K 30 23.27 37.84 -9.21
CA VAL K 30 23.32 36.61 -9.98
C VAL K 30 24.61 35.87 -9.67
N TYR K 31 24.50 34.60 -9.31
CA TYR K 31 25.67 33.78 -8.98
C TYR K 31 25.75 32.58 -9.92
N ASP K 32 26.94 32.00 -10.01
CA ASP K 32 27.12 30.79 -10.80
C ASP K 32 26.74 29.59 -9.96
N ILE K 33 26.00 28.64 -10.55
CA ILE K 33 25.56 27.47 -9.78
C ILE K 33 26.75 26.66 -9.34
N LYS K 34 27.82 26.73 -10.13
CA LYS K 34 29.02 25.97 -9.81
C LYS K 34 29.55 26.56 -8.50
N GLY K 35 29.94 25.68 -7.58
CA GLY K 35 30.43 26.11 -6.29
C GLY K 35 29.36 26.00 -5.20
N GLY K 36 28.15 25.64 -5.60
CA GLY K 36 27.05 25.48 -4.67
C GLY K 36 26.20 26.70 -4.40
N CYS K 37 25.02 26.46 -3.83
CA CYS K 37 24.09 27.53 -3.51
C CYS K 37 24.05 27.73 -2.01
N ASN K 38 24.05 28.98 -1.57
CA ASN K 38 23.83 29.29 -0.17
C ASN K 38 22.38 29.63 0.14
N VAL K 39 21.88 29.04 1.21
CA VAL K 39 20.51 29.20 1.68
C VAL K 39 20.55 29.88 3.05
N GLU K 40 21.18 31.04 3.10
CA GLU K 40 21.23 31.85 4.30
C GLU K 40 19.87 32.32 4.86
N GLU K 41 19.04 32.92 4.01
CA GLU K 41 17.79 33.56 4.42
C GLU K 41 16.68 33.53 3.37
N GLY K 42 15.47 33.92 3.77
CA GLY K 42 14.38 34.13 2.83
C GLY K 42 13.85 32.83 2.24
N LEU K 43 13.38 32.90 1.00
CA LEU K 43 12.83 31.73 0.33
C LEU K 43 13.72 31.31 -0.84
N THR K 44 14.06 30.03 -0.88
CA THR K 44 14.91 29.52 -1.95
C THR K 44 14.11 28.54 -2.81
N ILE K 45 13.97 28.87 -4.09
CA ILE K 45 13.16 28.08 -5.00
C ILE K 45 13.99 27.44 -6.11
N PHE K 46 13.83 26.12 -6.27
CA PHE K 46 14.49 25.38 -7.34
C PHE K 46 13.54 25.15 -8.53
N LEU K 47 14.00 25.53 -9.72
CA LEU K 47 13.25 25.27 -10.95
C LEU K 47 13.66 23.92 -11.53
N VAL K 48 12.76 22.95 -11.45
CA VAL K 48 13.09 21.57 -11.77
C VAL K 48 12.22 21.02 -12.90
N ASN K 49 12.81 20.20 -13.77
CA ASN K 49 12.04 19.50 -14.79
C ASN K 49 12.33 18.01 -14.72
N ASN K 50 11.81 17.25 -15.66
CA ASN K 50 12.16 15.83 -15.73
C ASN K 50 11.92 15.32 -17.15
N PRO K 51 12.93 15.47 -18.01
CA PRO K 51 12.86 15.11 -19.44
C PRO K 51 12.53 13.65 -19.67
N LYS K 53 9.44 10.94 -17.61
CA LYS K 53 8.97 11.89 -18.61
C LYS K 53 7.95 12.86 -18.01
N GLU K 54 6.67 12.63 -18.29
CA GLU K 54 5.66 13.57 -17.84
C GLU K 54 5.27 13.31 -16.39
N ASN K 55 4.63 14.29 -15.79
CA ASN K 55 4.57 14.49 -14.34
C ASN K 55 5.54 13.65 -13.49
N GLY K 56 6.84 13.76 -13.77
CA GLY K 56 7.83 12.95 -13.09
C GLY K 56 8.26 13.49 -11.72
N PRO K 57 9.04 12.69 -10.97
CA PRO K 57 9.47 13.04 -9.62
C PRO K 57 10.44 14.22 -9.59
N VAL K 58 10.51 14.90 -8.44
CA VAL K 58 11.42 16.02 -8.28
C VAL K 58 12.83 15.54 -7.95
N LYS K 59 13.81 16.12 -8.63
CA LYS K 59 15.20 15.84 -8.35
C LYS K 59 16.02 17.12 -8.38
N ILE K 60 16.56 17.48 -7.23
CA ILE K 60 17.44 18.63 -7.15
C ILE K 60 18.82 18.14 -7.52
N SER K 61 19.59 18.97 -8.22
CA SER K 61 20.87 18.50 -8.71
C SER K 61 21.96 19.52 -8.48
N SER K 62 21.82 20.28 -7.38
CA SER K 62 22.74 21.36 -7.06
C SER K 62 23.20 21.23 -5.62
N LYS K 63 24.51 21.33 -5.43
CA LYS K 63 25.09 21.25 -4.11
C LYS K 63 24.64 22.46 -3.29
N VAL K 64 24.09 22.21 -2.12
CA VAL K 64 23.72 23.28 -1.21
C VAL K 64 24.62 23.23 0.03
N ASN K 65 25.31 24.34 0.28
CA ASN K 65 26.27 24.40 1.38
C ASN K 65 25.60 24.53 2.75
N ASP K 66 24.68 23.60 3.02
CA ASP K 66 23.99 23.58 4.29
C ASP K 66 23.48 22.15 4.50
N LYS K 67 23.94 21.54 5.59
CA LYS K 67 23.66 20.13 5.85
C LYS K 67 22.19 19.85 6.15
N GLN K 68 21.54 20.76 6.88
CA GLN K 68 20.15 20.54 7.25
C GLN K 68 19.26 20.63 6.02
N VAL K 69 19.57 21.58 5.14
CA VAL K 69 18.77 21.76 3.92
C VAL K 69 19.15 20.74 2.83
N SER K 70 20.36 20.20 2.92
CA SER K 70 20.78 19.18 1.98
C SER K 70 20.03 17.88 2.24
N GLU K 71 19.77 17.60 3.51
CA GLU K 71 19.05 16.40 3.90
C GLU K 71 17.61 16.53 3.40
N PHE K 72 17.04 17.73 3.51
CA PHE K 72 15.69 18.01 3.01
C PHE K 72 15.59 17.84 1.50
N LEU K 73 16.62 18.30 0.79
CA LEU K 73 16.59 18.30 -0.67
C LEU K 73 17.09 16.99 -1.25
N LYS K 74 17.27 15.98 -0.40
CA LYS K 74 17.69 14.66 -0.86
C LYS K 74 16.60 14.06 -1.77
N ASP K 75 16.99 13.18 -2.69
CA ASP K 75 16.04 12.66 -3.66
C ASP K 75 14.86 11.89 -3.03
N GLU K 76 15.12 11.13 -1.97
CA GLU K 76 14.06 10.39 -1.28
C GLU K 76 12.95 11.29 -0.77
N ASN K 77 13.32 12.49 -0.30
CA ASN K 77 12.30 13.40 0.18
C ASN K 77 11.59 14.10 -0.97
N MET K 78 12.32 14.39 -2.04
CA MET K 78 11.75 15.21 -3.10
C MET K 78 10.95 14.34 -4.07
N GLU K 79 11.11 13.03 -4.00
CA GLU K 79 10.39 12.23 -4.99
C GLU K 79 8.97 12.00 -4.61
N LYS K 80 8.57 12.49 -3.46
CA LYS K 80 7.20 12.64 -2.97
C LYS K 80 6.46 13.65 -3.86
N PHE K 81 7.21 14.52 -4.50
CA PHE K 81 6.64 15.59 -5.31
C PHE K 81 6.92 15.37 -6.73
N ASN K 82 6.16 15.99 -7.56
CA ASN K 82 6.32 15.85 -8.99
C ASN K 82 6.49 17.18 -9.72
N VAL K 83 6.94 17.12 -10.97
CA VAL K 83 7.32 18.32 -11.72
C VAL K 83 6.25 18.79 -12.68
N LYS K 84 5.03 18.30 -12.52
CA LYS K 84 3.92 18.72 -13.39
C LYS K 84 3.97 20.24 -13.48
N LEU K 85 3.95 20.76 -14.69
CA LEU K 85 4.23 22.18 -14.95
C LEU K 85 3.38 23.13 -14.10
N GLY K 86 4.04 23.90 -13.24
CA GLY K 86 3.38 24.90 -12.42
C GLY K 86 3.15 24.48 -10.99
N THR K 87 3.27 23.19 -10.73
CA THR K 87 3.03 22.64 -9.39
C THR K 87 4.10 23.18 -8.46
N SER K 88 3.76 23.41 -7.20
CA SER K 88 4.74 23.92 -6.26
C SER K 88 4.54 23.44 -4.84
N LYS K 89 5.64 23.36 -4.11
CA LYS K 89 5.65 23.02 -2.71
C LYS K 89 6.79 23.82 -2.08
N HIS K 90 6.61 24.31 -0.86
CA HIS K 90 7.71 24.96 -0.15
C HIS K 90 7.52 24.79 1.35
N PHE K 91 8.63 24.54 2.04
CA PHE K 91 8.64 24.29 3.48
C PHE K 91 9.48 25.27 4.28
N TYR K 92 9.06 25.50 5.52
CA TYR K 92 9.81 26.30 6.47
C TYR K 92 10.56 25.37 7.42
N MET K 93 11.83 25.71 7.67
CA MET K 93 12.69 24.88 8.50
C MET K 93 13.85 25.70 9.05
N PHE K 94 14.64 25.08 9.93
CA PHE K 94 15.85 25.73 10.42
C PHE K 94 17.05 25.16 9.68
N ASN K 95 17.96 26.04 9.29
CA ASN K 95 19.17 25.66 8.59
C ASN K 95 20.28 25.36 9.61
N ASP K 96 21.52 25.26 9.16
CA ASP K 96 22.60 24.89 10.07
C ASP K 96 22.79 25.89 11.19
N ASN K 97 22.49 27.15 10.90
CA ASN K 97 22.69 28.22 11.87
C ASN K 97 21.48 28.49 12.76
N LYS K 98 20.53 27.55 12.77
CA LYS K 98 19.29 27.71 13.52
C LYS K 98 18.58 29.00 13.10
N ASN K 99 18.68 29.32 11.82
CA ASN K 99 17.93 30.45 11.25
C ASN K 99 16.78 29.95 10.41
N SER K 100 15.67 30.67 10.42
CA SER K 100 14.52 30.24 9.64
C SER K 100 14.63 30.60 8.17
N VAL K 101 14.66 29.58 7.32
CA VAL K 101 14.63 29.78 5.88
C VAL K 101 13.54 28.91 5.31
N ALA K 102 13.02 29.30 4.15
CA ALA K 102 12.00 28.52 3.48
C ALA K 102 12.53 28.05 2.13
N VAL K 103 12.34 26.76 1.83
CA VAL K 103 12.90 26.17 0.63
C VAL K 103 11.81 25.42 -0.12
N GLY K 104 11.90 25.41 -1.44
CA GLY K 104 10.93 24.72 -2.26
C GLY K 104 11.28 24.63 -3.73
N TYR K 105 10.30 24.25 -4.53
CA TYR K 105 10.46 24.09 -5.97
C TYR K 105 9.21 24.52 -6.72
N VAL K 106 9.40 24.77 -8.01
CA VAL K 106 8.29 24.98 -8.94
C VAL K 106 8.51 24.03 -10.13
N GLY K 107 7.51 23.22 -10.44
CA GLY K 107 7.65 22.26 -11.52
C GLY K 107 7.75 22.93 -12.89
N CYS K 108 8.69 22.48 -13.70
CA CYS K 108 8.88 23.03 -15.04
C CYS K 108 8.66 21.98 -16.12
N GLY K 109 7.81 21.00 -15.82
CA GLY K 109 7.39 20.04 -16.81
C GLY K 109 8.41 19.03 -17.28
N SER K 110 8.23 18.59 -18.52
CA SER K 110 9.03 17.53 -19.08
C SER K 110 9.70 17.99 -20.35
N VAL K 111 9.55 19.27 -20.66
CA VAL K 111 10.03 19.82 -21.92
C VAL K 111 11.29 20.65 -21.67
N ALA K 112 12.39 20.15 -22.22
CA ALA K 112 13.68 20.86 -22.28
C ALA K 112 13.57 22.35 -22.58
N ASP K 113 13.02 22.68 -23.74
CA ASP K 113 12.93 24.12 -24.00
C ASP K 113 11.54 24.67 -23.69
N LEU K 114 11.59 25.54 -22.68
CA LEU K 114 10.40 26.16 -22.12
C LEU K 114 9.88 27.30 -22.99
N SER K 115 8.58 27.29 -23.26
CA SER K 115 7.95 28.36 -24.03
C SER K 115 7.64 29.58 -23.17
N GLU K 116 7.13 30.63 -23.81
CA GLU K 116 6.79 31.86 -23.11
C GLU K 116 5.61 31.65 -22.18
N ALA K 117 4.68 30.80 -22.60
CA ALA K 117 3.50 30.50 -21.81
C ALA K 117 3.90 29.70 -20.58
N ASP K 118 4.86 28.81 -20.77
CA ASP K 118 5.35 27.94 -19.70
C ASP K 118 5.99 28.79 -18.61
N MET K 119 6.78 29.78 -19.02
CA MET K 119 7.43 30.67 -18.08
C MET K 119 6.38 31.46 -17.31
N LYS K 120 5.30 31.81 -18.00
CA LYS K 120 4.21 32.52 -17.37
C LYS K 120 3.59 31.69 -16.26
N ARG K 121 3.37 30.40 -16.52
CA ARG K 121 2.81 29.53 -15.50
C ARG K 121 3.79 29.31 -14.34
N VAL K 122 5.08 29.20 -14.67
CA VAL K 122 6.12 29.07 -13.65
C VAL K 122 6.22 30.32 -12.79
N VAL K 123 6.26 31.49 -13.43
CA VAL K 123 6.35 32.75 -12.71
C VAL K 123 5.13 32.98 -11.81
N LEU K 124 3.92 32.73 -12.33
CA LEU K 124 2.71 32.84 -11.51
C LEU K 124 2.74 31.94 -10.28
N SER K 125 3.24 30.72 -10.42
CA SER K 125 3.34 29.83 -9.28
C SER K 125 4.33 30.42 -8.28
N LEU K 126 5.38 31.04 -8.80
CA LEU K 126 6.37 31.72 -7.98
C LEU K 126 5.82 32.93 -7.24
N VAL K 127 5.07 33.75 -7.98
CA VAL K 127 4.50 34.98 -7.44
C VAL K 127 3.47 34.68 -6.36
N THR K 128 2.78 33.55 -6.51
CA THR K 128 1.81 33.17 -5.49
C THR K 128 2.52 33.05 -4.16
N MET K 129 3.68 32.40 -4.11
CA MET K 129 4.39 32.21 -2.85
C MET K 129 4.91 33.52 -2.29
N LEU K 130 5.16 34.50 -3.16
CA LEU K 130 5.67 35.78 -2.73
C LEU K 130 4.54 36.63 -2.14
N HIS K 131 3.33 36.42 -2.65
CA HIS K 131 2.14 37.11 -2.18
C HIS K 131 1.61 36.48 -0.89
N ASP K 132 2.05 35.24 -0.61
CA ASP K 132 1.60 34.49 0.56
C ASP K 132 2.61 34.43 1.71
N ASN K 133 3.74 35.12 1.55
CA ASN K 133 4.80 35.10 2.55
C ASN K 133 5.40 36.49 2.83
N LYS K 134 5.76 36.76 4.09
CA LYS K 134 6.27 38.08 4.47
C LYS K 134 7.81 38.10 4.42
N LEU K 135 8.33 37.58 3.30
CA LEU K 135 9.76 37.43 3.05
C LEU K 135 10.56 38.70 2.76
N SER K 136 11.86 38.64 3.05
CA SER K 136 12.77 39.75 2.76
C SER K 136 13.65 39.43 1.55
N LYS K 137 13.84 38.14 1.28
CA LYS K 137 14.70 37.72 0.18
C LYS K 137 14.14 36.52 -0.58
N LEU K 138 14.24 36.57 -1.90
CA LEU K 138 13.92 35.42 -2.73
C LEU K 138 15.15 34.96 -3.50
N THR K 139 15.43 33.67 -3.45
CA THR K 139 16.54 33.12 -4.21
C THR K 139 16.00 32.06 -5.18
N VAL K 140 16.30 32.23 -6.45
CA VAL K 140 15.81 31.30 -7.46
C VAL K 140 16.98 30.56 -8.09
N VAL K 141 16.90 29.23 -8.07
CA VAL K 141 17.95 28.41 -8.64
C VAL K 141 17.47 27.80 -9.94
N PHE K 142 18.14 28.16 -11.04
CA PHE K 142 17.75 27.71 -12.36
C PHE K 142 18.38 26.37 -12.69
N GLU K 143 17.64 25.28 -12.44
CA GLU K 143 18.09 23.96 -12.86
C GLU K 143 17.39 23.58 -14.16
N ILE K 144 17.15 24.57 -15.01
CA ILE K 144 16.60 24.38 -16.34
C ILE K 144 17.39 25.19 -17.35
N ASN K 145 17.17 24.95 -18.64
CA ASN K 145 17.88 25.71 -19.66
C ASN K 145 17.08 26.87 -20.21
N VAL K 146 17.67 28.05 -20.09
CA VAL K 146 17.08 29.28 -20.59
C VAL K 146 18.15 30.14 -21.28
N ASP K 147 17.79 30.75 -22.39
CA ASP K 147 18.70 31.71 -23.03
C ASP K 147 18.63 33.06 -22.32
N LYS K 148 19.41 34.03 -22.81
CA LYS K 148 19.43 35.35 -22.19
C LYS K 148 18.07 36.01 -22.30
N ASN K 149 17.42 35.82 -23.46
CA ASN K 149 16.11 36.40 -23.72
C ASN K 149 15.03 35.86 -22.78
N LEU K 150 15.05 34.55 -22.55
CA LEU K 150 14.06 33.91 -21.70
C LEU K 150 14.32 34.26 -20.24
N PHE K 151 15.59 34.46 -19.90
CA PHE K 151 15.94 34.84 -18.53
C PHE K 151 15.43 36.25 -18.22
N ARG K 152 15.61 37.17 -19.17
CA ARG K 152 15.11 38.53 -18.97
C ARG K 152 13.60 38.50 -18.86
N PHE K 153 12.98 37.70 -19.72
CA PHE K 153 11.55 37.54 -19.72
C PHE K 153 11.06 37.00 -18.37
N PHE K 154 11.82 36.10 -17.76
CA PHE K 154 11.47 35.56 -16.45
C PHE K 154 11.38 36.66 -15.40
N LEU K 155 12.40 37.49 -15.31
CA LEU K 155 12.45 38.56 -14.34
C LEU K 155 11.37 39.61 -14.62
N GLU K 156 11.27 40.05 -15.88
CA GLU K 156 10.24 41.02 -16.27
C GLU K 156 8.85 40.62 -15.84
N THR K 157 8.47 39.39 -16.20
CA THR K 157 7.16 38.89 -15.90
C THR K 157 7.01 38.73 -14.39
N LEU K 158 8.08 38.24 -13.74
CA LEU K 158 8.10 38.13 -12.29
C LEU K 158 7.89 39.49 -11.65
N PHE K 159 8.66 40.49 -12.05
CA PHE K 159 8.49 41.84 -11.54
C PHE K 159 7.06 42.32 -11.78
N TYR K 160 6.56 42.07 -13.00
CA TYR K 160 5.25 42.55 -13.40
C TYR K 160 4.12 41.88 -12.62
N GLU K 161 4.17 40.57 -12.47
CA GLU K 161 3.09 39.84 -11.82
C GLU K 161 3.13 40.05 -10.30
N TYR K 162 4.32 40.28 -9.78
CA TYR K 162 4.52 40.47 -8.35
C TYR K 162 3.94 41.81 -7.92
N MET K 163 4.09 42.81 -8.79
CA MET K 163 3.59 44.14 -8.51
C MET K 163 2.07 44.18 -8.47
N THR K 164 1.52 44.92 -7.51
CA THR K 164 0.07 45.04 -7.36
C THR K 164 -0.37 46.50 -7.43
N ASP K 165 -1.33 46.77 -8.31
CA ASP K 165 -1.82 48.13 -8.54
C ASP K 165 -2.89 48.53 -7.51
N GLU K 166 -2.56 49.52 -6.68
CA GLU K 166 -3.46 49.94 -5.62
C GLU K 166 -3.81 51.42 -5.67
N ARG K 167 -3.63 52.03 -6.84
CA ARG K 167 -3.91 53.46 -7.01
C ARG K 167 -5.36 53.79 -6.66
N PHE K 168 -6.25 52.83 -6.89
CA PHE K 168 -7.69 53.07 -6.74
C PHE K 168 -8.29 52.37 -5.52
N LYS K 169 -7.46 51.80 -4.66
CA LYS K 169 -7.94 51.29 -3.39
C LYS K 169 -7.95 52.42 -2.37
N SER K 170 -8.82 52.42 -1.38
CA SER K 170 -8.79 53.48 -0.37
C SER K 170 -8.94 52.79 0.95
N GLU K 178 4.58 44.51 2.00
CA GLU K 178 5.89 43.96 2.33
C GLU K 178 6.56 43.24 1.15
N TYR K 179 7.20 44.01 0.28
CA TYR K 179 7.91 43.44 -0.87
C TYR K 179 9.32 43.02 -0.48
N ILE K 180 9.82 41.95 -1.11
CA ILE K 180 11.20 41.51 -0.89
C ILE K 180 12.18 42.62 -1.24
N LYS K 181 13.34 42.60 -0.61
CA LYS K 181 14.35 43.61 -0.87
C LYS K 181 15.55 43.05 -1.62
N HIS K 182 15.64 41.72 -1.65
CA HIS K 182 16.77 41.06 -2.30
C HIS K 182 16.31 39.91 -3.20
N LEU K 183 16.90 39.82 -4.39
CA LEU K 183 16.64 38.72 -5.31
C LEU K 183 17.94 38.08 -5.72
N GLY K 184 18.11 36.81 -5.36
CA GLY K 184 19.28 36.04 -5.72
C GLY K 184 18.97 35.00 -6.80
N VAL K 185 19.88 34.85 -7.74
CA VAL K 185 19.73 33.88 -8.82
C VAL K 185 20.97 33.00 -8.96
N TYR K 186 20.78 31.69 -8.89
CA TYR K 186 21.85 30.76 -9.20
C TYR K 186 21.59 30.14 -10.57
N ILE K 187 22.54 30.34 -11.48
CA ILE K 187 22.42 29.88 -12.87
C ILE K 187 23.78 29.59 -13.48
N ASN K 188 23.82 28.81 -14.56
CA ASN K 188 25.09 28.53 -15.22
C ASN K 188 25.45 29.70 -16.13
N ASN K 189 26.74 30.00 -16.18
CA ASN K 189 27.29 31.16 -16.89
C ASN K 189 26.64 32.46 -16.48
N ALA K 190 26.64 32.68 -15.18
CA ALA K 190 25.97 33.81 -14.55
C ALA K 190 26.43 35.11 -15.19
N ASP K 191 27.70 35.18 -15.57
CA ASP K 191 28.24 36.41 -16.17
C ASP K 191 27.55 36.77 -17.48
N THR K 192 26.95 35.79 -18.14
CA THR K 192 26.28 36.01 -19.41
C THR K 192 24.88 36.62 -19.22
N TYR K 193 24.30 36.37 -18.05
CA TYR K 193 22.93 36.80 -17.79
C TYR K 193 22.84 38.15 -17.08
N LYS K 194 23.96 38.59 -16.52
CA LYS K 194 23.99 39.80 -15.71
C LYS K 194 23.55 41.08 -16.44
N GLU K 195 23.85 41.20 -17.74
CA GLU K 195 23.47 42.41 -18.47
C GLU K 195 21.96 42.52 -18.65
N GLU K 196 21.27 41.39 -18.52
CA GLU K 196 19.83 41.35 -18.75
C GLU K 196 19.01 41.88 -17.58
N VAL K 197 19.64 41.99 -16.41
CA VAL K 197 18.95 42.35 -15.19
C VAL K 197 18.35 43.75 -15.25
N GLU K 198 19.18 44.75 -15.52
CA GLU K 198 18.71 46.13 -15.55
C GLU K 198 17.88 46.43 -16.79
N LYS K 199 18.09 45.66 -17.85
CA LYS K 199 17.24 45.76 -19.03
C LYS K 199 15.83 45.30 -18.69
N ALA K 200 15.77 44.25 -17.88
CA ALA K 200 14.49 43.69 -17.44
C ALA K 200 13.73 44.71 -16.60
N ARG K 201 14.44 45.38 -15.70
CA ARG K 201 13.83 46.35 -14.82
C ARG K 201 13.22 47.50 -15.62
N VAL K 202 13.91 47.92 -16.67
CA VAL K 202 13.43 48.98 -17.55
C VAL K 202 12.22 48.52 -18.38
N TYR K 203 12.34 47.36 -19.01
CA TYR K 203 11.24 46.80 -19.79
C TYR K 203 10.02 46.58 -18.91
N TYR K 204 10.28 46.17 -17.66
CA TYR K 204 9.24 45.97 -16.66
C TYR K 204 8.37 47.21 -16.49
N PHE K 205 9.01 48.34 -16.24
CA PHE K 205 8.24 49.52 -15.91
C PHE K 205 7.44 50.03 -17.10
N GLY K 206 8.05 50.00 -18.28
CA GLY K 206 7.36 50.37 -19.51
C GLY K 206 6.12 49.51 -19.66
N THR K 207 6.27 48.22 -19.37
CA THR K 207 5.17 47.28 -19.43
C THR K 207 4.15 47.61 -18.34
N TYR K 208 4.64 47.87 -17.14
CA TYR K 208 3.77 48.20 -16.02
C TYR K 208 3.13 49.58 -16.19
N TYR K 209 3.87 50.52 -16.78
CA TYR K 209 3.35 51.85 -17.06
C TYR K 209 2.16 51.75 -18.02
N ALA K 210 2.32 50.93 -19.06
CA ALA K 210 1.24 50.66 -19.98
C ALA K 210 0.08 50.05 -19.21
N SER K 211 0.42 49.10 -18.35
CA SER K 211 -0.58 48.46 -17.50
C SER K 211 -1.35 49.50 -16.69
N GLN K 212 -0.64 50.48 -16.13
CA GLN K 212 -1.28 51.53 -15.33
C GLN K 212 -2.26 52.39 -16.12
N LEU K 213 -1.92 52.73 -17.37
CA LEU K 213 -2.81 53.54 -18.19
C LEU K 213 -4.07 52.80 -18.62
N ILE K 214 -3.91 51.52 -18.96
CA ILE K 214 -5.03 50.72 -19.41
C ILE K 214 -6.02 50.46 -18.28
N ALA K 215 -5.49 50.10 -17.11
CA ALA K 215 -6.32 49.75 -15.97
C ALA K 215 -7.08 50.95 -15.41
N ALA K 216 -6.55 52.14 -15.62
CA ALA K 216 -7.22 53.37 -15.22
C ALA K 216 -8.57 53.50 -15.92
N PRO K 217 -9.64 53.71 -15.13
CA PRO K 217 -10.99 53.85 -15.70
C PRO K 217 -11.10 55.08 -16.58
N SER K 218 -12.13 55.12 -17.42
CA SER K 218 -12.23 56.15 -18.45
C SER K 218 -12.57 57.52 -17.89
N ASN K 219 -13.10 57.58 -16.68
CA ASN K 219 -13.36 58.88 -16.06
C ASN K 219 -12.06 59.47 -15.52
N TYR K 220 -11.09 58.60 -15.24
CA TYR K 220 -9.73 59.03 -14.91
C TYR K 220 -8.91 59.22 -16.18
N CYS K 221 -8.92 58.19 -17.02
CA CYS K 221 -8.15 58.18 -18.25
C CYS K 221 -9.06 58.59 -19.41
N ASN K 222 -8.97 59.86 -19.77
CA ASN K 222 -9.75 60.46 -20.84
C ASN K 222 -8.81 61.07 -21.88
N PRO K 223 -9.35 61.52 -23.04
CA PRO K 223 -8.46 62.07 -24.06
C PRO K 223 -7.47 63.13 -23.57
N VAL K 224 -7.92 64.00 -22.67
CA VAL K 224 -7.07 65.07 -22.17
C VAL K 224 -6.08 64.60 -21.11
N SER K 225 -6.56 63.87 -20.12
CA SER K 225 -5.71 63.45 -19.01
C SER K 225 -4.61 62.47 -19.45
N LEU K 226 -4.90 61.69 -20.48
CA LEU K 226 -3.94 60.75 -21.04
C LEU K 226 -2.82 61.46 -21.79
N SER K 227 -3.20 62.47 -22.57
CA SER K 227 -2.22 63.27 -23.28
C SER K 227 -1.38 64.09 -22.31
N ASN K 228 -2.00 64.53 -21.21
CA ASN K 228 -1.26 65.22 -20.15
C ASN K 228 -0.22 64.29 -19.55
N ALA K 229 -0.60 63.04 -19.33
CA ALA K 229 0.31 62.06 -18.78
C ALA K 229 1.46 61.82 -19.76
N ALA K 230 1.13 61.90 -21.05
CA ALA K 230 2.12 61.71 -22.11
C ALA K 230 3.16 62.84 -22.11
N VAL K 231 2.69 64.06 -21.92
CA VAL K 231 3.59 65.21 -21.83
C VAL K 231 4.48 65.09 -20.59
N GLU K 232 3.86 64.71 -19.47
CA GLU K 232 4.65 64.60 -18.26
C GLU K 232 5.71 63.49 -18.39
N LEU K 233 5.40 62.41 -19.11
CA LEU K 233 6.38 61.37 -19.38
C LEU K 233 7.49 61.89 -20.29
N ALA K 234 7.10 62.63 -21.33
CA ALA K 234 8.04 63.21 -22.29
C ALA K 234 9.00 64.17 -21.61
N GLN K 235 8.49 64.90 -20.62
CA GLN K 235 9.28 65.85 -19.86
C GLN K 235 10.28 65.12 -18.98
N LYS K 236 9.87 63.97 -18.45
CA LYS K 236 10.73 63.17 -17.59
C LYS K 236 11.85 62.47 -18.35
N LEU K 237 11.62 62.24 -19.64
CA LEU K 237 12.60 61.53 -20.45
C LEU K 237 13.42 62.44 -21.36
N ASN K 238 13.07 63.73 -21.37
CA ASN K 238 13.69 64.71 -22.24
C ASN K 238 13.43 64.37 -23.69
N LEU K 239 12.17 64.08 -24.00
CA LEU K 239 11.73 63.81 -25.37
C LEU K 239 11.03 65.06 -25.90
N GLU K 240 11.18 65.35 -27.19
CA GLU K 240 10.34 66.39 -27.75
C GLU K 240 8.89 65.92 -27.84
N TYR K 241 7.98 66.83 -27.52
CA TYR K 241 6.57 66.51 -27.47
C TYR K 241 5.72 67.58 -28.13
N LYS K 242 4.59 67.14 -28.68
CA LYS K 242 3.64 68.01 -29.34
C LYS K 242 2.24 67.44 -29.19
N ILE K 243 1.32 68.26 -28.69
CA ILE K 243 -0.07 67.83 -28.59
C ILE K 243 -0.96 68.67 -29.48
N LEU K 244 -1.62 68.01 -30.43
CA LEU K 244 -2.50 68.69 -31.37
C LEU K 244 -3.94 68.72 -30.82
N GLY K 245 -4.54 69.90 -30.77
CA GLY K 245 -5.92 70.04 -30.34
C GLY K 245 -6.85 70.09 -31.54
N VAL K 246 -8.14 70.35 -31.30
CA VAL K 246 -9.13 70.36 -32.37
C VAL K 246 -8.80 71.36 -33.50
N LYS K 247 -8.34 72.56 -33.15
CA LYS K 247 -8.06 73.60 -34.14
C LYS K 247 -6.94 73.21 -35.09
N GLU K 248 -5.89 72.60 -34.55
CA GLU K 248 -4.80 72.17 -35.44
C GLU K 248 -5.22 70.94 -36.24
N LEU K 249 -6.10 70.11 -35.70
CA LEU K 249 -6.62 68.98 -36.43
C LEU K 249 -7.56 69.39 -37.57
N GLU K 250 -8.31 70.48 -37.36
CA GLU K 250 -9.20 71.00 -38.40
C GLU K 250 -8.50 71.46 -39.67
N GLU K 251 -7.42 72.22 -39.51
CA GLU K 251 -6.57 72.74 -40.56
C GLU K 251 -5.96 71.59 -41.35
N LEU K 252 -5.60 70.58 -40.57
CA LEU K 252 -4.92 69.40 -41.09
C LEU K 252 -5.95 68.51 -41.78
N LYS K 253 -7.22 68.91 -41.69
CA LYS K 253 -8.31 68.24 -42.38
C LYS K 253 -8.48 66.78 -41.96
N MET K 254 -8.22 66.50 -40.68
CA MET K 254 -8.33 65.14 -40.16
C MET K 254 -9.78 64.83 -39.77
N GLY K 255 -10.65 64.75 -40.78
CA GLY K 255 -12.08 64.60 -40.58
C GLY K 255 -12.54 63.27 -40.02
N ALA K 256 -11.81 62.20 -40.37
CA ALA K 256 -12.14 60.86 -39.90
C ALA K 256 -11.92 60.77 -38.40
N TYR K 257 -10.76 61.23 -37.96
CA TYR K 257 -10.38 61.23 -36.55
C TYR K 257 -11.33 62.09 -35.72
N LEU K 258 -11.63 63.29 -36.22
CA LEU K 258 -12.50 64.22 -35.51
C LEU K 258 -13.92 63.69 -35.38
N SER K 259 -14.35 62.90 -36.35
CA SER K 259 -15.71 62.39 -36.32
C SER K 259 -15.89 61.46 -35.13
N VAL K 260 -14.92 60.59 -34.87
CA VAL K 260 -15.03 59.62 -33.77
C VAL K 260 -15.20 60.26 -32.40
N GLY K 261 -14.56 61.42 -32.19
CA GLY K 261 -14.58 62.05 -30.89
C GLY K 261 -15.64 63.09 -30.71
N LYS K 262 -16.44 63.32 -31.75
CA LYS K 262 -17.47 64.36 -31.76
C LYS K 262 -18.45 64.22 -30.59
N GLY K 263 -18.77 62.98 -30.26
CA GLY K 263 -19.75 62.68 -29.22
C GLY K 263 -19.20 62.69 -27.81
N SER K 264 -17.94 63.07 -27.64
CA SER K 264 -17.31 63.09 -26.33
C SER K 264 -17.35 64.47 -25.69
N MET K 265 -17.36 64.51 -24.36
CA MET K 265 -17.28 65.77 -23.63
C MET K 265 -15.82 66.23 -23.58
N TYR K 266 -14.92 65.33 -23.99
CA TYR K 266 -13.49 65.60 -24.01
C TYR K 266 -13.00 65.86 -25.42
N PRO K 267 -12.34 67.01 -25.63
CA PRO K 267 -11.74 67.39 -26.92
C PRO K 267 -10.70 66.38 -27.39
N ASN K 268 -10.63 66.17 -28.71
CA ASN K 268 -9.64 65.27 -29.28
C ASN K 268 -8.20 65.75 -28.99
N LYS K 269 -7.31 64.81 -28.66
CA LYS K 269 -5.91 65.15 -28.40
C LYS K 269 -4.98 64.19 -29.12
N PHE K 270 -4.16 64.73 -30.01
CA PHE K 270 -3.21 63.93 -30.77
C PHE K 270 -1.82 63.95 -30.11
N ILE K 271 -1.32 62.77 -29.75
CA ILE K 271 -0.02 62.63 -29.11
C ILE K 271 1.11 62.41 -30.13
N HIS K 272 2.14 63.25 -30.05
CA HIS K 272 3.31 63.12 -30.90
C HIS K 272 4.57 63.25 -30.05
N LEU K 273 5.10 62.13 -29.59
CA LEU K 273 6.35 62.11 -28.84
C LEU K 273 7.51 61.77 -29.77
N THR K 274 8.69 62.30 -29.48
CA THR K 274 9.84 62.03 -30.33
C THR K 274 11.12 61.79 -29.55
N TYR K 275 11.77 60.68 -29.88
CA TYR K 275 13.12 60.38 -29.41
C TYR K 275 14.09 60.60 -30.54
N LYS K 276 15.12 61.40 -30.33
CA LYS K 276 16.14 61.56 -31.35
C LYS K 276 17.51 61.30 -30.76
N SER K 277 18.31 60.48 -31.46
CA SER K 277 19.66 60.15 -31.03
C SER K 277 20.58 61.35 -31.26
N LYS K 278 21.61 61.49 -30.43
CA LYS K 278 22.52 62.62 -30.55
C LYS K 278 23.47 62.44 -31.75
N GLY K 279 23.66 61.20 -32.18
CA GLY K 279 24.35 60.91 -33.43
C GLY K 279 23.58 61.39 -34.63
N ASP K 280 23.94 60.87 -35.80
CA ASP K 280 23.16 61.14 -36.97
C ASP K 280 22.28 59.93 -37.21
N VAL K 281 21.12 60.17 -37.80
CA VAL K 281 20.06 59.17 -37.86
C VAL K 281 20.10 58.32 -39.11
N LYS K 282 20.13 56.99 -38.92
CA LYS K 282 20.20 56.11 -40.08
C LYS K 282 18.87 55.39 -40.34
N LYS K 283 17.89 55.60 -39.46
CA LYS K 283 16.55 55.06 -39.67
C LYS K 283 15.48 55.90 -38.97
N LYS K 284 14.44 56.30 -39.70
CA LYS K 284 13.34 57.04 -39.06
C LYS K 284 12.10 56.16 -38.92
N ILE K 285 11.60 56.04 -37.69
CA ILE K 285 10.47 55.15 -37.41
C ILE K 285 9.29 55.87 -36.74
N ALA K 286 8.08 55.61 -37.24
CA ALA K 286 6.86 56.09 -36.62
C ALA K 286 6.05 54.95 -36.01
N LEU K 287 5.76 55.07 -34.71
CA LEU K 287 4.90 54.11 -34.02
C LEU K 287 3.55 54.75 -33.73
N VAL K 288 2.48 54.11 -34.21
CA VAL K 288 1.15 54.66 -34.08
C VAL K 288 0.26 53.77 -33.22
N GLY K 289 -0.41 54.37 -32.24
CA GLY K 289 -1.26 53.60 -31.35
C GLY K 289 -2.73 54.03 -31.35
N LYS K 290 -3.58 53.05 -31.29
CA LYS K 290 -4.98 53.38 -31.22
C LYS K 290 -5.26 53.86 -29.82
N GLY K 291 -5.89 55.00 -29.72
CA GLY K 291 -6.10 55.61 -28.43
C GLY K 291 -7.54 56.00 -28.14
N ILE K 292 -8.42 55.00 -28.10
CA ILE K 292 -9.81 55.25 -27.76
C ILE K 292 -10.00 55.00 -26.28
N THR K 293 -10.14 56.05 -25.49
CA THR K 293 -10.16 55.90 -24.02
C THR K 293 -11.39 55.14 -23.54
N PHE K 294 -12.48 55.23 -24.31
CA PHE K 294 -13.63 54.37 -24.09
C PHE K 294 -14.39 54.14 -25.38
N ASP K 295 -14.67 52.89 -25.68
CA ASP K 295 -15.40 52.53 -26.87
C ASP K 295 -16.80 52.08 -26.49
N SER K 296 -17.78 52.98 -26.54
CA SER K 296 -19.16 52.58 -26.29
C SER K 296 -19.72 51.93 -27.54
N GLY K 297 -19.10 52.21 -28.68
CA GLY K 297 -19.57 51.72 -29.95
C GLY K 297 -20.27 52.83 -30.70
N GLY K 298 -20.59 53.91 -29.98
CA GLY K 298 -21.38 54.98 -30.54
C GLY K 298 -22.81 54.53 -30.75
N TYR K 299 -23.45 55.05 -31.79
CA TYR K 299 -24.82 54.71 -32.11
C TYR K 299 -24.99 53.24 -32.48
N ASN K 300 -23.91 52.62 -32.95
CA ASN K 300 -23.84 51.16 -33.00
C ASN K 300 -23.39 50.62 -31.64
N LEU K 301 -24.19 50.91 -30.63
CA LEU K 301 -23.85 50.66 -29.23
C LEU K 301 -23.49 49.21 -28.93
N LYS K 302 -22.52 49.03 -28.06
CA LYS K 302 -22.15 47.70 -27.62
C LYS K 302 -23.23 47.16 -26.69
N ALA K 303 -24.26 46.59 -27.29
CA ALA K 303 -25.40 46.14 -26.54
C ALA K 303 -25.62 44.64 -26.74
N ALA K 304 -24.90 44.05 -27.68
CA ALA K 304 -25.05 42.63 -27.95
C ALA K 304 -24.40 41.77 -26.86
N PRO K 305 -25.00 40.62 -26.58
CA PRO K 305 -24.47 39.68 -25.57
C PRO K 305 -23.05 39.23 -25.92
N GLY K 306 -22.06 39.69 -25.15
CA GLY K 306 -20.69 39.34 -25.44
C GLY K 306 -19.81 40.54 -25.78
N SER K 307 -20.43 41.70 -25.92
CA SER K 307 -19.72 42.91 -26.33
C SER K 307 -18.71 43.41 -25.30
N MET K 308 -18.92 43.03 -24.04
CA MET K 308 -18.01 43.37 -22.93
C MET K 308 -17.77 44.86 -22.79
N ILE K 309 -18.84 45.64 -22.72
CA ILE K 309 -18.74 47.09 -22.70
C ILE K 309 -18.07 47.64 -21.43
N ASP K 310 -18.05 46.85 -20.36
CA ASP K 310 -17.44 47.29 -19.12
C ASP K 310 -15.93 47.22 -19.20
N LEU K 311 -15.45 46.57 -20.26
CA LEU K 311 -14.04 46.31 -20.39
C LEU K 311 -13.40 47.32 -21.36
N MET K 312 -14.27 48.13 -21.97
CA MET K 312 -13.86 48.96 -23.10
C MET K 312 -13.04 50.21 -22.76
N LYS K 313 -12.60 50.33 -21.51
CA LYS K 313 -11.59 51.33 -21.19
C LYS K 313 -10.27 50.89 -21.82
N PHE K 314 -10.17 49.61 -22.10
CA PHE K 314 -9.04 48.95 -22.66
C PHE K 314 -8.73 49.25 -24.14
N ASP K 315 -9.52 50.06 -24.77
CA ASP K 315 -9.41 50.25 -26.22
C ASP K 315 -8.36 51.31 -26.58
N MET K 316 -7.54 51.68 -25.60
CA MET K 316 -6.42 52.58 -25.84
C MET K 316 -5.12 51.85 -25.53
N SER K 317 -5.20 50.52 -25.54
CA SER K 317 -4.08 49.65 -25.27
C SER K 317 -2.92 49.91 -26.22
N GLY K 318 -3.23 50.19 -27.48
CA GLY K 318 -2.21 50.49 -28.48
C GLY K 318 -1.41 51.72 -28.14
N CYS K 319 -2.11 52.81 -27.80
CA CYS K 319 -1.45 54.04 -27.40
C CYS K 319 -0.56 53.82 -26.18
N ALA K 320 -1.09 53.08 -25.21
CA ALA K 320 -0.35 52.77 -23.99
C ALA K 320 0.89 51.95 -24.28
N ALA K 321 0.76 50.98 -25.17
CA ALA K 321 1.89 50.15 -25.58
C ALA K 321 2.98 51.01 -26.19
N VAL K 322 2.55 52.00 -26.96
CA VAL K 322 3.45 52.93 -27.60
C VAL K 322 4.16 53.81 -26.59
N LEU K 323 3.42 54.34 -25.62
CA LEU K 323 4.01 55.20 -24.60
C LEU K 323 4.96 54.43 -23.68
N GLY K 324 4.61 53.17 -23.41
CA GLY K 324 5.48 52.31 -22.64
C GLY K 324 6.81 52.15 -23.35
N CYS K 325 6.72 52.03 -24.68
CA CYS K 325 7.92 51.95 -25.51
C CYS K 325 8.70 53.25 -25.42
N ALA K 326 7.99 54.37 -25.37
CA ALA K 326 8.64 55.67 -25.22
C ALA K 326 9.47 55.73 -23.95
N TYR K 327 8.98 55.11 -22.88
CA TYR K 327 9.76 55.03 -21.65
C TYR K 327 11.06 54.27 -21.85
N CYS K 328 10.94 53.08 -22.41
CA CYS K 328 12.07 52.19 -22.64
C CYS K 328 13.06 52.83 -23.60
N VAL K 329 12.54 53.39 -24.70
CA VAL K 329 13.37 54.06 -25.69
C VAL K 329 14.05 55.28 -25.07
N GLY K 330 13.28 56.06 -24.31
CA GLY K 330 13.82 57.25 -23.67
C GLY K 330 14.87 56.94 -22.62
N THR K 331 14.83 55.73 -22.07
CA THR K 331 15.72 55.33 -20.99
C THR K 331 16.99 54.62 -21.48
N LEU K 332 16.83 53.64 -22.37
CA LEU K 332 17.97 52.87 -22.86
C LEU K 332 18.75 53.65 -23.93
N LYS K 333 18.09 54.68 -24.48
CA LYS K 333 18.71 55.64 -25.39
C LYS K 333 19.47 55.00 -26.56
N PRO K 334 18.75 54.36 -27.49
CA PRO K 334 19.42 53.73 -28.63
C PRO K 334 20.17 54.68 -29.55
N GLU K 335 21.00 54.14 -30.42
CA GLU K 335 21.71 55.05 -31.31
C GLU K 335 21.25 54.97 -32.77
N ASN K 336 21.62 55.99 -33.55
CA ASN K 336 21.33 56.09 -34.96
C ASN K 336 19.86 55.88 -35.33
N VAL K 337 18.95 56.30 -34.46
CA VAL K 337 17.53 56.13 -34.71
C VAL K 337 16.75 57.37 -34.31
N GLU K 338 15.72 57.66 -35.08
CA GLU K 338 14.75 58.69 -34.72
C GLU K 338 13.36 58.07 -34.70
N ILE K 339 12.71 58.15 -33.53
CA ILE K 339 11.42 57.51 -33.32
C ILE K 339 10.32 58.52 -33.04
N HIS K 340 9.18 58.31 -33.66
CA HIS K 340 8.02 59.12 -33.41
C HIS K 340 6.96 58.30 -32.78
N PHE K 341 6.50 58.72 -31.64
CA PHE K 341 5.45 58.01 -30.91
C PHE K 341 4.12 58.71 -31.11
N LEU K 342 3.23 58.11 -31.88
CA LEU K 342 2.00 58.77 -32.28
C LEU K 342 0.74 58.08 -31.76
N SER K 343 -0.24 58.89 -31.38
CA SER K 343 -1.57 58.36 -31.08
C SER K 343 -2.64 59.44 -31.16
N ALA K 344 -3.63 59.21 -32.01
CA ALA K 344 -4.79 60.10 -32.11
C ALA K 344 -5.82 59.71 -31.05
N VAL K 345 -5.77 60.38 -29.90
CA VAL K 345 -6.58 59.98 -28.76
C VAL K 345 -7.93 60.68 -28.75
N CYS K 346 -8.99 59.90 -28.54
CA CYS K 346 -10.34 60.44 -28.43
C CYS K 346 -11.28 59.46 -27.73
N GLU K 347 -12.54 59.81 -27.62
CA GLU K 347 -13.54 58.96 -26.96
C GLU K 347 -14.79 58.85 -27.81
N ASN K 348 -15.23 57.62 -28.06
CA ASN K 348 -16.38 57.32 -28.92
C ASN K 348 -17.65 57.12 -28.10
N MET K 349 -18.49 58.14 -28.06
CA MET K 349 -19.64 58.16 -27.16
C MET K 349 -20.97 58.36 -27.86
N VAL K 350 -22.06 58.21 -27.10
CA VAL K 350 -23.39 58.40 -27.64
C VAL K 350 -23.87 59.77 -27.20
N SER K 351 -24.30 60.55 -28.18
CA SER K 351 -24.65 61.95 -27.98
C SER K 351 -25.50 62.51 -29.13
N LYS K 352 -26.02 63.72 -28.93
CA LYS K 352 -26.63 64.47 -30.00
C LYS K 352 -25.55 64.87 -31.00
N ASN K 353 -24.31 64.95 -30.53
CA ASN K 353 -23.21 65.43 -31.36
C ASN K 353 -22.43 64.31 -32.04
N SER K 354 -22.76 63.07 -31.72
CA SER K 354 -22.02 61.91 -32.25
C SER K 354 -22.22 61.78 -33.76
N TYR K 355 -21.36 61.00 -34.38
CA TYR K 355 -21.45 60.67 -35.77
C TYR K 355 -22.43 59.50 -35.92
N ARG K 356 -23.06 59.39 -37.06
CA ARG K 356 -24.10 58.40 -37.28
C ARG K 356 -23.66 57.33 -38.26
N PRO K 357 -24.23 56.13 -38.14
CA PRO K 357 -24.03 55.12 -39.19
C PRO K 357 -24.52 55.67 -40.52
N GLY K 358 -23.68 55.61 -41.55
CA GLY K 358 -24.06 56.12 -42.85
C GLY K 358 -23.40 57.43 -43.23
N ASP K 359 -22.89 58.16 -42.24
CA ASP K 359 -22.20 59.43 -42.49
C ASP K 359 -20.99 59.26 -43.40
N ILE K 360 -20.79 60.20 -44.30
CA ILE K 360 -19.61 60.21 -45.15
C ILE K 360 -18.66 61.33 -44.73
N ILE K 361 -17.43 60.95 -44.40
CA ILE K 361 -16.45 61.89 -43.87
C ILE K 361 -15.17 61.93 -44.72
N THR K 362 -14.40 63.01 -44.62
CA THR K 362 -13.20 63.14 -45.44
C THR K 362 -11.94 63.12 -44.59
N ALA K 363 -11.11 62.11 -44.81
CA ALA K 363 -9.84 61.98 -44.12
C ALA K 363 -8.83 62.98 -44.67
N SER K 364 -7.67 63.07 -44.04
CA SER K 364 -6.69 64.10 -44.37
C SER K 364 -5.97 63.91 -45.70
N ASN K 365 -6.12 62.75 -46.31
CA ASN K 365 -5.49 62.52 -47.61
C ASN K 365 -6.50 62.67 -48.73
N GLY K 366 -7.69 63.12 -48.38
CA GLY K 366 -8.71 63.41 -49.38
C GLY K 366 -9.73 62.30 -49.62
N LYS K 367 -9.47 61.11 -49.09
CA LYS K 367 -10.38 59.99 -49.29
C LYS K 367 -11.66 60.12 -48.46
N THR K 368 -12.80 59.98 -49.12
CA THR K 368 -14.09 60.00 -48.43
C THR K 368 -14.42 58.60 -47.97
N ILE K 369 -14.95 58.49 -46.76
CA ILE K 369 -15.21 57.21 -46.14
C ILE K 369 -16.67 57.11 -45.72
N GLU K 370 -17.34 56.04 -46.13
CA GLU K 370 -18.71 55.79 -45.68
C GLU K 370 -18.72 54.88 -44.46
N VAL K 371 -19.20 55.41 -43.34
CA VAL K 371 -19.29 54.65 -42.10
C VAL K 371 -20.48 53.69 -42.14
N GLY K 372 -20.21 52.40 -41.94
CA GLY K 372 -21.24 51.38 -41.92
C GLY K 372 -21.51 50.91 -40.51
N ASN K 373 -20.56 51.20 -39.63
CA ASN K 373 -20.66 50.86 -38.23
C ASN K 373 -19.80 51.81 -37.41
N THR K 374 -20.44 52.54 -36.51
CA THR K 374 -19.71 53.51 -35.70
C THR K 374 -18.82 52.81 -34.65
N ASP K 375 -19.02 51.51 -34.44
CA ASP K 375 -18.16 50.75 -33.55
C ASP K 375 -16.86 50.38 -34.23
N ALA K 376 -16.74 50.74 -35.46
CA ALA K 376 -15.57 50.54 -36.23
C ALA K 376 -14.86 51.87 -36.22
N GLU K 377 -14.66 52.42 -35.04
CA GLU K 377 -14.04 53.69 -34.89
C GLU K 377 -12.50 53.82 -34.88
N GLY K 378 -11.71 52.82 -34.54
CA GLY K 378 -10.27 52.98 -34.48
C GLY K 378 -9.70 53.05 -35.83
N ARG K 379 -10.21 52.31 -36.82
CA ARG K 379 -9.58 52.42 -38.12
C ARG K 379 -9.72 53.82 -38.71
N LEU K 380 -10.75 54.54 -38.30
CA LEU K 380 -10.99 55.90 -38.77
C LEU K 380 -9.97 56.89 -38.20
N THR K 381 -9.68 56.75 -36.92
CA THR K 381 -8.68 57.61 -36.27
C THR K 381 -7.27 57.20 -36.70
N LEU K 382 -7.09 55.90 -36.89
CA LEU K 382 -5.81 55.36 -37.34
C LEU K 382 -5.55 55.77 -38.78
N ALA K 383 -6.62 55.92 -39.56
CA ALA K 383 -6.51 56.34 -40.95
C ALA K 383 -5.77 57.68 -41.05
N ASP K 384 -6.22 58.63 -40.25
CA ASP K 384 -5.63 59.96 -40.22
C ASP K 384 -4.25 59.96 -39.57
N ALA K 385 -4.06 59.05 -38.62
CA ALA K 385 -2.77 58.94 -37.95
C ALA K 385 -1.67 58.45 -38.89
N LEU K 386 -2.02 57.53 -39.78
CA LEU K 386 -1.06 56.97 -40.72
C LEU K 386 -0.64 58.01 -41.76
N VAL K 387 -1.59 58.84 -42.18
CA VAL K 387 -1.31 59.93 -43.11
C VAL K 387 -0.36 60.95 -42.46
N TYR K 388 -0.62 61.27 -41.20
CA TYR K 388 0.25 62.15 -40.44
C TYR K 388 1.65 61.55 -40.34
N ALA K 389 1.70 60.24 -40.07
CA ALA K 389 2.97 59.51 -39.94
C ALA K 389 3.75 59.52 -41.25
N GLU K 390 3.07 59.28 -42.37
CA GLU K 390 3.76 59.18 -43.65
C GLU K 390 4.32 60.54 -44.08
N LYS K 391 3.66 61.62 -43.68
CA LYS K 391 4.17 62.95 -44.01
C LYS K 391 5.47 63.27 -43.26
N LEU K 392 5.76 62.50 -42.22
CA LEU K 392 6.98 62.69 -41.44
C LEU K 392 8.24 62.22 -42.18
N GLY K 393 8.06 61.43 -43.24
CA GLY K 393 9.18 60.93 -44.02
C GLY K 393 9.96 59.88 -43.25
N VAL K 394 9.26 58.80 -42.93
CA VAL K 394 9.81 57.75 -42.09
C VAL K 394 10.11 56.48 -42.93
N ASP K 395 10.91 55.57 -42.39
CA ASP K 395 11.24 54.33 -43.09
C ASP K 395 10.26 53.20 -42.76
N TYR K 396 9.87 53.10 -41.50
CA TYR K 396 8.93 52.07 -41.04
C TYR K 396 7.78 52.67 -40.27
N ILE K 397 6.55 52.24 -40.60
CA ILE K 397 5.39 52.60 -39.80
C ILE K 397 4.80 51.36 -39.17
N VAL K 398 4.78 51.32 -37.84
CA VAL K 398 4.17 50.20 -37.13
C VAL K 398 3.02 50.68 -36.27
N ASP K 399 1.82 50.20 -36.56
CA ASP K 399 0.70 50.53 -35.69
C ASP K 399 0.29 49.31 -34.88
N ILE K 400 -0.21 49.55 -33.67
CA ILE K 400 -0.63 48.48 -32.77
C ILE K 400 -1.99 48.86 -32.17
N ALA K 401 -2.96 47.95 -32.25
CA ALA K 401 -4.36 48.31 -31.97
C ALA K 401 -5.25 47.14 -31.54
N THR K 402 -6.15 47.41 -30.61
CA THR K 402 -7.23 46.47 -30.29
C THR K 402 -8.38 46.69 -31.27
N LEU K 403 -8.18 46.25 -32.50
CA LEU K 403 -9.03 46.66 -33.61
C LEU K 403 -10.22 45.76 -33.85
N THR K 404 -10.00 44.46 -33.94
CA THR K 404 -11.10 43.55 -34.27
C THR K 404 -11.22 42.42 -33.27
N GLY K 405 -12.43 42.22 -32.77
CA GLY K 405 -12.72 41.14 -31.84
C GLY K 405 -12.59 39.78 -32.50
N ALA K 406 -12.56 39.76 -33.82
CA ALA K 406 -12.41 38.52 -34.56
C ALA K 406 -11.11 37.80 -34.20
N MET K 407 -10.14 38.54 -33.68
CA MET K 407 -8.86 37.96 -33.27
C MET K 407 -9.01 36.88 -32.19
N LEU K 408 -10.02 37.04 -31.34
CA LEU K 408 -10.30 36.06 -30.31
C LEU K 408 -10.65 34.72 -30.95
N TYR K 409 -11.20 34.79 -32.16
CA TYR K 409 -11.60 33.62 -32.93
C TYR K 409 -10.45 33.05 -33.76
N SER K 410 -9.47 33.89 -34.08
CA SER K 410 -8.36 33.49 -34.94
C SER K 410 -7.19 32.89 -34.17
N LEU K 411 -6.61 33.71 -33.29
CA LEU K 411 -5.43 33.32 -32.54
C LEU K 411 -5.74 33.15 -31.07
N GLY K 412 -6.82 33.75 -30.61
CA GLY K 412 -7.21 33.63 -29.22
C GLY K 412 -6.61 34.73 -28.38
N THR K 413 -6.28 34.41 -27.13
CA THR K 413 -5.87 35.41 -26.16
C THR K 413 -4.36 35.49 -25.95
N SER K 414 -3.60 34.63 -26.62
CA SER K 414 -2.16 34.58 -26.42
C SER K 414 -1.36 35.20 -27.57
N TYR K 415 -1.79 34.93 -28.80
CA TYR K 415 -1.06 35.44 -29.96
C TYR K 415 -1.77 36.63 -30.59
N ALA K 416 -1.01 37.69 -30.84
CA ALA K 416 -1.52 38.82 -31.59
C ALA K 416 -1.25 38.60 -33.07
N GLY K 417 -1.99 39.29 -33.92
CA GLY K 417 -1.77 39.17 -35.35
C GLY K 417 -1.01 40.36 -35.90
N VAL K 418 -0.13 40.11 -36.86
CA VAL K 418 0.56 41.20 -37.53
C VAL K 418 0.24 41.16 -39.03
N PHE K 419 -0.12 42.31 -39.56
CA PHE K 419 -0.43 42.47 -40.98
C PHE K 419 0.54 43.51 -41.54
N GLY K 420 0.71 43.55 -42.85
CA GLY K 420 1.61 44.52 -43.42
C GLY K 420 1.67 44.55 -44.93
N ASN K 421 2.36 45.54 -45.47
CA ASN K 421 2.52 45.67 -46.92
C ASN K 421 3.96 45.40 -47.33
N ASN K 422 4.77 44.94 -46.37
CA ASN K 422 6.20 44.75 -46.62
C ASN K 422 6.77 43.58 -45.82
N GLU K 423 7.31 42.58 -46.50
CA GLU K 423 7.72 41.35 -45.83
C GLU K 423 8.97 41.49 -44.95
N GLU K 424 9.91 42.37 -45.31
CA GLU K 424 11.11 42.52 -44.49
C GLU K 424 10.74 43.11 -43.14
N LEU K 425 9.85 44.09 -43.15
CA LEU K 425 9.38 44.73 -41.92
C LEU K 425 8.62 43.75 -41.02
N ILE K 426 7.76 42.94 -41.63
CA ILE K 426 7.00 41.93 -40.90
C ILE K 426 7.96 40.89 -40.33
N ASN K 427 8.97 40.53 -41.10
CA ASN K 427 9.84 39.51 -40.55
C ASN K 427 10.73 40.11 -39.46
N LYS K 428 10.97 41.44 -39.44
CA LYS K 428 11.61 42.03 -38.27
C LYS K 428 10.71 42.01 -37.04
N ILE K 429 9.40 42.19 -37.26
CA ILE K 429 8.42 42.13 -36.19
C ILE K 429 8.39 40.73 -35.58
N LEU K 430 8.48 39.72 -36.43
CA LEU K 430 8.50 38.33 -35.98
C LEU K 430 9.75 38.06 -35.14
N GLN K 431 10.88 38.61 -35.56
CA GLN K 431 12.11 38.46 -34.79
C GLN K 431 11.99 39.14 -33.44
N SER K 432 11.32 40.28 -33.44
CA SER K 432 11.08 41.01 -32.20
C SER K 432 10.16 40.20 -31.32
N SER K 433 9.25 39.44 -31.92
CA SER K 433 8.37 38.56 -31.16
C SER K 433 9.18 37.45 -30.49
N LYS K 434 10.20 36.94 -31.18
CA LYS K 434 11.05 35.90 -30.61
C LYS K 434 11.87 36.42 -29.43
N THR K 435 12.47 37.60 -29.57
CA THR K 435 13.38 38.10 -28.55
C THR K 435 12.68 38.82 -27.40
N SER K 436 11.47 39.33 -27.64
CA SER K 436 10.71 39.98 -26.57
C SER K 436 9.81 38.98 -25.85
N ASN K 437 9.64 37.81 -26.47
CA ASN K 437 8.76 36.74 -26.00
C ASN K 437 7.30 37.17 -25.86
N GLU K 438 6.88 38.12 -26.67
CA GLU K 438 5.46 38.43 -26.82
C GLU K 438 4.97 37.88 -28.15
N PRO K 439 4.28 36.73 -28.10
CA PRO K 439 3.95 35.97 -29.30
C PRO K 439 3.04 36.72 -30.28
N VAL K 440 3.47 36.72 -31.53
CA VAL K 440 2.77 37.39 -32.63
C VAL K 440 2.74 36.44 -33.82
N TRP K 441 1.64 36.42 -34.57
CA TRP K 441 1.56 35.58 -35.75
C TRP K 441 1.23 36.36 -37.03
N TRP K 442 1.88 35.99 -38.12
CA TRP K 442 1.70 36.67 -39.40
C TRP K 442 0.41 36.23 -40.09
N LEU K 443 -0.42 37.21 -40.40
CA LEU K 443 -1.69 36.97 -41.10
C LEU K 443 -1.67 37.65 -42.46
N PRO K 444 -2.43 37.11 -43.42
CA PRO K 444 -2.36 37.62 -44.79
C PRO K 444 -3.28 38.80 -45.02
N ILE K 445 -2.85 39.74 -45.87
CA ILE K 445 -3.76 40.75 -46.38
C ILE K 445 -4.28 40.25 -47.71
N ILE K 446 -5.50 39.73 -47.71
CA ILE K 446 -6.05 39.08 -48.90
C ILE K 446 -6.72 40.11 -49.83
N ASN K 447 -6.03 40.42 -50.92
CA ASN K 447 -6.47 41.46 -51.84
C ASN K 447 -7.80 41.19 -52.50
N GLU K 448 -8.20 39.93 -52.55
CA GLU K 448 -9.46 39.54 -53.17
C GLU K 448 -10.66 40.11 -52.41
N TYR K 449 -10.46 40.44 -51.13
CA TYR K 449 -11.54 40.95 -50.29
C TYR K 449 -11.71 42.47 -50.40
N ARG K 450 -10.79 43.12 -51.10
CA ARG K 450 -10.77 44.58 -51.22
C ARG K 450 -12.05 45.14 -51.83
N ALA K 451 -12.68 44.38 -52.72
CA ALA K 451 -13.90 44.83 -53.40
C ALA K 451 -15.07 45.04 -52.43
N THR K 452 -15.01 44.41 -51.26
CA THR K 452 -16.06 44.59 -50.26
C THR K 452 -15.96 45.99 -49.63
N LEU K 453 -14.90 46.72 -49.96
CA LEU K 453 -14.76 48.08 -49.47
C LEU K 453 -15.12 49.11 -50.54
N ASN K 454 -15.59 48.64 -51.69
CA ASN K 454 -16.06 49.54 -52.74
C ASN K 454 -17.40 50.16 -52.39
N SER K 455 -17.38 51.45 -52.05
CA SER K 455 -18.60 52.15 -51.69
C SER K 455 -19.33 52.60 -52.92
N LYS K 456 -20.65 52.68 -52.83
CA LYS K 456 -21.46 53.14 -53.95
C LYS K 456 -21.33 54.65 -54.13
N TYR K 457 -21.11 55.35 -53.01
CA TYR K 457 -21.11 56.81 -53.01
C TYR K 457 -19.77 57.42 -52.61
N ALA K 458 -19.10 56.81 -51.62
CA ALA K 458 -17.82 57.31 -51.16
C ALA K 458 -16.66 56.64 -51.89
N ASP K 459 -15.44 57.14 -51.63
CA ASP K 459 -14.23 56.54 -52.20
C ASP K 459 -14.05 55.13 -51.69
N ILE K 460 -14.40 54.90 -50.43
CA ILE K 460 -14.18 53.60 -49.81
C ILE K 460 -15.14 53.40 -48.65
N ASN K 461 -15.53 52.16 -48.41
CA ASN K 461 -16.33 51.82 -47.24
C ASN K 461 -15.45 51.71 -46.01
N GLN K 462 -16.04 52.01 -44.86
CA GLN K 462 -15.37 51.87 -43.59
C GLN K 462 -15.21 50.39 -43.24
N ILE K 463 -16.30 49.64 -43.49
CA ILE K 463 -16.34 48.22 -43.17
C ILE K 463 -16.86 47.35 -44.33
N SER K 464 -16.70 46.03 -44.20
CA SER K 464 -17.27 45.07 -45.13
C SER K 464 -18.75 44.92 -44.73
N SER K 465 -19.56 44.31 -45.58
CA SER K 465 -20.95 44.14 -45.11
C SER K 465 -21.70 42.78 -45.13
N SER K 466 -21.01 41.64 -44.93
CA SER K 466 -19.60 41.53 -44.61
C SER K 466 -19.01 40.18 -44.97
N VAL K 467 -17.80 40.24 -45.53
CA VAL K 467 -16.86 39.13 -45.52
C VAL K 467 -16.34 39.03 -44.10
N LYS K 468 -17.04 38.29 -43.25
CA LYS K 468 -16.73 38.16 -41.82
C LYS K 468 -15.24 38.10 -41.42
N ALA K 469 -14.34 38.10 -42.40
CA ALA K 469 -12.91 38.19 -42.11
C ALA K 469 -12.56 39.62 -41.74
N SER K 470 -13.12 40.10 -40.63
CA SER K 470 -13.10 41.52 -40.29
C SER K 470 -11.72 42.09 -40.07
N SER K 471 -10.83 41.27 -39.51
CA SER K 471 -9.46 41.68 -39.22
C SER K 471 -8.69 41.93 -40.51
N ILE K 472 -8.99 41.14 -41.53
CA ILE K 472 -8.35 41.29 -42.82
C ILE K 472 -8.92 42.50 -43.54
N VAL K 473 -10.23 42.67 -43.44
CA VAL K 473 -10.90 43.82 -44.06
C VAL K 473 -10.41 45.12 -43.43
N ALA K 474 -10.22 45.12 -42.12
CA ALA K 474 -9.74 46.30 -41.41
C ALA K 474 -8.31 46.65 -41.82
N SER K 475 -7.49 45.63 -42.05
CA SER K 475 -6.13 45.84 -42.51
C SER K 475 -6.14 46.35 -43.94
N LEU K 476 -7.11 45.87 -44.72
CA LEU K 476 -7.29 46.34 -46.09
C LEU K 476 -7.66 47.82 -46.08
N PHE K 477 -8.48 48.21 -45.11
CA PHE K 477 -8.84 49.62 -44.94
C PHE K 477 -7.61 50.47 -44.67
N LEU K 478 -6.85 50.07 -43.67
CA LEU K 478 -5.67 50.79 -43.22
C LEU K 478 -4.59 50.91 -44.30
N LYS K 479 -4.44 49.86 -45.11
CA LYS K 479 -3.45 49.85 -46.18
C LYS K 479 -3.65 51.02 -47.14
N GLU K 480 -4.89 51.48 -47.26
CA GLU K 480 -5.23 52.59 -48.15
C GLU K 480 -4.73 53.95 -47.67
N PHE K 481 -4.25 54.05 -46.44
CA PHE K 481 -3.82 55.35 -45.96
C PHE K 481 -2.32 55.38 -45.77
N VAL K 482 -1.66 54.37 -46.34
CA VAL K 482 -0.21 54.35 -46.46
C VAL K 482 0.11 54.15 -47.93
N GLN K 483 0.67 55.19 -48.54
CA GLN K 483 0.87 55.28 -49.97
C GLN K 483 2.15 54.58 -50.45
N ASN K 484 3.27 55.01 -49.86
CA ASN K 484 4.55 54.55 -50.35
C ASN K 484 5.58 54.32 -49.24
N THR K 485 5.14 53.70 -48.15
CA THR K 485 6.02 53.39 -47.01
C THR K 485 5.77 51.98 -46.47
N ALA K 486 6.86 51.30 -46.11
CA ALA K 486 6.76 50.00 -45.45
C ALA K 486 5.99 50.16 -44.14
N TRP K 487 4.93 49.38 -44.00
CA TRP K 487 4.02 49.53 -42.88
C TRP K 487 3.52 48.17 -42.38
N ALA K 488 3.43 48.04 -41.07
CA ALA K 488 2.89 46.82 -40.47
C ALA K 488 1.90 47.15 -39.36
N HIS K 489 0.90 46.29 -39.19
CA HIS K 489 -0.20 46.54 -38.27
C HIS K 489 -0.41 45.34 -37.34
N ILE K 490 -0.27 45.59 -36.03
CA ILE K 490 -0.36 44.54 -35.02
C ILE K 490 -1.68 44.62 -34.25
N ASP K 491 -2.55 43.62 -34.44
CA ASP K 491 -3.86 43.60 -33.80
C ASP K 491 -3.82 42.91 -32.45
N ILE K 492 -3.96 43.71 -31.37
CA ILE K 492 -3.82 43.17 -30.03
C ILE K 492 -5.15 43.09 -29.27
N ALA K 493 -6.25 43.04 -30.01
CA ALA K 493 -7.57 42.99 -29.40
C ALA K 493 -7.78 41.73 -28.58
N GLY K 494 -7.12 40.66 -28.99
CA GLY K 494 -7.24 39.38 -28.31
C GLY K 494 -6.27 39.20 -27.15
N VAL K 495 -5.12 39.87 -27.23
CA VAL K 495 -4.06 39.63 -26.26
C VAL K 495 -3.91 40.71 -25.19
N SER K 496 -4.58 41.85 -25.36
CA SER K 496 -4.34 42.98 -24.45
C SER K 496 -4.79 42.76 -23.01
N TRP K 497 -5.99 42.23 -22.83
CA TRP K 497 -6.54 42.04 -21.47
C TRP K 497 -6.40 40.58 -21.01
N ASN K 498 -5.89 40.40 -19.80
CA ASN K 498 -5.80 39.08 -19.17
C ASN K 498 -7.09 38.75 -18.43
N PHE K 499 -7.95 37.96 -19.08
CA PHE K 499 -9.29 37.66 -18.59
C PHE K 499 -9.30 36.86 -17.29
N LYS K 500 -8.36 35.92 -17.16
CA LYS K 500 -8.29 35.10 -15.95
C LYS K 500 -7.89 35.95 -14.75
N ALA K 501 -6.88 36.80 -14.95
CA ALA K 501 -6.32 37.63 -13.89
C ALA K 501 -7.04 38.96 -13.69
N ARG K 502 -7.97 39.24 -14.58
CA ARG K 502 -8.74 40.46 -14.58
C ARG K 502 -7.89 41.72 -14.60
N LYS K 503 -6.84 41.70 -15.38
CA LYS K 503 -5.91 42.83 -15.47
C LYS K 503 -5.27 42.94 -16.85
N PRO K 504 -4.66 44.10 -17.15
CA PRO K 504 -3.99 44.21 -18.45
C PRO K 504 -2.73 43.37 -18.54
N LYS K 505 -2.24 43.15 -19.75
CA LYS K 505 -0.99 42.44 -19.94
C LYS K 505 0.15 43.41 -20.23
N GLY K 506 -0.20 44.59 -20.71
CA GLY K 506 0.77 45.56 -21.16
C GLY K 506 1.46 45.04 -22.41
N PHE K 507 0.73 44.24 -23.17
CA PHE K 507 1.28 43.61 -24.36
C PHE K 507 1.74 44.63 -25.39
N GLY K 508 2.95 44.42 -25.91
CA GLY K 508 3.45 45.24 -26.99
C GLY K 508 4.61 46.14 -26.67
N VAL K 509 4.72 46.57 -25.42
CA VAL K 509 5.78 47.50 -25.02
C VAL K 509 7.15 46.93 -25.32
N ARG K 510 7.38 45.70 -24.87
CA ARG K 510 8.64 45.03 -25.05
C ARG K 510 8.86 44.62 -26.50
N LEU K 511 7.79 44.24 -27.19
CA LEU K 511 7.86 43.92 -28.62
C LEU K 511 8.34 45.11 -29.44
N LEU K 512 7.69 46.26 -29.23
CA LEU K 512 8.03 47.46 -29.97
C LEU K 512 9.43 47.95 -29.64
N THR K 513 9.86 47.79 -28.39
CA THR K 513 11.18 48.25 -27.99
C THR K 513 12.29 47.41 -28.61
N GLU K 514 12.11 46.09 -28.59
CA GLU K 514 13.08 45.18 -29.18
C GLU K 514 13.20 45.45 -30.69
N PHE K 515 12.10 45.88 -31.29
CA PHE K 515 12.07 46.24 -32.70
C PHE K 515 12.91 47.49 -32.93
N VAL K 516 12.81 48.44 -32.00
CA VAL K 516 13.54 49.69 -32.11
C VAL K 516 15.02 49.49 -31.81
N LEU K 517 15.32 48.56 -30.92
CA LEU K 517 16.70 48.32 -30.51
C LEU K 517 17.43 47.48 -31.55
N ASN K 518 16.71 46.59 -32.21
CA ASN K 518 17.30 45.69 -33.19
C ASN K 518 17.22 46.25 -34.61
N SER L 2 -31.77 78.78 -40.97
CA SER L 2 -31.04 78.53 -42.21
C SER L 2 -29.57 78.25 -41.93
N GLU L 3 -29.03 78.75 -40.83
CA GLU L 3 -27.64 78.46 -40.50
C GLU L 3 -27.50 77.07 -39.88
N VAL L 4 -26.73 76.23 -40.56
CA VAL L 4 -26.49 74.86 -40.12
C VAL L 4 -25.43 74.76 -39.02
N PRO L 5 -25.80 74.20 -37.86
CA PRO L 5 -24.85 74.02 -36.75
C PRO L 5 -23.77 72.97 -37.06
N GLN L 6 -22.58 73.16 -36.50
CA GLN L 6 -21.49 72.21 -36.68
C GLN L 6 -20.90 71.79 -35.33
N VAL L 7 -20.39 70.56 -35.27
CA VAL L 7 -19.65 70.11 -34.10
C VAL L 7 -18.18 70.40 -34.33
N VAL L 8 -17.72 70.11 -35.54
CA VAL L 8 -16.38 70.48 -35.96
C VAL L 8 -16.48 71.33 -37.23
N SER L 9 -15.41 72.03 -37.56
CA SER L 9 -15.41 72.93 -38.71
C SER L 9 -15.57 72.16 -40.02
N LEU L 10 -15.32 70.86 -39.96
CA LEU L 10 -15.35 69.98 -41.12
C LEU L 10 -16.74 69.40 -41.44
N ASP L 11 -17.73 69.71 -40.61
CA ASP L 11 -19.09 69.25 -40.86
C ASP L 11 -19.75 70.05 -41.98
N PRO L 12 -20.31 69.33 -42.97
CA PRO L 12 -20.95 69.95 -44.14
C PRO L 12 -22.13 70.82 -43.74
N THR L 13 -22.35 71.92 -44.45
CA THR L 13 -23.42 72.86 -44.11
C THR L 13 -24.52 72.96 -45.16
N SER L 14 -24.44 72.10 -46.18
CA SER L 14 -25.48 72.06 -47.21
C SER L 14 -25.46 70.73 -47.94
N ILE L 15 -26.57 70.39 -48.59
CA ILE L 15 -26.60 69.21 -49.45
C ILE L 15 -26.10 69.55 -50.84
N PRO L 16 -25.08 68.82 -51.31
CA PRO L 16 -24.71 69.00 -52.72
C PRO L 16 -25.80 68.47 -53.64
N ILE L 17 -26.21 69.27 -54.63
CA ILE L 17 -27.24 68.85 -55.56
C ILE L 17 -26.83 69.05 -57.01
N GLU L 18 -26.93 67.98 -57.80
CA GLU L 18 -26.75 68.08 -59.24
C GLU L 18 -28.09 68.34 -59.92
N TYR L 19 -28.21 69.53 -60.50
CA TYR L 19 -29.41 69.91 -61.24
C TYR L 19 -29.26 69.61 -62.73
N ASN L 20 -28.17 70.08 -63.33
CA ASN L 20 -27.90 69.80 -64.74
C ASN L 20 -27.15 68.49 -64.89
N THR L 21 -27.87 67.41 -65.15
CA THR L 21 -27.28 66.09 -65.27
C THR L 21 -26.92 65.78 -66.72
N PRO L 22 -25.98 64.85 -66.93
CA PRO L 22 -25.65 64.40 -68.29
C PRO L 22 -26.87 63.89 -69.06
N ILE L 23 -27.87 63.43 -68.34
CA ILE L 23 -29.12 62.96 -68.95
C ILE L 23 -29.83 64.09 -69.69
N HIS L 24 -29.77 65.30 -69.13
CA HIS L 24 -30.41 66.48 -69.70
C HIS L 24 -29.77 66.90 -71.02
N ASP L 25 -28.58 66.37 -71.28
CA ASP L 25 -27.84 66.70 -72.50
C ASP L 25 -28.15 65.72 -73.63
N ILE L 26 -28.93 64.69 -73.34
CA ILE L 26 -29.25 63.68 -74.33
C ILE L 26 -30.48 64.08 -75.13
N LYS L 27 -30.23 64.40 -76.40
CA LYS L 27 -31.19 64.72 -77.46
C LYS L 27 -31.99 63.48 -77.84
N VAL L 28 -33.30 63.42 -77.69
CA VAL L 28 -34.01 62.23 -78.09
C VAL L 28 -34.87 62.39 -79.30
N GLN L 29 -34.79 61.41 -80.20
CA GLN L 29 -35.76 61.46 -81.27
C GLN L 29 -36.35 60.12 -81.60
N VAL L 30 -37.55 60.30 -82.09
CA VAL L 30 -38.59 59.31 -82.34
C VAL L 30 -38.84 59.09 -83.81
N TYR L 31 -38.54 57.92 -84.33
CA TYR L 31 -38.85 57.66 -85.72
C TYR L 31 -39.80 56.47 -85.83
N ASP L 32 -40.50 56.39 -86.97
CA ASP L 32 -41.42 55.28 -87.21
C ASP L 32 -40.63 54.11 -87.78
N ILE L 33 -40.88 52.91 -87.26
CA ILE L 33 -40.15 51.73 -87.71
C ILE L 33 -40.46 51.35 -89.16
N LYS L 34 -41.60 51.72 -89.72
CA LYS L 34 -41.92 51.39 -91.11
C LYS L 34 -40.91 51.90 -92.12
N GLY L 35 -40.19 52.92 -91.74
CA GLY L 35 -39.19 53.48 -92.61
C GLY L 35 -37.90 52.71 -92.74
N GLY L 36 -37.64 51.78 -91.86
CA GLY L 36 -36.41 51.04 -91.88
C GLY L 36 -35.54 51.71 -90.86
N CYS L 37 -34.51 51.04 -90.40
CA CYS L 37 -33.63 51.61 -89.39
C CYS L 37 -32.31 52.02 -90.04
N ASN L 38 -31.86 53.22 -89.71
CA ASN L 38 -30.53 53.66 -90.13
C ASN L 38 -29.53 53.45 -89.00
N VAL L 39 -28.40 52.84 -89.35
CA VAL L 39 -27.37 52.48 -88.39
C VAL L 39 -26.07 53.22 -88.71
N GLU L 40 -26.16 54.54 -88.85
CA GLU L 40 -24.98 55.40 -88.99
C GLU L 40 -24.00 55.31 -87.80
N GLU L 41 -24.24 56.10 -86.76
CA GLU L 41 -23.34 56.20 -85.61
C GLU L 41 -23.77 55.38 -84.40
N GLY L 42 -22.86 55.23 -83.44
CA GLY L 42 -23.21 54.72 -82.11
C GLY L 42 -23.60 53.27 -81.95
N LEU L 43 -24.47 53.03 -80.96
CA LEU L 43 -24.94 51.69 -80.62
C LEU L 43 -26.42 51.50 -80.89
N THR L 44 -26.75 50.43 -81.61
CA THR L 44 -28.12 50.10 -81.92
C THR L 44 -28.53 48.78 -81.28
N ILE L 45 -29.53 48.84 -80.42
CA ILE L 45 -30.01 47.66 -79.70
C ILE L 45 -31.45 47.33 -80.05
N PHE L 46 -31.70 46.06 -80.37
CA PHE L 46 -33.05 45.63 -80.68
C PHE L 46 -33.74 45.00 -79.48
N LEU L 47 -34.94 45.49 -79.17
CA LEU L 47 -35.77 44.90 -78.13
C LEU L 47 -36.67 43.84 -78.76
N VAL L 48 -36.35 42.57 -78.49
CA VAL L 48 -37.01 41.47 -79.17
C VAL L 48 -37.65 40.50 -78.18
N ASN L 49 -38.77 39.91 -78.60
CA ASN L 49 -39.41 38.85 -77.83
C ASN L 49 -39.69 37.65 -78.73
N ASN L 50 -40.33 36.63 -78.18
CA ASN L 50 -40.84 35.51 -78.97
C ASN L 50 -41.88 34.75 -78.16
N PRO L 51 -43.15 35.11 -78.38
CA PRO L 51 -44.35 34.58 -77.74
C PRO L 51 -44.49 33.07 -77.95
N ASN L 55 -37.71 30.01 -73.78
CA ASN L 55 -36.77 31.02 -74.24
C ASN L 55 -36.31 30.73 -75.67
N GLY L 56 -37.04 31.28 -76.63
CA GLY L 56 -36.84 31.01 -78.04
C GLY L 56 -35.74 31.78 -78.73
N PRO L 57 -35.50 31.48 -80.02
CA PRO L 57 -34.44 32.12 -80.81
C PRO L 57 -34.75 33.59 -81.08
N VAL L 58 -33.70 34.38 -81.31
CA VAL L 58 -33.87 35.79 -81.62
C VAL L 58 -34.12 35.98 -83.11
N LYS L 59 -35.12 36.79 -83.45
CA LYS L 59 -35.43 37.10 -84.84
C LYS L 59 -35.75 38.59 -85.00
N ILE L 60 -34.96 39.28 -85.81
CA ILE L 60 -35.19 40.69 -86.10
C ILE L 60 -36.23 40.82 -87.20
N SER L 61 -37.11 41.81 -87.10
CA SER L 61 -38.21 41.94 -88.05
C SER L 61 -38.39 43.38 -88.53
N SER L 62 -37.29 44.10 -88.61
CA SER L 62 -37.32 45.50 -88.99
C SER L 62 -36.27 45.67 -90.06
N LYS L 63 -36.63 46.33 -91.14
CA LYS L 63 -35.71 46.55 -92.25
C LYS L 63 -34.48 47.32 -91.81
N VAL L 64 -33.32 46.85 -92.23
CA VAL L 64 -32.09 47.55 -91.92
C VAL L 64 -31.53 48.20 -93.16
N ASN L 65 -31.49 49.51 -93.14
CA ASN L 65 -31.00 50.26 -94.24
C ASN L 65 -29.50 50.23 -94.18
N ASP L 66 -28.95 49.02 -94.18
CA ASP L 66 -27.52 48.80 -94.19
C ASP L 66 -27.28 47.37 -94.53
N LYS L 67 -26.71 47.16 -95.67
CA LYS L 67 -26.43 45.83 -96.15
C LYS L 67 -25.45 45.09 -95.29
N GLN L 68 -24.67 45.81 -94.50
CA GLN L 68 -23.69 45.15 -93.69
C GLN L 68 -24.32 44.64 -92.43
N VAL L 69 -24.96 45.53 -91.69
CA VAL L 69 -25.59 45.13 -90.48
C VAL L 69 -26.62 44.09 -90.84
N SER L 70 -27.30 44.27 -91.95
CA SER L 70 -28.33 43.30 -92.23
C SER L 70 -27.77 41.89 -92.40
N GLU L 71 -26.63 41.70 -93.01
CA GLU L 71 -26.03 40.39 -93.11
C GLU L 71 -25.80 39.84 -91.70
N PHE L 72 -25.41 40.73 -90.79
CA PHE L 72 -25.23 40.38 -89.40
C PHE L 72 -26.53 39.93 -88.75
N LEU L 73 -27.62 40.63 -89.07
CA LEU L 73 -28.92 40.40 -88.42
C LEU L 73 -29.78 39.34 -89.09
N LYS L 74 -29.20 38.58 -90.02
CA LYS L 74 -29.92 37.51 -90.71
C LYS L 74 -30.40 36.44 -89.72
N ASP L 75 -31.47 35.73 -90.05
CA ASP L 75 -32.06 34.78 -89.10
C ASP L 75 -31.10 33.65 -88.71
N GLU L 76 -30.31 33.16 -89.66
CA GLU L 76 -29.36 32.08 -89.39
C GLU L 76 -28.35 32.48 -88.33
N ASN L 77 -27.92 33.74 -88.37
CA ASN L 77 -26.94 34.25 -87.42
C ASN L 77 -27.58 34.59 -86.07
N MET L 78 -28.84 34.99 -86.11
CA MET L 78 -29.55 35.43 -84.91
C MET L 78 -30.14 34.25 -84.14
N GLU L 79 -30.26 33.10 -84.82
CA GLU L 79 -30.84 31.91 -84.20
C GLU L 79 -29.92 31.39 -83.09
N LYS L 80 -28.67 31.85 -83.12
CA LYS L 80 -27.68 31.47 -82.11
C LYS L 80 -27.93 32.19 -80.78
N PHE L 81 -28.82 33.18 -80.81
CA PHE L 81 -29.14 33.94 -79.60
C PHE L 81 -30.57 33.64 -79.16
N ASN L 82 -30.83 33.77 -77.86
CA ASN L 82 -32.15 33.50 -77.32
C ASN L 82 -32.77 34.72 -76.62
N VAL L 83 -34.07 34.65 -76.32
CA VAL L 83 -34.81 35.80 -75.83
C VAL L 83 -35.01 35.81 -74.30
N LYS L 84 -34.19 35.04 -73.58
CA LYS L 84 -34.27 35.01 -72.12
C LYS L 84 -34.33 36.44 -71.59
N LEU L 85 -35.33 36.74 -70.77
CA LEU L 85 -35.53 38.12 -70.31
C LEU L 85 -34.29 38.66 -69.62
N GLY L 86 -33.72 39.70 -70.22
CA GLY L 86 -32.55 40.34 -69.67
C GLY L 86 -31.28 39.94 -70.40
N THR L 87 -31.36 38.87 -71.18
CA THR L 87 -30.19 38.40 -71.93
C THR L 87 -29.82 39.48 -72.94
N SER L 88 -28.52 39.62 -73.18
CA SER L 88 -28.04 40.61 -74.13
C SER L 88 -26.71 40.23 -74.77
N LYS L 89 -26.52 40.69 -76.00
CA LYS L 89 -25.25 40.51 -76.68
C LYS L 89 -25.08 41.65 -77.68
N HIS L 90 -23.89 42.23 -77.74
CA HIS L 90 -23.59 43.24 -78.75
C HIS L 90 -22.23 43.02 -79.41
N PHE L 91 -22.18 43.29 -80.71
CA PHE L 91 -20.96 43.14 -81.51
C PHE L 91 -20.56 44.47 -82.14
N TYR L 92 -19.24 44.65 -82.29
CA TYR L 92 -18.70 45.82 -82.97
C TYR L 92 -18.29 45.43 -84.37
N MET L 93 -18.65 46.27 -85.34
CA MET L 93 -18.38 45.97 -86.74
C MET L 93 -18.40 47.24 -87.58
N PHE L 94 -18.00 47.11 -88.83
CA PHE L 94 -18.04 48.22 -89.77
C PHE L 94 -19.24 48.10 -90.70
N ASN L 95 -19.88 49.24 -90.97
CA ASN L 95 -21.04 49.25 -91.85
C ASN L 95 -20.63 49.47 -93.31
N ASP L 96 -21.61 49.78 -94.15
CA ASP L 96 -21.36 49.94 -95.58
C ASP L 96 -20.45 51.12 -95.84
N ASN L 97 -20.50 52.12 -94.97
CA ASN L 97 -19.65 53.29 -95.11
C ASN L 97 -18.33 53.14 -94.36
N LYS L 98 -18.01 51.90 -93.98
CA LYS L 98 -16.78 51.55 -93.25
C LYS L 98 -16.63 52.37 -91.98
N ASN L 99 -17.75 52.65 -91.34
CA ASN L 99 -17.79 53.36 -90.06
C ASN L 99 -18.08 52.40 -88.92
N SER L 100 -17.52 52.69 -87.74
CA SER L 100 -17.70 51.80 -86.61
C SER L 100 -19.08 51.99 -85.98
N VAL L 101 -19.88 50.92 -86.02
CA VAL L 101 -21.19 50.90 -85.39
C VAL L 101 -21.25 49.69 -84.48
N ALA L 102 -22.12 49.75 -83.49
CA ALA L 102 -22.33 48.60 -82.62
C ALA L 102 -23.78 48.16 -82.72
N VAL L 103 -24.00 46.86 -82.89
CA VAL L 103 -25.36 46.36 -83.02
C VAL L 103 -25.52 45.17 -82.08
N GLY L 104 -26.72 45.02 -81.53
CA GLY L 104 -27.03 43.93 -80.62
C GLY L 104 -28.50 43.88 -80.27
N TYR L 105 -28.84 43.10 -79.25
CA TYR L 105 -30.22 42.93 -78.84
C TYR L 105 -30.38 42.80 -77.33
N VAL L 106 -31.60 43.02 -76.85
CA VAL L 106 -31.95 42.69 -75.47
C VAL L 106 -33.22 41.85 -75.47
N GLY L 107 -33.14 40.68 -74.84
CA GLY L 107 -34.27 39.76 -74.80
C GLY L 107 -35.42 40.24 -73.94
N CYS L 108 -36.64 40.13 -74.47
CA CYS L 108 -37.83 40.58 -73.75
C CYS L 108 -38.79 39.43 -73.45
N GLY L 109 -38.26 38.22 -73.33
CA GLY L 109 -39.03 37.06 -72.93
C GLY L 109 -40.03 36.46 -73.91
N SER L 110 -41.07 35.82 -73.34
CA SER L 110 -42.07 35.09 -74.12
C SER L 110 -43.46 35.67 -73.86
N VAL L 111 -43.49 36.80 -73.16
CA VAL L 111 -44.74 37.42 -72.72
C VAL L 111 -45.00 38.76 -73.39
N ALA L 112 -45.54 38.70 -74.61
CA ALA L 112 -46.13 39.86 -75.31
C ALA L 112 -46.30 41.15 -74.51
N ASP L 113 -47.10 41.10 -73.44
CA ASP L 113 -47.34 42.27 -72.59
C ASP L 113 -46.40 42.34 -71.39
N LEU L 114 -45.43 43.27 -71.49
CA LEU L 114 -44.43 43.47 -70.44
C LEU L 114 -44.88 44.33 -69.25
N SER L 115 -44.58 43.85 -68.05
CA SER L 115 -44.82 44.62 -66.85
C SER L 115 -43.53 45.42 -66.70
N GLU L 116 -43.57 46.34 -65.80
CA GLU L 116 -42.59 47.19 -65.24
C GLU L 116 -41.36 46.42 -64.77
N ALA L 117 -41.69 45.40 -64.02
CA ALA L 117 -40.75 44.58 -63.31
C ALA L 117 -39.92 44.04 -64.44
N ASP L 118 -40.61 43.60 -65.48
CA ASP L 118 -39.95 43.06 -66.65
C ASP L 118 -39.16 44.13 -67.37
N MET L 119 -39.79 45.29 -67.52
CA MET L 119 -39.19 46.41 -68.22
C MET L 119 -37.92 46.89 -67.52
N LYS L 120 -37.91 46.84 -66.19
CA LYS L 120 -36.73 47.23 -65.41
C LYS L 120 -35.54 46.33 -65.74
N ARG L 121 -35.79 45.03 -65.87
CA ARG L 121 -34.74 44.08 -66.19
C ARG L 121 -34.21 44.34 -67.60
N VAL L 122 -35.11 44.71 -68.50
CA VAL L 122 -34.72 45.05 -69.86
C VAL L 122 -33.81 46.26 -69.87
N VAL L 123 -34.20 47.28 -69.12
CA VAL L 123 -33.44 48.52 -69.03
C VAL L 123 -32.04 48.32 -68.44
N LEU L 124 -31.95 47.58 -67.35
CA LEU L 124 -30.65 47.33 -66.71
C LEU L 124 -29.62 46.69 -67.62
N SER L 125 -30.05 45.73 -68.44
CA SER L 125 -29.16 45.11 -69.40
C SER L 125 -28.65 46.13 -70.39
N LEU L 126 -29.54 47.05 -70.75
CA LEU L 126 -29.20 48.15 -71.64
C LEU L 126 -28.18 49.05 -70.96
N VAL L 127 -28.44 49.35 -69.69
CA VAL L 127 -27.58 50.22 -68.89
C VAL L 127 -26.21 49.57 -68.66
N THR L 128 -26.20 48.25 -68.53
CA THR L 128 -24.96 47.50 -68.41
C THR L 128 -24.15 47.71 -69.68
N MET L 129 -24.85 47.78 -70.81
CA MET L 129 -24.22 48.00 -72.09
C MET L 129 -23.71 49.43 -72.27
N LEU L 130 -24.38 50.38 -71.64
CA LEU L 130 -24.00 51.78 -71.76
C LEU L 130 -22.82 52.16 -70.86
N HIS L 131 -22.70 51.51 -69.71
CA HIS L 131 -21.65 51.80 -68.74
C HIS L 131 -20.31 51.21 -69.19
N ASP L 132 -20.38 50.27 -70.13
CA ASP L 132 -19.23 49.58 -70.71
C ASP L 132 -18.75 50.10 -72.06
N ASN L 133 -19.36 51.16 -72.53
CA ASN L 133 -19.05 51.65 -73.87
C ASN L 133 -18.88 53.17 -73.96
N LYS L 134 -17.94 53.60 -74.80
CA LYS L 134 -17.64 55.02 -74.97
C LYS L 134 -18.45 55.59 -76.12
N LEU L 135 -19.73 55.26 -76.12
CA LEU L 135 -20.66 55.63 -77.18
C LEU L 135 -21.06 57.10 -77.20
N SER L 136 -21.43 57.60 -78.38
CA SER L 136 -21.91 58.98 -78.53
C SER L 136 -23.42 59.01 -78.73
N LYS L 137 -23.95 57.91 -79.25
CA LYS L 137 -25.37 57.79 -79.56
C LYS L 137 -25.90 56.40 -79.24
N LEU L 138 -27.09 56.34 -78.65
CA LEU L 138 -27.77 55.06 -78.49
C LEU L 138 -29.08 55.09 -79.27
N THR L 139 -29.33 54.05 -80.06
CA THR L 139 -30.59 53.95 -80.78
C THR L 139 -31.29 52.67 -80.37
N VAL L 140 -32.55 52.79 -79.99
CA VAL L 140 -33.33 51.66 -79.52
C VAL L 140 -34.49 51.37 -80.48
N VAL L 141 -34.57 50.13 -80.92
CA VAL L 141 -35.62 49.72 -81.85
C VAL L 141 -36.65 48.85 -81.13
N PHE L 142 -37.89 49.33 -81.10
CA PHE L 142 -38.96 48.65 -80.41
C PHE L 142 -39.65 47.61 -81.30
N GLU L 143 -39.21 46.36 -81.23
CA GLU L 143 -39.91 45.29 -81.92
C GLU L 143 -40.81 44.52 -80.98
N ILE L 144 -41.33 45.23 -79.99
CA ILE L 144 -42.32 44.69 -79.06
C ILE L 144 -43.39 45.77 -78.94
N ASN L 145 -44.56 45.45 -78.39
CA ASN L 145 -45.58 46.47 -78.25
C ASN L 145 -45.68 46.98 -76.82
N VAL L 146 -45.57 48.30 -76.67
CA VAL L 146 -45.66 48.97 -75.39
C VAL L 146 -46.63 50.14 -75.55
N ASP L 147 -47.47 50.39 -74.54
CA ASP L 147 -48.33 51.56 -74.61
C ASP L 147 -47.55 52.82 -74.23
N LYS L 148 -48.23 53.95 -74.26
CA LYS L 148 -47.58 55.23 -73.99
C LYS L 148 -47.02 55.34 -72.58
N ASN L 149 -47.76 54.86 -71.59
CA ASN L 149 -47.29 54.89 -70.21
C ASN L 149 -46.04 54.04 -70.01
N LEU L 150 -46.02 52.85 -70.60
CA LEU L 150 -44.88 51.96 -70.45
C LEU L 150 -43.69 52.48 -71.23
N PHE L 151 -43.96 53.14 -72.35
CA PHE L 151 -42.89 53.74 -73.14
C PHE L 151 -42.21 54.83 -72.34
N ARG L 152 -43.02 55.65 -71.67
CA ARG L 152 -42.50 56.69 -70.81
C ARG L 152 -41.72 56.07 -69.67
N PHE L 153 -42.26 55.00 -69.12
CA PHE L 153 -41.60 54.27 -68.04
C PHE L 153 -40.23 53.76 -68.49
N PHE L 154 -40.14 53.33 -69.75
CA PHE L 154 -38.88 52.87 -70.31
C PHE L 154 -37.81 53.95 -70.23
N LEU L 155 -38.15 55.16 -70.67
CA LEU L 155 -37.21 56.27 -70.68
C LEU L 155 -36.76 56.67 -69.29
N GLU L 156 -37.73 56.83 -68.39
CA GLU L 156 -37.47 57.18 -67.00
C GLU L 156 -36.47 56.24 -66.36
N THR L 157 -36.75 54.95 -66.50
CA THR L 157 -35.93 53.91 -65.90
C THR L 157 -34.55 53.92 -66.55
N LEU L 158 -34.53 54.12 -67.87
CA LEU L 158 -33.29 54.25 -68.62
C LEU L 158 -32.45 55.43 -68.13
N PHE L 159 -33.07 56.60 -68.07
CA PHE L 159 -32.39 57.82 -67.59
C PHE L 159 -31.89 57.67 -66.16
N TYR L 160 -32.76 57.16 -65.30
CA TYR L 160 -32.47 57.08 -63.88
C TYR L 160 -31.33 56.11 -63.57
N GLU L 161 -31.35 54.94 -64.20
CA GLU L 161 -30.34 53.91 -63.96
C GLU L 161 -29.01 54.23 -64.63
N TYR L 162 -29.08 54.99 -65.72
CA TYR L 162 -27.88 55.36 -66.48
C TYR L 162 -27.07 56.36 -65.69
N MET L 163 -27.77 57.26 -65.00
CA MET L 163 -27.15 58.30 -64.20
C MET L 163 -26.44 57.71 -62.97
N THR L 164 -25.26 58.24 -62.65
CA THR L 164 -24.50 57.75 -61.51
C THR L 164 -24.18 58.89 -60.53
N ASP L 165 -24.46 58.68 -59.26
CA ASP L 165 -24.24 59.72 -58.26
C ASP L 165 -22.80 59.75 -57.79
N GLU L 166 -22.12 60.86 -58.08
CA GLU L 166 -20.70 60.99 -57.77
C GLU L 166 -20.40 62.18 -56.85
N ARG L 167 -21.43 62.67 -56.16
CA ARG L 167 -21.29 63.83 -55.27
C ARG L 167 -20.28 63.61 -54.15
N PHE L 168 -20.17 62.38 -53.68
CA PHE L 168 -19.34 62.09 -52.51
C PHE L 168 -18.08 61.34 -52.92
N LYS L 169 -17.85 61.26 -54.22
CA LYS L 169 -16.61 60.74 -54.78
C LYS L 169 -15.59 61.88 -54.90
N SER L 170 -14.31 61.52 -54.97
CA SER L 170 -13.26 62.52 -55.13
C SER L 170 -12.50 62.25 -56.42
N GLU L 178 -18.13 60.92 -72.25
CA GLU L 178 -18.51 59.88 -71.29
C GLU L 178 -19.93 59.39 -71.55
N TYR L 179 -20.90 60.28 -71.34
CA TYR L 179 -22.30 59.96 -71.59
C TYR L 179 -22.71 60.23 -73.03
N ILE L 180 -23.62 59.41 -73.53
CA ILE L 180 -24.15 59.62 -74.88
C ILE L 180 -24.82 60.99 -74.96
N LYS L 181 -24.82 61.56 -76.16
CA LYS L 181 -25.40 62.89 -76.39
C LYS L 181 -26.68 62.82 -77.20
N HIS L 182 -26.94 61.65 -77.81
CA HIS L 182 -28.13 61.45 -78.63
C HIS L 182 -28.80 60.11 -78.35
N LEU L 183 -30.13 60.12 -78.32
CA LEU L 183 -30.92 58.91 -78.19
C LEU L 183 -31.94 58.84 -79.32
N GLY L 184 -31.84 57.81 -80.15
CA GLY L 184 -32.77 57.60 -81.23
C GLY L 184 -33.72 56.49 -80.86
N VAL L 185 -35.00 56.67 -81.20
CA VAL L 185 -35.99 55.65 -80.89
C VAL L 185 -36.82 55.26 -82.10
N TYR L 186 -36.83 53.96 -82.40
CA TYR L 186 -37.69 53.41 -83.44
C TYR L 186 -38.87 52.62 -82.86
N ILE L 187 -40.08 53.07 -83.18
CA ILE L 187 -41.31 52.42 -82.70
C ILE L 187 -42.41 52.66 -83.72
N ASN L 188 -43.44 51.82 -83.73
CA ASN L 188 -44.47 52.21 -84.68
C ASN L 188 -45.59 53.01 -84.02
N ASN L 189 -46.21 53.82 -84.87
CA ASN L 189 -47.06 54.93 -84.46
C ASN L 189 -46.27 55.92 -83.62
N ALA L 190 -45.11 56.27 -84.14
CA ALA L 190 -44.13 57.11 -83.44
C ALA L 190 -44.69 58.47 -83.02
N ASP L 191 -45.52 59.07 -83.86
CA ASP L 191 -46.04 60.41 -83.60
C ASP L 191 -46.93 60.43 -82.35
N THR L 192 -47.46 59.27 -81.98
CA THR L 192 -48.27 59.10 -80.77
C THR L 192 -47.40 59.04 -79.52
N TYR L 193 -46.15 58.64 -79.70
CA TYR L 193 -45.24 58.44 -78.56
C TYR L 193 -44.38 59.66 -78.23
N LYS L 194 -44.28 60.59 -79.17
CA LYS L 194 -43.37 61.73 -79.03
C LYS L 194 -43.68 62.59 -77.78
N GLU L 195 -44.94 62.69 -77.41
CA GLU L 195 -45.36 63.51 -76.27
C GLU L 195 -44.83 62.97 -74.94
N GLU L 196 -44.50 61.68 -74.91
CA GLU L 196 -44.02 61.04 -73.68
C GLU L 196 -42.57 61.30 -73.39
N VAL L 197 -41.82 61.78 -74.37
CA VAL L 197 -40.38 61.94 -74.23
C VAL L 197 -39.98 62.95 -73.14
N GLU L 198 -40.48 64.18 -73.24
CA GLU L 198 -40.09 65.22 -72.30
C GLU L 198 -40.73 65.05 -70.92
N LYS L 199 -41.88 64.38 -70.88
CA LYS L 199 -42.52 64.06 -69.61
C LYS L 199 -41.64 63.10 -68.82
N ALA L 200 -41.00 62.18 -69.54
CA ALA L 200 -40.07 61.24 -68.94
C ALA L 200 -38.89 62.01 -68.36
N ARG L 201 -38.43 63.02 -69.09
CA ARG L 201 -37.30 63.83 -68.67
C ARG L 201 -37.63 64.55 -67.36
N VAL L 202 -38.86 65.00 -67.22
CA VAL L 202 -39.28 65.65 -65.99
C VAL L 202 -39.40 64.63 -64.86
N TYR L 203 -40.11 63.53 -65.11
CA TYR L 203 -40.28 62.47 -64.12
C TYR L 203 -38.95 61.88 -63.67
N TYR L 204 -38.01 61.77 -64.60
CA TYR L 204 -36.66 61.30 -64.28
C TYR L 204 -36.01 62.12 -63.19
N PHE L 205 -35.95 63.43 -63.35
CA PHE L 205 -35.19 64.23 -62.41
C PHE L 205 -35.87 64.32 -61.06
N GLY L 206 -37.19 64.41 -61.06
CA GLY L 206 -37.95 64.43 -59.82
C GLY L 206 -37.61 63.22 -58.99
N THR L 207 -37.53 62.08 -59.66
CA THR L 207 -37.13 60.84 -59.02
C THR L 207 -35.67 60.90 -58.60
N TYR L 208 -34.82 61.39 -59.50
CA TYR L 208 -33.39 61.47 -59.21
C TYR L 208 -33.06 62.54 -58.18
N TYR L 209 -33.77 63.66 -58.21
CA TYR L 209 -33.62 64.70 -57.19
C TYR L 209 -34.00 64.16 -55.82
N ALA L 210 -35.14 63.47 -55.77
CA ALA L 210 -35.59 62.84 -54.54
C ALA L 210 -34.55 61.83 -54.07
N SER L 211 -34.07 61.03 -55.02
CA SER L 211 -33.02 60.05 -54.79
C SER L 211 -31.76 60.69 -54.20
N GLN L 212 -31.39 61.87 -54.70
CA GLN L 212 -30.20 62.58 -54.25
C GLN L 212 -30.26 62.93 -52.78
N LEU L 213 -31.45 63.30 -52.31
CA LEU L 213 -31.67 63.67 -50.92
C LEU L 213 -31.56 62.44 -50.01
N ILE L 214 -32.11 61.33 -50.47
CA ILE L 214 -32.12 60.09 -49.70
C ILE L 214 -30.71 59.54 -49.59
N ALA L 215 -29.98 59.60 -50.71
CA ALA L 215 -28.62 59.07 -50.76
C ALA L 215 -27.66 59.91 -49.93
N ALA L 216 -27.99 61.18 -49.74
CA ALA L 216 -27.19 62.06 -48.90
C ALA L 216 -27.15 61.56 -47.47
N PRO L 217 -25.93 61.35 -46.92
CA PRO L 217 -25.78 60.88 -45.54
C PRO L 217 -26.27 61.91 -44.52
N SER L 218 -26.48 61.47 -43.29
CA SER L 218 -27.16 62.27 -42.28
C SER L 218 -26.35 63.47 -41.78
N ASN L 219 -25.03 63.46 -41.97
CA ASN L 219 -24.24 64.63 -41.61
C ASN L 219 -24.33 65.73 -42.67
N TYR L 220 -24.67 65.35 -43.91
CA TYR L 220 -24.96 66.30 -44.98
C TYR L 220 -26.41 66.74 -44.97
N CYS L 221 -27.32 65.76 -44.93
CA CYS L 221 -28.75 66.04 -44.95
C CYS L 221 -29.38 66.00 -43.56
N ASN L 222 -29.55 67.17 -42.95
CA ASN L 222 -30.18 67.29 -41.64
C ASN L 222 -31.38 68.22 -41.79
N PRO L 223 -32.22 68.36 -40.74
CA PRO L 223 -33.41 69.22 -40.87
C PRO L 223 -33.15 70.61 -41.41
N VAL L 224 -32.02 71.20 -41.04
CA VAL L 224 -31.71 72.54 -41.49
C VAL L 224 -31.32 72.54 -42.97
N SER L 225 -30.37 71.68 -43.35
CA SER L 225 -29.88 71.63 -44.73
C SER L 225 -30.92 71.11 -45.71
N LEU L 226 -31.81 70.23 -45.26
CA LEU L 226 -32.90 69.73 -46.11
C LEU L 226 -33.94 70.81 -46.33
N SER L 227 -34.27 71.52 -45.27
CA SER L 227 -35.21 72.62 -45.38
C SER L 227 -34.57 73.73 -46.24
N ASN L 228 -33.25 73.90 -46.12
CA ASN L 228 -32.53 74.82 -47.00
C ASN L 228 -32.62 74.34 -48.45
N ALA L 229 -32.46 73.03 -48.64
CA ALA L 229 -32.55 72.43 -49.96
C ALA L 229 -33.96 72.59 -50.54
N ALA L 230 -34.96 72.49 -49.68
CA ALA L 230 -36.36 72.64 -50.10
C ALA L 230 -36.66 74.07 -50.53
N VAL L 231 -36.14 75.04 -49.79
CA VAL L 231 -36.32 76.45 -50.13
C VAL L 231 -35.69 76.82 -51.47
N GLU L 232 -34.46 76.41 -51.70
CA GLU L 232 -33.81 76.76 -52.97
C GLU L 232 -34.58 76.14 -54.14
N LEU L 233 -35.11 74.93 -53.96
CA LEU L 233 -35.90 74.28 -54.99
C LEU L 233 -37.14 75.10 -55.30
N ALA L 234 -37.81 75.57 -54.24
CA ALA L 234 -39.01 76.37 -54.40
C ALA L 234 -38.73 77.65 -55.18
N GLN L 235 -37.58 78.26 -54.92
CA GLN L 235 -37.20 79.49 -55.61
C GLN L 235 -36.88 79.24 -57.08
N LYS L 236 -36.29 78.09 -57.38
CA LYS L 236 -35.95 77.74 -58.76
C LYS L 236 -37.19 77.39 -59.57
N LEU L 237 -38.25 76.96 -58.89
CA LEU L 237 -39.49 76.59 -59.58
C LEU L 237 -40.57 77.65 -59.46
N ASN L 238 -40.23 78.75 -58.79
CA ASN L 238 -41.15 79.86 -58.54
C ASN L 238 -42.39 79.37 -57.78
N LEU L 239 -42.16 78.57 -56.75
CA LEU L 239 -43.22 78.09 -55.88
C LEU L 239 -43.24 78.92 -54.61
N GLU L 240 -44.42 79.11 -54.07
CA GLU L 240 -44.54 79.74 -52.77
C GLU L 240 -43.91 78.84 -51.71
N TYR L 241 -43.16 79.43 -50.78
CA TYR L 241 -42.50 78.62 -49.75
C TYR L 241 -42.43 79.33 -48.40
N LYS L 242 -42.52 78.52 -47.33
CA LYS L 242 -42.57 78.96 -45.95
C LYS L 242 -41.89 77.92 -45.05
N ILE L 243 -40.84 78.20 -44.29
CA ILE L 243 -40.35 77.22 -43.31
C ILE L 243 -40.57 77.66 -41.86
N LEU L 244 -41.25 76.80 -41.10
CA LEU L 244 -41.55 77.04 -39.69
C LEU L 244 -40.50 76.41 -38.77
N GLY L 245 -39.94 77.23 -37.87
CA GLY L 245 -38.97 76.78 -36.88
C GLY L 245 -39.59 76.52 -35.53
N VAL L 246 -38.75 76.23 -34.53
CA VAL L 246 -39.21 75.81 -33.21
C VAL L 246 -40.16 76.79 -32.51
N LYS L 247 -39.87 78.08 -32.56
CA LYS L 247 -40.70 79.07 -31.89
C LYS L 247 -42.09 79.10 -32.52
N GLU L 248 -42.18 78.95 -33.82
CA GLU L 248 -43.47 78.94 -34.47
C GLU L 248 -44.17 77.64 -34.16
N LEU L 249 -43.43 76.57 -34.15
CA LEU L 249 -44.03 75.26 -33.87
C LEU L 249 -44.59 75.15 -32.44
N GLU L 250 -43.93 75.81 -31.49
CA GLU L 250 -44.40 75.85 -30.11
C GLU L 250 -45.76 76.51 -29.94
N GLU L 251 -45.96 77.64 -30.62
CA GLU L 251 -47.16 78.43 -30.64
C GLU L 251 -48.31 77.58 -31.19
N LEU L 252 -47.92 76.79 -32.19
CA LEU L 252 -48.86 75.93 -32.90
C LEU L 252 -49.12 74.65 -32.08
N LYS L 253 -48.41 74.52 -30.96
CA LYS L 253 -48.63 73.43 -30.00
C LYS L 253 -48.39 72.04 -30.60
N MET L 254 -47.44 71.93 -31.52
CA MET L 254 -47.15 70.66 -32.18
C MET L 254 -46.22 69.81 -31.31
N GLY L 255 -46.76 69.33 -30.19
CA GLY L 255 -45.98 68.65 -29.18
C GLY L 255 -45.40 67.30 -29.55
N ALA L 256 -46.11 66.56 -30.40
CA ALA L 256 -45.63 65.25 -30.83
C ALA L 256 -44.38 65.40 -31.68
N TYR L 257 -44.48 66.29 -32.66
CA TYR L 257 -43.41 66.58 -33.59
C TYR L 257 -42.18 67.14 -32.90
N LEU L 258 -42.38 68.10 -32.00
CA LEU L 258 -41.27 68.73 -31.29
C LEU L 258 -40.58 67.75 -30.34
N SER L 259 -41.33 66.78 -29.86
CA SER L 259 -40.81 65.80 -28.92
C SER L 259 -39.76 64.90 -29.55
N VAL L 260 -40.02 64.46 -30.78
CA VAL L 260 -39.11 63.57 -31.51
C VAL L 260 -37.75 64.21 -31.77
N GLY L 261 -37.71 65.52 -31.98
CA GLY L 261 -36.47 66.19 -32.33
C GLY L 261 -35.69 66.79 -31.17
N LYS L 262 -36.27 66.68 -29.96
CA LYS L 262 -35.68 67.27 -28.76
C LYS L 262 -34.25 66.81 -28.51
N GLY L 263 -33.97 65.55 -28.81
CA GLY L 263 -32.66 64.98 -28.59
C GLY L 263 -31.69 65.27 -29.72
N SER L 264 -32.14 66.05 -30.70
CA SER L 264 -31.29 66.34 -31.86
C SER L 264 -30.55 67.64 -31.68
N MET L 265 -29.37 67.73 -32.29
CA MET L 265 -28.60 68.98 -32.29
C MET L 265 -29.10 69.88 -33.40
N TYR L 266 -29.95 69.32 -34.24
CA TYR L 266 -30.54 70.08 -35.34
C TYR L 266 -31.99 70.45 -35.02
N PRO L 267 -32.27 71.76 -35.05
CA PRO L 267 -33.63 72.29 -34.81
C PRO L 267 -34.65 71.75 -35.81
N ASN L 268 -35.87 71.53 -35.34
CA ASN L 268 -36.97 71.10 -36.20
C ASN L 268 -37.27 72.14 -37.27
N LYS L 269 -37.54 71.67 -38.48
CA LYS L 269 -37.92 72.54 -39.59
C LYS L 269 -39.12 71.96 -40.32
N PHE L 270 -40.20 72.73 -40.38
CA PHE L 270 -41.41 72.31 -41.08
C PHE L 270 -41.44 72.90 -42.49
N ILE L 271 -41.49 72.05 -43.50
CA ILE L 271 -41.49 72.49 -44.89
C ILE L 271 -42.92 72.65 -45.42
N HIS L 272 -43.22 73.81 -45.98
CA HIS L 272 -44.54 74.07 -46.57
C HIS L 272 -44.38 74.76 -47.93
N LEU L 273 -44.45 73.95 -48.96
CA LEU L 273 -44.37 74.38 -50.35
C LEU L 273 -45.80 74.53 -50.86
N THR L 274 -46.03 75.42 -51.83
CA THR L 274 -47.36 75.54 -52.42
C THR L 274 -47.30 75.75 -53.93
N TYR L 275 -48.03 74.90 -54.65
CA TYR L 275 -48.29 75.07 -56.08
C TYR L 275 -49.73 75.47 -56.31
N LYS L 276 -49.94 76.53 -57.09
CA LYS L 276 -51.29 76.89 -57.52
C LYS L 276 -51.29 77.04 -59.04
N SER L 277 -52.23 76.43 -59.75
CA SER L 277 -52.28 76.62 -61.20
C SER L 277 -52.85 78.01 -61.43
N LYS L 278 -52.41 78.70 -62.47
CA LYS L 278 -52.93 80.06 -62.65
C LYS L 278 -54.21 80.24 -63.48
N GLY L 279 -55.25 80.64 -62.76
CA GLY L 279 -56.52 81.06 -63.33
C GLY L 279 -57.54 80.00 -63.72
N ASP L 280 -58.02 79.25 -62.74
CA ASP L 280 -59.09 78.28 -62.98
C ASP L 280 -59.67 77.68 -61.69
N VAL L 281 -60.49 76.66 -61.86
CA VAL L 281 -61.25 76.05 -60.77
C VAL L 281 -60.43 74.89 -60.20
N LYS L 282 -60.14 74.93 -58.91
CA LYS L 282 -59.23 73.96 -58.31
C LYS L 282 -59.75 72.92 -57.35
N LYS L 283 -58.94 71.86 -57.25
CA LYS L 283 -59.06 70.78 -56.27
C LYS L 283 -57.88 71.02 -55.35
N LYS L 284 -58.10 71.03 -54.04
CA LYS L 284 -57.00 71.28 -53.12
C LYS L 284 -56.42 70.01 -52.50
N ILE L 285 -55.12 69.83 -52.71
CA ILE L 285 -54.44 68.62 -52.27
C ILE L 285 -53.24 68.94 -51.39
N ALA L 286 -53.14 68.23 -50.27
CA ALA L 286 -51.97 68.33 -49.41
C ALA L 286 -51.15 67.04 -49.48
N LEU L 287 -49.87 67.17 -49.82
CA LEU L 287 -48.99 66.00 -49.84
C LEU L 287 -48.04 66.04 -48.65
N VAL L 288 -48.08 64.98 -47.84
CA VAL L 288 -47.31 64.91 -46.61
C VAL L 288 -46.22 63.85 -46.64
N GLY L 289 -45.00 64.24 -46.29
CA GLY L 289 -43.88 63.32 -46.31
C GLY L 289 -43.22 63.16 -44.96
N LYS L 290 -42.93 61.92 -44.59
CA LYS L 290 -42.15 61.63 -43.39
C LYS L 290 -40.75 62.20 -43.55
N GLY L 291 -40.32 63.02 -42.59
CA GLY L 291 -39.03 63.67 -42.70
C GLY L 291 -38.09 63.43 -41.52
N ILE L 292 -37.72 62.17 -41.31
CA ILE L 292 -36.72 61.81 -40.31
C ILE L 292 -35.35 61.64 -40.95
N THR L 293 -34.47 62.62 -40.77
CA THR L 293 -33.18 62.61 -41.46
C THR L 293 -32.26 61.49 -40.99
N PHE L 294 -32.45 61.04 -39.74
CA PHE L 294 -31.81 59.82 -39.26
C PHE L 294 -32.60 59.17 -38.14
N ASP L 295 -32.87 57.88 -38.29
CA ASP L 295 -33.65 57.15 -37.31
C ASP L 295 -32.76 56.21 -36.49
N SER L 296 -32.27 56.71 -35.36
CA SER L 296 -31.49 55.86 -34.45
C SER L 296 -32.44 55.00 -33.65
N GLY L 297 -33.68 55.47 -33.56
CA GLY L 297 -34.68 54.82 -32.74
C GLY L 297 -34.89 55.58 -31.44
N GLY L 298 -33.95 56.48 -31.13
CA GLY L 298 -33.96 57.17 -29.86
C GLY L 298 -33.58 56.22 -28.74
N TYR L 299 -34.15 56.42 -27.56
CA TYR L 299 -33.85 55.55 -26.44
C TYR L 299 -34.31 54.11 -26.71
N ASN L 300 -35.26 53.95 -27.62
CA ASN L 300 -35.51 52.64 -28.20
C ASN L 300 -34.55 52.40 -29.36
N LEU L 301 -33.26 52.40 -29.05
CA LEU L 301 -32.20 52.35 -30.05
C LEU L 301 -32.29 51.12 -30.96
N LYS L 302 -32.00 51.32 -32.24
CA LYS L 302 -31.97 50.22 -33.20
C LYS L 302 -30.72 49.37 -33.00
N ALA L 303 -30.83 48.42 -32.09
CA ALA L 303 -29.70 47.60 -31.68
C ALA L 303 -29.95 46.13 -31.97
N ALA L 304 -31.17 45.80 -32.40
CA ALA L 304 -31.53 44.42 -32.71
C ALA L 304 -30.93 43.98 -34.04
N PRO L 305 -30.55 42.70 -34.13
CA PRO L 305 -30.04 42.16 -35.39
C PRO L 305 -31.07 42.31 -36.50
N GLY L 306 -30.84 43.17 -37.49
CA GLY L 306 -31.85 43.35 -38.53
C GLY L 306 -32.38 44.77 -38.62
N SER L 307 -31.95 45.62 -37.70
CA SER L 307 -32.45 46.97 -37.54
C SER L 307 -32.14 47.88 -38.73
N MET L 308 -31.09 47.52 -39.46
CA MET L 308 -30.63 48.23 -40.64
C MET L 308 -30.30 49.69 -40.27
N ILE L 309 -29.52 49.89 -39.21
CA ILE L 309 -29.27 51.22 -38.68
C ILE L 309 -28.39 52.08 -39.61
N ASP L 310 -27.61 51.44 -40.46
CA ASP L 310 -26.74 52.14 -41.40
C ASP L 310 -27.55 52.73 -42.55
N LEU L 311 -28.81 52.34 -42.59
CA LEU L 311 -29.67 52.66 -43.71
C LEU L 311 -30.58 53.83 -43.38
N MET L 312 -30.56 54.26 -42.11
CA MET L 312 -31.59 55.15 -41.56
C MET L 312 -31.48 56.62 -41.96
N LYS L 313 -30.57 56.92 -42.87
CA LYS L 313 -30.56 58.22 -43.55
C LYS L 313 -31.76 58.25 -44.48
N PHE L 314 -32.32 57.10 -44.80
CA PHE L 314 -33.45 56.75 -45.60
C PHE L 314 -34.77 57.24 -45.07
N ASP L 315 -34.82 57.64 -43.84
CA ASP L 315 -36.11 57.79 -43.18
C ASP L 315 -36.78 59.12 -43.52
N MET L 316 -36.25 59.79 -44.52
CA MET L 316 -36.84 61.02 -45.03
C MET L 316 -37.29 60.85 -46.49
N SER L 317 -37.43 59.60 -46.90
CA SER L 317 -37.86 59.27 -48.26
C SER L 317 -39.22 59.85 -48.62
N GLY L 318 -40.13 59.85 -47.65
CA GLY L 318 -41.46 60.39 -47.88
C GLY L 318 -41.37 61.85 -48.27
N CYS L 319 -40.62 62.59 -47.47
CA CYS L 319 -40.38 64.00 -47.75
C CYS L 319 -39.71 64.17 -49.12
N ALA L 320 -38.73 63.32 -49.41
CA ALA L 320 -38.01 63.38 -50.67
C ALA L 320 -38.95 63.14 -51.85
N ALA L 321 -39.87 62.19 -51.71
CA ALA L 321 -40.84 61.92 -52.76
C ALA L 321 -41.71 63.16 -53.01
N VAL L 322 -42.07 63.84 -51.93
CA VAL L 322 -42.92 65.02 -52.01
C VAL L 322 -42.22 66.21 -52.69
N LEU L 323 -40.95 66.47 -52.36
CA LEU L 323 -40.22 67.53 -53.06
C LEU L 323 -39.98 67.12 -54.51
N GLY L 324 -39.74 65.83 -54.73
CA GLY L 324 -39.57 65.31 -56.08
C GLY L 324 -40.83 65.56 -56.87
N CYS L 325 -41.97 65.38 -56.20
CA CYS L 325 -43.27 65.69 -56.79
C CYS L 325 -43.36 67.17 -57.07
N ALA L 326 -42.87 67.98 -56.15
CA ALA L 326 -42.88 69.43 -56.30
C ALA L 326 -42.11 69.86 -57.54
N TYR L 327 -40.98 69.22 -57.82
CA TYR L 327 -40.24 69.52 -59.02
C TYR L 327 -41.08 69.24 -60.26
N CYS L 328 -41.65 68.05 -60.31
CA CYS L 328 -42.42 67.62 -61.47
C CYS L 328 -43.63 68.51 -61.72
N VAL L 329 -44.38 68.78 -60.66
CA VAL L 329 -45.57 69.63 -60.75
C VAL L 329 -45.18 71.04 -61.14
N GLY L 330 -44.13 71.55 -60.51
CA GLY L 330 -43.65 72.90 -60.78
C GLY L 330 -43.13 73.07 -62.19
N THR L 331 -42.75 71.97 -62.83
CA THR L 331 -42.21 72.05 -64.19
C THR L 331 -43.32 71.84 -65.23
N LEU L 332 -44.12 70.80 -65.01
CA LEU L 332 -45.17 70.42 -65.95
C LEU L 332 -46.46 71.22 -65.98
N LYS L 333 -46.63 72.12 -65.02
CA LYS L 333 -47.82 72.88 -64.64
C LYS L 333 -49.14 72.25 -65.08
N PRO L 334 -49.51 71.49 -64.05
CA PRO L 334 -50.80 70.81 -64.11
C PRO L 334 -51.90 71.83 -63.87
N GLU L 335 -53.08 71.55 -64.40
CA GLU L 335 -54.22 72.47 -64.33
C GLU L 335 -55.18 72.08 -63.22
N ASN L 336 -55.99 73.04 -62.79
CA ASN L 336 -57.10 72.79 -61.86
C ASN L 336 -56.75 72.19 -60.51
N VAL L 337 -55.54 72.44 -60.01
CA VAL L 337 -55.13 71.85 -58.73
C VAL L 337 -54.35 72.85 -57.88
N GLU L 338 -54.55 72.76 -56.57
CA GLU L 338 -53.74 73.51 -55.62
C GLU L 338 -53.10 72.48 -54.72
N ILE L 339 -51.78 72.45 -54.74
CA ILE L 339 -51.02 71.43 -54.04
C ILE L 339 -50.11 72.00 -52.97
N HIS L 340 -50.23 71.45 -51.77
CA HIS L 340 -49.37 71.80 -50.66
C HIS L 340 -48.40 70.66 -50.34
N PHE L 341 -47.11 70.97 -50.38
CA PHE L 341 -46.08 69.98 -50.12
C PHE L 341 -45.57 70.17 -48.71
N LEU L 342 -45.94 69.24 -47.83
CA LEU L 342 -45.68 69.37 -46.41
C LEU L 342 -44.76 68.28 -45.89
N SER L 343 -43.91 68.65 -44.94
CA SER L 343 -43.08 67.67 -44.26
C SER L 343 -42.59 68.19 -42.91
N ALA L 344 -42.90 67.44 -41.86
CA ALA L 344 -42.39 67.75 -40.54
C ALA L 344 -41.01 67.13 -40.41
N VAL L 345 -39.98 67.92 -40.69
CA VAL L 345 -38.62 67.40 -40.74
C VAL L 345 -37.91 67.52 -39.39
N CYS L 346 -37.30 66.41 -38.96
CA CYS L 346 -36.50 66.40 -37.75
C CYS L 346 -35.57 65.20 -37.73
N GLU L 347 -34.84 65.05 -36.64
CA GLU L 347 -33.89 63.95 -36.48
C GLU L 347 -34.15 63.28 -35.15
N ASN L 348 -34.24 61.95 -35.16
CA ASN L 348 -34.52 61.20 -33.93
C ASN L 348 -33.26 60.65 -33.31
N MET L 349 -32.77 61.31 -32.27
CA MET L 349 -31.45 61.00 -31.73
C MET L 349 -31.45 60.66 -30.24
N VAL L 350 -30.31 60.20 -29.74
CA VAL L 350 -30.15 59.87 -28.33
C VAL L 350 -29.34 60.96 -27.62
N SER L 351 -29.90 61.45 -26.52
CA SER L 351 -29.34 62.59 -25.82
C SER L 351 -30.01 62.60 -24.45
N LYS L 352 -29.47 63.40 -23.54
CA LYS L 352 -29.99 63.94 -22.30
C LYS L 352 -31.40 64.44 -22.55
N ASN L 353 -31.45 65.12 -23.70
CA ASN L 353 -32.58 65.95 -24.05
C ASN L 353 -33.64 65.10 -24.76
N SER L 354 -33.33 63.83 -25.01
CA SER L 354 -34.23 62.97 -25.76
C SER L 354 -35.56 62.72 -25.04
N TYR L 355 -36.61 62.38 -25.78
CA TYR L 355 -37.91 62.02 -25.27
C TYR L 355 -37.80 60.62 -24.74
N ARG L 356 -38.61 60.21 -23.79
CA ARG L 356 -38.48 58.89 -23.21
C ARG L 356 -39.66 57.97 -23.49
N PRO L 357 -39.40 56.66 -23.54
CA PRO L 357 -40.50 55.71 -23.54
C PRO L 357 -41.33 55.91 -22.28
N GLY L 358 -42.64 56.05 -22.44
CA GLY L 358 -43.53 56.27 -21.31
C GLY L 358 -43.98 57.72 -21.25
N ASP L 359 -43.24 58.61 -21.88
CA ASP L 359 -43.58 60.02 -21.91
C ASP L 359 -44.95 60.29 -22.51
N ILE L 360 -45.66 61.24 -21.92
CA ILE L 360 -46.94 61.70 -22.46
C ILE L 360 -46.79 63.11 -23.04
N ILE L 361 -47.10 63.24 -24.32
CA ILE L 361 -46.94 64.51 -25.03
C ILE L 361 -48.27 64.93 -25.64
N THR L 362 -48.41 66.22 -25.95
CA THR L 362 -49.68 66.73 -26.46
C THR L 362 -49.59 67.24 -27.90
N ALA L 363 -50.34 66.60 -28.79
CA ALA L 363 -50.36 67.00 -30.20
C ALA L 363 -51.11 68.32 -30.38
N SER L 364 -51.05 68.86 -31.60
CA SER L 364 -51.61 70.18 -31.88
C SER L 364 -53.14 70.21 -31.92
N ASN L 365 -53.79 69.05 -31.87
CA ASN L 365 -55.25 69.03 -31.83
C ASN L 365 -55.76 68.77 -30.40
N GLY L 366 -54.84 68.76 -29.44
CA GLY L 366 -55.18 68.65 -28.04
C GLY L 366 -55.10 67.24 -27.48
N LYS L 367 -54.97 66.26 -28.36
CA LYS L 367 -54.93 64.86 -27.95
C LYS L 367 -53.59 64.51 -27.30
N THR L 368 -53.67 63.88 -26.13
CA THR L 368 -52.46 63.44 -25.42
C THR L 368 -52.04 62.06 -25.88
N ILE L 369 -50.74 61.86 -26.03
CA ILE L 369 -50.20 60.62 -26.56
C ILE L 369 -49.19 59.97 -25.62
N GLU L 370 -49.41 58.70 -25.31
CA GLU L 370 -48.45 57.93 -24.51
C GLU L 370 -47.46 57.23 -25.43
N VAL L 371 -46.19 57.64 -25.36
CA VAL L 371 -45.15 57.03 -26.18
C VAL L 371 -44.79 55.68 -25.61
N GLY L 372 -44.91 54.62 -26.41
CA GLY L 372 -44.57 53.28 -25.96
C GLY L 372 -43.26 52.82 -26.56
N ASN L 373 -42.87 53.49 -27.65
CA ASN L 373 -41.64 53.18 -28.33
C ASN L 373 -41.16 54.40 -29.08
N THR L 374 -39.98 54.85 -28.72
CA THR L 374 -39.45 56.04 -29.33
C THR L 374 -39.02 55.84 -30.79
N ASP L 375 -38.94 54.59 -31.21
CA ASP L 375 -38.63 54.27 -32.59
C ASP L 375 -39.88 54.29 -33.46
N ALA L 376 -41.05 54.51 -32.86
CA ALA L 376 -42.26 54.73 -33.64
C ALA L 376 -42.49 56.23 -33.74
N GLU L 377 -41.45 56.93 -34.16
CA GLU L 377 -41.40 58.39 -34.13
C GLU L 377 -42.07 59.04 -35.35
N GLY L 378 -42.14 58.30 -36.45
CA GLY L 378 -42.66 58.85 -37.68
C GLY L 378 -44.11 59.29 -37.58
N ARG L 379 -44.93 58.46 -36.93
CA ARG L 379 -46.35 58.76 -36.82
C ARG L 379 -46.63 59.97 -35.93
N LEU L 380 -45.72 60.27 -35.00
CA LEU L 380 -45.89 61.43 -34.11
C LEU L 380 -45.69 62.72 -34.89
N THR L 381 -44.69 62.74 -35.76
CA THR L 381 -44.44 63.92 -36.56
C THR L 381 -45.53 64.07 -37.62
N LEU L 382 -45.98 62.94 -38.17
CA LEU L 382 -47.03 62.97 -39.18
C LEU L 382 -48.36 63.38 -38.57
N ALA L 383 -48.58 63.02 -37.32
CA ALA L 383 -49.80 63.37 -36.60
C ALA L 383 -50.00 64.88 -36.54
N ASP L 384 -48.95 65.60 -36.15
CA ASP L 384 -49.01 67.04 -36.09
C ASP L 384 -49.03 67.62 -37.51
N ALA L 385 -48.40 66.93 -38.44
CA ALA L 385 -48.41 67.34 -39.84
C ALA L 385 -49.81 67.18 -40.45
N LEU L 386 -50.52 66.13 -40.06
CA LEU L 386 -51.86 65.88 -40.57
C LEU L 386 -52.87 66.88 -40.00
N VAL L 387 -52.70 67.25 -38.73
CA VAL L 387 -53.53 68.28 -38.11
C VAL L 387 -53.31 69.61 -38.82
N TYR L 388 -52.06 69.93 -39.11
CA TYR L 388 -51.70 71.12 -39.86
C TYR L 388 -52.34 71.11 -41.24
N ALA L 389 -52.30 69.95 -41.88
CA ALA L 389 -52.81 69.78 -43.23
C ALA L 389 -54.32 70.02 -43.35
N GLU L 390 -55.09 69.51 -42.40
CA GLU L 390 -56.54 69.62 -42.52
C GLU L 390 -56.97 71.05 -42.26
N LYS L 391 -56.18 71.82 -41.51
CA LYS L 391 -56.71 73.16 -41.35
C LYS L 391 -56.30 74.03 -42.57
N LEU L 392 -55.63 73.41 -43.55
CA LEU L 392 -55.43 74.09 -44.84
C LEU L 392 -56.72 74.11 -45.67
N GLY L 393 -57.68 73.27 -45.28
CA GLY L 393 -58.96 73.20 -45.97
C GLY L 393 -58.79 72.59 -47.33
N VAL L 394 -58.29 71.37 -47.39
CA VAL L 394 -57.99 70.72 -48.66
C VAL L 394 -58.97 69.59 -48.93
N ASP L 395 -58.98 69.11 -50.17
CA ASP L 395 -59.90 68.06 -50.56
C ASP L 395 -59.35 66.66 -50.26
N TYR L 396 -58.07 66.45 -50.52
CA TYR L 396 -57.43 65.17 -50.28
C TYR L 396 -56.13 65.36 -49.48
N ILE L 397 -55.92 64.53 -48.47
CA ILE L 397 -54.63 64.49 -47.78
C ILE L 397 -53.96 63.14 -47.96
N VAL L 398 -52.81 63.14 -48.63
CA VAL L 398 -52.03 61.93 -48.82
C VAL L 398 -50.65 62.05 -48.20
N ASP L 399 -50.34 61.16 -47.26
CA ASP L 399 -49.00 61.10 -46.68
C ASP L 399 -48.25 59.90 -47.25
N ILE L 400 -46.93 60.03 -47.33
CA ILE L 400 -46.08 58.97 -47.84
C ILE L 400 -44.90 58.82 -46.88
N ALA L 401 -44.64 57.59 -46.42
CA ALA L 401 -43.72 57.41 -45.29
C ALA L 401 -43.07 56.02 -45.18
N THR L 402 -41.81 56.00 -44.79
CA THR L 402 -41.15 54.76 -44.39
C THR L 402 -41.52 54.49 -42.95
N LEU L 403 -42.75 54.08 -42.73
CA LEU L 403 -43.34 54.09 -41.40
C LEU L 403 -43.11 52.81 -40.61
N THR L 404 -43.40 51.67 -41.22
CA THR L 404 -43.35 50.41 -40.50
C THR L 404 -42.52 49.38 -41.26
N GLY L 405 -41.57 48.76 -40.58
CA GLY L 405 -40.75 47.72 -41.18
C GLY L 405 -41.57 46.51 -41.53
N ALA L 406 -42.77 46.43 -40.97
CA ALA L 406 -43.68 45.32 -41.22
C ALA L 406 -44.04 45.19 -42.69
N MET L 407 -43.89 46.27 -43.44
CA MET L 407 -44.19 46.25 -44.86
C MET L 407 -43.32 45.27 -45.63
N LEU L 408 -42.10 45.04 -45.15
CA LEU L 408 -41.21 44.08 -45.79
C LEU L 408 -41.78 42.67 -45.75
N TYR L 409 -42.55 42.36 -44.71
CA TYR L 409 -43.12 41.03 -44.54
C TYR L 409 -44.44 40.86 -45.29
N SER L 410 -45.14 41.96 -45.53
CA SER L 410 -46.45 41.91 -46.17
C SER L 410 -46.37 42.02 -47.70
N LEU L 411 -45.78 43.12 -48.21
CA LEU L 411 -45.74 43.33 -49.64
C LEU L 411 -44.34 43.19 -50.23
N GLY L 412 -43.33 43.35 -49.40
CA GLY L 412 -41.96 43.18 -49.87
C GLY L 412 -41.34 44.46 -50.38
N THR L 413 -40.45 44.33 -51.36
CA THR L 413 -39.63 45.46 -51.79
C THR L 413 -40.11 46.11 -53.08
N SER L 414 -41.17 45.56 -53.67
CA SER L 414 -41.65 46.07 -54.96
C SER L 414 -42.94 46.86 -54.88
N TYR L 415 -43.89 46.39 -54.06
CA TYR L 415 -45.19 47.03 -53.94
C TYR L 415 -45.30 47.83 -52.64
N ALA L 416 -45.78 49.06 -52.74
CA ALA L 416 -46.07 49.85 -51.54
C ALA L 416 -47.50 49.59 -51.12
N GLY L 417 -47.81 49.83 -49.86
CA GLY L 417 -49.17 49.65 -49.37
C GLY L 417 -49.91 50.96 -49.20
N VAL L 418 -51.19 50.98 -49.53
CA VAL L 418 -51.99 52.19 -49.31
C VAL L 418 -53.17 51.95 -48.35
N PHE L 419 -53.28 52.85 -47.39
CA PHE L 419 -54.37 52.85 -46.41
C PHE L 419 -55.15 54.14 -46.55
N GLY L 420 -56.40 54.16 -46.06
CA GLY L 420 -57.21 55.35 -46.18
C GLY L 420 -58.58 55.29 -45.56
N ASN L 421 -59.27 56.42 -45.56
CA ASN L 421 -60.63 56.51 -45.03
C ASN L 421 -61.66 56.79 -46.13
N ASN L 422 -61.22 56.74 -47.39
CA ASN L 422 -62.06 57.15 -48.51
C ASN L 422 -61.79 56.32 -49.76
N GLU L 423 -62.82 55.61 -50.23
CA GLU L 423 -62.62 54.71 -51.36
C GLU L 423 -62.31 55.42 -52.67
N GLU L 424 -62.85 56.62 -52.89
CA GLU L 424 -62.59 57.27 -54.16
C GLU L 424 -61.12 57.69 -54.25
N LEU L 425 -60.58 58.22 -53.15
CA LEU L 425 -59.18 58.63 -53.09
C LEU L 425 -58.25 57.43 -53.23
N ILE L 426 -58.58 56.34 -52.55
CA ILE L 426 -57.78 55.13 -52.65
C ILE L 426 -57.70 54.66 -54.09
N ASN L 427 -58.84 54.66 -54.78
CA ASN L 427 -58.91 54.25 -56.17
C ASN L 427 -58.10 55.15 -57.09
N LYS L 428 -58.13 56.46 -56.83
CA LYS L 428 -57.36 57.41 -57.61
C LYS L 428 -55.88 57.11 -57.47
N ILE L 429 -55.45 56.74 -56.26
CA ILE L 429 -54.08 56.33 -56.03
C ILE L 429 -53.74 55.04 -56.78
N LEU L 430 -54.66 54.08 -56.74
CA LEU L 430 -54.43 52.81 -57.43
C LEU L 430 -54.33 53.03 -58.93
N GLN L 431 -55.09 53.97 -59.44
CA GLN L 431 -55.06 54.31 -60.82
C GLN L 431 -53.81 55.02 -61.17
N SER L 432 -53.38 55.86 -60.27
CA SER L 432 -52.13 56.58 -60.44
C SER L 432 -50.95 55.60 -60.42
N SER L 433 -51.11 54.53 -59.64
CA SER L 433 -50.10 53.50 -59.56
C SER L 433 -49.98 52.80 -60.91
N LYS L 434 -51.12 52.65 -61.59
CA LYS L 434 -51.15 51.98 -62.89
C LYS L 434 -50.42 52.78 -63.97
N THR L 435 -50.67 54.08 -64.03
CA THR L 435 -50.12 54.90 -65.11
C THR L 435 -48.69 55.40 -64.84
N SER L 436 -48.28 55.44 -63.58
CA SER L 436 -46.92 55.85 -63.28
C SER L 436 -46.01 54.65 -63.24
N ASN L 437 -46.65 53.48 -63.13
CA ASN L 437 -45.92 52.23 -62.97
C ASN L 437 -45.07 52.23 -61.70
N GLU L 438 -45.57 52.83 -60.63
CA GLU L 438 -45.03 52.54 -59.30
C GLU L 438 -46.11 51.75 -58.54
N PRO L 439 -45.93 50.43 -58.46
CA PRO L 439 -46.99 49.53 -57.98
C PRO L 439 -47.39 49.81 -56.54
N VAL L 440 -48.70 49.92 -56.33
CA VAL L 440 -49.26 50.18 -55.01
C VAL L 440 -50.41 49.21 -54.79
N TRP L 441 -50.52 48.67 -53.58
CA TRP L 441 -51.59 47.75 -53.25
C TRP L 441 -52.37 48.23 -52.04
N TRP L 442 -53.68 48.07 -52.13
CA TRP L 442 -54.59 48.53 -51.08
C TRP L 442 -54.64 47.53 -49.92
N LEU L 443 -54.34 48.02 -48.72
CA LEU L 443 -54.38 47.21 -47.51
C LEU L 443 -55.46 47.74 -46.56
N PRO L 444 -56.02 46.86 -45.72
CA PRO L 444 -57.18 47.29 -44.93
C PRO L 444 -56.83 47.98 -43.62
N ILE L 445 -57.63 48.98 -43.25
CA ILE L 445 -57.56 49.54 -41.90
C ILE L 445 -58.63 48.85 -41.06
N ILE L 446 -58.21 47.90 -40.24
CA ILE L 446 -59.11 47.05 -39.49
C ILE L 446 -59.50 47.67 -38.15
N ASN L 447 -60.75 48.16 -38.07
CA ASN L 447 -61.22 48.90 -36.90
C ASN L 447 -61.20 48.11 -35.61
N GLU L 448 -61.25 46.79 -35.70
CA GLU L 448 -61.27 45.96 -34.50
C GLU L 448 -59.98 46.12 -33.70
N TYR L 449 -58.91 46.57 -34.36
CA TYR L 449 -57.63 46.70 -33.69
C TYR L 449 -57.49 48.04 -32.97
N ARG L 450 -58.47 48.93 -33.16
CA ARG L 450 -58.41 50.27 -32.59
C ARG L 450 -58.33 50.25 -31.06
N ALA L 451 -58.98 49.27 -30.44
CA ALA L 451 -59.03 49.20 -28.98
C ALA L 451 -57.64 49.03 -28.37
N THR L 452 -56.69 48.52 -29.15
CA THR L 452 -55.34 48.31 -28.66
C THR L 452 -54.59 49.62 -28.48
N LEU L 453 -55.16 50.72 -28.96
CA LEU L 453 -54.53 52.02 -28.82
C LEU L 453 -55.12 52.84 -27.67
N ASN L 454 -56.08 52.25 -26.96
CA ASN L 454 -56.67 52.92 -25.80
C ASN L 454 -55.73 52.93 -24.61
N SER L 455 -55.19 54.10 -24.29
CA SER L 455 -54.24 54.23 -23.20
C SER L 455 -54.94 54.34 -21.84
N LYS L 456 -54.26 53.86 -20.81
CA LYS L 456 -54.76 53.88 -19.44
C LYS L 456 -54.69 55.29 -18.85
N TYR L 457 -53.71 56.07 -19.29
CA TYR L 457 -53.48 57.40 -18.73
C TYR L 457 -53.65 58.51 -19.76
N ALA L 458 -53.20 58.26 -20.99
CA ALA L 458 -53.31 59.25 -22.06
C ALA L 458 -54.58 59.05 -22.89
N ASP L 459 -54.85 59.98 -23.81
CA ASP L 459 -55.98 59.86 -24.72
C ASP L 459 -55.83 58.64 -25.64
N ILE L 460 -54.60 58.39 -26.08
CA ILE L 460 -54.35 57.32 -27.03
C ILE L 460 -52.90 56.82 -26.96
N ASN L 461 -52.70 55.55 -27.27
CA ASN L 461 -51.36 54.99 -27.39
C ASN L 461 -50.73 55.24 -28.76
N GLN L 462 -49.41 55.39 -28.74
CA GLN L 462 -48.60 55.52 -29.95
C GLN L 462 -48.46 54.18 -30.66
N ILE L 463 -48.23 53.12 -29.89
CA ILE L 463 -48.08 51.79 -30.43
C ILE L 463 -48.98 50.79 -29.74
N SER L 464 -49.10 49.62 -30.36
CA SER L 464 -49.82 48.49 -29.77
C SER L 464 -48.86 47.74 -28.84
N SER L 465 -49.38 46.75 -28.14
CA SER L 465 -48.61 46.02 -27.14
C SER L 465 -48.03 44.59 -27.34
N SER L 466 -48.08 43.98 -28.53
CA SER L 466 -48.47 44.42 -29.86
C SER L 466 -49.50 43.44 -30.42
N VAL L 467 -50.61 43.85 -31.03
CA VAL L 467 -51.20 43.21 -32.19
C VAL L 467 -50.13 43.44 -33.25
N LYS L 468 -49.52 42.36 -33.74
CA LYS L 468 -48.39 42.77 -34.57
C LYS L 468 -48.63 43.19 -36.01
N ALA L 469 -49.86 43.60 -36.29
CA ALA L 469 -50.14 44.30 -37.53
C ALA L 469 -49.70 45.75 -37.49
N SER L 470 -48.38 45.95 -37.47
CA SER L 470 -47.77 47.23 -37.17
C SER L 470 -48.24 48.30 -38.13
N SER L 471 -48.39 47.90 -39.38
CA SER L 471 -48.78 48.81 -40.45
C SER L 471 -50.23 49.28 -40.32
N ILE L 472 -51.11 48.39 -39.89
CA ILE L 472 -52.51 48.73 -39.74
C ILE L 472 -52.75 49.59 -38.50
N VAL L 473 -52.08 49.26 -37.40
CA VAL L 473 -52.20 50.01 -36.16
C VAL L 473 -51.70 51.43 -36.34
N ALA L 474 -50.60 51.59 -37.08
CA ALA L 474 -50.03 52.90 -37.33
C ALA L 474 -50.99 53.76 -38.14
N SER L 475 -51.70 53.13 -39.08
CA SER L 475 -52.70 53.82 -39.88
C SER L 475 -53.92 54.20 -39.03
N LEU L 476 -54.27 53.34 -38.08
CA LEU L 476 -55.36 53.64 -37.14
C LEU L 476 -54.98 54.85 -36.31
N PHE L 477 -53.71 54.91 -35.91
CA PHE L 477 -53.18 56.04 -35.18
C PHE L 477 -53.32 57.32 -35.99
N LEU L 478 -52.81 57.27 -37.23
CA LEU L 478 -52.81 58.43 -38.11
C LEU L 478 -54.22 58.90 -38.39
N LYS L 479 -55.14 57.94 -38.53
CA LYS L 479 -56.54 58.22 -38.82
C LYS L 479 -57.18 59.09 -37.74
N GLU L 480 -56.65 59.01 -36.52
CA GLU L 480 -57.17 59.80 -35.42
C GLU L 480 -56.88 61.28 -35.59
N PHE L 481 -56.05 61.64 -36.56
CA PHE L 481 -55.68 63.05 -36.71
C PHE L 481 -56.20 63.66 -38.00
N VAL L 482 -57.13 62.95 -38.64
CA VAL L 482 -57.91 63.51 -39.73
C VAL L 482 -59.38 63.28 -39.42
N GLN L 483 -60.09 64.36 -39.13
CA GLN L 483 -61.45 64.20 -38.62
C GLN L 483 -62.47 64.05 -39.75
N ASN L 484 -62.44 64.97 -40.71
CA ASN L 484 -63.47 64.96 -41.73
C ASN L 484 -62.96 65.35 -43.11
N THR L 485 -61.83 64.77 -43.51
CA THR L 485 -61.26 65.03 -44.82
C THR L 485 -60.80 63.71 -45.42
N ALA L 486 -61.00 63.56 -46.74
CA ALA L 486 -60.50 62.39 -47.44
C ALA L 486 -58.98 62.30 -47.28
N TRP L 487 -58.52 61.15 -46.77
CA TRP L 487 -57.12 60.96 -46.42
C TRP L 487 -56.60 59.58 -46.78
N ALA L 488 -55.36 59.52 -47.25
CA ALA L 488 -54.70 58.27 -47.57
C ALA L 488 -53.29 58.22 -47.01
N HIS L 489 -52.82 57.00 -46.74
CA HIS L 489 -51.51 56.76 -46.13
C HIS L 489 -50.73 55.73 -46.93
N ILE L 490 -49.59 56.11 -47.46
CA ILE L 490 -48.76 55.19 -48.25
C ILE L 490 -47.50 54.80 -47.48
N ASP L 491 -47.41 53.53 -47.10
CA ASP L 491 -46.26 53.05 -46.36
C ASP L 491 -45.21 52.54 -47.34
N ILE L 492 -44.13 53.28 -47.49
CA ILE L 492 -43.09 52.98 -48.46
C ILE L 492 -41.81 52.47 -47.81
N ALA L 493 -41.95 51.90 -46.62
CA ALA L 493 -40.79 51.42 -45.88
C ALA L 493 -40.05 50.29 -46.59
N GLY L 494 -40.78 49.44 -47.31
CA GLY L 494 -40.17 48.29 -47.95
C GLY L 494 -39.60 48.54 -49.33
N VAL L 495 -40.15 49.51 -50.03
CA VAL L 495 -39.83 49.74 -51.43
C VAL L 495 -38.86 50.89 -51.65
N SER L 496 -38.58 51.67 -50.61
CA SER L 496 -37.82 52.89 -50.75
C SER L 496 -36.39 52.63 -51.18
N TRP L 497 -35.76 51.65 -50.53
CA TRP L 497 -34.36 51.36 -50.78
C TRP L 497 -34.17 50.15 -51.70
N ASN L 498 -33.33 50.32 -52.71
CA ASN L 498 -32.93 49.23 -53.58
C ASN L 498 -31.72 48.53 -52.96
N PHE L 499 -31.98 47.43 -52.27
CA PHE L 499 -30.94 46.75 -51.51
C PHE L 499 -29.85 46.14 -52.37
N LYS L 500 -30.24 45.59 -53.52
CA LYS L 500 -29.29 44.96 -54.42
C LYS L 500 -28.35 46.00 -55.02
N ALA L 501 -28.90 47.12 -55.45
CA ALA L 501 -28.11 48.16 -56.11
C ALA L 501 -27.46 49.13 -55.10
N ARG L 502 -27.79 48.95 -53.82
CA ARG L 502 -27.28 49.80 -52.74
C ARG L 502 -27.56 51.29 -52.96
N LYS L 503 -28.77 51.60 -53.42
CA LYS L 503 -29.15 52.99 -53.68
C LYS L 503 -30.65 53.16 -53.46
N PRO L 504 -31.12 54.42 -53.37
CA PRO L 504 -32.57 54.64 -53.26
C PRO L 504 -33.28 54.38 -54.58
N LYS L 505 -34.60 54.26 -54.53
CA LYS L 505 -35.39 54.12 -55.73
C LYS L 505 -36.04 55.46 -56.10
N GLY L 506 -36.16 56.35 -55.10
CA GLY L 506 -36.87 57.60 -55.27
C GLY L 506 -38.36 57.35 -55.44
N PHE L 507 -38.84 56.32 -54.76
CA PHE L 507 -40.22 55.86 -54.88
C PHE L 507 -41.23 56.93 -54.50
N GLY L 508 -42.28 57.05 -55.31
CA GLY L 508 -43.41 57.90 -54.96
C GLY L 508 -43.57 59.15 -55.81
N VAL L 509 -42.45 59.65 -56.31
CA VAL L 509 -42.41 60.89 -57.08
C VAL L 509 -43.32 60.83 -58.31
N ARG L 510 -43.16 59.79 -59.11
CA ARG L 510 -43.94 59.64 -60.33
C ARG L 510 -45.38 59.29 -59.98
N LEU L 511 -45.55 58.50 -58.93
CA LEU L 511 -46.88 58.12 -58.45
C LEU L 511 -47.74 59.32 -58.09
N LEU L 512 -47.21 60.21 -57.25
CA LEU L 512 -47.95 61.38 -56.79
C LEU L 512 -48.21 62.36 -57.93
N THR L 513 -47.26 62.46 -58.85
CA THR L 513 -47.39 63.40 -59.95
C THR L 513 -48.54 62.96 -60.86
N GLU L 514 -48.63 61.66 -61.13
CA GLU L 514 -49.75 61.17 -61.91
C GLU L 514 -51.06 61.41 -61.16
N PHE L 515 -50.98 61.39 -59.84
CA PHE L 515 -52.15 61.61 -59.00
C PHE L 515 -52.70 63.03 -59.11
N VAL L 516 -51.81 64.03 -59.17
CA VAL L 516 -52.25 65.41 -59.28
C VAL L 516 -52.77 65.71 -60.69
N LEU L 517 -52.27 64.98 -61.69
CA LEU L 517 -52.66 65.24 -63.07
C LEU L 517 -54.05 64.70 -63.43
N ASN L 518 -54.43 63.55 -62.88
CA ASN L 518 -55.72 62.95 -63.24
C ASN L 518 -56.85 63.26 -62.25
N ASP L 519 -56.57 64.09 -61.25
CA ASP L 519 -57.61 64.58 -60.35
C ASP L 519 -57.98 66.02 -60.65
ZN ZN M . 18.38 -47.74 18.41
ZN ZN N . 15.18 -48.15 18.01
C2 TOD O . 20.74 -43.30 16.39
C3 TOD O . 21.74 -42.65 17.37
C4 TOD O . 19.20 -43.24 16.69
C5 TOD O . 18.85 -43.01 18.19
C6 TOD O . 17.49 -43.55 18.60
C7 TOD O . 17.48 -45.01 18.23
C10 TOD O . 20.75 -39.80 21.22
C11 TOD O . 22.01 -40.38 21.10
C12 TOD O . 22.90 -40.34 22.16
C14 TOD O . 21.28 -39.11 23.46
C16 TOD O . 20.37 -38.92 19.03
O6 TOD O . 19.92 -37.63 19.10
O5 TOD O . 21.11 -39.33 18.14
C9 TOD O . 19.86 -39.84 20.15
C15 TOD O . 20.40 -39.16 22.40
C13 TOD O . 22.53 -39.69 23.35
N2 TOD O . 19.66 -41.24 19.70
C8 TOD O . 19.02 -41.52 18.56
O4 TOD O . 18.51 -40.67 17.84
C1 TOD O . 21.08 -43.19 14.88
O3 TOD O . 17.40 -43.43 20.02
O1 TOD O . 18.36 -45.75 18.64
N1 TOD O . 16.45 -45.42 17.49
O2 TOD O . 16.47 -46.82 17.15
C CO3 P . 16.98 -45.87 13.15
O1 CO3 P . 17.11 -46.35 11.97
O2 CO3 P . 16.34 -46.52 14.13
O3 CO3 P . 17.54 -44.68 13.34
S SO4 Q . -6.19 -26.08 2.86
O1 SO4 Q . -4.99 -25.94 2.04
O2 SO4 Q . -6.62 -27.48 2.84
O3 SO4 Q . -5.91 -25.66 4.23
O4 SO4 Q . -7.26 -25.24 2.31
S SO4 R . -1.72 -47.38 30.68
O1 SO4 R . -1.03 -46.34 29.92
O2 SO4 R . -1.27 -47.32 32.08
O3 SO4 R . -3.16 -47.14 30.62
O4 SO4 R . -1.43 -48.68 30.11
S SO4 S . 14.23 -31.55 -1.88
O1 SO4 S . 15.49 -31.69 -1.17
O2 SO4 S . 13.15 -31.24 -0.94
O3 SO4 S . 14.35 -30.48 -2.86
O4 SO4 S . 13.93 -32.81 -2.56
C12 1PE T . -16.09 -56.36 24.59
C22 1PE T . -15.05 -55.56 23.81
OH3 1PE T . -13.71 -56.05 24.00
C13 1PE T . -11.95 -56.86 22.55
C23 1PE T . -12.80 -55.66 22.99
OH4 1PE T . -12.30 -57.25 21.22
C14 1PE T . -12.37 -58.92 19.52
C24 1PE T . -11.80 -58.53 20.88
OH5 1PE T . -13.66 -59.53 19.67
C CO3 U . 46.55 -53.24 23.71
O1 CO3 U . 47.17 -54.05 24.47
O2 CO3 U . 45.72 -53.59 22.76
O3 CO3 U . 46.81 -52.01 23.94
ZN ZN V . 41.16 -52.72 22.53
ZN ZN W . 42.89 -53.38 20.02
C2 TOD X . 44.08 -49.03 25.32
C3 TOD X . 42.74 -49.07 26.03
C4 TOD X . 43.73 -49.06 23.85
C5 TOD X . 42.57 -48.23 23.27
C6 TOD X . 42.29 -48.72 21.82
C7 TOD X . 42.61 -50.23 21.74
C10 TOD X . 42.52 -43.98 24.55
C11 TOD X . 43.14 -43.28 23.51
C12 TOD X . 44.32 -42.59 23.77
C14 TOD X . 44.25 -43.28 26.08
C16 TOD X . 40.28 -43.88 23.55
O6 TOD X . 39.70 -42.87 24.26
O5 TOD X . 40.02 -44.14 22.38
C9 TOD X . 41.32 -44.68 24.38
C15 TOD X . 43.06 -43.96 25.82
C13 TOD X . 44.87 -42.58 25.05
N2 TOD X . 41.52 -46.14 24.07
C8 TOD X . 42.59 -46.70 23.47
O4 TOD X . 43.58 -46.10 23.07
C1 TOD X . 44.71 -47.71 25.75
O3 TOD X . 40.87 -48.70 21.66
O1 TOD X . 41.70 -51.07 21.68
N1 TOD X . 43.90 -50.57 21.57
O2 TOD X . 44.16 -52.07 21.50
S SO4 Y . 25.92 -64.48 25.06
O1 SO4 Y . 27.10 -64.05 24.32
O2 SO4 Y . 26.07 -64.14 26.47
O3 SO4 Y . 24.76 -63.78 24.52
O4 SO4 Y . 25.74 -65.92 24.91
C13 1PE Z . 48.53 -65.15 -5.45
C23 1PE Z . 49.73 -66.06 -5.39
OH4 1PE Z . 48.94 -63.98 -6.13
C14 1PE Z . 48.49 -62.12 -7.60
C24 1PE Z . 47.92 -63.10 -6.58
OH5 1PE Z . 47.81 -62.35 -8.83
C25 1PE Z . 48.57 -62.13 -10.02
ZN ZN AA . 26.82 -54.20 43.08
ZN ZN BA . 25.72 -52.54 40.30
C2 TOD CA . 23.24 -47.77 41.22
C3 TOD CA . 23.21 -47.53 39.71
C4 TOD CA . 24.50 -47.10 41.73
C5 TOD CA . 25.87 -47.72 41.42
C6 TOD CA . 26.34 -48.84 42.37
C7 TOD CA . 26.09 -50.30 41.94
C10 TOD CA . 29.23 -44.92 41.33
C16 TOD CA . 27.66 -43.60 40.11
C9 TOD CA . 27.89 -44.56 41.28
N2 TOD CA . 27.11 -45.77 41.04
C8 TOD CA . 26.63 -46.56 42.01
O4 TOD CA . 26.79 -46.40 43.22
C1 TOD CA . 22.06 -46.97 41.76
O3 TOD CA . 27.73 -48.67 42.70
O1 TOD CA . 26.43 -50.66 40.82
N1 TOD CA . 25.70 -51.16 42.89
O2 TOD CA . 25.46 -52.59 42.43
C CO3 DA . 22.45 -51.60 44.27
O1 CO3 DA . 21.24 -51.89 44.58
O2 CO3 DA . 23.35 -52.53 43.95
O3 CO3 DA . 22.74 -50.31 44.27
S SO4 EA . 67.60 -63.39 64.49
O1 SO4 EA . 68.30 -64.22 63.51
O2 SO4 EA . 66.80 -64.24 65.36
O3 SO4 EA . 68.57 -62.66 65.29
O4 SO4 EA . 66.74 -62.44 63.80
C12 1PE FA . 37.72 -80.32 55.02
C22 1PE FA . 37.26 -80.03 53.59
OH3 1PE FA . 38.24 -79.14 52.99
C13 1PE FA . 40.36 -79.45 51.81
C23 1PE FA . 38.82 -79.56 51.75
OH4 1PE FA . 40.85 -78.11 51.96
C14 1PE FA . 42.97 -78.31 53.14
C24 1PE FA . 42.27 -78.01 51.83
OH5 1PE FA . 42.68 -77.28 54.08
C15 1PE FA . 43.16 -76.52 56.34
C25 1PE FA . 43.73 -77.07 55.03
OH6 1PE FA . 42.19 -77.38 56.93
C26 1PE FA . 42.00 -77.09 58.31
C12 1PE GA . 39.99 -76.41 61.70
C22 1PE GA . 39.06 -75.44 60.98
OH3 1PE GA . 39.74 -74.75 59.90
C13 1PE GA . 41.15 -72.87 59.18
C23 1PE GA . 40.20 -73.44 60.23
OH4 1PE GA . 42.23 -72.18 59.81
C14 1PE GA . 44.33 -72.56 61.06
C24 1PE GA . 43.42 -72.97 59.90
OH5 1PE GA . 45.20 -73.67 61.38
ZN ZN HA . 30.99 -22.75 45.25
ZN ZN IA . 28.96 -21.66 47.19
C CO3 JA . 32.40 -24.00 49.74
O1 CO3 JA . 33.40 -24.05 50.53
O2 CO3 JA . 31.83 -22.84 49.39
O3 CO3 JA . 31.98 -25.15 49.26
S SO4 KA . -22.95 -22.06 46.04
O1 SO4 KA . -22.18 -22.93 45.17
O2 SO4 KA . -23.44 -22.81 47.20
O3 SO4 KA . -22.10 -20.97 46.49
O4 SO4 KA . -24.08 -21.52 45.29
C12 1PE LA . 8.08 -2.48 62.95
C22 1PE LA . 8.33 -3.92 63.36
OH3 1PE LA . 9.45 -4.44 62.63
C13 1PE LA . 9.04 -5.90 60.74
C23 1PE LA . 9.25 -5.81 62.23
OH4 1PE LA . 8.23 -7.04 60.46
C14 1PE LA . 6.01 -7.84 59.84
C24 1PE LA . 7.02 -6.71 59.76
OH5 1PE LA . 4.82 -7.41 60.52
C25 1PE LA . 3.99 -6.44 59.84
C12 1PE MA . 12.72 1.74 57.72
C22 1PE MA . 12.63 1.60 56.23
OH3 1PE MA . 11.65 0.58 55.91
C13 1PE MA . 9.33 0.54 55.20
C23 1PE MA . 10.79 0.80 54.78
OH4 1PE MA . 8.94 -0.83 55.13
C14 1PE MA . 7.73 -1.16 57.28
C24 1PE MA . 7.68 -1.21 55.74
OH5 1PE MA . 7.26 -2.36 57.95
C25 1PE MA . 7.45 -2.44 59.38
ZN ZN NA . 50.14 -22.50 28.31
ZN ZN OA . 46.85 -22.67 27.40
C2 TOD PA . 45.93 -27.08 23.37
C3 TOD PA . 46.29 -26.67 21.95
C4 TOD PA . 47.11 -26.80 24.30
C5 TOD PA . 46.76 -27.24 25.72
C6 TOD PA . 47.85 -26.77 26.69
C7 TOD PA . 47.90 -25.25 26.70
C9 TOD PA . 45.13 -30.68 25.94
N2 TOD PA . 45.40 -29.24 25.87
C8 TOD PA . 46.65 -28.77 25.78
O4 TOD PA . 47.65 -29.48 25.73
C1 TOD PA . 44.70 -26.29 23.84
O3 TOD PA . 47.56 -27.25 28.00
O1 TOD PA . 47.54 -24.59 25.72
N1 TOD PA . 48.34 -24.70 27.85
O2 TOD PA . 48.40 -23.24 27.91
C CO3 QA . 50.14 -23.23 23.11
O1 CO3 QA . 50.43 -22.36 22.22
O2 CO3 QA . 50.35 -23.01 24.41
O3 CO3 QA . 49.60 -24.34 22.66
S SO4 RA . 36.32 -7.37 33.81
O1 SO4 RA . 37.62 -7.98 33.52
O2 SO4 RA . 35.79 -7.98 35.01
O3 SO4 RA . 36.47 -5.93 34.00
O4 SO4 RA . 35.43 -7.59 32.68
S SO4 SA . 72.41 -44.39 70.32
O1 SO4 SA . 73.74 -44.98 69.86
O2 SO4 SA . 72.10 -44.97 71.69
O3 SO4 SA . 72.65 -43.01 70.53
O4 SO4 SA . 71.43 -44.93 69.45
C12 1PE TA . 78.10 -17.31 48.50
C22 1PE TA . 76.66 -16.85 48.66
OH3 1PE TA . 75.78 -17.68 47.90
C13 1PE TA . 73.62 -18.25 47.21
C23 1PE TA . 74.44 -17.75 48.39
OH4 1PE TA . 73.38 -17.13 46.36
C14 1PE TA . 72.22 -16.13 44.56
C24 1PE TA . 72.48 -17.41 45.31
OH5 1PE TA . 73.44 -15.52 44.20
C15 1PE TA . 74.60 -13.90 42.87
C25 1PE TA . 73.25 -14.50 43.22
OH6 1PE TA . 75.16 -13.31 44.04
ZN ZN UA . 24.03 -18.02 22.97
ZN ZN VA . 23.44 -16.54 20.09
C2 TOD WA . 20.27 -21.71 23.88
C3 TOD WA . 21.46 -21.70 24.85
C4 TOD WA . 20.84 -21.34 22.49
C5 TOD WA . 22.02 -22.20 21.95
C6 TOD WA . 22.60 -21.46 20.73
C7 TOD WA . 22.84 -20.03 21.22
C10 TOD WA . 21.69 -26.79 22.01
C11 TOD WA . 20.66 -27.41 22.72
C12 TOD WA . 19.78 -28.27 22.08
C14 TOD WA . 20.95 -27.94 20.01
C16 TOD WA . 24.03 -26.47 22.56
O6 TOD WA . 24.57 -26.39 21.31
O5 TOD WA . 24.61 -26.95 23.53
C9 TOD WA . 22.57 -25.96 22.71
C15 TOD WA . 21.84 -27.08 20.64
C13 TOD WA . 19.92 -28.54 20.72
N2 TOD WA . 22.50 -24.46 22.55
C8 TOD WA . 21.75 -23.72 21.72
O4 TOD WA . 20.94 -24.12 20.89
C1 TOD WA . 19.63 -23.09 23.99
O3 TOD WA . 23.84 -22.02 20.33
O1 TOD WA . 23.67 -19.85 22.11
N1 TOD WA . 22.12 -19.02 20.69
O2 TOD WA . 22.42 -17.68 21.24
C CO3 XA . 18.57 -17.56 22.07
O1 CO3 XA . 17.72 -16.71 22.51
O2 CO3 XA . 19.82 -17.22 21.71
O3 CO3 XA . 18.14 -18.81 22.01
ZN ZN YA . -43.67 24.71 -40.46
ZN ZN ZA . -47.01 24.58 -40.93
C2 TOD AB . -41.42 30.12 -42.53
C3 TOD AB . -41.22 30.29 -44.04
C4 TOD AB . -42.79 29.51 -42.22
C5 TOD AB . -43.01 29.48 -40.70
C6 TOD AB . -44.38 28.92 -40.33
C7 TOD AB . -44.50 27.41 -40.52
C10 TOD AB . -41.78 33.62 -39.30
C11 TOD AB . -40.92 33.78 -40.39
C12 TOD AB . -40.88 35.01 -41.06
C14 TOD AB . -42.53 35.91 -39.55
C16 TOD AB . -43.06 32.59 -37.60
C9 TOD AB . -41.86 32.44 -38.56
C15 TOD AB . -42.56 34.69 -38.89
C13 TOD AB . -41.68 36.07 -40.64
N2 TOD AB . -42.07 31.16 -39.26
C8 TOD AB . -43.04 30.90 -40.16
O4 TOD AB . -43.95 31.68 -40.44
C1 TOD AB . -40.34 29.22 -41.93
O3 TOD AB . -44.70 29.28 -38.98
O1 TOD AB . -44.04 26.68 -39.65
N1 TOD AB . -45.13 26.94 -41.57
O2 TOD AB . -45.17 25.50 -41.63
C CO3 BB . -45.36 25.83 -44.81
O1 CO3 BB . -44.93 25.98 -46.01
O2 CO3 BB . -45.60 24.62 -44.29
O3 CO3 BB . -45.51 26.94 -44.13
S SO4 CB . -68.13 46.47 -56.19
O1 SO4 CB . -67.27 46.05 -57.30
O2 SO4 CB . -68.87 45.33 -55.68
O3 SO4 CB . -67.31 47.05 -55.12
O4 SO4 CB . -69.07 47.47 -56.68
S SO4 DB . -86.08 30.08 -15.47
O1 SO4 DB . -85.41 30.09 -16.77
O2 SO4 DB . -85.02 30.09 -14.47
O3 SO4 DB . -86.90 31.26 -15.32
O4 SO4 DB . -86.91 28.88 -15.33
C22 1PE EB . -76.17 12.90 -39.21
OH3 1PE EB . -74.80 13.18 -38.92
C13 1PE EB . -73.97 14.71 -37.17
C23 1PE EB . -74.48 14.53 -38.59
OH4 1PE EB . -74.39 16.01 -36.67
C14 1PE EB . -76.01 17.05 -35.21
C24 1PE EB . -74.91 16.03 -35.34
OH5 1PE EB . -77.17 16.41 -34.63
C25 1PE EB . -78.36 16.50 -35.43
C12 1PE FB . -72.95 6.21 -39.54
C22 1PE FB . -72.15 6.36 -38.26
OH3 1PE FB . -70.78 5.99 -38.46
C13 1PE FB . -69.49 6.46 -36.36
C23 1PE FB . -70.18 5.43 -37.27
OH4 1PE FB . -69.73 6.28 -34.94
C14 1PE FB . -71.15 7.71 -33.49
C24 1PE FB . -69.77 7.48 -34.12
OH5 1PE FB . -71.43 9.12 -33.25
ZN ZN GB . -19.23 19.22 -39.06
ZN ZN HB . -20.86 20.12 -36.55
C2 TOD IB . -18.38 23.60 -33.03
C3 TOD IB . -19.72 22.89 -32.80
C4 TOD IB . -18.09 23.66 -34.56
C5 TOD IB . -18.96 24.62 -35.42
C6 TOD IB . -18.89 24.21 -36.89
C7 TOD IB . -19.30 22.74 -36.91
N2 TOD IB . -19.73 26.90 -35.03
C8 TOD IB . -18.66 26.11 -35.18
O4 TOD IB . -17.50 26.52 -35.18
C1 TOD IB . -18.32 24.93 -32.27
O3 TOD IB . -19.81 24.98 -37.67
O1 TOD IB . -20.27 22.35 -36.28
N1 TOD IB . -18.55 21.91 -37.63
O2 TOD IB . -18.97 20.54 -37.61
C CO3 JB . -15.77 19.40 -35.37
O1 CO3 JB . -14.87 18.85 -34.64
O2 CO3 JB . -16.63 18.67 -36.11
O3 CO3 JB . -15.82 20.71 -35.33
C12 1PE KB . -13.74 10.00 -69.44
C22 1PE KB . -14.05 10.78 -68.17
OH3 1PE KB . -14.26 9.87 -67.08
C13 1PE KB . -14.05 9.15 -64.84
C23 1PE KB . -13.78 10.29 -65.81
OH4 1PE KB . -13.13 8.08 -65.03
C14 1PE KB . -12.00 6.12 -64.29
C24 1PE KB . -13.03 7.19 -63.93
OH5 1PE KB . -12.16 5.65 -65.64
C25 1PE KB . -10.95 5.07 -66.10
ZN ZN LB . -36.47 19.89 -18.35
ZN ZN MB . -35.40 18.50 -15.93
C2 TOD NB . -38.72 25.05 -17.16
C3 TOD NB . -38.43 25.81 -18.48
C4 TOD NB . -37.55 24.61 -16.23
C5 TOD NB . -36.15 24.60 -16.88
C6 TOD NB . -35.16 23.68 -16.17
C7 TOD NB . -35.62 22.27 -16.53
C10 TOD NB . -35.55 28.94 -17.36
C11 TOD NB . -36.90 29.00 -17.01
C12 TOD NB . -37.34 29.92 -16.07
C14 TOD NB . -35.11 30.74 -15.80
C16 TOD NB . -33.53 28.01 -18.32
O6 TOD NB . -32.96 27.09 -17.50
O5 TOD NB . -32.89 28.78 -19.04
C9 TOD NB . -35.07 28.02 -18.31
C15 TOD NB . -34.66 29.82 -16.74
C13 TOD NB . -36.45 30.79 -15.46
N2 TOD NB . -35.49 26.63 -18.06
C8 TOD NB . -35.72 26.07 -16.86
O4 TOD NB . -35.55 26.63 -15.78
C1 TOD NB . -40.03 25.44 -16.40
O3 TOD NB . -33.82 23.92 -16.62
O1 TOD NB . -35.31 21.81 -17.63
N1 TOD NB . -36.35 21.59 -15.65
O2 TOD NB . -36.73 20.21 -16.12
C CO3 OB . -39.50 20.76 -14.52
O1 CO3 OB . -40.72 20.41 -14.31
O2 CO3 OB . -38.59 19.89 -14.99
O3 CO3 OB . -39.21 22.02 -14.28
S SO4 PB . -36.25 8.02 -33.84
O1 SO4 PB . -34.99 8.12 -34.58
O2 SO4 PB . -35.98 8.24 -32.42
O3 SO4 PB . -37.18 9.04 -34.32
O4 SO4 PB . -36.81 6.68 -34.00
ZN ZN QB . -31.12 50.12 -13.91
ZN ZN RB . -33.18 50.91 -11.58
C2 TOD SB . -28.95 44.74 -12.75
C3 TOD SB . -28.57 45.21 -14.16
C4 TOD SB . -30.28 45.43 -12.38
C5 TOD SB . -31.46 45.28 -13.33
C6 TOD SB . -32.65 46.14 -12.87
C7 TOD SB . -32.24 47.60 -12.63
C10 TOD SB . -32.08 41.18 -15.08
C11 TOD SB . -30.73 40.96 -14.85
C12 TOD SB . -30.31 39.71 -14.40
C14 TOD SB . -32.57 38.90 -14.44
C16 TOD SB . -34.13 42.39 -15.39
C9 TOD SB . -32.59 42.39 -15.54
C15 TOD SB . -32.99 40.14 -14.89
C13 TOD SB . -31.22 38.69 -14.20
N2 TOD SB . -32.11 43.64 -14.91
C8 TOD SB . -32.02 43.86 -13.59
O4 TOD SB . -32.37 43.11 -12.68
C1 TOD SB . -29.03 43.22 -12.78
O3 TOD SB . -33.67 46.11 -13.86
O1 TOD SB . -31.88 48.31 -13.56
N1 TOD SB . -32.35 48.04 -11.36
O2 TOD SB . -31.96 49.44 -11.10
C CO3 TB . -29.48 48.43 -9.34
O1 CO3 TB . -28.49 48.66 -8.56
O2 CO3 TB . -30.18 49.42 -9.92
O3 CO3 TB . -29.74 47.16 -9.57
ZN ZN UB . -15.43 49.94 -31.57
ZN ZN VB . -12.28 50.06 -30.77
C2 TOD WB . -15.93 46.10 -35.59
C3 TOD WB . -14.95 47.23 -35.40
C4 TOD WB . -15.72 44.96 -34.60
C5 TOD WB . -15.86 45.19 -33.07
C6 TOD WB . -14.62 45.67 -32.29
C7 TOD WB . -14.56 47.20 -32.11
C10 TOD WB . -17.10 41.07 -33.34
C11 TOD WB . -17.36 41.55 -34.62
C12 TOD WB . -17.12 40.72 -35.72
C14 TOD WB . -16.37 38.97 -34.25
C16 TOD WB . -16.49 41.42 -31.02
C9 TOD WB . -17.32 41.87 -32.23
C15 TOD WB . -16.61 39.79 -33.15
C13 TOD WB . -16.63 39.44 -35.53
N2 TOD WB . -17.02 43.27 -32.56
C8 TOD WB . -15.78 43.74 -32.77
O4 TOD WB . -14.71 43.15 -32.73
C1 TOD WB . -17.36 46.62 -35.44
O3 TOD WB . -14.55 45.03 -31.01
O1 TOD WB . -15.47 47.77 -31.52
N1 TOD WB . -13.47 47.82 -32.53
O2 TOD WB . -13.48 49.24 -32.35
C CO3 XB . -12.07 49.76 -35.24
O1 CO3 XB . -11.87 49.57 -36.50
O2 CO3 XB . -11.94 50.97 -34.67
O3 CO3 XB . -12.45 48.70 -34.57
ZN ZN YB . -38.20 54.89 -35.98
ZN ZN ZB . -38.69 56.07 -38.84
C2 TOD AC . -41.83 50.48 -34.90
C3 TOD AC . -40.72 49.88 -34.02
C4 TOD AC . -41.50 50.94 -36.35
C5 TOD AC . -40.10 50.52 -36.84
C6 TOD AC . -39.63 51.30 -38.03
C7 TOD AC . -39.20 52.67 -37.52
C10 TOD AC . -38.60 46.07 -36.84
C11 TOD AC . -38.31 45.66 -35.54
C12 TOD AC . -37.10 45.02 -35.27
C14 TOD AC . -36.47 45.19 -37.59
C16 TOD AC . -41.07 46.06 -36.61
O6 TOD AC . -41.26 44.78 -37.02
O5 TOD AC . -41.86 46.68 -35.91
C9 TOD AC . -39.78 46.74 -37.14
C15 TOD AC . -37.68 45.84 -37.87
C13 TOD AC . -36.19 44.78 -36.29
N2 TOD AC . -39.63 48.12 -36.67
C8 TOD AC . -40.25 49.09 -37.32
O4 TOD AC . -40.88 48.88 -38.35
C1 TOD AC . -43.30 50.00 -34.69
O3 TOD AC . -38.56 50.60 -38.67
O1 TOD AC . -38.25 52.72 -36.76
N1 TOD AC . -39.87 53.73 -37.95
O2 TOD AC . -39.43 54.96 -37.44
C CO3 BC . -43.27 55.03 -36.90
O1 CO3 BC . -44.26 55.66 -36.36
O2 CO3 BC . -42.11 55.63 -37.17
O3 CO3 BC . -43.48 53.75 -37.11
S SO4 CC . -25.80 65.21 -25.09
O1 SO4 CC . -24.64 64.40 -25.44
O2 SO4 CC . -26.36 64.76 -23.82
O3 SO4 CC . -25.40 66.61 -24.97
O4 SO4 CC . -26.79 65.08 -26.13
S SO4 DC . -61.85 47.66 -62.60
O1 SO4 DC . -61.43 48.07 -63.95
O2 SO4 DC . -62.35 46.29 -62.66
O3 SO4 DC . -60.70 47.72 -61.70
O4 SO4 DC . -62.90 48.55 -62.11
#